data_8Y6Q
#
_entry.id   8Y6Q
#
loop_
_entity.id
_entity.type
_entity.pdbx_description
1 polymer 'Apaf-1 related killer DARK'
2 polymer 'Caspase Dronc'
#
loop_
_entity_poly.entity_id
_entity_poly.type
_entity_poly.pdbx_seq_one_letter_code
_entity_poly.pdbx_strand_id
1 'polypeptide(L)'
;YQYKDILSVFEDAFVDNFDCKDVQDMPKSILSKEEIDHIIMSKDAVSGTLRLFWTLLSKQEEMVQKFVEEVLRINYKFLM
SPIKTEQRQPSMMTRMYIEQRDRLYNDNQVFAKYNVSRLQPYLKLRQALLELRPAKNVLIDGVLGSGKTWVALDVCLSYK
VQCKMDFKIFWLNLKNCNSPETVLEMLQKLLYQIDPNWTSRSDHSSNIKLRIHSIQAELRRLLKSKPYENCLLVLLNVQN
AKAWNAFNLSCKILLTTRFKQVTDFLSAATTTHISLDHHSMTLTPDEVKSLLLKYLDCRPQDLPREVLTTNPRRLSIIAE
SIRDGLATWDNWKHVNCDKLTTIIESSLNVLEPAEYRKMFDRLSVFPPSAHIPTILLSLIWFDVIKSDVMVVVNKLHKYS
LVEKQPKESTISIPSIYLELKVKLENEYALHRSIVDHYNIPKTFDSDDLIPPYLDQYFYSHIGHHLKNIEHPERMTLFRM
VFLDFRFLEQKIRHDSTAWNASGSILNTLQQLKFYKPYICDNDPKYERLVNAILDFLPKIEENLICSKYTDLLRIALMAE
DEAIFEEAHKQVQRFDDRVWFTNHGRFHQHRQIINLGDNEGRHAVYLHNDFCLIALASGQILLTDVSLEGEDTYLLRDES
DSSDILRMAVFNQQKHLITLHCNGSVKLWSLWPDCPGRRHSGGSKQQLVNSVVKRFIGSYANLKIVAFYLNEDAGLPEAN
IQLHVAFINGDVSILNWDEQDQEFKLSHVPVLKTMQSGIRCFVQVLKRYYVVCTSNCTLTVWDLTNGSSNTLELHVFNVE
NDTPLALDVFDERSKTATVLLIFKYSVWRLNFLPGLSVSLQSEAVQLPEGSFITCGKRSTDGRYLLLGTSEGLIVYDLKI
SDPVLRSNVSEHIECVDIYELFDPVYKYIVLCGAKGKQVVHVHTLRSVSGSNSHQNREIAWVHSADEISVMTKACLEPNV
YLRSLMDMTRERTQLLAVDSKERIHLIKPAISRISEWSTITPTHAASNCKINAISAFNDEQIFVGYVDGVIIDVIHDTAL
PQQFIEEPIDYLKQVSPNILVASAHSAQKTVIFQLEKIDPLQPNDQWPLMMDVSTKYASLQEGQYIILFSDHGVCHLDIA
NPSAFVKPKDSEEYIVGFDLKNSLLFLAYENNIIDVFRLIFSCNQLRYEQICEEEIAQKAKISYLVATDDGTMLAMGFEN
GTLELFAVENRKVQLIYSIEEVHEHCIRQLLFSPCKL
;
H,J,L,M,O,Q,I,K
2 'polypeptide(L)'
;MPKRHREHIRKNLNILVEWTNYERLAMECVQQGILTVQMLRNTQDLNGKPFNMDEKDVRVEQHRRLLLKITQRGPTAYNL
LINALRNINCLDAAVLLESVDE
;
N,A,B,C,D,E,F,G
#
# COMPACT_ATOMS: atom_id res chain seq x y z
N TYR A 1 34.01 -39.78 -41.10
CA TYR A 1 33.76 -40.46 -39.84
C TYR A 1 34.98 -41.29 -39.44
N GLN A 2 34.80 -42.28 -38.57
CA GLN A 2 35.90 -43.07 -38.05
C GLN A 2 35.65 -44.55 -38.27
N TYR A 3 36.63 -45.23 -38.85
CA TYR A 3 36.55 -46.68 -38.97
C TYR A 3 36.57 -47.34 -37.59
N LYS A 4 37.39 -46.84 -36.68
CA LYS A 4 37.50 -47.46 -35.36
C LYS A 4 36.25 -47.24 -34.54
N ASP A 5 35.52 -46.15 -34.80
CA ASP A 5 34.23 -45.95 -34.13
C ASP A 5 33.24 -47.03 -34.53
N ILE A 6 33.22 -47.39 -35.82
CA ILE A 6 32.27 -48.37 -36.33
C ILE A 6 32.79 -49.80 -36.23
N LEU A 7 34.04 -50.00 -35.83
CA LEU A 7 34.60 -51.34 -35.74
C LEU A 7 33.86 -52.18 -34.73
N SER A 8 33.59 -51.61 -33.54
CA SER A 8 32.96 -52.38 -32.47
C SER A 8 31.57 -52.85 -32.84
N VAL A 9 30.93 -52.22 -33.83
CA VAL A 9 29.60 -52.62 -34.23
C VAL A 9 29.60 -54.04 -34.80
N PHE A 10 30.58 -54.34 -35.66
CA PHE A 10 30.60 -55.59 -36.40
C PHE A 10 31.38 -56.69 -35.70
N GLU A 11 31.53 -56.59 -34.38
CA GLU A 11 32.24 -57.62 -33.64
C GLU A 11 31.51 -58.96 -33.73
N ASP A 12 30.19 -58.94 -33.89
CA ASP A 12 29.44 -60.18 -34.03
C ASP A 12 29.88 -60.93 -35.28
N ALA A 13 29.98 -60.23 -36.41
CA ALA A 13 30.44 -60.86 -37.63
C ALA A 13 31.92 -61.24 -37.53
N PHE A 14 32.72 -60.40 -36.87
CA PHE A 14 34.14 -60.71 -36.71
C PHE A 14 34.32 -62.01 -35.92
N VAL A 15 33.54 -62.19 -34.86
CA VAL A 15 33.54 -63.45 -34.13
C VAL A 15 33.02 -64.57 -35.02
N ASP A 16 31.96 -64.30 -35.78
CA ASP A 16 31.30 -65.34 -36.56
C ASP A 16 32.23 -65.92 -37.63
N ASN A 17 32.95 -65.07 -38.34
CA ASN A 17 33.74 -65.57 -39.46
C ASN A 17 35.22 -65.23 -39.36
N PHE A 18 35.53 -64.01 -38.95
CA PHE A 18 36.90 -63.52 -38.87
C PHE A 18 37.71 -64.06 -37.70
N ASP A 19 38.91 -64.53 -38.00
CA ASP A 19 39.80 -65.06 -36.99
C ASP A 19 41.14 -64.30 -37.03
N CYS A 20 41.85 -64.32 -35.90
CA CYS A 20 43.13 -63.65 -35.78
C CYS A 20 44.29 -64.60 -35.54
N LYS A 21 44.05 -65.70 -34.81
CA LYS A 21 45.12 -66.65 -34.55
C LYS A 21 45.67 -67.24 -35.83
N ASP A 22 44.83 -67.38 -36.86
CA ASP A 22 45.27 -67.95 -38.13
C ASP A 22 45.73 -66.88 -39.12
N VAL A 23 45.05 -65.73 -39.15
CA VAL A 23 45.38 -64.70 -40.13
C VAL A 23 46.70 -64.06 -39.73
N GLN A 24 47.77 -64.37 -40.47
CA GLN A 24 49.08 -63.76 -40.27
C GLN A 24 49.63 -63.32 -41.62
N ASP A 25 49.29 -62.08 -42.01
CA ASP A 25 50.02 -61.38 -43.07
C ASP A 25 50.98 -60.37 -42.50
N MET A 26 50.63 -59.77 -41.35
CA MET A 26 51.55 -59.12 -40.43
C MET A 26 52.32 -57.97 -41.07
N PRO A 27 51.65 -56.87 -41.46
CA PRO A 27 52.40 -55.64 -41.74
C PRO A 27 52.92 -55.06 -40.44
N LYS A 28 54.24 -54.82 -40.39
CA LYS A 28 54.85 -54.39 -39.14
C LYS A 28 54.31 -53.03 -38.70
N SER A 29 54.11 -52.12 -39.66
CA SER A 29 53.56 -50.80 -39.31
C SER A 29 52.18 -50.92 -38.70
N ILE A 30 51.35 -51.82 -39.24
CA ILE A 30 49.94 -51.85 -38.84
C ILE A 30 49.79 -52.46 -37.46
N LEU A 31 50.76 -53.24 -37.00
CA LEU A 31 50.58 -54.04 -35.80
C LEU A 31 51.93 -54.46 -35.27
N SER A 32 52.05 -54.58 -33.95
CA SER A 32 53.31 -54.97 -33.34
C SER A 32 53.39 -56.48 -33.17
N LYS A 33 54.58 -57.02 -33.41
CA LYS A 33 54.77 -58.47 -33.35
C LYS A 33 54.93 -58.97 -31.91
N GLU A 34 54.05 -58.49 -31.04
CA GLU A 34 53.80 -59.13 -29.75
C GLU A 34 52.32 -59.25 -29.40
N GLU A 35 51.48 -58.34 -29.88
CA GLU A 35 50.04 -58.45 -29.64
C GLU A 35 49.40 -59.52 -30.52
N ILE A 36 49.89 -59.66 -31.76
CA ILE A 36 49.45 -60.77 -32.60
C ILE A 36 49.75 -62.09 -31.92
N ASP A 37 50.90 -62.19 -31.26
CA ASP A 37 51.21 -63.39 -30.51
C ASP A 37 50.24 -63.61 -29.35
N HIS A 38 49.60 -62.55 -28.87
CA HIS A 38 48.67 -62.70 -27.76
C HIS A 38 47.25 -62.96 -28.23
N ILE A 39 46.90 -62.33 -29.34
CA ILE A 39 45.62 -62.55 -30.00
C ILE A 39 45.65 -63.93 -30.66
N ILE A 40 46.85 -64.50 -30.80
CA ILE A 40 47.00 -65.84 -31.36
C ILE A 40 46.69 -66.83 -30.23
N MET A 41 47.17 -66.50 -29.04
CA MET A 41 46.92 -67.34 -27.87
C MET A 41 45.62 -66.98 -27.17
N SER A 42 44.86 -66.01 -27.69
CA SER A 42 43.55 -65.70 -27.17
C SER A 42 42.54 -66.80 -27.42
N LYS A 43 42.90 -67.79 -28.23
CA LYS A 43 42.07 -68.95 -28.59
C LYS A 43 40.61 -68.61 -28.87
N ASP A 44 39.87 -68.15 -27.86
CA ASP A 44 38.44 -67.93 -28.03
C ASP A 44 38.18 -66.84 -29.07
N ALA A 45 37.26 -67.13 -29.99
CA ALA A 45 36.95 -66.18 -31.06
C ALA A 45 36.38 -64.89 -30.51
N VAL A 46 35.47 -64.99 -29.52
CA VAL A 46 34.96 -63.80 -28.86
C VAL A 46 36.08 -63.08 -28.15
N SER A 47 36.88 -63.82 -27.38
CA SER A 47 37.99 -63.21 -26.66
C SER A 47 39.02 -62.63 -27.62
N GLY A 48 39.36 -63.37 -28.67
CA GLY A 48 40.33 -62.87 -29.63
C GLY A 48 39.84 -61.62 -30.32
N THR A 49 38.58 -61.62 -30.77
CA THR A 49 38.01 -60.46 -31.43
C THR A 49 37.98 -59.26 -30.49
N LEU A 50 37.58 -59.48 -29.24
CA LEU A 50 37.51 -58.39 -28.29
C LEU A 50 38.89 -57.81 -27.99
N ARG A 51 39.86 -58.68 -27.75
CA ARG A 51 41.22 -58.22 -27.47
C ARG A 51 41.79 -57.47 -28.66
N LEU A 52 41.58 -58.00 -29.86
CA LEU A 52 42.04 -57.31 -31.06
C LEU A 52 41.37 -55.95 -31.20
N PHE A 53 40.07 -55.89 -30.92
CA PHE A 53 39.37 -54.62 -30.99
C PHE A 53 39.96 -53.61 -30.03
N TRP A 54 40.22 -54.04 -28.80
CA TRP A 54 40.78 -53.13 -27.80
C TRP A 54 42.18 -52.67 -28.22
N THR A 55 43.01 -53.60 -28.69
CA THR A 55 44.36 -53.24 -29.08
C THR A 55 44.36 -52.27 -30.26
N LEU A 56 43.49 -52.50 -31.24
CA LEU A 56 43.45 -51.60 -32.39
C LEU A 56 42.81 -50.27 -32.03
N LEU A 57 41.89 -50.26 -31.07
CA LEU A 57 41.38 -49.01 -30.55
C LEU A 57 42.47 -48.22 -29.86
N SER A 58 43.40 -48.92 -29.20
CA SER A 58 44.60 -48.26 -28.72
C SER A 58 45.36 -47.61 -29.87
N LYS A 59 45.39 -48.27 -31.03
CA LYS A 59 45.99 -47.68 -32.21
C LYS A 59 45.09 -46.58 -32.76
N GLN A 60 45.67 -45.69 -33.55
CA GLN A 60 44.93 -44.58 -34.13
C GLN A 60 44.17 -45.04 -35.37
N GLU A 61 43.67 -44.10 -36.15
CA GLU A 61 42.75 -44.41 -37.25
C GLU A 61 43.45 -44.98 -38.48
N GLU A 62 44.69 -44.55 -38.75
CA GLU A 62 45.29 -44.83 -40.04
C GLU A 62 45.49 -46.31 -40.28
N MET A 63 46.11 -47.02 -39.33
CA MET A 63 46.32 -48.44 -39.58
C MET A 63 45.01 -49.22 -39.48
N VAL A 64 43.99 -48.66 -38.82
CA VAL A 64 42.65 -49.26 -38.92
C VAL A 64 42.19 -49.25 -40.36
N GLN A 65 42.32 -48.11 -41.03
CA GLN A 65 42.00 -48.04 -42.45
C GLN A 65 42.86 -49.03 -43.24
N LYS A 66 44.15 -49.09 -42.91
CA LYS A 66 45.05 -50.00 -43.62
C LYS A 66 44.56 -51.44 -43.50
N PHE A 67 44.16 -51.84 -42.29
CA PHE A 67 43.71 -53.20 -42.06
C PHE A 67 42.43 -53.49 -42.83
N VAL A 68 41.43 -52.61 -42.73
CA VAL A 68 40.18 -52.92 -43.41
C VAL A 68 40.38 -52.96 -44.92
N GLU A 69 41.26 -52.10 -45.45
CA GLU A 69 41.32 -51.95 -46.90
C GLU A 69 42.30 -52.93 -47.53
N GLU A 70 43.58 -52.84 -47.15
CA GLU A 70 44.62 -53.56 -47.86
C GLU A 70 45.21 -54.70 -47.04
N VAL A 71 44.60 -55.06 -45.93
CA VAL A 71 45.15 -56.12 -45.08
C VAL A 71 44.08 -57.17 -44.86
N LEU A 72 42.81 -56.77 -44.97
CA LEU A 72 41.70 -57.71 -44.82
C LEU A 72 41.15 -58.18 -46.16
N ARG A 73 41.46 -57.47 -47.25
CA ARG A 73 41.02 -57.89 -48.59
C ARG A 73 41.63 -59.23 -48.99
N ILE A 74 42.88 -59.48 -48.60
CA ILE A 74 43.61 -60.63 -49.13
C ILE A 74 42.87 -61.93 -48.85
N ASN A 75 42.34 -62.06 -47.64
CA ASN A 75 41.69 -63.29 -47.21
C ASN A 75 40.19 -63.18 -47.05
N TYR A 76 39.68 -61.99 -46.74
CA TYR A 76 38.27 -61.78 -46.46
C TYR A 76 37.76 -60.75 -47.47
N LYS A 77 36.92 -61.18 -48.40
CA LYS A 77 36.32 -60.26 -49.35
C LYS A 77 34.94 -59.78 -48.94
N PHE A 78 34.47 -60.17 -47.75
CA PHE A 78 33.09 -59.90 -47.33
C PHE A 78 32.99 -58.70 -46.41
N LEU A 79 33.74 -58.72 -45.29
CA LEU A 79 33.55 -57.77 -44.20
C LEU A 79 33.78 -56.33 -44.67
N MET A 80 34.65 -56.17 -45.66
CA MET A 80 35.05 -54.85 -46.13
C MET A 80 33.89 -54.03 -46.63
N SER A 81 32.95 -54.65 -47.35
CA SER A 81 31.82 -53.90 -47.88
C SER A 81 30.95 -53.30 -46.77
N PRO A 82 30.45 -54.07 -45.78
CA PRO A 82 29.73 -53.43 -44.68
C PRO A 82 30.57 -52.44 -43.88
N ILE A 83 31.85 -52.74 -43.67
CA ILE A 83 32.68 -51.79 -42.92
C ILE A 83 32.72 -50.44 -43.63
N LYS A 84 33.05 -50.46 -44.92
CA LYS A 84 33.14 -49.21 -45.66
C LYS A 84 31.78 -48.55 -45.85
N THR A 85 30.72 -49.36 -45.93
CA THR A 85 29.37 -48.81 -46.05
C THR A 85 29.01 -48.01 -44.81
N GLU A 86 29.15 -48.62 -43.62
CA GLU A 86 28.92 -47.87 -42.39
C GLU A 86 29.94 -46.78 -42.18
N GLN A 87 31.10 -46.88 -42.83
CA GLN A 87 32.06 -45.77 -42.78
C GLN A 87 31.49 -44.54 -43.47
N ARG A 88 30.91 -44.73 -44.66
CA ARG A 88 30.26 -43.60 -45.32
C ARG A 88 28.78 -43.47 -44.93
N GLN A 89 27.98 -44.49 -45.22
CA GLN A 89 26.55 -44.39 -44.94
C GLN A 89 26.27 -44.28 -43.45
N PRO A 90 26.88 -45.10 -42.57
CA PRO A 90 26.66 -44.97 -41.12
C PRO A 90 25.20 -44.94 -40.71
N SER A 91 24.64 -46.11 -40.40
CA SER A 91 23.23 -46.20 -40.08
C SER A 91 22.89 -45.30 -38.89
N MET A 92 21.62 -44.91 -38.82
CA MET A 92 21.19 -44.04 -37.73
C MET A 92 21.42 -44.73 -36.40
N MET A 93 21.09 -46.01 -36.32
CA MET A 93 21.41 -46.79 -35.13
C MET A 93 22.90 -46.68 -34.80
N THR A 94 23.75 -46.92 -35.79
CA THR A 94 25.18 -46.79 -35.59
C THR A 94 25.56 -45.36 -35.21
N ARG A 95 24.96 -44.38 -35.88
CA ARG A 95 25.31 -42.99 -35.66
C ARG A 95 25.04 -42.59 -34.21
N MET A 96 23.83 -42.86 -33.73
CA MET A 96 23.50 -42.55 -32.35
C MET A 96 24.33 -43.39 -31.37
N TYR A 97 24.57 -44.66 -31.69
CA TYR A 97 25.39 -45.49 -30.82
C TYR A 97 26.74 -44.83 -30.57
N ILE A 98 27.41 -44.45 -31.66
CA ILE A 98 28.69 -43.76 -31.54
C ILE A 98 28.53 -42.44 -30.80
N GLU A 99 27.43 -41.74 -31.05
CA GLU A 99 27.23 -40.44 -30.44
C GLU A 99 27.21 -40.54 -28.92
N GLN A 100 26.36 -41.43 -28.37
CA GLN A 100 26.31 -41.52 -26.92
C GLN A 100 27.57 -42.18 -26.35
N ARG A 101 28.21 -43.08 -27.11
CA ARG A 101 29.47 -43.63 -26.64
C ARG A 101 30.51 -42.54 -26.46
N ASP A 102 30.67 -41.68 -27.46
CA ASP A 102 31.59 -40.57 -27.35
C ASP A 102 31.15 -39.58 -26.28
N ARG A 103 29.85 -39.44 -26.07
CA ARG A 103 29.37 -38.62 -24.96
C ARG A 103 29.85 -39.18 -23.64
N LEU A 104 29.78 -40.50 -23.47
CA LEU A 104 30.24 -41.14 -22.24
C LEU A 104 31.74 -40.94 -22.06
N TYR A 105 32.49 -41.04 -23.15
CA TYR A 105 33.92 -40.75 -23.08
C TYR A 105 34.18 -39.31 -22.68
N ASN A 106 33.39 -38.37 -23.21
CA ASN A 106 33.50 -36.99 -22.79
C ASN A 106 33.17 -36.83 -21.32
N ASP A 107 32.20 -37.60 -20.83
CA ASP A 107 31.86 -37.57 -19.42
C ASP A 107 33.01 -38.02 -18.54
N ASN A 108 33.70 -39.10 -18.94
CA ASN A 108 34.70 -39.69 -18.07
C ASN A 108 36.10 -39.14 -18.24
N GLN A 109 36.59 -39.01 -19.47
CA GLN A 109 37.89 -38.40 -19.73
C GLN A 109 39.03 -39.22 -19.17
N VAL A 110 39.24 -39.12 -17.85
CA VAL A 110 40.41 -39.71 -17.22
C VAL A 110 40.39 -41.23 -17.37
N PHE A 111 39.28 -41.87 -17.00
CA PHE A 111 39.18 -43.31 -17.17
C PHE A 111 39.26 -43.71 -18.63
N ALA A 112 38.59 -42.97 -19.51
CA ALA A 112 38.65 -43.25 -20.93
C ALA A 112 40.09 -43.26 -21.45
N LYS A 113 40.94 -42.39 -20.91
CA LYS A 113 42.36 -42.38 -21.25
C LYS A 113 43.16 -43.46 -20.55
N TYR A 114 42.79 -43.81 -19.31
CA TYR A 114 43.62 -44.65 -18.45
C TYR A 114 43.00 -46.00 -18.16
N ASN A 115 41.90 -46.34 -18.83
CA ASN A 115 41.29 -47.65 -18.62
C ASN A 115 42.26 -48.76 -19.03
N VAL A 116 42.16 -49.88 -18.33
CA VAL A 116 42.95 -51.07 -18.64
C VAL A 116 41.97 -52.20 -18.92
N SER A 117 42.14 -52.86 -20.06
CA SER A 117 41.22 -53.87 -20.53
C SER A 117 41.71 -55.25 -20.10
N ARG A 118 41.03 -55.85 -19.12
CA ARG A 118 41.32 -57.20 -18.69
C ARG A 118 40.20 -58.11 -19.18
N LEU A 119 40.57 -59.19 -19.87
CA LEU A 119 39.59 -59.91 -20.68
C LEU A 119 38.64 -60.74 -19.83
N GLN A 120 39.15 -61.37 -18.76
CA GLN A 120 38.30 -62.26 -17.98
C GLN A 120 37.11 -61.55 -17.34
N PRO A 121 37.28 -60.48 -16.57
CA PRO A 121 36.10 -59.84 -15.96
C PRO A 121 35.13 -59.32 -16.98
N TYR A 122 35.66 -58.63 -17.98
CA TYR A 122 34.84 -58.04 -19.04
C TYR A 122 34.07 -59.13 -19.74
N LEU A 123 34.73 -60.24 -20.00
CA LEU A 123 34.09 -61.36 -20.66
C LEU A 123 32.93 -61.86 -19.81
N LYS A 124 33.22 -62.26 -18.57
CA LYS A 124 32.22 -62.79 -17.66
C LYS A 124 31.03 -61.85 -17.53
N LEU A 125 31.30 -60.56 -17.34
CA LEU A 125 30.23 -59.62 -17.02
C LEU A 125 29.40 -59.25 -18.25
N ARG A 126 29.97 -59.32 -19.45
CA ARG A 126 29.16 -59.07 -20.64
C ARG A 126 28.11 -60.15 -20.81
N GLN A 127 28.48 -61.41 -20.58
CA GLN A 127 27.49 -62.47 -20.58
C GLN A 127 26.51 -62.30 -19.43
N ALA A 128 27.00 -61.85 -18.27
CA ALA A 128 26.09 -61.60 -17.14
C ALA A 128 25.05 -60.55 -17.51
N LEU A 129 25.47 -59.49 -18.21
CA LEU A 129 24.56 -58.41 -18.55
C LEU A 129 23.62 -58.79 -19.70
N LEU A 130 24.12 -59.57 -20.65
CA LEU A 130 23.25 -60.06 -21.73
C LEU A 130 22.10 -60.86 -21.16
N GLU A 131 22.37 -61.63 -20.11
CA GLU A 131 21.36 -62.44 -19.44
C GLU A 131 20.59 -61.65 -18.39
N LEU A 132 20.98 -60.41 -18.11
CA LEU A 132 20.33 -59.64 -17.06
C LEU A 132 18.89 -59.34 -17.45
N ARG A 133 17.96 -59.94 -16.73
CA ARG A 133 16.55 -59.85 -17.07
C ARG A 133 16.03 -58.42 -16.90
N PRO A 134 14.97 -58.06 -17.63
CA PRO A 134 14.31 -56.77 -17.35
C PRO A 134 13.87 -56.60 -15.91
N ALA A 135 13.64 -57.69 -15.17
CA ALA A 135 13.33 -57.60 -13.75
C ALA A 135 14.50 -57.96 -12.84
N LYS A 136 15.44 -58.78 -13.30
CA LYS A 136 16.57 -59.18 -12.48
C LYS A 136 17.69 -58.15 -12.55
N ASN A 137 18.79 -58.45 -11.86
CA ASN A 137 19.96 -57.58 -11.84
C ASN A 137 21.19 -58.39 -11.46
N VAL A 138 22.36 -57.81 -11.72
CA VAL A 138 23.63 -58.44 -11.45
C VAL A 138 24.44 -57.54 -10.53
N LEU A 139 25.15 -58.15 -9.58
CA LEU A 139 26.08 -57.42 -8.73
C LEU A 139 27.51 -57.73 -9.16
N ILE A 140 28.26 -56.69 -9.48
CA ILE A 140 29.71 -56.76 -9.62
C ILE A 140 30.30 -56.00 -8.44
N ASP A 141 31.11 -56.69 -7.64
CA ASP A 141 31.63 -56.06 -6.43
C ASP A 141 32.96 -56.68 -6.02
N GLY A 142 33.39 -56.41 -4.81
CA GLY A 142 34.64 -56.91 -4.31
C GLY A 142 35.20 -55.96 -3.25
N VAL A 143 36.52 -55.82 -3.28
CA VAL A 143 37.18 -54.92 -2.34
C VAL A 143 36.80 -53.47 -2.65
N LEU A 144 37.06 -52.60 -1.69
CA LEU A 144 36.75 -51.18 -1.84
C LEU A 144 37.64 -50.57 -2.92
N GLY A 145 37.00 -50.09 -3.98
CA GLY A 145 37.70 -49.45 -5.08
C GLY A 145 38.55 -50.35 -5.94
N SER A 146 37.97 -51.45 -6.43
CA SER A 146 38.69 -52.39 -7.27
C SER A 146 38.33 -52.21 -8.74
N GLY A 147 38.33 -50.97 -9.21
CA GLY A 147 38.00 -50.69 -10.59
C GLY A 147 36.62 -51.22 -10.92
N LYS A 148 35.79 -51.38 -9.89
CA LYS A 148 34.42 -51.83 -10.13
C LYS A 148 33.68 -50.85 -11.02
N THR A 149 33.87 -49.56 -10.77
CA THR A 149 33.38 -48.55 -11.71
C THR A 149 34.04 -48.70 -13.06
N TRP A 150 35.35 -48.96 -13.06
CA TRP A 150 36.09 -49.11 -14.31
C TRP A 150 35.49 -50.22 -15.17
N VAL A 151 35.42 -51.43 -14.61
CA VAL A 151 34.88 -52.55 -15.35
C VAL A 151 33.40 -52.36 -15.64
N ALA A 152 32.69 -51.64 -14.76
CA ALA A 152 31.28 -51.40 -14.96
C ALA A 152 31.05 -50.58 -16.22
N LEU A 153 31.82 -49.53 -16.41
CA LEU A 153 31.77 -48.83 -17.70
C LEU A 153 32.28 -49.73 -18.82
N ASP A 154 33.36 -50.46 -18.58
CA ASP A 154 34.01 -51.20 -19.65
C ASP A 154 33.05 -52.18 -20.31
N VAL A 155 32.27 -52.90 -19.51
CA VAL A 155 31.35 -53.89 -20.08
C VAL A 155 30.19 -53.20 -20.78
N CYS A 156 29.67 -52.12 -20.21
CA CYS A 156 28.44 -51.53 -20.75
C CYS A 156 28.67 -50.79 -22.05
N LEU A 157 29.87 -50.24 -22.24
CA LEU A 157 30.19 -49.57 -23.49
C LEU A 157 30.25 -50.51 -24.67
N SER A 158 30.22 -51.83 -24.44
CA SER A 158 30.23 -52.78 -25.53
C SER A 158 29.04 -52.55 -26.46
N TYR A 159 29.27 -52.75 -27.75
CA TYR A 159 28.22 -52.53 -28.73
C TYR A 159 27.02 -53.44 -28.48
N LYS A 160 27.26 -54.68 -28.07
CA LYS A 160 26.16 -55.57 -27.78
C LYS A 160 25.24 -55.01 -26.71
N VAL A 161 25.83 -54.55 -25.60
CA VAL A 161 25.04 -54.08 -24.47
C VAL A 161 24.22 -52.87 -24.87
N GLN A 162 24.84 -51.93 -25.56
CA GLN A 162 24.14 -50.69 -25.91
C GLN A 162 23.09 -50.94 -26.98
N CYS A 163 23.41 -51.78 -27.96
CA CYS A 163 22.45 -52.08 -29.03
C CYS A 163 21.22 -52.79 -28.49
N LYS A 164 21.42 -53.85 -27.70
CA LYS A 164 20.30 -54.51 -27.04
C LYS A 164 19.58 -53.54 -26.11
N MET A 165 20.32 -52.60 -25.54
CA MET A 165 19.81 -51.74 -24.49
C MET A 165 19.04 -50.54 -25.02
N ASP A 166 19.08 -50.33 -26.35
CA ASP A 166 18.53 -49.18 -27.08
C ASP A 166 18.72 -47.91 -26.26
N PHE A 167 19.88 -47.83 -25.58
CA PHE A 167 20.46 -46.59 -25.08
C PHE A 167 19.53 -45.84 -24.13
N LYS A 168 19.20 -46.53 -23.03
CA LYS A 168 18.48 -45.94 -21.90
C LYS A 168 19.21 -46.37 -20.63
N ILE A 169 20.29 -45.66 -20.30
CA ILE A 169 21.17 -46.04 -19.19
C ILE A 169 21.35 -44.84 -18.28
N PHE A 170 21.21 -45.07 -16.97
CA PHE A 170 21.28 -43.99 -15.98
C PHE A 170 22.12 -44.47 -14.80
N TRP A 171 23.30 -43.89 -14.62
CA TRP A 171 24.16 -44.25 -13.51
C TRP A 171 23.91 -43.30 -12.34
N LEU A 172 24.17 -43.78 -11.12
CA LEU A 172 24.03 -42.96 -9.93
C LEU A 172 25.00 -43.46 -8.87
N ASN A 173 25.91 -42.58 -8.46
CA ASN A 173 26.87 -42.90 -7.42
C ASN A 173 26.16 -42.95 -6.06
N LEU A 174 26.47 -43.96 -5.27
CA LEU A 174 26.00 -44.02 -3.90
C LEU A 174 27.08 -43.49 -2.96
N LYS A 175 27.52 -42.27 -3.24
CA LYS A 175 28.49 -41.57 -2.42
C LYS A 175 27.74 -40.66 -1.46
N ASN A 176 27.94 -40.88 -0.15
CA ASN A 176 27.20 -40.18 0.89
C ASN A 176 25.69 -40.31 0.67
N CYS A 177 25.27 -41.53 0.34
CA CYS A 177 23.85 -41.84 0.14
C CYS A 177 23.27 -42.54 1.36
N ASN A 178 23.74 -42.15 2.54
CA ASN A 178 23.25 -42.68 3.80
C ASN A 178 22.18 -41.79 4.42
N SER A 179 21.67 -40.82 3.66
CA SER A 179 20.66 -39.89 4.13
C SER A 179 19.51 -39.81 3.14
N PRO A 180 18.27 -39.69 3.63
CA PRO A 180 17.13 -39.56 2.71
C PRO A 180 17.16 -38.30 1.87
N GLU A 181 17.72 -37.21 2.39
CA GLU A 181 17.81 -36.00 1.58
C GLU A 181 18.69 -36.22 0.36
N THR A 182 19.85 -36.85 0.53
CA THR A 182 20.75 -37.09 -0.59
C THR A 182 20.15 -38.03 -1.61
N VAL A 183 19.48 -39.09 -1.14
CA VAL A 183 18.87 -40.01 -2.11
C VAL A 183 17.75 -39.32 -2.84
N LEU A 184 17.00 -38.44 -2.17
CA LEU A 184 15.97 -37.66 -2.85
C LEU A 184 16.58 -36.73 -3.90
N GLU A 185 17.68 -36.06 -3.56
CA GLU A 185 18.31 -35.15 -4.50
C GLU A 185 18.79 -35.90 -5.74
N MET A 186 19.38 -37.08 -5.55
CA MET A 186 19.77 -37.85 -6.72
C MET A 186 18.60 -38.51 -7.42
N LEU A 187 17.45 -38.65 -6.74
CA LEU A 187 16.23 -38.97 -7.47
C LEU A 187 15.89 -37.86 -8.46
N GLN A 188 15.94 -36.60 -8.02
CA GLN A 188 15.79 -35.52 -9.00
C GLN A 188 16.91 -35.51 -10.03
N LYS A 189 18.13 -35.91 -9.65
CA LYS A 189 19.20 -35.98 -10.64
C LYS A 189 18.83 -36.92 -11.77
N LEU A 190 18.44 -38.15 -11.45
CA LEU A 190 18.07 -39.08 -12.51
C LEU A 190 16.76 -38.65 -13.16
N LEU A 191 15.90 -37.94 -12.42
CA LEU A 191 14.70 -37.36 -13.00
C LEU A 191 15.05 -36.43 -14.15
N TYR A 192 16.02 -35.56 -13.95
CA TYR A 192 16.47 -34.67 -15.02
C TYR A 192 17.25 -35.44 -16.07
N GLN A 193 17.87 -36.55 -15.67
CA GLN A 193 18.54 -37.43 -16.64
C GLN A 193 17.55 -37.94 -17.67
N ILE A 194 16.37 -38.40 -17.22
CA ILE A 194 15.37 -38.88 -18.17
C ILE A 194 14.64 -37.70 -18.80
N ASP A 195 14.08 -36.81 -17.99
CA ASP A 195 13.39 -35.64 -18.51
C ASP A 195 13.21 -34.59 -17.42
N PRO A 196 13.65 -33.36 -17.64
CA PRO A 196 13.55 -32.31 -16.62
C PRO A 196 12.17 -31.66 -16.57
N ASN A 197 11.14 -32.49 -16.46
CA ASN A 197 9.77 -32.02 -16.32
C ASN A 197 9.14 -32.71 -15.12
N TRP A 198 8.53 -31.91 -14.24
CA TRP A 198 7.94 -32.46 -13.02
C TRP A 198 6.90 -31.48 -12.50
N THR A 199 6.07 -31.97 -11.60
CA THR A 199 5.09 -31.15 -10.89
C THR A 199 5.60 -30.92 -9.47
N SER A 200 5.96 -29.67 -9.17
CA SER A 200 6.57 -29.33 -7.90
C SER A 200 5.58 -29.29 -6.74
N ARG A 201 4.29 -29.40 -7.02
CA ARG A 201 3.27 -29.37 -5.97
C ARG A 201 2.97 -30.74 -5.38
N SER A 202 3.52 -31.80 -5.97
CA SER A 202 3.53 -33.10 -5.31
C SER A 202 4.69 -33.23 -4.34
N ASP A 203 5.47 -32.17 -4.16
CA ASP A 203 6.54 -32.19 -3.18
C ASP A 203 5.96 -32.30 -1.77
N HIS A 204 6.67 -33.02 -0.91
CA HIS A 204 6.22 -33.27 0.45
C HIS A 204 7.40 -32.98 1.38
N SER A 205 7.50 -31.74 1.85
CA SER A 205 8.54 -31.37 2.78
C SER A 205 8.25 -31.78 4.22
N SER A 206 6.99 -32.12 4.53
CA SER A 206 6.66 -32.59 5.87
C SER A 206 7.38 -33.90 6.18
N ASN A 207 7.40 -34.82 5.22
CA ASN A 207 8.13 -36.08 5.34
C ASN A 207 9.05 -36.20 4.14
N ILE A 208 10.36 -36.27 4.40
CA ILE A 208 11.33 -36.38 3.32
C ILE A 208 11.12 -37.69 2.56
N LYS A 209 10.74 -38.76 3.27
CA LYS A 209 10.52 -40.05 2.63
C LYS A 209 9.15 -40.16 1.98
N LEU A 210 8.27 -39.22 2.30
CA LEU A 210 6.96 -39.15 1.68
C LEU A 210 7.21 -38.58 0.29
N ARG A 211 8.16 -37.64 0.19
CA ARG A 211 8.50 -37.03 -1.09
C ARG A 211 9.20 -38.04 -1.98
N ILE A 212 9.52 -39.20 -1.40
CA ILE A 212 10.20 -40.29 -2.12
C ILE A 212 9.19 -41.18 -2.81
N HIS A 213 8.09 -41.51 -2.11
CA HIS A 213 7.14 -42.45 -2.71
C HIS A 213 6.46 -41.84 -3.93
N SER A 214 6.09 -40.56 -3.84
CA SER A 214 5.47 -39.91 -4.99
C SER A 214 6.43 -39.85 -6.17
N ILE A 215 7.68 -39.47 -5.91
CA ILE A 215 8.66 -39.39 -6.99
C ILE A 215 8.88 -40.76 -7.61
N GLN A 216 9.07 -41.78 -6.78
CA GLN A 216 9.33 -43.12 -7.29
C GLN A 216 8.14 -43.64 -8.07
N ALA A 217 6.92 -43.40 -7.59
CA ALA A 217 5.73 -43.87 -8.30
C ALA A 217 5.62 -43.21 -9.66
N GLU A 218 5.86 -41.90 -9.72
CA GLU A 218 5.81 -41.22 -11.01
C GLU A 218 6.89 -41.73 -11.95
N LEU A 219 8.09 -41.98 -11.41
CA LEU A 219 9.18 -42.50 -12.23
C LEU A 219 8.88 -43.91 -12.71
N ARG A 220 8.19 -44.71 -11.91
CA ARG A 220 7.85 -46.07 -12.30
C ARG A 220 6.79 -46.06 -13.40
N ARG A 221 5.73 -45.27 -13.23
CA ARG A 221 4.72 -45.18 -14.27
C ARG A 221 5.28 -44.56 -15.55
N LEU A 222 6.33 -43.75 -15.43
CA LEU A 222 7.02 -43.29 -16.63
C LEU A 222 7.92 -44.39 -17.21
N LEU A 223 8.44 -45.27 -16.37
CA LEU A 223 9.41 -46.28 -16.78
C LEU A 223 8.77 -47.38 -17.61
N LYS A 224 7.47 -47.57 -17.50
CA LYS A 224 6.76 -48.55 -18.31
C LYS A 224 6.57 -48.11 -19.74
N SER A 225 6.95 -46.87 -20.07
CA SER A 225 6.84 -46.38 -21.43
C SER A 225 7.70 -47.24 -22.36
N LYS A 226 7.31 -47.25 -23.64
CA LYS A 226 7.98 -48.11 -24.61
C LYS A 226 9.49 -47.89 -24.71
N PRO A 227 10.04 -46.67 -24.72
CA PRO A 227 11.50 -46.54 -24.80
C PRO A 227 12.20 -46.80 -23.48
N TYR A 228 11.52 -46.66 -22.35
CA TYR A 228 12.15 -46.75 -21.04
C TYR A 228 11.88 -48.07 -20.34
N GLU A 229 11.36 -49.08 -21.04
CA GLU A 229 11.19 -50.38 -20.43
C GLU A 229 12.52 -50.95 -19.97
N ASN A 230 13.55 -50.82 -20.81
CA ASN A 230 14.91 -51.18 -20.44
C ASN A 230 15.61 -49.92 -19.95
N CYS A 231 15.97 -49.90 -18.67
CA CYS A 231 16.67 -48.75 -18.09
C CYS A 231 17.61 -49.27 -17.00
N LEU A 232 18.87 -49.47 -17.36
CA LEU A 232 19.90 -49.85 -16.39
C LEU A 232 20.17 -48.67 -15.48
N LEU A 233 19.60 -48.73 -14.27
CA LEU A 233 19.84 -47.76 -13.21
C LEU A 233 20.96 -48.32 -12.37
N VAL A 234 22.18 -47.84 -12.63
CA VAL A 234 23.37 -48.41 -12.01
C VAL A 234 23.58 -47.76 -10.66
N LEU A 235 23.79 -48.57 -9.64
CA LEU A 235 23.98 -48.10 -8.27
C LEU A 235 25.46 -48.28 -7.94
N LEU A 236 26.20 -47.18 -7.93
CA LEU A 236 27.65 -47.24 -7.82
C LEU A 236 28.06 -47.20 -6.36
N ASN A 237 29.00 -48.07 -5.98
CA ASN A 237 29.57 -48.08 -4.63
C ASN A 237 28.47 -48.08 -3.57
N VAL A 238 27.67 -49.15 -3.63
CA VAL A 238 26.44 -49.22 -2.84
C VAL A 238 26.79 -49.10 -1.36
N GLN A 239 26.29 -48.02 -0.74
CA GLN A 239 26.60 -47.69 0.65
C GLN A 239 26.10 -48.75 1.61
N ASN A 240 24.79 -48.93 1.69
CA ASN A 240 24.21 -49.84 2.68
C ASN A 240 22.92 -50.43 2.13
N ALA A 241 22.35 -51.35 2.91
CA ALA A 241 21.18 -52.11 2.45
C ALA A 241 19.97 -51.22 2.23
N LYS A 242 19.72 -50.30 3.18
CA LYS A 242 18.46 -49.55 3.17
C LYS A 242 18.30 -48.72 1.90
N ALA A 243 19.37 -48.05 1.47
CA ALA A 243 19.25 -47.13 0.35
C ALA A 243 18.75 -47.84 -0.90
N TRP A 244 19.31 -49.02 -1.20
CA TRP A 244 18.87 -49.79 -2.35
C TRP A 244 17.40 -50.15 -2.28
N ASN A 245 16.87 -50.34 -1.07
CA ASN A 245 15.47 -50.70 -0.93
C ASN A 245 14.55 -49.63 -1.49
N ALA A 246 14.99 -48.38 -1.44
CA ALA A 246 14.27 -47.29 -2.09
C ALA A 246 14.71 -47.11 -3.54
N PHE A 247 15.58 -47.99 -4.05
CA PHE A 247 16.19 -47.79 -5.34
C PHE A 247 15.76 -48.81 -6.38
N ASN A 248 15.14 -49.91 -5.96
CA ASN A 248 14.70 -50.97 -6.88
C ASN A 248 13.50 -50.47 -7.65
N LEU A 249 13.75 -49.76 -8.75
CA LEU A 249 12.71 -49.08 -9.51
C LEU A 249 12.15 -49.94 -10.63
N SER A 250 11.77 -51.19 -10.28
CA SER A 250 10.97 -52.06 -11.14
C SER A 250 11.52 -52.16 -12.56
N CYS A 251 12.84 -52.29 -12.68
CA CYS A 251 13.46 -52.36 -13.99
C CYS A 251 14.76 -53.13 -13.91
N LYS A 252 15.34 -53.41 -15.08
CA LYS A 252 16.64 -54.05 -15.17
C LYS A 252 17.70 -53.07 -14.67
N ILE A 253 18.31 -53.38 -13.53
CA ILE A 253 19.30 -52.51 -12.91
C ILE A 253 20.60 -53.29 -12.73
N LEU A 254 21.62 -52.58 -12.26
CA LEU A 254 22.92 -53.18 -11.96
C LEU A 254 23.50 -52.44 -10.77
N LEU A 255 24.00 -53.19 -9.79
CA LEU A 255 24.58 -52.61 -8.59
C LEU A 255 26.04 -53.01 -8.46
N THR A 256 26.84 -52.12 -7.88
CA THR A 256 28.23 -52.37 -7.55
C THR A 256 28.38 -52.04 -6.07
N THR A 257 28.45 -53.06 -5.22
CA THR A 257 28.55 -52.82 -3.79
C THR A 257 29.99 -52.66 -3.37
N ARG A 258 30.25 -51.66 -2.52
CA ARG A 258 31.59 -51.43 -2.01
C ARG A 258 31.89 -52.40 -0.87
N PHE A 259 31.05 -52.38 0.17
CA PHE A 259 31.21 -53.27 1.31
C PHE A 259 30.56 -54.63 1.05
N LYS A 260 30.91 -55.58 1.91
CA LYS A 260 30.26 -56.89 1.91
C LYS A 260 28.92 -56.86 2.63
N GLN A 261 28.62 -55.79 3.37
CA GLN A 261 27.34 -55.71 4.06
C GLN A 261 26.17 -55.72 3.08
N VAL A 262 26.30 -55.00 1.96
CA VAL A 262 25.26 -55.04 0.95
C VAL A 262 25.36 -56.32 0.12
N THR A 263 26.58 -56.85 -0.01
CA THR A 263 26.77 -58.09 -0.76
C THR A 263 25.99 -59.25 -0.12
N ASP A 264 26.02 -59.32 1.22
CA ASP A 264 25.21 -60.30 1.91
C ASP A 264 23.73 -59.93 1.89
N PHE A 265 23.43 -58.65 1.66
CA PHE A 265 22.03 -58.19 1.60
C PHE A 265 21.31 -58.62 0.33
N LEU A 266 22.04 -59.15 -0.65
CA LEU A 266 21.42 -59.53 -1.92
C LEU A 266 20.33 -60.56 -1.72
N SER A 267 19.23 -60.39 -2.46
CA SER A 267 18.22 -61.43 -2.59
C SER A 267 18.66 -62.32 -3.75
N ALA A 268 19.53 -63.29 -3.43
CA ALA A 268 20.30 -64.01 -4.44
C ALA A 268 19.42 -64.76 -5.43
N ALA A 269 18.16 -65.01 -5.08
CA ALA A 269 17.26 -65.65 -6.04
C ALA A 269 17.09 -64.80 -7.29
N THR A 270 16.99 -63.48 -7.12
CA THR A 270 16.82 -62.57 -8.25
C THR A 270 17.99 -61.62 -8.42
N THR A 271 19.06 -61.78 -7.64
CA THR A 271 20.24 -60.92 -7.75
C THR A 271 21.45 -61.78 -8.09
N THR A 272 21.97 -61.61 -9.30
CA THR A 272 23.21 -62.27 -9.68
C THR A 272 24.39 -61.56 -9.04
N HIS A 273 25.34 -62.33 -8.53
CA HIS A 273 26.50 -61.80 -7.83
C HIS A 273 27.77 -62.23 -8.54
N ILE A 274 28.63 -61.26 -8.85
CA ILE A 274 30.00 -61.53 -9.29
C ILE A 274 30.91 -60.64 -8.45
N SER A 275 31.90 -61.26 -7.81
CA SER A 275 32.80 -60.50 -6.97
C SER A 275 34.24 -60.63 -7.44
N LEU A 276 35.01 -59.56 -7.20
CA LEU A 276 36.40 -59.48 -7.61
C LEU A 276 37.33 -60.32 -6.74
N ASP A 277 36.85 -60.90 -5.64
CA ASP A 277 37.70 -61.69 -4.77
C ASP A 277 37.91 -63.09 -5.33
N HIS A 278 38.32 -63.16 -6.59
CA HIS A 278 38.57 -64.43 -7.26
C HIS A 278 39.87 -64.31 -8.04
N HIS A 279 40.56 -65.44 -8.19
CA HIS A 279 41.88 -65.44 -8.81
C HIS A 279 41.81 -64.94 -10.25
N SER A 280 40.77 -65.35 -10.99
CA SER A 280 40.58 -64.84 -12.34
C SER A 280 40.28 -63.36 -12.35
N MET A 281 39.56 -62.88 -11.33
CA MET A 281 39.08 -61.50 -11.33
C MET A 281 40.23 -60.50 -11.31
N THR A 282 41.23 -60.75 -10.47
CA THR A 282 42.31 -59.79 -10.29
C THR A 282 43.22 -59.74 -11.50
N LEU A 283 43.95 -58.64 -11.64
CA LEU A 283 44.78 -58.40 -12.81
C LEU A 283 45.99 -59.32 -12.83
N THR A 284 46.24 -59.94 -13.98
CA THR A 284 47.41 -60.79 -14.14
C THR A 284 48.59 -59.87 -14.52
N PRO A 285 49.82 -60.38 -14.44
CA PRO A 285 51.00 -59.53 -14.72
C PRO A 285 50.94 -58.79 -16.04
N ASP A 286 50.37 -59.40 -17.08
CA ASP A 286 50.19 -58.68 -18.33
C ASP A 286 49.32 -57.45 -18.13
N GLU A 287 48.25 -57.59 -17.34
CA GLU A 287 47.31 -56.49 -17.14
C GLU A 287 47.94 -55.38 -16.30
N VAL A 288 48.68 -55.75 -15.26
CA VAL A 288 49.30 -54.74 -14.40
C VAL A 288 50.38 -54.00 -15.16
N LYS A 289 51.14 -54.72 -16.00
CA LYS A 289 52.12 -54.02 -16.82
C LYS A 289 51.45 -53.22 -17.93
N SER A 290 50.26 -53.61 -18.36
CA SER A 290 49.49 -52.78 -19.27
C SER A 290 49.15 -51.45 -18.62
N LEU A 291 48.71 -51.49 -17.37
CA LEU A 291 48.45 -50.24 -16.65
C LEU A 291 49.74 -49.43 -16.45
N LEU A 292 50.84 -50.13 -16.14
CA LEU A 292 52.13 -49.45 -16.01
C LEU A 292 52.51 -48.78 -17.33
N LEU A 293 52.12 -49.36 -18.45
CA LEU A 293 52.36 -48.72 -19.73
C LEU A 293 51.38 -47.59 -19.97
N LYS A 294 50.17 -47.69 -19.42
CA LYS A 294 49.22 -46.60 -19.50
C LYS A 294 49.75 -45.36 -18.80
N TYR A 295 50.42 -45.55 -17.66
CA TYR A 295 50.88 -44.40 -16.88
C TYR A 295 52.35 -44.07 -17.10
N LEU A 296 53.26 -44.98 -16.74
CA LEU A 296 54.68 -44.74 -16.95
C LEU A 296 55.01 -44.58 -18.42
N ASP A 297 54.35 -45.35 -19.28
CA ASP A 297 54.51 -45.22 -20.73
C ASP A 297 55.97 -45.46 -21.14
N CYS A 298 56.44 -46.67 -20.85
CA CYS A 298 57.83 -47.05 -21.16
C CYS A 298 57.90 -48.58 -21.21
N ARG A 299 58.01 -49.13 -22.41
CA ARG A 299 57.98 -50.57 -22.61
C ARG A 299 59.33 -51.19 -22.29
N PRO A 300 60.43 -50.64 -22.80
CA PRO A 300 61.75 -51.16 -22.40
C PRO A 300 61.98 -51.06 -20.90
N GLN A 301 61.49 -50.00 -20.29
CA GLN A 301 61.55 -49.89 -18.83
C GLN A 301 60.51 -50.78 -18.14
N ASP A 302 59.36 -51.01 -18.78
CA ASP A 302 58.42 -51.98 -18.24
C ASP A 302 59.05 -53.36 -18.20
N LEU A 303 59.91 -53.67 -19.16
CA LEU A 303 60.72 -54.88 -19.04
C LEU A 303 61.56 -54.88 -17.77
N PRO A 304 62.19 -53.78 -17.36
CA PRO A 304 62.93 -53.76 -16.10
C PRO A 304 62.10 -53.39 -14.87
N ARG A 305 60.77 -53.41 -14.97
CA ARG A 305 59.93 -53.03 -13.84
C ARG A 305 60.05 -54.05 -12.71
N GLU A 306 59.90 -53.56 -11.48
CA GLU A 306 59.96 -54.41 -10.28
C GLU A 306 58.90 -53.88 -9.30
N VAL A 307 57.72 -54.50 -9.33
CA VAL A 307 56.63 -54.12 -8.44
C VAL A 307 55.78 -55.34 -8.13
N LEU A 308 54.76 -55.16 -7.29
CA LEU A 308 53.84 -56.22 -6.92
C LEU A 308 52.43 -55.88 -7.38
N THR A 309 51.57 -56.90 -7.38
CA THR A 309 50.23 -56.77 -7.95
C THR A 309 49.22 -56.31 -6.90
N THR A 310 48.40 -55.32 -7.28
CA THR A 310 47.31 -54.85 -6.43
C THR A 310 46.08 -54.61 -7.32
N ASN A 311 45.11 -53.89 -6.79
CA ASN A 311 43.89 -53.57 -7.52
C ASN A 311 44.16 -52.43 -8.50
N PRO A 312 43.23 -52.16 -9.42
CA PRO A 312 43.41 -50.99 -10.29
C PRO A 312 43.06 -49.69 -9.57
N ARG A 313 43.48 -49.56 -8.32
CA ARG A 313 43.56 -48.28 -7.64
C ARG A 313 44.94 -48.03 -7.07
N ARG A 314 45.48 -48.98 -6.31
CA ARG A 314 46.86 -48.85 -5.84
C ARG A 314 47.84 -48.93 -6.99
N LEU A 315 47.56 -49.79 -7.97
CA LEU A 315 48.41 -49.83 -9.15
C LEU A 315 48.42 -48.48 -9.86
N SER A 316 47.24 -47.90 -10.06
CA SER A 316 47.15 -46.64 -10.79
C SER A 316 47.86 -45.52 -10.04
N ILE A 317 47.61 -45.41 -8.74
CA ILE A 317 48.21 -44.34 -7.96
C ILE A 317 49.72 -44.51 -7.86
N ILE A 318 50.18 -45.76 -7.73
CA ILE A 318 51.61 -46.02 -7.61
C ILE A 318 52.30 -45.69 -8.93
N ALA A 319 51.72 -46.09 -10.06
CA ALA A 319 52.29 -45.73 -11.34
C ALA A 319 52.30 -44.22 -11.53
N GLU A 320 51.21 -43.55 -11.12
CA GLU A 320 51.17 -42.09 -11.19
C GLU A 320 52.30 -41.48 -10.39
N SER A 321 52.49 -41.93 -9.16
CA SER A 321 53.53 -41.37 -8.31
C SER A 321 54.91 -41.65 -8.87
N ILE A 322 55.12 -42.85 -9.38
CA ILE A 322 56.42 -43.21 -9.94
C ILE A 322 56.74 -42.33 -11.14
N ARG A 323 55.78 -42.20 -12.05
CA ARG A 323 55.98 -41.33 -13.20
C ARG A 323 55.96 -39.85 -12.81
N ASP A 324 55.44 -39.53 -11.63
CA ASP A 324 55.36 -38.14 -11.21
C ASP A 324 55.96 -37.96 -9.82
N ALA A 327 59.71 -41.84 -9.03
CA ALA A 327 60.68 -42.83 -8.55
C ALA A 327 60.00 -44.18 -8.36
N THR A 328 60.60 -45.22 -8.95
CA THR A 328 60.01 -46.55 -8.90
C THR A 328 60.10 -47.20 -7.53
N TRP A 329 60.85 -46.63 -6.59
CA TRP A 329 61.01 -47.22 -5.27
C TRP A 329 60.56 -46.29 -4.17
N ASP A 330 60.94 -45.01 -4.22
CA ASP A 330 60.45 -44.05 -3.25
C ASP A 330 58.93 -43.94 -3.32
N ASN A 331 58.39 -43.77 -4.53
CA ASN A 331 56.95 -43.77 -4.72
C ASN A 331 56.36 -45.16 -4.59
N TRP A 332 57.19 -46.20 -4.60
CA TRP A 332 56.69 -47.55 -4.46
C TRP A 332 56.22 -47.84 -3.03
N LYS A 333 57.04 -47.47 -2.05
CA LYS A 333 56.77 -47.89 -0.67
C LYS A 333 56.87 -46.71 0.29
N HIS A 334 57.67 -45.71 -0.06
CA HIS A 334 57.97 -44.62 0.86
C HIS A 334 57.07 -43.42 0.63
N VAL A 335 57.06 -42.89 -0.60
CA VAL A 335 56.12 -41.85 -0.98
C VAL A 335 54.74 -42.46 -1.06
N ASN A 336 53.71 -41.61 -1.22
CA ASN A 336 52.29 -41.95 -1.12
C ASN A 336 51.87 -42.20 0.32
N CYS A 337 52.71 -41.82 1.29
CA CYS A 337 52.32 -41.89 2.69
C CYS A 337 51.23 -40.90 3.05
N ASP A 338 50.91 -39.97 2.15
CA ASP A 338 49.79 -39.05 2.34
C ASP A 338 48.67 -39.26 1.35
N LYS A 339 48.90 -39.98 0.25
CA LYS A 339 47.90 -40.17 -0.78
C LYS A 339 47.39 -41.60 -0.90
N LEU A 340 48.22 -42.60 -0.59
CA LEU A 340 47.71 -43.95 -0.36
C LEU A 340 47.23 -44.18 1.06
N THR A 341 47.57 -43.30 2.00
CA THR A 341 47.06 -43.44 3.36
C THR A 341 45.74 -42.70 3.57
N THR A 342 45.49 -41.64 2.81
CA THR A 342 44.21 -40.96 2.89
C THR A 342 43.10 -41.84 2.34
N ILE A 343 43.30 -42.39 1.14
CA ILE A 343 42.27 -43.20 0.51
C ILE A 343 42.06 -44.50 1.27
N ILE A 344 43.15 -45.11 1.75
CA ILE A 344 43.02 -46.35 2.51
C ILE A 344 42.30 -46.09 3.83
N GLU A 345 42.28 -44.84 4.28
CA GLU A 345 41.51 -44.46 5.46
C GLU A 345 40.19 -43.81 5.11
N SER A 346 40.11 -43.08 4.00
CA SER A 346 38.85 -42.47 3.60
C SER A 346 37.79 -43.53 3.37
N SER A 347 38.17 -44.65 2.76
CA SER A 347 37.24 -45.75 2.57
C SER A 347 36.77 -46.33 3.90
N LEU A 348 37.61 -46.25 4.94
CA LEU A 348 37.26 -46.79 6.24
C LEU A 348 36.47 -45.80 7.10
N ASN A 349 36.18 -44.61 6.57
CA ASN A 349 35.51 -43.59 7.37
C ASN A 349 34.09 -43.98 7.76
N VAL A 350 33.53 -45.01 7.12
CA VAL A 350 32.15 -45.40 7.43
C VAL A 350 32.03 -46.07 8.79
N LEU A 351 33.14 -46.37 9.45
CA LEU A 351 33.09 -47.06 10.73
C LEU A 351 33.09 -46.07 11.89
N GLU A 352 33.05 -46.63 13.14
CA GLU A 352 33.09 -45.99 14.44
C GLU A 352 34.37 -46.36 15.18
N PRO A 353 34.94 -45.42 15.95
CA PRO A 353 36.23 -45.68 16.59
C PRO A 353 36.11 -46.31 17.96
N ALA A 354 34.91 -46.29 18.54
CA ALA A 354 34.72 -46.76 19.91
C ALA A 354 35.05 -48.25 20.03
N GLU A 355 34.62 -49.05 19.08
CA GLU A 355 34.79 -50.49 19.14
C GLU A 355 35.63 -51.06 18.01
N TYR A 356 35.44 -50.57 16.79
CA TYR A 356 36.08 -51.16 15.63
C TYR A 356 37.51 -50.67 15.48
N ARG A 357 37.68 -49.35 15.33
CA ARG A 357 38.98 -48.80 14.99
C ARG A 357 40.00 -49.01 16.11
N LYS A 358 39.54 -49.01 17.37
CA LYS A 358 40.48 -49.23 18.48
C LYS A 358 41.12 -50.61 18.39
N MET A 359 40.30 -51.66 18.30
CA MET A 359 40.87 -52.99 18.21
C MET A 359 41.60 -53.20 16.90
N PHE A 360 41.16 -52.54 15.83
CA PHE A 360 41.87 -52.63 14.56
C PHE A 360 43.27 -52.03 14.68
N ASP A 361 43.39 -50.91 15.39
CA ASP A 361 44.70 -50.32 15.67
C ASP A 361 45.54 -51.25 16.53
N ARG A 362 44.93 -51.87 17.54
CA ARG A 362 45.64 -52.86 18.34
C ARG A 362 46.14 -54.03 17.49
N LEU A 363 45.39 -54.39 16.43
CA LEU A 363 45.76 -55.50 15.57
C LEU A 363 47.03 -55.19 14.75
N SER A 364 47.49 -53.95 14.74
CA SER A 364 48.73 -53.63 14.04
C SER A 364 49.93 -54.36 14.62
N VAL A 365 49.82 -54.87 15.85
CA VAL A 365 50.91 -55.61 16.48
C VAL A 365 51.21 -56.90 15.75
N PHE A 366 50.26 -57.41 14.97
CA PHE A 366 50.42 -58.67 14.25
C PHE A 366 51.22 -58.45 12.96
N PRO A 367 51.85 -59.50 12.44
CA PRO A 367 52.72 -59.36 11.27
C PRO A 367 51.97 -58.78 10.08
N PRO A 368 52.69 -58.24 9.09
CA PRO A 368 52.02 -57.56 7.97
C PRO A 368 51.03 -58.42 7.22
N SER A 369 51.29 -59.73 7.09
CA SER A 369 50.39 -60.62 6.39
C SER A 369 50.44 -61.97 7.10
N ALA A 370 49.50 -62.19 8.01
CA ALA A 370 49.47 -63.41 8.81
C ALA A 370 48.04 -63.62 9.30
N HIS A 371 47.87 -64.51 10.26
CA HIS A 371 46.57 -64.88 10.79
C HIS A 371 46.41 -64.35 12.22
N ILE A 372 45.24 -64.62 12.78
CA ILE A 372 44.92 -64.25 14.17
C ILE A 372 43.95 -65.27 14.75
N PRO A 373 44.27 -65.91 15.86
CA PRO A 373 43.33 -66.84 16.48
C PRO A 373 42.24 -66.11 17.24
N THR A 374 41.20 -66.86 17.59
CA THR A 374 40.07 -66.28 18.30
C THR A 374 40.46 -65.88 19.72
N ILE A 375 41.17 -66.75 20.42
CA ILE A 375 41.52 -66.48 21.81
C ILE A 375 42.52 -65.32 21.91
N LEU A 376 43.54 -65.31 21.04
CA LEU A 376 44.52 -64.24 21.10
C LEU A 376 43.90 -62.92 20.68
N LEU A 377 42.98 -62.96 19.73
CA LEU A 377 42.20 -61.77 19.41
C LEU A 377 41.36 -61.35 20.61
N SER A 378 40.94 -62.31 21.43
CA SER A 378 40.12 -62.00 22.59
C SER A 378 40.92 -61.29 23.67
N LEU A 379 42.12 -61.80 23.98
CA LEU A 379 42.91 -61.24 25.06
C LEU A 379 43.58 -59.91 24.70
N ILE A 380 43.55 -59.51 23.43
CA ILE A 380 44.12 -58.23 23.04
C ILE A 380 43.02 -57.21 22.82
N SER A 387 33.70 -63.41 24.02
CA SER A 387 33.05 -63.66 22.75
C SER A 387 32.61 -62.36 22.10
N ASP A 388 32.68 -61.27 22.87
CA ASP A 388 32.37 -59.95 22.32
C ASP A 388 33.31 -59.61 21.16
N VAL A 389 34.59 -59.95 21.31
CA VAL A 389 35.54 -59.76 20.23
C VAL A 389 35.12 -60.53 18.98
N MET A 390 34.47 -61.68 19.17
CA MET A 390 34.07 -62.49 18.03
C MET A 390 32.98 -61.80 17.21
N VAL A 391 31.95 -61.26 17.87
CA VAL A 391 30.93 -60.53 17.12
C VAL A 391 31.50 -59.22 16.58
N VAL A 392 32.46 -58.62 17.30
CA VAL A 392 33.09 -57.40 16.80
C VAL A 392 33.79 -57.67 15.48
N VAL A 393 34.62 -58.72 15.44
CA VAL A 393 35.29 -59.06 14.19
C VAL A 393 34.32 -59.61 13.17
N ASN A 394 33.18 -60.16 13.61
CA ASN A 394 32.15 -60.56 12.65
C ASN A 394 31.62 -59.36 11.88
N LYS A 395 31.20 -58.31 12.62
CA LYS A 395 30.68 -57.13 11.93
C LYS A 395 31.79 -56.39 11.19
N LEU A 396 33.03 -56.47 11.66
CA LEU A 396 34.14 -55.93 10.90
C LEU A 396 34.34 -56.67 9.58
N HIS A 397 34.26 -58.00 9.63
CA HIS A 397 34.20 -58.80 8.41
C HIS A 397 33.05 -58.34 7.52
N LYS A 398 31.93 -57.98 8.13
CA LYS A 398 30.78 -57.54 7.37
C LYS A 398 31.06 -56.25 6.61
N TYR A 399 31.65 -55.26 7.29
CA TYR A 399 31.98 -53.99 6.68
C TYR A 399 32.94 -54.20 5.51
N SER A 400 34.17 -54.64 5.88
CA SER A 400 35.38 -55.03 5.10
C SER A 400 36.66 -54.85 5.93
N LEU A 401 36.81 -55.52 7.08
CA LEU A 401 38.08 -55.31 7.78
C LEU A 401 38.84 -56.59 8.06
N VAL A 402 38.14 -57.65 8.44
CA VAL A 402 38.79 -58.86 8.90
C VAL A 402 38.02 -60.09 8.41
N GLU A 403 38.53 -60.73 7.36
CA GLU A 403 37.87 -61.91 6.84
C GLU A 403 37.92 -63.03 7.88
N LYS A 404 36.79 -63.69 8.08
CA LYS A 404 36.69 -64.78 9.04
C LYS A 404 36.56 -66.11 8.30
N GLN A 405 37.40 -67.06 8.68
CA GLN A 405 37.44 -68.36 8.05
C GLN A 405 37.49 -69.44 9.13
N PRO A 406 37.08 -70.67 8.82
CA PRO A 406 37.21 -71.75 9.80
C PRO A 406 38.66 -72.19 9.97
N SER A 409 39.56 -72.43 14.04
CA SER A 409 38.95 -71.27 13.38
C SER A 409 39.96 -70.14 13.25
N THR A 410 41.00 -70.36 12.46
CA THR A 410 41.98 -69.32 12.21
C THR A 410 41.33 -68.16 11.46
N ILE A 411 41.87 -66.97 11.68
CA ILE A 411 41.37 -65.76 11.03
C ILE A 411 42.57 -64.95 10.54
N SER A 412 42.49 -64.49 9.30
CA SER A 412 43.58 -63.72 8.71
C SER A 412 43.11 -62.32 8.38
N ILE A 413 44.06 -61.45 8.06
CA ILE A 413 43.82 -60.02 7.91
C ILE A 413 44.24 -59.58 6.50
N PRO A 414 43.50 -58.68 5.85
CA PRO A 414 43.99 -58.11 4.59
C PRO A 414 45.32 -57.39 4.79
N SER A 415 46.23 -57.59 3.84
CA SER A 415 47.55 -57.01 3.97
C SER A 415 47.53 -55.51 3.71
N ILE A 416 46.65 -55.04 2.83
CA ILE A 416 46.67 -53.63 2.47
C ILE A 416 46.35 -52.75 3.69
N TYR A 417 45.28 -53.07 4.40
CA TYR A 417 44.88 -52.29 5.57
C TYR A 417 45.77 -52.56 6.78
N LEU A 418 46.35 -53.75 6.89
CA LEU A 418 47.27 -54.01 7.97
C LEU A 418 48.58 -53.26 7.77
N GLU A 419 49.00 -53.12 6.52
CA GLU A 419 50.33 -52.61 6.21
C GLU A 419 50.34 -51.11 5.93
N LEU A 420 49.63 -50.67 4.89
CA LEU A 420 49.72 -49.28 4.47
C LEU A 420 48.74 -48.37 5.19
N LYS A 421 47.75 -48.93 5.89
CA LYS A 421 46.74 -48.08 6.52
C LYS A 421 47.14 -47.71 7.94
N VAL A 422 47.64 -48.67 8.72
CA VAL A 422 47.79 -48.49 10.16
C VAL A 422 49.25 -48.50 10.61
N LYS A 423 50.21 -48.58 9.67
CA LYS A 423 51.61 -48.56 10.07
C LYS A 423 52.03 -47.20 10.58
N LEU A 424 51.70 -46.14 9.84
CA LEU A 424 52.11 -44.79 10.23
C LEU A 424 51.40 -44.35 11.51
N GLU A 425 50.12 -44.65 11.63
CA GLU A 425 49.30 -44.23 12.76
C GLU A 425 49.24 -45.37 13.78
N ASN A 426 49.88 -45.18 14.94
CA ASN A 426 49.91 -46.22 15.96
C ASN A 426 50.22 -45.57 17.31
N GLU A 427 49.31 -45.72 18.27
CA GLU A 427 49.54 -45.29 19.64
C GLU A 427 50.30 -46.35 20.40
N TYR A 428 50.87 -45.97 21.54
CA TYR A 428 51.70 -46.89 22.31
C TYR A 428 50.85 -47.88 23.09
N ALA A 429 50.07 -48.69 22.38
CA ALA A 429 49.44 -49.87 22.96
C ALA A 429 50.26 -51.13 22.70
N LEU A 430 51.44 -50.98 22.09
CA LEU A 430 52.27 -52.12 21.76
C LEU A 430 52.81 -52.80 23.02
N HIS A 431 53.05 -52.04 24.08
CA HIS A 431 53.64 -52.65 25.27
C HIS A 431 52.67 -53.64 25.91
N ARG A 432 51.42 -53.22 26.14
CA ARG A 432 50.44 -54.14 26.70
C ARG A 432 50.14 -55.27 25.72
N SER A 433 50.06 -54.97 24.43
CA SER A 433 49.78 -56.01 23.45
C SER A 433 50.87 -57.07 23.47
N ILE A 434 52.14 -56.65 23.53
CA ILE A 434 53.25 -57.59 23.46
C ILE A 434 53.45 -58.30 24.79
N VAL A 435 53.17 -57.66 25.92
CA VAL A 435 53.27 -58.37 27.18
C VAL A 435 52.18 -59.43 27.26
N ASP A 436 50.99 -59.14 26.72
CA ASP A 436 49.97 -60.17 26.61
C ASP A 436 50.37 -61.26 25.62
N HIS A 437 50.99 -60.87 24.50
CA HIS A 437 51.51 -61.81 23.50
C HIS A 437 52.60 -62.70 24.04
N TYR A 438 53.24 -62.31 25.14
CA TYR A 438 54.10 -63.20 25.90
C TYR A 438 53.35 -63.99 26.96
N ASN A 439 52.38 -63.37 27.63
CA ASN A 439 51.69 -64.01 28.73
C ASN A 439 50.92 -65.24 28.26
N ILE A 440 50.21 -65.12 27.14
CA ILE A 440 49.42 -66.26 26.65
C ILE A 440 50.30 -67.47 26.33
N PRO A 441 51.42 -67.34 25.63
CA PRO A 441 52.30 -68.51 25.45
C PRO A 441 52.84 -69.07 26.76
N LYS A 442 53.10 -68.21 27.76
CA LYS A 442 53.53 -68.72 29.05
C LYS A 442 52.42 -69.56 29.69
N THR A 443 51.17 -69.11 29.56
CA THR A 443 50.04 -69.95 29.97
C THR A 443 49.97 -71.20 29.10
N PHE A 444 50.23 -71.05 27.80
CA PHE A 444 50.24 -72.17 26.86
C PHE A 444 51.56 -72.92 27.00
N ASP A 445 51.78 -73.46 28.20
CA ASP A 445 52.98 -74.21 28.52
C ASP A 445 52.57 -75.46 29.28
N SER A 446 53.28 -76.55 29.00
CA SER A 446 52.99 -77.84 29.63
C SER A 446 54.17 -78.29 30.47
N ASP A 447 53.96 -79.38 31.21
CA ASP A 447 55.03 -79.93 32.05
C ASP A 447 56.20 -80.38 31.20
N ASP A 448 55.93 -81.08 30.10
CA ASP A 448 56.97 -81.40 29.14
C ASP A 448 57.21 -80.18 28.27
N LEU A 449 58.05 -80.33 27.24
CA LEU A 449 58.30 -79.24 26.32
C LEU A 449 57.35 -79.26 25.13
N ILE A 450 56.15 -79.80 25.31
CA ILE A 450 55.09 -79.79 24.30
C ILE A 450 54.09 -78.70 24.67
N PRO A 451 54.22 -77.49 24.12
CA PRO A 451 53.23 -76.44 24.41
C PRO A 451 52.08 -76.52 23.42
N PRO A 452 50.90 -76.03 23.82
CA PRO A 452 49.72 -76.08 22.92
C PRO A 452 49.74 -74.96 21.87
N TYR A 453 50.73 -75.00 20.98
CA TYR A 453 50.76 -74.08 19.85
C TYR A 453 49.65 -74.42 18.86
N LEU A 454 49.00 -73.39 18.33
CA LEU A 454 48.09 -73.61 17.22
C LEU A 454 48.89 -73.93 15.96
N ASP A 455 48.19 -74.46 14.95
CA ASP A 455 48.84 -75.06 13.80
C ASP A 455 49.79 -74.09 13.12
N GLN A 456 49.35 -72.86 12.89
CA GLN A 456 50.12 -71.91 12.11
C GLN A 456 50.58 -70.70 12.90
N TYR A 457 49.67 -70.06 13.64
CA TYR A 457 49.99 -68.77 14.25
C TYR A 457 51.17 -68.90 15.21
N PHE A 458 51.02 -69.73 16.25
CA PHE A 458 52.00 -69.74 17.33
C PHE A 458 53.39 -70.06 16.81
N TYR A 459 53.51 -71.07 15.95
CA TYR A 459 54.80 -71.45 15.39
C TYR A 459 55.45 -70.28 14.66
N SER A 460 54.64 -69.49 13.96
CA SER A 460 55.14 -68.41 13.12
C SER A 460 55.17 -67.06 13.83
N HIS A 461 54.77 -66.99 15.09
CA HIS A 461 54.64 -65.71 15.78
C HIS A 461 55.29 -65.65 17.14
N ILE A 462 55.52 -66.79 17.81
CA ILE A 462 56.18 -66.76 19.10
C ILE A 462 57.58 -66.18 18.96
N GLY A 463 58.28 -66.48 17.87
CA GLY A 463 59.61 -65.93 17.69
C GLY A 463 59.61 -64.42 17.60
N HIS A 464 58.71 -63.87 16.78
CA HIS A 464 58.59 -62.42 16.66
C HIS A 464 58.25 -61.78 17.99
N HIS A 465 57.27 -62.34 18.71
CA HIS A 465 56.86 -61.74 19.97
C HIS A 465 57.99 -61.81 21.01
N LEU A 466 58.72 -62.92 21.04
CA LEU A 466 59.83 -63.05 21.98
C LEU A 466 60.94 -62.06 21.65
N LYS A 467 61.25 -61.89 20.36
CA LYS A 467 62.23 -60.87 19.99
C LYS A 467 61.73 -59.47 20.34
N ASN A 468 60.41 -59.29 20.32
CA ASN A 468 59.83 -58.00 20.68
C ASN A 468 59.94 -57.71 22.17
N ILE A 469 59.77 -58.72 23.03
CA ILE A 469 59.71 -58.44 24.46
C ILE A 469 61.10 -58.36 25.09
N GLU A 470 61.86 -59.46 25.07
CA GLU A 470 63.14 -59.51 25.76
C GLU A 470 63.84 -60.81 25.38
N HIS A 471 65.10 -60.93 25.78
CA HIS A 471 65.95 -62.05 25.37
C HIS A 471 65.74 -63.35 26.17
N PRO A 472 65.53 -63.34 27.50
CA PRO A 472 65.43 -64.63 28.20
C PRO A 472 64.20 -65.43 27.82
N GLU A 473 63.08 -64.76 27.56
CA GLU A 473 61.89 -65.48 27.10
C GLU A 473 62.11 -66.08 25.71
N ARG A 474 62.89 -65.39 24.87
CA ARG A 474 63.34 -66.00 23.63
C ARG A 474 64.21 -67.21 23.92
N MET A 475 65.11 -67.09 24.89
CA MET A 475 66.00 -68.20 25.26
C MET A 475 65.20 -69.43 25.69
N THR A 476 64.06 -69.20 26.32
CA THR A 476 63.22 -70.29 26.79
C THR A 476 62.32 -70.86 25.70
N LEU A 477 61.50 -70.02 25.06
CA LEU A 477 60.45 -70.50 24.19
C LEU A 477 60.86 -70.61 22.71
N PHE A 478 62.04 -70.12 22.33
CA PHE A 478 62.58 -70.50 21.03
C PHE A 478 62.98 -71.97 21.02
N ARG A 479 63.42 -72.46 22.18
CA ARG A 479 63.92 -73.83 22.33
C ARG A 479 65.13 -74.08 21.43
N MET A 480 66.08 -73.14 21.48
CA MET A 480 67.40 -73.45 20.92
C MET A 480 68.21 -74.33 21.86
N VAL A 481 67.99 -74.20 23.17
CA VAL A 481 68.59 -75.12 24.13
C VAL A 481 67.77 -76.40 24.23
N PHE A 482 66.45 -76.27 24.27
CA PHE A 482 65.58 -77.44 24.29
C PHE A 482 65.52 -78.08 22.89
N LEU A 483 65.07 -79.32 22.85
CA LEU A 483 65.04 -80.09 21.60
C LEU A 483 63.64 -80.30 21.06
N ASP A 484 62.59 -79.88 21.78
CA ASP A 484 61.24 -80.22 21.37
C ASP A 484 60.74 -79.36 20.21
N PHE A 485 61.15 -78.10 20.14
CA PHE A 485 60.74 -77.27 19.01
C PHE A 485 61.29 -77.81 17.70
N ARG A 486 62.54 -78.31 17.71
CA ARG A 486 63.13 -78.89 16.52
C ARG A 486 62.27 -80.01 15.96
N PHE A 487 61.56 -80.73 16.83
CA PHE A 487 60.65 -81.79 16.40
C PHE A 487 59.29 -81.23 16.00
N LEU A 488 58.71 -80.37 16.85
CA LEU A 488 57.35 -79.91 16.64
C LEU A 488 57.24 -79.04 15.39
N GLU A 489 58.12 -78.06 15.23
CA GLU A 489 58.06 -77.21 14.05
C GLU A 489 58.29 -78.00 12.78
N GLN A 490 59.29 -78.90 12.79
CA GLN A 490 59.59 -79.67 11.59
C GLN A 490 58.47 -80.62 11.23
N LYS A 491 57.80 -81.21 12.22
CA LYS A 491 56.74 -82.16 11.94
C LYS A 491 55.37 -81.49 11.81
N ILE A 492 55.27 -80.19 12.07
CA ILE A 492 54.03 -79.47 11.83
C ILE A 492 54.13 -78.56 10.61
N ARG A 493 55.33 -78.32 10.09
CA ARG A 493 55.53 -77.63 8.83
C ARG A 493 56.23 -78.56 7.84
N HIS A 494 55.65 -78.69 6.65
CA HIS A 494 56.23 -79.52 5.60
C HIS A 494 55.63 -79.21 4.24
N ASN A 507 58.03 -76.78 6.18
CA ASN A 507 59.30 -77.44 6.39
C ASN A 507 60.15 -76.72 7.44
N THR A 508 61.37 -77.21 7.63
CA THR A 508 62.37 -76.54 8.45
C THR A 508 62.85 -75.25 7.79
N LEU A 509 62.46 -75.04 6.54
CA LEU A 509 62.85 -73.84 5.80
C LEU A 509 62.50 -72.59 6.59
N GLN A 510 61.25 -72.48 7.02
CA GLN A 510 60.81 -71.32 7.80
C GLN A 510 61.42 -71.31 9.20
N GLN A 511 61.75 -72.48 9.74
CA GLN A 511 62.48 -72.52 11.01
C GLN A 511 63.82 -71.83 10.87
N LEU A 512 64.48 -72.02 9.73
CA LEU A 512 65.72 -71.30 9.47
C LEU A 512 65.48 -69.79 9.38
N LYS A 513 64.38 -69.38 8.73
CA LYS A 513 64.03 -67.96 8.73
C LYS A 513 63.73 -67.43 10.12
N PHE A 514 63.32 -68.29 11.05
CA PHE A 514 63.19 -67.84 12.43
C PHE A 514 64.54 -67.68 13.08
N TYR A 515 65.43 -68.65 12.88
CA TYR A 515 66.68 -68.68 13.63
C TYR A 515 67.66 -67.62 13.14
N LYS A 516 67.74 -67.40 11.83
CA LYS A 516 68.79 -66.54 11.28
C LYS A 516 68.71 -65.10 11.78
N PRO A 517 67.59 -64.39 11.73
CA PRO A 517 67.59 -62.99 12.18
C PRO A 517 67.35 -62.83 13.67
N TYR A 518 66.71 -63.79 14.33
CA TYR A 518 66.36 -63.67 15.74
C TYR A 518 67.57 -64.04 16.60
N ILE A 519 68.54 -63.11 16.63
CA ILE A 519 69.81 -63.32 17.29
C ILE A 519 70.09 -62.25 18.34
N CYS A 520 69.60 -61.05 18.07
CA CYS A 520 69.66 -59.88 18.95
C CYS A 520 69.58 -60.10 20.48
N ASP A 521 68.41 -60.49 20.97
CA ASP A 521 68.17 -60.63 22.43
C ASP A 521 68.51 -61.93 23.16
N ASN A 522 69.74 -62.01 23.68
CA ASN A 522 70.24 -63.14 24.47
C ASN A 522 71.56 -62.81 25.19
N ASP A 523 72.65 -63.32 24.61
CA ASP A 523 74.02 -63.17 25.11
C ASP A 523 74.92 -63.72 23.99
N PRO A 524 76.13 -63.13 23.77
CA PRO A 524 76.83 -63.74 22.62
C PRO A 524 77.26 -65.18 22.85
N LYS A 525 77.41 -65.62 24.11
CA LYS A 525 77.72 -67.02 24.36
C LYS A 525 76.59 -67.92 23.86
N TYR A 526 75.34 -67.53 24.11
CA TYR A 526 74.23 -68.26 23.51
C TYR A 526 74.16 -68.03 22.00
N GLU A 527 74.62 -66.87 21.53
CA GLU A 527 74.48 -66.56 20.11
C GLU A 527 75.42 -67.41 19.26
N ARG A 528 76.63 -67.67 19.74
CA ARG A 528 77.52 -68.56 18.99
C ARG A 528 77.02 -69.99 18.99
N LEU A 529 76.44 -70.44 20.11
CA LEU A 529 75.82 -71.77 20.13
C LEU A 529 74.66 -71.85 19.14
N VAL A 530 73.86 -70.79 19.08
CA VAL A 530 72.77 -70.74 18.10
C VAL A 530 73.33 -70.72 16.68
N ASN A 531 74.47 -70.07 16.49
CA ASN A 531 75.13 -70.10 15.18
C ASN A 531 75.54 -71.52 14.81
N ALA A 532 76.12 -72.26 15.75
CA ALA A 532 76.53 -73.62 15.47
C ALA A 532 75.32 -74.50 15.16
N ILE A 533 74.25 -74.39 15.95
CA ILE A 533 73.07 -75.21 15.68
C ILE A 533 72.38 -74.78 14.39
N LEU A 534 72.47 -73.50 14.04
CA LEU A 534 71.91 -73.03 12.77
C LEU A 534 72.69 -73.60 11.60
N ASP A 535 74.02 -73.67 11.73
CA ASP A 535 74.83 -74.31 10.70
C ASP A 535 74.48 -75.79 10.59
N PHE A 536 74.22 -76.44 11.73
CA PHE A 536 73.84 -77.85 11.72
C PHE A 536 72.45 -78.06 11.13
N LEU A 537 71.56 -77.08 11.26
CA LEU A 537 70.14 -77.29 10.97
C LEU A 537 69.86 -77.76 9.55
N PRO A 538 70.36 -77.12 8.49
CA PRO A 538 69.97 -77.55 7.14
C PRO A 538 70.55 -78.89 6.72
N LYS A 539 71.52 -79.43 7.46
CA LYS A 539 72.10 -80.71 7.09
C LYS A 539 71.08 -81.84 7.20
N ILE A 540 70.22 -81.78 8.22
CA ILE A 540 69.23 -82.82 8.43
C ILE A 540 67.83 -82.21 8.48
N TYR A 549 60.82 -90.68 18.02
CA TYR A 549 61.38 -89.96 19.15
C TYR A 549 62.87 -90.24 19.35
N THR A 550 63.22 -91.53 19.34
CA THR A 550 64.59 -91.94 19.64
C THR A 550 65.58 -91.44 18.60
N ASP A 551 65.14 -91.27 17.34
CA ASP A 551 66.04 -90.80 16.30
C ASP A 551 66.52 -89.37 16.59
N LEU A 552 65.61 -88.50 17.03
CA LEU A 552 66.01 -87.15 17.41
C LEU A 552 66.99 -87.18 18.58
N LEU A 553 66.77 -88.08 19.54
CA LEU A 553 67.70 -88.21 20.65
C LEU A 553 69.09 -88.62 20.17
N ARG A 554 69.15 -89.60 19.26
CA ARG A 554 70.44 -90.06 18.75
C ARG A 554 71.13 -88.96 17.96
N ILE A 555 70.37 -88.18 17.18
CA ILE A 555 70.96 -87.08 16.43
C ILE A 555 71.52 -86.03 17.38
N ALA A 556 70.75 -85.66 18.41
CA ALA A 556 71.23 -84.68 19.38
C ALA A 556 72.40 -85.18 20.19
N LEU A 557 72.53 -86.50 20.36
CA LEU A 557 73.67 -87.06 21.09
C LEU A 557 74.99 -86.72 20.41
N MET A 558 75.00 -86.68 19.08
CA MET A 558 76.23 -86.40 18.35
C MET A 558 76.75 -85.00 18.66
N ALA A 559 75.85 -84.02 18.71
CA ALA A 559 76.23 -82.65 19.05
C ALA A 559 76.41 -82.58 20.56
N GLU A 560 77.67 -82.58 21.01
CA GLU A 560 78.00 -82.65 22.41
C GLU A 560 78.31 -81.30 23.04
N ASP A 561 78.79 -80.34 22.26
CA ASP A 561 79.15 -79.03 22.77
C ASP A 561 77.96 -78.12 22.97
N GLU A 562 76.77 -78.56 22.58
CA GLU A 562 75.56 -77.77 22.67
C GLU A 562 74.65 -78.31 23.76
N ALA A 563 73.83 -77.42 24.32
CA ALA A 563 72.89 -77.82 25.35
C ALA A 563 71.71 -78.61 24.80
N ILE A 564 71.64 -78.79 23.49
CA ILE A 564 70.53 -79.57 22.90
C ILE A 564 70.55 -80.99 23.43
N PHE A 565 71.72 -81.62 23.46
CA PHE A 565 71.82 -82.95 24.07
C PHE A 565 71.55 -82.90 25.57
N GLU A 566 71.93 -81.79 26.22
CA GLU A 566 71.70 -81.66 27.66
C GLU A 566 70.22 -81.72 27.97
N GLU A 567 69.40 -81.01 27.18
CA GLU A 567 67.96 -81.10 27.36
C GLU A 567 67.37 -82.39 26.79
N ALA A 568 68.01 -82.96 25.77
CA ALA A 568 67.55 -84.21 25.21
C ALA A 568 67.66 -85.35 26.22
N HIS A 569 68.65 -85.27 27.12
CA HIS A 569 68.73 -86.28 28.17
C HIS A 569 67.48 -86.27 29.05
N LYS A 570 67.02 -85.07 29.43
CA LYS A 570 65.75 -84.99 30.16
C LYS A 570 64.59 -85.44 29.29
N GLN A 571 64.59 -85.07 28.01
CA GLN A 571 63.49 -85.41 27.13
C GLN A 571 63.31 -86.92 27.02
N VAL A 572 64.41 -87.66 26.83
CA VAL A 572 64.33 -89.11 26.80
C VAL A 572 64.04 -89.66 28.20
N GLN A 573 64.54 -88.98 29.23
CA GLN A 573 64.21 -89.38 30.59
C GLN A 573 62.72 -89.24 30.86
N ARG A 574 62.13 -88.14 30.42
CA ARG A 574 60.71 -87.89 30.64
C ARG A 574 59.89 -88.36 29.45
N ASP A 598 73.11 -86.50 7.06
CA ASP A 598 72.57 -86.53 5.70
C ASP A 598 72.77 -85.18 5.01
N ASN A 599 72.10 -85.00 3.89
CA ASN A 599 72.23 -83.79 3.09
C ASN A 599 70.84 -83.30 2.69
N GLU A 600 70.76 -82.35 1.75
CA GLU A 600 69.53 -81.59 1.57
C GLU A 600 68.40 -82.48 1.03
N GLY A 601 67.20 -82.26 1.54
CA GLY A 601 66.05 -83.03 1.09
C GLY A 601 64.76 -82.22 1.01
N ARG A 602 64.15 -82.20 -0.18
CA ARG A 602 62.95 -81.38 -0.43
C ARG A 602 61.55 -82.01 -0.24
N HIS A 603 61.35 -83.21 -0.80
CA HIS A 603 60.08 -83.93 -0.72
C HIS A 603 58.90 -83.05 -1.13
N ALA A 604 58.85 -82.61 -2.39
CA ALA A 604 57.92 -81.57 -2.78
C ALA A 604 56.59 -82.09 -3.34
N VAL A 605 56.63 -82.84 -4.44
CA VAL A 605 55.39 -83.22 -5.12
C VAL A 605 54.92 -84.56 -4.56
N TYR A 606 53.67 -84.57 -4.09
CA TYR A 606 53.14 -85.69 -3.32
C TYR A 606 52.88 -86.92 -4.17
N LEU A 607 52.71 -86.78 -5.48
CA LEU A 607 52.42 -87.95 -6.30
C LEU A 607 53.67 -88.74 -6.63
N HIS A 608 54.54 -88.15 -7.46
CA HIS A 608 55.80 -88.72 -7.90
C HIS A 608 56.59 -87.61 -8.58
N ASN A 609 57.78 -87.95 -9.07
CA ASN A 609 58.63 -87.00 -9.75
C ASN A 609 59.31 -87.62 -10.97
N ASP A 610 59.32 -86.95 -12.12
CA ASP A 610 60.14 -87.58 -13.17
C ASP A 610 61.50 -87.01 -13.39
N PHE A 611 61.63 -85.83 -13.96
CA PHE A 611 63.00 -85.36 -14.13
C PHE A 611 63.27 -84.08 -13.34
N CYS A 612 64.55 -83.74 -13.22
CA CYS A 612 64.96 -82.54 -12.50
C CYS A 612 66.39 -82.18 -12.91
N LEU A 613 66.73 -80.91 -12.69
CA LEU A 613 68.08 -80.44 -12.96
C LEU A 613 68.34 -79.14 -12.22
N ILE A 614 69.62 -78.79 -12.08
CA ILE A 614 70.07 -77.59 -11.42
C ILE A 614 70.45 -76.56 -12.48
N ALA A 615 70.18 -75.28 -12.20
CA ALA A 615 70.53 -74.21 -13.12
C ALA A 615 72.04 -74.12 -13.31
N LEU A 616 72.43 -73.65 -14.50
CA LEU A 616 73.84 -73.60 -14.87
C LEU A 616 74.63 -72.70 -13.95
N ALA A 617 74.11 -71.50 -13.68
CA ALA A 617 74.81 -70.51 -12.88
C ALA A 617 74.65 -70.74 -11.39
N SER A 618 74.26 -71.95 -11.00
CA SER A 618 73.93 -72.26 -9.61
C SER A 618 72.88 -71.28 -9.08
N GLY A 619 71.80 -71.14 -9.83
CA GLY A 619 70.82 -70.12 -9.53
C GLY A 619 69.41 -70.62 -9.30
N GLN A 620 69.09 -71.82 -9.79
CA GLN A 620 67.73 -72.32 -9.74
C GLN A 620 67.74 -73.84 -9.85
N ILE A 621 66.55 -74.41 -9.71
CA ILE A 621 66.30 -75.83 -9.93
C ILE A 621 64.99 -75.96 -10.69
N LEU A 622 64.99 -76.80 -11.71
CA LEU A 622 63.83 -77.02 -12.56
C LEU A 622 63.42 -78.47 -12.32
N LEU A 623 62.13 -78.71 -12.03
CA LEU A 623 61.63 -80.06 -11.77
C LEU A 623 60.10 -80.21 -11.92
N THR A 624 59.50 -80.82 -10.88
CA THR A 624 58.14 -81.29 -10.68
C THR A 624 57.88 -82.42 -11.70
N ASP A 625 56.70 -82.49 -12.28
CA ASP A 625 56.29 -83.49 -13.29
C ASP A 625 56.22 -84.98 -12.88
N VAL A 626 54.99 -85.43 -12.63
CA VAL A 626 54.65 -86.80 -12.27
C VAL A 626 53.21 -86.85 -12.78
N SER A 627 52.89 -85.74 -13.43
CA SER A 627 51.62 -85.36 -14.04
C SER A 627 51.83 -84.15 -14.97
N LEU A 628 53.10 -83.94 -15.33
CA LEU A 628 53.55 -82.87 -16.23
C LEU A 628 53.37 -81.39 -15.87
N GLU A 629 53.60 -81.01 -14.62
CA GLU A 629 53.51 -79.57 -14.27
C GLU A 629 54.58 -78.65 -14.93
N GLY A 630 55.79 -78.69 -14.37
CA GLY A 630 56.89 -77.86 -14.83
C GLY A 630 56.93 -76.56 -14.06
N GLU A 631 57.61 -76.57 -12.91
CA GLU A 631 57.71 -75.38 -12.05
C GLU A 631 59.13 -74.83 -11.94
N ASP A 632 59.40 -74.12 -10.85
CA ASP A 632 60.71 -73.53 -10.60
C ASP A 632 61.00 -73.29 -9.12
N THR A 633 62.19 -73.68 -8.68
CA THR A 633 62.64 -73.53 -7.30
C THR A 633 64.05 -72.98 -7.29
N TYR A 634 64.55 -72.72 -6.08
CA TYR A 634 65.92 -72.26 -5.87
C TYR A 634 66.76 -73.34 -5.19
N LEU A 635 68.07 -73.32 -5.47
CA LEU A 635 69.02 -74.21 -4.82
C LEU A 635 69.08 -74.02 -3.31
N LEU A 636 69.63 -72.89 -2.87
CA LEU A 636 70.04 -72.74 -1.48
C LEU A 636 68.88 -72.40 -0.55
N ARG A 637 67.72 -72.03 -1.09
CA ARG A 637 66.58 -71.67 -0.26
C ARG A 637 65.33 -72.45 -0.60
N ASP A 638 65.35 -73.30 -1.62
CA ASP A 638 64.30 -74.27 -1.91
C ASP A 638 62.95 -73.63 -2.17
N GLU A 639 62.90 -72.30 -2.29
CA GLU A 639 61.62 -71.62 -2.43
C GLU A 639 61.02 -71.92 -3.79
N SER A 640 59.90 -72.62 -3.75
CA SER A 640 59.19 -73.05 -4.94
C SER A 640 58.65 -71.81 -5.57
N ASP A 641 59.43 -71.23 -6.46
CA ASP A 641 59.01 -70.00 -7.10
C ASP A 641 57.66 -70.09 -7.84
N SER A 642 57.39 -71.05 -8.72
CA SER A 642 56.07 -71.04 -9.35
C SER A 642 55.53 -72.37 -9.85
N SER A 643 54.21 -72.51 -9.73
CA SER A 643 53.49 -73.69 -10.19
C SER A 643 52.97 -73.36 -11.59
N ASP A 644 53.01 -74.34 -12.47
CA ASP A 644 52.56 -74.13 -13.85
C ASP A 644 52.12 -75.41 -14.55
N ILE A 645 51.25 -75.27 -15.54
CA ILE A 645 50.73 -76.41 -16.31
C ILE A 645 50.91 -76.06 -17.77
N LEU A 646 51.80 -76.78 -18.46
CA LEU A 646 51.95 -76.54 -19.89
C LEU A 646 51.36 -77.65 -20.74
N ARG A 647 51.44 -78.89 -20.28
CA ARG A 647 50.92 -80.02 -21.04
C ARG A 647 50.48 -81.16 -20.14
N MET A 648 49.67 -82.06 -20.67
CA MET A 648 49.13 -83.16 -19.87
C MET A 648 49.42 -84.58 -20.35
N ALA A 649 50.45 -85.17 -19.77
CA ALA A 649 50.91 -86.53 -20.05
C ALA A 649 51.96 -86.88 -19.01
N VAL A 650 52.56 -88.07 -19.12
CA VAL A 650 53.51 -88.47 -18.07
C VAL A 650 54.59 -89.45 -18.47
N PHE A 651 55.83 -88.99 -18.37
CA PHE A 651 57.01 -89.79 -18.69
C PHE A 651 58.28 -89.09 -18.18
N ASN A 652 59.35 -89.38 -18.90
CA ASN A 652 60.73 -88.83 -18.69
C ASN A 652 60.98 -87.47 -19.38
N GLN A 653 62.43 -87.28 -19.92
CA GLN A 653 63.05 -86.17 -20.69
C GLN A 653 62.85 -84.69 -20.30
N GLN A 654 63.96 -83.95 -20.31
CA GLN A 654 63.99 -82.52 -20.05
C GLN A 654 65.33 -81.95 -20.55
N LYS A 655 65.35 -80.66 -20.87
CA LYS A 655 66.57 -80.03 -21.38
C LYS A 655 66.51 -78.54 -21.07
N HIS A 656 67.59 -77.84 -21.43
CA HIS A 656 67.65 -76.38 -21.36
C HIS A 656 68.58 -75.87 -22.45
N LEU A 657 68.75 -74.56 -22.49
CA LEU A 657 69.65 -73.95 -23.45
C LEU A 657 71.03 -73.72 -22.85
N ILE A 658 71.95 -73.27 -23.71
CA ILE A 658 73.29 -72.91 -23.26
C ILE A 658 73.22 -71.73 -22.30
N THR A 659 72.37 -70.76 -22.62
CA THR A 659 72.21 -69.55 -21.83
C THR A 659 71.01 -69.62 -20.89
N LEU A 660 70.39 -70.80 -20.75
CA LEU A 660 69.22 -70.99 -19.90
C LEU A 660 68.06 -70.08 -20.30
N HIS A 661 68.05 -69.68 -21.58
CA HIS A 661 67.01 -68.77 -22.05
C HIS A 661 65.63 -69.41 -21.98
N CYS A 662 65.48 -70.58 -22.59
CA CYS A 662 64.20 -71.28 -22.51
C CYS A 662 64.51 -72.75 -22.23
N ASN A 663 63.47 -73.57 -22.28
CA ASN A 663 63.64 -75.01 -22.03
C ASN A 663 62.57 -75.86 -22.70
N GLY A 664 62.70 -77.17 -22.58
CA GLY A 664 61.74 -78.09 -23.17
C GLY A 664 61.22 -79.11 -22.17
N SER A 665 59.91 -79.10 -21.95
CA SER A 665 59.29 -80.06 -21.03
C SER A 665 58.34 -81.05 -21.72
N VAL A 666 58.76 -82.32 -21.84
CA VAL A 666 57.95 -83.38 -22.44
C VAL A 666 58.28 -84.73 -21.87
N LYS A 667 57.36 -85.70 -21.97
CA LYS A 667 57.77 -86.98 -21.52
C LYS A 667 57.53 -88.27 -22.32
N LEU A 668 56.51 -88.39 -23.19
CA LEU A 668 56.19 -89.79 -23.40
C LEU A 668 55.07 -89.74 -24.50
N TRP A 669 54.17 -88.74 -24.42
CA TRP A 669 53.11 -88.50 -25.44
C TRP A 669 53.92 -88.34 -26.72
N SER A 670 55.13 -87.85 -26.43
CA SER A 670 56.35 -87.82 -27.21
C SER A 670 56.33 -86.64 -28.18
N LEU A 671 56.36 -85.44 -27.59
CA LEU A 671 56.36 -84.17 -28.33
C LEU A 671 57.52 -83.29 -27.84
N TRP A 672 57.39 -81.96 -27.98
CA TRP A 672 58.45 -81.01 -27.57
C TRP A 672 58.06 -79.53 -27.41
N PRO A 673 57.35 -79.18 -26.32
CA PRO A 673 57.01 -77.76 -26.16
C PRO A 673 58.15 -77.07 -25.37
N ASP A 674 58.10 -75.75 -25.21
CA ASP A 674 59.16 -75.05 -24.49
C ASP A 674 58.69 -74.02 -23.46
N CYS A 675 59.58 -73.61 -22.58
CA CYS A 675 59.29 -72.63 -21.55
C CYS A 675 60.53 -71.81 -21.29
N PRO A 676 60.41 -70.51 -21.06
CA PRO A 676 61.58 -69.70 -20.70
C PRO A 676 61.92 -69.84 -19.23
N GLY A 677 63.17 -69.55 -18.91
CA GLY A 677 63.58 -69.57 -17.52
C GLY A 677 62.98 -68.46 -16.69
N ARG A 678 62.37 -67.46 -17.32
CA ARG A 678 61.86 -66.31 -16.60
C ARG A 678 60.34 -66.25 -16.65
N HIS A 680 57.78 -68.19 -18.09
CA HIS A 680 57.46 -69.55 -17.66
C HIS A 680 56.26 -70.13 -18.40
N SER A 681 55.99 -69.61 -19.60
CA SER A 681 54.86 -70.05 -20.41
C SER A 681 55.36 -70.67 -21.71
N GLY A 682 54.59 -71.60 -22.26
CA GLY A 682 54.96 -72.31 -23.46
C GLY A 682 55.47 -71.44 -24.60
N GLY A 683 56.73 -71.62 -24.96
CA GLY A 683 57.34 -70.80 -26.00
C GLY A 683 57.54 -71.50 -27.33
N LYS A 685 55.40 -74.43 -32.04
CA LYS A 685 56.06 -75.71 -31.84
C LYS A 685 55.51 -76.76 -32.80
N GLN A 686 56.03 -76.80 -34.03
CA GLN A 686 55.64 -77.83 -34.98
C GLN A 686 55.99 -79.21 -34.44
N GLN A 687 55.03 -80.12 -34.51
CA GLN A 687 55.16 -81.45 -33.95
C GLN A 687 54.91 -82.49 -35.03
N LEU A 688 55.70 -83.56 -35.01
CA LEU A 688 55.56 -84.64 -35.98
C LEU A 688 55.43 -85.99 -35.29
N VAL A 693 59.92 -89.16 -31.18
CA VAL A 693 60.27 -87.76 -30.91
C VAL A 693 61.12 -87.67 -29.64
N LYS A 694 62.44 -87.68 -29.84
CA LYS A 694 63.40 -87.67 -28.74
C LYS A 694 64.80 -87.13 -29.09
N ARG A 695 65.19 -85.98 -28.54
CA ARG A 695 66.54 -85.49 -28.75
C ARG A 695 67.01 -84.89 -27.43
N PHE A 696 68.25 -84.41 -27.38
CA PHE A 696 68.77 -83.91 -26.11
C PHE A 696 69.39 -82.52 -26.18
N ILE A 697 70.09 -82.20 -27.26
CA ILE A 697 71.07 -81.13 -27.18
C ILE A 697 71.00 -80.13 -28.33
N GLY A 698 71.20 -78.84 -28.01
CA GLY A 698 71.52 -77.83 -28.99
C GLY A 698 73.01 -77.52 -29.00
N SER A 699 73.70 -78.00 -30.04
CA SER A 699 75.15 -77.98 -30.13
C SER A 699 75.72 -76.63 -30.56
N TYR A 700 77.00 -76.66 -30.96
CA TYR A 700 77.77 -75.51 -31.44
C TYR A 700 78.26 -74.65 -30.27
N ALA A 701 77.77 -74.98 -29.08
CA ALA A 701 78.38 -74.62 -27.81
C ALA A 701 78.30 -73.13 -27.47
N ASN A 702 77.89 -72.31 -28.43
CA ASN A 702 77.77 -70.87 -28.22
C ASN A 702 77.24 -70.19 -29.48
N LEU A 703 76.92 -68.89 -29.36
CA LEU A 703 76.57 -68.04 -30.49
C LEU A 703 75.33 -68.53 -31.21
N LYS A 704 75.42 -69.70 -31.85
CA LYS A 704 74.26 -70.31 -32.47
C LYS A 704 73.42 -70.98 -31.38
N ILE A 705 72.15 -70.58 -31.31
CA ILE A 705 71.21 -71.06 -30.31
C ILE A 705 70.33 -72.04 -31.08
N VAL A 706 70.94 -72.68 -32.07
CA VAL A 706 70.19 -73.50 -33.02
C VAL A 706 69.59 -74.70 -32.31
N ALA A 707 68.27 -74.82 -32.36
CA ALA A 707 67.54 -75.99 -31.89
C ALA A 707 67.91 -77.17 -32.78
N PHE A 708 68.60 -78.14 -32.19
CA PHE A 708 69.04 -79.35 -32.86
C PHE A 708 68.26 -80.53 -32.27
N TYR A 709 67.00 -80.63 -32.66
CA TYR A 709 66.15 -81.66 -32.08
C TYR A 709 65.50 -82.48 -33.17
N LEU A 710 64.85 -83.57 -32.77
CA LEU A 710 64.26 -84.41 -33.78
C LEU A 710 63.10 -85.29 -33.37
N ASN A 711 62.36 -85.67 -34.40
CA ASN A 711 61.28 -86.64 -34.35
C ASN A 711 61.94 -88.01 -34.64
N GLU A 712 61.18 -89.11 -34.55
CA GLU A 712 61.82 -90.36 -34.94
C GLU A 712 61.90 -90.40 -36.47
N ASP A 713 60.75 -90.59 -37.12
CA ASP A 713 60.44 -90.17 -38.48
C ASP A 713 61.59 -90.36 -39.47
N ALA A 714 62.53 -91.25 -39.15
CA ALA A 714 63.75 -91.46 -39.92
C ALA A 714 64.31 -90.14 -40.48
N GLY A 715 64.37 -89.12 -39.63
CA GLY A 715 64.77 -87.80 -40.10
C GLY A 715 65.63 -87.01 -39.13
N LEU A 716 66.32 -85.98 -39.63
CA LEU A 716 67.30 -85.22 -38.86
C LEU A 716 67.13 -83.72 -39.09
N PRO A 717 66.34 -83.03 -38.27
CA PRO A 717 66.12 -81.59 -38.47
C PRO A 717 67.00 -80.67 -37.63
N GLU A 718 67.35 -79.54 -38.22
CA GLU A 718 67.83 -78.35 -37.54
C GLU A 718 66.85 -77.20 -37.73
N ALA A 719 66.76 -76.34 -36.71
CA ALA A 719 65.96 -75.12 -36.75
C ALA A 719 66.60 -74.14 -35.79
N ASN A 720 66.26 -72.87 -35.87
CA ASN A 720 66.65 -71.98 -34.79
C ASN A 720 65.57 -71.89 -33.71
N ILE A 721 65.86 -71.05 -32.71
CA ILE A 721 64.81 -70.56 -31.82
C ILE A 721 64.34 -69.19 -32.28
N GLN A 722 65.28 -68.32 -32.66
CA GLN A 722 64.91 -67.06 -33.29
C GLN A 722 64.14 -67.31 -34.58
N LEU A 723 64.62 -68.21 -35.43
CA LEU A 723 63.83 -68.70 -36.54
C LEU A 723 62.97 -69.86 -36.08
N HIS A 724 61.71 -69.86 -36.49
CA HIS A 724 60.76 -70.87 -36.09
C HIS A 724 60.58 -71.93 -37.17
N VAL A 725 61.45 -71.93 -38.18
CA VAL A 725 61.36 -72.85 -39.31
C VAL A 725 62.53 -73.83 -39.23
N ALA A 726 62.24 -75.10 -39.54
CA ALA A 726 63.30 -76.09 -39.62
C ALA A 726 64.33 -75.66 -40.65
N PHE A 727 65.56 -75.42 -40.18
CA PHE A 727 66.64 -75.05 -41.09
C PHE A 727 66.91 -76.14 -42.11
N ILE A 728 66.97 -77.39 -41.66
CA ILE A 728 67.37 -78.48 -42.53
C ILE A 728 66.71 -79.77 -42.06
N ASN A 729 66.54 -80.70 -42.99
CA ASN A 729 65.96 -82.00 -42.70
C ASN A 729 66.73 -83.09 -43.43
N GLY A 730 67.09 -84.13 -42.68
CA GLY A 730 67.73 -85.29 -43.29
C GLY A 730 66.73 -86.20 -43.97
N ASP A 731 65.45 -86.03 -43.66
CA ASP A 731 64.37 -86.75 -44.35
C ASP A 731 64.42 -86.50 -45.85
N TRP A 737 64.38 -96.33 -33.28
CA TRP A 737 64.90 -95.14 -33.96
C TRP A 737 65.10 -93.98 -33.00
N ASP A 738 64.83 -94.19 -31.72
CA ASP A 738 64.83 -93.08 -30.76
C ASP A 738 65.95 -93.18 -29.73
N GLU A 739 67.12 -93.68 -30.13
CA GLU A 739 68.28 -93.69 -29.23
C GLU A 739 69.52 -93.18 -29.96
N GLN A 740 69.39 -92.05 -30.67
CA GLN A 740 70.47 -91.56 -31.51
C GLN A 740 71.27 -90.45 -30.83
N ASP A 741 72.20 -89.87 -31.58
CA ASP A 741 72.77 -88.56 -31.27
C ASP A 741 72.40 -87.52 -32.32
N GLN A 742 72.41 -87.90 -33.60
CA GLN A 742 71.91 -87.10 -34.70
C GLN A 742 72.80 -85.89 -34.95
N GLU A 743 74.08 -85.98 -34.54
CA GLU A 743 75.15 -85.02 -34.78
C GLU A 743 74.92 -83.74 -33.99
N PHE A 744 73.77 -83.62 -33.34
CA PHE A 744 73.25 -82.37 -32.79
C PHE A 744 71.81 -82.56 -32.32
N SER A 747 80.77 -84.81 -37.79
CA SER A 747 79.97 -85.29 -38.91
C SER A 747 79.68 -86.78 -38.78
N HIS A 748 79.52 -87.24 -37.54
CA HIS A 748 79.17 -88.63 -37.28
C HIS A 748 78.05 -88.68 -36.25
N VAL A 749 77.20 -89.69 -36.39
CA VAL A 749 75.97 -89.82 -35.61
C VAL A 749 75.88 -91.22 -35.04
N PRO A 750 76.08 -91.43 -33.74
CA PRO A 750 75.80 -92.76 -33.17
C PRO A 750 74.31 -93.01 -33.05
N VAL A 751 73.78 -93.86 -33.93
CA VAL A 751 72.38 -94.25 -33.89
C VAL A 751 72.29 -95.59 -33.15
N LEU A 752 71.87 -95.54 -31.90
CA LEU A 752 71.79 -96.73 -31.07
C LEU A 752 70.34 -97.14 -30.96
N LYS A 753 70.10 -98.39 -30.61
CA LYS A 753 68.76 -98.90 -30.37
C LYS A 753 68.85 -99.92 -29.24
N THR A 754 67.72 -100.54 -28.92
CA THR A 754 67.68 -101.60 -27.91
C THR A 754 68.07 -102.95 -28.50
N MET A 755 68.32 -103.00 -29.80
CA MET A 755 68.81 -104.20 -30.45
C MET A 755 70.25 -104.53 -30.09
N GLN A 756 70.83 -103.80 -29.13
CA GLN A 756 72.13 -104.13 -28.54
C GLN A 756 73.23 -104.13 -29.58
N SER A 757 73.05 -103.35 -30.65
CA SER A 757 74.00 -103.27 -31.74
C SER A 757 73.81 -101.93 -32.42
N GLY A 758 74.66 -100.97 -32.10
CA GLY A 758 74.49 -99.63 -32.59
C GLY A 758 74.88 -99.47 -34.05
N ILE A 759 74.30 -98.45 -34.67
CA ILE A 759 74.61 -98.08 -36.04
C ILE A 759 74.92 -96.59 -36.04
N ARG A 760 75.37 -96.08 -37.19
CA ARG A 760 75.79 -94.68 -37.21
C ARG A 760 75.43 -93.91 -38.47
N CYS A 761 74.76 -94.54 -39.42
CA CYS A 761 73.88 -93.90 -40.40
C CYS A 761 74.57 -93.02 -41.45
N PHE A 762 75.91 -92.98 -41.56
CA PHE A 762 76.55 -92.12 -42.58
C PHE A 762 75.89 -90.77 -42.80
N VAL A 763 76.06 -89.84 -41.86
CA VAL A 763 75.49 -88.50 -41.88
C VAL A 763 75.43 -87.94 -43.30
N GLN A 764 76.50 -88.13 -44.07
CA GLN A 764 76.53 -87.64 -45.45
C GLN A 764 76.04 -88.67 -46.47
N VAL A 765 75.79 -89.91 -46.06
CA VAL A 765 75.34 -90.96 -46.99
C VAL A 765 74.08 -91.67 -46.54
N LEU A 766 73.69 -91.61 -45.26
CA LEU A 766 72.42 -92.20 -44.76
C LEU A 766 72.41 -93.73 -44.88
N LYS A 767 73.40 -94.38 -44.27
CA LYS A 767 73.43 -95.82 -44.16
C LYS A 767 74.31 -96.20 -42.98
N ARG A 768 74.05 -97.38 -42.41
CA ARG A 768 74.72 -97.75 -41.16
C ARG A 768 76.23 -97.77 -41.32
N TYR A 769 76.92 -96.96 -40.51
CA TYR A 769 78.39 -97.00 -40.46
C TYR A 769 78.90 -98.35 -39.99
N TYR A 770 78.70 -98.65 -38.71
CA TYR A 770 79.40 -99.75 -38.06
C TYR A 770 78.55 -100.29 -36.93
N VAL A 771 78.56 -101.63 -36.79
CA VAL A 771 77.71 -102.35 -35.84
C VAL A 771 78.59 -103.35 -35.09
N VAL A 772 79.90 -103.24 -35.29
CA VAL A 772 80.82 -104.33 -34.95
C VAL A 772 80.97 -104.46 -33.44
N CYS A 773 81.51 -105.61 -33.02
CA CYS A 773 82.20 -105.91 -31.76
C CYS A 773 81.26 -106.18 -30.57
N THR A 774 79.94 -105.98 -30.73
CA THR A 774 78.87 -106.22 -29.68
C THR A 774 79.29 -106.36 -28.21
N SER A 775 80.06 -107.43 -27.98
CA SER A 775 80.65 -107.82 -26.69
C SER A 775 79.66 -108.13 -25.58
N ASN A 776 80.20 -108.17 -24.37
CA ASN A 776 79.43 -108.43 -23.15
C ASN A 776 78.26 -109.42 -23.20
N CYS A 777 77.14 -108.98 -23.74
CA CYS A 777 75.93 -109.79 -23.78
C CYS A 777 75.65 -110.37 -25.15
N THR A 778 76.15 -109.74 -26.21
CA THR A 778 75.94 -110.22 -27.56
C THR A 778 77.26 -110.42 -28.28
N LEU A 794 69.71 -94.79 -23.51
CA LEU A 794 70.48 -94.10 -22.49
C LEU A 794 71.92 -93.88 -22.96
N HIS A 795 72.14 -92.80 -23.70
CA HIS A 795 73.43 -92.53 -24.33
C HIS A 795 73.78 -91.05 -24.15
N VAL A 796 74.95 -90.79 -23.57
CA VAL A 796 75.41 -89.45 -23.24
C VAL A 796 76.87 -89.31 -23.63
N PHE A 797 77.26 -88.16 -24.18
CA PHE A 797 78.67 -87.86 -24.42
C PHE A 797 79.35 -87.45 -23.12
N ASN A 798 80.59 -87.00 -23.25
CA ASN A 798 81.42 -86.55 -22.14
C ASN A 798 81.43 -85.03 -22.10
N VAL A 799 82.24 -84.47 -21.20
CA VAL A 799 82.35 -83.02 -21.11
C VAL A 799 82.92 -82.46 -22.42
N GLU A 800 83.91 -83.14 -22.98
CA GLU A 800 84.51 -82.69 -24.24
C GLU A 800 83.76 -83.22 -25.47
N ASN A 801 82.76 -84.07 -25.27
CA ASN A 801 81.77 -84.42 -26.28
C ASN A 801 82.42 -84.97 -27.56
N ASP A 802 83.56 -85.64 -27.42
CA ASP A 802 84.10 -86.46 -28.51
C ASP A 802 84.04 -87.93 -28.18
N THR A 803 83.39 -88.29 -27.09
CA THR A 803 83.25 -89.67 -26.67
C THR A 803 81.81 -89.92 -26.26
N PRO A 804 81.05 -90.71 -27.03
CA PRO A 804 79.72 -91.10 -26.58
C PRO A 804 79.81 -92.24 -25.58
N LEU A 805 78.72 -92.44 -24.84
CA LEU A 805 78.60 -93.51 -23.88
C LEU A 805 77.18 -94.04 -23.95
N ALA A 806 77.00 -95.33 -23.67
CA ALA A 806 75.69 -95.94 -23.79
C ALA A 806 75.47 -96.89 -22.62
N LEU A 807 74.32 -97.54 -22.63
CA LEU A 807 73.95 -98.52 -21.61
C LEU A 807 72.85 -99.41 -22.18
N ASP A 808 72.16 -100.13 -21.30
CA ASP A 808 70.95 -100.89 -21.58
C ASP A 808 71.24 -102.22 -22.26
N VAL A 809 72.49 -102.69 -22.22
CA VAL A 809 72.75 -104.09 -22.53
C VAL A 809 73.45 -104.70 -21.32
N PHE A 810 74.69 -104.28 -21.07
CA PHE A 810 75.31 -104.48 -19.76
C PHE A 810 76.17 -103.31 -19.29
N ASP A 811 76.74 -102.53 -20.19
CA ASP A 811 77.80 -101.59 -19.83
C ASP A 811 77.79 -100.44 -20.84
N GLU A 812 78.91 -99.71 -20.91
CA GLU A 812 79.00 -98.46 -21.64
C GLU A 812 80.05 -98.57 -22.73
N ARG A 813 79.76 -98.01 -23.90
CA ARG A 813 80.72 -97.92 -24.99
C ARG A 813 81.35 -96.54 -25.03
N SER A 814 82.68 -96.50 -25.04
CA SER A 814 83.43 -95.24 -25.07
C SER A 814 84.22 -95.19 -26.36
N LYS A 815 83.73 -94.45 -27.34
CA LYS A 815 84.35 -94.35 -28.65
C LYS A 815 84.72 -92.89 -28.93
N THR A 816 85.30 -92.65 -30.10
CA THR A 816 85.73 -91.31 -30.48
C THR A 816 84.69 -90.66 -31.38
N ALA A 817 84.30 -89.44 -31.04
CA ALA A 817 83.32 -88.70 -31.83
C ALA A 817 83.87 -87.33 -32.24
N VAL A 819 87.68 -91.13 -35.65
CA VAL A 819 88.41 -92.33 -36.04
C VAL A 819 87.64 -93.55 -35.52
N LEU A 820 86.70 -93.29 -34.61
CA LEU A 820 85.77 -94.30 -34.10
C LEU A 820 86.52 -95.44 -33.43
N LEU A 821 87.21 -95.11 -32.34
CA LEU A 821 88.01 -96.07 -31.59
C LEU A 821 87.48 -96.18 -30.17
N ILE A 822 87.32 -97.42 -29.70
CA ILE A 822 86.69 -97.69 -28.41
C ILE A 822 87.73 -97.50 -27.31
N PHE A 823 87.37 -96.72 -26.29
CA PHE A 823 88.28 -96.45 -25.18
C PHE A 823 88.23 -97.57 -24.14
N LYS A 824 87.07 -97.71 -23.51
CA LYS A 824 86.85 -98.65 -22.42
C LYS A 824 86.34 -99.97 -22.97
N TYR A 825 85.84 -100.81 -22.07
CA TYR A 825 84.91 -101.87 -22.44
C TYR A 825 83.82 -101.35 -23.37
N SER A 826 83.32 -102.22 -24.23
CA SER A 826 82.41 -101.81 -25.30
C SER A 826 81.08 -102.53 -25.16
N VAL A 827 80.09 -101.85 -24.56
CA VAL A 827 78.70 -102.31 -24.60
C VAL A 827 77.83 -101.08 -24.85
N TRP A 828 76.96 -101.16 -25.86
CA TRP A 828 76.06 -100.05 -26.13
C TRP A 828 75.00 -99.97 -25.04
N PHE A 832 74.73 -105.63 -13.95
CA PHE A 832 73.33 -105.29 -13.85
C PHE A 832 72.91 -104.32 -14.95
N LEU A 833 71.63 -103.96 -14.94
CA LEU A 833 71.11 -102.92 -15.83
C LEU A 833 71.04 -101.63 -15.04
N PRO A 834 72.04 -100.77 -15.11
CA PRO A 834 72.08 -99.62 -14.20
C PRO A 834 71.12 -98.51 -14.57
N GLY A 835 69.87 -98.88 -14.88
CA GLY A 835 68.77 -97.96 -14.70
C GLY A 835 68.77 -96.76 -15.62
N LEU A 836 69.74 -95.88 -15.40
CA LEU A 836 69.82 -94.60 -16.09
C LEU A 836 71.29 -94.25 -16.26
N SER A 837 71.55 -93.20 -17.04
CA SER A 837 72.92 -92.80 -17.32
C SER A 837 72.94 -91.35 -17.75
N VAL A 838 73.55 -90.49 -16.92
CA VAL A 838 73.83 -89.10 -17.28
C VAL A 838 75.25 -88.79 -16.85
N SER A 839 76.11 -88.43 -17.80
CA SER A 839 77.49 -88.13 -17.47
C SER A 839 77.57 -86.86 -16.61
N LEU A 840 78.71 -86.69 -15.95
CA LEU A 840 78.91 -85.52 -15.10
C LEU A 840 79.33 -84.34 -15.97
N GLN A 841 79.65 -83.23 -15.32
CA GLN A 841 79.91 -82.01 -16.10
C GLN A 841 81.34 -81.53 -16.29
N SER A 842 82.24 -81.81 -15.37
CA SER A 842 83.61 -81.31 -15.51
C SER A 842 84.69 -82.36 -15.67
N GLU A 843 84.45 -83.54 -15.12
CA GLU A 843 85.41 -84.63 -15.16
C GLU A 843 85.03 -85.72 -16.15
N ALA A 844 83.89 -85.51 -16.80
CA ALA A 844 83.33 -86.41 -17.83
C ALA A 844 83.04 -87.83 -17.36
N VAL A 845 82.71 -88.01 -16.08
CA VAL A 845 82.43 -89.34 -15.54
C VAL A 845 80.98 -89.80 -15.70
N GLN A 846 80.83 -91.12 -15.88
CA GLN A 846 79.53 -91.75 -16.03
C GLN A 846 79.11 -92.37 -14.70
N LEU A 847 77.98 -93.08 -14.69
CA LEU A 847 77.39 -93.58 -13.46
C LEU A 847 76.68 -94.91 -13.70
N PRO A 848 76.76 -95.83 -12.73
CA PRO A 848 75.95 -97.06 -12.81
C PRO A 848 74.60 -96.86 -12.14
N GLU A 849 73.88 -95.83 -12.56
CA GLU A 849 72.65 -95.41 -11.91
C GLU A 849 71.57 -96.48 -11.92
N ILE A 853 75.13 -97.10 -2.71
CA ILE A 853 74.63 -98.43 -2.42
C ILE A 853 74.12 -99.10 -3.69
N THR A 854 73.41 -98.32 -4.51
CA THR A 854 72.88 -98.83 -5.77
C THR A 854 73.46 -98.02 -6.92
N CYS A 855 73.66 -96.73 -6.69
CA CYS A 855 74.25 -95.84 -7.69
C CYS A 855 75.62 -95.37 -7.23
N GLY A 856 76.53 -95.17 -8.20
CA GLY A 856 77.87 -94.71 -7.92
C GLY A 856 78.29 -93.65 -8.91
N LYS A 857 79.60 -93.61 -9.16
CA LYS A 857 80.22 -92.72 -10.14
C LYS A 857 81.23 -93.52 -10.95
N ARG A 858 80.81 -94.00 -12.12
CA ARG A 858 81.74 -94.71 -13.00
C ARG A 858 82.77 -93.73 -13.56
N SER A 859 83.94 -93.70 -12.92
CA SER A 859 85.01 -92.81 -13.36
C SER A 859 85.49 -93.26 -14.72
N THR A 860 85.42 -92.37 -15.70
CA THR A 860 85.76 -92.70 -17.08
C THR A 860 87.08 -92.04 -17.45
N ASP A 861 87.93 -92.79 -18.15
CA ASP A 861 89.17 -92.28 -18.70
C ASP A 861 90.10 -91.76 -17.60
N ARG A 863 87.62 -96.47 -15.67
CA ARG A 863 87.02 -97.79 -15.56
C ARG A 863 86.78 -98.13 -14.11
N TYR A 864 86.50 -97.11 -13.30
CA TYR A 864 86.49 -97.25 -11.86
C TYR A 864 85.34 -96.44 -11.29
N LEU A 865 85.13 -96.58 -9.98
CA LEU A 865 84.06 -95.88 -9.27
C LEU A 865 84.65 -94.83 -8.35
N LEU A 866 84.07 -93.63 -8.38
CA LEU A 866 84.52 -92.54 -7.53
C LEU A 866 83.81 -92.52 -6.19
N LEU A 867 82.49 -92.65 -6.19
CA LEU A 867 81.70 -92.43 -4.99
C LEU A 867 80.61 -93.49 -4.86
N GLY A 868 80.38 -93.94 -3.63
CA GLY A 868 79.21 -94.71 -3.29
C GLY A 868 78.05 -93.76 -3.04
N THR A 869 77.45 -93.27 -4.12
CA THR A 869 76.70 -92.02 -4.11
C THR A 869 75.39 -92.04 -3.34
N SER A 870 74.61 -90.97 -3.49
CA SER A 870 73.49 -90.63 -2.63
C SER A 870 72.38 -91.67 -2.64
N GLU A 871 71.34 -91.41 -1.86
CA GLU A 871 70.23 -92.34 -1.73
C GLU A 871 69.40 -92.34 -3.01
N GLY A 872 69.74 -93.23 -3.94
CA GLY A 872 68.92 -93.38 -5.13
C GLY A 872 67.48 -93.68 -4.74
N LEU A 873 66.56 -92.95 -5.36
CA LEU A 873 65.17 -92.98 -4.93
C LEU A 873 64.59 -94.38 -5.05
N ILE A 874 64.48 -94.88 -6.27
CA ILE A 874 64.11 -96.25 -6.53
C ILE A 874 65.35 -96.92 -7.12
N VAL A 875 65.34 -98.25 -7.15
CA VAL A 875 66.47 -99.03 -7.64
C VAL A 875 66.91 -98.49 -8.98
N TYR A 876 68.17 -98.05 -9.06
CA TYR A 876 68.75 -97.54 -10.29
C TYR A 876 68.04 -96.29 -10.80
N ASP A 877 68.08 -95.21 -10.01
CA ASP A 877 67.63 -93.91 -10.46
C ASP A 877 68.86 -93.06 -10.76
N LEU A 878 68.65 -91.93 -11.44
CA LEU A 878 69.77 -91.21 -11.99
C LEU A 878 70.40 -90.26 -10.95
N LYS A 879 71.50 -89.65 -11.37
CA LYS A 879 72.23 -88.68 -10.56
C LYS A 879 73.09 -87.81 -11.47
N ILE A 880 72.93 -86.49 -11.39
CA ILE A 880 73.59 -85.56 -12.31
C ILE A 880 74.39 -84.57 -11.48
N SER A 881 75.48 -84.07 -12.05
CA SER A 881 76.30 -83.11 -11.31
C SER A 881 76.05 -81.69 -11.82
N ASP A 882 76.90 -80.79 -11.35
CA ASP A 882 76.94 -79.38 -11.72
C ASP A 882 78.26 -79.05 -12.41
N PRO A 883 78.35 -77.89 -13.09
CA PRO A 883 79.40 -77.71 -14.12
C PRO A 883 80.83 -77.96 -13.64
N VAL A 884 81.18 -77.55 -12.42
CA VAL A 884 82.56 -77.64 -11.97
C VAL A 884 82.58 -78.78 -10.95
N LEU A 885 81.61 -79.68 -11.08
CA LEU A 885 81.34 -80.70 -10.06
C LEU A 885 81.13 -80.04 -8.71
N ARG A 886 80.13 -79.18 -8.63
CA ARG A 886 79.77 -78.45 -7.41
C ARG A 886 78.33 -78.82 -7.06
N SER A 887 78.18 -79.88 -6.26
CA SER A 887 76.93 -80.47 -5.79
C SER A 887 76.32 -81.44 -6.81
N ASN A 888 75.20 -82.04 -6.45
CA ASN A 888 74.62 -83.14 -7.23
C ASN A 888 73.10 -83.01 -7.21
N VAL A 889 72.44 -83.85 -8.00
CA VAL A 889 70.98 -83.90 -8.07
C VAL A 889 70.53 -85.33 -8.34
N SER A 890 69.54 -85.79 -7.56
CA SER A 890 69.01 -87.15 -7.65
C SER A 890 67.49 -87.11 -7.57
N GLU A 891 66.78 -87.89 -8.40
CA GLU A 891 65.31 -87.88 -8.31
C GLU A 891 64.61 -89.16 -8.75
N HIS A 892 63.49 -88.97 -9.44
CA HIS A 892 62.62 -90.01 -10.04
C HIS A 892 61.72 -90.94 -9.19
N ILE A 893 60.47 -91.04 -9.65
CA ILE A 893 59.41 -91.89 -9.17
C ILE A 893 59.07 -92.02 -7.69
N GLU A 894 59.55 -91.15 -6.76
CA GLU A 894 59.03 -91.41 -5.42
C GLU A 894 58.83 -90.16 -4.55
N CYS A 895 58.71 -88.97 -5.14
CA CYS A 895 58.43 -87.71 -4.45
C CYS A 895 59.62 -87.21 -3.63
N VAL A 896 60.70 -87.98 -3.54
CA VAL A 896 61.83 -87.66 -2.68
C VAL A 896 62.90 -87.00 -3.55
N ASP A 897 63.74 -86.19 -2.92
CA ASP A 897 64.88 -85.57 -3.59
C ASP A 897 65.91 -85.12 -2.55
N ILE A 898 67.02 -85.85 -2.51
CA ILE A 898 68.12 -85.61 -1.59
C ILE A 898 69.37 -85.32 -2.41
N TYR A 899 69.97 -84.15 -2.16
CA TYR A 899 71.09 -83.61 -2.91
C TYR A 899 72.29 -83.46 -1.99
N GLU A 900 73.48 -83.72 -2.54
CA GLU A 900 74.69 -83.83 -1.74
C GLU A 900 75.81 -83.00 -2.37
N LEU A 901 76.90 -82.85 -1.61
CA LEU A 901 78.12 -82.18 -2.05
C LEU A 901 79.20 -83.23 -2.34
N PHE A 902 79.95 -83.03 -3.42
CA PHE A 902 80.99 -84.00 -3.75
C PHE A 902 82.01 -84.13 -2.63
N ASP A 903 82.57 -83.01 -2.16
CA ASP A 903 83.75 -83.09 -1.31
C ASP A 903 83.50 -83.82 0.00
N PRO A 904 82.45 -83.52 0.78
CA PRO A 904 82.20 -84.33 1.98
C PRO A 904 81.87 -85.78 1.67
N VAL A 905 81.16 -86.05 0.57
CA VAL A 905 80.84 -87.43 0.21
C VAL A 905 82.10 -88.23 -0.05
N TYR A 906 83.16 -87.58 -0.52
CA TYR A 906 84.42 -88.28 -0.75
C TYR A 906 85.01 -88.85 0.54
N LYS A 907 84.59 -88.35 1.70
CA LYS A 907 85.17 -88.77 2.98
C LYS A 907 84.07 -88.81 4.03
N TYR A 908 83.60 -90.02 4.35
CA TYR A 908 82.63 -90.26 5.43
C TYR A 908 83.14 -91.31 6.40
N ILE A 909 82.26 -91.78 7.29
CA ILE A 909 82.64 -92.75 8.31
C ILE A 909 82.79 -94.16 7.75
N VAL A 910 82.69 -94.32 6.43
CA VAL A 910 83.04 -95.53 5.70
C VAL A 910 81.92 -96.56 5.83
N LEU A 911 81.71 -97.08 7.05
CA LEU A 911 80.72 -98.12 7.28
C LEU A 911 80.99 -99.32 6.39
N CYS A 912 79.92 -99.89 5.83
CA CYS A 912 79.88 -100.97 4.84
C CYS A 912 79.54 -102.29 5.52
N GLY A 913 79.10 -103.27 4.73
CA GLY A 913 78.59 -104.52 5.25
C GLY A 913 77.68 -105.19 4.24
N ALA A 914 76.79 -106.06 4.71
CA ALA A 914 75.89 -106.79 3.84
C ALA A 914 74.66 -107.23 4.63
N LYS A 915 73.72 -107.85 3.92
CA LYS A 915 72.53 -108.42 4.55
C LYS A 915 72.92 -109.51 5.53
N GLY A 916 73.94 -110.29 5.18
CA GLY A 916 74.37 -111.37 6.04
C GLY A 916 75.52 -110.98 6.94
N LYS A 917 75.21 -110.89 8.24
CA LYS A 917 76.18 -110.56 9.28
C LYS A 917 75.73 -111.14 10.62
N GLN A 918 76.18 -112.36 10.94
CA GLN A 918 75.81 -113.01 12.21
C GLN A 918 76.65 -112.51 13.40
N VAL A 919 76.07 -112.51 14.61
CA VAL A 919 76.80 -112.02 15.78
C VAL A 919 76.87 -113.06 16.90
N VAL A 920 78.00 -113.07 17.49
CA VAL A 920 78.23 -114.00 18.60
C VAL A 920 77.99 -113.31 19.96
N HIS A 921 77.28 -114.06 20.79
CA HIS A 921 76.91 -113.64 22.14
C HIS A 921 77.87 -114.19 23.19
N VAL A 922 79.17 -114.15 22.92
CA VAL A 922 80.15 -114.55 23.94
C VAL A 922 80.54 -113.35 24.79
N LEU A 925 81.94 -109.64 22.87
CA LEU A 925 81.40 -108.29 22.79
C LEU A 925 80.52 -108.15 21.56
N ARG A 926 81.16 -107.94 20.40
CA ARG A 926 80.45 -107.79 19.14
C ARG A 926 81.26 -108.35 17.98
N SER A 927 81.37 -109.68 17.93
CA SER A 927 82.10 -110.33 16.85
C SER A 927 81.15 -110.49 15.68
N VAL A 928 81.03 -109.42 14.89
CA VAL A 928 80.12 -109.38 13.76
C VAL A 928 80.75 -109.71 12.41
N SER A 929 80.66 -110.96 11.97
CA SER A 929 81.20 -111.25 10.65
C SER A 929 80.20 -110.84 9.59
N GLY A 930 80.64 -109.98 8.68
CA GLY A 930 79.77 -109.50 7.62
C GLY A 930 80.43 -109.51 6.26
N SER A 931 79.88 -110.26 5.32
CA SER A 931 80.54 -110.48 4.03
C SER A 931 80.79 -109.16 3.30
N ASN A 932 81.95 -109.09 2.66
CA ASN A 932 82.34 -107.92 1.90
C ASN A 932 81.37 -107.66 0.74
N SER A 933 80.97 -106.41 0.56
CA SER A 933 80.05 -106.04 -0.50
C SER A 933 80.76 -105.35 -1.66
N ARG A 937 83.79 -108.93 4.92
CA ARG A 937 84.63 -109.52 5.96
C ARG A 937 85.08 -108.47 6.96
N GLU A 938 84.12 -107.95 7.74
CA GLU A 938 84.39 -106.90 8.72
C GLU A 938 83.99 -107.25 10.16
N ILE A 939 84.09 -106.27 11.06
CA ILE A 939 83.76 -106.53 12.46
C ILE A 939 83.07 -105.38 13.18
N ALA A 940 83.10 -105.46 14.52
CA ALA A 940 82.52 -104.45 15.38
C ALA A 940 83.30 -104.47 16.69
N TRP A 941 84.58 -104.10 16.60
CA TRP A 941 85.50 -104.09 17.75
C TRP A 941 85.49 -105.43 18.47
N VAL A 942 85.99 -106.46 17.80
CA VAL A 942 86.04 -107.80 18.35
C VAL A 942 86.95 -108.69 17.56
N HIS A 943 87.38 -109.80 18.17
CA HIS A 943 88.10 -110.74 17.40
C HIS A 943 87.33 -112.07 17.29
N SER A 944 85.96 -112.13 17.20
CA SER A 944 85.50 -113.53 17.12
C SER A 944 85.22 -113.93 15.67
N ALA A 945 85.42 -113.00 14.75
CA ALA A 945 85.18 -113.25 13.32
C ALA A 945 85.91 -112.36 12.30
N ASP A 946 86.93 -112.96 11.68
CA ASP A 946 87.84 -112.38 10.67
C ASP A 946 88.86 -111.35 11.21
N GLU A 947 90.05 -111.35 10.62
CA GLU A 947 91.08 -110.41 11.03
C GLU A 947 90.82 -109.03 10.45
N ILE A 948 89.86 -108.33 11.06
CA ILE A 948 89.48 -106.98 10.63
C ILE A 948 89.22 -106.90 9.12
N SER A 949 90.26 -106.59 8.36
CA SER A 949 90.13 -106.48 6.91
C SER A 949 90.66 -107.71 6.19
N VAL A 950 89.76 -108.48 5.59
CA VAL A 950 90.13 -109.68 4.86
C VAL A 950 89.31 -109.83 3.57
N MET A 951 89.78 -109.18 2.50
CA MET A 951 89.10 -109.25 1.22
C MET A 951 89.20 -110.64 0.61
N THR A 952 88.10 -111.11 0.03
CA THR A 952 88.07 -112.43 -0.58
C THR A 952 87.67 -112.34 -2.05
N CYS A 955 81.84 -112.38 -1.07
CA CYS A 955 81.26 -113.50 -0.32
C CYS A 955 79.75 -113.35 -0.19
N LEU A 956 79.08 -114.42 0.20
CA LEU A 956 77.62 -114.36 0.30
C LEU A 956 77.16 -114.31 1.75
N GLU A 957 77.63 -115.23 2.59
CA GLU A 957 77.33 -115.22 4.01
C GLU A 957 78.52 -115.72 4.81
N PRO A 958 78.87 -115.02 5.90
CA PRO A 958 79.92 -115.51 6.80
C PRO A 958 79.34 -116.28 7.98
N ASN A 959 80.14 -117.15 8.58
CA ASN A 959 79.67 -117.97 9.68
C ASN A 959 80.46 -117.78 10.98
N VAL A 960 79.87 -117.04 11.90
CA VAL A 960 80.49 -116.79 13.19
C VAL A 960 79.58 -117.35 14.27
N TYR A 961 78.76 -118.33 13.91
CA TYR A 961 77.84 -118.92 14.87
C TYR A 961 78.52 -119.39 16.15
N LEU A 962 79.73 -119.95 16.01
CA LEU A 962 80.52 -120.45 17.15
C LEU A 962 79.70 -121.36 18.05
N MET A 966 87.50 -118.76 12.55
CA MET A 966 87.10 -119.21 11.22
C MET A 966 85.63 -118.90 10.96
N ASP A 967 85.38 -117.95 10.08
CA ASP A 967 84.02 -117.56 9.73
C ASP A 967 83.66 -117.98 8.31
N MET A 968 82.95 -119.11 8.23
CA MET A 968 82.55 -119.76 6.98
C MET A 968 81.81 -118.93 5.94
N THR A 969 81.89 -119.39 4.70
CA THR A 969 81.24 -118.73 3.58
C THR A 969 80.94 -119.67 2.41
N ARG A 970 80.69 -119.07 1.27
CA ARG A 970 80.37 -119.70 0.04
C ARG A 970 80.41 -118.59 -1.02
N GLU A 971 81.36 -118.74 -1.93
CA GLU A 971 81.61 -117.93 -3.12
C GLU A 971 80.52 -118.22 -4.14
N ARG A 972 80.36 -117.28 -5.07
CA ARG A 972 79.31 -117.34 -6.08
C ARG A 972 79.45 -118.58 -6.96
N LEU A 975 83.48 -121.60 -3.49
CA LEU A 975 84.66 -121.88 -2.68
C LEU A 975 84.50 -121.35 -1.27
N LEU A 976 84.69 -122.22 -0.29
CA LEU A 976 84.56 -121.85 1.12
C LEU A 976 85.79 -121.08 1.61
N ALA A 977 85.66 -119.76 1.70
CA ALA A 977 86.75 -118.91 2.16
C ALA A 977 86.58 -118.55 3.63
N VAL A 978 87.19 -119.35 4.51
CA VAL A 978 87.12 -119.12 5.95
C VAL A 978 88.50 -118.86 6.52
N ASP A 979 88.63 -117.82 7.33
CA ASP A 979 89.90 -117.47 7.94
C ASP A 979 89.90 -117.70 9.45
N SER A 980 91.00 -117.31 10.10
CA SER A 980 91.14 -117.47 11.54
C SER A 980 91.57 -116.16 12.21
N LYS A 981 90.68 -115.59 13.01
CA LYS A 981 90.98 -114.34 13.68
C LYS A 981 90.85 -114.50 15.20
N GLU A 982 89.98 -115.50 15.49
CA GLU A 982 89.56 -116.06 16.79
C GLU A 982 88.37 -117.07 16.69
N ARG A 983 88.63 -118.39 16.49
CA ARG A 983 87.55 -119.36 16.42
C ARG A 983 88.26 -120.69 16.63
N ILE A 984 88.98 -121.11 15.61
CA ILE A 984 89.81 -122.32 15.69
C ILE A 984 91.11 -122.15 14.92
N HIS A 985 91.25 -120.97 14.29
CA HIS A 985 92.42 -120.55 13.49
C HIS A 985 92.73 -121.23 12.14
N LEU A 986 92.26 -122.46 11.89
CA LEU A 986 92.57 -123.11 10.60
C LEU A 986 91.61 -124.19 10.08
N ILE A 987 91.00 -123.92 8.93
CA ILE A 987 90.07 -124.84 8.30
C ILE A 987 90.07 -124.62 6.80
N LYS A 988 90.53 -123.44 6.38
CA LYS A 988 90.61 -123.07 4.98
C LYS A 988 89.32 -123.35 4.21
N PRO A 989 89.45 -123.97 3.03
CA PRO A 989 88.33 -124.33 2.15
C PRO A 989 87.79 -125.73 2.43
N ALA A 990 87.06 -125.89 3.53
CA ALA A 990 86.49 -127.19 3.87
C ALA A 990 84.99 -127.10 4.17
N ILE A 991 84.35 -128.27 4.15
CA ILE A 991 82.92 -128.41 4.36
C ILE A 991 82.48 -127.75 5.66
N SER A 998 78.87 -122.75 2.12
CA SER A 998 77.58 -122.08 1.96
C SER A 998 76.94 -121.82 3.32
N THR A 999 75.62 -121.97 3.48
CA THR A 999 75.00 -121.66 4.80
C THR A 999 75.19 -122.69 5.95
N ILE A 1000 76.23 -122.47 6.75
CA ILE A 1000 76.66 -123.37 7.82
C ILE A 1000 76.14 -122.93 9.19
N THR A 1001 75.54 -123.83 9.95
CA THR A 1001 75.17 -123.45 11.30
C THR A 1001 76.08 -124.22 12.27
N PRO A 1002 75.83 -124.11 13.57
CA PRO A 1002 76.70 -124.73 14.59
C PRO A 1002 77.22 -126.19 14.52
N THR A 1003 78.48 -126.34 14.94
CA THR A 1003 79.12 -127.66 14.95
C THR A 1003 79.68 -127.99 16.33
N HIS A 1004 78.79 -128.05 17.31
CA HIS A 1004 79.20 -128.36 18.68
C HIS A 1004 79.99 -129.66 18.74
N CYS A 1009 81.56 -129.23 10.52
CA CYS A 1009 80.63 -128.28 9.91
C CYS A 1009 79.74 -128.89 8.83
N LYS A 1010 78.60 -128.24 8.58
CA LYS A 1010 77.63 -128.65 7.56
C LYS A 1010 77.40 -127.53 6.54
N ILE A 1011 77.22 -127.91 5.28
CA ILE A 1011 77.02 -126.94 4.21
C ILE A 1011 75.55 -126.76 3.83
N ASN A 1012 75.30 -125.84 2.90
CA ASN A 1012 73.95 -125.56 2.42
C ASN A 1012 74.01 -124.85 1.08
N ALA A 1013 73.77 -125.60 0.00
CA ALA A 1013 73.82 -125.04 -1.34
C ALA A 1013 72.43 -124.76 -1.92
N ILE A 1014 72.41 -124.46 -3.22
CA ILE A 1014 71.17 -124.16 -3.94
C ILE A 1014 70.63 -125.43 -4.58
N SER A 1015 71.39 -126.50 -4.48
CA SER A 1015 71.00 -127.82 -5.00
C SER A 1015 70.60 -128.72 -3.85
N ALA A 1016 70.36 -129.99 -4.17
CA ALA A 1016 70.03 -130.98 -3.17
C ALA A 1016 71.23 -131.37 -2.31
N PHE A 1017 72.27 -130.54 -2.29
CA PHE A 1017 73.46 -130.83 -1.50
C PHE A 1017 73.20 -130.62 -0.02
N ASN A 1018 72.69 -131.66 0.65
CA ASN A 1018 72.65 -131.66 2.11
C ASN A 1018 73.94 -132.24 2.67
N ASP A 1019 75.03 -131.75 2.13
CA ASP A 1019 76.27 -132.18 2.62
C ASP A 1019 76.50 -131.38 3.91
N GLU A 1020 77.22 -132.04 4.84
CA GLU A 1020 77.66 -131.53 6.15
C GLU A 1020 78.55 -132.54 6.95
N GLN A 1021 79.82 -132.26 7.18
CA GLN A 1021 80.64 -133.25 7.90
C GLN A 1021 81.61 -132.70 8.94
N ILE A 1022 82.90 -132.89 8.67
CA ILE A 1022 83.96 -132.41 9.54
C ILE A 1022 84.80 -131.46 8.70
N PHE A 1023 85.88 -131.97 8.11
CA PHE A 1023 86.71 -131.15 7.26
C PHE A 1023 86.89 -131.77 5.87
N VAL A 1027 87.16 -134.97 6.42
CA VAL A 1027 85.88 -135.67 6.44
C VAL A 1027 84.80 -134.84 5.76
N ASP A 1028 84.46 -135.23 4.54
CA ASP A 1028 83.43 -134.59 3.74
C ASP A 1028 82.30 -135.59 3.58
N GLY A 1029 81.07 -135.13 3.73
CA GLY A 1029 79.92 -135.99 3.63
C GLY A 1029 78.78 -135.33 2.89
N VAL A 1030 78.59 -135.74 1.65
CA VAL A 1030 77.54 -135.18 0.83
C VAL A 1030 76.23 -135.93 0.95
N ILE A 1031 75.58 -135.81 2.11
CA ILE A 1031 74.28 -136.44 2.29
C ILE A 1031 73.37 -135.90 1.20
N ILE A 1032 72.89 -136.79 0.33
CA ILE A 1032 72.08 -136.37 -0.82
C ILE A 1032 70.61 -136.43 -0.40
N ASP A 1033 69.96 -135.27 -0.34
CA ASP A 1033 68.55 -135.23 0.00
C ASP A 1033 67.66 -135.81 -1.09
N VAL A 1034 68.16 -135.86 -2.33
CA VAL A 1034 67.42 -136.38 -3.47
C VAL A 1034 66.08 -135.69 -3.64
N HIS A 1036 65.27 -131.58 -4.57
CA HIS A 1036 65.58 -130.41 -5.40
C HIS A 1036 66.70 -129.58 -4.80
N ASP A 1037 66.34 -128.74 -3.85
CA ASP A 1037 67.26 -127.85 -3.18
C ASP A 1037 67.26 -128.14 -1.68
N THR A 1038 68.45 -128.32 -1.11
CA THR A 1038 68.54 -128.47 0.33
C THR A 1038 68.49 -127.09 0.99
N ALA A 1039 67.32 -126.76 1.52
CA ALA A 1039 67.03 -125.47 2.13
C ALA A 1039 67.34 -125.53 3.62
N LEU A 1040 66.70 -124.60 4.35
CA LEU A 1040 67.03 -124.13 5.70
C LEU A 1040 67.50 -125.23 6.66
N PRO A 1041 68.74 -125.18 7.12
CA PRO A 1041 69.19 -126.11 8.16
C PRO A 1041 69.13 -125.50 9.55
N GLN A 1042 68.94 -126.37 10.55
CA GLN A 1042 69.00 -126.00 11.95
C GLN A 1042 69.68 -127.10 12.74
N GLN A 1043 70.41 -126.73 13.79
CA GLN A 1043 71.12 -127.68 14.67
C GLN A 1043 70.26 -127.96 15.92
N PHE A 1044 70.07 -129.24 16.24
CA PHE A 1044 69.19 -129.65 17.32
C PHE A 1044 69.90 -130.52 18.34
N GLU A 1047 74.67 -136.88 16.57
CA GLU A 1047 74.87 -135.60 15.90
C GLU A 1047 73.72 -135.31 14.93
N PRO A 1048 72.55 -134.98 15.46
CA PRO A 1048 71.38 -134.73 14.62
C PRO A 1048 71.25 -133.27 14.22
N ILE A 1049 70.88 -133.07 12.95
CA ILE A 1049 70.64 -131.75 12.38
C ILE A 1049 69.36 -131.82 11.57
N ASP A 1050 68.45 -130.88 11.81
CA ASP A 1050 67.20 -130.85 11.07
C ASP A 1050 67.38 -130.04 9.79
N TYR A 1051 66.79 -130.53 8.71
CA TYR A 1051 66.86 -129.86 7.42
C TYR A 1051 65.45 -129.64 6.90
N LEU A 1052 65.23 -128.46 6.34
CA LEU A 1052 63.91 -128.03 5.92
C LEU A 1052 63.99 -127.53 4.48
N LYS A 1053 63.53 -128.36 3.55
CA LYS A 1053 63.61 -128.06 2.13
C LYS A 1053 62.48 -127.11 1.77
N GLN A 1054 62.21 -126.98 0.49
CA GLN A 1054 61.07 -126.15 0.09
C GLN A 1054 59.79 -126.99 0.23
N VAL A 1055 59.64 -127.66 1.37
CA VAL A 1055 58.51 -128.52 1.68
C VAL A 1055 58.28 -128.45 3.18
N SER A 1056 57.01 -128.34 3.59
CA SER A 1056 56.69 -128.34 5.02
C SER A 1056 56.94 -129.66 5.73
N PRO A 1057 56.88 -130.84 5.08
CA PRO A 1057 57.24 -132.07 5.81
C PRO A 1057 58.60 -132.02 6.51
N ASN A 1058 59.69 -131.77 5.76
CA ASN A 1058 61.05 -131.63 6.27
C ASN A 1058 61.63 -132.97 6.70
N ILE A 1059 62.86 -132.94 7.23
CA ILE A 1059 63.60 -134.15 7.57
C ILE A 1059 64.52 -133.88 8.77
N LEU A 1060 64.99 -134.94 9.41
CA LEU A 1060 66.01 -134.86 10.45
C LEU A 1060 67.12 -135.82 10.08
N VAL A 1061 68.33 -135.31 9.86
CA VAL A 1061 69.46 -136.12 9.42
C VAL A 1061 70.56 -136.06 10.47
N ALA A 1062 71.00 -137.22 10.93
CA ALA A 1062 72.08 -137.30 11.90
C ALA A 1062 73.41 -137.34 11.16
N SER A 1063 74.30 -136.41 11.49
CA SER A 1063 75.60 -136.34 10.82
C SER A 1063 76.59 -137.30 11.47
N ALA A 1067 73.11 -139.27 7.99
CA ALA A 1067 72.12 -140.32 8.16
C ALA A 1067 70.82 -139.74 8.70
N GLN A 1068 69.74 -139.91 7.94
CA GLN A 1068 68.44 -139.34 8.31
C GLN A 1068 67.95 -140.00 9.60
N LYS A 1069 67.85 -139.20 10.67
CA LYS A 1069 67.37 -139.70 11.95
C LYS A 1069 65.92 -140.17 11.82
N THR A 1070 65.00 -139.25 11.55
CA THR A 1070 63.63 -139.56 11.20
C THR A 1070 63.17 -138.63 10.09
N VAL A 1071 62.24 -139.12 9.28
CA VAL A 1071 61.67 -138.38 8.16
C VAL A 1071 60.16 -138.39 8.29
N ILE A 1072 59.55 -137.21 8.14
CA ILE A 1072 58.11 -137.07 8.28
C ILE A 1072 57.54 -136.44 7.02
N PHE A 1073 56.31 -136.84 6.69
CA PHE A 1073 55.58 -136.32 5.55
C PHE A 1073 54.16 -136.00 6.00
N GLN A 1074 53.74 -134.74 5.88
CA GLN A 1074 52.44 -134.39 6.40
C GLN A 1074 51.37 -133.78 5.48
N LEU A 1075 51.75 -132.96 4.50
CA LEU A 1075 50.69 -132.35 3.71
C LEU A 1075 50.94 -132.55 2.22
N GLU A 1076 50.02 -132.01 1.42
CA GLU A 1076 50.09 -132.07 -0.03
C GLU A 1076 51.33 -131.34 -0.56
N LEU A 1081 60.71 -121.18 7.77
CA LEU A 1081 61.49 -121.19 9.00
C LEU A 1081 60.75 -121.95 10.10
N GLN A 1082 61.45 -122.87 10.76
CA GLN A 1082 60.86 -123.71 11.79
C GLN A 1082 61.73 -123.65 13.03
N PRO A 1083 61.14 -123.77 14.22
CA PRO A 1083 61.90 -123.51 15.44
C PRO A 1083 62.50 -124.76 16.08
N ASN A 1084 63.30 -124.55 17.11
CA ASN A 1084 63.70 -125.58 18.04
C ASN A 1084 63.10 -125.31 19.41
N ASP A 1085 62.65 -126.36 20.06
CA ASP A 1085 62.07 -126.21 21.39
C ASP A 1085 63.11 -125.72 22.40
N LEU A 1089 63.58 -132.65 19.55
CA LEU A 1089 63.93 -133.13 18.22
C LEU A 1089 62.71 -133.67 17.50
N MET A 1090 61.66 -133.96 18.26
CA MET A 1090 60.40 -134.45 17.70
C MET A 1090 59.33 -133.38 17.79
N MET A 1091 59.46 -132.50 18.78
CA MET A 1091 58.53 -131.39 18.97
C MET A 1091 58.89 -130.22 18.05
N ASP A 1092 58.54 -130.34 16.77
CA ASP A 1092 58.99 -129.37 15.76
C ASP A 1092 57.82 -128.92 14.91
N VAL A 1093 57.74 -127.62 14.67
CA VAL A 1093 56.66 -127.00 13.91
C VAL A 1093 57.04 -127.02 12.44
N SER A 1094 56.04 -127.04 11.55
CA SER A 1094 56.28 -127.04 10.12
C SER A 1094 55.44 -125.96 9.47
N THR A 1095 56.03 -125.27 8.49
CA THR A 1095 55.37 -124.12 7.88
C THR A 1095 55.65 -124.09 6.38
N LYS A 1096 54.64 -123.72 5.61
CA LYS A 1096 54.79 -123.27 4.23
C LYS A 1096 53.45 -122.74 3.72
N SER A 1099 50.26 -126.16 5.94
CA SER A 1099 49.58 -125.80 7.18
C SER A 1099 50.55 -125.67 8.34
N LEU A 1100 50.05 -125.25 9.49
CA LEU A 1100 50.88 -125.07 10.67
C LEU A 1100 50.92 -126.35 11.49
N GLN A 1101 51.31 -127.45 10.86
CA GLN A 1101 51.28 -128.74 11.53
C GLN A 1101 52.58 -128.94 12.31
N GLU A 1102 52.44 -129.38 13.56
CA GLU A 1102 53.55 -129.57 14.49
C GLU A 1102 53.64 -131.06 14.81
N GLY A 1103 54.48 -131.78 14.06
CA GLY A 1103 54.58 -133.21 14.22
C GLY A 1103 55.29 -133.61 15.49
N GLN A 1104 55.39 -134.92 15.69
CA GLN A 1104 56.00 -135.47 16.89
C GLN A 1104 57.16 -136.39 16.55
N ASP A 1111 50.59 -133.01 11.69
CA ASP A 1111 49.98 -133.47 12.94
C ASP A 1111 48.74 -132.67 13.27
N HIS A 1112 48.92 -131.42 13.67
CA HIS A 1112 47.82 -130.52 14.02
C HIS A 1112 47.69 -129.48 12.92
N GLY A 1113 46.80 -129.73 11.97
CA GLY A 1113 46.55 -128.78 10.90
C GLY A 1113 45.99 -127.47 11.43
N VAL A 1114 46.74 -126.40 11.27
CA VAL A 1114 46.35 -125.08 11.75
C VAL A 1114 46.42 -124.15 10.56
N CYS A 1115 45.29 -123.95 9.88
CA CYS A 1115 45.21 -123.05 8.74
C CYS A 1115 44.52 -121.77 9.19
N HIS A 1116 45.27 -120.94 9.91
CA HIS A 1116 44.78 -119.66 10.41
C HIS A 1116 45.43 -118.45 9.75
N LEU A 1117 46.61 -118.62 9.14
CA LEU A 1117 47.34 -117.49 8.59
C LEU A 1117 47.27 -117.51 7.08
N ASP A 1118 46.81 -116.42 6.48
CA ASP A 1118 46.65 -116.30 5.04
C ASP A 1118 47.90 -115.61 4.46
N ALA A 1120 50.82 -116.99 3.45
CA ALA A 1120 50.84 -118.33 4.00
C ALA A 1120 51.48 -118.36 5.38
N ASN A 1121 52.62 -119.04 5.48
CA ASN A 1121 53.30 -119.27 6.75
C ASN A 1121 54.80 -119.25 6.51
N PRO A 1122 55.47 -118.11 6.72
CA PRO A 1122 56.91 -118.04 6.46
C PRO A 1122 57.77 -118.43 7.65
N SER A 1123 57.26 -118.31 8.87
CA SER A 1123 58.09 -118.58 10.04
C SER A 1123 57.20 -118.96 11.21
N ALA A 1124 57.75 -119.81 12.08
CA ALA A 1124 57.07 -120.28 13.29
C ALA A 1124 58.08 -120.46 14.40
N PHE A 1125 57.69 -120.11 15.62
CA PHE A 1125 58.58 -120.28 16.76
C PHE A 1125 57.81 -120.65 18.02
N VAL A 1126 58.48 -121.43 18.86
CA VAL A 1126 57.86 -122.13 19.98
C VAL A 1126 57.73 -121.21 21.19
N LYS A 1127 56.98 -121.69 22.18
CA LYS A 1127 56.81 -121.10 23.51
C LYS A 1127 58.15 -120.63 24.08
N PRO A 1128 58.18 -119.46 24.75
CA PRO A 1128 59.38 -118.93 25.41
C PRO A 1128 59.95 -119.87 26.46
N GLU A 1132 51.51 -121.91 23.53
CA GLU A 1132 51.40 -120.64 22.84
C GLU A 1132 52.58 -120.44 21.90
N GLU A 1133 52.60 -121.20 20.82
CA GLU A 1133 53.64 -121.10 19.80
C GLU A 1133 53.19 -120.10 18.74
N TYR A 1134 53.99 -119.05 18.56
CA TYR A 1134 53.61 -117.93 17.70
C TYR A 1134 54.17 -118.16 16.29
N ILE A 1135 53.30 -118.00 15.30
CA ILE A 1135 53.64 -118.26 13.91
C ILE A 1135 53.21 -117.07 13.07
N VAL A 1136 54.13 -116.57 12.25
CA VAL A 1136 53.86 -115.42 11.40
C VAL A 1136 53.18 -115.89 10.12
N GLY A 1137 52.45 -114.98 9.48
CA GLY A 1137 51.92 -115.20 8.15
C GLY A 1137 52.67 -114.33 7.16
N PHE A 1138 52.48 -114.61 5.87
CA PHE A 1138 53.14 -113.80 4.84
C PHE A 1138 52.58 -112.38 4.80
N ASP A 1139 51.47 -112.14 5.50
CA ASP A 1139 50.80 -110.85 5.51
C ASP A 1139 50.73 -110.32 6.93
N LEU A 1140 51.89 -110.29 7.60
CA LEU A 1140 52.04 -109.95 9.01
C LEU A 1140 51.57 -111.12 9.86
N LYS A 1141 51.30 -110.89 11.15
CA LYS A 1141 50.39 -111.67 12.00
C LYS A 1141 50.98 -112.18 13.33
N ASN A 1142 51.87 -113.17 13.26
CA ASN A 1142 52.51 -113.87 14.38
C ASN A 1142 51.55 -114.22 15.52
N SER A 1143 50.51 -114.98 15.20
CA SER A 1143 49.37 -115.19 16.08
C SER A 1143 49.69 -116.16 17.21
N LEU A 1144 48.63 -116.60 17.91
CA LEU A 1144 48.73 -117.59 18.98
C LEU A 1144 48.44 -118.98 18.44
N LEU A 1145 49.10 -119.99 19.04
CA LEU A 1145 48.73 -121.38 18.89
C LEU A 1145 48.85 -122.04 20.26
N PHE A 1146 48.92 -123.37 20.27
CA PHE A 1146 49.19 -124.09 21.51
C PHE A 1146 50.17 -125.24 21.25
N ILE A 1154 43.70 -116.25 20.33
CA ILE A 1154 43.52 -114.85 19.95
C ILE A 1154 44.63 -114.41 19.01
N ASP A 1155 44.25 -113.86 17.87
CA ASP A 1155 45.22 -113.43 16.86
C ASP A 1155 45.55 -111.97 17.11
N VAL A 1156 46.53 -111.74 17.98
CA VAL A 1156 46.93 -110.39 18.36
C VAL A 1156 47.92 -109.88 17.31
N PHE A 1157 47.58 -108.77 16.66
CA PHE A 1157 48.35 -108.25 15.54
C PHE A 1157 48.79 -106.83 15.88
N ARG A 1158 50.02 -106.48 15.50
CA ARG A 1158 50.50 -105.12 15.67
C ARG A 1158 50.03 -104.22 14.53
N ILE A 1171 54.96 -109.05 4.44
CA ILE A 1171 55.49 -109.93 5.48
C ILE A 1171 55.70 -109.12 6.75
N CYS A 1172 55.83 -109.81 7.88
CA CYS A 1172 55.97 -109.17 9.17
C CYS A 1172 57.42 -109.13 9.62
N GLU A 1173 57.62 -108.67 10.84
CA GLU A 1173 58.93 -108.66 11.46
C GLU A 1173 59.11 -109.97 12.22
N GLU A 1174 60.02 -110.82 11.75
CA GLU A 1174 60.05 -112.21 12.19
C GLU A 1174 60.48 -112.32 13.65
N GLU A 1175 60.47 -113.55 14.16
CA GLU A 1175 60.36 -113.76 15.59
C GLU A 1175 61.44 -114.70 16.11
N ILE A 1176 61.82 -114.49 17.37
CA ILE A 1176 62.69 -115.41 18.11
C ILE A 1176 62.22 -115.39 19.55
N ALA A 1177 62.71 -116.35 20.33
CA ALA A 1177 62.15 -116.61 21.65
C ALA A 1177 63.06 -116.01 22.73
N GLN A 1178 62.42 -115.50 23.78
CA GLN A 1178 63.08 -115.07 25.00
C GLN A 1178 62.65 -115.98 26.13
N LYS A 1179 63.16 -115.74 27.32
CA LYS A 1179 62.56 -116.31 28.52
C LYS A 1179 61.31 -115.51 28.82
N ALA A 1180 61.16 -114.36 28.16
CA ALA A 1180 60.00 -113.48 28.27
C ALA A 1180 59.47 -113.14 26.88
N LYS A 1181 59.46 -114.14 26.00
CA LYS A 1181 58.64 -114.22 24.78
C LYS A 1181 58.93 -113.14 23.73
N ILE A 1182 59.90 -112.26 23.99
CA ILE A 1182 60.27 -111.19 23.06
C ILE A 1182 59.01 -110.40 22.71
N SER A 1183 58.11 -110.24 23.69
CA SER A 1183 56.86 -109.53 23.49
C SER A 1183 56.04 -110.14 22.33
N TYR A 1184 55.53 -111.35 22.56
CA TYR A 1184 54.59 -112.03 21.66
C TYR A 1184 55.30 -112.58 20.43
N LEU A 1185 56.58 -112.88 20.59
CA LEU A 1185 57.47 -113.28 19.50
C LEU A 1185 57.30 -112.37 18.29
N VAL A 1186 57.71 -111.12 18.48
CA VAL A 1186 57.89 -110.21 17.36
C VAL A 1186 59.24 -109.52 17.50
N ALA A 1187 59.99 -109.47 16.41
CA ALA A 1187 61.27 -108.78 16.41
C ALA A 1187 61.44 -108.00 15.12
N ASP A 1190 59.78 -105.69 16.78
CA ASP A 1190 59.43 -105.71 18.19
C ASP A 1190 58.04 -105.13 18.45
N GLY A 1191 57.58 -104.24 17.56
CA GLY A 1191 56.32 -103.55 17.76
C GLY A 1191 56.32 -102.84 19.10
N THR A 1192 57.43 -102.17 19.39
CA THR A 1192 57.75 -101.70 20.73
C THR A 1192 57.69 -102.89 21.69
N MET A 1193 56.65 -102.93 22.53
CA MET A 1193 56.41 -103.97 23.54
C MET A 1193 54.95 -104.36 23.35
N LEU A 1194 54.69 -105.39 22.55
CA LEU A 1194 53.32 -105.83 22.33
C LEU A 1194 52.80 -106.53 23.57
N ALA A 1195 51.57 -106.18 23.95
CA ALA A 1195 50.99 -106.65 25.20
C ALA A 1195 50.37 -108.02 25.00
N MET A 1196 50.79 -108.97 25.84
CA MET A 1196 50.27 -110.32 25.77
C MET A 1196 48.84 -110.37 26.31
N PHE A 1206 61.44 -97.46 15.67
CA PHE A 1206 61.55 -97.87 14.28
C PHE A 1206 62.92 -97.50 13.72
N ALA A 1207 63.62 -98.48 13.15
CA ALA A 1207 64.93 -98.24 12.56
C ALA A 1207 64.75 -97.67 11.16
N VAL A 1208 65.87 -97.37 10.50
CA VAL A 1208 65.81 -96.86 9.14
C VAL A 1208 65.28 -97.95 8.22
N GLU A 1209 64.38 -97.56 7.31
CA GLU A 1209 63.79 -98.45 6.32
C GLU A 1209 63.07 -99.61 7.00
N ASN A 1210 62.78 -100.67 6.26
CA ASN A 1210 62.01 -101.80 6.77
C ASN A 1210 62.44 -103.05 6.03
N ARG A 1211 61.61 -104.09 6.11
CA ARG A 1211 61.84 -105.38 5.43
C ARG A 1211 63.06 -106.10 6.02
N LYS A 1212 62.93 -106.44 7.28
CA LYS A 1212 63.95 -107.14 8.03
C LYS A 1212 63.85 -108.63 7.75
N VAL A 1213 64.95 -109.35 8.02
CA VAL A 1213 65.07 -110.72 7.56
C VAL A 1213 65.03 -111.71 8.70
N GLN A 1214 66.07 -111.70 9.53
CA GLN A 1214 66.20 -112.67 10.61
C GLN A 1214 67.02 -112.04 11.73
N LEU A 1215 66.56 -112.20 12.96
CA LEU A 1215 67.08 -111.43 14.08
C LEU A 1215 67.44 -112.30 15.26
N ILE A 1216 68.27 -111.87 16.19
CA ILE A 1216 68.30 -112.61 17.50
C ILE A 1216 68.26 -111.55 18.61
N TYR A 1217 68.48 -111.96 19.86
CA TYR A 1217 68.44 -111.03 20.98
C TYR A 1217 69.22 -111.59 22.17
N SER A 1218 69.93 -110.71 22.86
CA SER A 1218 70.71 -111.12 24.02
C SER A 1218 69.81 -111.42 25.22
N ILE A 1219 69.04 -110.43 25.64
CA ILE A 1219 68.15 -110.58 26.79
C ILE A 1219 66.83 -109.88 26.49
N GLU A 1220 65.94 -109.83 27.48
CA GLU A 1220 64.60 -109.27 27.34
C GLU A 1220 64.69 -107.85 26.82
N GLU A 1221 63.97 -107.57 25.73
CA GLU A 1221 63.82 -106.21 25.19
C GLU A 1221 65.15 -105.60 24.76
N VAL A 1222 66.02 -105.30 25.72
CA VAL A 1222 67.22 -104.52 25.44
C VAL A 1222 68.29 -105.40 24.80
N HIS A 1223 69.39 -104.76 24.38
CA HIS A 1223 70.56 -105.44 23.82
C HIS A 1223 70.21 -106.24 22.56
N GLU A 1224 69.80 -105.55 21.51
CA GLU A 1224 69.66 -106.19 20.21
C GLU A 1224 70.99 -106.79 19.78
N HIS A 1225 70.91 -107.79 18.91
CA HIS A 1225 72.12 -108.39 18.35
C HIS A 1225 72.45 -107.72 17.01
N CYS A 1226 72.22 -106.43 16.99
CA CYS A 1226 72.47 -105.66 15.75
C CYS A 1226 71.78 -106.30 14.55
N ILE A 1227 72.53 -106.40 13.37
CA ILE A 1227 72.24 -107.05 12.09
C ILE A 1227 70.90 -106.66 11.48
N ARG A 1228 70.08 -105.92 12.23
CA ARG A 1228 68.68 -105.63 11.97
C ARG A 1228 68.29 -105.45 10.50
N GLN A 1229 68.86 -104.50 9.78
CA GLN A 1229 68.56 -104.43 8.35
C GLN A 1229 69.82 -104.55 7.51
N LEU A 1230 69.63 -104.43 6.20
CA LEU A 1230 70.71 -104.48 5.23
C LEU A 1230 71.62 -103.26 5.39
N LEU A 1231 72.88 -103.52 5.76
CA LEU A 1231 73.97 -102.56 5.59
C LEU A 1231 73.90 -101.39 6.56
N PHE A 1232 72.81 -101.27 7.32
CA PHE A 1232 72.71 -100.16 8.27
C PHE A 1232 71.72 -100.44 9.40
N SER A 1233 72.21 -100.90 10.54
CA SER A 1233 71.31 -101.27 11.63
C SER A 1233 71.71 -100.59 12.94
N PRO A 1234 70.75 -100.26 13.79
CA PRO A 1234 71.08 -99.66 15.09
C PRO A 1234 71.80 -100.66 15.99
N CYS A 1235 72.72 -100.11 16.80
CA CYS A 1235 73.40 -100.87 17.84
C CYS A 1235 72.96 -100.41 19.24
N LYS A 1236 71.79 -99.78 19.34
CA LYS A 1236 71.36 -99.15 20.58
C LYS A 1236 71.00 -100.15 21.66
N LEU A 1237 69.95 -100.91 21.44
CA LEU A 1237 69.43 -101.86 22.43
C LEU A 1237 68.56 -102.88 21.73
N TYR B 1 -46.25 -15.80 25.27
CA TYR B 1 -46.00 -14.36 25.24
C TYR B 1 -47.05 -13.61 26.03
N GLN B 2 -46.98 -12.29 26.01
CA GLN B 2 -47.86 -11.44 26.80
C GLN B 2 -48.97 -10.87 25.92
N TYR B 3 -50.21 -11.08 26.35
CA TYR B 3 -51.35 -10.50 25.65
C TYR B 3 -51.38 -8.98 25.80
N LYS B 4 -51.01 -8.47 26.97
CA LYS B 4 -51.10 -7.04 27.21
C LYS B 4 -50.14 -6.27 26.33
N ASP B 5 -48.94 -6.81 26.08
CA ASP B 5 -47.97 -6.11 25.27
C ASP B 5 -48.42 -5.98 23.83
N ILE B 6 -49.05 -7.03 23.29
CA ILE B 6 -49.40 -7.05 21.87
C ILE B 6 -50.66 -6.23 21.63
N LEU B 7 -51.28 -5.76 22.72
CA LEU B 7 -52.44 -4.88 22.60
C LEU B 7 -52.13 -3.70 21.70
N SER B 8 -50.87 -3.23 21.73
CA SER B 8 -50.47 -2.06 20.98
C SER B 8 -50.39 -2.30 19.47
N VAL B 9 -50.57 -3.53 18.99
CA VAL B 9 -50.26 -3.79 17.59
C VAL B 9 -51.29 -3.13 16.67
N PHE B 10 -52.57 -3.29 16.96
CA PHE B 10 -53.63 -3.03 15.99
C PHE B 10 -54.56 -1.88 16.37
N GLU B 11 -54.04 -0.81 16.99
CA GLU B 11 -54.89 0.33 17.31
C GLU B 11 -55.71 0.77 16.10
N ASP B 12 -55.02 1.06 15.00
CA ASP B 12 -55.70 1.50 13.79
C ASP B 12 -56.79 0.52 13.40
N ALA B 13 -56.52 -0.78 13.47
CA ALA B 13 -57.53 -1.76 13.11
C ALA B 13 -58.76 -1.59 13.98
N PHE B 14 -58.55 -1.46 15.29
CA PHE B 14 -59.65 -1.17 16.19
C PHE B 14 -60.24 0.19 15.89
N VAL B 15 -59.38 1.18 15.64
CA VAL B 15 -59.85 2.49 15.21
C VAL B 15 -60.54 2.35 13.86
N ASP B 16 -60.13 1.36 13.06
CA ASP B 16 -60.73 1.13 11.76
C ASP B 16 -62.22 0.80 11.89
N ASN B 17 -62.52 -0.36 12.47
CA ASN B 17 -63.90 -0.85 12.47
C ASN B 17 -64.49 -0.96 13.87
N PHE B 18 -63.88 -1.72 14.76
CA PHE B 18 -64.55 -2.12 15.99
C PHE B 18 -64.15 -1.24 17.17
N ASP B 19 -65.14 -0.68 17.84
CA ASP B 19 -64.96 0.08 19.06
C ASP B 19 -65.91 -0.45 20.13
N CYS B 20 -65.51 -0.29 21.40
CA CYS B 20 -66.38 -0.67 22.50
C CYS B 20 -67.64 0.18 22.57
N LYS B 21 -67.61 1.38 22.01
CA LYS B 21 -68.84 2.17 21.93
C LYS B 21 -69.88 1.42 21.10
N ASP B 22 -71.14 1.56 21.52
CA ASP B 22 -72.26 0.77 21.02
C ASP B 22 -72.05 -0.72 21.26
N VAL B 23 -71.02 -1.09 22.02
CA VAL B 23 -70.76 -2.49 22.39
C VAL B 23 -70.63 -2.48 23.91
N GLN B 24 -71.74 -2.63 24.60
CA GLN B 24 -71.76 -2.68 26.06
C GLN B 24 -72.07 -4.11 26.47
N ASP B 25 -71.02 -4.93 26.47
CA ASP B 25 -71.13 -6.32 26.88
C ASP B 25 -70.45 -6.57 28.21
N MET B 26 -70.21 -5.52 28.98
CA MET B 26 -69.28 -5.59 30.10
C MET B 26 -70.00 -5.50 31.43
N PRO B 27 -70.22 -6.60 32.15
CA PRO B 27 -70.84 -6.47 33.47
C PRO B 27 -69.91 -5.87 34.51
N LYS B 28 -68.89 -6.63 34.93
CA LYS B 28 -67.85 -6.07 35.79
C LYS B 28 -66.50 -6.75 35.57
N SER B 29 -66.52 -7.95 35.00
CA SER B 29 -65.48 -8.95 35.24
C SER B 29 -64.09 -8.40 34.99
N ILE B 30 -63.88 -7.82 33.81
CA ILE B 30 -62.57 -7.31 33.42
C ILE B 30 -62.50 -5.79 33.36
N LEU B 31 -63.64 -5.09 33.23
CA LEU B 31 -63.67 -3.64 33.19
C LEU B 31 -64.71 -3.13 34.18
N SER B 32 -64.37 -2.02 34.85
CA SER B 32 -65.26 -1.41 35.82
C SER B 32 -66.30 -0.55 35.13
N LYS B 33 -67.19 0.06 35.91
CA LYS B 33 -68.36 0.72 35.35
C LYS B 33 -68.35 2.24 35.46
N GLU B 34 -67.37 2.82 36.15
CA GLU B 34 -67.16 4.26 36.08
C GLU B 34 -66.23 4.65 34.94
N GLU B 35 -65.36 3.74 34.52
CA GLU B 35 -64.51 4.00 33.38
C GLU B 35 -65.25 3.84 32.07
N ILE B 36 -66.22 2.92 32.01
CA ILE B 36 -67.02 2.79 30.80
C ILE B 36 -67.76 4.09 30.53
N ASP B 37 -68.10 4.81 31.60
CA ASP B 37 -68.58 6.18 31.44
C ASP B 37 -67.55 7.05 30.75
N HIS B 38 -66.27 6.80 31.03
CA HIS B 38 -65.23 7.58 30.37
C HIS B 38 -65.07 7.19 28.90
N ILE B 39 -65.30 5.92 28.55
CA ILE B 39 -65.42 5.58 27.14
C ILE B 39 -66.59 6.31 26.50
N ILE B 40 -67.73 6.35 27.18
CA ILE B 40 -68.89 7.05 26.62
C ILE B 40 -68.56 8.51 26.35
N MET B 41 -67.87 9.17 27.29
CA MET B 41 -67.52 10.57 27.07
C MET B 41 -66.38 10.75 26.09
N SER B 42 -65.59 9.71 25.84
CA SER B 42 -64.55 9.80 24.82
C SER B 42 -65.18 10.06 23.46
N LYS B 43 -64.54 10.91 22.66
CA LYS B 43 -65.20 11.40 21.46
C LYS B 43 -65.28 10.31 20.39
N ASP B 44 -64.17 9.68 20.05
CA ASP B 44 -64.17 8.73 18.93
C ASP B 44 -63.04 7.73 19.12
N ALA B 45 -62.70 7.06 18.02
CA ALA B 45 -61.79 5.90 18.07
C ALA B 45 -60.39 6.30 18.48
N VAL B 46 -59.82 7.28 17.80
CA VAL B 46 -58.44 7.68 18.05
C VAL B 46 -58.21 8.22 19.45
N SER B 47 -59.28 8.42 20.22
CA SER B 47 -59.19 8.85 21.60
C SER B 47 -59.79 7.83 22.55
N GLY B 48 -61.02 7.40 22.28
CA GLY B 48 -61.66 6.41 23.13
C GLY B 48 -60.90 5.09 23.13
N THR B 49 -60.53 4.62 21.93
CA THR B 49 -59.76 3.40 21.82
C THR B 49 -58.42 3.53 22.51
N LEU B 50 -57.75 4.68 22.36
CA LEU B 50 -56.43 4.85 22.95
C LEU B 50 -56.49 4.83 24.47
N ARG B 51 -57.40 5.61 25.04
CA ARG B 51 -57.49 5.63 26.49
C ARG B 51 -58.08 4.33 27.01
N LEU B 52 -58.89 3.64 26.18
CA LEU B 52 -59.32 2.30 26.52
C LEU B 52 -58.13 1.36 26.60
N PHE B 53 -57.18 1.51 25.69
CA PHE B 53 -55.94 0.75 25.77
C PHE B 53 -55.19 1.08 27.04
N TRP B 54 -55.19 2.35 27.42
CA TRP B 54 -54.54 2.76 28.66
C TRP B 54 -55.19 2.06 29.85
N THR B 55 -56.51 2.01 29.85
CA THR B 55 -57.22 1.29 30.90
C THR B 55 -56.84 -0.17 30.89
N LEU B 56 -56.80 -0.77 29.69
CA LEU B 56 -56.57 -2.20 29.57
C LEU B 56 -55.19 -2.60 30.09
N LEU B 57 -54.16 -1.86 29.68
CA LEU B 57 -52.81 -2.12 30.17
C LEU B 57 -52.68 -1.76 31.64
N SER B 58 -53.45 -0.80 32.12
CA SER B 58 -53.50 -0.53 33.55
C SER B 58 -54.02 -1.76 34.31
N LYS B 59 -55.08 -2.38 33.80
CA LYS B 59 -55.63 -3.57 34.42
C LYS B 59 -54.79 -4.79 34.06
N GLN B 60 -54.97 -5.85 34.85
CA GLN B 60 -54.15 -7.05 34.71
C GLN B 60 -54.46 -7.77 33.41
N GLU B 61 -53.42 -8.41 32.87
CA GLU B 61 -53.51 -9.12 31.59
C GLU B 61 -54.49 -10.28 31.58
N GLU B 62 -54.64 -10.96 32.71
CA GLU B 62 -55.55 -12.09 32.76
C GLU B 62 -56.96 -11.66 32.42
N MET B 63 -57.32 -10.43 32.78
CA MET B 63 -58.60 -9.88 32.35
C MET B 63 -58.60 -9.66 30.84
N VAL B 64 -57.46 -9.25 30.29
CA VAL B 64 -57.33 -9.13 28.85
C VAL B 64 -57.48 -10.46 28.16
N GLN B 65 -57.15 -11.57 28.83
CA GLN B 65 -57.39 -12.88 28.25
C GLN B 65 -58.88 -13.08 28.01
N LYS B 66 -59.70 -12.76 29.00
CA LYS B 66 -61.14 -12.81 28.82
C LYS B 66 -61.58 -11.83 27.75
N PHE B 67 -60.94 -10.66 27.72
CA PHE B 67 -61.30 -9.65 26.74
C PHE B 67 -61.09 -10.16 25.32
N VAL B 68 -59.97 -10.84 25.08
CA VAL B 68 -59.62 -11.25 23.74
C VAL B 68 -60.33 -12.53 23.35
N GLU B 69 -60.47 -13.48 24.26
CA GLU B 69 -60.89 -14.83 23.87
C GLU B 69 -62.38 -14.88 23.56
N GLU B 70 -63.20 -14.24 24.38
CA GLU B 70 -64.63 -14.41 24.23
C GLU B 70 -65.36 -13.08 24.13
N VAL B 71 -64.82 -12.05 24.77
CA VAL B 71 -65.50 -10.75 24.77
C VAL B 71 -65.63 -10.24 23.34
N LEU B 72 -64.58 -10.38 22.54
CA LEU B 72 -64.74 -10.15 21.11
C LEU B 72 -65.57 -11.23 20.45
N ARG B 73 -65.43 -12.48 20.92
CA ARG B 73 -66.04 -13.61 20.24
C ARG B 73 -67.55 -13.49 20.18
N ILE B 74 -68.18 -13.06 21.28
CA ILE B 74 -69.63 -13.10 21.40
C ILE B 74 -70.30 -12.36 20.25
N ASN B 75 -69.61 -11.39 19.66
CA ASN B 75 -70.20 -10.59 18.60
C ASN B 75 -69.28 -10.37 17.41
N TYR B 76 -68.04 -10.84 17.45
CA TYR B 76 -67.09 -10.47 16.41
C TYR B 76 -66.00 -11.52 16.36
N LYS B 77 -65.40 -11.67 15.18
CA LYS B 77 -64.32 -12.64 15.01
C LYS B 77 -63.12 -12.12 14.22
N PHE B 78 -63.31 -11.10 13.37
CA PHE B 78 -62.27 -10.72 12.42
C PHE B 78 -61.01 -10.23 13.12
N LEU B 79 -61.18 -9.55 14.25
CA LEU B 79 -60.05 -8.88 14.89
C LEU B 79 -59.36 -9.73 15.93
N MET B 80 -60.07 -10.68 16.56
CA MET B 80 -59.42 -11.51 17.55
C MET B 80 -58.49 -12.53 16.93
N SER B 81 -58.82 -13.04 15.74
CA SER B 81 -57.95 -14.03 15.12
C SER B 81 -56.54 -13.53 14.87
N PRO B 82 -56.29 -12.35 14.29
CA PRO B 82 -54.90 -11.96 14.05
C PRO B 82 -54.15 -11.64 15.33
N ILE B 83 -54.79 -10.99 16.30
CA ILE B 83 -54.10 -10.65 17.54
C ILE B 83 -53.73 -11.91 18.32
N LYS B 84 -54.63 -12.89 18.38
CA LYS B 84 -54.30 -14.11 19.09
C LYS B 84 -53.25 -14.92 18.32
N THR B 85 -53.32 -14.88 16.99
CA THR B 85 -52.29 -15.51 16.19
C THR B 85 -50.93 -14.88 16.48
N GLU B 86 -50.89 -13.55 16.58
CA GLU B 86 -49.68 -12.85 16.96
C GLU B 86 -49.26 -13.15 18.38
N GLN B 87 -50.20 -13.47 19.26
CA GLN B 87 -49.81 -14.00 20.56
C GLN B 87 -49.04 -15.29 20.38
N ARG B 88 -49.50 -16.15 19.48
CA ARG B 88 -48.68 -17.30 19.11
C ARG B 88 -47.52 -16.88 18.20
N GLN B 89 -47.84 -16.37 17.00
CA GLN B 89 -46.81 -16.16 16.00
C GLN B 89 -45.87 -15.01 16.36
N PRO B 90 -46.37 -13.82 16.77
CA PRO B 90 -45.49 -12.66 17.03
C PRO B 90 -44.57 -12.34 15.87
N SER B 91 -45.02 -11.46 14.98
CA SER B 91 -44.24 -11.12 13.80
C SER B 91 -42.92 -10.48 14.21
N MET B 92 -41.91 -10.66 13.37
CA MET B 92 -40.61 -10.07 13.68
C MET B 92 -40.66 -8.56 13.65
N MET B 93 -41.62 -7.98 12.95
CA MET B 93 -41.83 -6.55 13.04
C MET B 93 -42.24 -6.16 14.45
N THR B 94 -43.25 -6.82 14.99
CA THR B 94 -43.63 -6.61 16.38
C THR B 94 -42.50 -7.05 17.32
N ARG B 95 -41.81 -8.12 16.97
CA ARG B 95 -40.75 -8.61 17.83
C ARG B 95 -39.64 -7.59 17.97
N MET B 96 -39.24 -7.01 16.83
CA MET B 96 -38.20 -5.99 16.81
C MET B 96 -38.75 -4.63 17.25
N TYR B 97 -40.04 -4.60 17.58
CA TYR B 97 -40.69 -3.37 18.01
C TYR B 97 -40.92 -3.37 19.52
N ILE B 98 -40.84 -4.56 20.14
CA ILE B 98 -41.04 -4.66 21.58
C ILE B 98 -39.84 -4.18 22.38
N GLU B 99 -38.61 -4.44 21.93
CA GLU B 99 -37.44 -4.08 22.71
C GLU B 99 -37.32 -2.57 22.85
N GLN B 100 -37.83 -1.82 21.87
CA GLN B 100 -37.73 -0.37 21.93
C GLN B 100 -38.48 0.17 23.14
N ARG B 101 -39.76 -0.20 23.28
CA ARG B 101 -40.50 0.20 24.46
C ARG B 101 -39.92 -0.44 25.71
N ASP B 102 -39.35 -1.65 25.57
CA ASP B 102 -38.81 -2.34 26.73
C ASP B 102 -37.67 -1.55 27.36
N ARG B 103 -36.76 -1.03 26.53
CA ARG B 103 -35.74 -0.11 27.05
C ARG B 103 -36.35 1.23 27.43
N LEU B 104 -37.31 1.72 26.66
CA LEU B 104 -37.95 2.99 26.99
C LEU B 104 -38.40 3.02 28.44
N TYR B 105 -39.01 1.93 28.90
CA TYR B 105 -39.42 1.83 30.28
C TYR B 105 -38.37 1.19 31.17
N ASN B 106 -37.31 0.63 30.59
CA ASN B 106 -36.17 0.15 31.35
C ASN B 106 -35.27 1.29 31.79
N ASP B 107 -35.45 2.48 31.22
CA ASP B 107 -34.57 3.60 31.51
C ASP B 107 -35.21 4.64 32.42
N ASN B 108 -36.47 4.46 32.81
CA ASN B 108 -37.15 5.44 33.65
C ASN B 108 -37.49 4.90 35.03
N GLN B 109 -38.27 3.82 35.10
CA GLN B 109 -38.61 3.16 36.36
C GLN B 109 -39.40 4.03 37.33
N VAL B 110 -39.68 5.28 36.97
CA VAL B 110 -40.41 6.16 37.87
C VAL B 110 -41.68 6.64 37.19
N PHE B 111 -41.53 7.44 36.14
CA PHE B 111 -42.66 7.72 35.28
C PHE B 111 -43.24 6.44 34.71
N ALA B 112 -42.40 5.42 34.52
CA ALA B 112 -42.88 4.13 34.07
C ALA B 112 -43.97 3.60 34.99
N LYS B 113 -43.77 3.74 36.30
CA LYS B 113 -44.80 3.42 37.27
C LYS B 113 -45.64 4.61 37.66
N TYR B 114 -45.33 5.81 37.16
CA TYR B 114 -46.09 7.00 37.49
C TYR B 114 -46.65 7.70 36.26
N ASN B 115 -46.71 7.02 35.11
CA ASN B 115 -47.30 7.62 33.93
C ASN B 115 -48.79 7.81 34.11
N VAL B 116 -49.27 8.96 33.67
CA VAL B 116 -50.70 9.20 33.46
C VAL B 116 -50.81 9.92 32.12
N SER B 117 -51.37 9.23 31.13
CA SER B 117 -51.39 9.74 29.76
C SER B 117 -52.48 10.80 29.63
N ARG B 118 -52.07 12.02 29.32
CA ARG B 118 -53.00 13.11 29.09
C ARG B 118 -53.43 12.88 27.66
N LEU B 119 -54.73 12.70 27.44
CA LEU B 119 -55.20 12.38 26.09
C LEU B 119 -55.26 13.62 25.21
N GLN B 120 -55.55 14.78 25.78
CA GLN B 120 -55.66 15.98 24.95
C GLN B 120 -54.31 16.42 24.39
N PRO B 121 -53.30 16.72 25.20
CA PRO B 121 -52.01 17.10 24.60
C PRO B 121 -51.42 15.99 23.77
N TYR B 122 -51.58 14.74 24.19
CA TYR B 122 -51.11 13.61 23.39
C TYR B 122 -51.79 13.62 22.04
N LEU B 123 -53.09 13.92 22.04
CA LEU B 123 -53.85 13.99 20.79
C LEU B 123 -53.28 15.05 19.88
N LYS B 124 -53.14 16.26 20.40
CA LYS B 124 -52.62 17.36 19.61
C LYS B 124 -51.16 17.16 19.27
N LEU B 125 -50.51 16.18 19.90
CA LEU B 125 -49.10 15.97 19.73
C LEU B 125 -48.79 14.98 18.62
N ARG B 126 -49.27 13.74 18.73
CA ARG B 126 -48.80 12.79 17.72
C ARG B 126 -49.38 13.12 16.35
N GLN B 127 -50.33 14.05 16.29
CA GLN B 127 -50.73 14.64 15.01
C GLN B 127 -49.51 15.12 14.24
N ALA B 128 -48.57 15.74 14.95
CA ALA B 128 -47.32 16.15 14.32
C ALA B 128 -46.37 14.98 14.09
N LEU B 129 -46.37 14.01 15.00
CA LEU B 129 -45.45 12.88 14.87
C LEU B 129 -45.71 12.11 13.59
N LEU B 130 -46.98 11.88 13.27
CA LEU B 130 -47.33 11.14 12.07
C LEU B 130 -46.89 11.84 10.78
N GLU B 131 -46.59 13.13 10.85
CA GLU B 131 -46.22 13.89 9.67
C GLU B 131 -44.80 14.46 9.74
N LEU B 132 -44.03 14.13 10.77
CA LEU B 132 -42.69 14.68 10.92
C LEU B 132 -41.81 14.30 9.75
N ARG B 133 -41.38 15.31 8.99
CA ARG B 133 -40.53 15.06 7.84
C ARG B 133 -39.14 14.64 8.31
N PRO B 134 -38.41 13.86 7.49
CA PRO B 134 -37.16 13.23 7.97
C PRO B 134 -36.14 14.19 8.55
N ALA B 135 -36.12 15.43 8.06
CA ALA B 135 -35.26 16.46 8.64
C ALA B 135 -36.04 17.47 9.47
N LYS B 136 -37.34 17.27 9.64
CA LYS B 136 -38.17 18.23 10.33
C LYS B 136 -37.99 18.10 11.85
N ASN B 137 -38.37 19.16 12.56
CA ASN B 137 -38.23 19.25 14.00
C ASN B 137 -39.50 19.83 14.62
N VAL B 138 -39.73 19.48 15.88
CA VAL B 138 -40.94 19.86 16.61
C VAL B 138 -40.57 20.43 17.96
N LEU B 139 -41.18 21.55 18.33
CA LEU B 139 -40.97 22.17 19.62
C LEU B 139 -42.16 21.88 20.54
N ILE B 140 -41.88 21.45 21.77
CA ILE B 140 -42.90 21.35 22.79
C ILE B 140 -42.43 22.12 24.00
N ASP B 141 -43.17 23.16 24.39
CA ASP B 141 -42.74 24.04 25.45
C ASP B 141 -43.75 24.05 26.58
N GLY B 142 -43.24 24.25 27.80
CA GLY B 142 -44.06 24.27 29.00
C GLY B 142 -43.25 24.72 30.19
N VAL B 143 -43.91 24.71 31.35
CA VAL B 143 -43.32 25.22 32.58
C VAL B 143 -42.38 24.17 33.17
N LEU B 144 -41.59 24.56 34.16
CA LEU B 144 -40.67 23.64 34.82
C LEU B 144 -41.39 22.40 35.33
N GLY B 145 -40.89 21.24 34.94
CA GLY B 145 -41.41 19.97 35.43
C GLY B 145 -42.89 19.78 35.16
N SER B 146 -43.36 20.21 34.00
CA SER B 146 -44.76 20.02 33.69
C SER B 146 -45.06 18.64 33.16
N GLY B 147 -44.18 17.67 33.41
CA GLY B 147 -44.34 16.36 32.84
C GLY B 147 -43.98 16.27 31.38
N LYS B 148 -43.39 17.31 30.81
CA LYS B 148 -42.92 17.23 29.44
C LYS B 148 -41.95 16.07 29.27
N THR B 149 -41.06 15.89 30.24
CA THR B 149 -40.23 14.71 30.29
C THR B 149 -41.09 13.45 30.34
N TRP B 150 -42.16 13.48 31.13
CA TRP B 150 -43.05 12.33 31.24
C TRP B 150 -43.75 12.06 29.92
N VAL B 151 -44.37 13.11 29.35
CA VAL B 151 -45.19 12.91 28.17
C VAL B 151 -44.33 12.59 26.96
N ALA B 152 -43.05 12.94 26.97
CA ALA B 152 -42.18 12.54 25.87
C ALA B 152 -42.07 11.02 25.80
N LEU B 153 -41.78 10.39 26.93
CA LEU B 153 -41.75 8.93 26.98
C LEU B 153 -43.13 8.36 26.69
N ASP B 154 -44.17 9.05 27.14
CA ASP B 154 -45.53 8.62 26.81
C ASP B 154 -45.74 8.54 25.30
N VAL B 155 -45.41 9.62 24.59
CA VAL B 155 -45.77 9.72 23.18
C VAL B 155 -44.86 8.85 22.33
N CYS B 156 -43.59 8.72 22.72
CA CYS B 156 -42.69 7.92 21.89
C CYS B 156 -43.09 6.45 21.89
N LEU B 157 -43.95 6.04 22.82
CA LEU B 157 -44.48 4.69 22.83
C LEU B 157 -45.39 4.40 21.65
N SER B 158 -45.94 5.44 21.03
CA SER B 158 -47.02 5.27 20.06
C SER B 158 -46.65 4.26 18.97
N TYR B 159 -47.50 3.25 18.83
CA TYR B 159 -47.21 2.15 17.89
C TYR B 159 -47.11 2.66 16.47
N LYS B 160 -48.04 3.50 16.04
CA LYS B 160 -47.96 4.04 14.68
C LYS B 160 -46.74 4.95 14.54
N VAL B 161 -46.46 5.77 15.55
CA VAL B 161 -45.25 6.58 15.53
C VAL B 161 -44.03 5.68 15.56
N GLN B 162 -44.05 4.68 16.44
CA GLN B 162 -42.91 3.78 16.57
C GLN B 162 -42.67 2.99 15.29
N CYS B 163 -43.69 2.79 14.47
CA CYS B 163 -43.48 2.21 13.15
C CYS B 163 -42.90 3.24 12.20
N LYS B 164 -43.51 4.43 12.16
CA LYS B 164 -42.93 5.55 11.43
C LYS B 164 -41.57 5.93 12.01
N MET B 165 -41.36 5.61 13.28
CA MET B 165 -40.05 5.78 13.91
C MET B 165 -38.97 5.08 13.13
N ASP B 166 -39.27 3.89 12.62
CA ASP B 166 -38.28 2.92 12.17
C ASP B 166 -37.29 2.58 13.28
N PHE B 167 -37.67 2.90 14.51
CA PHE B 167 -37.05 2.36 15.71
C PHE B 167 -35.58 2.77 15.79
N LYS B 168 -35.32 4.06 15.65
CA LYS B 168 -33.98 4.63 15.84
C LYS B 168 -34.13 5.82 16.78
N ILE B 169 -34.19 5.52 18.08
CA ILE B 169 -34.54 6.49 19.10
C ILE B 169 -33.29 6.92 19.83
N PHE B 170 -33.12 8.22 20.03
CA PHE B 170 -31.89 8.76 20.59
C PHE B 170 -32.24 9.92 21.51
N TRP B 171 -32.01 9.73 22.81
CA TRP B 171 -32.28 10.76 23.79
C TRP B 171 -31.04 11.60 24.03
N LEU B 172 -31.25 12.83 24.49
CA LEU B 172 -30.14 13.67 24.92
C LEU B 172 -30.67 14.70 25.91
N ASN B 173 -30.41 14.46 27.19
CA ASN B 173 -30.84 15.39 28.23
C ASN B 173 -29.95 16.62 28.18
N LEU B 174 -30.57 17.79 28.02
CA LEU B 174 -29.81 19.03 27.96
C LEU B 174 -29.70 19.64 29.36
N LYS B 175 -28.97 18.93 30.21
CA LYS B 175 -28.69 19.35 31.57
C LYS B 175 -27.22 19.70 31.68
N ASN B 176 -26.92 20.94 32.05
CA ASN B 176 -25.56 21.46 32.09
C ASN B 176 -24.86 21.23 30.75
N CYS B 177 -25.45 21.80 29.71
CA CYS B 177 -24.85 21.81 28.37
C CYS B 177 -24.53 23.24 27.95
N ASN B 178 -24.26 24.10 28.92
CA ASN B 178 -24.05 25.53 28.68
C ASN B 178 -22.56 25.86 28.62
N SER B 179 -21.78 24.94 28.07
CA SER B 179 -20.35 25.13 27.89
C SER B 179 -19.90 24.22 26.76
N PRO B 180 -18.87 24.59 26.01
CA PRO B 180 -18.44 23.74 24.88
C PRO B 180 -18.12 22.32 25.31
N GLU B 181 -17.26 22.15 26.30
CA GLU B 181 -16.90 20.83 26.79
C GLU B 181 -18.10 20.08 27.36
N THR B 182 -19.20 20.76 27.65
CA THR B 182 -20.40 20.11 28.14
C THR B 182 -21.28 19.57 27.03
N VAL B 183 -20.89 19.72 25.76
CA VAL B 183 -21.69 19.15 24.69
C VAL B 183 -20.87 18.16 23.87
N LEU B 184 -19.55 18.38 23.82
CA LEU B 184 -18.67 17.52 23.03
C LEU B 184 -18.83 16.06 23.42
N GLU B 185 -18.68 15.78 24.71
CA GLU B 185 -18.83 14.42 25.19
C GLU B 185 -20.20 13.86 24.80
N MET B 186 -21.24 14.69 24.88
CA MET B 186 -22.56 14.24 24.44
C MET B 186 -22.49 13.72 23.03
N LEU B 187 -21.90 14.50 22.13
CA LEU B 187 -21.70 14.04 20.76
C LEU B 187 -20.94 12.72 20.75
N GLN B 188 -19.86 12.64 21.52
CA GLN B 188 -19.17 11.38 21.68
C GLN B 188 -20.12 10.31 22.16
N LYS B 189 -20.85 10.59 23.24
CA LYS B 189 -21.88 9.67 23.69
C LYS B 189 -22.88 9.42 22.57
N LEU B 190 -23.30 10.48 21.89
CA LEU B 190 -24.14 10.31 20.71
C LEU B 190 -23.51 9.32 19.74
N LEU B 191 -22.24 9.55 19.41
CA LEU B 191 -21.53 8.61 18.54
C LEU B 191 -21.67 7.19 19.07
N TYR B 192 -21.43 7.01 20.36
CA TYR B 192 -21.48 5.67 20.93
C TYR B 192 -22.90 5.12 20.86
N GLN B 193 -23.90 5.97 21.13
CA GLN B 193 -25.27 5.51 21.04
C GLN B 193 -25.73 5.45 19.59
N ILE B 194 -24.93 6.02 18.69
CA ILE B 194 -25.09 5.72 17.27
C ILE B 194 -24.26 4.52 16.89
N ASP B 195 -22.95 4.62 17.07
CA ASP B 195 -22.03 3.50 16.85
C ASP B 195 -20.79 3.69 17.71
N PRO B 196 -20.53 2.80 18.64
CA PRO B 196 -19.29 2.86 19.41
C PRO B 196 -18.09 2.38 18.59
N ASN B 197 -18.00 2.87 17.36
CA ASN B 197 -16.93 2.53 16.43
C ASN B 197 -16.52 3.81 15.71
N TRP B 198 -15.28 4.21 15.88
CA TRP B 198 -14.85 5.49 15.33
C TRP B 198 -13.34 5.52 15.18
N THR B 199 -12.89 6.19 14.12
CA THR B 199 -11.47 6.45 13.90
C THR B 199 -11.13 7.73 14.65
N SER B 200 -10.67 7.57 15.90
CA SER B 200 -10.49 8.69 16.82
C SER B 200 -9.24 9.51 16.53
N ARG B 201 -8.64 9.36 15.35
CA ARG B 201 -7.42 10.10 14.99
C ARG B 201 -7.68 11.58 14.72
N SER B 202 -8.94 12.00 14.61
CA SER B 202 -9.22 13.41 14.32
C SER B 202 -8.94 14.31 15.51
N ASP B 203 -8.65 13.77 16.69
CA ASP B 203 -8.57 14.56 17.91
C ASP B 203 -7.40 15.53 17.80
N HIS B 204 -7.73 16.80 17.55
CA HIS B 204 -6.75 17.88 17.49
C HIS B 204 -7.23 18.96 18.44
N SER B 205 -6.54 19.11 19.56
CA SER B 205 -6.96 20.02 20.61
C SER B 205 -6.79 21.49 20.26
N SER B 206 -6.46 21.80 19.00
CA SER B 206 -6.26 23.19 18.61
C SER B 206 -7.53 24.01 18.79
N ASN B 207 -8.67 23.47 18.38
CA ASN B 207 -9.95 24.15 18.55
C ASN B 207 -11.02 23.13 18.86
N ILE B 208 -11.64 23.28 20.04
CA ILE B 208 -12.77 22.43 20.40
C ILE B 208 -13.93 22.68 19.45
N LYS B 209 -14.12 23.92 19.03
CA LYS B 209 -15.15 24.22 18.04
C LYS B 209 -14.85 23.55 16.70
N LEU B 210 -13.58 23.50 16.30
CA LEU B 210 -13.25 22.80 15.07
C LEU B 210 -13.54 21.31 15.20
N ARG B 211 -13.24 20.73 16.35
CA ARG B 211 -13.51 19.30 16.56
C ARG B 211 -15.01 19.02 16.57
N ILE B 212 -15.80 19.88 17.20
CA ILE B 212 -17.24 19.67 17.20
C ILE B 212 -17.80 19.86 15.79
N HIS B 213 -17.24 20.79 15.02
CA HIS B 213 -17.63 20.91 13.62
C HIS B 213 -17.31 19.64 12.84
N SER B 214 -16.11 19.11 13.03
CA SER B 214 -15.71 17.91 12.31
C SER B 214 -16.64 16.75 12.66
N ILE B 215 -16.88 16.53 13.95
CA ILE B 215 -17.73 15.42 14.36
C ILE B 215 -19.14 15.62 13.85
N GLN B 216 -19.63 16.86 13.80
CA GLN B 216 -20.92 17.12 13.20
C GLN B 216 -20.92 16.72 11.73
N ALA B 217 -19.83 17.01 11.03
CA ALA B 217 -19.73 16.63 9.63
C ALA B 217 -19.83 15.11 9.47
N GLU B 218 -19.06 14.37 10.26
CA GLU B 218 -19.09 12.91 10.10
C GLU B 218 -20.43 12.33 10.53
N LEU B 219 -21.04 12.91 11.56
CA LEU B 219 -22.35 12.41 12.01
C LEU B 219 -23.42 12.69 10.97
N ARG B 220 -23.38 13.86 10.35
CA ARG B 220 -24.31 14.12 9.25
C ARG B 220 -24.06 13.16 8.10
N ARG B 221 -22.79 12.86 7.83
CA ARG B 221 -22.45 11.91 6.79
C ARG B 221 -23.06 10.53 7.08
N LEU B 222 -22.85 10.03 8.29
CA LEU B 222 -23.38 8.71 8.61
C LEU B 222 -24.90 8.73 8.76
N LEU B 223 -25.49 9.90 9.00
CA LEU B 223 -26.94 10.02 9.06
C LEU B 223 -27.56 9.60 7.73
N LYS B 224 -26.81 9.74 6.64
CA LYS B 224 -27.30 9.32 5.34
C LYS B 224 -27.48 7.81 5.23
N SER B 225 -26.98 7.05 6.21
CA SER B 225 -27.20 5.61 6.21
C SER B 225 -28.70 5.32 6.24
N LYS B 226 -29.10 4.31 5.48
CA LYS B 226 -30.52 3.98 5.39
C LYS B 226 -31.16 3.70 6.74
N PRO B 227 -30.54 2.95 7.66
CA PRO B 227 -31.14 2.84 9.00
C PRO B 227 -31.25 4.18 9.69
N TYR B 228 -30.42 5.15 9.33
CA TYR B 228 -30.38 6.44 9.99
C TYR B 228 -31.19 7.49 9.25
N GLU B 229 -32.09 7.06 8.36
CA GLU B 229 -32.95 8.00 7.64
C GLU B 229 -33.85 8.77 8.59
N ASN B 230 -34.77 8.06 9.25
CA ASN B 230 -35.69 8.67 10.20
C ASN B 230 -35.27 8.24 11.60
N CYS B 231 -35.03 9.22 12.47
CA CYS B 231 -34.59 8.94 13.81
C CYS B 231 -34.88 10.16 14.68
N LEU B 232 -35.56 9.94 15.79
CA LEU B 232 -35.92 11.00 16.71
C LEU B 232 -34.82 11.16 17.76
N LEU B 233 -34.16 12.30 17.72
CA LEU B 233 -33.16 12.70 18.70
C LEU B 233 -33.83 13.76 19.55
N VAL B 234 -34.28 13.37 20.73
CA VAL B 234 -35.01 14.26 21.62
C VAL B 234 -34.02 15.04 22.47
N LEU B 235 -34.31 16.32 22.67
CA LEU B 235 -33.43 17.24 23.39
C LEU B 235 -34.16 17.66 24.65
N LEU B 236 -33.72 17.11 25.77
CA LEU B 236 -34.49 17.17 27.01
C LEU B 236 -34.18 18.46 27.75
N ASN B 237 -35.19 19.32 27.89
CA ASN B 237 -35.07 20.55 28.67
C ASN B 237 -33.90 21.40 28.17
N VAL B 238 -34.05 21.85 26.92
CA VAL B 238 -33.00 22.59 26.25
C VAL B 238 -32.62 23.81 27.07
N GLN B 239 -31.31 24.03 27.23
CA GLN B 239 -30.84 25.14 28.05
C GLN B 239 -30.95 26.45 27.29
N ASN B 240 -30.36 26.52 26.10
CA ASN B 240 -30.37 27.75 25.32
C ASN B 240 -30.36 27.39 23.83
N ALA B 241 -30.70 28.38 23.01
CA ALA B 241 -30.74 28.17 21.56
C ALA B 241 -29.37 27.80 21.01
N LYS B 242 -28.30 28.31 21.63
CA LYS B 242 -26.96 27.95 21.21
C LYS B 242 -26.70 26.45 21.34
N ALA B 243 -27.46 25.75 22.18
CA ALA B 243 -27.33 24.32 22.32
C ALA B 243 -27.97 23.56 21.18
N TRP B 244 -28.59 24.26 20.24
CA TRP B 244 -29.22 23.65 19.08
C TRP B 244 -28.73 24.18 17.74
N ASN B 245 -28.28 25.43 17.72
CA ASN B 245 -27.96 26.08 16.44
C ASN B 245 -26.96 25.27 15.64
N ALA B 246 -25.89 24.80 16.29
CA ALA B 246 -24.85 24.00 15.64
C ALA B 246 -25.14 22.52 15.71
N PHE B 247 -26.40 22.14 15.82
CA PHE B 247 -26.77 20.78 16.15
C PHE B 247 -27.91 20.23 15.30
N ASN B 248 -28.58 21.07 14.51
CA ASN B 248 -29.65 20.65 13.61
C ASN B 248 -29.01 20.05 12.36
N LEU B 249 -28.60 18.79 12.48
CA LEU B 249 -27.92 18.10 11.37
C LEU B 249 -28.90 17.38 10.46
N SER B 250 -29.92 18.10 9.99
CA SER B 250 -30.85 17.61 8.99
C SER B 250 -31.47 16.26 9.39
N CYS B 251 -32.23 16.30 10.48
CA CYS B 251 -32.71 15.06 11.08
C CYS B 251 -34.11 15.25 11.64
N LYS B 252 -34.78 14.12 11.86
CA LYS B 252 -36.05 14.08 12.58
C LYS B 252 -35.80 14.34 14.07
N ILE B 253 -35.25 15.50 14.34
CA ILE B 253 -35.00 15.94 15.71
C ILE B 253 -36.24 16.63 16.25
N LEU B 254 -36.26 16.85 17.56
CA LEU B 254 -37.25 17.69 18.20
C LEU B 254 -36.78 18.02 19.61
N LEU B 255 -37.43 18.99 20.23
CA LEU B 255 -37.00 19.47 21.53
C LEU B 255 -38.18 19.68 22.45
N THR B 256 -37.94 19.45 23.74
CA THR B 256 -38.79 19.93 24.82
C THR B 256 -38.07 21.14 25.45
N THR B 257 -38.69 22.30 25.31
CA THR B 257 -38.10 23.55 25.73
C THR B 257 -38.33 23.78 27.21
N ARG B 258 -37.40 24.49 27.85
CA ARG B 258 -37.51 24.85 29.25
C ARG B 258 -37.50 26.35 29.51
N PHE B 259 -36.87 27.15 28.64
CA PHE B 259 -36.79 28.58 28.83
C PHE B 259 -37.45 29.31 27.67
N LYS B 260 -38.08 30.45 27.99
CA LYS B 260 -38.66 31.27 26.94
C LYS B 260 -37.60 31.74 25.96
N GLN B 261 -36.36 31.89 26.44
CA GLN B 261 -35.27 32.22 25.54
C GLN B 261 -35.12 31.19 24.44
N VAL B 262 -35.17 29.90 24.81
CA VAL B 262 -34.98 28.85 23.83
C VAL B 262 -36.09 28.87 22.78
N THR B 263 -37.34 28.90 23.24
CA THR B 263 -38.46 28.79 22.31
C THR B 263 -38.63 30.04 21.48
N ASP B 264 -38.17 31.19 21.99
CA ASP B 264 -38.32 32.43 21.25
C ASP B 264 -37.57 32.39 19.93
N PHE B 265 -36.34 31.85 19.95
CA PHE B 265 -35.52 31.86 18.75
C PHE B 265 -36.11 30.99 17.65
N LEU B 266 -36.69 29.84 18.02
CA LEU B 266 -37.06 28.84 17.03
C LEU B 266 -38.12 29.37 16.05
N SER B 267 -38.02 28.92 14.81
CA SER B 267 -38.89 29.38 13.75
C SER B 267 -40.15 28.51 13.69
N ALA B 268 -41.30 29.13 13.91
CA ALA B 268 -42.56 28.43 13.70
C ALA B 268 -42.79 28.09 12.24
N ALA B 269 -42.12 28.81 11.32
CA ALA B 269 -42.24 28.49 9.91
C ALA B 269 -41.73 27.09 9.61
N THR B 270 -40.61 26.72 10.22
CA THR B 270 -40.01 25.42 9.98
C THR B 270 -40.33 24.40 11.08
N THR B 271 -40.82 24.85 12.23
CA THR B 271 -41.04 23.97 13.37
C THR B 271 -42.44 24.16 13.91
N THR B 272 -42.94 23.12 14.59
CA THR B 272 -44.23 23.16 15.25
C THR B 272 -44.01 23.44 16.72
N HIS B 273 -44.56 24.55 17.20
CA HIS B 273 -44.43 24.96 18.59
C HIS B 273 -45.66 24.46 19.34
N ILE B 274 -45.44 23.64 20.35
CA ILE B 274 -46.53 23.08 21.14
C ILE B 274 -46.38 23.62 22.56
N SER B 275 -47.22 24.58 22.90
CA SER B 275 -47.13 25.31 24.17
C SER B 275 -48.00 24.63 25.21
N LEU B 276 -47.36 23.90 26.13
CA LEU B 276 -48.10 23.27 27.21
C LEU B 276 -48.79 24.29 28.10
N ASP B 277 -48.31 25.53 28.12
CA ASP B 277 -48.92 26.59 28.91
C ASP B 277 -50.20 27.10 28.22
N HIS B 278 -51.09 26.14 27.96
CA HIS B 278 -52.37 26.42 27.34
C HIS B 278 -53.48 25.75 28.14
N HIS B 279 -54.61 26.44 28.21
CA HIS B 279 -55.75 25.94 28.95
C HIS B 279 -56.19 24.57 28.46
N SER B 280 -56.09 24.33 27.15
CA SER B 280 -56.42 23.00 26.67
C SER B 280 -55.31 22.00 26.97
N MET B 281 -54.06 22.44 26.87
CA MET B 281 -52.93 21.56 27.12
C MET B 281 -52.89 21.04 28.55
N THR B 282 -53.58 21.67 29.49
CA THR B 282 -53.48 21.23 30.87
C THR B 282 -54.24 19.92 31.09
N LEU B 283 -54.18 19.43 32.32
CA LEU B 283 -54.89 18.22 32.71
C LEU B 283 -56.28 18.56 33.21
N THR B 284 -57.25 17.75 32.81
CA THR B 284 -58.57 17.85 33.40
C THR B 284 -58.53 17.33 34.84
N PRO B 285 -59.47 17.76 35.68
CA PRO B 285 -59.51 17.22 37.05
C PRO B 285 -59.62 15.71 37.10
N ASP B 286 -60.21 15.09 36.07
CA ASP B 286 -60.15 13.64 35.99
C ASP B 286 -58.71 13.17 35.82
N GLU B 287 -57.94 13.82 34.96
CA GLU B 287 -56.54 13.47 34.83
C GLU B 287 -55.79 13.71 36.12
N VAL B 288 -56.09 14.83 36.79
CA VAL B 288 -55.41 15.15 38.04
C VAL B 288 -55.70 14.09 39.09
N LYS B 289 -56.96 13.69 39.21
CA LYS B 289 -57.31 12.69 40.20
C LYS B 289 -56.75 11.32 39.82
N SER B 290 -56.69 11.00 38.52
CA SER B 290 -56.04 9.78 38.11
C SER B 290 -54.58 9.78 38.52
N LEU B 291 -53.90 10.91 38.33
CA LEU B 291 -52.50 11.00 38.71
C LEU B 291 -52.31 10.87 40.21
N LEU B 292 -53.18 11.50 41.01
CA LEU B 292 -52.97 11.43 42.45
C LEU B 292 -53.07 10.00 42.94
N LEU B 293 -53.96 9.21 42.35
CA LEU B 293 -54.07 7.80 42.74
C LEU B 293 -52.78 7.04 42.52
N LYS B 294 -51.91 7.52 41.64
CA LYS B 294 -50.62 6.86 41.47
C LYS B 294 -49.78 6.94 42.74
N TYR B 295 -50.12 7.84 43.66
CA TYR B 295 -49.38 8.03 44.89
C TYR B 295 -50.22 7.79 46.13
N LEU B 296 -51.38 8.44 46.22
CA LEU B 296 -52.31 8.18 47.31
C LEU B 296 -52.75 6.73 47.31
N ASP B 297 -53.01 6.18 46.12
CA ASP B 297 -53.36 4.77 45.97
C ASP B 297 -54.61 4.43 46.79
N CYS B 298 -55.54 5.38 46.88
CA CYS B 298 -56.73 5.22 47.69
C CYS B 298 -57.88 5.98 47.04
N ARG B 299 -58.88 5.23 46.53
CA ARG B 299 -59.95 5.87 45.78
C ARG B 299 -60.98 6.52 46.70
N PRO B 300 -61.46 5.88 47.76
CA PRO B 300 -62.41 6.56 48.64
C PRO B 300 -61.86 7.84 49.23
N GLN B 301 -60.57 7.85 49.57
CA GLN B 301 -59.92 9.04 50.10
C GLN B 301 -59.44 9.99 49.03
N ASP B 302 -59.57 9.61 47.76
CA ASP B 302 -59.23 10.53 46.68
C ASP B 302 -60.17 11.73 46.67
N LEU B 303 -61.46 11.49 46.87
CA LEU B 303 -62.45 12.55 46.89
C LEU B 303 -62.21 13.46 48.08
N PRO B 304 -61.58 12.96 49.14
CA PRO B 304 -61.46 13.77 50.37
C PRO B 304 -60.74 15.09 50.17
N ARG B 305 -59.71 15.15 49.34
CA ARG B 305 -58.90 16.36 49.19
C ARG B 305 -58.88 16.79 47.74
N GLU B 306 -59.16 18.07 47.50
CA GLU B 306 -59.07 18.63 46.15
C GLU B 306 -58.73 20.12 46.28
N VAL B 307 -57.43 20.42 46.25
CA VAL B 307 -56.96 21.80 46.32
C VAL B 307 -55.97 22.09 45.19
N LEU B 308 -54.92 21.27 45.09
CA LEU B 308 -53.86 21.49 44.11
C LEU B 308 -54.40 21.45 42.69
N THR B 309 -53.85 22.30 41.83
CA THR B 309 -54.35 22.39 40.47
C THR B 309 -53.29 22.46 39.37
N THR B 310 -52.06 22.89 39.65
CA THR B 310 -51.22 23.44 38.59
C THR B 310 -50.17 22.48 38.04
N ASN B 311 -49.25 21.99 38.87
CA ASN B 311 -48.00 21.49 38.31
C ASN B 311 -47.79 20.02 38.64
N PRO B 312 -47.39 19.20 37.67
CA PRO B 312 -47.16 17.78 37.95
C PRO B 312 -46.11 17.53 39.02
N ARG B 313 -45.04 18.34 39.06
CA ARG B 313 -44.01 18.10 40.07
C ARG B 313 -44.53 18.40 41.46
N ARG B 314 -45.13 19.57 41.65
CA ARG B 314 -45.69 19.90 42.96
C ARG B 314 -46.81 18.95 43.34
N LEU B 315 -47.66 18.60 42.39
CA LEU B 315 -48.74 17.64 42.68
C LEU B 315 -48.17 16.32 43.16
N SER B 316 -47.20 15.78 42.42
CA SER B 316 -46.62 14.49 42.76
C SER B 316 -45.89 14.56 44.10
N ILE B 317 -45.12 15.63 44.32
CA ILE B 317 -44.31 15.73 45.52
C ILE B 317 -45.20 15.90 46.75
N ILE B 318 -46.28 16.65 46.63
CA ILE B 318 -47.17 16.83 47.76
C ILE B 318 -47.97 15.57 48.03
N ALA B 319 -48.36 14.85 46.96
CA ALA B 319 -49.01 13.56 47.15
C ALA B 319 -48.10 12.59 47.88
N GLU B 320 -46.84 12.54 47.49
CA GLU B 320 -45.90 11.62 48.13
C GLU B 320 -45.62 12.05 49.57
N SER B 321 -45.56 13.35 49.83
CA SER B 321 -45.37 13.82 51.20
C SER B 321 -46.57 13.45 52.07
N ILE B 322 -47.78 13.63 51.54
CA ILE B 322 -48.98 13.26 52.30
C ILE B 322 -48.98 11.77 52.60
N ARG B 323 -48.72 10.96 51.57
CA ARG B 323 -48.68 9.52 51.76
C ARG B 323 -47.48 9.10 52.59
N ASP B 324 -46.54 10.00 52.83
CA ASP B 324 -45.33 9.67 53.57
C ASP B 324 -45.05 10.70 54.66
N ALA B 327 -49.50 13.56 56.10
CA ALA B 327 -50.86 14.00 56.40
C ALA B 327 -51.42 14.83 55.25
N THR B 328 -52.73 14.76 55.06
CA THR B 328 -53.35 15.43 53.93
C THR B 328 -53.15 16.93 53.98
N TRP B 329 -53.29 17.52 55.15
CA TRP B 329 -53.16 18.97 55.29
C TRP B 329 -51.78 19.40 55.75
N ASP B 330 -51.14 18.59 56.59
CA ASP B 330 -49.81 18.96 57.09
C ASP B 330 -48.80 18.96 55.96
N ASN B 331 -48.75 17.88 55.19
CA ASN B 331 -47.91 17.83 54.02
C ASN B 331 -48.44 18.68 52.88
N TRP B 332 -49.65 19.22 53.02
CA TRP B 332 -50.25 20.05 51.97
C TRP B 332 -49.41 21.29 51.72
N LYS B 333 -49.05 22.02 52.78
CA LYS B 333 -48.31 23.25 52.67
C LYS B 333 -46.97 23.21 53.41
N HIS B 334 -47.00 22.85 54.68
CA HIS B 334 -45.85 23.04 55.55
C HIS B 334 -44.68 22.18 55.13
N VAL B 335 -44.94 20.92 54.79
CA VAL B 335 -43.91 20.01 54.29
C VAL B 335 -43.52 20.45 52.89
N ASN B 336 -42.44 19.86 52.36
CA ASN B 336 -41.87 20.16 51.06
C ASN B 336 -41.30 21.57 50.96
N CYS B 337 -41.26 22.29 52.09
CA CYS B 337 -40.59 23.58 52.11
C CYS B 337 -39.08 23.45 51.96
N ASP B 338 -38.57 22.21 52.02
CA ASP B 338 -37.15 21.95 51.89
C ASP B 338 -36.80 21.15 50.63
N LYS B 339 -37.81 20.85 49.82
CA LYS B 339 -37.60 20.09 48.59
C LYS B 339 -38.07 20.90 47.38
N LEU B 340 -39.29 21.40 47.47
CA LEU B 340 -39.89 22.24 46.44
C LEU B 340 -39.14 23.56 46.32
N THR B 341 -38.84 24.19 47.44
CA THR B 341 -37.97 25.34 47.44
C THR B 341 -36.58 24.99 46.90
N THR B 342 -36.07 23.80 47.22
CA THR B 342 -34.78 23.39 46.70
C THR B 342 -34.79 23.31 45.18
N ILE B 343 -35.79 22.64 44.60
CA ILE B 343 -35.80 22.46 43.15
C ILE B 343 -36.08 23.79 42.46
N ILE B 344 -36.95 24.62 43.03
CA ILE B 344 -37.21 25.90 42.39
C ILE B 344 -35.98 26.80 42.45
N GLU B 345 -35.22 26.75 43.54
CA GLU B 345 -33.97 27.50 43.59
C GLU B 345 -32.96 26.96 42.59
N SER B 346 -32.86 25.63 42.48
CA SER B 346 -31.95 25.03 41.52
C SER B 346 -32.27 25.48 40.11
N SER B 347 -33.56 25.52 39.76
CA SER B 347 -33.97 26.11 38.50
C SER B 347 -33.62 27.59 38.42
N LEU B 348 -33.71 28.31 39.53
CA LEU B 348 -33.44 29.75 39.54
C LEU B 348 -31.99 30.03 39.92
N ASN B 349 -31.09 29.12 39.57
CA ASN B 349 -29.67 29.40 39.71
C ASN B 349 -29.01 29.91 38.44
N VAL B 350 -29.70 29.87 37.31
CA VAL B 350 -29.07 30.18 36.02
C VAL B 350 -28.81 31.67 35.87
N LEU B 351 -29.77 32.50 36.28
CA LEU B 351 -29.62 33.95 36.14
C LEU B 351 -28.48 34.43 37.02
N GLU B 352 -27.93 35.59 36.69
CA GLU B 352 -26.92 36.18 37.54
C GLU B 352 -27.57 36.63 38.85
N PRO B 353 -26.87 36.56 39.98
CA PRO B 353 -27.51 36.88 41.26
C PRO B 353 -27.48 38.37 41.61
N ALA B 354 -26.55 39.12 41.03
CA ALA B 354 -26.24 40.45 41.54
C ALA B 354 -27.45 41.38 41.47
N GLU B 355 -28.12 41.43 40.33
CA GLU B 355 -29.26 42.34 40.19
C GLU B 355 -30.54 41.62 39.81
N TYR B 356 -30.46 40.67 38.88
CA TYR B 356 -31.67 39.94 38.49
C TYR B 356 -32.26 39.17 39.65
N ARG B 357 -31.45 38.35 40.33
CA ARG B 357 -31.97 37.56 41.42
C ARG B 357 -32.36 38.46 42.60
N LYS B 358 -31.58 39.52 42.84
CA LYS B 358 -31.89 40.41 43.95
C LYS B 358 -33.21 41.13 43.72
N MET B 359 -33.37 41.78 42.58
CA MET B 359 -34.62 42.47 42.32
C MET B 359 -35.78 41.51 42.19
N PHE B 360 -35.52 40.28 41.75
CA PHE B 360 -36.56 39.26 41.74
C PHE B 360 -37.02 38.92 43.14
N ASP B 361 -36.08 38.77 44.07
CA ASP B 361 -36.44 38.62 45.47
C ASP B 361 -37.22 39.81 45.96
N ARG B 362 -36.92 41.00 45.44
CA ARG B 362 -37.66 42.19 45.81
C ARG B 362 -39.12 42.14 45.37
N LEU B 363 -39.48 41.21 44.49
CA LEU B 363 -40.86 41.02 44.11
C LEU B 363 -41.69 40.38 45.22
N SER B 364 -41.08 40.11 46.38
CA SER B 364 -41.80 39.42 47.45
C SER B 364 -42.93 40.27 48.02
N VAL B 365 -42.70 41.58 48.17
CA VAL B 365 -43.63 42.44 48.91
C VAL B 365 -45.01 42.47 48.27
N PHE B 366 -45.10 42.16 47.00
CA PHE B 366 -46.34 42.26 46.26
C PHE B 366 -47.27 41.10 46.60
N PRO B 367 -48.57 41.26 46.38
CA PRO B 367 -49.49 40.17 46.66
C PRO B 367 -49.13 38.95 45.83
N PRO B 368 -49.36 37.75 46.37
CA PRO B 368 -48.92 36.54 45.66
C PRO B 368 -49.53 36.42 44.27
N SER B 369 -50.79 36.80 44.10
CA SER B 369 -51.46 36.84 42.81
C SER B 369 -51.71 38.31 42.50
N ALA B 370 -50.78 38.93 41.79
CA ALA B 370 -50.84 40.36 41.54
C ALA B 370 -50.10 40.67 40.25
N HIS B 371 -50.15 41.93 39.85
CA HIS B 371 -49.40 42.44 38.72
C HIS B 371 -48.55 43.61 39.17
N ILE B 372 -47.83 44.21 38.24
CA ILE B 372 -47.00 45.37 38.56
C ILE B 372 -46.87 46.28 37.35
N PRO B 373 -46.96 47.59 37.54
CA PRO B 373 -46.63 48.53 36.48
C PRO B 373 -45.12 48.65 36.32
N THR B 374 -44.73 49.19 35.18
CA THR B 374 -43.31 49.37 34.89
C THR B 374 -42.65 50.39 35.81
N ILE B 375 -43.40 51.43 36.18
CA ILE B 375 -42.82 52.49 37.01
C ILE B 375 -42.43 51.95 38.38
N LEU B 376 -43.28 51.13 38.99
CA LEU B 376 -43.02 50.68 40.35
C LEU B 376 -41.79 49.78 40.39
N LEU B 377 -41.67 48.85 39.44
CA LEU B 377 -40.48 48.02 39.36
C LEU B 377 -39.25 48.86 38.99
N SER B 378 -39.45 49.93 38.23
CA SER B 378 -38.36 50.86 38.02
C SER B 378 -37.89 51.48 39.33
N LEU B 379 -38.85 51.81 40.20
CA LEU B 379 -38.51 52.34 41.52
C LEU B 379 -37.70 51.34 42.32
N ILE B 380 -38.11 50.07 42.28
CA ILE B 380 -37.48 49.06 43.10
C ILE B 380 -36.17 48.64 42.46
N SER B 387 -34.67 52.30 30.40
CA SER B 387 -35.01 50.97 29.89
C SER B 387 -34.13 49.92 30.55
N ASP B 388 -33.18 50.38 31.37
CA ASP B 388 -32.30 49.45 32.08
C ASP B 388 -33.10 48.42 32.86
N VAL B 389 -34.07 48.90 33.65
CA VAL B 389 -34.99 47.97 34.31
C VAL B 389 -35.84 47.24 33.28
N MET B 390 -36.23 47.93 32.19
CA MET B 390 -36.98 47.26 31.14
C MET B 390 -36.15 46.17 30.48
N VAL B 391 -34.87 46.46 30.21
CA VAL B 391 -33.99 45.45 29.65
C VAL B 391 -33.86 44.26 30.59
N VAL B 392 -33.68 44.54 31.88
CA VAL B 392 -33.50 43.47 32.85
C VAL B 392 -34.75 42.60 32.93
N VAL B 393 -35.92 43.22 33.05
CA VAL B 393 -37.14 42.44 33.15
C VAL B 393 -37.43 41.73 31.84
N ASN B 394 -37.00 42.31 30.71
CA ASN B 394 -37.17 41.65 29.43
C ASN B 394 -36.33 40.38 29.37
N LYS B 395 -35.08 40.44 29.85
CA LYS B 395 -34.27 39.24 29.87
C LYS B 395 -34.81 38.22 30.86
N LEU B 396 -35.35 38.70 31.98
CA LEU B 396 -35.99 37.81 32.93
C LEU B 396 -37.18 37.09 32.31
N HIS B 397 -37.97 37.83 31.53
CA HIS B 397 -39.07 37.23 30.78
C HIS B 397 -38.55 36.21 29.78
N LYS B 398 -37.46 36.55 29.10
CA LYS B 398 -36.81 35.62 28.19
C LYS B 398 -36.39 34.35 28.90
N TYR B 399 -35.97 34.46 30.15
CA TYR B 399 -35.73 33.27 30.96
C TYR B 399 -37.06 32.54 31.13
N SER B 400 -37.98 33.16 31.89
CA SER B 400 -39.32 32.64 32.20
C SER B 400 -39.91 33.36 33.41
N LEU B 401 -39.05 33.93 34.25
CA LEU B 401 -39.44 34.24 35.62
C LEU B 401 -40.55 35.28 35.68
N VAL B 402 -40.57 36.21 34.74
CA VAL B 402 -41.53 37.30 34.72
C VAL B 402 -42.33 37.22 33.42
N GLU B 403 -43.60 37.58 33.49
CA GLU B 403 -44.43 37.71 32.31
C GLU B 403 -44.78 39.18 32.07
N LYS B 404 -44.93 39.54 30.81
CA LYS B 404 -45.25 40.90 30.40
C LYS B 404 -46.55 40.92 29.62
N GLN B 405 -47.37 41.93 29.90
CA GLN B 405 -48.62 42.16 29.21
C GLN B 405 -48.73 43.63 28.83
N PRO B 406 -49.35 43.94 27.68
CA PRO B 406 -49.49 45.32 27.24
C PRO B 406 -50.63 46.05 27.91
N SER B 409 -49.37 48.45 29.81
CA SER B 409 -48.17 47.62 29.68
C SER B 409 -47.65 47.18 31.04
N THR B 410 -48.56 46.73 31.90
CA THR B 410 -48.18 46.25 33.22
C THR B 410 -47.50 44.90 33.11
N ILE B 411 -47.17 44.33 34.26
CA ILE B 411 -46.34 43.12 34.33
C ILE B 411 -46.80 42.30 35.53
N SER B 412 -46.73 40.97 35.40
CA SER B 412 -46.96 40.08 36.52
C SER B 412 -45.96 38.92 36.48
N ILE B 413 -46.16 37.97 37.39
CA ILE B 413 -45.20 36.88 37.60
C ILE B 413 -45.95 35.54 37.60
N PRO B 414 -45.35 34.47 37.10
CA PRO B 414 -45.81 33.13 37.47
C PRO B 414 -45.70 32.95 38.97
N SER B 415 -46.86 32.77 39.62
CA SER B 415 -46.92 32.59 41.07
C SER B 415 -46.23 31.33 41.59
N ILE B 416 -46.10 30.30 40.76
CA ILE B 416 -45.44 29.06 41.16
C ILE B 416 -44.05 29.35 41.69
N TYR B 417 -43.57 30.54 41.34
CA TYR B 417 -42.27 31.05 41.74
C TYR B 417 -42.38 31.97 42.95
N LEU B 418 -43.49 32.70 43.06
CA LEU B 418 -43.60 33.76 44.06
C LEU B 418 -43.88 33.19 45.44
N GLU B 419 -45.05 32.56 45.62
CA GLU B 419 -45.42 32.18 46.99
C GLU B 419 -44.53 31.08 47.54
N LEU B 420 -43.94 30.24 46.69
CA LEU B 420 -43.21 29.10 47.19
C LEU B 420 -41.76 29.45 47.54
N LYS B 421 -41.00 29.93 46.56
CA LYS B 421 -39.55 30.03 46.72
C LYS B 421 -39.17 31.09 47.75
N VAL B 422 -39.73 32.30 47.62
CA VAL B 422 -39.22 33.44 48.39
C VAL B 422 -39.95 33.65 49.70
N LYS B 423 -40.97 32.86 49.99
CA LYS B 423 -41.68 33.01 51.26
C LYS B 423 -40.74 32.74 52.43
N LEU B 424 -39.89 31.73 52.31
CA LEU B 424 -38.98 31.37 53.39
C LEU B 424 -37.79 32.31 53.47
N GLU B 425 -37.30 32.79 52.33
CA GLU B 425 -36.08 33.58 52.25
C GLU B 425 -36.40 35.00 51.81
N ASN B 426 -36.22 35.96 52.71
CA ASN B 426 -36.32 37.36 52.34
C ASN B 426 -35.60 38.19 53.39
N GLU B 427 -34.50 38.81 53.01
CA GLU B 427 -33.93 39.86 53.84
C GLU B 427 -34.91 41.02 53.91
N TYR B 428 -35.02 41.62 55.09
CA TYR B 428 -36.04 42.65 55.29
C TYR B 428 -35.52 44.01 54.83
N ALA B 429 -35.29 44.11 53.53
CA ALA B 429 -35.32 45.40 52.88
C ALA B 429 -36.74 45.93 52.75
N LEU B 430 -37.70 45.20 53.33
CA LEU B 430 -39.10 45.56 53.21
C LEU B 430 -39.42 46.86 53.93
N HIS B 431 -38.49 47.38 54.74
CA HIS B 431 -38.65 48.75 55.21
C HIS B 431 -38.60 49.73 54.05
N ARG B 432 -37.56 49.63 53.23
CA ARG B 432 -37.47 50.47 52.03
C ARG B 432 -38.61 50.16 51.08
N SER B 433 -38.95 48.87 50.94
CA SER B 433 -40.03 48.49 50.04
C SER B 433 -41.34 49.13 50.49
N ILE B 434 -41.65 49.05 51.78
CA ILE B 434 -42.93 49.54 52.26
C ILE B 434 -42.93 51.06 52.32
N VAL B 435 -41.78 51.68 52.56
CA VAL B 435 -41.74 53.14 52.55
C VAL B 435 -41.91 53.66 51.13
N ASP B 436 -41.38 52.95 50.13
CA ASP B 436 -41.66 53.32 48.75
C ASP B 436 -43.12 53.07 48.41
N HIS B 437 -43.68 51.96 48.92
CA HIS B 437 -45.10 51.66 48.80
C HIS B 437 -45.97 52.74 49.44
N TYR B 438 -45.40 53.52 50.35
CA TYR B 438 -46.06 54.71 50.86
C TYR B 438 -45.74 55.95 50.04
N ASN B 439 -44.52 56.04 49.50
CA ASN B 439 -44.08 57.26 48.84
C ASN B 439 -44.77 57.44 47.50
N ILE B 440 -44.63 56.46 46.61
CA ILE B 440 -45.12 56.61 45.25
C ILE B 440 -46.65 56.78 45.22
N PRO B 441 -47.43 56.27 46.18
CA PRO B 441 -48.86 56.61 46.17
C PRO B 441 -49.18 57.89 46.92
N LYS B 442 -48.36 58.31 47.87
CA LYS B 442 -48.56 59.65 48.43
C LYS B 442 -48.31 60.71 47.37
N THR B 443 -47.36 60.45 46.48
CA THR B 443 -47.23 61.26 45.28
C THR B 443 -48.51 61.21 44.45
N PHE B 444 -49.23 60.10 44.52
CA PHE B 444 -50.53 59.95 43.88
C PHE B 444 -51.67 60.46 44.77
N ASP B 445 -51.50 61.68 45.30
CA ASP B 445 -52.53 62.34 46.09
C ASP B 445 -52.84 63.68 45.45
N SER B 446 -54.10 63.85 45.03
CA SER B 446 -54.51 65.00 44.24
C SER B 446 -55.23 66.02 45.12
N ASP B 447 -55.42 67.21 44.56
CA ASP B 447 -56.24 68.22 45.21
C ASP B 447 -57.67 67.72 45.41
N ASP B 448 -58.29 67.26 44.33
CA ASP B 448 -59.54 66.53 44.44
C ASP B 448 -59.20 65.12 44.89
N LEU B 449 -60.19 64.23 44.83
CA LEU B 449 -59.97 62.84 45.18
C LEU B 449 -59.89 61.95 43.93
N ILE B 450 -59.43 62.52 42.82
CA ILE B 450 -59.21 61.76 41.59
C ILE B 450 -57.71 61.69 41.35
N PRO B 451 -57.03 60.67 41.85
CA PRO B 451 -55.63 60.48 41.50
C PRO B 451 -55.51 59.59 40.28
N PRO B 452 -54.36 59.61 39.60
CA PRO B 452 -54.15 58.73 38.44
C PRO B 452 -53.85 57.29 38.84
N TYR B 453 -54.68 56.74 39.74
CA TYR B 453 -54.48 55.38 40.21
C TYR B 453 -54.64 54.37 39.10
N LEU B 454 -53.94 53.25 39.26
CA LEU B 454 -54.07 52.13 38.34
C LEU B 454 -55.13 51.16 38.86
N ASP B 455 -55.97 50.69 37.93
CA ASP B 455 -57.16 49.93 38.29
C ASP B 455 -56.82 48.71 39.14
N GLN B 456 -55.77 47.99 38.77
CA GLN B 456 -55.41 46.80 39.53
C GLN B 456 -54.50 47.14 40.71
N TYR B 457 -53.30 47.65 40.43
CA TYR B 457 -52.31 47.78 41.48
C TYR B 457 -52.75 48.82 42.50
N PHE B 458 -53.11 50.01 42.02
CA PHE B 458 -53.31 51.12 42.95
C PHE B 458 -54.63 50.98 43.69
N TYR B 459 -55.64 50.38 43.06
CA TYR B 459 -56.90 50.19 43.75
C TYR B 459 -56.84 49.04 44.74
N SER B 460 -56.11 47.98 44.42
CA SER B 460 -56.13 46.77 45.23
C SER B 460 -54.95 46.66 46.18
N HIS B 461 -53.73 46.66 45.64
CA HIS B 461 -52.55 46.35 46.43
C HIS B 461 -52.25 47.42 47.47
N ILE B 462 -52.82 48.60 47.30
CA ILE B 462 -52.59 49.71 48.23
C ILE B 462 -53.11 49.45 49.64
N GLY B 463 -54.09 48.55 49.76
CA GLY B 463 -54.66 48.23 51.05
C GLY B 463 -53.70 47.51 51.97
N HIS B 464 -53.03 46.49 51.42
CA HIS B 464 -52.07 45.69 52.16
C HIS B 464 -50.93 46.53 52.70
N HIS B 465 -50.33 47.36 51.85
CA HIS B 465 -49.16 48.11 52.25
C HIS B 465 -49.51 49.26 53.19
N LEU B 466 -50.68 49.87 52.97
CA LEU B 466 -51.13 50.95 53.82
C LEU B 466 -51.32 50.43 55.23
N LYS B 467 -51.87 49.22 55.32
CA LYS B 467 -52.09 48.57 56.60
C LYS B 467 -50.74 48.21 57.18
N ASN B 468 -49.83 47.77 56.31
CA ASN B 468 -48.49 47.42 56.72
C ASN B 468 -47.77 48.58 57.41
N ILE B 469 -47.95 49.80 56.91
CA ILE B 469 -47.14 50.91 57.42
C ILE B 469 -47.68 51.44 58.77
N GLU B 470 -48.91 51.94 58.79
CA GLU B 470 -49.43 52.60 59.99
C GLU B 470 -50.90 52.92 59.77
N HIS B 471 -51.55 53.37 60.85
CA HIS B 471 -52.99 53.60 60.90
C HIS B 471 -53.46 54.95 60.32
N PRO B 472 -52.70 56.04 60.53
CA PRO B 472 -53.06 57.36 60.02
C PRO B 472 -53.14 57.39 58.51
N GLU B 473 -52.20 56.73 57.84
CA GLU B 473 -52.17 56.69 56.38
C GLU B 473 -53.39 55.95 55.83
N ARG B 474 -53.73 54.82 56.46
CA ARG B 474 -54.87 54.02 56.04
C ARG B 474 -56.17 54.79 56.21
N MET B 475 -56.31 55.48 57.33
CA MET B 475 -57.51 56.26 57.62
C MET B 475 -57.72 57.26 56.48
N THR B 476 -56.70 58.05 56.18
CA THR B 476 -56.80 59.02 55.12
C THR B 476 -56.71 58.36 53.75
N LEU B 477 -55.92 57.30 53.65
CA LEU B 477 -55.73 56.58 52.38
C LEU B 477 -56.90 55.68 51.96
N PHE B 478 -57.30 54.77 52.85
CA PHE B 478 -58.40 53.85 52.55
C PHE B 478 -59.72 54.57 52.28
N ARG B 479 -59.63 55.87 52.09
CA ARG B 479 -60.79 56.72 51.84
C ARG B 479 -62.04 56.44 52.67
N MET B 480 -61.90 56.13 53.95
CA MET B 480 -63.13 55.91 54.72
C MET B 480 -63.72 57.29 54.99
N VAL B 481 -62.86 58.30 54.99
CA VAL B 481 -63.35 59.67 55.11
C VAL B 481 -63.83 60.21 53.77
N PHE B 482 -63.29 59.73 52.67
CA PHE B 482 -63.52 60.33 51.36
C PHE B 482 -64.51 59.51 50.54
N LEU B 483 -65.50 60.19 49.98
CA LEU B 483 -66.59 59.59 49.22
C LEU B 483 -66.16 59.08 47.86
N ASP B 484 -65.04 59.56 47.34
CA ASP B 484 -64.73 59.37 45.92
C ASP B 484 -64.26 57.95 45.61
N PHE B 485 -63.49 57.34 46.51
CA PHE B 485 -62.85 56.08 46.15
C PHE B 485 -63.86 54.99 45.85
N ARG B 486 -65.00 54.99 46.53
CA ARG B 486 -66.00 53.98 46.22
C ARG B 486 -66.52 54.16 44.80
N PHE B 487 -66.84 55.40 44.42
CA PHE B 487 -67.26 55.68 43.05
C PHE B 487 -66.18 55.31 42.06
N LEU B 488 -64.91 55.40 42.47
CA LEU B 488 -63.80 55.04 41.60
C LEU B 488 -63.72 53.53 41.44
N GLU B 489 -63.57 52.82 42.55
CA GLU B 489 -63.39 51.36 42.52
C GLU B 489 -64.57 50.65 41.88
N GLN B 490 -65.79 50.99 42.28
CA GLN B 490 -66.93 50.21 41.78
C GLN B 490 -67.18 50.48 40.31
N LYS B 491 -67.21 51.76 39.92
CA LYS B 491 -67.43 52.08 38.51
C LYS B 491 -66.23 51.73 37.65
N ILE B 492 -65.07 51.46 38.27
CA ILE B 492 -63.89 51.06 37.51
C ILE B 492 -63.77 49.56 37.36
N ARG B 493 -64.49 48.78 38.17
CA ARG B 493 -64.38 47.33 38.17
C ARG B 493 -65.70 46.69 37.77
N HIS B 494 -65.65 45.80 36.77
CA HIS B 494 -66.81 45.05 36.34
C HIS B 494 -66.39 43.79 35.58
N ASN B 507 -65.59 43.77 42.12
CA ASN B 507 -66.68 44.71 42.37
C ASN B 507 -66.89 44.91 43.86
N THR B 508 -68.16 44.97 44.25
CA THR B 508 -68.51 45.18 45.65
C THR B 508 -67.95 44.06 46.52
N LEU B 509 -68.03 42.82 46.04
CA LEU B 509 -67.46 41.71 46.78
C LEU B 509 -65.97 41.92 47.01
N GLN B 510 -65.24 42.31 45.97
CA GLN B 510 -63.81 42.54 46.12
C GLN B 510 -63.53 43.76 46.98
N GLN B 511 -64.41 44.76 46.93
CA GLN B 511 -64.29 45.88 47.85
C GLN B 511 -64.37 45.40 49.29
N LEU B 512 -65.33 44.53 49.58
CA LEU B 512 -65.44 43.95 50.91
C LEU B 512 -64.23 43.10 51.25
N LYS B 513 -63.68 42.41 50.25
CA LYS B 513 -62.52 41.57 50.48
C LYS B 513 -61.29 42.41 50.80
N PHE B 514 -61.21 43.62 50.24
CA PHE B 514 -60.24 44.59 50.71
C PHE B 514 -60.54 45.03 52.13
N TYR B 515 -61.82 45.28 52.41
CA TYR B 515 -62.21 46.06 53.57
C TYR B 515 -62.13 45.26 54.87
N LYS B 516 -62.77 44.08 54.88
CA LYS B 516 -62.87 43.31 56.10
C LYS B 516 -61.52 42.92 56.72
N PRO B 517 -60.47 42.71 55.91
CA PRO B 517 -59.14 42.34 56.40
C PRO B 517 -58.51 43.51 57.13
N TYR B 518 -58.97 44.72 56.84
CA TYR B 518 -58.45 45.92 57.47
C TYR B 518 -59.54 46.59 58.31
N ILE B 519 -60.43 45.77 58.86
CA ILE B 519 -61.53 46.27 59.68
C ILE B 519 -61.02 46.94 60.95
N CYS B 520 -59.95 46.38 61.52
CA CYS B 520 -59.36 46.92 62.74
C CYS B 520 -58.90 48.36 62.51
N ASP B 521 -58.25 48.58 61.37
CA ASP B 521 -57.75 49.90 60.99
C ASP B 521 -56.94 50.56 62.12
N ASN B 522 -57.61 51.41 62.90
CA ASN B 522 -56.96 52.10 64.00
C ASN B 522 -57.88 52.24 65.21
N ASP B 523 -58.17 53.48 65.58
CA ASP B 523 -59.06 53.76 66.76
C ASP B 523 -60.48 53.16 66.88
N PRO B 524 -60.84 52.56 68.06
CA PRO B 524 -62.14 51.89 68.16
C PRO B 524 -63.33 52.78 67.87
N LYS B 525 -63.24 54.09 68.10
CA LYS B 525 -64.31 54.98 67.65
C LYS B 525 -64.48 54.91 66.14
N TYR B 526 -63.38 55.10 65.42
CA TYR B 526 -63.44 54.92 63.98
C TYR B 526 -63.78 53.49 63.62
N GLU B 527 -63.56 52.52 64.49
CA GLU B 527 -63.89 51.16 64.09
C GLU B 527 -65.31 50.91 64.10
N ARG B 528 -65.88 51.39 65.16
CA ARG B 528 -67.33 51.21 65.21
C ARG B 528 -68.03 52.08 64.17
N LEU B 529 -67.51 53.28 63.90
CA LEU B 529 -68.13 54.13 62.90
C LEU B 529 -68.04 53.49 61.52
N VAL B 530 -66.86 52.99 61.16
CA VAL B 530 -66.71 52.29 59.90
C VAL B 530 -67.37 50.92 59.95
N ASN B 531 -67.70 50.41 61.14
CA ASN B 531 -68.54 49.22 61.21
C ASN B 531 -69.97 49.55 60.82
N ALA B 532 -70.48 50.69 61.28
CA ALA B 532 -71.78 51.17 60.80
C ALA B 532 -71.73 51.37 59.29
N ILE B 533 -70.64 51.93 58.80
CA ILE B 533 -70.42 52.05 57.35
C ILE B 533 -70.44 50.68 56.69
N LEU B 534 -69.76 49.70 57.31
CA LEU B 534 -69.67 48.37 56.75
C LEU B 534 -71.05 47.74 56.63
N ASP B 535 -71.88 47.90 57.66
CA ASP B 535 -73.25 47.41 57.59
C ASP B 535 -74.05 48.15 56.53
N PHE B 536 -73.82 49.46 56.40
CA PHE B 536 -74.56 50.27 55.43
C PHE B 536 -74.25 49.84 53.99
N LEU B 537 -72.98 49.61 53.68
CA LEU B 537 -72.55 49.56 52.28
C LEU B 537 -73.23 48.48 51.45
N PRO B 538 -73.32 47.21 51.86
CA PRO B 538 -73.75 46.17 50.93
C PRO B 538 -75.18 46.29 50.47
N LYS B 539 -75.95 47.25 50.98
CA LYS B 539 -77.34 47.39 50.55
C LYS B 539 -77.42 47.69 49.06
N ILE B 540 -76.54 48.54 48.56
CA ILE B 540 -76.54 48.87 47.15
C ILE B 540 -75.13 48.81 46.59
N TYR B 549 -72.40 62.52 40.22
CA TYR B 549 -71.86 63.08 41.45
C TYR B 549 -72.98 63.44 42.42
N THR B 550 -74.06 63.99 41.89
CA THR B 550 -75.19 64.39 42.72
C THR B 550 -75.81 63.18 43.41
N ASP B 551 -75.91 62.06 42.69
CA ASP B 551 -76.34 60.82 43.32
C ASP B 551 -75.35 60.38 44.39
N LEU B 552 -74.05 60.46 44.07
CA LEU B 552 -73.03 60.01 45.00
C LEU B 552 -73.04 60.81 46.30
N LEU B 553 -73.25 62.12 46.20
CA LEU B 553 -73.35 62.94 47.40
C LEU B 553 -74.71 62.81 48.08
N ARG B 554 -75.77 62.58 47.31
CA ARG B 554 -77.12 62.53 47.87
C ARG B 554 -77.33 61.26 48.67
N ILE B 555 -76.77 60.13 48.20
CA ILE B 555 -76.90 58.89 48.93
C ILE B 555 -76.20 58.96 50.29
N ALA B 556 -75.19 59.80 50.43
CA ALA B 556 -74.51 59.98 51.70
C ALA B 556 -75.23 60.95 52.62
N LEU B 557 -76.26 61.63 52.13
CA LEU B 557 -76.98 62.62 52.94
C LEU B 557 -77.68 61.95 54.12
N MET B 558 -78.36 60.84 53.87
CA MET B 558 -79.05 60.14 54.97
C MET B 558 -78.07 59.48 55.93
N ALA B 559 -76.80 59.37 55.55
CA ALA B 559 -75.79 58.84 56.46
C ALA B 559 -75.17 59.99 57.28
N GLU B 560 -76.06 60.71 57.97
CA GLU B 560 -75.62 61.81 58.82
C GLU B 560 -74.77 61.32 59.99
N ASP B 561 -75.09 60.13 60.52
CA ASP B 561 -74.35 59.58 61.65
C ASP B 561 -72.89 59.34 61.30
N GLU B 562 -72.56 59.27 60.02
CA GLU B 562 -71.19 59.11 59.57
C GLU B 562 -70.70 60.40 58.92
N ALA B 563 -69.46 60.79 59.26
CA ALA B 563 -68.89 62.06 58.83
C ALA B 563 -68.69 62.14 57.32
N ILE B 564 -69.05 61.08 56.58
CA ILE B 564 -68.98 61.13 55.12
C ILE B 564 -69.87 62.24 54.58
N PHE B 565 -70.89 62.62 55.34
CA PHE B 565 -71.77 63.70 54.89
C PHE B 565 -70.99 65.02 54.77
N GLU B 566 -70.11 65.30 55.72
CA GLU B 566 -69.30 66.51 55.64
C GLU B 566 -68.40 66.49 54.41
N GLU B 567 -67.80 65.35 54.12
CA GLU B 567 -66.89 65.29 52.98
C GLU B 567 -67.65 65.34 51.67
N ALA B 568 -68.89 64.82 51.66
CA ALA B 568 -69.75 65.00 50.49
C ALA B 568 -70.14 66.47 50.33
N HIS B 569 -70.36 67.17 51.44
CA HIS B 569 -70.56 68.62 51.38
C HIS B 569 -69.36 69.32 50.77
N LYS B 570 -68.15 68.92 51.16
CA LYS B 570 -66.95 69.50 50.57
C LYS B 570 -66.87 69.17 49.08
N GLN B 571 -67.23 67.94 48.70
CA GLN B 571 -67.17 67.54 47.30
C GLN B 571 -68.12 68.35 46.44
N VAL B 572 -69.39 68.46 46.86
CA VAL B 572 -70.34 69.26 46.10
C VAL B 572 -69.94 70.72 46.13
N GLN B 573 -69.28 71.16 47.19
CA GLN B 573 -68.71 72.50 47.22
C GLN B 573 -67.67 72.67 46.13
N ARG B 574 -66.84 71.66 45.93
CA ARG B 574 -65.80 71.72 44.91
C ARG B 574 -66.35 71.40 43.52
N ASP B 598 -81.76 46.95 43.70
CA ASP B 598 -82.16 46.74 45.08
C ASP B 598 -80.98 46.34 45.95
N ASN B 599 -81.10 45.17 46.58
CA ASN B 599 -80.04 44.70 47.47
C ASN B 599 -78.77 44.39 46.70
N GLU B 600 -78.91 43.82 45.50
CA GLU B 600 -77.77 43.31 44.75
C GLU B 600 -77.91 43.67 43.27
N GLY B 601 -76.79 44.10 42.70
CA GLY B 601 -76.71 44.57 41.33
C GLY B 601 -75.48 44.10 40.58
N ARG B 602 -75.06 42.85 40.80
CA ARG B 602 -73.76 42.39 40.30
C ARG B 602 -73.64 42.51 38.78
N HIS B 603 -74.70 42.19 38.05
CA HIS B 603 -74.69 42.28 36.58
C HIS B 603 -73.63 41.39 35.96
N ALA B 604 -73.71 40.07 36.15
CA ALA B 604 -72.84 39.14 35.45
C ALA B 604 -73.36 38.75 34.08
N VAL B 605 -74.55 39.16 33.72
CA VAL B 605 -75.22 38.66 32.53
C VAL B 605 -74.79 39.49 31.33
N TYR B 606 -74.80 38.88 30.16
CA TYR B 606 -74.37 39.59 28.96
C TYR B 606 -75.55 40.20 28.20
N LEU B 607 -76.68 39.50 28.14
CA LEU B 607 -77.89 40.11 27.60
C LEU B 607 -79.03 40.21 28.60
N HIS B 608 -79.53 39.09 29.11
CA HIS B 608 -80.81 39.10 29.84
C HIS B 608 -80.95 37.82 30.64
N ASN B 609 -82.03 37.76 31.40
CA ASN B 609 -82.29 36.66 32.32
C ASN B 609 -83.59 35.95 31.94
N ASP B 610 -83.59 34.63 32.03
CA ASP B 610 -84.81 33.86 31.77
C ASP B 610 -85.33 33.14 33.00
N PHE B 611 -84.58 32.17 33.47
CA PHE B 611 -84.99 31.39 34.64
C PHE B 611 -83.91 31.39 35.70
N CYS B 612 -84.34 31.27 36.95
CA CYS B 612 -83.42 31.26 38.07
C CYS B 612 -83.98 30.40 39.18
N LEU B 613 -83.10 29.91 40.06
CA LEU B 613 -83.49 29.09 41.19
C LEU B 613 -82.59 29.35 42.39
N ILE B 614 -83.12 29.00 43.56
CA ILE B 614 -82.46 29.22 44.85
C ILE B 614 -82.24 27.87 45.52
N ALA B 615 -81.03 27.66 46.06
CA ALA B 615 -80.67 26.37 46.64
C ALA B 615 -81.34 26.20 48.01
N LEU B 616 -81.21 24.99 48.57
CA LEU B 616 -81.66 24.70 49.93
C LEU B 616 -80.74 25.36 50.96
N ALA B 617 -79.46 24.98 50.95
CA ALA B 617 -78.42 25.84 51.48
C ALA B 617 -78.23 26.89 50.39
N SER B 618 -79.04 27.94 50.48
CA SER B 618 -79.38 28.77 49.32
C SER B 618 -78.17 29.49 48.75
N GLY B 619 -76.98 29.23 49.30
CA GLY B 619 -75.74 29.78 48.80
C GLY B 619 -75.66 29.81 47.29
N GLN B 620 -75.83 28.66 46.66
CA GLN B 620 -75.68 28.54 45.22
C GLN B 620 -76.99 28.96 44.56
N ILE B 621 -76.96 30.10 43.87
CA ILE B 621 -78.10 30.53 43.08
C ILE B 621 -77.73 30.44 41.60
N LEU B 622 -78.39 29.54 40.88
CA LEU B 622 -78.02 29.24 39.51
C LEU B 622 -78.43 30.37 38.56
N LEU B 623 -78.00 30.22 37.31
CA LEU B 623 -78.33 31.16 36.26
C LEU B 623 -78.60 30.39 34.98
N THR B 624 -79.84 30.39 34.50
CA THR B 624 -80.09 29.86 33.16
C THR B 624 -80.95 30.95 32.56
N ASP B 625 -80.22 31.85 31.91
CA ASP B 625 -80.62 33.09 31.28
C ASP B 625 -81.10 32.85 29.86
N VAL B 626 -81.10 33.89 29.04
CA VAL B 626 -81.09 33.73 27.59
C VAL B 626 -79.70 33.25 27.23
N SER B 627 -78.87 33.05 28.26
CA SER B 627 -77.46 32.73 28.12
C SER B 627 -77.29 31.36 27.50
N LEU B 628 -76.15 31.18 26.85
CA LEU B 628 -75.70 29.88 26.38
C LEU B 628 -74.75 29.28 27.41
N GLU B 629 -75.20 29.28 28.66
CA GLU B 629 -74.26 28.99 29.72
C GLU B 629 -75.01 28.79 31.04
N GLY B 630 -74.49 27.89 31.87
CA GLY B 630 -74.97 27.77 33.22
C GLY B 630 -73.88 28.16 34.20
N GLU B 631 -74.08 29.26 34.91
CA GLU B 631 -73.06 29.81 35.78
C GLU B 631 -73.54 29.79 37.22
N ASP B 632 -72.64 29.48 38.16
CA ASP B 632 -73.02 29.40 39.58
C ASP B 632 -72.29 30.40 40.47
N THR B 633 -73.04 31.07 41.34
CA THR B 633 -72.47 32.06 42.25
C THR B 633 -72.79 31.74 43.72
N TYR B 634 -72.95 32.79 44.52
CA TYR B 634 -73.23 32.63 45.94
C TYR B 634 -74.26 33.66 46.39
N LEU B 635 -74.86 33.42 47.56
CA LEU B 635 -75.78 34.38 48.17
C LEU B 635 -75.10 35.72 48.45
N LEU B 636 -74.18 35.72 49.40
CA LEU B 636 -73.60 36.94 49.94
C LEU B 636 -72.23 37.24 49.36
N ARG B 637 -71.74 36.42 48.43
CA ARG B 637 -70.41 36.64 47.89
C ARG B 637 -70.39 36.60 46.37
N ASP B 638 -71.29 35.81 45.77
CA ASP B 638 -71.30 35.59 44.32
C ASP B 638 -69.98 34.99 43.85
N GLU B 639 -69.37 34.13 44.65
CA GLU B 639 -68.01 33.67 44.42
C GLU B 639 -67.95 32.22 43.94
N SER B 640 -69.08 31.62 43.58
CA SER B 640 -69.07 30.22 43.15
C SER B 640 -68.31 30.10 41.83
N ASP B 641 -67.68 28.93 41.63
CA ASP B 641 -66.67 28.79 40.61
C ASP B 641 -67.26 28.50 39.24
N SER B 642 -68.15 27.51 39.16
CA SER B 642 -68.43 26.83 37.91
C SER B 642 -69.27 27.68 36.95
N SER B 643 -69.00 27.46 35.66
CA SER B 643 -69.77 28.07 34.58
C SER B 643 -69.50 27.23 33.35
N ASP B 644 -70.52 26.56 32.83
CA ASP B 644 -70.33 25.55 31.81
C ASP B 644 -71.21 25.82 30.60
N ILE B 645 -70.66 25.48 29.42
CA ILE B 645 -71.40 25.54 28.16
C ILE B 645 -72.39 24.40 28.12
N LEU B 646 -73.65 24.69 28.40
CA LEU B 646 -74.65 23.65 28.57
C LEU B 646 -75.16 23.16 27.22
N ARG B 647 -75.80 24.04 26.47
CA ARG B 647 -76.43 23.69 25.21
C ARG B 647 -76.32 24.87 24.26
N MET B 648 -77.12 24.82 23.21
CA MET B 648 -77.03 25.75 22.09
C MET B 648 -78.38 26.39 21.80
N ALA B 649 -79.05 26.85 22.86
CA ALA B 649 -80.40 27.40 22.72
C ALA B 649 -80.59 28.51 23.75
N VAL B 650 -81.84 28.90 23.97
CA VAL B 650 -82.19 29.86 25.01
C VAL B 650 -82.99 29.12 26.07
N PHE B 651 -82.62 29.30 27.33
CA PHE B 651 -83.29 28.64 28.46
C PHE B 651 -84.74 29.07 28.64
N ASN B 652 -85.52 28.18 29.22
CA ASN B 652 -86.92 28.44 29.51
C ASN B 652 -87.18 28.31 31.00
N GLN B 653 -86.76 27.19 31.57
CA GLN B 653 -86.91 26.92 33.02
C GLN B 653 -85.91 25.84 33.44
N GLN B 654 -85.89 25.43 34.72
CA GLN B 654 -84.98 24.39 35.22
C GLN B 654 -85.42 23.91 36.60
N LYS B 655 -85.32 22.62 36.89
CA LYS B 655 -85.68 22.21 38.23
C LYS B 655 -84.52 21.48 38.88
N HIS B 656 -84.47 21.55 40.20
CA HIS B 656 -83.44 20.88 40.99
C HIS B 656 -83.86 19.46 41.34
N LEU B 657 -83.13 18.86 42.26
CA LEU B 657 -83.70 17.80 43.08
C LEU B 657 -84.23 18.38 44.37
N ILE B 658 -85.05 17.59 45.06
CA ILE B 658 -85.43 17.94 46.42
C ILE B 658 -84.21 17.85 47.32
N THR B 659 -83.18 17.14 46.89
CA THR B 659 -81.89 17.13 47.56
C THR B 659 -80.84 17.88 46.76
N LEU B 660 -81.23 18.50 45.65
CA LEU B 660 -80.36 19.29 44.77
C LEU B 660 -79.25 18.46 44.15
N HIS B 661 -79.20 17.16 44.44
CA HIS B 661 -78.08 16.34 43.98
C HIS B 661 -78.02 16.27 42.47
N CYS B 662 -79.13 16.53 41.79
CA CYS B 662 -79.20 16.50 40.35
C CYS B 662 -80.23 17.51 39.90
N ASN B 663 -80.24 17.77 38.60
CA ASN B 663 -81.17 18.70 37.98
C ASN B 663 -80.95 18.67 36.48
N GLY B 664 -81.66 19.67 35.93
CA GLY B 664 -81.70 20.10 34.56
C GLY B 664 -82.67 21.21 34.09
N SER B 665 -82.12 22.31 33.53
CA SER B 665 -82.86 23.39 32.77
C SER B 665 -83.16 22.76 31.35
N VAL B 666 -84.16 23.25 30.61
CA VAL B 666 -84.47 22.77 29.27
C VAL B 666 -84.09 23.86 28.27
N LYS B 667 -84.60 23.78 27.05
CA LYS B 667 -84.25 24.77 26.02
C LYS B 667 -85.42 25.02 25.09
N LEU B 668 -85.16 25.73 24.00
CA LEU B 668 -86.19 26.03 23.02
C LEU B 668 -86.67 24.71 22.41
N TRP B 669 -85.74 23.76 22.29
CA TRP B 669 -86.05 22.45 21.76
C TRP B 669 -86.55 21.49 22.82
N SER B 670 -86.73 21.95 24.06
CA SER B 670 -87.26 21.12 25.14
C SER B 670 -86.41 19.86 25.33
N LEU B 671 -85.15 20.06 25.70
CA LEU B 671 -84.19 18.98 25.88
C LEU B 671 -83.69 19.05 27.31
N TRP B 672 -83.32 17.91 27.87
CA TRP B 672 -82.90 17.88 29.28
C TRP B 672 -81.43 17.59 29.54
N PRO B 673 -80.83 18.41 30.43
CA PRO B 673 -79.46 18.31 30.88
C PRO B 673 -79.47 17.78 32.32
N ASP B 674 -79.30 16.48 32.49
CA ASP B 674 -79.30 15.89 33.82
C ASP B 674 -78.03 16.30 34.56
N CYS B 675 -77.98 17.55 35.01
CA CYS B 675 -76.81 18.05 35.70
C CYS B 675 -76.92 17.76 37.18
N PRO B 676 -75.80 17.60 37.88
CA PRO B 676 -75.86 17.28 39.31
C PRO B 676 -75.84 18.51 40.18
N GLY B 677 -76.00 18.28 41.47
CA GLY B 677 -76.06 19.34 42.45
C GLY B 677 -74.70 19.79 42.90
N ARG B 678 -73.66 19.35 42.21
CA ARG B 678 -72.30 19.73 42.53
C ARG B 678 -71.81 20.84 41.61
N ARG B 679 -70.50 20.97 41.46
CA ARG B 679 -69.91 21.99 40.60
C ARG B 679 -69.37 21.38 39.31
N HIS B 680 -69.86 20.19 38.96
CA HIS B 680 -69.43 19.51 37.75
C HIS B 680 -70.34 19.83 36.58
N SER B 681 -70.20 19.05 35.51
CA SER B 681 -71.01 19.25 34.30
C SER B 681 -72.31 18.47 34.38
N GLY B 682 -73.02 18.40 33.25
CA GLY B 682 -74.28 17.70 33.18
C GLY B 682 -74.20 16.43 32.35
N GLY B 683 -74.82 15.36 32.85
CA GLY B 683 -74.82 14.08 32.17
C GLY B 683 -76.17 13.74 31.58
N LYS B 685 -78.78 12.81 29.50
CA LYS B 685 -79.52 13.78 28.70
C LYS B 685 -80.60 13.07 27.88
N GLN B 686 -81.80 13.66 27.88
CA GLN B 686 -82.94 13.05 27.21
C GLN B 686 -83.73 14.10 26.44
N GLN B 687 -84.22 13.70 25.27
CA GLN B 687 -85.00 14.53 24.37
C GLN B 687 -85.63 13.65 23.30
N LEU B 688 -86.96 13.56 23.28
CA LEU B 688 -87.65 12.74 22.31
C LEU B 688 -88.18 13.57 21.14
N VAL B 693 -89.64 20.00 26.85
CA VAL B 693 -89.99 20.16 28.26
C VAL B 693 -91.23 21.02 28.44
N LYS B 694 -92.04 20.72 29.46
CA LYS B 694 -93.28 21.47 29.70
C LYS B 694 -93.86 21.35 31.11
N ARG B 695 -93.58 20.24 31.79
CA ARG B 695 -94.17 20.01 33.12
C ARG B 695 -93.27 20.02 34.36
N PHE B 696 -92.46 18.96 34.50
CA PHE B 696 -91.54 18.67 35.63
C PHE B 696 -92.27 18.25 36.91
N ILE B 697 -91.95 17.05 37.40
CA ILE B 697 -92.62 16.48 38.58
C ILE B 697 -91.70 15.53 39.33
N GLY B 698 -91.19 15.83 40.55
CA GLY B 698 -90.35 14.79 41.10
C GLY B 698 -91.11 13.90 42.06
N SER B 699 -90.54 13.72 43.23
CA SER B 699 -91.21 13.02 44.30
C SER B 699 -90.90 13.87 45.52
N TYR B 700 -91.87 13.97 46.41
CA TYR B 700 -91.79 14.90 47.52
C TYR B 700 -91.38 14.24 48.83
N ALA B 701 -90.96 12.98 48.80
CA ALA B 701 -90.42 12.32 49.97
C ALA B 701 -89.03 11.80 49.64
N ASN B 702 -88.15 11.78 50.63
CA ASN B 702 -86.81 11.26 50.41
C ASN B 702 -86.79 9.74 50.55
N LEU B 703 -87.73 9.07 49.87
CA LEU B 703 -87.78 7.62 49.83
C LEU B 703 -87.69 7.08 48.41
N LYS B 704 -88.55 7.53 47.51
CA LYS B 704 -88.50 7.18 46.12
C LYS B 704 -88.14 8.42 45.32
N ILE B 705 -87.41 8.22 44.23
CA ILE B 705 -87.04 9.30 43.32
C ILE B 705 -87.97 9.31 42.10
N VAL B 706 -88.99 8.46 42.12
CA VAL B 706 -89.96 8.34 41.01
C VAL B 706 -90.63 9.68 40.71
N ALA B 707 -90.48 10.16 39.48
CA ALA B 707 -91.03 11.48 39.10
C ALA B 707 -91.97 11.52 37.88
N PHE B 708 -93.25 11.66 38.18
CA PHE B 708 -94.30 11.72 37.17
C PHE B 708 -94.13 12.88 36.19
N TYR B 709 -93.17 12.80 35.30
CA TYR B 709 -93.04 13.88 34.35
C TYR B 709 -93.92 13.61 33.13
N LEU B 710 -93.63 14.52 32.19
CA LEU B 710 -94.14 14.69 30.83
C LEU B 710 -93.08 15.45 29.95
N ASN B 711 -93.23 15.31 28.63
CA ASN B 711 -92.45 15.84 27.50
C ASN B 711 -93.11 15.36 26.18
N GLU B 712 -93.49 16.30 25.31
CA GLU B 712 -94.18 16.03 24.03
C GLU B 712 -93.78 14.76 23.26
N ASP B 713 -94.32 13.63 23.73
CA ASP B 713 -94.12 12.28 23.20
C ASP B 713 -94.98 11.36 24.06
N ALA B 714 -95.74 10.48 23.43
CA ALA B 714 -96.58 9.57 24.18
C ALA B 714 -95.77 8.73 25.16
N GLY B 715 -96.25 8.65 26.40
CA GLY B 715 -95.57 7.89 27.44
C GLY B 715 -94.99 8.76 28.53
N LEU B 716 -95.52 8.62 29.76
CA LEU B 716 -95.03 9.39 30.90
C LEU B 716 -93.82 8.70 31.50
N PRO B 717 -92.74 9.44 31.76
CA PRO B 717 -91.54 8.82 32.30
C PRO B 717 -91.28 9.16 33.76
N GLU B 718 -91.78 8.34 34.69
CA GLU B 718 -91.53 8.59 36.11
C GLU B 718 -90.01 8.60 36.33
N ALA B 719 -89.40 9.77 36.15
CA ALA B 719 -87.96 9.94 36.29
C ALA B 719 -87.37 9.32 37.57
N ASN B 720 -86.21 8.69 37.41
CA ASN B 720 -85.52 8.05 38.53
C ASN B 720 -84.03 8.36 38.48
N ILE B 721 -83.54 9.07 39.49
CA ILE B 721 -82.13 9.45 39.57
C ILE B 721 -81.27 8.20 39.58
N GLN B 722 -81.43 7.38 40.63
CA GLN B 722 -80.66 6.12 40.72
C GLN B 722 -80.54 5.27 39.44
N LEU B 723 -81.65 5.08 38.73
CA LEU B 723 -81.64 4.29 37.50
C LEU B 723 -81.57 5.23 36.31
N HIS B 724 -81.30 4.69 35.13
CA HIS B 724 -81.17 5.52 33.94
C HIS B 724 -82.51 5.67 33.24
N VAL B 725 -83.34 4.65 33.40
CA VAL B 725 -84.69 4.64 32.82
C VAL B 725 -85.72 5.01 33.88
N ALA B 726 -85.23 5.52 35.02
CA ALA B 726 -86.07 5.92 36.16
C ALA B 726 -86.96 4.76 36.59
N PHE B 727 -86.34 3.60 36.74
CA PHE B 727 -86.98 2.33 37.10
C PHE B 727 -88.07 1.93 36.10
N ILE B 728 -87.79 2.18 34.82
CA ILE B 728 -88.66 1.92 33.66
C ILE B 728 -90.02 2.63 33.71
N ASN B 729 -90.05 3.84 33.13
CA ASN B 729 -91.19 4.76 33.05
C ASN B 729 -92.09 4.68 34.29
N GLY B 730 -91.50 4.27 35.41
CA GLY B 730 -92.27 4.07 36.62
C GLY B 730 -93.17 2.85 36.49
N ASP B 731 -94.21 3.06 35.65
CA ASP B 731 -95.32 2.18 35.24
C ASP B 731 -96.38 2.94 34.40
N VAL B 732 -96.39 4.28 34.53
CA VAL B 732 -97.37 5.17 33.88
C VAL B 732 -97.55 5.21 32.35
N SER B 733 -98.54 6.00 31.90
CA SER B 733 -98.88 6.18 30.48
C SER B 733 -99.65 7.49 30.20
N ILE B 734 -99.76 7.82 28.90
CA ILE B 734 -100.44 9.00 28.28
C ILE B 734 -99.68 10.35 28.25
N LEU B 735 -99.88 11.11 27.16
CA LEU B 735 -99.22 12.41 26.95
C LEU B 735 -99.84 13.28 25.84
N ASN B 736 -100.33 14.48 26.18
CA ASN B 736 -100.94 15.41 25.20
C ASN B 736 -101.11 16.86 25.70
N TRP B 737 -101.84 17.66 24.91
CA TRP B 737 -102.18 19.07 25.21
C TRP B 737 -101.02 20.08 25.30
N ASP B 738 -101.27 21.22 25.96
CA ASP B 738 -100.24 22.24 26.16
C ASP B 738 -99.41 21.80 27.35
N GLU B 739 -99.66 22.33 28.55
CA GLU B 739 -98.89 21.95 29.76
C GLU B 739 -99.84 21.72 30.95
N GLN B 740 -99.31 21.31 32.11
CA GLN B 740 -100.15 21.00 33.27
C GLN B 740 -99.38 21.00 34.60
N ASP B 741 -99.71 20.05 35.46
CA ASP B 741 -99.08 19.91 36.75
C ASP B 741 -99.07 18.46 37.25
N GLN B 742 -99.97 18.16 38.18
CA GLN B 742 -100.06 16.86 38.78
C GLN B 742 -101.42 16.60 39.42
N GLU B 743 -101.36 16.40 40.76
CA GLU B 743 -102.37 15.93 41.73
C GLU B 743 -101.84 14.81 42.65
N PHE B 744 -102.73 14.00 43.20
CA PHE B 744 -102.34 12.91 44.08
C PHE B 744 -101.60 11.82 43.33
N SER B 747 -103.16 10.10 41.10
CA SER B 747 -104.20 9.46 40.30
C SER B 747 -104.93 10.48 39.42
N HIS B 748 -104.83 11.75 39.80
CA HIS B 748 -105.48 12.82 39.05
C HIS B 748 -104.44 13.66 38.30
N VAL B 749 -104.90 14.41 37.30
CA VAL B 749 -104.02 15.24 36.50
C VAL B 749 -104.73 16.50 36.00
N PRO B 750 -104.05 17.65 36.08
CA PRO B 750 -104.55 18.93 35.65
C PRO B 750 -103.97 19.21 34.29
N VAL B 751 -104.71 19.99 33.51
CA VAL B 751 -104.27 20.41 32.18
C VAL B 751 -103.92 21.90 32.22
N LEU B 752 -104.71 22.67 31.46
CA LEU B 752 -104.69 24.15 31.20
C LEU B 752 -103.88 24.53 29.95
N LYS B 753 -104.63 24.68 28.87
CA LYS B 753 -104.18 25.02 27.53
C LYS B 753 -104.56 26.40 27.02
N THR B 754 -104.10 26.63 25.79
CA THR B 754 -104.28 27.85 25.01
C THR B 754 -105.64 28.47 25.19
N MET B 755 -106.69 27.65 25.06
CA MET B 755 -108.06 28.14 24.93
C MET B 755 -108.57 28.70 26.25
N GLN B 756 -107.67 28.92 27.21
CA GLN B 756 -108.00 29.56 28.48
C GLN B 756 -108.92 28.65 29.28
N SER B 757 -108.48 27.41 29.45
CA SER B 757 -109.30 26.40 30.10
C SER B 757 -108.40 25.45 30.87
N GLY B 758 -109.07 24.56 31.62
CA GLY B 758 -108.47 23.50 32.40
C GLY B 758 -109.51 22.39 32.43
N ILE B 759 -109.16 21.18 31.99
CA ILE B 759 -110.14 20.09 31.93
C ILE B 759 -109.81 18.74 32.57
N ARG B 760 -108.61 18.61 33.13
CA ARG B 760 -108.15 17.38 33.81
C ARG B 760 -108.09 16.05 33.00
N CYS B 761 -107.84 14.97 33.73
CA CYS B 761 -107.68 13.59 33.19
C CYS B 761 -107.60 12.40 34.18
N PHE B 762 -108.41 11.35 33.92
CA PHE B 762 -108.27 10.15 34.74
C PHE B 762 -106.91 9.51 34.50
N VAL B 763 -106.07 9.40 35.53
CA VAL B 763 -104.83 8.64 35.39
C VAL B 763 -105.13 7.16 35.21
N GLN B 764 -105.98 6.61 36.08
CA GLN B 764 -106.22 5.17 36.08
C GLN B 764 -107.07 4.73 34.90
N VAL B 765 -107.65 5.67 34.16
CA VAL B 765 -108.52 5.33 33.03
C VAL B 765 -108.07 5.98 31.73
N LEU B 766 -107.24 7.03 31.75
CA LEU B 766 -106.96 7.87 30.59
C LEU B 766 -108.26 8.48 30.05
N LYS B 767 -109.21 8.73 30.94
CA LYS B 767 -110.44 9.42 30.63
C LYS B 767 -110.33 10.85 31.15
N ARG B 768 -111.27 11.70 30.74
CA ARG B 768 -111.22 13.12 31.08
C ARG B 768 -112.14 13.42 32.27
N TYR B 769 -111.57 14.09 33.24
CA TYR B 769 -112.36 14.43 34.36
C TYR B 769 -113.32 15.55 34.01
N TYR B 770 -112.89 16.82 33.98
CA TYR B 770 -113.86 17.95 33.77
C TYR B 770 -113.43 19.29 33.12
N VAL B 771 -114.19 19.74 32.13
CA VAL B 771 -113.89 20.97 31.44
C VAL B 771 -114.22 22.18 32.29
N VAL B 772 -113.37 23.21 32.21
CA VAL B 772 -113.57 24.47 32.90
C VAL B 772 -112.76 25.54 32.16
N CYS B 773 -113.45 26.44 31.47
CA CYS B 773 -112.78 27.48 30.72
C CYS B 773 -112.62 28.73 31.56
N THR B 774 -111.40 29.27 31.62
CA THR B 774 -111.19 30.56 32.25
C THR B 774 -111.72 31.63 31.31
N SER B 775 -112.99 31.99 31.49
CA SER B 775 -113.63 32.99 30.65
C SER B 775 -113.34 34.41 31.12
N ASN B 776 -112.22 34.60 31.82
CA ASN B 776 -111.81 35.87 32.39
C ASN B 776 -111.60 36.95 31.35
N CYS B 777 -111.75 36.63 30.06
CA CYS B 777 -111.61 37.64 29.02
C CYS B 777 -112.66 38.73 29.21
N THR B 778 -112.22 39.98 29.17
CA THR B 778 -113.10 41.12 29.37
C THR B 778 -112.70 42.27 28.44
N LEU B 794 -97.87 30.10 33.77
CA LEU B 794 -98.98 30.71 34.47
C LEU B 794 -99.95 29.66 35.01
N HIS B 795 -99.41 28.51 35.40
CA HIS B 795 -100.21 27.41 35.92
C HIS B 795 -99.33 26.45 36.71
N VAL B 796 -99.41 26.51 38.03
CA VAL B 796 -98.63 25.63 38.89
C VAL B 796 -99.38 25.22 40.15
N PHE B 797 -98.95 24.15 40.83
CA PHE B 797 -99.65 23.85 42.08
C PHE B 797 -99.03 24.65 43.17
N ASN B 798 -99.64 24.47 44.31
CA ASN B 798 -99.18 25.25 45.47
C ASN B 798 -98.08 24.63 46.36
N VAL B 799 -98.00 25.11 47.60
CA VAL B 799 -97.05 24.57 48.59
C VAL B 799 -97.14 23.04 48.75
N GLU B 800 -98.34 22.53 49.07
CA GLU B 800 -98.57 21.09 49.19
C GLU B 800 -98.99 20.53 47.81
N ASN B 801 -99.25 19.25 47.65
CA ASN B 801 -99.62 18.80 46.31
C ASN B 801 -101.11 18.91 45.97
N ASP B 802 -101.92 19.43 46.91
CA ASP B 802 -103.37 19.33 46.70
C ASP B 802 -104.07 20.50 45.99
N THR B 803 -103.51 21.69 46.10
CA THR B 803 -104.11 22.90 45.54
C THR B 803 -103.43 23.37 44.26
N PRO B 804 -104.25 23.70 43.25
CA PRO B 804 -103.79 24.14 41.93
C PRO B 804 -103.89 25.58 41.66
N LEU B 805 -102.85 26.35 41.33
CA LEU B 805 -103.29 27.69 40.98
C LEU B 805 -102.99 27.94 39.51
N ALA B 806 -104.01 28.37 38.77
CA ALA B 806 -104.00 28.38 37.31
C ALA B 806 -104.26 29.80 36.79
N LEU B 807 -103.18 30.55 36.57
CA LEU B 807 -103.33 31.88 36.00
C LEU B 807 -103.64 31.82 34.52
N ASP B 808 -104.76 32.44 34.14
CA ASP B 808 -105.15 32.53 32.75
C ASP B 808 -105.75 33.91 32.51
N VAL B 809 -105.64 34.35 31.26
CA VAL B 809 -106.25 35.60 30.81
C VAL B 809 -105.82 36.73 31.72
N PHE B 810 -106.50 36.89 32.84
CA PHE B 810 -106.11 37.83 33.87
C PHE B 810 -106.28 37.30 35.28
N ASP B 811 -106.72 36.05 35.44
CA ASP B 811 -107.14 35.56 36.75
C ASP B 811 -106.62 34.15 36.96
N GLU B 812 -106.43 33.80 38.23
CA GLU B 812 -105.97 32.48 38.60
C GLU B 812 -107.16 31.57 38.88
N ARG B 813 -106.86 30.27 38.97
CA ARG B 813 -107.88 29.26 39.26
C ARG B 813 -107.32 28.11 40.11
N SER B 814 -107.50 28.20 41.43
CA SER B 814 -107.02 27.17 42.36
C SER B 814 -108.05 26.05 42.45
N LYS B 815 -107.64 24.88 42.95
CA LYS B 815 -108.55 23.73 43.06
C LYS B 815 -108.57 23.01 44.41
N THR B 816 -109.50 23.40 45.27
CA THR B 816 -109.76 22.87 46.61
C THR B 816 -108.58 22.23 47.33
N ALA B 817 -108.56 20.90 47.30
CA ALA B 817 -107.55 20.02 47.85
C ALA B 817 -107.63 18.79 46.94
N THR B 818 -107.58 17.59 47.50
CA THR B 818 -107.63 16.37 46.68
C THR B 818 -109.00 15.89 46.14
N VAL B 819 -109.92 16.81 45.82
CA VAL B 819 -111.23 16.45 45.29
C VAL B 819 -111.84 17.42 44.26
N LEU B 820 -112.24 18.62 44.68
CA LEU B 820 -112.90 19.56 43.77
C LEU B 820 -112.12 20.62 42.98
N LEU B 821 -112.87 21.24 42.07
CA LEU B 821 -112.48 22.32 41.16
C LEU B 821 -112.56 23.80 41.63
N ILE B 822 -113.63 24.16 42.30
CA ILE B 822 -113.81 25.53 42.78
C ILE B 822 -113.06 25.75 44.10
N PHE B 823 -112.38 26.88 44.21
CA PHE B 823 -111.63 27.19 45.42
C PHE B 823 -111.41 28.70 45.60
N LYS B 824 -110.41 29.24 44.90
CA LYS B 824 -110.10 30.66 45.01
C LYS B 824 -110.07 31.39 43.67
N TYR B 825 -110.28 32.70 43.72
CA TYR B 825 -110.27 33.55 42.54
C TYR B 825 -109.75 34.93 42.92
N SER B 826 -108.49 34.98 43.37
CA SER B 826 -107.85 36.22 43.78
C SER B 826 -107.99 37.27 42.69
N VAL B 827 -108.42 38.47 43.08
CA VAL B 827 -108.62 39.56 42.14
C VAL B 827 -107.85 40.78 42.63
N TRP B 828 -107.50 41.67 41.71
CA TRP B 828 -106.88 42.95 42.03
C TRP B 828 -107.73 43.75 43.03
N PHE B 832 -104.06 43.51 34.12
CA PHE B 832 -103.17 43.17 33.02
C PHE B 832 -102.92 41.68 32.95
N LEU B 833 -102.40 41.23 31.82
CA LEU B 833 -102.09 39.82 31.63
C LEU B 833 -101.07 39.39 32.67
N PRO B 834 -101.24 38.24 33.31
CA PRO B 834 -100.17 37.72 34.17
C PRO B 834 -98.95 37.39 33.32
N GLY B 835 -97.78 37.81 33.80
CA GLY B 835 -96.55 37.45 33.12
C GLY B 835 -95.99 36.13 33.58
N LEU B 836 -96.36 35.70 34.78
CA LEU B 836 -95.96 34.39 35.29
C LEU B 836 -96.95 33.94 36.34
N SER B 837 -96.86 32.65 36.68
CA SER B 837 -97.50 32.11 37.87
C SER B 837 -96.54 31.12 38.50
N VAL B 838 -95.92 31.50 39.62
CA VAL B 838 -95.06 30.57 40.35
C VAL B 838 -95.46 30.59 41.82
N SER B 839 -95.42 29.42 42.45
CA SER B 839 -95.79 29.27 43.84
C SER B 839 -94.53 29.22 44.70
N LEU B 840 -94.69 29.51 45.98
CA LEU B 840 -93.59 29.53 46.92
C LEU B 840 -93.63 28.28 47.80
N GLN B 841 -92.74 28.26 48.78
CA GLN B 841 -92.49 27.05 49.55
C GLN B 841 -93.27 26.99 50.86
N SER B 842 -94.14 27.96 51.13
CA SER B 842 -94.88 28.00 52.39
C SER B 842 -96.17 28.78 52.20
N GLU B 843 -97.26 28.26 52.77
CA GLU B 843 -98.57 28.91 52.77
C GLU B 843 -99.05 29.23 51.35
N ALA B 844 -98.52 28.49 50.37
CA ALA B 844 -99.01 28.53 48.98
C ALA B 844 -98.97 29.96 48.41
N VAL B 845 -98.16 30.81 49.02
CA VAL B 845 -98.02 32.18 48.54
C VAL B 845 -97.41 32.16 47.14
N GLN B 846 -97.83 33.10 46.30
CA GLN B 846 -97.27 33.22 44.96
C GLN B 846 -96.79 34.63 44.67
N LEU B 847 -96.17 34.78 43.50
CA LEU B 847 -95.53 36.01 43.07
C LEU B 847 -96.01 36.36 41.68
N PRO B 848 -97.27 36.76 41.54
CA PRO B 848 -97.84 36.98 40.20
C PRO B 848 -97.29 38.23 39.54
N GLU B 849 -97.40 38.26 38.21
CA GLU B 849 -97.01 39.44 37.44
C GLU B 849 -98.23 40.17 36.89
N ILE B 853 -96.19 45.64 33.86
CA ILE B 853 -94.75 45.48 34.07
C ILE B 853 -94.49 45.18 35.54
N THR B 854 -94.45 46.23 36.34
CA THR B 854 -94.26 46.09 37.78
C THR B 854 -95.40 45.28 38.37
N CYS B 855 -95.08 44.43 39.34
CA CYS B 855 -95.99 43.40 39.79
C CYS B 855 -96.32 43.54 41.27
N GLY B 856 -97.37 42.84 41.67
CA GLY B 856 -97.71 42.67 43.07
C GLY B 856 -97.74 41.19 43.41
N LYS B 857 -97.46 40.88 44.67
CA LYS B 857 -97.46 39.51 45.17
C LYS B 857 -98.56 39.36 46.21
N ARG B 858 -99.07 38.13 46.33
CA ARG B 858 -100.30 37.89 47.07
C ARG B 858 -100.12 36.77 48.09
N SER B 859 -100.98 36.79 49.11
CA SER B 859 -101.08 35.72 50.09
C SER B 859 -102.26 34.85 49.68
N THR B 860 -101.97 33.82 48.90
CA THR B 860 -103.03 32.91 48.48
C THR B 860 -103.57 32.15 49.69
N ASP B 861 -104.88 31.98 49.69
CA ASP B 861 -105.57 31.23 50.74
C ASP B 861 -105.30 31.82 52.12
N ARG B 863 -106.73 35.67 49.06
CA ARG B 863 -106.97 36.38 47.82
C ARG B 863 -106.62 37.86 47.93
N TYR B 864 -105.49 38.16 48.53
CA TYR B 864 -105.10 39.54 48.78
C TYR B 864 -103.66 39.78 48.35
N LEU B 865 -103.43 40.92 47.71
CA LEU B 865 -102.08 41.33 47.32
C LEU B 865 -101.24 41.55 48.57
N LEU B 866 -100.24 40.68 48.78
CA LEU B 866 -99.33 40.85 49.91
C LEU B 866 -98.60 42.19 49.80
N LEU B 867 -97.99 42.44 48.65
CA LEU B 867 -97.13 43.60 48.47
C LEU B 867 -97.14 43.98 46.99
N GLY B 868 -96.49 45.10 46.70
CA GLY B 868 -96.21 45.46 45.33
C GLY B 868 -94.74 45.74 45.18
N THR B 869 -94.04 44.95 44.37
CA THR B 869 -92.59 44.99 44.31
C THR B 869 -92.15 45.74 43.05
N SER B 870 -91.42 46.84 43.25
CA SER B 870 -90.83 47.59 42.15
C SER B 870 -89.40 47.10 41.98
N GLU B 871 -89.27 45.89 41.46
CA GLU B 871 -87.97 45.25 41.25
C GLU B 871 -87.60 45.21 39.77
N GLY B 872 -88.17 46.11 38.97
CA GLY B 872 -87.85 46.18 37.56
C GLY B 872 -88.65 47.22 36.80
N LEU B 873 -88.20 47.56 35.60
CA LEU B 873 -88.88 48.52 34.76
C LEU B 873 -89.13 47.93 33.36
N ILE B 874 -88.21 47.09 32.90
CA ILE B 874 -88.43 46.34 31.67
C ILE B 874 -89.25 45.11 32.04
N VAL B 875 -89.83 44.44 31.03
CA VAL B 875 -90.78 43.36 31.26
C VAL B 875 -90.25 42.38 32.28
N TYR B 876 -91.04 42.13 33.31
CA TYR B 876 -90.66 41.22 34.36
C TYR B 876 -90.67 39.80 33.83
N ASP B 877 -89.59 39.06 34.05
CA ASP B 877 -89.45 37.73 33.46
C ASP B 877 -89.83 36.63 34.46
N LEU B 878 -89.13 36.55 35.59
CA LEU B 878 -89.52 35.63 36.64
C LEU B 878 -89.14 36.17 38.01
N LYS B 879 -89.45 35.35 39.03
CA LYS B 879 -89.22 35.65 40.44
C LYS B 879 -89.48 34.37 41.23
N ILE B 880 -88.59 34.06 42.17
CA ILE B 880 -88.69 32.86 42.99
C ILE B 880 -88.11 33.16 44.37
N SER B 881 -88.78 32.69 45.41
CA SER B 881 -88.47 33.11 46.77
C SER B 881 -87.57 32.11 47.48
N ASP B 882 -87.28 32.39 48.76
CA ASP B 882 -86.48 31.54 49.62
C ASP B 882 -87.28 30.33 50.08
N PRO B 883 -86.59 29.25 50.47
CA PRO B 883 -87.29 28.14 51.13
C PRO B 883 -87.98 28.59 52.40
N VAL B 884 -87.34 29.50 53.12
CA VAL B 884 -87.92 30.10 54.32
C VAL B 884 -88.93 31.18 53.94
N LEU B 885 -88.96 31.60 52.67
CA LEU B 885 -89.81 32.65 52.13
C LEU B 885 -89.52 34.01 52.76
N ARG B 886 -88.25 34.37 52.95
CA ARG B 886 -87.94 35.70 53.43
C ARG B 886 -87.58 36.66 52.29
N SER B 887 -87.22 36.14 51.12
CA SER B 887 -86.76 36.99 50.03
C SER B 887 -86.97 36.27 48.71
N ASN B 888 -87.06 37.04 47.62
CA ASN B 888 -87.16 36.48 46.28
C ASN B 888 -86.22 37.19 45.31
N VAL B 889 -85.65 36.42 44.39
CA VAL B 889 -84.92 37.02 43.29
C VAL B 889 -85.93 37.60 42.29
N SER B 890 -85.45 38.50 41.43
CA SER B 890 -86.26 39.03 40.34
C SER B 890 -85.38 39.15 39.11
N GLU B 891 -85.66 38.32 38.10
CA GLU B 891 -84.89 38.25 36.88
C GLU B 891 -85.66 38.89 35.73
N HIS B 892 -84.97 39.75 34.96
CA HIS B 892 -85.61 40.47 33.87
C HIS B 892 -84.61 40.74 32.75
N ILE B 893 -84.94 41.71 31.89
CA ILE B 893 -84.32 41.86 30.58
C ILE B 893 -83.26 42.95 30.64
N GLU B 894 -82.58 43.09 31.77
CA GLU B 894 -81.61 44.16 31.96
C GLU B 894 -80.19 43.67 32.23
N CYS B 895 -79.92 42.38 32.08
CA CYS B 895 -78.70 41.70 32.54
C CYS B 895 -78.63 41.63 34.05
N VAL B 896 -79.66 42.07 34.76
CA VAL B 896 -79.59 42.30 36.20
C VAL B 896 -80.46 41.28 36.92
N ASP B 897 -79.88 40.63 37.92
CA ASP B 897 -80.66 40.00 38.96
C ASP B 897 -80.88 40.96 40.12
N ILE B 898 -82.11 41.02 40.60
CA ILE B 898 -82.51 41.97 41.63
C ILE B 898 -83.22 41.19 42.73
N TYR B 899 -82.86 41.49 43.97
CA TYR B 899 -83.23 40.66 45.11
C TYR B 899 -83.76 41.57 46.21
N GLU B 900 -84.86 41.19 46.85
CA GLU B 900 -85.41 41.96 47.95
C GLU B 900 -85.97 41.03 49.03
N LEU B 901 -85.60 41.32 50.27
CA LEU B 901 -86.04 40.57 51.44
C LEU B 901 -87.46 40.97 51.79
N PHE B 902 -88.32 39.97 51.91
CA PHE B 902 -89.76 40.20 52.02
C PHE B 902 -90.16 41.05 53.21
N ASP B 903 -89.64 40.76 54.41
CA ASP B 903 -90.02 41.55 55.57
C ASP B 903 -89.71 43.03 55.38
N PRO B 904 -88.54 43.44 54.87
CA PRO B 904 -88.40 44.84 54.44
C PRO B 904 -89.23 45.19 53.22
N VAL B 905 -89.50 44.27 52.29
CA VAL B 905 -90.38 44.66 51.19
C VAL B 905 -91.72 45.12 51.75
N TYR B 906 -92.08 44.63 52.93
CA TYR B 906 -93.19 45.22 53.68
C TYR B 906 -92.86 46.61 54.21
N LYS B 907 -91.58 46.92 54.43
CA LYS B 907 -91.18 48.13 55.16
C LYS B 907 -90.05 48.85 54.40
N TYR B 908 -90.44 49.73 53.48
CA TYR B 908 -89.53 50.55 52.69
C TYR B 908 -89.85 52.03 52.79
N ILE B 909 -89.23 52.84 51.94
CA ILE B 909 -89.49 54.27 51.94
C ILE B 909 -90.97 54.54 51.69
N VAL B 910 -91.56 55.40 52.53
CA VAL B 910 -92.97 55.77 52.40
C VAL B 910 -93.24 56.49 51.08
N LEU B 911 -92.21 57.04 50.45
CA LEU B 911 -92.35 57.82 49.23
C LEU B 911 -92.93 56.96 48.12
N CYS B 912 -94.18 57.25 47.73
CA CYS B 912 -94.87 56.54 46.66
C CYS B 912 -95.50 57.56 45.73
N GLY B 913 -95.73 57.16 44.49
CA GLY B 913 -96.35 58.06 43.54
C GLY B 913 -96.81 57.34 42.29
N ALA B 914 -97.77 57.95 41.62
CA ALA B 914 -98.26 57.50 40.32
C ALA B 914 -97.97 58.59 39.29
N LYS B 915 -98.19 58.25 38.02
CA LYS B 915 -97.78 59.15 36.94
C LYS B 915 -98.54 60.46 36.98
N GLY B 916 -99.84 60.42 37.23
CA GLY B 916 -100.62 61.65 37.26
C GLY B 916 -100.15 62.57 38.37
N LYS B 917 -99.99 63.85 38.02
CA LYS B 917 -99.43 64.82 38.95
C LYS B 917 -99.75 66.23 38.51
N GLN B 918 -100.19 67.07 39.46
CA GLN B 918 -100.27 68.50 39.27
C GLN B 918 -99.69 69.18 40.50
N VAL B 919 -98.98 70.28 40.25
CA VAL B 919 -98.10 70.89 41.24
C VAL B 919 -98.65 72.23 41.70
N VAL B 920 -98.70 72.42 43.02
CA VAL B 920 -99.02 73.71 43.60
C VAL B 920 -97.90 74.69 43.29
N HIS B 921 -98.28 75.91 42.91
CA HIS B 921 -97.31 76.96 42.60
C HIS B 921 -97.62 78.18 43.46
N VAL B 922 -97.10 78.16 44.69
CA VAL B 922 -97.16 79.29 45.61
C VAL B 922 -95.88 79.34 46.43
N LEU B 925 -95.48 76.06 50.50
CA LEU B 925 -94.53 75.12 49.94
C LEU B 925 -94.98 74.71 48.54
N ARG B 926 -95.08 73.41 48.25
CA ARG B 926 -95.40 73.03 46.89
C ARG B 926 -96.49 71.96 46.81
N SER B 927 -96.95 71.45 47.96
CA SER B 927 -98.23 70.74 48.10
C SER B 927 -98.61 69.88 46.92
N VAL B 928 -97.67 69.07 46.43
CA VAL B 928 -97.85 68.32 45.18
C VAL B 928 -99.08 67.43 45.26
N SER B 929 -99.85 67.39 44.19
CA SER B 929 -101.02 66.53 44.08
C SER B 929 -100.76 65.40 43.08
N GLY B 930 -101.09 64.18 43.48
CA GLY B 930 -100.84 63.00 42.67
C GLY B 930 -101.99 62.01 42.70
N SER B 931 -102.22 61.30 41.59
CA SER B 931 -103.41 60.47 41.46
C SER B 931 -103.21 59.09 42.09
N ASN B 932 -104.04 58.77 43.08
CA ASN B 932 -104.17 57.46 43.73
C ASN B 932 -102.84 56.73 43.90
N SER B 933 -101.86 57.39 44.51
CA SER B 933 -100.58 56.76 44.77
C SER B 933 -100.71 55.57 45.71
N ARG B 937 -105.83 59.78 46.12
CA ARG B 937 -104.90 60.80 45.64
C ARG B 937 -104.31 61.59 46.80
N GLU B 938 -103.09 62.09 46.60
CA GLU B 938 -102.29 62.66 47.68
C GLU B 938 -102.06 64.14 47.44
N ILE B 939 -102.32 64.96 48.44
CA ILE B 939 -101.86 66.34 48.49
C ILE B 939 -100.59 66.32 49.33
N ALA B 940 -99.43 66.31 48.67
CA ALA B 940 -98.16 66.09 49.32
C ALA B 940 -97.41 67.39 49.46
N TRP B 941 -97.35 67.93 50.67
CA TRP B 941 -96.65 69.18 50.93
C TRP B 941 -95.15 68.91 50.87
N VAL B 942 -94.45 69.73 50.11
CA VAL B 942 -93.04 69.49 49.81
C VAL B 942 -92.16 70.11 50.88
N HIS B 943 -91.18 69.34 51.34
CA HIS B 943 -90.28 69.74 52.42
C HIS B 943 -91.04 70.00 53.70
N ASP B 946 -95.83 67.29 53.97
CA ASP B 946 -97.11 66.92 54.56
C ASP B 946 -98.05 66.34 53.50
N GLU B 947 -98.25 65.03 53.55
CA GLU B 947 -99.01 64.31 52.55
C GLU B 947 -100.36 63.92 53.12
N ILE B 948 -101.43 64.20 52.37
CA ILE B 948 -102.79 63.97 52.80
C ILE B 948 -103.50 63.14 51.72
N SER B 949 -103.98 61.97 52.10
CA SER B 949 -104.59 61.06 51.14
C SER B 949 -106.11 61.11 51.23
N VAL B 950 -106.76 61.29 50.09
CA VAL B 950 -108.22 61.21 50.01
C VAL B 950 -108.57 60.39 48.77
N MET B 951 -109.39 59.36 48.95
CA MET B 951 -109.77 58.44 47.88
C MET B 951 -111.21 58.66 47.46
N THR B 952 -111.47 58.46 46.17
CA THR B 952 -112.82 58.56 45.64
C THR B 952 -113.23 57.26 44.95
N CYS B 955 -109.17 57.37 37.39
CA CYS B 955 -108.22 58.15 38.15
C CYS B 955 -106.85 58.23 37.46
N LEU B 956 -106.71 59.17 36.53
CA LEU B 956 -105.44 59.34 35.84
C LEU B 956 -104.73 60.63 36.26
N GLU B 957 -105.49 61.72 36.45
CA GLU B 957 -104.84 62.98 36.77
C GLU B 957 -105.49 63.71 37.96
N PRO B 958 -104.70 64.24 38.88
CA PRO B 958 -105.26 65.10 39.92
C PRO B 958 -105.43 66.53 39.43
N ASN B 959 -106.19 67.31 40.21
CA ASN B 959 -106.42 68.72 39.93
C ASN B 959 -105.96 69.57 41.10
N VAL B 960 -105.30 70.68 40.79
CA VAL B 960 -104.97 71.68 41.80
C VAL B 960 -104.94 73.03 41.10
N TYR B 961 -104.73 74.12 41.85
CA TYR B 961 -104.72 75.46 41.28
C TYR B 961 -103.40 75.81 40.60
N LEU B 962 -102.91 74.92 39.74
CA LEU B 962 -101.75 75.18 38.89
C LEU B 962 -100.53 75.60 39.71
N MET B 966 -110.67 69.89 47.58
CA MET B 966 -110.41 70.99 46.67
C MET B 966 -109.59 70.43 45.51
N ASP B 967 -109.96 69.20 45.05
CA ASP B 967 -109.26 68.41 43.95
C ASP B 967 -109.89 67.10 43.38
N MET B 968 -109.03 66.34 42.66
CA MET B 968 -109.24 64.99 42.05
C MET B 968 -110.33 64.68 40.99
N THR B 969 -110.94 63.50 41.08
CA THR B 969 -112.06 63.10 40.21
C THR B 969 -111.98 63.27 38.69
N ARG B 970 -111.33 62.32 38.05
CA ARG B 970 -111.17 62.34 36.59
C ARG B 970 -110.90 60.94 36.05
N GLU B 971 -111.77 60.00 36.40
CA GLU B 971 -111.64 58.62 35.96
C GLU B 971 -112.22 58.41 34.57
N ARG B 972 -112.12 57.18 34.06
CA ARG B 972 -112.63 56.86 32.74
C ARG B 972 -114.14 56.60 32.78
N LEU B 975 -115.35 59.14 35.16
CA LEU B 975 -116.20 59.84 36.10
C LEU B 975 -115.61 61.21 36.44
N LEU B 976 -116.26 61.90 37.39
CA LEU B 976 -115.90 63.26 37.73
C LEU B 976 -116.54 63.61 39.07
N ALA B 977 -116.02 64.65 39.73
CA ALA B 977 -116.72 65.32 40.81
C ALA B 977 -116.54 66.83 40.75
N VAL B 978 -116.64 67.41 39.55
CA VAL B 978 -116.55 68.85 39.34
C VAL B 978 -115.22 69.39 39.85
N ASP B 979 -114.13 69.07 39.16
CA ASP B 979 -112.82 69.54 39.58
C ASP B 979 -111.93 69.65 38.34
N SER B 980 -111.56 70.87 38.00
CA SER B 980 -110.54 71.14 36.98
C SER B 980 -109.39 71.98 37.50
N LYS B 981 -109.70 73.01 38.29
CA LYS B 981 -108.64 73.74 38.99
C LYS B 981 -108.98 73.95 40.46
N GLU B 982 -110.27 73.94 40.83
CA GLU B 982 -110.67 74.21 42.21
C GLU B 982 -111.61 73.12 42.68
N ARG B 983 -112.17 73.27 43.87
CA ARG B 983 -113.17 72.32 44.35
C ARG B 983 -114.44 72.47 43.53
N LEU B 986 -116.84 66.91 51.14
CA LEU B 986 -117.95 67.08 50.21
C LEU B 986 -117.50 66.84 48.76
N ILE B 987 -117.99 65.76 48.18
CA ILE B 987 -117.68 65.37 46.81
C ILE B 987 -118.95 65.46 45.99
N LYS B 988 -118.88 66.17 44.86
CA LYS B 988 -120.04 66.37 43.99
C LYS B 988 -119.83 65.60 42.70
N PRO B 989 -120.06 64.27 42.67
CA PRO B 989 -119.62 63.47 41.53
C PRO B 989 -120.44 63.69 40.27
N ALA B 990 -120.12 64.73 39.51
CA ALA B 990 -120.79 65.01 38.26
C ALA B 990 -120.20 64.16 37.13
N ILE B 991 -120.60 64.48 35.90
CA ILE B 991 -120.26 63.69 34.73
C ILE B 991 -118.83 63.98 34.25
N SER B 998 -108.47 61.88 29.83
CA SER B 998 -107.39 62.77 29.42
C SER B 998 -107.01 63.74 30.54
N THR B 999 -106.06 64.63 30.24
CA THR B 999 -105.57 65.61 31.22
C THR B 999 -106.48 66.82 31.41
N ILE B 1000 -106.83 67.07 32.67
CA ILE B 1000 -107.76 68.14 33.07
C ILE B 1000 -107.11 69.50 33.26
N THR B 1001 -107.57 70.47 32.46
CA THR B 1001 -107.00 71.81 32.46
C THR B 1001 -107.42 72.74 33.60
N PRO B 1002 -106.43 73.27 34.34
CA PRO B 1002 -106.71 74.22 35.41
C PRO B 1002 -106.76 75.64 34.85
N THR B 1003 -107.87 75.94 34.19
CA THR B 1003 -108.01 77.20 33.47
C THR B 1003 -107.93 78.41 34.39
N HIS B 1004 -108.72 78.44 35.46
CA HIS B 1004 -108.79 79.61 36.34
C HIS B 1004 -109.33 79.24 37.71
N CYS B 1009 -114.64 76.04 34.15
CA CYS B 1009 -113.77 74.87 34.15
C CYS B 1009 -114.06 73.98 32.95
N LYS B 1010 -113.01 73.66 32.20
CA LYS B 1010 -113.13 72.93 30.94
C LYS B 1010 -112.57 71.53 31.09
N ILE B 1011 -113.29 70.54 30.56
CA ILE B 1011 -112.98 69.13 30.75
C ILE B 1011 -113.04 68.43 29.40
N ASN B 1012 -112.00 67.64 29.10
CA ASN B 1012 -111.93 66.88 27.85
C ASN B 1012 -111.96 65.40 28.18
N ALA B 1013 -113.06 64.72 27.88
CA ALA B 1013 -113.16 63.30 28.26
C ALA B 1013 -113.22 62.31 27.11
N ILE B 1014 -114.28 61.51 27.09
CA ILE B 1014 -114.47 60.47 26.09
C ILE B 1014 -114.58 61.07 24.69
N SER B 1015 -115.26 62.20 24.58
CA SER B 1015 -115.42 62.85 23.29
C SER B 1015 -114.76 64.22 23.18
N ALA B 1016 -114.57 64.76 22.00
CA ALA B 1016 -114.03 66.10 21.89
C ALA B 1016 -115.03 67.10 22.48
N PHE B 1017 -116.10 66.61 23.11
CA PHE B 1017 -117.10 67.51 23.73
C PHE B 1017 -116.53 68.19 24.97
N ASN B 1018 -115.73 69.18 24.67
CA ASN B 1018 -115.01 70.04 25.60
C ASN B 1018 -116.05 70.64 26.53
N ASP B 1019 -116.36 69.91 27.60
CA ASP B 1019 -117.40 70.37 28.51
C ASP B 1019 -116.86 71.45 29.43
N GLU B 1020 -117.18 72.71 29.15
CA GLU B 1020 -116.91 73.81 30.07
C GLU B 1020 -117.97 73.75 31.15
N GLN B 1021 -117.61 73.15 32.28
CA GLN B 1021 -118.54 73.03 33.40
C GLN B 1021 -118.22 74.09 34.44
N ILE B 1022 -119.17 74.98 34.69
CA ILE B 1022 -119.05 76.05 35.66
C ILE B 1022 -120.01 75.75 36.80
N PHE B 1023 -119.46 75.49 37.98
CA PHE B 1023 -120.27 75.17 39.15
C PHE B 1023 -120.12 76.24 40.22
N VAL B 1027 -123.54 74.92 35.46
CA VAL B 1027 -123.45 75.39 34.09
C VAL B 1027 -122.51 74.49 33.29
N ASP B 1028 -123.09 73.61 32.48
CA ASP B 1028 -122.34 72.71 31.61
C ASP B 1028 -122.56 73.13 30.17
N GLY B 1029 -121.48 73.46 29.47
CA GLY B 1029 -121.58 73.84 28.07
C GLY B 1029 -120.60 73.08 27.20
N VAL B 1030 -121.10 72.34 26.23
CA VAL B 1030 -120.25 71.45 25.45
C VAL B 1030 -119.72 72.20 24.23
N ILE B 1031 -118.40 72.28 24.12
CA ILE B 1031 -117.73 72.78 22.94
C ILE B 1031 -117.43 71.55 22.09
N ILE B 1032 -118.16 71.39 21.00
CA ILE B 1032 -118.05 70.16 20.22
C ILE B 1032 -117.00 70.34 19.13
N ASP B 1033 -115.98 69.49 19.17
CA ASP B 1033 -114.91 69.56 18.18
C ASP B 1033 -115.10 68.48 17.12
N VAL B 1034 -116.28 68.48 16.49
CA VAL B 1034 -116.62 67.51 15.46
C VAL B 1034 -116.37 66.06 15.90
N ILE B 1035 -115.16 65.58 15.66
CA ILE B 1035 -114.80 64.21 16.03
C ILE B 1035 -114.71 64.02 17.55
N HIS B 1036 -114.85 62.78 18.00
CA HIS B 1036 -114.77 62.46 19.41
C HIS B 1036 -113.32 62.31 19.86
N ASP B 1037 -113.13 62.16 21.17
CA ASP B 1037 -111.81 62.00 21.80
C ASP B 1037 -110.69 62.86 21.19
N THR B 1038 -110.71 64.19 21.36
CA THR B 1038 -109.59 64.97 20.76
C THR B 1038 -108.35 65.19 21.58
N ALA B 1039 -107.82 64.09 22.07
CA ALA B 1039 -106.52 64.05 22.75
C ALA B 1039 -106.33 64.93 23.99
N LEU B 1040 -105.09 65.38 24.16
CA LEU B 1040 -104.65 66.21 25.30
C LEU B 1040 -103.92 67.46 24.83
N PRO B 1041 -104.57 68.24 23.94
CA PRO B 1041 -104.08 69.49 23.34
C PRO B 1041 -103.80 70.53 24.41
N GLN B 1042 -104.58 70.45 25.48
CA GLN B 1042 -104.49 71.26 26.71
C GLN B 1042 -104.75 72.77 26.73
N GLN B 1043 -105.17 73.22 27.93
CA GLN B 1043 -105.43 74.61 28.30
C GLN B 1043 -106.58 75.43 27.69
N PHE B 1044 -107.21 76.22 28.56
CA PHE B 1044 -108.28 77.17 28.18
C PHE B 1044 -107.87 78.06 27.04
N ILE B 1045 -108.76 78.23 26.07
CA ILE B 1045 -108.42 79.01 24.89
C ILE B 1045 -107.98 80.47 25.10
N GLU B 1046 -108.73 81.26 25.87
CA GLU B 1046 -108.37 82.66 26.10
C GLU B 1046 -108.15 83.38 24.77
N GLU B 1047 -107.04 84.08 24.67
CA GLU B 1047 -106.79 84.71 23.40
C GLU B 1047 -106.49 83.59 22.41
N PRO B 1048 -105.38 82.83 22.70
CA PRO B 1048 -104.93 81.87 21.68
C PRO B 1048 -104.36 80.50 22.13
N ILE B 1049 -104.62 80.13 23.40
CA ILE B 1049 -104.23 78.85 23.99
C ILE B 1049 -105.12 77.72 23.46
N ASP B 1050 -104.93 77.48 22.17
CA ASP B 1050 -105.56 76.51 21.30
C ASP B 1050 -105.73 75.11 21.85
N TYR B 1051 -106.76 74.50 21.33
CA TYR B 1051 -107.08 73.13 21.71
C TYR B 1051 -107.04 72.44 20.38
N LEU B 1052 -106.36 71.32 20.32
CA LEU B 1052 -106.19 70.65 19.04
C LEU B 1052 -107.02 69.39 19.06
N LYS B 1053 -106.80 68.54 18.08
CA LYS B 1053 -107.43 67.24 18.02
C LYS B 1053 -106.52 66.26 17.28
N GLN B 1054 -107.09 65.14 16.86
CA GLN B 1054 -106.31 64.11 16.18
C GLN B 1054 -105.66 64.68 14.92
N VAL B 1055 -106.38 65.53 14.20
CA VAL B 1055 -105.86 66.13 12.97
C VAL B 1055 -105.04 67.38 13.31
N SER B 1056 -105.63 68.27 14.13
CA SER B 1056 -105.17 69.57 14.63
C SER B 1056 -106.37 70.50 14.86
N PRO B 1057 -107.08 70.99 13.79
CA PRO B 1057 -108.03 72.10 13.95
C PRO B 1057 -108.01 72.88 15.26
N ASN B 1058 -107.12 73.87 15.38
CA ASN B 1058 -107.00 74.64 16.62
C ASN B 1058 -108.14 75.64 16.82
N ILE B 1059 -109.30 75.14 17.23
CA ILE B 1059 -110.47 75.99 17.42
C ILE B 1059 -110.20 77.03 18.50
N LEU B 1060 -110.64 78.27 18.26
CA LEU B 1060 -110.52 79.36 19.24
C LEU B 1060 -111.91 79.70 19.76
N VAL B 1061 -112.10 79.59 21.08
CA VAL B 1061 -113.40 79.77 21.72
C VAL B 1061 -113.25 80.62 22.98
N ALA B 1062 -114.28 81.42 23.27
CA ALA B 1062 -114.44 82.07 24.57
C ALA B 1062 -115.75 81.62 25.19
N SER B 1063 -115.77 81.52 26.50
CA SER B 1063 -116.95 81.02 27.23
C SER B 1063 -118.16 81.94 27.04
N ALA B 1067 -119.40 79.00 21.67
CA ALA B 1067 -119.24 80.01 20.62
C ALA B 1067 -117.83 79.97 20.03
N GLN B 1068 -117.66 79.20 18.97
CA GLN B 1068 -116.35 79.04 18.33
C GLN B 1068 -116.02 80.30 17.54
N LYS B 1069 -115.03 81.07 18.03
CA LYS B 1069 -114.61 82.25 17.31
C LYS B 1069 -114.00 81.90 15.96
N THR B 1070 -113.08 80.93 15.91
CA THR B 1070 -112.44 80.53 14.66
C THR B 1070 -112.26 79.02 14.67
N VAL B 1071 -111.92 78.49 13.50
CA VAL B 1071 -111.51 77.09 13.34
C VAL B 1071 -110.48 77.04 12.22
N ILE B 1072 -109.32 76.44 12.50
CA ILE B 1072 -108.23 76.44 11.52
C ILE B 1072 -107.58 75.07 11.46
N PHE B 1073 -107.59 74.46 10.28
CA PHE B 1073 -106.98 73.15 10.04
C PHE B 1073 -105.51 73.35 9.70
N GLN B 1074 -104.70 73.58 10.74
CA GLN B 1074 -103.28 73.85 10.51
C GLN B 1074 -102.52 72.60 10.06
N LEU B 1075 -102.83 71.45 10.66
CA LEU B 1075 -102.07 70.24 10.36
C LEU B 1075 -103.00 69.15 9.86
N GLU B 1076 -102.46 68.29 9.02
CA GLU B 1076 -103.22 67.20 8.41
C GLU B 1076 -103.56 66.15 9.45
N LEU B 1081 -99.42 68.98 19.65
CA LEU B 1081 -99.48 69.99 20.69
C LEU B 1081 -99.43 71.40 20.10
N GLN B 1082 -99.26 72.31 21.06
CA GLN B 1082 -99.18 73.74 20.90
C GLN B 1082 -97.88 74.34 21.34
N PRO B 1083 -97.19 74.99 20.43
CA PRO B 1083 -96.01 75.71 20.92
C PRO B 1083 -96.39 76.83 21.89
N ASN B 1084 -97.52 77.48 21.64
CA ASN B 1084 -97.99 78.57 22.49
C ASN B 1084 -98.73 78.06 23.71
N ASP B 1085 -98.44 76.83 24.11
CA ASP B 1085 -99.07 76.20 25.28
C ASP B 1085 -100.59 76.32 25.25
N LEU B 1089 -100.45 87.45 21.03
CA LEU B 1089 -101.56 86.53 20.93
C LEU B 1089 -101.91 86.25 19.48
N MET B 1090 -101.04 86.68 18.56
CA MET B 1090 -101.25 86.47 17.14
C MET B 1090 -100.66 85.14 16.66
N MET B 1091 -99.49 84.78 17.18
CA MET B 1091 -98.82 83.51 16.85
C MET B 1091 -99.79 82.34 17.04
N ASP B 1092 -100.12 81.62 15.96
CA ASP B 1092 -101.12 80.54 16.06
C ASP B 1092 -100.96 79.37 17.03
N VAL B 1093 -100.11 78.37 16.71
CA VAL B 1093 -99.76 77.11 17.43
C VAL B 1093 -99.11 76.17 16.39
N SER B 1094 -99.44 74.86 16.45
CA SER B 1094 -99.07 73.74 15.54
C SER B 1094 -97.73 72.99 15.63
N THR B 1095 -97.85 71.69 15.89
CA THR B 1095 -96.75 70.73 16.01
C THR B 1095 -97.32 69.31 16.03
N LYS B 1096 -97.26 68.58 14.92
CA LYS B 1096 -97.80 67.22 14.87
C LYS B 1096 -96.66 66.21 14.73
N SER B 1099 -93.99 71.53 13.30
CA SER B 1099 -92.61 71.92 13.57
C SER B 1099 -92.53 73.40 13.94
N LEU B 1100 -91.48 74.07 13.47
CA LEU B 1100 -91.30 75.50 13.69
C LEU B 1100 -92.28 76.26 12.81
N GLN B 1101 -93.57 76.16 13.14
CA GLN B 1101 -94.59 76.85 12.36
C GLN B 1101 -95.67 77.41 13.27
N GLU B 1102 -96.06 78.67 13.03
CA GLU B 1102 -97.22 79.26 13.69
C GLU B 1102 -97.85 80.22 12.69
N GLY B 1103 -99.09 80.62 12.90
CA GLY B 1103 -99.77 81.53 11.99
C GLY B 1103 -100.03 82.84 12.71
N GLN B 1104 -100.97 83.62 12.17
CA GLN B 1104 -101.28 84.91 12.77
C GLN B 1104 -102.79 85.08 12.92
N ASP B 1111 -97.08 80.97 9.47
CA ASP B 1111 -96.74 81.88 8.37
C ASP B 1111 -95.39 81.54 7.77
N HIS B 1112 -94.64 80.68 8.46
CA HIS B 1112 -93.34 80.23 7.99
C HIS B 1112 -93.39 78.71 7.91
N GLY B 1113 -92.26 78.09 7.57
CA GLY B 1113 -92.26 76.65 7.40
C GLY B 1113 -90.89 76.04 7.60
N VAL B 1114 -90.87 74.98 8.41
CA VAL B 1114 -89.66 74.22 8.69
C VAL B 1114 -90.01 72.73 8.71
N CYS B 1115 -89.23 71.92 8.00
CA CYS B 1115 -89.42 70.48 7.99
C CYS B 1115 -88.11 69.71 8.06
N HIS B 1116 -87.15 70.18 8.87
CA HIS B 1116 -85.87 69.51 8.98
C HIS B 1116 -86.01 68.12 9.60
N LEU B 1117 -87.16 67.81 10.18
CA LEU B 1117 -87.40 66.48 10.70
C LEU B 1117 -87.49 65.47 9.56
N ASP B 1118 -87.19 64.22 9.90
CA ASP B 1118 -87.22 63.14 8.93
C ASP B 1118 -88.27 62.10 9.32
N ALA B 1120 -91.89 64.46 12.48
CA ALA B 1120 -93.11 64.94 13.13
C ALA B 1120 -92.81 65.47 14.53
N ASN B 1121 -93.19 66.72 14.77
CA ASN B 1121 -92.92 67.34 16.06
C ASN B 1121 -94.12 67.20 16.99
N PRO B 1122 -93.98 66.49 18.10
CA PRO B 1122 -95.13 66.35 19.01
C PRO B 1122 -95.31 67.52 19.95
N SER B 1123 -94.28 68.36 20.11
CA SER B 1123 -94.36 69.46 21.06
C SER B 1123 -93.37 70.54 20.69
N ALA B 1124 -93.68 71.78 21.10
CA ALA B 1124 -92.81 72.93 20.92
C ALA B 1124 -93.16 73.97 21.99
N PHE B 1125 -92.36 75.04 22.05
CA PHE B 1125 -92.52 76.06 23.08
C PHE B 1125 -92.06 77.40 22.54
N VAL B 1126 -92.97 78.37 22.46
CA VAL B 1126 -92.61 79.70 22.01
C VAL B 1126 -92.00 80.46 23.18
N LYS B 1127 -91.07 81.37 22.88
CA LYS B 1127 -90.53 82.23 23.91
C LYS B 1127 -91.63 83.05 24.56
N PRO B 1128 -91.65 83.16 25.91
CA PRO B 1128 -92.64 83.94 26.66
C PRO B 1128 -92.42 85.45 26.51
N GLU B 1132 -88.71 83.17 19.85
CA GLU B 1132 -88.17 81.91 19.36
C GLU B 1132 -89.06 80.74 19.74
N GLU B 1133 -88.61 79.53 19.38
CA GLU B 1133 -89.30 78.30 19.72
C GLU B 1133 -88.26 77.23 20.00
N TYR B 1134 -88.39 76.55 21.14
CA TYR B 1134 -87.48 75.47 21.51
C TYR B 1134 -88.30 74.17 21.51
N ILE B 1135 -88.06 73.35 20.51
CA ILE B 1135 -89.00 72.30 20.09
C ILE B 1135 -88.49 70.94 20.56
N VAL B 1136 -89.40 69.96 20.60
CA VAL B 1136 -89.06 68.58 20.90
C VAL B 1136 -89.63 67.68 19.81
N GLY B 1137 -88.82 66.74 19.32
CA GLY B 1137 -89.22 65.84 18.26
C GLY B 1137 -89.52 64.44 18.78
N PHE B 1138 -88.90 63.45 18.15
CA PHE B 1138 -89.14 62.05 18.50
C PHE B 1138 -87.89 61.20 18.53
N ASP B 1139 -86.70 61.79 18.41
CA ASP B 1139 -85.47 61.04 18.20
C ASP B 1139 -84.37 61.38 19.20
N LEU B 1140 -84.66 61.32 20.51
CA LEU B 1140 -83.65 61.58 21.53
C LEU B 1140 -83.06 62.97 21.36
N LYS B 1141 -83.91 63.99 21.50
CA LYS B 1141 -83.62 65.36 21.09
C LYS B 1141 -82.77 66.03 22.14
N ASN B 1142 -81.46 66.00 21.98
CA ASN B 1142 -80.55 66.63 22.93
C ASN B 1142 -80.91 68.10 23.13
N SER B 1143 -80.90 68.54 24.39
CA SER B 1143 -81.22 69.93 24.73
C SER B 1143 -80.42 70.93 23.90
N LEU B 1144 -80.96 71.31 22.75
CA LEU B 1144 -80.31 72.25 21.86
C LEU B 1144 -81.37 73.11 21.17
N LEU B 1145 -81.86 72.61 20.02
CA LEU B 1145 -82.90 73.23 19.17
C LEU B 1145 -83.02 74.76 19.25
N PHE B 1146 -82.02 75.45 18.73
CA PHE B 1146 -82.00 76.92 18.79
C PHE B 1146 -81.92 77.54 17.40
N ILE B 1154 -79.92 76.60 14.31
CA ILE B 1154 -78.71 75.79 14.34
C ILE B 1154 -78.94 74.63 15.30
N ASP B 1155 -78.42 73.45 14.95
CA ASP B 1155 -78.75 72.19 15.64
C ASP B 1155 -77.48 71.59 16.21
N VAL B 1156 -77.51 71.10 17.43
CA VAL B 1156 -76.39 70.22 17.84
C VAL B 1156 -77.13 69.02 18.47
N PHE B 1157 -76.66 67.80 18.26
CA PHE B 1157 -77.40 66.66 18.82
C PHE B 1157 -76.38 65.61 19.09
N ARG B 1158 -76.30 65.07 20.32
CA ARG B 1158 -75.27 64.04 20.43
C ARG B 1158 -75.91 62.66 20.40
N ILE B 1171 -85.87 59.34 23.20
CA ILE B 1171 -86.92 60.28 22.82
C ILE B 1171 -87.13 61.30 23.93
N CYS B 1172 -86.62 62.51 23.73
CA CYS B 1172 -86.80 63.58 24.68
C CYS B 1172 -88.24 64.10 24.60
N GLU B 1173 -88.67 64.76 25.67
CA GLU B 1173 -90.07 65.14 25.82
C GLU B 1173 -90.29 66.65 25.88
N GLU B 1174 -89.60 67.38 26.76
CA GLU B 1174 -89.96 68.76 27.06
C GLU B 1174 -88.71 69.64 26.98
N GLU B 1175 -88.78 70.70 26.17
CA GLU B 1175 -87.72 71.69 26.06
C GLU B 1175 -88.30 73.07 26.28
N ILE B 1176 -88.02 73.66 27.44
CA ILE B 1176 -88.61 74.93 27.82
C ILE B 1176 -87.54 76.01 27.71
N ALA B 1177 -87.99 77.26 27.83
CA ALA B 1177 -87.12 78.43 27.80
C ALA B 1177 -87.11 79.07 29.16
N GLN B 1178 -85.91 79.30 29.71
CA GLN B 1178 -85.80 79.97 30.99
C GLN B 1178 -86.24 81.43 30.86
N LYS B 1179 -86.33 82.09 32.03
CA LYS B 1179 -86.65 83.51 32.05
C LYS B 1179 -85.60 84.31 31.29
N ALA B 1180 -84.32 83.99 31.50
CA ALA B 1180 -83.25 84.66 30.78
C ALA B 1180 -83.19 84.25 29.31
N LYS B 1181 -83.93 83.22 28.91
CA LYS B 1181 -83.83 82.68 27.56
C LYS B 1181 -82.38 82.35 27.22
N ILE B 1182 -81.65 81.82 28.19
CA ILE B 1182 -80.23 81.52 27.97
C ILE B 1182 -80.00 80.02 28.12
N SER B 1183 -80.56 79.46 29.17
CA SER B 1183 -80.50 78.05 29.47
C SER B 1183 -81.86 77.41 29.28
N TYR B 1184 -81.85 76.17 28.81
CA TYR B 1184 -83.01 75.54 28.19
C TYR B 1184 -83.15 74.10 28.64
N LEU B 1185 -83.14 73.89 29.96
CA LEU B 1185 -83.35 72.59 30.58
C LEU B 1185 -84.41 71.74 29.87
N VAL B 1186 -84.15 70.44 29.77
CA VAL B 1186 -84.96 69.54 28.96
C VAL B 1186 -85.15 68.22 29.70
N ALA B 1187 -86.31 67.60 29.48
CA ALA B 1187 -86.62 66.30 30.04
C ALA B 1187 -85.86 65.21 29.27
N ASP B 1190 -82.36 62.71 30.07
CA ASP B 1190 -82.65 62.87 31.48
C ASP B 1190 -82.78 64.35 31.84
N GLY B 1191 -82.09 64.76 32.90
CA GLY B 1191 -82.13 66.14 33.34
C GLY B 1191 -80.89 66.90 32.92
N THR B 1192 -80.14 67.40 33.90
CA THR B 1192 -78.83 68.01 33.70
C THR B 1192 -79.00 69.31 32.91
N MET B 1193 -77.97 70.15 32.82
CA MET B 1193 -78.32 71.53 32.53
C MET B 1193 -77.20 72.11 31.67
N LEU B 1194 -77.54 73.10 30.85
CA LEU B 1194 -76.55 73.83 30.08
C LEU B 1194 -77.18 75.11 29.53
N ALA B 1195 -76.33 76.07 29.18
CA ALA B 1195 -76.72 77.36 28.63
C ALA B 1195 -76.42 77.40 27.13
N MET B 1196 -76.73 78.54 26.51
CA MET B 1196 -76.51 78.74 25.07
C MET B 1196 -75.05 78.56 24.68
N PHE B 1206 -79.28 63.65 37.06
CA PHE B 1206 -79.95 63.08 35.89
C PHE B 1206 -81.25 62.39 36.31
N ALA B 1207 -81.72 61.48 35.48
CA ALA B 1207 -82.96 60.76 35.73
C ALA B 1207 -82.68 59.29 35.98
N VAL B 1208 -83.20 58.78 37.10
CA VAL B 1208 -83.06 57.36 37.41
C VAL B 1208 -83.85 56.52 36.40
N GLU B 1209 -85.10 56.89 36.15
CA GLU B 1209 -85.90 56.25 35.12
C GLU B 1209 -85.93 57.14 33.88
N ASN B 1210 -86.71 56.74 32.89
CA ASN B 1210 -86.93 57.55 31.71
C ASN B 1210 -88.39 57.96 31.65
N ARG B 1211 -88.76 58.66 30.58
CA ARG B 1211 -90.13 59.14 30.35
C ARG B 1211 -90.66 59.86 31.59
N LYS B 1212 -90.00 60.97 31.91
CA LYS B 1212 -90.33 61.79 33.06
C LYS B 1212 -91.46 62.75 32.79
N VAL B 1213 -92.25 62.46 31.75
CA VAL B 1213 -93.41 63.24 31.31
C VAL B 1213 -93.19 64.74 31.49
N GLN B 1214 -93.81 65.33 32.49
CA GLN B 1214 -93.85 66.77 32.66
C GLN B 1214 -92.64 67.25 33.46
N LEU B 1215 -91.97 68.27 32.95
CA LEU B 1215 -90.99 69.03 33.71
C LEU B 1215 -91.73 70.17 34.40
N ILE B 1216 -91.74 70.16 35.73
CA ILE B 1216 -92.41 71.21 36.50
C ILE B 1216 -91.38 71.82 37.43
N TYR B 1217 -90.87 73.00 37.07
CA TYR B 1217 -89.85 73.71 37.80
C TYR B 1217 -90.44 74.84 38.63
N SER B 1218 -89.57 75.62 39.28
CA SER B 1218 -89.98 76.80 40.01
C SER B 1218 -89.99 78.01 39.07
N ILE B 1219 -90.69 79.06 39.52
CA ILE B 1219 -90.72 80.30 38.74
C ILE B 1219 -89.32 80.89 38.64
N GLU B 1220 -88.56 80.85 39.74
CA GLU B 1220 -87.15 81.19 39.68
C GLU B 1220 -86.32 80.18 38.93
N GLU B 1221 -86.91 79.03 38.56
CA GLU B 1221 -86.22 77.97 37.84
C GLU B 1221 -85.08 77.40 38.70
N VAL B 1222 -85.32 77.28 40.00
CA VAL B 1222 -84.34 76.77 40.93
C VAL B 1222 -84.76 75.41 41.51
N HIS B 1223 -86.05 75.16 41.68
CA HIS B 1223 -86.55 73.91 42.20
C HIS B 1223 -87.59 73.35 41.26
N GLU B 1224 -87.81 72.05 41.33
CA GLU B 1224 -88.71 71.37 40.41
C GLU B 1224 -89.18 70.06 41.02
N HIS B 1225 -90.20 69.48 40.40
CA HIS B 1225 -90.53 68.08 40.67
C HIS B 1225 -91.04 67.45 39.38
N CYS B 1226 -90.93 66.13 39.31
CA CYS B 1226 -91.36 65.35 38.16
C CYS B 1226 -91.83 64.01 38.66
N ILE B 1227 -92.39 63.20 37.77
CA ILE B 1227 -92.71 61.81 38.09
C ILE B 1227 -92.34 60.95 36.88
N ARG B 1228 -91.45 60.00 37.08
CA ARG B 1228 -90.99 59.13 36.01
C ARG B 1228 -91.91 57.91 35.93
N GLN B 1229 -91.45 56.88 35.21
CA GLN B 1229 -92.23 55.69 34.89
C GLN B 1229 -93.07 55.19 36.07
N LEU B 1230 -92.41 54.85 37.17
CA LEU B 1230 -93.04 54.03 38.19
C LEU B 1230 -93.12 54.70 39.56
N LEU B 1231 -92.03 55.29 40.04
CA LEU B 1231 -91.86 55.56 41.46
C LEU B 1231 -91.98 57.06 41.77
N PHE B 1232 -91.89 57.37 43.06
CA PHE B 1232 -92.01 58.73 43.56
C PHE B 1232 -90.70 59.50 43.39
N SER B 1233 -90.82 60.82 43.38
CA SER B 1233 -89.67 61.72 43.32
C SER B 1233 -89.67 62.65 44.53
N PRO B 1234 -88.71 62.53 45.45
CA PRO B 1234 -88.64 63.47 46.56
C PRO B 1234 -88.14 64.85 46.12
N CYS B 1235 -88.03 65.79 47.06
CA CYS B 1235 -87.63 67.14 46.70
C CYS B 1235 -86.13 67.40 46.77
N LYS B 1236 -85.79 68.69 46.80
CA LYS B 1236 -84.46 69.24 46.55
C LYS B 1236 -84.23 69.25 45.05
N LEU B 1237 -85.31 69.00 44.30
CA LEU B 1237 -85.21 68.95 42.85
C LEU B 1237 -85.44 70.34 42.28
N TYR C 1 -28.96 32.36 -25.90
CA TYR C 1 -27.53 32.53 -25.66
C TYR C 1 -27.11 33.98 -25.90
N GLN C 2 -26.06 34.17 -26.69
CA GLN C 2 -25.54 35.50 -26.98
C GLN C 2 -25.22 35.61 -28.46
N TYR C 3 -25.16 36.86 -28.93
CA TYR C 3 -24.74 37.16 -30.29
C TYR C 3 -23.26 37.51 -30.37
N LYS C 4 -22.74 38.22 -29.37
CA LYS C 4 -21.37 38.71 -29.46
C LYS C 4 -20.37 37.57 -29.48
N ASP C 5 -20.63 36.53 -28.69
CA ASP C 5 -19.74 35.38 -28.68
C ASP C 5 -19.67 34.71 -30.05
N ILE C 6 -20.83 34.52 -30.69
CA ILE C 6 -20.87 33.85 -31.99
C ILE C 6 -20.30 34.71 -33.09
N LEU C 7 -20.13 36.01 -32.85
CA LEU C 7 -19.56 36.88 -33.86
C LEU C 7 -18.15 36.45 -34.24
N SER C 8 -17.32 36.15 -33.24
CA SER C 8 -15.89 35.95 -33.43
C SER C 8 -15.57 34.74 -34.29
N VAL C 9 -16.55 33.85 -34.53
CA VAL C 9 -16.26 32.61 -35.23
C VAL C 9 -15.89 32.88 -36.69
N PHE C 10 -16.84 33.33 -37.47
CA PHE C 10 -16.71 33.40 -38.93
C PHE C 10 -16.30 34.80 -39.40
N GLU C 11 -15.15 35.23 -38.90
CA GLU C 11 -14.43 36.34 -39.51
C GLU C 11 -14.09 36.06 -40.96
N ASP C 12 -13.80 34.79 -41.28
CA ASP C 12 -13.40 34.42 -42.63
C ASP C 12 -14.48 34.77 -43.64
N ALA C 13 -15.75 34.59 -43.27
CA ALA C 13 -16.83 34.92 -44.18
C ALA C 13 -16.84 36.40 -44.51
N PHE C 14 -16.67 37.25 -43.50
CA PHE C 14 -16.72 38.69 -43.75
C PHE C 14 -15.52 39.17 -44.54
N VAL C 15 -14.33 38.69 -44.18
CA VAL C 15 -13.15 39.08 -44.97
C VAL C 15 -13.29 38.58 -46.40
N ASP C 16 -13.91 37.42 -46.57
CA ASP C 16 -14.10 36.85 -47.90
C ASP C 16 -15.15 37.60 -48.69
N ASN C 17 -16.30 37.85 -48.10
CA ASN C 17 -17.44 38.37 -48.87
C ASN C 17 -17.89 39.75 -48.41
N PHE C 18 -18.06 39.96 -47.11
CA PHE C 18 -18.54 41.24 -46.62
C PHE C 18 -17.56 42.37 -46.94
N ASP C 19 -18.12 43.52 -47.26
CA ASP C 19 -17.34 44.73 -47.46
C ASP C 19 -18.08 45.90 -46.83
N CYS C 20 -17.42 46.61 -45.92
CA CYS C 20 -18.02 47.77 -45.29
C CYS C 20 -18.23 48.92 -46.27
N LYS C 21 -17.49 48.92 -47.38
CA LYS C 21 -17.57 50.04 -48.32
C LYS C 21 -18.97 50.15 -48.90
N ASP C 22 -19.58 49.02 -49.26
CA ASP C 22 -20.95 49.01 -49.74
C ASP C 22 -21.97 49.02 -48.62
N VAL C 23 -21.55 48.76 -47.38
CA VAL C 23 -22.47 48.76 -46.25
C VAL C 23 -22.27 50.05 -45.46
N GLN C 24 -23.04 51.09 -45.81
CA GLN C 24 -22.97 52.38 -45.15
C GLN C 24 -24.37 52.87 -44.85
N ASP C 25 -25.24 51.97 -44.40
CA ASP C 25 -26.60 52.31 -44.00
C ASP C 25 -26.73 52.44 -42.49
N MET C 26 -25.68 52.95 -41.84
CA MET C 26 -25.55 53.13 -40.40
C MET C 26 -26.79 53.65 -39.71
N PRO C 27 -27.39 52.89 -38.79
CA PRO C 27 -28.18 53.50 -37.73
C PRO C 27 -27.25 54.21 -36.75
N LYS C 28 -27.64 55.43 -36.36
CA LYS C 28 -26.78 56.24 -35.49
C LYS C 28 -26.38 55.49 -34.24
N SER C 29 -27.32 54.77 -33.63
CA SER C 29 -27.08 54.10 -32.37
C SER C 29 -26.23 52.85 -32.50
N ILE C 30 -26.11 52.28 -33.70
CA ILE C 30 -25.42 51.01 -33.82
C ILE C 30 -23.90 51.20 -33.88
N LEU C 31 -23.43 52.42 -34.16
CA LEU C 31 -22.01 52.68 -34.31
C LEU C 31 -21.68 54.04 -33.74
N SER C 32 -20.38 54.27 -33.50
CA SER C 32 -19.89 55.53 -32.96
C SER C 32 -19.42 56.42 -34.11
N LYS C 33 -20.37 56.78 -34.98
CA LYS C 33 -20.16 57.79 -36.01
C LYS C 33 -18.91 57.60 -36.86
N GLU C 34 -17.73 57.72 -36.25
CA GLU C 34 -16.50 57.78 -37.02
C GLU C 34 -16.08 56.43 -37.58
N GLU C 35 -16.59 55.32 -37.06
CA GLU C 35 -16.10 54.03 -37.50
C GLU C 35 -16.71 53.56 -38.81
N ILE C 36 -17.75 54.22 -39.28
CA ILE C 36 -18.22 53.98 -40.65
C ILE C 36 -17.34 54.84 -41.54
N ASP C 37 -16.29 55.39 -40.95
CA ASP C 37 -15.21 56.08 -41.63
C ASP C 37 -13.87 55.38 -41.42
N HIS C 38 -13.47 55.21 -40.15
CA HIS C 38 -12.13 54.75 -39.84
C HIS C 38 -11.90 53.32 -40.31
N ILE C 39 -12.96 52.52 -40.41
CA ILE C 39 -12.82 51.18 -40.97
C ILE C 39 -12.30 51.26 -42.40
N ILE C 40 -12.83 52.21 -43.18
CA ILE C 40 -12.51 52.29 -44.60
C ILE C 40 -11.05 52.68 -44.83
N MET C 41 -10.59 53.74 -44.15
CA MET C 41 -9.17 54.09 -44.30
C MET C 41 -8.26 53.00 -43.75
N SER C 42 -8.73 52.19 -42.81
CA SER C 42 -7.96 51.07 -42.29
C SER C 42 -8.15 49.84 -43.17
N LYS C 43 -7.69 49.99 -44.42
CA LYS C 43 -7.69 48.95 -45.44
C LYS C 43 -9.09 48.38 -45.69
N ASP C 44 -9.18 47.37 -46.53
CA ASP C 44 -10.49 46.94 -47.02
C ASP C 44 -11.21 46.03 -46.03
N ALA C 45 -10.67 44.83 -45.79
CA ALA C 45 -11.36 43.87 -44.94
C ALA C 45 -10.46 43.10 -44.00
N VAL C 46 -9.15 43.06 -44.22
CA VAL C 46 -8.29 42.29 -43.33
C VAL C 46 -8.26 42.94 -41.94
N SER C 47 -8.09 44.25 -41.89
CA SER C 47 -8.15 45.00 -40.64
C SER C 47 -9.50 45.66 -40.44
N GLY C 48 -10.14 46.10 -41.52
CA GLY C 48 -11.42 46.78 -41.38
C GLY C 48 -12.48 45.91 -40.74
N THR C 49 -12.51 44.62 -41.09
CA THR C 49 -13.50 43.73 -40.49
C THR C 49 -13.09 43.36 -39.06
N LEU C 50 -11.79 43.25 -38.79
CA LEU C 50 -11.35 42.97 -37.43
C LEU C 50 -11.74 44.10 -36.49
N ARG C 51 -11.44 45.34 -36.88
CA ARG C 51 -11.86 46.48 -36.08
C ARG C 51 -13.37 46.63 -36.08
N LEU C 52 -14.03 46.22 -37.16
CA LEU C 52 -15.49 46.16 -37.15
C LEU C 52 -15.97 45.28 -36.01
N PHE C 53 -15.37 44.11 -35.88
CA PHE C 53 -15.73 43.20 -34.80
C PHE C 53 -15.43 43.84 -33.46
N TRP C 54 -14.26 44.47 -33.34
CA TRP C 54 -13.86 45.06 -32.07
C TRP C 54 -14.85 46.13 -31.63
N THR C 55 -15.20 47.01 -32.56
CA THR C 55 -16.19 48.06 -32.28
C THR C 55 -17.54 47.46 -31.98
N LEU C 56 -17.94 46.43 -32.73
CA LEU C 56 -19.24 45.82 -32.53
C LEU C 56 -19.34 45.21 -31.14
N LEU C 57 -18.27 44.58 -30.69
CA LEU C 57 -18.22 44.03 -29.33
C LEU C 57 -18.08 45.13 -28.29
N SER C 58 -17.60 46.31 -28.68
CA SER C 58 -17.43 47.40 -27.71
C SER C 58 -18.77 47.79 -27.08
N LYS C 59 -19.82 47.88 -27.89
CA LYS C 59 -21.13 48.24 -27.37
C LYS C 59 -21.77 47.04 -26.67
N GLN C 60 -22.99 47.22 -26.19
CA GLN C 60 -23.69 46.15 -25.50
C GLN C 60 -24.29 45.19 -26.52
N GLU C 61 -25.20 44.33 -26.08
CA GLU C 61 -25.55 43.14 -26.83
C GLU C 61 -26.74 43.35 -27.77
N GLU C 62 -27.30 44.56 -27.84
CA GLU C 62 -28.53 44.72 -28.62
C GLU C 62 -28.29 45.21 -30.05
N MET C 63 -27.42 46.21 -30.23
CA MET C 63 -27.22 46.70 -31.60
C MET C 63 -26.57 45.65 -32.49
N VAL C 64 -25.98 44.61 -31.92
CA VAL C 64 -25.51 43.50 -32.75
C VAL C 64 -26.70 42.72 -33.31
N GLN C 65 -27.73 42.50 -32.48
CA GLN C 65 -28.96 41.92 -32.98
C GLN C 65 -29.58 42.84 -34.02
N LYS C 66 -29.50 44.14 -33.79
CA LYS C 66 -29.95 45.09 -34.80
C LYS C 66 -29.22 44.90 -36.11
N PHE C 67 -27.89 44.76 -36.04
CA PHE C 67 -27.08 44.60 -37.23
C PHE C 67 -27.51 43.35 -38.00
N VAL C 68 -27.58 42.22 -37.31
CA VAL C 68 -27.88 40.97 -38.00
C VAL C 68 -29.31 40.96 -38.52
N GLU C 69 -30.24 41.53 -37.77
CA GLU C 69 -31.66 41.31 -37.99
C GLU C 69 -32.28 42.33 -38.93
N GLU C 70 -31.75 43.53 -38.99
CA GLU C 70 -32.30 44.46 -39.97
C GLU C 70 -31.25 45.07 -40.87
N VAL C 71 -30.07 45.38 -40.33
CA VAL C 71 -29.03 46.02 -41.14
C VAL C 71 -28.53 45.05 -42.21
N LEU C 72 -28.48 43.77 -41.89
CA LEU C 72 -27.87 42.78 -42.79
C LEU C 72 -28.84 42.29 -43.85
N ARG C 73 -30.12 42.22 -43.48
CA ARG C 73 -31.18 41.70 -44.37
C ARG C 73 -31.46 42.54 -45.61
N ILE C 74 -30.89 43.73 -45.69
CA ILE C 74 -31.13 44.58 -46.85
C ILE C 74 -30.25 44.18 -48.02
N ASN C 75 -29.02 43.77 -47.76
CA ASN C 75 -28.03 43.60 -48.82
C ASN C 75 -27.39 42.23 -48.88
N TYR C 76 -27.10 41.60 -47.75
CA TYR C 76 -26.36 40.34 -47.72
C TYR C 76 -27.35 39.19 -47.62
N LYS C 77 -27.31 38.30 -48.59
CA LYS C 77 -28.29 37.23 -48.71
C LYS C 77 -27.78 35.89 -48.19
N PHE C 78 -26.49 35.60 -48.39
CA PHE C 78 -25.86 34.50 -47.68
C PHE C 78 -26.04 34.69 -46.17
N LEU C 79 -25.96 35.93 -45.72
CA LEU C 79 -25.55 36.24 -44.36
C LEU C 79 -26.68 36.26 -43.34
N MET C 80 -27.94 36.16 -43.74
CA MET C 80 -28.96 35.91 -42.72
C MET C 80 -28.74 34.56 -42.06
N SER C 81 -28.56 33.54 -42.87
CA SER C 81 -28.64 32.16 -42.36
C SER C 81 -27.62 31.85 -41.28
N PRO C 82 -26.33 32.17 -41.41
CA PRO C 82 -25.38 31.65 -40.41
C PRO C 82 -25.68 32.07 -38.99
N ILE C 83 -26.11 33.32 -38.78
CA ILE C 83 -26.32 33.80 -37.42
C ILE C 83 -27.55 33.16 -36.82
N LYS C 84 -28.61 33.01 -37.61
CA LYS C 84 -29.81 32.35 -37.10
C LYS C 84 -29.53 30.88 -36.80
N THR C 85 -28.68 30.24 -37.60
CA THR C 85 -28.31 28.85 -37.39
C THR C 85 -27.22 28.69 -36.35
N GLU C 86 -26.66 29.79 -35.87
CA GLU C 86 -25.54 29.74 -34.92
C GLU C 86 -26.00 30.18 -33.54
N GLN C 87 -26.92 31.13 -33.50
CA GLN C 87 -27.37 31.72 -32.24
C GLN C 87 -28.04 30.68 -31.35
N ARG C 88 -28.92 29.87 -31.93
CA ARG C 88 -29.69 28.89 -31.18
C ARG C 88 -28.99 27.54 -31.06
N GLN C 89 -28.64 26.96 -32.19
CA GLN C 89 -28.13 25.58 -32.22
C GLN C 89 -26.76 25.47 -31.57
N PRO C 90 -25.83 26.42 -31.76
CA PRO C 90 -24.55 26.38 -31.02
C PRO C 90 -23.79 25.08 -31.17
N SER C 91 -23.00 24.91 -32.22
CA SER C 91 -22.29 23.65 -32.40
C SER C 91 -21.28 23.24 -31.29
N MET C 92 -20.92 21.96 -31.26
CA MET C 92 -20.01 21.42 -30.24
C MET C 92 -18.65 22.11 -30.06
N MET C 93 -18.03 22.52 -31.16
CA MET C 93 -16.71 23.14 -31.15
C MET C 93 -16.79 24.62 -30.79
N THR C 94 -17.86 25.30 -31.25
CA THR C 94 -18.09 26.66 -30.79
C THR C 94 -18.28 26.69 -29.29
N ARG C 95 -18.98 25.69 -28.75
CA ARG C 95 -19.22 25.64 -27.32
C ARG C 95 -17.89 25.50 -26.56
N MET C 96 -17.02 24.59 -26.98
CA MET C 96 -15.75 24.46 -26.29
C MET C 96 -14.88 25.69 -26.47
N TYR C 97 -14.93 26.32 -27.64
CA TYR C 97 -14.17 27.55 -27.84
C TYR C 97 -14.62 28.63 -26.87
N ILE C 98 -15.93 28.82 -26.74
CA ILE C 98 -16.43 29.87 -25.86
C ILE C 98 -16.17 29.50 -24.41
N GLU C 99 -16.17 28.21 -24.09
CA GLU C 99 -15.81 27.77 -22.74
C GLU C 99 -14.39 28.20 -22.40
N GLN C 100 -13.45 27.85 -23.27
CA GLN C 100 -12.05 28.21 -23.04
C GLN C 100 -11.88 29.72 -23.01
N ARG C 101 -12.63 30.43 -23.85
CA ARG C 101 -12.51 31.89 -23.92
C ARG C 101 -13.08 32.56 -22.69
N ASP C 102 -14.19 32.04 -22.16
CA ASP C 102 -14.72 32.55 -20.89
C ASP C 102 -13.75 32.24 -19.77
N ARG C 103 -13.04 31.11 -19.86
CA ARG C 103 -11.98 30.82 -18.91
C ARG C 103 -10.87 31.87 -19.00
N LEU C 104 -10.52 32.26 -20.23
CA LEU C 104 -9.41 33.19 -20.41
C LEU C 104 -9.77 34.59 -19.91
N TYR C 105 -11.04 34.96 -20.03
CA TYR C 105 -11.48 36.13 -19.27
C TYR C 105 -11.48 35.87 -17.78
N ASN C 106 -11.79 34.64 -17.37
CA ASN C 106 -12.01 34.35 -15.96
C ASN C 106 -10.75 34.58 -15.14
N ASP C 107 -9.60 34.18 -15.67
CA ASP C 107 -8.35 34.25 -14.93
C ASP C 107 -7.64 35.59 -15.06
N ASN C 108 -8.25 36.58 -15.73
CA ASN C 108 -7.64 37.89 -15.85
C ASN C 108 -8.40 38.97 -15.10
N GLN C 109 -9.66 39.21 -15.46
CA GLN C 109 -10.53 40.14 -14.77
C GLN C 109 -10.03 41.59 -14.77
N VAL C 110 -8.89 41.86 -15.40
CA VAL C 110 -8.40 43.22 -15.52
C VAL C 110 -8.18 43.55 -16.98
N PHE C 111 -7.21 42.87 -17.60
CA PHE C 111 -7.09 42.95 -19.06
C PHE C 111 -8.34 42.38 -19.72
N ALA C 112 -9.06 41.50 -19.01
CA ALA C 112 -10.30 40.96 -19.52
C ALA C 112 -11.32 42.06 -19.82
N LYS C 113 -11.17 43.22 -19.20
CA LYS C 113 -12.05 44.36 -19.47
C LYS C 113 -11.30 45.61 -19.88
N TYR C 114 -10.10 45.82 -19.37
CA TYR C 114 -9.36 47.05 -19.62
C TYR C 114 -8.47 46.96 -20.85
N ASN C 115 -8.63 45.90 -21.64
CA ASN C 115 -7.86 45.74 -22.86
C ASN C 115 -8.20 46.83 -23.88
N VAL C 116 -7.19 47.20 -24.66
CA VAL C 116 -7.37 48.01 -25.86
C VAL C 116 -6.63 47.30 -26.99
N SER C 117 -7.32 47.02 -28.09
CA SER C 117 -6.75 46.21 -29.16
C SER C 117 -5.74 47.01 -29.96
N ARG C 118 -4.48 46.57 -29.93
CA ARG C 118 -3.40 47.15 -30.71
C ARG C 118 -3.31 46.35 -32.02
N LEU C 119 -3.93 46.89 -33.08
CA LEU C 119 -4.13 46.10 -34.29
C LEU C 119 -2.80 45.68 -34.89
N GLN C 120 -2.00 46.63 -35.37
CA GLN C 120 -0.88 46.33 -36.28
C GLN C 120 -0.01 45.17 -35.82
N PRO C 121 0.44 45.08 -34.56
CA PRO C 121 1.19 43.90 -34.15
C PRO C 121 0.35 42.65 -34.24
N TYR C 122 -0.82 42.66 -33.61
CA TYR C 122 -1.76 41.55 -33.72
C TYR C 122 -1.95 41.11 -35.17
N LEU C 123 -2.00 42.07 -36.07
CA LEU C 123 -2.01 41.84 -37.50
C LEU C 123 -0.73 41.16 -37.98
N LYS C 124 0.40 41.41 -37.31
CA LYS C 124 1.68 40.87 -37.74
C LYS C 124 2.17 39.72 -36.87
N LEU C 125 1.32 39.16 -36.02
CA LEU C 125 1.74 38.05 -35.17
C LEU C 125 0.96 36.76 -35.43
N ARG C 126 -0.37 36.82 -35.56
CA ARG C 126 -1.12 35.59 -35.72
C ARG C 126 -0.76 34.87 -37.01
N GLN C 127 -0.06 35.54 -37.92
CA GLN C 127 0.43 34.89 -39.11
C GLN C 127 1.48 33.85 -38.77
N ALA C 128 2.41 34.19 -37.88
CA ALA C 128 3.35 33.19 -37.38
C ALA C 128 2.62 32.04 -36.71
N LEU C 129 1.47 32.33 -36.10
CA LEU C 129 0.66 31.28 -35.49
C LEU C 129 0.09 30.34 -36.54
N LEU C 130 -0.55 30.90 -37.56
CA LEU C 130 -1.11 30.08 -38.62
C LEU C 130 -0.03 29.35 -39.40
N GLU C 131 1.23 29.78 -39.28
CA GLU C 131 2.33 29.00 -39.83
C GLU C 131 2.94 28.01 -38.84
N LEU C 132 2.94 28.33 -37.55
CA LEU C 132 3.81 27.68 -36.56
C LEU C 132 3.80 26.17 -36.69
N ARG C 133 4.98 25.61 -36.93
CA ARG C 133 5.13 24.18 -37.04
C ARG C 133 5.18 23.54 -35.65
N PRO C 134 4.91 22.23 -35.56
CA PRO C 134 4.85 21.57 -34.25
C PRO C 134 6.16 21.62 -33.46
N ALA C 135 7.22 22.17 -34.05
CA ALA C 135 8.48 22.31 -33.36
C ALA C 135 8.95 23.74 -33.19
N LYS C 136 8.51 24.67 -34.04
CA LYS C 136 9.01 26.03 -33.96
C LYS C 136 8.32 26.79 -32.82
N ASN C 137 8.75 28.04 -32.64
CA ASN C 137 8.23 28.90 -31.60
C ASN C 137 8.35 30.33 -32.04
N VAL C 138 7.57 31.20 -31.40
CA VAL C 138 7.49 32.62 -31.75
C VAL C 138 8.04 33.44 -30.59
N LEU C 139 8.88 34.42 -30.93
CA LEU C 139 9.46 35.32 -29.94
C LEU C 139 8.88 36.70 -30.16
N ILE C 140 8.47 37.35 -29.08
CA ILE C 140 8.10 38.76 -29.10
C ILE C 140 8.86 39.46 -27.99
N ASP C 141 9.49 40.58 -28.33
CA ASP C 141 10.27 41.35 -27.39
C ASP C 141 9.94 42.83 -27.51
N GLY C 142 10.08 43.53 -26.39
CA GLY C 142 9.78 44.95 -26.35
C GLY C 142 10.07 45.51 -24.98
N VAL C 143 9.67 46.78 -24.80
CA VAL C 143 9.92 47.46 -23.54
C VAL C 143 9.19 46.73 -22.40
N LEU C 144 9.68 46.94 -21.19
CA LEU C 144 9.06 46.32 -20.02
C LEU C 144 7.61 46.78 -19.89
N GLY C 145 6.74 45.83 -19.58
CA GLY C 145 5.33 46.14 -19.48
C GLY C 145 4.75 46.75 -20.73
N SER C 146 5.19 46.26 -21.89
CA SER C 146 4.74 46.80 -23.16
C SER C 146 3.35 46.33 -23.52
N GLY C 147 2.60 45.83 -22.56
CA GLY C 147 1.43 45.07 -22.92
C GLY C 147 1.78 43.75 -23.57
N LYS C 148 3.01 43.27 -23.37
CA LYS C 148 3.39 41.99 -23.94
C LYS C 148 2.45 40.90 -23.48
N THR C 149 2.14 40.89 -22.20
CA THR C 149 1.04 40.05 -21.71
C THR C 149 -0.27 40.45 -22.38
N TRP C 150 -0.53 41.75 -22.45
CA TRP C 150 -1.76 42.25 -23.03
C TRP C 150 -1.89 41.78 -24.47
N VAL C 151 -0.86 42.03 -25.29
CA VAL C 151 -0.94 41.67 -26.69
C VAL C 151 -0.93 40.16 -26.88
N ALA C 152 -0.21 39.43 -26.01
CA ALA C 152 -0.24 37.97 -26.11
C ALA C 152 -1.66 37.45 -25.94
N LEU C 153 -2.34 37.92 -24.90
CA LEU C 153 -3.74 37.53 -24.73
C LEU C 153 -4.59 38.01 -25.89
N ASP C 154 -4.35 39.24 -26.36
CA ASP C 154 -5.11 39.78 -27.48
C ASP C 154 -5.06 38.83 -28.68
N VAL C 155 -3.86 38.42 -29.05
CA VAL C 155 -3.71 37.57 -30.23
C VAL C 155 -4.29 36.19 -29.97
N CYS C 156 -4.01 35.66 -28.77
CA CYS C 156 -4.49 34.34 -28.37
C CYS C 156 -6.00 34.24 -28.57
N LEU C 157 -6.69 35.28 -28.15
CA LEU C 157 -8.15 35.36 -28.32
C LEU C 157 -8.70 35.19 -29.75
N SER C 158 -7.90 35.43 -30.79
CA SER C 158 -8.39 35.25 -32.16
C SER C 158 -8.93 33.85 -32.36
N TYR C 159 -10.20 33.76 -32.77
CA TYR C 159 -10.85 32.47 -32.97
C TYR C 159 -10.04 31.57 -33.88
N LYS C 160 -9.37 32.15 -34.87
CA LYS C 160 -8.44 31.38 -35.70
C LYS C 160 -7.38 30.69 -34.85
N VAL C 161 -6.89 31.38 -33.82
CA VAL C 161 -5.83 30.83 -32.99
C VAL C 161 -6.31 29.59 -32.26
N GLN C 162 -7.46 29.67 -31.59
CA GLN C 162 -7.99 28.50 -30.92
C GLN C 162 -8.33 27.40 -31.92
N CYS C 163 -8.88 27.78 -33.07
CA CYS C 163 -9.40 26.79 -34.00
C CYS C 163 -8.29 25.94 -34.59
N LYS C 164 -7.25 26.57 -35.14
CA LYS C 164 -6.08 25.81 -35.57
C LYS C 164 -5.39 25.13 -34.40
N MET C 165 -5.22 25.84 -33.29
CA MET C 165 -4.45 25.32 -32.19
C MET C 165 -5.19 24.18 -31.50
N ASP C 166 -6.38 23.85 -32.03
CA ASP C 166 -7.25 22.86 -31.43
C ASP C 166 -7.63 23.25 -30.01
N PHE C 167 -7.76 24.55 -29.78
CA PHE C 167 -8.40 25.13 -28.61
C PHE C 167 -7.71 24.76 -27.30
N LYS C 168 -6.53 24.16 -27.36
CA LYS C 168 -5.76 23.80 -26.18
C LYS C 168 -4.57 24.77 -26.09
N ILE C 169 -4.71 25.76 -25.21
CA ILE C 169 -3.75 26.83 -25.02
C ILE C 169 -3.44 26.94 -23.53
N PHE C 170 -2.15 27.04 -23.20
CA PHE C 170 -1.71 26.97 -21.81
C PHE C 170 -0.62 28.01 -21.57
N TRP C 171 -0.70 28.68 -20.43
CA TRP C 171 0.12 29.83 -20.11
C TRP C 171 1.08 29.48 -18.97
N LEU C 172 2.31 29.96 -19.07
CA LEU C 172 3.23 29.92 -17.93
C LEU C 172 3.94 31.25 -17.82
N ASN C 173 3.99 31.78 -16.61
CA ASN C 173 4.70 33.03 -16.34
C ASN C 173 6.06 32.70 -15.74
N LEU C 174 7.12 33.13 -16.41
CA LEU C 174 8.49 32.86 -15.96
C LEU C 174 8.91 33.92 -14.95
N LYS C 175 8.41 33.75 -13.74
CA LYS C 175 8.76 34.62 -12.62
C LYS C 175 9.71 33.89 -11.69
N ASN C 176 10.90 34.45 -11.49
CA ASN C 176 11.91 33.90 -10.60
C ASN C 176 12.17 32.43 -10.94
N CYS C 177 12.57 32.20 -12.18
CA CYS C 177 12.85 30.87 -12.69
C CYS C 177 14.33 30.71 -12.99
N ASN C 178 15.17 31.23 -12.10
CA ASN C 178 16.61 31.28 -12.30
C ASN C 178 17.33 30.41 -11.28
N SER C 179 16.73 29.26 -10.97
CA SER C 179 17.31 28.29 -10.06
C SER C 179 16.81 26.92 -10.47
N PRO C 180 17.66 25.89 -10.39
CA PRO C 180 17.19 24.56 -10.79
C PRO C 180 16.34 23.92 -9.71
N GLU C 181 15.50 24.72 -9.08
CA GLU C 181 14.40 24.26 -8.26
C GLU C 181 13.17 25.05 -8.65
N THR C 182 13.40 26.31 -9.05
CA THR C 182 12.32 27.23 -9.39
C THR C 182 11.52 26.74 -10.57
N VAL C 183 12.05 25.78 -11.33
CA VAL C 183 11.34 25.21 -12.47
C VAL C 183 10.67 23.89 -12.13
N LEU C 184 11.10 23.22 -11.05
CA LEU C 184 10.53 21.91 -10.73
C LEU C 184 9.02 22.01 -10.53
N GLU C 185 8.59 22.92 -9.67
CA GLU C 185 7.17 23.12 -9.47
C GLU C 185 6.50 23.65 -10.73
N MET C 186 7.25 24.38 -11.57
CA MET C 186 6.72 24.78 -12.86
C MET C 186 6.35 23.55 -13.68
N LEU C 187 7.28 22.61 -13.79
CA LEU C 187 6.99 21.35 -14.49
C LEU C 187 5.85 20.60 -13.84
N GLN C 188 5.78 20.64 -12.51
CA GLN C 188 4.72 19.93 -11.81
C GLN C 188 3.36 20.48 -12.21
N LYS C 189 3.19 21.80 -12.11
CA LYS C 189 1.92 22.40 -12.46
C LYS C 189 1.62 22.22 -13.95
N LEU C 190 2.64 22.22 -14.80
CA LEU C 190 2.41 21.95 -16.21
C LEU C 190 1.85 20.56 -16.41
N LEU C 191 2.42 19.58 -15.72
CA LEU C 191 1.87 18.23 -15.75
C LEU C 191 0.41 18.25 -15.31
N TYR C 192 0.13 18.92 -14.20
CA TYR C 192 -1.19 18.83 -13.60
C TYR C 192 -2.24 19.46 -14.49
N GLN C 193 -1.93 20.63 -15.08
CA GLN C 193 -2.85 21.22 -16.04
C GLN C 193 -2.95 20.37 -17.29
N ILE C 194 -1.86 19.70 -17.68
CA ILE C 194 -1.98 18.65 -18.69
C ILE C 194 -2.79 17.50 -18.14
N ASP C 195 -2.44 17.04 -16.94
CA ASP C 195 -3.19 15.99 -16.29
C ASP C 195 -2.85 15.93 -14.81
N PRO C 196 -3.84 15.95 -13.93
CA PRO C 196 -3.60 15.82 -12.50
C PRO C 196 -3.28 14.40 -12.07
N ASN C 197 -2.40 13.75 -12.84
CA ASN C 197 -1.94 12.40 -12.57
C ASN C 197 -0.43 12.38 -12.63
N TRP C 198 0.19 11.69 -11.67
CA TRP C 198 1.63 11.65 -11.64
C TRP C 198 2.10 10.40 -10.91
N THR C 199 3.17 9.80 -11.44
CA THR C 199 3.85 8.70 -10.78
C THR C 199 4.94 9.30 -9.89
N SER C 200 4.55 9.64 -8.67
CA SER C 200 5.43 10.35 -7.73
C SER C 200 6.53 9.48 -7.15
N ARG C 201 6.69 8.23 -7.61
CA ARG C 201 7.71 7.36 -7.04
C ARG C 201 9.12 7.73 -7.51
N SER C 202 9.24 8.29 -8.71
CA SER C 202 10.54 8.56 -9.29
C SER C 202 11.29 9.69 -8.58
N ASP C 203 10.64 10.39 -7.66
CA ASP C 203 11.26 11.51 -6.97
C ASP C 203 12.53 11.07 -6.26
N HIS C 204 13.66 11.62 -6.69
CA HIS C 204 14.97 11.31 -6.13
C HIS C 204 15.65 12.61 -5.76
N SER C 205 15.88 12.82 -4.47
CA SER C 205 16.55 14.02 -4.01
C SER C 205 18.02 14.04 -4.38
N SER C 206 18.56 12.92 -4.88
CA SER C 206 19.97 12.87 -5.23
C SER C 206 20.31 13.88 -6.31
N ASN C 207 19.46 14.00 -7.33
CA ASN C 207 19.70 14.94 -8.42
C ASN C 207 18.38 15.62 -8.77
N ILE C 208 18.24 16.86 -8.34
CA ILE C 208 17.11 17.66 -8.80
C ILE C 208 17.15 17.86 -10.31
N LYS C 209 18.34 17.79 -10.90
CA LYS C 209 18.49 17.93 -12.34
C LYS C 209 18.18 16.64 -13.08
N LEU C 210 18.58 15.49 -12.54
CA LEU C 210 18.16 14.24 -13.16
C LEU C 210 16.64 14.13 -13.12
N ARG C 211 16.03 14.60 -12.03
CA ARG C 211 14.58 14.61 -11.94
C ARG C 211 13.96 15.51 -12.99
N ILE C 212 14.59 16.65 -13.27
CA ILE C 212 13.99 17.54 -14.26
C ILE C 212 14.14 16.91 -15.64
N HIS C 213 15.21 16.15 -15.87
CA HIS C 213 15.33 15.41 -17.11
C HIS C 213 14.21 14.37 -17.22
N SER C 214 13.95 13.66 -16.13
CA SER C 214 12.91 12.64 -16.14
C SER C 214 11.55 13.25 -16.41
N ILE C 215 11.24 14.38 -15.76
CA ILE C 215 9.93 14.99 -15.98
C ILE C 215 9.83 15.57 -17.37
N GLN C 216 10.92 16.10 -17.91
CA GLN C 216 10.90 16.57 -19.29
C GLN C 216 10.61 15.42 -20.24
N ALA C 217 11.26 14.28 -20.03
CA ALA C 217 11.00 13.12 -20.88
C ALA C 217 9.55 12.66 -20.76
N GLU C 218 9.03 12.60 -19.54
CA GLU C 218 7.66 12.15 -19.33
C GLU C 218 6.66 13.09 -19.99
N LEU C 219 6.84 14.39 -19.79
CA LEU C 219 5.89 15.35 -20.35
C LEU C 219 6.04 15.44 -21.86
N ARG C 220 7.23 15.16 -22.38
CA ARG C 220 7.40 15.04 -23.82
C ARG C 220 6.64 13.84 -24.34
N ARG C 221 6.69 12.72 -23.62
CA ARG C 221 5.92 11.55 -24.02
C ARG C 221 4.43 11.85 -24.03
N LEU C 222 3.95 12.56 -23.02
CA LEU C 222 2.55 12.98 -23.01
C LEU C 222 2.27 13.93 -24.17
N LEU C 223 3.26 14.75 -24.53
CA LEU C 223 3.10 15.69 -25.64
C LEU C 223 2.80 14.96 -26.95
N LYS C 224 3.55 13.88 -27.22
CA LYS C 224 3.40 13.16 -28.47
C LYS C 224 2.21 12.20 -28.42
N SER C 225 1.05 12.76 -28.08
CA SER C 225 -0.21 12.04 -28.05
C SER C 225 -1.19 12.70 -29.01
N LYS C 226 -2.12 11.89 -29.51
CA LYS C 226 -3.03 12.34 -30.55
C LYS C 226 -3.74 13.66 -30.23
N PRO C 227 -4.30 13.90 -29.03
CA PRO C 227 -4.92 15.21 -28.81
C PRO C 227 -3.93 16.33 -28.65
N TYR C 228 -2.85 16.08 -27.90
CA TYR C 228 -1.82 17.05 -27.57
C TYR C 228 -0.82 17.27 -28.69
N GLU C 229 -1.18 16.93 -29.93
CA GLU C 229 -0.28 17.20 -31.03
C GLU C 229 0.03 18.69 -31.13
N ASN C 230 -0.98 19.52 -30.93
CA ASN C 230 -0.83 20.98 -30.96
C ASN C 230 -1.41 21.55 -29.67
N CYS C 231 -0.62 21.55 -28.61
CA CYS C 231 -1.00 22.16 -27.33
C CYS C 231 -0.13 23.40 -27.10
N LEU C 232 -0.78 24.53 -26.83
CA LEU C 232 -0.06 25.80 -26.82
C LEU C 232 0.47 26.09 -25.42
N LEU C 233 1.80 26.16 -25.31
CA LEU C 233 2.49 26.42 -24.06
C LEU C 233 3.30 27.70 -24.25
N VAL C 234 2.70 28.82 -23.91
CA VAL C 234 3.37 30.11 -23.96
C VAL C 234 4.07 30.38 -22.64
N LEU C 235 5.26 30.97 -22.73
CA LEU C 235 6.05 31.33 -21.56
C LEU C 235 6.09 32.83 -21.41
N LEU C 236 5.75 33.32 -20.22
CA LEU C 236 5.54 34.73 -19.99
C LEU C 236 6.74 35.32 -19.25
N ASN C 237 7.31 36.38 -19.81
CA ASN C 237 8.44 37.10 -19.21
C ASN C 237 9.58 36.15 -18.89
N VAL C 238 10.18 35.62 -19.96
CA VAL C 238 11.27 34.68 -19.82
C VAL C 238 12.43 35.37 -19.10
N GLN C 239 12.74 34.89 -17.89
CA GLN C 239 13.82 35.49 -17.12
C GLN C 239 15.16 35.30 -17.82
N ASN C 240 15.39 34.13 -18.39
CA ASN C 240 16.66 33.86 -19.05
C ASN C 240 16.48 32.73 -20.05
N ALA C 241 17.41 32.65 -20.99
CA ALA C 241 17.43 31.55 -21.94
C ALA C 241 17.69 30.22 -21.25
N LYS C 242 18.28 30.25 -20.05
CA LYS C 242 18.49 29.02 -19.30
C LYS C 242 17.17 28.35 -18.95
N ALA C 243 16.17 29.15 -18.56
CA ALA C 243 14.86 28.58 -18.26
C ALA C 243 14.28 27.89 -19.48
N TRP C 244 14.38 28.52 -20.64
CA TRP C 244 13.94 27.87 -21.86
C TRP C 244 14.76 26.62 -22.15
N ASN C 245 16.03 26.61 -21.76
CA ASN C 245 16.88 25.47 -22.06
C ASN C 245 16.28 24.18 -21.51
N ALA C 246 15.52 24.28 -20.43
CA ALA C 246 14.66 23.18 -20.03
C ALA C 246 13.41 23.11 -20.89
N PHE C 247 12.87 24.26 -21.26
CA PHE C 247 11.58 24.32 -21.96
C PHE C 247 11.80 24.21 -23.47
N ASN C 248 12.23 23.01 -23.86
CA ASN C 248 12.48 22.71 -25.27
C ASN C 248 12.20 21.22 -25.47
N LEU C 249 10.99 20.91 -25.90
CA LEU C 249 10.55 19.53 -26.06
C LEU C 249 9.71 19.37 -27.32
N SER C 250 10.07 20.11 -28.37
CA SER C 250 9.46 19.98 -29.70
C SER C 250 7.95 20.24 -29.63
N CYS C 251 7.60 21.48 -29.28
CA CYS C 251 6.22 21.88 -29.14
C CYS C 251 5.97 23.15 -29.95
N LYS C 252 4.68 23.45 -30.14
CA LYS C 252 4.30 24.74 -30.71
C LYS C 252 4.30 25.80 -29.62
N ILE C 253 5.40 25.89 -28.87
CA ILE C 253 5.55 26.87 -27.82
C ILE C 253 5.77 28.24 -28.45
N LEU C 254 5.72 29.28 -27.63
CA LEU C 254 6.10 30.61 -28.08
C LEU C 254 6.39 31.44 -26.84
N LEU C 255 7.30 32.39 -26.98
CA LEU C 255 7.84 33.08 -25.82
C LEU C 255 7.76 34.59 -26.02
N THR C 256 7.43 35.29 -24.94
CA THR C 256 7.48 36.75 -24.90
C THR C 256 8.76 37.15 -24.17
N THR C 257 9.84 37.26 -24.92
CA THR C 257 11.13 37.60 -24.33
C THR C 257 11.08 39.01 -23.77
N ARG C 258 11.61 39.15 -22.55
CA ARG C 258 11.61 40.43 -21.84
C ARG C 258 12.98 41.07 -21.82
N PHE C 259 14.04 40.29 -21.98
CA PHE C 259 15.41 40.77 -21.90
C PHE C 259 16.13 40.56 -23.21
N LYS C 260 17.08 41.45 -23.49
CA LYS C 260 17.84 41.37 -24.73
C LYS C 260 18.60 40.07 -24.83
N GLN C 261 19.22 39.63 -23.73
CA GLN C 261 19.95 38.37 -23.75
C GLN C 261 19.05 37.22 -24.21
N VAL C 262 17.83 37.17 -23.70
CA VAL C 262 16.92 36.06 -24.01
C VAL C 262 16.58 36.07 -25.49
N THR C 263 16.14 37.23 -26.01
CA THR C 263 15.68 37.28 -27.39
C THR C 263 16.84 37.11 -28.36
N ASP C 264 18.03 37.61 -28.03
CA ASP C 264 19.17 37.48 -28.91
C ASP C 264 19.79 36.09 -28.85
N PHE C 265 19.52 35.34 -27.78
CA PHE C 265 20.02 33.97 -27.71
C PHE C 265 19.47 33.12 -28.84
N LEU C 266 18.20 33.32 -29.19
CA LEU C 266 17.53 32.42 -30.11
C LEU C 266 17.98 32.69 -31.55
N SER C 267 17.84 31.65 -32.38
CA SER C 267 18.13 31.79 -33.80
C SER C 267 16.91 32.35 -34.52
N ALA C 268 17.13 33.39 -35.33
CA ALA C 268 16.02 34.00 -36.05
C ALA C 268 15.38 33.03 -37.03
N ALA C 269 16.17 32.11 -37.58
CA ALA C 269 15.63 31.13 -38.51
C ALA C 269 14.77 30.11 -37.80
N THR C 270 15.37 29.34 -36.88
CA THR C 270 14.63 28.33 -36.14
C THR C 270 13.55 28.94 -35.26
N THR C 271 13.68 30.22 -34.92
CA THR C 271 12.72 30.92 -34.08
C THR C 271 12.43 32.27 -34.68
N THR C 272 11.20 32.47 -35.16
CA THR C 272 10.81 33.79 -35.63
C THR C 272 10.82 34.77 -34.48
N HIS C 273 11.27 36.00 -34.76
CA HIS C 273 11.39 37.05 -33.77
C HIS C 273 10.62 38.27 -34.25
N ILE C 274 9.79 38.83 -33.38
CA ILE C 274 9.01 40.02 -33.67
C ILE C 274 9.35 41.07 -32.62
N SER C 275 9.52 42.31 -33.05
CA SER C 275 9.89 43.39 -32.17
C SER C 275 8.66 44.11 -31.62
N LEU C 276 8.91 44.95 -30.63
CA LEU C 276 7.94 45.95 -30.19
C LEU C 276 8.55 47.33 -30.09
N ASP C 277 9.85 47.44 -29.81
CA ASP C 277 10.54 48.73 -29.78
C ASP C 277 10.83 49.15 -31.22
N HIS C 278 9.74 49.37 -31.94
CA HIS C 278 9.79 49.61 -33.37
C HIS C 278 8.68 50.57 -33.74
N HIS C 279 8.95 51.40 -34.75
CA HIS C 279 8.07 52.53 -35.05
C HIS C 279 6.67 52.06 -35.41
N SER C 280 6.55 51.00 -36.22
CA SER C 280 5.24 50.51 -36.58
C SER C 280 4.65 49.61 -35.50
N MET C 281 5.51 48.96 -34.70
CA MET C 281 5.02 48.12 -33.63
C MET C 281 4.27 48.92 -32.57
N THR C 282 4.67 50.17 -32.35
CA THR C 282 4.14 50.95 -31.24
C THR C 282 2.70 51.38 -31.53
N LEU C 283 2.13 52.12 -30.58
CA LEU C 283 0.73 52.49 -30.61
C LEU C 283 0.51 53.79 -31.38
N THR C 284 -0.58 53.84 -32.14
CA THR C 284 -0.98 55.07 -32.80
C THR C 284 -1.54 56.04 -31.79
N PRO C 285 -1.58 57.33 -32.13
CA PRO C 285 -2.33 58.27 -31.28
C PRO C 285 -3.77 57.86 -31.14
N ASP C 286 -4.34 57.23 -32.16
CA ASP C 286 -5.67 56.64 -32.02
C ASP C 286 -5.69 55.56 -30.96
N GLU C 287 -4.67 54.70 -30.96
CA GLU C 287 -4.59 53.68 -29.92
C GLU C 287 -4.50 54.31 -28.54
N VAL C 288 -3.69 55.36 -28.42
CA VAL C 288 -3.48 56.00 -27.13
C VAL C 288 -4.77 56.65 -26.64
N LYS C 289 -5.48 57.34 -27.54
CA LYS C 289 -6.74 57.95 -27.13
C LYS C 289 -7.79 56.90 -26.81
N SER C 290 -7.78 55.77 -27.51
CA SER C 290 -8.70 54.69 -27.15
C SER C 290 -8.39 54.17 -25.75
N LEU C 291 -7.12 54.05 -25.40
CA LEU C 291 -6.78 53.58 -24.05
C LEU C 291 -7.20 54.59 -22.99
N LEU C 292 -6.90 55.88 -23.22
CA LEU C 292 -7.27 56.87 -22.22
C LEU C 292 -8.78 56.99 -22.12
N LEU C 293 -9.49 56.62 -23.18
CA LEU C 293 -10.94 56.55 -23.09
C LEU C 293 -11.40 55.31 -22.35
N LYS C 294 -10.69 54.19 -22.52
CA LYS C 294 -10.95 52.99 -21.73
C LYS C 294 -10.81 53.26 -20.24
N TYR C 295 -9.88 54.13 -19.87
CA TYR C 295 -9.60 54.37 -18.46
C TYR C 295 -10.34 55.58 -17.90
N LEU C 296 -10.11 56.76 -18.46
CA LEU C 296 -10.79 57.97 -18.01
C LEU C 296 -12.29 57.87 -18.24
N ASP C 297 -12.71 57.31 -19.37
CA ASP C 297 -14.12 57.10 -19.69
C ASP C 297 -14.86 58.43 -19.79
N CYS C 298 -14.38 59.31 -20.68
CA CYS C 298 -15.01 60.61 -20.88
C CYS C 298 -14.72 61.08 -22.31
N ARG C 299 -15.68 60.88 -23.21
CA ARG C 299 -15.50 61.30 -24.60
C ARG C 299 -15.39 62.81 -24.74
N PRO C 300 -16.31 63.61 -24.20
CA PRO C 300 -16.17 65.06 -24.34
C PRO C 300 -14.91 65.61 -23.71
N GLN C 301 -14.47 65.04 -22.59
CA GLN C 301 -13.28 65.49 -21.90
C GLN C 301 -12.02 64.76 -22.35
N ASP C 302 -12.13 63.89 -23.35
CA ASP C 302 -10.94 63.21 -23.87
C ASP C 302 -9.95 64.21 -24.46
N LEU C 303 -10.47 65.24 -25.11
CA LEU C 303 -9.65 66.28 -25.74
C LEU C 303 -8.81 66.99 -24.68
N PRO C 304 -9.24 67.01 -23.42
CA PRO C 304 -8.49 67.75 -22.38
C PRO C 304 -7.13 67.17 -22.07
N ARG C 305 -6.69 66.12 -22.75
CA ARG C 305 -5.38 65.54 -22.52
C ARG C 305 -4.38 66.04 -23.55
N GLU C 306 -3.11 66.07 -23.14
CA GLU C 306 -2.02 66.47 -24.02
C GLU C 306 -1.63 65.29 -24.91
N VAL C 307 -0.48 65.39 -25.57
CA VAL C 307 0.01 64.33 -26.46
C VAL C 307 1.41 63.96 -25.99
N LEU C 308 1.50 62.99 -25.09
CA LEU C 308 2.78 62.52 -24.56
C LEU C 308 2.60 61.09 -24.06
N THR C 309 3.74 60.42 -23.86
CA THR C 309 3.82 59.09 -23.24
C THR C 309 3.23 58.00 -24.14
N THR C 310 3.84 56.81 -24.15
CA THR C 310 3.39 55.78 -25.08
C THR C 310 3.25 54.40 -24.46
N ASN C 311 4.02 54.11 -23.41
CA ASN C 311 4.05 52.75 -22.89
C ASN C 311 2.72 52.36 -22.27
N PRO C 312 2.27 51.13 -22.47
CA PRO C 312 0.99 50.72 -21.87
C PRO C 312 0.97 50.87 -20.36
N ARG C 313 2.08 50.58 -19.69
CA ARG C 313 2.12 50.72 -18.24
C ARG C 313 2.09 52.19 -17.84
N ARG C 314 2.90 53.02 -18.50
CA ARG C 314 2.92 54.43 -18.14
C ARG C 314 1.58 55.08 -18.47
N LEU C 315 1.01 54.74 -19.63
CA LEU C 315 -0.30 55.27 -19.99
C LEU C 315 -1.34 54.82 -18.97
N SER C 316 -1.30 53.54 -18.60
CA SER C 316 -2.26 53.00 -17.65
C SER C 316 -2.16 53.69 -16.31
N ILE C 317 -0.94 53.84 -15.80
CA ILE C 317 -0.75 54.42 -14.48
C ILE C 317 -1.10 55.90 -14.50
N ILE C 318 -0.77 56.61 -15.57
CA ILE C 318 -1.10 58.03 -15.67
C ILE C 318 -2.61 58.20 -15.70
N ALA C 319 -3.29 57.41 -16.54
CA ALA C 319 -4.75 57.52 -16.64
C ALA C 319 -5.41 57.19 -15.31
N GLU C 320 -4.94 56.13 -14.66
CA GLU C 320 -5.54 55.73 -13.39
C GLU C 320 -5.31 56.78 -12.31
N SER C 321 -4.10 57.34 -12.25
CA SER C 321 -3.80 58.35 -11.24
C SER C 321 -4.62 59.61 -11.48
N ILE C 322 -4.72 60.05 -12.73
CA ILE C 322 -5.52 61.24 -13.03
C ILE C 322 -6.98 60.99 -12.66
N ARG C 323 -7.50 59.83 -13.06
CA ARG C 323 -8.88 59.48 -12.74
C ARG C 323 -9.03 59.08 -11.27
N ASP C 324 -7.94 58.95 -10.54
CA ASP C 324 -8.02 58.60 -9.13
C ASP C 324 -6.93 59.28 -8.31
N ALA C 327 -5.89 64.11 -10.95
CA ALA C 327 -5.74 65.42 -11.61
C ALA C 327 -4.89 65.28 -12.85
N THR C 328 -5.28 65.99 -13.91
CA THR C 328 -4.64 65.83 -15.21
C THR C 328 -3.18 66.30 -15.22
N TRP C 329 -2.75 67.04 -14.20
CA TRP C 329 -1.38 67.56 -14.23
C TRP C 329 -0.65 67.26 -12.94
N ASP C 330 -1.39 67.18 -11.83
CA ASP C 330 -0.80 66.73 -10.57
C ASP C 330 -0.44 65.26 -10.66
N ASN C 331 -1.39 64.42 -11.10
CA ASN C 331 -1.10 63.03 -11.34
C ASN C 331 -0.29 62.81 -12.61
N TRP C 332 -0.16 63.86 -13.44
CA TRP C 332 0.59 63.73 -14.68
C TRP C 332 2.08 63.58 -14.43
N LYS C 333 2.65 64.41 -13.59
CA LYS C 333 4.10 64.46 -13.47
C LYS C 333 4.59 64.31 -12.04
N HIS C 334 3.85 64.84 -11.07
CA HIS C 334 4.32 64.90 -9.69
C HIS C 334 3.93 63.65 -8.91
N VAL C 335 2.68 63.21 -9.05
CA VAL C 335 2.18 62.03 -8.36
C VAL C 335 2.81 60.79 -8.98
N ASN C 336 2.60 59.64 -8.34
CA ASN C 336 3.12 58.34 -8.73
C ASN C 336 4.63 58.24 -8.58
N CYS C 337 5.26 59.24 -7.96
CA CYS C 337 6.70 59.18 -7.73
C CYS C 337 7.09 58.04 -6.81
N ASP C 338 6.14 57.47 -6.07
CA ASP C 338 6.42 56.35 -5.18
C ASP C 338 5.91 55.02 -5.70
N LYS C 339 5.18 55.00 -6.80
CA LYS C 339 4.60 53.76 -7.31
C LYS C 339 5.25 53.30 -8.61
N LEU C 340 5.22 54.13 -9.65
CA LEU C 340 5.85 53.74 -10.90
C LEU C 340 7.37 53.71 -10.76
N THR C 341 7.93 54.56 -9.90
CA THR C 341 9.34 54.49 -9.57
C THR C 341 9.67 53.31 -8.67
N THR C 342 8.67 52.49 -8.33
CA THR C 342 8.86 51.31 -7.51
C THR C 342 8.57 50.02 -8.24
N ILE C 343 7.49 49.98 -9.02
CA ILE C 343 7.10 48.75 -9.70
C ILE C 343 8.20 48.32 -10.67
N ILE C 344 8.76 49.27 -11.41
CA ILE C 344 9.84 48.94 -12.34
C ILE C 344 11.20 48.93 -11.65
N GLU C 345 11.34 49.59 -10.50
CA GLU C 345 12.56 49.42 -9.72
C GLU C 345 12.70 47.98 -9.25
N SER C 346 11.59 47.37 -8.84
CA SER C 346 11.61 45.95 -8.51
C SER C 346 12.11 45.12 -9.69
N SER C 347 11.73 45.49 -10.91
CA SER C 347 12.25 44.82 -12.09
C SER C 347 13.76 45.02 -12.25
N LEU C 348 14.33 46.01 -11.57
CA LEU C 348 15.74 46.33 -11.69
C LEU C 348 16.59 45.68 -10.60
N ASN C 349 16.01 44.80 -9.79
CA ASN C 349 16.71 44.22 -8.67
C ASN C 349 17.45 42.94 -9.06
N VAL C 350 17.33 42.54 -10.32
CA VAL C 350 17.85 41.25 -10.74
C VAL C 350 19.38 41.25 -10.80
N LEU C 351 19.97 42.31 -11.35
CA LEU C 351 21.37 42.28 -11.73
C LEU C 351 22.28 42.54 -10.53
N GLU C 352 23.58 42.33 -10.74
CA GLU C 352 24.55 42.46 -9.67
C GLU C 352 24.57 43.89 -9.13
N PRO C 353 24.50 44.08 -7.82
CA PRO C 353 24.41 45.42 -7.26
C PRO C 353 25.64 46.30 -7.44
N ALA C 354 26.78 45.83 -6.94
CA ALA C 354 27.90 46.73 -6.67
C ALA C 354 28.45 47.36 -7.95
N GLU C 355 28.79 46.54 -8.93
CA GLU C 355 29.42 47.05 -10.14
C GLU C 355 28.44 47.78 -11.04
N TYR C 356 27.14 47.50 -10.91
CA TYR C 356 26.17 47.90 -11.92
C TYR C 356 25.30 49.07 -11.47
N ARG C 357 24.67 48.93 -10.31
CA ARG C 357 23.68 49.93 -9.88
C ARG C 357 24.33 51.27 -9.63
N LYS C 358 25.50 51.26 -8.98
CA LYS C 358 26.21 52.51 -8.71
C LYS C 358 26.71 53.14 -10.00
N MET C 359 27.24 52.31 -10.91
CA MET C 359 27.74 52.82 -12.17
C MET C 359 26.63 53.46 -12.99
N PHE C 360 25.43 52.85 -12.99
CA PHE C 360 24.32 53.45 -13.69
C PHE C 360 23.75 54.65 -12.93
N ASP C 361 23.89 54.68 -11.60
CA ASP C 361 23.52 55.87 -10.84
C ASP C 361 24.44 57.03 -11.18
N ARG C 362 25.68 56.75 -11.58
CA ARG C 362 26.56 57.82 -12.05
C ARG C 362 25.96 58.60 -13.20
N LEU C 363 25.06 57.98 -13.97
CA LEU C 363 24.51 58.56 -15.19
C LEU C 363 23.61 59.76 -14.92
N SER C 364 23.21 59.98 -13.67
CA SER C 364 22.17 60.95 -13.34
C SER C 364 22.52 62.36 -13.81
N VAL C 365 23.81 62.67 -13.93
CA VAL C 365 24.26 64.04 -14.18
C VAL C 365 23.98 64.52 -15.59
N PHE C 366 23.25 63.78 -16.39
CA PHE C 366 23.16 63.98 -17.82
C PHE C 366 21.79 64.49 -18.23
N PRO C 367 21.69 65.06 -19.43
CA PRO C 367 20.38 65.48 -19.93
C PRO C 367 19.46 64.28 -20.09
N PRO C 368 18.15 64.47 -19.90
CA PRO C 368 17.21 63.33 -19.95
C PRO C 368 17.25 62.57 -21.26
N SER C 369 17.41 63.26 -22.37
CA SER C 369 17.52 62.64 -23.70
C SER C 369 18.87 63.06 -24.26
N ALA C 370 19.85 62.17 -24.15
CA ALA C 370 21.23 62.51 -24.48
C ALA C 370 21.95 61.23 -24.89
N HIS C 371 23.20 61.39 -25.32
CA HIS C 371 24.06 60.27 -25.68
C HIS C 371 25.34 60.32 -24.86
N ILE C 372 25.97 59.17 -24.71
CA ILE C 372 27.21 59.13 -23.96
C ILE C 372 28.31 58.52 -24.82
N PRO C 373 29.44 59.20 -24.97
CA PRO C 373 30.61 58.55 -25.53
C PRO C 373 31.16 57.52 -24.56
N THR C 374 31.87 56.55 -25.11
CA THR C 374 32.41 55.49 -24.28
C THR C 374 33.50 56.00 -23.35
N ILE C 375 34.29 56.97 -23.79
CA ILE C 375 35.38 57.46 -22.96
C ILE C 375 34.85 58.14 -21.71
N LEU C 376 33.71 58.81 -21.80
CA LEU C 376 33.21 59.53 -20.65
C LEU C 376 32.63 58.59 -19.60
N LEU C 377 31.89 57.58 -20.03
CA LEU C 377 31.45 56.55 -19.09
C LEU C 377 32.64 55.79 -18.51
N SER C 378 33.72 55.67 -19.29
CA SER C 378 34.95 55.14 -18.74
C SER C 378 35.48 56.03 -17.64
N LEU C 379 35.43 57.35 -17.83
CA LEU C 379 35.91 58.28 -16.82
C LEU C 379 35.12 58.15 -15.52
N ILE C 380 33.81 57.97 -15.62
CA ILE C 380 32.96 57.99 -14.46
C ILE C 380 32.73 56.56 -13.94
N SER C 387 39.21 47.31 -20.46
CA SER C 387 37.91 47.08 -21.09
C SER C 387 36.86 46.85 -20.03
N ASP C 388 37.23 47.08 -18.77
CA ASP C 388 36.31 46.84 -17.66
C ASP C 388 35.04 47.65 -17.84
N VAL C 389 35.16 48.93 -18.18
CA VAL C 389 33.97 49.75 -18.36
C VAL C 389 33.19 49.32 -19.58
N MET C 390 33.87 48.97 -20.68
CA MET C 390 33.15 48.53 -21.86
C MET C 390 32.46 47.20 -21.61
N VAL C 391 33.12 46.30 -20.89
CA VAL C 391 32.48 45.04 -20.51
C VAL C 391 31.25 45.31 -19.66
N VAL C 392 31.38 46.21 -18.68
CA VAL C 392 30.27 46.51 -17.80
C VAL C 392 29.09 47.06 -18.58
N VAL C 393 29.35 48.05 -19.44
CA VAL C 393 28.25 48.63 -20.20
C VAL C 393 27.69 47.62 -21.17
N ASN C 394 28.51 46.69 -21.65
CA ASN C 394 28.00 45.67 -22.57
C ASN C 394 27.06 44.72 -21.86
N LYS C 395 27.38 44.31 -20.63
CA LYS C 395 26.46 43.42 -19.92
C LYS C 395 25.20 44.17 -19.52
N LEU C 396 25.33 45.42 -19.09
CA LEU C 396 24.12 46.19 -18.79
C LEU C 396 23.28 46.37 -20.04
N HIS C 397 23.92 46.52 -21.20
CA HIS C 397 23.19 46.60 -22.45
C HIS C 397 22.46 45.30 -22.73
N LYS C 398 23.15 44.17 -22.62
CA LYS C 398 22.52 42.90 -22.94
C LYS C 398 21.40 42.57 -21.97
N TYR C 399 21.46 43.10 -20.74
CA TYR C 399 20.38 42.78 -19.82
C TYR C 399 19.06 43.40 -20.27
N SER C 400 18.91 44.68 -19.93
CA SER C 400 17.76 45.54 -20.23
C SER C 400 18.12 46.89 -19.64
N LEU C 401 19.28 47.44 -20.00
CA LEU C 401 19.68 48.70 -19.39
C LEU C 401 20.28 49.82 -20.23
N VAL C 402 21.02 49.53 -21.31
CA VAL C 402 21.61 50.65 -22.02
C VAL C 402 21.73 50.31 -23.50
N GLU C 403 21.32 51.23 -24.36
CA GLU C 403 21.44 51.01 -25.80
C GLU C 403 22.77 51.51 -26.33
N LYS C 404 23.45 50.65 -27.09
CA LYS C 404 24.72 50.98 -27.71
C LYS C 404 24.51 51.16 -29.21
N GLN C 405 25.17 52.17 -29.77
CA GLN C 405 25.11 52.46 -31.18
C GLN C 405 26.51 52.69 -31.74
N PRO C 406 26.72 52.40 -33.03
CA PRO C 406 28.03 52.61 -33.66
C PRO C 406 28.25 54.05 -34.10
N SER C 409 30.50 55.60 -32.28
CA SER C 409 30.24 54.49 -31.39
C SER C 409 29.84 54.97 -30.00
N THR C 410 29.12 56.09 -29.98
CA THR C 410 28.59 56.60 -28.72
C THR C 410 27.47 55.70 -28.23
N ILE C 411 26.84 56.09 -27.12
CA ILE C 411 25.82 55.26 -26.49
C ILE C 411 24.70 56.16 -26.00
N SER C 412 23.46 55.72 -26.23
CA SER C 412 22.27 56.41 -25.77
C SER C 412 21.65 55.63 -24.62
N ILE C 413 20.76 56.30 -23.89
CA ILE C 413 20.20 55.73 -22.68
C ILE C 413 18.68 55.69 -22.80
N PRO C 414 18.03 54.61 -22.33
CA PRO C 414 16.57 54.64 -22.24
C PRO C 414 16.12 55.65 -21.20
N SER C 415 15.36 56.65 -21.65
CA SER C 415 14.95 57.72 -20.76
C SER C 415 14.01 57.23 -19.67
N ILE C 416 13.06 56.35 -20.03
CA ILE C 416 12.01 55.95 -19.09
C ILE C 416 12.63 55.48 -17.78
N TYR C 417 13.69 54.69 -17.86
CA TYR C 417 14.47 54.38 -16.66
C TYR C 417 15.18 55.61 -16.13
N LEU C 418 15.58 56.52 -17.02
CA LEU C 418 16.48 57.60 -16.63
C LEU C 418 15.80 58.60 -15.71
N GLU C 419 14.71 59.21 -16.17
CA GLU C 419 14.16 60.36 -15.43
C GLU C 419 13.63 59.96 -14.06
N LEU C 420 12.80 58.92 -13.99
CA LEU C 420 12.00 58.73 -12.78
C LEU C 420 12.79 58.11 -11.63
N LYS C 421 13.91 57.46 -11.92
CA LYS C 421 14.66 56.78 -10.86
C LYS C 421 15.57 57.76 -10.12
N VAL C 422 16.59 58.27 -10.79
CA VAL C 422 17.62 59.05 -10.13
C VAL C 422 17.11 60.38 -9.64
N LYS C 423 16.02 60.88 -10.22
CA LYS C 423 15.44 62.15 -9.77
C LYS C 423 14.98 62.05 -8.32
N LEU C 424 14.78 60.84 -7.81
CA LEU C 424 14.35 60.63 -6.43
C LEU C 424 15.48 60.06 -5.58
N GLU C 425 16.10 58.98 -6.02
CA GLU C 425 17.19 58.35 -5.27
C GLU C 425 18.52 58.79 -5.89
N ASN C 426 19.33 59.49 -5.09
CA ASN C 426 20.61 59.98 -5.59
C ASN C 426 21.48 60.43 -4.42
N GLU C 427 22.69 59.89 -4.36
CA GLU C 427 23.72 60.37 -3.45
C GLU C 427 24.46 61.54 -4.09
N TYR C 428 25.12 62.35 -3.25
CA TYR C 428 25.88 63.50 -3.76
C TYR C 428 27.18 63.03 -4.39
N ALA C 429 27.04 62.40 -5.55
CA ALA C 429 28.14 62.24 -6.48
C ALA C 429 28.17 63.37 -7.50
N LEU C 430 27.32 64.37 -7.31
CA LEU C 430 27.18 65.43 -8.29
C LEU C 430 28.47 66.21 -8.47
N HIS C 431 29.17 66.51 -7.37
CA HIS C 431 30.32 67.40 -7.48
C HIS C 431 31.49 66.71 -8.18
N ARG C 432 31.76 65.46 -7.82
CA ARG C 432 32.86 64.75 -8.49
C ARG C 432 32.55 64.58 -9.97
N SER C 433 31.32 64.21 -10.30
CA SER C 433 30.94 64.07 -11.70
C SER C 433 31.03 65.40 -12.43
N ILE C 434 30.63 66.49 -11.78
CA ILE C 434 30.55 67.76 -12.48
C ILE C 434 31.93 68.37 -12.61
N VAL C 435 32.82 68.11 -11.65
CA VAL C 435 34.19 68.55 -11.79
C VAL C 435 34.89 67.73 -12.87
N ASP C 436 34.51 66.46 -13.02
CA ASP C 436 34.96 65.71 -14.20
C ASP C 436 34.43 66.33 -15.48
N HIS C 437 33.16 66.76 -15.46
CA HIS C 437 32.53 67.46 -16.57
C HIS C 437 33.25 68.75 -16.92
N TYR C 438 33.98 69.31 -15.97
CA TYR C 438 34.93 70.38 -16.29
C TYR C 438 36.29 69.88 -16.75
N ASN C 439 36.80 68.80 -16.13
CA ASN C 439 38.16 68.37 -16.42
C ASN C 439 38.30 67.90 -17.85
N ILE C 440 37.36 67.06 -18.28
CA ILE C 440 37.35 66.55 -19.66
C ILE C 440 37.25 67.67 -20.70
N PRO C 441 36.43 68.69 -20.43
CA PRO C 441 36.31 69.79 -21.40
C PRO C 441 37.58 70.65 -21.44
N LYS C 442 38.34 70.63 -20.36
CA LYS C 442 39.58 71.39 -20.23
C LYS C 442 40.73 70.62 -20.84
N THR C 443 40.71 69.30 -20.75
CA THR C 443 41.65 68.48 -21.52
C THR C 443 41.47 68.71 -23.00
N PHE C 444 40.25 69.01 -23.45
CA PHE C 444 39.97 69.26 -24.86
C PHE C 444 39.96 70.77 -25.15
N ASP C 445 41.07 71.42 -24.81
CA ASP C 445 41.26 72.83 -25.14
C ASP C 445 42.56 72.95 -25.93
N SER C 446 42.46 73.53 -27.12
CA SER C 446 43.59 73.62 -28.03
C SER C 446 44.23 74.99 -27.96
N ASP C 447 45.40 75.12 -28.61
CA ASP C 447 46.02 76.42 -28.77
C ASP C 447 45.10 77.39 -29.50
N ASP C 448 44.59 76.97 -30.65
CA ASP C 448 43.51 77.68 -31.31
C ASP C 448 42.21 77.25 -30.64
N LEU C 449 41.10 77.59 -31.27
CA LEU C 449 39.79 77.12 -30.81
C LEU C 449 39.30 75.95 -31.65
N ILE C 450 40.22 75.06 -32.03
CA ILE C 450 39.88 73.84 -32.75
C ILE C 450 40.43 72.64 -31.98
N PRO C 451 39.83 72.27 -30.85
CA PRO C 451 40.14 70.98 -30.24
C PRO C 451 39.19 69.92 -30.78
N PRO C 452 39.48 68.63 -30.54
CA PRO C 452 38.62 67.57 -31.10
C PRO C 452 37.34 67.31 -30.29
N TYR C 453 36.31 68.13 -30.53
CA TYR C 453 35.04 67.93 -29.84
C TYR C 453 34.34 66.66 -30.32
N LEU C 454 33.16 66.44 -29.75
CA LEU C 454 32.19 65.48 -30.27
C LEU C 454 30.92 66.23 -30.64
N ASP C 455 30.42 65.95 -31.85
CA ASP C 455 29.30 66.71 -32.39
C ASP C 455 28.11 66.66 -31.47
N GLN C 456 27.82 65.48 -30.93
CA GLN C 456 26.73 65.34 -29.99
C GLN C 456 27.11 65.84 -28.60
N TYR C 457 27.74 64.98 -27.81
CA TYR C 457 28.14 65.27 -26.42
C TYR C 457 28.94 66.53 -26.07
N PHE C 458 29.75 67.06 -26.98
CA PHE C 458 30.56 68.23 -26.65
C PHE C 458 29.84 69.53 -26.96
N TYR C 459 29.21 69.59 -28.13
CA TYR C 459 28.52 70.81 -28.52
C TYR C 459 27.30 71.05 -27.66
N SER C 460 26.56 70.00 -27.31
CA SER C 460 25.24 70.18 -26.73
C SER C 460 25.25 70.19 -25.21
N HIS C 461 25.70 69.09 -24.60
CA HIS C 461 25.47 68.87 -23.18
C HIS C 461 26.46 69.60 -22.30
N ILE C 462 27.48 70.23 -22.87
CA ILE C 462 28.47 70.92 -22.06
C ILE C 462 27.86 72.12 -21.35
N GLY C 463 26.81 72.72 -21.93
CA GLY C 463 26.26 73.94 -21.37
C GLY C 463 25.65 73.73 -19.99
N HIS C 464 24.86 72.67 -19.84
CA HIS C 464 24.27 72.37 -18.53
C HIS C 464 25.33 72.22 -17.46
N HIS C 465 26.36 71.42 -17.74
CA HIS C 465 27.37 71.14 -16.74
C HIS C 465 28.24 72.36 -16.45
N LEU C 466 28.50 73.19 -17.45
CA LEU C 466 29.28 74.40 -17.20
C LEU C 466 28.47 75.40 -16.38
N LYS C 467 27.17 75.51 -16.65
CA LYS C 467 26.33 76.32 -15.77
C LYS C 467 26.25 75.70 -14.38
N ASN C 468 26.44 74.38 -14.30
CA ASN C 468 26.43 73.67 -13.03
C ASN C 468 27.69 73.93 -12.21
N ILE C 469 28.84 74.16 -12.86
CA ILE C 469 30.09 74.25 -12.11
C ILE C 469 30.34 75.64 -11.53
N GLU C 470 30.48 76.67 -12.37
CA GLU C 470 30.88 77.98 -11.89
C GLU C 470 30.78 78.99 -13.04
N HIS C 471 30.93 80.26 -12.68
CA HIS C 471 30.76 81.42 -13.54
C HIS C 471 31.93 81.76 -14.46
N PRO C 472 33.18 81.85 -13.97
CA PRO C 472 34.20 82.54 -14.76
C PRO C 472 34.47 81.88 -16.11
N GLU C 473 34.34 80.56 -16.18
CA GLU C 473 34.55 79.86 -17.44
C GLU C 473 33.42 80.08 -18.43
N ARG C 474 32.27 80.59 -17.96
CA ARG C 474 31.16 80.82 -18.88
C ARG C 474 31.52 81.84 -19.94
N MET C 475 32.23 82.90 -19.55
CA MET C 475 32.52 83.98 -20.48
C MET C 475 33.54 83.58 -21.54
N THR C 476 34.20 82.43 -21.38
CA THR C 476 35.22 82.00 -22.33
C THR C 476 34.82 80.71 -23.05
N LEU C 477 34.59 79.64 -22.29
CA LEU C 477 34.39 78.32 -22.86
C LEU C 477 32.99 78.14 -23.45
N PHE C 478 32.04 79.01 -23.12
CA PHE C 478 30.82 79.08 -23.90
C PHE C 478 31.04 79.83 -25.21
N ARG C 479 32.15 80.56 -25.31
CA ARG C 479 32.58 81.16 -26.57
C ARG C 479 31.54 82.11 -27.15
N MET C 480 30.99 82.98 -26.30
CA MET C 480 30.41 84.19 -26.86
C MET C 480 31.49 85.17 -27.26
N VAL C 481 32.58 85.22 -26.47
CA VAL C 481 33.73 86.02 -26.84
C VAL C 481 34.45 85.40 -28.02
N PHE C 482 34.54 84.09 -28.05
CA PHE C 482 35.33 83.40 -29.07
C PHE C 482 34.41 82.99 -30.23
N LEU C 483 34.78 83.42 -31.43
CA LEU C 483 33.93 83.29 -32.61
C LEU C 483 34.03 81.92 -33.27
N ASP C 484 35.07 81.15 -32.97
CA ASP C 484 35.27 79.87 -33.66
C ASP C 484 34.13 78.90 -33.35
N PHE C 485 33.65 78.89 -32.11
CA PHE C 485 32.59 77.95 -31.76
C PHE C 485 31.33 78.22 -32.55
N ARG C 486 31.08 79.47 -32.93
CA ARG C 486 29.99 79.74 -33.87
C ARG C 486 30.17 78.92 -35.15
N PHE C 487 31.35 79.04 -35.77
CA PHE C 487 31.62 78.37 -37.03
C PHE C 487 31.53 76.86 -36.87
N LEU C 488 31.93 76.36 -35.70
CA LEU C 488 31.95 74.93 -35.46
C LEU C 488 30.55 74.39 -35.20
N GLU C 489 29.85 74.98 -34.22
CA GLU C 489 28.51 74.53 -33.86
C GLU C 489 27.55 74.62 -35.03
N GLN C 490 27.50 75.76 -35.72
CA GLN C 490 26.47 75.91 -36.73
C GLN C 490 26.75 74.99 -37.92
N LYS C 491 27.98 74.97 -38.41
CA LYS C 491 28.29 74.12 -39.54
C LYS C 491 28.41 72.65 -39.18
N ILE C 492 28.33 72.31 -37.90
CA ILE C 492 28.36 70.91 -37.50
C ILE C 492 26.97 70.31 -37.31
N ARG C 493 25.92 71.14 -37.21
CA ARG C 493 24.56 70.67 -37.07
C ARG C 493 23.72 71.18 -38.23
N HIS C 494 22.98 70.27 -38.86
CA HIS C 494 22.19 70.60 -40.05
C HIS C 494 21.23 69.46 -40.42
N ASN C 507 18.76 74.55 -36.84
CA ASN C 507 20.15 74.19 -36.57
C ASN C 507 20.80 75.21 -35.64
N THR C 508 20.09 76.31 -35.40
CA THR C 508 20.51 77.32 -34.46
C THR C 508 19.57 77.45 -33.27
N LEU C 509 18.32 77.04 -33.42
CA LEU C 509 17.32 77.25 -32.38
C LEU C 509 17.74 76.58 -31.08
N GLN C 510 18.35 75.40 -31.18
CA GLN C 510 18.86 74.72 -29.99
C GLN C 510 19.98 75.51 -29.33
N GLN C 511 20.84 76.14 -30.13
CA GLN C 511 21.88 76.98 -29.56
C GLN C 511 21.25 78.14 -28.78
N LEU C 512 20.18 78.71 -29.33
CA LEU C 512 19.39 79.69 -28.58
C LEU C 512 18.79 79.10 -27.31
N LYS C 513 18.17 77.92 -27.41
CA LYS C 513 17.54 77.23 -26.29
C LYS C 513 18.54 76.90 -25.22
N PHE C 514 19.82 76.90 -25.56
CA PHE C 514 20.90 76.90 -24.59
C PHE C 514 21.13 78.30 -24.03
N TYR C 515 21.21 79.29 -24.92
CA TYR C 515 21.66 80.63 -24.53
C TYR C 515 20.66 81.29 -23.59
N LYS C 516 19.38 81.25 -23.94
CA LYS C 516 18.39 81.95 -23.15
C LYS C 516 18.32 81.48 -21.70
N PRO C 517 18.32 80.18 -21.39
CA PRO C 517 18.43 79.80 -19.98
C PRO C 517 19.82 80.02 -19.42
N TYR C 518 20.86 79.83 -20.23
CA TYR C 518 22.23 79.97 -19.76
C TYR C 518 22.61 81.45 -19.82
N ILE C 519 22.11 82.20 -18.83
CA ILE C 519 22.31 83.64 -18.74
C ILE C 519 22.91 84.04 -17.40
N CYS C 520 22.40 83.40 -16.34
CA CYS C 520 22.76 83.64 -14.93
C CYS C 520 24.21 83.71 -14.42
N ASP C 521 25.04 82.70 -14.72
CA ASP C 521 26.43 82.70 -14.22
C ASP C 521 27.32 83.79 -14.82
N ASN C 522 27.18 85.02 -14.30
CA ASN C 522 27.89 86.20 -14.78
C ASN C 522 27.71 87.47 -14.01
N ASP C 523 28.22 88.57 -14.56
CA ASP C 523 28.10 89.89 -13.92
C ASP C 523 27.14 90.83 -14.66
N PRO C 524 26.77 91.95 -14.01
CA PRO C 524 25.86 92.98 -14.53
C PRO C 524 26.47 93.80 -15.67
N LYS C 525 26.98 93.09 -16.66
CA LYS C 525 27.64 93.63 -17.85
C LYS C 525 27.83 92.56 -18.90
N TYR C 526 28.28 91.38 -18.49
CA TYR C 526 28.38 90.27 -19.42
C TYR C 526 27.01 89.89 -19.95
N GLU C 527 26.02 90.00 -19.07
CA GLU C 527 24.67 89.71 -19.44
C GLU C 527 24.29 90.61 -20.59
N ARG C 528 24.39 91.93 -20.40
CA ARG C 528 23.94 92.91 -21.38
C ARG C 528 24.78 92.85 -22.65
N LEU C 529 26.02 92.35 -22.55
CA LEU C 529 26.79 92.14 -23.76
C LEU C 529 26.28 90.93 -24.53
N VAL C 530 25.99 89.83 -23.82
CA VAL C 530 25.63 88.60 -24.50
C VAL C 530 24.23 88.70 -25.09
N ASN C 531 23.32 89.43 -24.45
CA ASN C 531 22.02 89.59 -25.08
C ASN C 531 22.11 90.51 -26.29
N ALA C 532 23.06 91.44 -26.29
CA ALA C 532 23.33 92.19 -27.52
C ALA C 532 23.83 91.26 -28.61
N ILE C 533 24.71 90.32 -28.24
CA ILE C 533 25.12 89.28 -29.16
C ILE C 533 23.91 88.52 -29.69
N LEU C 534 23.02 88.14 -28.78
CA LEU C 534 21.86 87.31 -29.12
C LEU C 534 20.93 88.04 -30.07
N ASP C 535 20.75 89.34 -29.87
CA ASP C 535 19.89 90.11 -30.74
C ASP C 535 20.40 90.15 -32.17
N PHE C 536 21.66 89.80 -32.39
CA PHE C 536 22.25 89.70 -33.72
C PHE C 536 22.30 88.29 -34.28
N LEU C 537 22.56 87.30 -33.42
CA LEU C 537 22.95 85.98 -33.90
C LEU C 537 21.96 85.35 -34.88
N PRO C 538 20.65 85.28 -34.60
CA PRO C 538 19.77 84.52 -35.50
C PRO C 538 19.63 85.14 -36.88
N LYS C 539 20.12 86.37 -37.08
CA LYS C 539 20.05 86.98 -38.39
C LYS C 539 20.72 86.13 -39.45
N ILE C 540 21.68 85.31 -39.05
CA ILE C 540 22.35 84.43 -39.99
C ILE C 540 22.93 83.23 -39.26
N TYR C 549 37.03 81.51 -44.00
CA TYR C 549 37.51 82.02 -42.72
C TYR C 549 37.22 83.52 -42.58
N THR C 550 37.54 84.28 -43.64
CA THR C 550 37.44 85.73 -43.55
C THR C 550 35.99 86.20 -43.48
N ASP C 551 35.05 85.38 -43.93
CA ASP C 551 33.64 85.76 -43.83
C ASP C 551 33.23 85.95 -42.37
N LEU C 552 33.67 85.05 -41.50
CA LEU C 552 33.33 85.12 -40.09
C LEU C 552 33.95 86.35 -39.42
N LEU C 553 35.16 86.73 -39.83
CA LEU C 553 35.78 87.94 -39.31
C LEU C 553 35.07 89.18 -39.82
N ARG C 554 34.73 89.21 -41.11
CA ARG C 554 34.10 90.39 -41.69
C ARG C 554 32.71 90.62 -41.14
N ILE C 555 31.99 89.54 -40.81
CA ILE C 555 30.67 89.73 -40.20
C ILE C 555 30.80 90.28 -38.79
N ALA C 556 31.83 89.87 -38.05
CA ALA C 556 32.08 90.41 -36.72
C ALA C 556 32.68 91.81 -36.77
N LEU C 557 33.17 92.23 -37.93
CA LEU C 557 33.67 93.60 -38.08
C LEU C 557 32.62 94.62 -37.69
N MET C 558 31.38 94.43 -38.17
CA MET C 558 30.32 95.38 -37.82
C MET C 558 30.04 95.36 -36.32
N ALA C 559 30.16 94.19 -35.70
CA ALA C 559 29.97 94.06 -34.25
C ALA C 559 31.24 94.53 -33.53
N GLU C 560 31.53 95.81 -33.70
CA GLU C 560 32.66 96.41 -32.98
C GLU C 560 32.33 96.63 -31.51
N ASP C 561 31.07 96.96 -31.21
CA ASP C 561 30.65 97.20 -29.85
C ASP C 561 30.77 95.97 -28.97
N GLU C 562 30.95 94.79 -29.57
CA GLU C 562 31.18 93.55 -28.85
C GLU C 562 32.59 93.06 -29.17
N ALA C 563 33.30 92.61 -28.14
CA ALA C 563 34.69 92.16 -28.28
C ALA C 563 34.83 90.90 -29.12
N ILE C 564 33.71 90.35 -29.61
CA ILE C 564 33.77 89.25 -30.55
C ILE C 564 34.63 89.63 -31.75
N PHE C 565 34.64 90.90 -32.10
CA PHE C 565 35.53 91.35 -33.17
C PHE C 565 36.99 91.17 -32.78
N GLU C 566 37.34 91.43 -31.53
CA GLU C 566 38.73 91.30 -31.12
C GLU C 566 39.18 89.85 -31.19
N GLU C 567 38.32 88.93 -30.77
CA GLU C 567 38.67 87.52 -30.88
C GLU C 567 38.69 87.08 -32.34
N ALA C 568 37.83 87.67 -33.17
CA ALA C 568 37.90 87.41 -34.61
C ALA C 568 39.23 87.87 -35.18
N HIS C 569 39.70 89.03 -34.72
CA HIS C 569 41.03 89.51 -35.10
C HIS C 569 42.11 88.52 -34.69
N LYS C 570 42.04 88.03 -33.46
CA LYS C 570 43.01 87.03 -33.01
C LYS C 570 42.94 85.76 -33.83
N GLN C 571 41.72 85.33 -34.20
CA GLN C 571 41.55 84.09 -34.96
C GLN C 571 42.13 84.22 -36.36
N VAL C 572 41.74 85.27 -37.10
CA VAL C 572 42.28 85.48 -38.44
C VAL C 572 43.77 85.75 -38.39
N GLN C 573 44.26 86.25 -37.25
CA GLN C 573 45.70 86.38 -37.06
C GLN C 573 46.40 85.05 -37.19
N ARG C 574 45.81 83.99 -36.63
CA ARG C 574 46.39 82.66 -36.70
C ARG C 574 46.07 82.00 -38.04
N ASP C 598 19.53 86.48 -44.60
CA ASP C 598 18.38 87.27 -44.21
C ASP C 598 17.71 86.69 -42.96
N ASN C 599 16.49 87.13 -42.68
CA ASN C 599 15.84 86.79 -41.42
C ASN C 599 15.68 85.28 -41.26
N GLU C 600 15.09 84.62 -42.26
CA GLU C 600 14.80 83.19 -42.10
C GLU C 600 15.13 82.42 -43.37
N GLY C 601 16.20 81.63 -43.32
CA GLY C 601 16.50 80.68 -44.38
C GLY C 601 16.32 79.25 -43.89
N ARG C 602 15.33 78.56 -44.44
CA ARG C 602 14.89 77.28 -43.89
C ARG C 602 15.55 76.10 -44.61
N HIS C 603 16.09 75.18 -43.80
CA HIS C 603 16.82 74.01 -44.29
C HIS C 603 15.90 72.81 -44.41
N ALA C 604 16.49 71.62 -44.54
CA ALA C 604 15.78 70.35 -44.50
C ALA C 604 14.91 70.21 -45.73
N VAL C 605 15.05 71.14 -46.67
CA VAL C 605 14.42 71.02 -47.98
C VAL C 605 15.28 70.08 -48.81
N TYR C 606 14.78 68.86 -49.03
CA TYR C 606 15.59 67.82 -49.64
C TYR C 606 15.98 68.18 -51.07
N LEU C 607 14.99 68.25 -51.95
CA LEU C 607 15.26 68.50 -53.37
C LEU C 607 15.20 69.99 -53.70
N HIS C 608 14.02 70.58 -53.56
CA HIS C 608 13.81 72.00 -53.85
C HIS C 608 12.53 72.44 -53.17
N ASN C 609 12.23 73.73 -53.35
CA ASN C 609 11.03 74.34 -52.81
C ASN C 609 10.15 74.78 -53.97
N ASP C 610 8.86 74.47 -53.87
CA ASP C 610 7.86 74.93 -54.82
C ASP C 610 6.92 75.94 -54.17
N PHE C 611 6.18 75.53 -53.15
CA PHE C 611 4.98 76.24 -52.76
C PHE C 611 4.81 76.14 -51.24
N CYS C 612 4.22 77.17 -50.64
CA CYS C 612 4.28 77.42 -49.20
C CYS C 612 3.10 78.27 -48.76
N LEU C 613 2.89 78.30 -47.44
CA LEU C 613 1.82 79.13 -46.88
C LEU C 613 2.08 79.37 -45.40
N ILE C 614 1.50 80.46 -44.90
CA ILE C 614 1.60 80.87 -43.50
C ILE C 614 0.19 80.97 -42.93
N ALA C 615 0.03 80.60 -41.67
CA ALA C 615 -1.25 80.69 -41.01
C ALA C 615 -1.60 82.15 -40.68
N LEU C 616 -2.83 82.36 -40.23
CA LEU C 616 -3.30 83.73 -39.94
C LEU C 616 -2.83 84.21 -38.56
N ALA C 617 -3.33 83.58 -37.49
CA ALA C 617 -2.76 83.82 -36.18
C ALA C 617 -1.33 83.31 -36.14
N SER C 618 -1.12 82.11 -36.67
CA SER C 618 0.19 81.60 -37.08
C SER C 618 1.15 81.47 -35.92
N GLY C 619 2.38 81.89 -36.14
CA GLY C 619 3.50 81.32 -35.44
C GLY C 619 4.03 80.06 -36.09
N GLN C 620 3.54 79.72 -37.28
CA GLN C 620 3.83 78.47 -37.97
C GLN C 620 3.65 78.67 -39.46
N ILE C 621 4.03 77.64 -40.23
CA ILE C 621 4.07 77.70 -41.70
C ILE C 621 3.96 76.28 -42.25
N LEU C 622 3.15 76.11 -43.30
CA LEU C 622 3.14 74.89 -44.11
C LEU C 622 4.02 75.05 -45.34
N LEU C 623 4.67 73.96 -45.74
CA LEU C 623 5.42 73.95 -46.99
C LEU C 623 5.17 72.64 -47.69
N THR C 624 4.93 72.70 -49.00
CA THR C 624 4.70 71.51 -49.82
C THR C 624 5.37 71.71 -51.17
N ASP C 625 6.33 70.86 -51.50
CA ASP C 625 7.23 71.11 -52.63
C ASP C 625 7.53 69.79 -53.35
N VAL C 626 8.49 69.85 -54.28
CA VAL C 626 8.87 68.69 -55.07
C VAL C 626 9.22 67.48 -54.22
N SER C 627 9.49 67.68 -52.92
CA SER C 627 9.77 66.58 -52.02
C SER C 627 8.57 65.67 -51.79
N LEU C 628 7.42 65.97 -52.40
CA LEU C 628 6.21 65.15 -52.32
C LEU C 628 5.65 65.08 -50.91
N GLU C 629 5.96 66.06 -50.07
CA GLU C 629 5.66 66.01 -48.65
C GLU C 629 5.01 67.32 -48.23
N GLY C 630 4.47 67.33 -47.01
CA GLY C 630 3.91 68.55 -46.42
C GLY C 630 4.37 68.73 -44.99
N GLU C 631 4.96 69.89 -44.68
CA GLU C 631 5.63 70.08 -43.40
C GLU C 631 5.16 71.35 -42.72
N ASP C 632 5.00 71.26 -41.40
CA ASP C 632 4.74 72.42 -40.54
C ASP C 632 5.98 72.74 -39.76
N THR C 633 6.51 73.93 -39.97
CA THR C 633 7.58 74.47 -39.13
C THR C 633 7.15 75.83 -38.64
N TYR C 634 7.46 76.12 -37.39
CA TYR C 634 6.94 77.29 -36.72
C TYR C 634 7.43 78.57 -37.40
N LEU C 635 6.90 79.70 -36.95
CA LEU C 635 7.46 80.97 -37.36
C LEU C 635 8.68 81.33 -36.53
N LEU C 636 8.50 81.42 -35.22
CA LEU C 636 9.57 81.83 -34.32
C LEU C 636 10.49 80.69 -33.94
N ARG C 637 10.12 79.44 -34.22
CA ARG C 637 10.94 78.33 -33.75
C ARG C 637 11.37 77.37 -34.85
N ASP C 638 10.51 77.10 -35.82
CA ASP C 638 10.81 76.26 -36.99
C ASP C 638 11.08 74.81 -36.62
N GLU C 639 10.79 74.37 -35.39
CA GLU C 639 11.25 73.05 -34.94
C GLU C 639 10.51 71.90 -35.61
N SER C 640 9.68 72.17 -36.62
CA SER C 640 8.98 71.16 -37.40
C SER C 640 7.85 70.54 -36.59
N ASP C 641 6.80 70.10 -37.28
CA ASP C 641 5.67 69.47 -36.58
C ASP C 641 5.44 68.05 -37.09
N SER C 642 5.24 67.90 -38.40
CA SER C 642 5.04 66.58 -39.02
C SER C 642 5.19 66.60 -40.53
N SER C 643 5.98 65.66 -41.03
CA SER C 643 6.15 65.48 -42.46
C SER C 643 5.36 64.25 -42.87
N ASP C 644 4.33 64.46 -43.68
CA ASP C 644 3.43 63.39 -44.08
C ASP C 644 3.46 63.24 -45.59
N ILE C 645 3.50 61.99 -46.05
CA ILE C 645 3.48 61.71 -47.49
C ILE C 645 2.06 61.99 -47.98
N LEU C 646 1.86 63.19 -48.50
CA LEU C 646 0.54 63.60 -48.96
C LEU C 646 0.19 62.86 -50.25
N ARG C 647 0.98 63.08 -51.30
CA ARG C 647 0.95 62.26 -52.50
C ARG C 647 2.38 62.10 -52.98
N MET C 648 2.56 61.21 -53.95
CA MET C 648 3.80 61.08 -54.69
C MET C 648 3.84 62.01 -55.88
N ALA C 649 3.05 63.07 -55.87
CA ALA C 649 2.97 64.02 -56.96
C ALA C 649 3.48 65.37 -56.49
N VAL C 650 4.20 66.07 -57.37
CA VAL C 650 4.81 67.35 -57.03
C VAL C 650 3.72 68.41 -56.96
N PHE C 651 3.79 69.23 -55.93
CA PHE C 651 2.71 70.17 -55.62
C PHE C 651 2.72 71.33 -56.61
N ASN C 652 1.53 71.76 -57.01
CA ASN C 652 1.42 72.84 -57.97
C ASN C 652 0.82 74.10 -57.37
N GLN C 653 -0.28 73.98 -56.64
CA GLN C 653 -0.93 75.10 -55.99
C GLN C 653 -1.65 74.56 -54.75
N GLN C 654 -1.83 75.43 -53.77
CA GLN C 654 -2.50 75.10 -52.51
C GLN C 654 -2.85 76.39 -51.77
N LYS C 655 -4.03 76.44 -51.18
CA LYS C 655 -4.46 77.63 -50.46
C LYS C 655 -5.57 77.34 -49.44
N HIS C 656 -5.44 77.94 -48.26
CA HIS C 656 -6.44 77.78 -47.20
C HIS C 656 -7.62 78.69 -47.48
N LEU C 657 -8.80 78.38 -46.91
CA LEU C 657 -10.02 79.19 -47.02
C LEU C 657 -10.21 80.35 -46.00
N ILE C 658 -10.36 80.07 -44.69
CA ILE C 658 -10.63 81.17 -43.71
C ILE C 658 -10.05 81.21 -42.26
N THR C 659 -10.60 80.38 -41.37
CA THR C 659 -10.25 80.26 -39.91
C THR C 659 -9.28 79.10 -39.43
N LEU C 660 -8.50 78.55 -40.45
CA LEU C 660 -7.21 77.85 -40.39
C LEU C 660 -7.41 76.35 -40.26
N HIS C 661 -8.47 75.85 -40.87
CA HIS C 661 -8.80 74.43 -40.80
C HIS C 661 -8.40 73.66 -42.05
N CYS C 662 -9.34 73.51 -42.98
CA CYS C 662 -9.10 72.78 -44.21
C CYS C 662 -8.80 73.67 -45.42
N ASN C 663 -7.70 73.36 -46.09
CA ASN C 663 -7.27 74.08 -47.28
C ASN C 663 -7.51 73.33 -48.60
N GLY C 664 -6.69 73.63 -49.60
CA GLY C 664 -6.79 73.00 -50.91
C GLY C 664 -5.42 72.69 -51.50
N SER C 665 -5.34 71.61 -52.27
CA SER C 665 -4.08 71.19 -52.88
C SER C 665 -4.22 70.90 -54.38
N VAL C 666 -3.14 71.12 -55.12
CA VAL C 666 -3.10 70.91 -56.55
C VAL C 666 -1.72 70.38 -56.96
N LYS C 667 -1.70 69.13 -57.38
CA LYS C 667 -0.50 68.44 -57.81
C LYS C 667 -0.65 68.07 -59.28
N LEU C 668 0.35 67.39 -59.79
CA LEU C 668 0.38 67.03 -61.19
C LEU C 668 -0.64 65.96 -61.56
N TRP C 669 -1.45 65.45 -60.64
CA TRP C 669 -2.55 64.57 -61.00
C TRP C 669 -3.85 65.29 -60.68
N SER C 670 -3.70 66.42 -59.95
CA SER C 670 -4.70 67.48 -59.74
C SER C 670 -5.82 67.08 -58.80
N LEU C 671 -5.73 65.89 -58.22
CA LEU C 671 -6.72 65.42 -57.26
C LEU C 671 -6.57 66.25 -55.99
N TRP C 672 -7.68 66.54 -55.33
CA TRP C 672 -7.64 67.35 -54.12
C TRP C 672 -7.71 66.55 -52.82
N PRO C 673 -6.60 66.51 -52.08
CA PRO C 673 -6.49 65.83 -50.79
C PRO C 673 -6.60 66.91 -49.72
N ASP C 674 -7.32 66.70 -48.62
CA ASP C 674 -7.46 67.78 -47.61
C ASP C 674 -7.00 67.68 -46.14
N CYS C 675 -6.44 68.76 -45.61
CA CYS C 675 -5.95 68.75 -44.23
C CYS C 675 -6.84 69.50 -43.25
N PRO C 676 -6.89 69.03 -42.00
CA PRO C 676 -7.69 69.62 -40.92
C PRO C 676 -6.90 70.70 -40.18
N GLY C 677 -7.45 71.20 -39.08
CA GLY C 677 -6.82 72.23 -38.28
C GLY C 677 -5.35 71.99 -37.97
N ARG C 678 -5.03 70.79 -37.53
CA ARG C 678 -3.66 70.44 -37.20
C ARG C 678 -3.20 69.23 -38.01
N ARG C 679 -3.21 69.40 -39.34
CA ARG C 679 -2.82 68.36 -40.31
C ARG C 679 -3.28 66.94 -39.96
N HIS C 680 -4.59 66.72 -40.01
CA HIS C 680 -5.18 65.42 -39.71
C HIS C 680 -5.29 64.56 -40.96
N SER C 681 -6.13 63.53 -40.89
CA SER C 681 -6.33 62.62 -42.01
C SER C 681 -6.72 63.40 -43.26
N GLY C 682 -5.75 63.68 -44.11
CA GLY C 682 -6.00 64.42 -45.34
C GLY C 682 -6.76 63.60 -46.36
N GLY C 683 -7.55 64.27 -47.19
CA GLY C 683 -8.32 63.60 -48.22
C GLY C 683 -9.80 63.92 -48.14
N SER C 684 -10.11 65.16 -47.74
CA SER C 684 -11.50 65.60 -47.61
C SER C 684 -12.24 65.43 -48.94
N LYS C 685 -11.68 65.98 -50.00
CA LYS C 685 -12.29 65.90 -51.32
C LYS C 685 -12.00 64.55 -51.97
N GLN C 686 -12.92 64.09 -52.83
CA GLN C 686 -12.77 62.81 -53.50
C GLN C 686 -11.79 62.90 -54.67
N GLN C 687 -12.31 63.18 -55.85
CA GLN C 687 -11.48 63.30 -57.05
C GLN C 687 -11.73 64.60 -57.79
N LEU C 688 -10.94 64.84 -58.84
CA LEU C 688 -11.04 66.04 -59.67
C LEU C 688 -11.07 67.31 -58.83
N VAL C 693 -7.75 69.48 -62.83
CA VAL C 693 -8.35 70.66 -62.24
C VAL C 693 -7.26 71.52 -61.61
N LYS C 694 -7.25 72.80 -61.94
CA LYS C 694 -6.24 73.71 -61.43
C LYS C 694 -6.83 74.86 -60.61
N ARG C 695 -8.14 75.08 -60.66
CA ARG C 695 -8.75 76.36 -60.33
C ARG C 695 -9.70 76.22 -59.14
N PHE C 696 -9.60 77.13 -58.19
CA PHE C 696 -10.20 76.91 -56.88
C PHE C 696 -10.44 78.23 -56.18
N ILE C 697 -11.55 78.31 -55.44
CA ILE C 697 -11.90 79.42 -54.57
C ILE C 697 -12.67 78.85 -53.39
N GLY C 698 -12.46 79.42 -52.22
CA GLY C 698 -13.34 79.21 -51.08
C GLY C 698 -14.10 80.48 -50.78
N SER C 699 -15.44 80.42 -50.73
CA SER C 699 -16.22 81.62 -50.43
C SER C 699 -15.78 82.04 -49.04
N TYR C 700 -15.12 83.20 -49.02
CA TYR C 700 -14.47 83.72 -47.84
C TYR C 700 -15.45 84.08 -46.74
N ALA C 701 -16.74 84.15 -47.04
CA ALA C 701 -17.75 84.34 -46.02
C ALA C 701 -17.65 83.21 -45.01
N ASN C 702 -17.39 83.52 -43.74
CA ASN C 702 -17.35 82.45 -42.76
C ASN C 702 -18.71 81.73 -42.65
N LEU C 703 -19.77 82.52 -42.56
CA LEU C 703 -21.12 82.00 -42.45
C LEU C 703 -21.46 81.14 -43.64
N LYS C 704 -20.75 81.37 -44.73
CA LYS C 704 -21.14 80.66 -45.94
C LYS C 704 -20.05 79.63 -46.22
N ILE C 705 -20.35 78.37 -45.91
CA ILE C 705 -19.38 77.28 -45.98
C ILE C 705 -19.20 76.91 -47.45
N VAL C 706 -19.94 77.57 -48.32
CA VAL C 706 -19.81 77.36 -49.76
C VAL C 706 -18.39 77.69 -50.19
N ALA C 707 -17.97 77.15 -51.33
CA ALA C 707 -16.65 77.43 -51.87
C ALA C 707 -16.68 77.14 -53.36
N PHE C 708 -16.24 78.10 -54.17
CA PHE C 708 -16.37 78.03 -55.62
C PHE C 708 -15.11 77.40 -56.22
N TYR C 709 -15.13 76.08 -56.30
CA TYR C 709 -14.07 75.36 -56.98
C TYR C 709 -14.34 75.38 -58.48
N LEU C 710 -13.40 74.86 -59.27
CA LEU C 710 -13.54 74.88 -60.72
C LEU C 710 -12.82 73.66 -61.28
N ASN C 711 -13.18 73.29 -62.51
CA ASN C 711 -12.60 72.12 -63.15
C ASN C 711 -12.09 72.48 -64.54
N GLU C 712 -11.33 71.55 -65.12
CA GLU C 712 -10.89 71.67 -66.51
C GLU C 712 -11.97 71.21 -67.48
N ASP C 713 -13.01 70.57 -66.97
CA ASP C 713 -14.09 70.06 -67.80
C ASP C 713 -15.24 71.04 -67.93
N ALA C 714 -14.98 72.33 -67.71
CA ALA C 714 -15.99 73.38 -67.73
C ALA C 714 -17.10 73.10 -66.73
N GLY C 715 -16.72 73.11 -65.44
CA GLY C 715 -17.66 72.89 -64.37
C GLY C 715 -17.52 73.97 -63.30
N LEU C 716 -18.60 74.12 -62.51
CA LEU C 716 -18.67 75.10 -61.43
C LEU C 716 -19.05 74.40 -60.14
N PRO C 717 -18.16 73.57 -59.59
CA PRO C 717 -18.52 72.84 -58.36
C PRO C 717 -18.47 73.75 -57.14
N GLU C 718 -19.53 73.69 -56.33
CA GLU C 718 -19.58 74.44 -55.08
C GLU C 718 -20.03 73.52 -53.96
N ALA C 719 -19.13 73.24 -53.03
CA ALA C 719 -19.40 72.33 -51.92
C ALA C 719 -19.00 72.98 -50.61
N ASN C 720 -19.32 72.31 -49.51
CA ASN C 720 -19.04 72.80 -48.16
C ASN C 720 -18.19 71.81 -47.38
N ILE C 721 -17.99 72.12 -46.11
CA ILE C 721 -17.36 71.22 -45.14
C ILE C 721 -18.44 70.31 -44.56
N GLN C 722 -18.04 69.27 -43.84
CA GLN C 722 -18.97 68.31 -43.24
C GLN C 722 -19.68 67.57 -44.36
N LEU C 723 -20.55 68.26 -45.08
CA LEU C 723 -21.03 67.73 -46.34
C LEU C 723 -19.91 67.74 -47.37
N HIS C 724 -19.79 66.64 -48.11
CA HIS C 724 -18.70 66.49 -49.07
C HIS C 724 -19.17 66.49 -50.51
N VAL C 725 -20.41 66.91 -50.77
CA VAL C 725 -20.93 66.93 -52.13
C VAL C 725 -21.12 68.38 -52.56
N ALA C 726 -20.95 68.62 -53.85
CA ALA C 726 -21.16 69.94 -54.39
C ALA C 726 -22.63 70.33 -54.30
N PHE C 727 -22.87 71.61 -54.07
CA PHE C 727 -24.22 72.13 -53.91
C PHE C 727 -24.77 72.59 -55.26
N ILE C 728 -23.99 73.38 -55.98
CA ILE C 728 -24.35 73.88 -57.30
C ILE C 728 -23.21 73.56 -58.25
N ASN C 729 -23.58 73.05 -59.43
CA ASN C 729 -22.63 72.72 -60.50
C ASN C 729 -23.16 73.34 -61.79
N GLY C 730 -22.42 74.29 -62.33
CA GLY C 730 -22.83 75.00 -63.54
C GLY C 730 -21.88 74.74 -64.70
N ASP C 731 -22.41 74.84 -65.91
CA ASP C 731 -21.60 74.70 -67.12
C ASP C 731 -22.29 75.37 -68.31
N TRP C 737 -7.42 76.84 -70.69
CA TRP C 737 -7.84 77.59 -69.51
C TRP C 737 -6.71 77.58 -68.48
N ASP C 738 -6.31 78.75 -68.01
CA ASP C 738 -5.18 78.87 -67.10
C ASP C 738 -5.62 79.20 -65.68
N GLU C 739 -6.33 80.31 -65.48
CA GLU C 739 -6.80 80.70 -64.16
C GLU C 739 -8.21 81.26 -64.27
N GLN C 740 -8.92 81.22 -63.15
CA GLN C 740 -10.35 81.47 -63.15
C GLN C 740 -10.79 81.84 -61.74
N ASP C 741 -11.43 83.00 -61.60
CA ASP C 741 -11.76 83.56 -60.30
C ASP C 741 -13.18 84.12 -60.29
N GLN C 742 -14.10 83.41 -59.67
CA GLN C 742 -15.49 83.87 -59.56
C GLN C 742 -15.56 85.21 -58.84
N GLU C 743 -16.49 86.05 -59.29
CA GLU C 743 -16.71 87.35 -58.68
C GLU C 743 -17.95 87.30 -57.79
N PHE C 744 -18.30 88.45 -57.21
CA PHE C 744 -19.46 88.54 -56.35
C PHE C 744 -20.73 88.82 -57.15
N SER C 747 -20.50 86.14 -58.95
CA SER C 747 -21.61 85.61 -59.73
C SER C 747 -21.20 85.40 -61.19
N HIS C 748 -19.98 85.83 -61.51
CA HIS C 748 -19.40 85.63 -62.83
C HIS C 748 -17.89 85.46 -62.69
N VAL C 749 -17.15 85.46 -63.80
CA VAL C 749 -15.74 85.08 -63.71
C VAL C 749 -14.92 85.48 -64.93
N PRO C 750 -13.68 85.97 -64.73
CA PRO C 750 -12.75 86.13 -65.86
C PRO C 750 -11.84 84.92 -66.04
N VAL C 751 -11.36 84.72 -67.27
CA VAL C 751 -10.52 83.58 -67.62
C VAL C 751 -9.46 84.01 -68.64
N LEU C 752 -8.23 83.55 -68.46
CA LEU C 752 -7.22 83.70 -69.49
C LEU C 752 -6.69 82.32 -69.88
N LYS C 753 -6.48 82.12 -71.17
CA LYS C 753 -5.74 80.99 -71.69
C LYS C 753 -4.33 81.46 -72.03
N THR C 754 -3.58 80.58 -72.69
CA THR C 754 -2.31 80.99 -73.27
C THR C 754 -2.48 81.83 -74.53
N MET C 755 -3.72 82.13 -74.93
CA MET C 755 -3.99 82.94 -76.11
C MET C 755 -3.60 84.40 -75.94
N GLN C 756 -3.14 84.79 -74.75
CA GLN C 756 -2.78 86.17 -74.43
C GLN C 756 -4.00 87.09 -74.49
N SER C 757 -5.04 86.73 -73.73
CA SER C 757 -6.25 87.54 -73.62
C SER C 757 -7.03 87.08 -72.39
N GLY C 758 -8.04 87.87 -72.04
CA GLY C 758 -8.92 87.56 -70.91
C GLY C 758 -10.35 87.30 -71.39
N ILE C 759 -11.03 86.40 -70.70
CA ILE C 759 -12.36 85.94 -71.09
C ILE C 759 -13.28 85.95 -69.88
N ARG C 760 -14.46 86.55 -70.06
CA ARG C 760 -15.44 86.73 -68.99
C ARG C 760 -16.66 85.83 -69.18
N CYS C 761 -17.55 85.89 -68.20
CA CYS C 761 -18.72 85.04 -68.19
C CYS C 761 -19.90 85.54 -67.37
N PHE C 762 -21.05 85.46 -68.03
CA PHE C 762 -22.34 85.78 -67.46
C PHE C 762 -22.79 84.52 -66.80
N VAL C 763 -22.16 84.22 -65.66
CA VAL C 763 -22.53 82.99 -64.94
C VAL C 763 -24.03 82.78 -64.72
N GLN C 764 -24.76 83.89 -64.74
CA GLN C 764 -26.22 83.86 -64.59
C GLN C 764 -26.90 83.30 -65.83
N VAL C 765 -26.39 83.62 -67.02
CA VAL C 765 -26.86 83.07 -68.28
C VAL C 765 -25.84 82.13 -68.90
N LEU C 766 -24.60 82.14 -68.41
CA LEU C 766 -23.50 81.30 -68.89
C LEU C 766 -23.15 81.63 -70.34
N LYS C 767 -22.83 82.90 -70.57
CA LYS C 767 -22.30 83.39 -71.84
C LYS C 767 -21.07 84.22 -71.52
N ARG C 768 -20.12 84.26 -72.44
CA ARG C 768 -18.97 85.12 -72.19
C ARG C 768 -19.36 86.59 -72.37
N TYR C 769 -18.97 87.42 -71.41
CA TYR C 769 -19.23 88.86 -71.53
C TYR C 769 -18.61 89.40 -72.80
N TYR C 770 -17.28 89.48 -72.80
CA TYR C 770 -16.54 90.05 -73.91
C TYR C 770 -15.12 89.51 -73.81
N VAL C 771 -14.21 90.02 -74.63
CA VAL C 771 -12.80 89.67 -74.53
C VAL C 771 -11.95 90.92 -74.69
N VAL C 772 -10.71 90.85 -74.22
CA VAL C 772 -9.72 91.89 -74.49
C VAL C 772 -8.36 91.21 -74.62
N CYS C 773 -7.62 91.55 -75.67
CA CYS C 773 -6.35 90.89 -75.90
C CYS C 773 -5.12 91.78 -75.78
N THR C 774 -4.28 91.48 -74.79
CA THR C 774 -3.05 92.21 -74.59
C THR C 774 -1.94 91.64 -75.46
N SER C 775 -2.04 91.85 -76.77
CA SER C 775 -1.01 91.36 -77.69
C SER C 775 0.18 92.29 -77.55
N ASN C 776 0.30 92.85 -76.35
CA ASN C 776 1.37 93.78 -76.02
C ASN C 776 2.74 93.16 -76.15
N CYS C 777 2.84 91.84 -76.27
CA CYS C 777 4.12 91.19 -76.46
C CYS C 777 4.80 91.73 -77.71
N THR C 778 6.06 92.13 -77.56
CA THR C 778 6.79 92.75 -78.65
C THR C 778 8.16 92.08 -78.82
N LEU C 794 -2.43 84.65 -65.05
CA LEU C 794 -2.18 84.94 -63.65
C LEU C 794 -3.27 85.83 -63.05
N HIS C 795 -4.35 85.21 -62.59
CA HIS C 795 -5.48 85.90 -61.98
C HIS C 795 -5.38 85.75 -60.47
N VAL C 796 -5.29 86.88 -59.75
CA VAL C 796 -5.19 86.85 -58.29
C VAL C 796 -6.11 87.92 -57.71
N PHE C 797 -6.66 87.64 -56.53
CA PHE C 797 -7.54 88.57 -55.84
C PHE C 797 -6.80 89.47 -54.87
N ASN C 798 -7.40 90.65 -54.64
CA ASN C 798 -6.91 91.68 -53.74
C ASN C 798 -7.54 91.50 -52.36
N VAL C 799 -7.53 92.54 -51.54
CA VAL C 799 -8.11 92.49 -50.20
C VAL C 799 -9.54 91.94 -50.26
N GLU C 800 -10.43 92.69 -50.91
CA GLU C 800 -11.85 92.35 -50.95
C GLU C 800 -12.22 91.47 -52.13
N ASN C 801 -11.25 91.07 -52.95
CA ASN C 801 -11.46 90.23 -54.13
C ASN C 801 -12.35 90.90 -55.17
N ASP C 802 -12.80 92.13 -54.91
CA ASP C 802 -13.61 92.87 -55.88
C ASP C 802 -12.80 93.32 -57.07
N THR C 803 -11.47 93.15 -57.04
CA THR C 803 -10.60 93.55 -58.13
C THR C 803 -9.63 92.42 -58.42
N PRO C 804 -9.75 91.73 -59.54
CA PRO C 804 -8.76 90.71 -59.90
C PRO C 804 -7.64 91.30 -60.76
N LEU C 805 -6.44 90.80 -60.51
CA LEU C 805 -5.23 91.22 -61.20
C LEU C 805 -4.84 90.09 -62.15
N ALA C 806 -4.65 90.42 -63.43
CA ALA C 806 -4.52 89.42 -64.48
C ALA C 806 -3.24 89.66 -65.28
N LEU C 807 -2.14 89.01 -64.87
CA LEU C 807 -0.92 89.02 -65.67
C LEU C 807 -1.08 88.03 -66.82
N ASP C 808 -1.96 88.38 -67.74
CA ASP C 808 -1.92 87.82 -69.08
C ASP C 808 -0.62 88.29 -69.71
N VAL C 809 0.17 87.33 -70.22
CA VAL C 809 1.59 87.51 -70.54
C VAL C 809 2.22 88.45 -69.53
N PHE C 810 2.91 89.48 -70.00
CA PHE C 810 3.53 90.46 -69.11
C PHE C 810 2.57 91.54 -68.64
N ASP C 811 1.37 91.60 -69.22
CA ASP C 811 0.44 92.68 -68.90
C ASP C 811 -0.49 92.28 -67.77
N GLU C 812 -0.56 93.12 -66.74
CA GLU C 812 -1.49 92.91 -65.64
C GLU C 812 -2.79 93.65 -65.91
N ARG C 813 -3.90 92.93 -65.85
CA ARG C 813 -5.21 93.51 -66.10
C ARG C 813 -5.88 93.72 -64.75
N SER C 814 -6.14 94.98 -64.41
CA SER C 814 -6.72 95.33 -63.11
C SER C 814 -8.07 95.99 -63.35
N LYS C 815 -9.14 95.31 -62.98
CA LYS C 815 -10.50 95.84 -63.09
C LYS C 815 -11.27 95.48 -61.83
N THR C 816 -12.53 95.85 -61.80
CA THR C 816 -13.30 95.46 -60.67
C THR C 816 -13.90 94.12 -61.06
N ALA C 817 -14.01 93.23 -60.08
CA ALA C 817 -14.67 91.94 -60.23
C ALA C 817 -16.17 92.09 -60.03
N VAL C 819 -17.87 95.30 -62.52
CA VAL C 819 -17.94 96.43 -63.43
C VAL C 819 -16.69 96.46 -64.27
N LEU C 820 -16.87 96.56 -65.57
CA LEU C 820 -15.73 96.65 -66.47
C LEU C 820 -15.05 98.00 -66.35
N LEU C 821 -14.01 98.07 -65.55
CA LEU C 821 -13.25 99.30 -65.37
C LEU C 821 -11.79 98.95 -65.15
N ILE C 822 -10.98 99.11 -66.19
CA ILE C 822 -9.56 98.79 -66.12
C ILE C 822 -8.90 99.80 -65.19
N PHE C 823 -8.14 99.30 -64.22
CA PHE C 823 -7.55 100.19 -63.22
C PHE C 823 -6.21 100.73 -63.69
N LYS C 824 -5.23 99.85 -63.88
CA LYS C 824 -3.85 100.28 -64.08
C LYS C 824 -3.12 99.28 -64.96
N TYR C 825 -1.97 99.73 -65.47
CA TYR C 825 -1.04 98.89 -66.23
C TYR C 825 0.38 99.30 -65.84
N SER C 826 1.11 98.38 -65.23
CA SER C 826 2.49 98.61 -64.83
C SER C 826 3.46 98.05 -65.86
N VAL C 827 4.69 98.55 -65.83
CA VAL C 827 5.69 98.27 -66.86
C VAL C 827 6.88 97.58 -66.23
N TRP C 828 7.25 96.43 -66.79
CA TRP C 828 8.47 95.73 -66.39
C TRP C 828 9.69 96.33 -67.08
N PHE C 832 10.53 90.64 -68.78
CA PHE C 832 10.84 89.56 -67.85
C PHE C 832 9.62 88.72 -67.56
N LEU C 833 9.75 87.41 -67.75
CA LEU C 833 8.65 86.50 -67.48
C LEU C 833 8.30 86.49 -66.01
N PRO C 834 7.14 87.01 -65.63
CA PRO C 834 6.71 86.95 -64.23
C PRO C 834 6.19 85.56 -63.91
N GLY C 835 7.00 84.79 -63.19
CA GLY C 835 6.66 83.41 -62.95
C GLY C 835 5.42 83.26 -62.08
N LEU C 836 5.53 83.65 -60.82
CA LEU C 836 4.40 83.63 -59.89
C LEU C 836 4.08 85.07 -59.50
N SER C 837 2.79 85.41 -59.54
CA SER C 837 2.35 86.79 -59.49
C SER C 837 1.18 86.97 -58.52
N VAL C 838 1.32 86.42 -57.31
CA VAL C 838 0.24 86.51 -56.33
C VAL C 838 0.14 87.93 -55.79
N SER C 839 -1.08 88.48 -55.81
CA SER C 839 -1.37 89.68 -55.05
C SER C 839 -1.60 89.31 -53.59
N LEU C 840 -1.11 90.18 -52.71
CA LEU C 840 -1.15 89.91 -51.29
C LEU C 840 -2.56 90.07 -50.76
N GLN C 841 -2.73 89.90 -49.45
CA GLN C 841 -3.97 90.33 -48.82
C GLN C 841 -4.09 91.85 -48.78
N SER C 842 -3.15 92.55 -49.42
CA SER C 842 -3.23 93.99 -49.64
C SER C 842 -3.50 94.20 -51.12
N GLU C 843 -4.40 95.13 -51.42
CA GLU C 843 -4.72 95.43 -52.81
C GLU C 843 -3.60 96.26 -53.44
N ALA C 844 -2.96 97.12 -52.64
CA ALA C 844 -1.94 98.01 -53.19
C ALA C 844 -0.70 97.23 -53.58
N VAL C 845 -0.52 96.04 -53.03
CA VAL C 845 0.71 95.28 -53.17
C VAL C 845 0.45 94.13 -54.12
N GLN C 846 1.13 94.14 -55.26
CA GLN C 846 1.14 93.00 -56.17
C GLN C 846 2.56 92.46 -56.29
N LEU C 847 2.70 91.14 -56.20
CA LEU C 847 4.01 90.48 -56.15
C LEU C 847 4.15 89.53 -57.33
N PRO C 848 4.76 89.97 -58.43
CA PRO C 848 5.13 89.06 -59.51
C PRO C 848 6.57 88.59 -59.43
N GLU C 849 6.87 87.54 -60.18
CA GLU C 849 8.24 87.04 -60.30
C GLU C 849 8.82 87.32 -61.68
N ILE C 853 15.65 93.13 -59.00
CA ILE C 853 15.67 91.74 -59.47
C ILE C 853 14.37 91.44 -60.20
N THR C 854 14.29 90.25 -60.81
CA THR C 854 13.11 89.89 -61.58
C THR C 854 11.85 89.86 -60.71
N CYS C 855 12.03 89.77 -59.40
CA CYS C 855 10.91 89.75 -58.46
C CYS C 855 10.85 91.10 -57.74
N GLY C 856 9.96 91.96 -58.22
CA GLY C 856 9.76 93.25 -57.59
C GLY C 856 8.31 93.55 -57.30
N LYS C 857 7.99 93.87 -56.04
CA LYS C 857 6.62 94.18 -55.67
C LYS C 857 6.22 95.56 -56.18
N ARG C 858 4.93 95.73 -56.45
CA ARG C 858 4.42 96.92 -57.12
C ARG C 858 3.22 97.49 -56.36
N SER C 859 3.09 98.81 -56.44
CA SER C 859 2.04 99.57 -55.76
C SER C 859 0.89 99.75 -56.74
N THR C 860 -0.09 98.86 -56.67
CA THR C 860 -1.34 99.11 -57.38
C THR C 860 -2.11 100.19 -56.65
N ASP C 861 -2.55 101.20 -57.39
CA ASP C 861 -3.29 102.32 -56.82
C ASP C 861 -2.51 103.00 -55.70
N ARG C 863 0.81 99.78 -59.77
CA ARG C 863 1.47 100.20 -61.00
C ARG C 863 2.93 100.55 -60.78
N TYR C 864 3.24 101.04 -59.58
CA TYR C 864 4.58 101.50 -59.25
C TYR C 864 5.27 100.45 -58.40
N LEU C 865 6.50 100.10 -58.77
CA LEU C 865 7.26 99.14 -58.00
C LEU C 865 7.37 99.59 -56.56
N LEU C 866 6.71 98.86 -55.66
CA LEU C 866 6.88 99.15 -54.24
C LEU C 866 8.32 98.90 -53.86
N LEU C 867 9.08 99.98 -53.69
CA LEU C 867 10.44 99.95 -53.21
C LEU C 867 11.27 98.89 -53.93
N GLY C 868 12.30 98.36 -53.29
CA GLY C 868 13.23 97.51 -54.02
C GLY C 868 13.83 96.33 -53.30
N THR C 869 13.13 95.71 -52.35
CA THR C 869 13.66 94.53 -51.69
C THR C 869 13.87 93.45 -52.75
N SER C 870 15.04 92.82 -52.70
CA SER C 870 15.45 91.90 -53.74
C SER C 870 16.39 90.85 -53.13
N GLU C 871 16.55 89.75 -53.85
CA GLU C 871 17.21 88.56 -53.35
C GLU C 871 17.28 87.55 -54.49
N GLY C 872 18.18 86.59 -54.35
CA GLY C 872 18.09 85.38 -55.15
C GLY C 872 19.10 85.22 -56.26
N LEU C 873 19.45 83.97 -56.52
CA LEU C 873 20.35 83.58 -57.60
C LEU C 873 19.68 82.63 -58.60
N ILE C 874 19.07 81.56 -58.10
CA ILE C 874 18.38 80.58 -58.94
C ILE C 874 16.96 81.09 -59.22
N VAL C 875 16.30 80.49 -60.22
CA VAL C 875 14.97 80.93 -60.63
C VAL C 875 14.01 80.93 -59.46
N TYR C 876 13.18 81.96 -59.38
CA TYR C 876 12.28 82.12 -58.25
C TYR C 876 11.00 81.33 -58.49
N ASP C 877 10.51 80.69 -57.43
CA ASP C 877 9.31 79.87 -57.50
C ASP C 877 8.10 80.47 -56.82
N LEU C 878 8.28 81.12 -55.67
CA LEU C 878 7.21 81.91 -55.07
C LEU C 878 7.83 82.91 -54.10
N LYS C 879 6.99 83.83 -53.65
CA LYS C 879 7.30 84.80 -52.60
C LYS C 879 5.97 85.18 -51.97
N ILE C 880 5.85 85.07 -50.64
CA ILE C 880 4.61 85.49 -49.98
C ILE C 880 4.93 86.39 -48.81
N SER C 881 3.91 86.74 -48.03
CA SER C 881 4.06 87.75 -46.98
C SER C 881 3.35 87.27 -45.72
N ASP C 882 3.25 88.17 -44.76
CA ASP C 882 2.66 88.06 -43.43
C ASP C 882 1.19 88.44 -43.47
N PRO C 883 0.38 87.84 -42.60
CA PRO C 883 -1.02 88.26 -42.48
C PRO C 883 -1.18 89.68 -42.01
N VAL C 884 -0.18 90.24 -41.33
CA VAL C 884 -0.25 91.62 -40.85
C VAL C 884 0.50 92.48 -41.84
N LEU C 885 0.73 91.93 -43.05
CA LEU C 885 1.52 92.61 -44.07
C LEU C 885 2.87 93.02 -43.52
N ARG C 886 3.41 92.17 -42.65
CA ARG C 886 4.52 92.54 -41.79
C ARG C 886 5.87 92.16 -42.36
N SER C 887 5.93 91.28 -43.36
CA SER C 887 7.20 90.81 -43.89
C SER C 887 6.97 90.15 -45.24
N ASN C 888 8.04 89.57 -45.79
CA ASN C 888 8.06 89.06 -47.13
C ASN C 888 8.78 87.72 -47.16
N VAL C 889 8.18 86.73 -47.80
CA VAL C 889 8.79 85.43 -48.02
C VAL C 889 9.44 85.44 -49.41
N SER C 890 10.44 84.57 -49.67
CA SER C 890 11.07 84.38 -50.98
C SER C 890 11.56 82.92 -51.15
N GLU C 891 10.75 82.03 -51.74
CA GLU C 891 11.16 80.64 -51.90
C GLU C 891 11.72 80.43 -53.30
N HIS C 892 12.67 79.50 -53.39
CA HIS C 892 13.52 79.40 -54.57
C HIS C 892 13.68 77.93 -54.94
N ILE C 893 14.59 77.66 -55.86
CA ILE C 893 14.95 76.30 -56.24
C ILE C 893 16.29 76.01 -55.55
N GLU C 894 16.50 76.65 -54.42
CA GLU C 894 17.79 76.68 -53.72
C GLU C 894 17.84 75.77 -52.51
N CYS C 895 16.81 74.95 -52.29
CA CYS C 895 16.64 74.11 -51.10
C CYS C 895 16.46 74.93 -49.83
N VAL C 896 16.32 76.25 -49.94
CA VAL C 896 16.19 77.12 -48.78
C VAL C 896 15.15 78.19 -49.08
N ASP C 897 14.17 78.32 -48.19
CA ASP C 897 13.23 79.43 -48.22
C ASP C 897 13.84 80.57 -47.43
N ILE C 898 13.92 81.76 -48.04
CA ILE C 898 14.54 82.91 -47.39
C ILE C 898 13.51 84.00 -47.22
N TYR C 899 13.52 84.62 -46.05
CA TYR C 899 12.45 85.44 -45.54
C TYR C 899 13.04 86.71 -44.95
N GLU C 900 12.51 87.86 -45.38
CA GLU C 900 12.91 89.16 -44.87
C GLU C 900 11.71 89.85 -44.26
N LEU C 901 11.97 90.94 -43.55
CA LEU C 901 10.89 91.76 -43.01
C LEU C 901 10.37 92.73 -44.06
N PHE C 902 9.28 93.41 -43.73
CA PHE C 902 8.70 94.42 -44.61
C PHE C 902 9.40 95.77 -44.45
N ASP C 903 9.34 96.33 -43.26
CA ASP C 903 9.76 97.72 -43.06
C ASP C 903 11.23 97.98 -43.36
N PRO C 904 12.19 97.16 -42.90
CA PRO C 904 13.59 97.61 -43.01
C PRO C 904 14.14 97.63 -44.42
N VAL C 905 13.92 96.60 -45.22
CA VAL C 905 14.66 96.42 -46.47
C VAL C 905 13.96 97.25 -47.55
N TYR C 906 14.44 98.47 -47.74
CA TYR C 906 13.92 99.38 -48.76
C TYR C 906 15.07 99.69 -49.72
N LYS C 907 14.84 100.64 -50.65
CA LYS C 907 15.76 100.77 -51.79
C LYS C 907 16.25 102.20 -51.97
N TYR C 908 17.10 102.35 -53.01
CA TYR C 908 17.62 103.60 -53.56
C TYR C 908 18.62 104.31 -52.67
N ILE C 909 19.52 103.54 -52.07
CA ILE C 909 20.81 104.01 -51.59
C ILE C 909 21.83 103.15 -52.33
N VAL C 910 23.11 103.29 -52.02
CA VAL C 910 24.16 102.54 -52.71
C VAL C 910 24.06 101.09 -52.26
N LEU C 911 23.49 100.25 -53.13
CA LEU C 911 23.39 98.81 -52.91
C LEU C 911 23.23 98.11 -54.25
N CYS C 912 24.22 97.29 -54.60
CA CYS C 912 24.25 96.48 -55.82
C CYS C 912 24.57 97.36 -57.02
N GLY C 913 25.35 96.84 -57.95
CA GLY C 913 25.66 97.53 -59.18
C GLY C 913 25.25 96.71 -60.39
N ALA C 914 26.26 96.17 -61.07
CA ALA C 914 26.07 95.28 -62.20
C ALA C 914 27.34 94.46 -62.41
N LYS C 915 27.32 93.53 -63.35
CA LYS C 915 28.53 92.84 -63.75
C LYS C 915 29.47 93.72 -64.54
N GLY C 916 28.93 94.72 -65.23
CA GLY C 916 29.71 95.70 -65.97
C GLY C 916 30.09 96.91 -65.14
N LYS C 917 31.10 96.76 -64.28
CA LYS C 917 31.55 97.85 -63.42
C LYS C 917 33.05 98.08 -63.62
N GLN C 918 33.48 99.32 -63.46
CA GLN C 918 34.74 99.79 -64.04
C GLN C 918 35.81 100.07 -63.01
N VAL C 919 37.09 99.87 -63.37
CA VAL C 919 38.22 100.27 -62.54
C VAL C 919 39.34 100.77 -63.43
N VAL C 920 40.20 101.62 -62.87
CA VAL C 920 41.49 101.97 -63.45
C VAL C 920 42.56 101.87 -62.38
N HIS C 921 42.13 101.78 -61.12
CA HIS C 921 43.03 101.75 -59.97
C HIS C 921 43.92 102.99 -59.93
N VAL C 922 43.28 104.14 -59.80
CA VAL C 922 43.98 105.40 -59.62
C VAL C 922 44.85 105.35 -58.38
N LEU C 925 42.56 106.38 -53.87
CA LEU C 925 41.59 105.33 -53.62
C LEU C 925 41.37 104.50 -54.88
N ARG C 926 40.10 104.11 -55.11
CA ARG C 926 39.72 103.30 -56.26
C ARG C 926 38.45 103.92 -56.86
N SER C 927 38.64 104.74 -57.89
CA SER C 927 37.53 105.43 -58.54
C SER C 927 36.71 104.49 -59.40
N VAL C 928 35.56 104.10 -58.91
CA VAL C 928 34.77 103.13 -59.64
C VAL C 928 33.44 103.70 -60.05
N SER C 929 33.04 103.38 -61.28
CA SER C 929 31.77 103.81 -61.79
C SER C 929 30.75 102.78 -61.37
N GLY C 930 30.26 102.03 -62.33
CA GLY C 930 29.28 101.02 -62.04
C GLY C 930 28.48 100.76 -63.29
N SER C 931 28.22 101.81 -64.06
CA SER C 931 27.46 101.62 -65.31
C SER C 931 26.16 100.83 -65.17
N ASN C 932 25.41 101.10 -64.11
CA ASN C 932 24.12 100.45 -63.86
C ASN C 932 24.07 98.92 -63.91
N SER C 933 22.89 98.39 -64.27
CA SER C 933 22.67 96.95 -64.35
C SER C 933 22.25 96.55 -65.76
N ARG C 937 24.12 105.62 -63.70
CA ARG C 937 25.03 104.83 -62.87
C ARG C 937 25.67 105.69 -61.78
N GLU C 938 26.06 105.05 -60.69
CA GLU C 938 26.67 105.75 -59.57
C GLU C 938 28.18 105.85 -59.74
N ILE C 939 28.80 106.73 -58.95
CA ILE C 939 30.25 106.93 -59.02
C ILE C 939 30.76 106.83 -57.59
N ALA C 940 31.74 105.96 -57.36
CA ALA C 940 32.12 105.58 -56.01
C ALA C 940 33.62 105.64 -55.81
N TRP C 941 34.03 105.85 -54.56
CA TRP C 941 35.43 105.74 -54.15
C TRP C 941 35.54 104.75 -53.00
N VAL C 942 36.36 103.71 -53.19
CA VAL C 942 36.53 102.70 -52.15
C VAL C 942 37.29 103.28 -50.97
N HIS C 943 36.95 102.80 -49.77
CA HIS C 943 37.56 103.25 -48.52
C HIS C 943 37.37 104.75 -48.32
N ASP C 946 33.16 106.98 -50.85
CA ASP C 946 32.75 108.24 -51.45
C ASP C 946 31.94 107.97 -52.71
N GLU C 947 30.63 107.88 -52.54
CA GLU C 947 29.72 107.44 -53.59
C GLU C 947 28.81 108.58 -54.03
N ILE C 948 28.74 108.82 -55.34
CA ILE C 948 27.84 109.81 -55.91
C ILE C 948 27.08 109.15 -57.05
N SER C 949 25.84 109.58 -57.25
CA SER C 949 24.88 108.91 -58.12
C SER C 949 24.45 109.83 -59.25
N VAL C 950 24.61 109.35 -60.50
CA VAL C 950 24.34 110.18 -61.68
C VAL C 950 23.68 109.37 -62.79
N MET C 951 22.39 109.59 -63.00
CA MET C 951 21.65 108.88 -64.03
C MET C 951 21.56 109.70 -65.31
N THR C 952 22.69 109.91 -65.98
CA THR C 952 22.72 110.69 -67.21
C THR C 952 22.45 109.76 -68.40
N LYS C 953 23.20 108.68 -68.48
CA LYS C 953 22.97 107.65 -69.49
C LYS C 953 23.37 106.41 -68.72
N ALA C 954 22.39 105.54 -68.51
CA ALA C 954 22.63 104.36 -67.66
C ALA C 954 23.17 103.06 -68.27
N CYS C 955 22.34 102.35 -69.02
CA CYS C 955 22.70 101.15 -69.78
C CYS C 955 23.84 100.23 -69.33
N LEU C 956 24.81 100.05 -70.22
CA LEU C 956 26.03 99.25 -70.01
C LEU C 956 27.13 99.71 -70.97
N GLU C 957 28.12 100.43 -70.42
CA GLU C 957 29.22 101.03 -71.19
C GLU C 957 29.99 101.63 -70.07
N PRO C 958 30.53 100.76 -69.22
CA PRO C 958 31.18 101.20 -67.99
C PRO C 958 32.69 101.37 -68.13
N ASN C 959 33.16 102.44 -68.74
CA ASN C 959 34.60 102.66 -68.84
C ASN C 959 34.93 104.12 -68.61
N VAL C 960 36.11 104.36 -68.02
CA VAL C 960 36.56 105.67 -67.58
C VAL C 960 37.79 106.07 -68.38
N TYR C 961 37.77 107.27 -68.95
CA TYR C 961 38.92 107.83 -69.63
C TYR C 961 40.02 108.11 -68.61
N LEU C 962 41.26 107.81 -68.98
CA LEU C 962 42.39 108.09 -68.10
C LEU C 962 42.87 109.52 -68.28
N MET C 966 36.89 111.55 -67.24
CA MET C 966 36.05 111.38 -68.42
C MET C 966 35.72 109.90 -68.54
N ASP C 967 34.57 109.59 -69.15
CA ASP C 967 34.03 108.25 -69.15
C ASP C 967 33.49 107.94 -70.54
N MET C 968 33.38 106.66 -70.86
CA MET C 968 32.66 106.24 -72.06
C MET C 968 31.20 105.96 -71.73
N THR C 969 30.30 106.43 -72.60
CA THR C 969 28.86 106.25 -72.38
C THR C 969 28.12 105.71 -73.60
N ARG C 970 27.23 104.75 -73.34
CA ARG C 970 26.43 104.13 -74.38
C ARG C 970 25.14 103.57 -73.78
N GLU C 971 24.02 103.80 -74.46
CA GLU C 971 22.73 103.33 -73.99
C GLU C 971 22.47 101.90 -74.44
N ARG C 972 21.35 101.34 -74.01
CA ARG C 972 20.97 99.98 -74.37
C ARG C 972 20.93 99.83 -75.89
N LEU C 975 23.96 104.18 -77.57
CA LEU C 975 24.32 105.41 -78.26
C LEU C 975 25.64 106.00 -77.74
N LEU C 976 25.58 107.24 -77.26
CA LEU C 976 26.71 107.94 -76.66
C LEU C 976 26.15 109.19 -76.01
N ALA C 977 26.34 109.34 -74.69
CA ALA C 977 25.85 110.48 -73.94
C ALA C 977 26.91 111.04 -72.99
N VAL C 978 28.11 111.31 -73.49
CA VAL C 978 29.25 111.62 -72.63
C VAL C 978 28.99 112.92 -71.85
N ASP C 979 28.82 112.77 -70.54
CA ASP C 979 28.96 113.89 -69.59
C ASP C 979 30.03 113.49 -68.59
N SER C 980 30.00 112.21 -68.20
CA SER C 980 31.17 111.49 -67.76
C SER C 980 31.87 112.06 -66.53
N LYS C 981 31.14 112.21 -65.43
CA LYS C 981 31.65 112.63 -64.12
C LYS C 981 32.50 113.90 -64.16
N GLU C 982 32.46 114.66 -65.24
CA GLU C 982 32.93 116.05 -65.17
C GLU C 982 31.75 116.98 -64.93
N ARG C 983 32.01 118.11 -64.30
CA ARG C 983 31.02 119.18 -64.13
C ARG C 983 29.82 118.72 -63.29
N LEU C 986 29.26 118.03 -68.68
CA LEU C 986 28.19 118.34 -69.63
C LEU C 986 28.03 117.22 -70.66
N ILE C 987 26.79 116.89 -70.97
CA ILE C 987 26.47 115.81 -71.89
C ILE C 987 26.83 116.28 -73.30
N LYS C 988 27.69 115.52 -73.97
CA LYS C 988 27.95 115.71 -75.39
C LYS C 988 27.59 114.42 -76.11
N PRO C 989 26.35 114.27 -76.54
CA PRO C 989 25.92 113.00 -77.14
C PRO C 989 26.40 112.87 -78.58
N ALA C 990 26.74 111.63 -78.93
CA ALA C 990 27.20 111.32 -80.28
C ALA C 990 26.45 110.11 -80.81
N ILE C 991 26.36 110.04 -82.13
CA ILE C 991 25.65 108.98 -82.82
C ILE C 991 26.64 107.95 -83.33
N SER C 998 27.75 95.23 -74.95
CA SER C 998 29.11 95.27 -75.49
C SER C 998 30.01 96.15 -74.64
N THR C 999 31.25 96.30 -75.06
CA THR C 999 32.24 97.05 -74.30
C THR C 999 32.96 98.06 -75.18
N ILE C 1000 33.34 99.18 -74.57
CA ILE C 1000 34.02 100.26 -75.27
C ILE C 1000 35.09 100.89 -74.38
N THR C 1001 36.35 100.70 -74.73
CA THR C 1001 37.44 101.26 -73.95
C THR C 1001 37.62 102.75 -74.27
N PRO C 1002 38.18 103.51 -73.31
CA PRO C 1002 38.40 104.95 -73.47
C PRO C 1002 39.46 105.27 -74.53
N THR C 1003 39.06 105.23 -75.80
CA THR C 1003 39.91 105.48 -76.99
C THR C 1003 41.42 105.29 -76.84
N HIS C 1004 42.11 106.36 -76.46
CA HIS C 1004 43.56 106.31 -76.28
C HIS C 1004 44.00 107.17 -75.10
N CYS C 1009 36.68 106.68 -80.04
CA CYS C 1009 36.27 105.71 -79.03
C CYS C 1009 36.30 104.28 -79.58
N LYS C 1010 36.55 103.30 -78.71
CA LYS C 1010 36.70 101.92 -79.13
C LYS C 1010 35.32 101.28 -79.20
N ILE C 1011 34.57 101.63 -80.24
CA ILE C 1011 33.15 101.31 -80.34
C ILE C 1011 32.96 100.02 -81.11
N ASN C 1012 32.15 99.14 -80.50
CA ASN C 1012 31.73 97.85 -81.03
C ASN C 1012 30.20 97.88 -81.12
N ALA C 1013 29.62 97.06 -81.99
CA ALA C 1013 28.17 97.04 -82.11
C ALA C 1013 27.69 95.74 -82.70
N ILE C 1014 26.37 95.59 -82.76
CA ILE C 1014 25.78 94.40 -83.35
C ILE C 1014 26.09 94.51 -84.84
N SER C 1015 26.69 95.64 -85.22
CA SER C 1015 27.06 95.89 -86.61
C SER C 1015 28.60 95.97 -86.78
N ALA C 1016 29.06 95.51 -87.94
CA ALA C 1016 30.44 95.41 -88.37
C ALA C 1016 31.24 96.70 -88.17
N PHE C 1017 30.62 97.75 -87.67
CA PHE C 1017 31.24 99.05 -87.62
C PHE C 1017 32.10 99.19 -86.37
N ASN C 1018 33.10 100.07 -86.47
CA ASN C 1018 34.01 100.41 -85.38
C ASN C 1018 34.23 101.92 -85.50
N ASP C 1019 33.28 102.70 -84.99
CA ASP C 1019 33.38 104.15 -85.12
C ASP C 1019 34.49 104.69 -84.23
N GLU C 1020 35.54 105.19 -84.87
CA GLU C 1020 36.60 105.91 -84.16
C GLU C 1020 36.03 107.28 -83.81
N GLN C 1021 35.15 107.31 -82.81
CA GLN C 1021 34.38 108.49 -82.47
C GLN C 1021 35.23 109.41 -81.60
N ILE C 1022 36.06 110.21 -82.26
CA ILE C 1022 36.98 111.10 -81.57
C ILE C 1022 36.34 112.47 -81.43
N PHE C 1023 36.33 112.99 -80.20
CA PHE C 1023 35.79 114.31 -79.92
C PHE C 1023 36.92 115.34 -79.75
N VAL C 1027 38.69 111.18 -85.63
CA VAL C 1027 38.73 110.48 -86.90
C VAL C 1027 37.54 109.55 -87.02
N ASP C 1028 36.36 110.11 -87.26
CA ASP C 1028 35.14 109.29 -87.32
C ASP C 1028 35.14 108.33 -88.50
N GLY C 1029 36.22 108.29 -89.28
CA GLY C 1029 36.34 107.34 -90.36
C GLY C 1029 36.13 105.92 -89.85
N VAL C 1030 35.00 105.33 -90.23
CA VAL C 1030 34.62 104.04 -89.67
C VAL C 1030 35.53 102.95 -90.21
N ILE C 1031 36.07 102.14 -89.30
CA ILE C 1031 36.80 100.94 -89.68
C ILE C 1031 35.86 99.76 -89.46
N ILE C 1032 35.68 98.94 -90.50
CA ILE C 1032 34.75 97.82 -90.41
C ILE C 1032 35.43 96.46 -90.27
N ASP C 1033 34.68 95.49 -89.77
CA ASP C 1033 35.16 94.13 -89.59
C ASP C 1033 34.35 93.17 -90.45
N VAL C 1034 34.48 93.33 -91.76
CA VAL C 1034 33.77 92.49 -92.73
C VAL C 1034 32.27 92.41 -92.44
N ILE C 1035 31.84 91.31 -91.82
CA ILE C 1035 30.43 91.11 -91.50
C ILE C 1035 30.26 90.76 -90.03
N HIS C 1036 31.23 90.11 -89.40
CA HIS C 1036 31.13 89.89 -87.94
C HIS C 1036 31.13 91.24 -87.16
N ASP C 1037 30.19 91.41 -86.25
CA ASP C 1037 30.13 92.60 -85.43
C ASP C 1037 31.23 92.40 -84.39
N THR C 1038 32.20 93.32 -84.38
CA THR C 1038 33.34 93.25 -83.46
C THR C 1038 32.96 92.94 -82.02
N ALA C 1039 33.14 91.68 -81.63
CA ALA C 1039 32.84 91.24 -80.26
C ALA C 1039 33.40 92.16 -79.19
N LEU C 1040 34.71 92.30 -79.13
CA LEU C 1040 35.33 93.14 -78.11
C LEU C 1040 36.49 93.98 -78.61
N PRO C 1041 36.49 95.28 -78.27
CA PRO C 1041 37.54 96.23 -78.64
C PRO C 1041 38.57 96.29 -77.51
N GLN C 1042 39.86 96.26 -77.85
CA GLN C 1042 40.89 96.29 -76.83
C GLN C 1042 41.98 97.26 -77.25
N GLN C 1043 42.45 98.08 -76.31
CA GLN C 1043 43.50 99.05 -76.61
C GLN C 1043 44.83 98.35 -76.88
N PHE C 1044 45.59 98.90 -77.82
CA PHE C 1044 46.92 98.39 -78.11
C PHE C 1044 47.87 99.52 -78.48
N GLU C 1047 46.43 105.52 -80.92
CA GLU C 1047 46.14 105.10 -82.29
C GLU C 1047 46.28 103.59 -82.54
N PRO C 1048 47.28 102.92 -81.97
CA PRO C 1048 47.33 101.45 -82.11
C PRO C 1048 46.12 100.80 -81.46
N ILE C 1049 45.57 99.79 -82.15
CA ILE C 1049 44.28 99.21 -81.80
C ILE C 1049 44.28 97.71 -82.12
N ASP C 1050 43.64 96.94 -81.24
CA ASP C 1050 43.37 95.52 -81.44
C ASP C 1050 41.87 95.29 -81.42
N TYR C 1051 41.34 94.65 -82.46
CA TYR C 1051 39.91 94.39 -82.60
C TYR C 1051 39.64 92.89 -82.52
N LEU C 1052 38.46 92.56 -81.99
CA LEU C 1052 38.05 91.17 -81.86
C LEU C 1052 36.70 90.96 -82.53
N LYS C 1053 36.73 90.62 -83.82
CA LYS C 1053 35.51 90.40 -84.59
C LYS C 1053 35.08 88.93 -84.58
N GLN C 1054 34.94 88.37 -83.39
CA GLN C 1054 34.51 86.98 -83.22
C GLN C 1054 35.29 86.00 -84.09
N VAL C 1055 34.80 85.76 -85.30
CA VAL C 1055 35.44 84.84 -86.23
C VAL C 1055 36.71 85.48 -86.78
N SER C 1056 37.81 85.20 -86.07
CA SER C 1056 39.16 85.72 -86.37
C SER C 1056 39.21 87.24 -86.37
N PRO C 1057 39.14 87.83 -85.17
CA PRO C 1057 39.20 89.27 -84.95
C PRO C 1057 40.61 89.79 -85.22
N ASN C 1058 41.45 88.91 -85.76
CA ASN C 1058 42.83 89.24 -86.09
C ASN C 1058 42.94 90.53 -86.88
N ILE C 1059 42.74 91.67 -86.23
CA ILE C 1059 42.83 92.92 -86.94
C ILE C 1059 43.67 93.85 -86.07
N LEU C 1060 44.69 94.44 -86.68
CA LEU C 1060 45.62 95.29 -85.97
C LEU C 1060 45.58 96.73 -86.50
N VAL C 1061 46.64 97.49 -86.18
CA VAL C 1061 46.68 98.94 -86.07
C VAL C 1061 46.26 99.69 -87.32
N ALA C 1062 46.07 101.01 -87.17
CA ALA C 1062 45.59 101.93 -88.21
C ALA C 1062 44.15 101.64 -88.59
N SER C 1063 43.28 101.78 -87.59
CA SER C 1063 41.84 101.66 -87.78
C SER C 1063 41.33 102.67 -88.80
N ALA C 1067 42.01 101.26 -92.80
CA ALA C 1067 43.40 101.13 -93.20
C ALA C 1067 44.11 100.06 -92.39
N GLN C 1068 43.47 98.90 -92.25
CA GLN C 1068 44.00 97.82 -91.44
C GLN C 1068 45.39 97.40 -91.94
N LYS C 1069 46.30 97.17 -91.01
CA LYS C 1069 47.66 96.78 -91.36
C LYS C 1069 47.88 95.27 -91.46
N THR C 1070 47.22 94.50 -90.60
CA THR C 1070 47.35 93.06 -90.61
C THR C 1070 46.01 92.35 -90.45
N VAL C 1071 45.95 91.14 -91.01
CA VAL C 1071 44.78 90.25 -91.01
C VAL C 1071 45.25 88.94 -91.60
N ILE C 1072 44.66 87.83 -91.17
CA ILE C 1072 45.02 86.52 -91.69
C ILE C 1072 43.79 85.65 -91.88
N PHE C 1073 42.83 85.77 -90.94
CA PHE C 1073 41.56 85.04 -90.91
C PHE C 1073 41.63 83.51 -90.75
N GLN C 1074 41.41 83.03 -89.53
CA GLN C 1074 41.46 81.60 -89.25
C GLN C 1074 40.12 80.95 -88.86
N LEU C 1075 40.19 80.06 -87.88
CA LEU C 1075 39.04 79.31 -87.37
C LEU C 1075 37.78 80.15 -87.14
N GLU C 1076 36.64 79.61 -87.55
CA GLU C 1076 35.34 80.26 -87.41
C GLU C 1076 35.00 80.60 -85.97
N LEU C 1081 38.95 87.50 -76.36
CA LEU C 1081 39.97 88.19 -75.58
C LEU C 1081 41.36 87.90 -76.10
N GLN C 1082 41.87 88.90 -76.83
CA GLN C 1082 43.19 88.91 -77.47
C GLN C 1082 44.05 89.93 -76.72
N PRO C 1083 44.94 89.46 -75.84
CA PRO C 1083 45.79 90.39 -75.09
C PRO C 1083 47.13 90.65 -75.78
N ASN C 1084 47.81 91.75 -75.45
CA ASN C 1084 49.10 92.04 -76.08
C ASN C 1084 50.16 91.16 -75.42
N ASP C 1085 50.92 90.45 -76.25
CA ASP C 1085 51.96 89.56 -75.75
C ASP C 1085 53.21 90.34 -75.38
N LEU C 1089 54.38 96.30 -87.94
CA LEU C 1089 54.14 95.21 -86.99
C LEU C 1089 54.18 93.86 -87.68
N MET C 1090 55.38 93.41 -88.05
CA MET C 1090 55.50 92.16 -88.80
C MET C 1090 56.07 91.06 -87.90
N MET C 1091 56.97 91.44 -86.99
CA MET C 1091 57.34 90.58 -85.87
C MET C 1091 56.64 90.97 -84.58
N ASP C 1092 55.46 91.60 -84.68
CA ASP C 1092 54.75 92.16 -83.53
C ASP C 1092 54.33 91.12 -82.49
N VAL C 1093 54.10 91.57 -81.27
CA VAL C 1093 53.71 90.68 -80.18
C VAL C 1093 52.23 90.84 -79.84
N SER C 1094 51.38 90.10 -80.55
CA SER C 1094 49.94 90.15 -80.31
C SER C 1094 49.23 88.91 -80.86
N THR C 1095 48.35 88.34 -80.04
CA THR C 1095 47.60 87.15 -80.44
C THR C 1095 46.18 87.54 -80.86
N LYS C 1096 45.76 87.06 -82.02
CA LYS C 1096 44.43 87.37 -82.53
C LYS C 1096 43.78 86.10 -83.08
N TYR C 1097 43.54 86.07 -84.38
CA TYR C 1097 42.94 84.91 -85.05
C TYR C 1097 41.67 84.39 -84.38
N ALA C 1098 41.54 83.06 -84.33
CA ALA C 1098 40.37 82.42 -83.72
C ALA C 1098 40.78 81.19 -82.91
N SER C 1099 39.85 80.69 -82.09
CA SER C 1099 40.09 79.51 -81.24
C SER C 1099 41.41 79.64 -80.45
N LEU C 1100 42.25 78.60 -80.40
CA LEU C 1100 43.51 78.71 -79.65
C LEU C 1100 44.80 78.23 -80.35
N GLN C 1101 45.75 79.16 -80.50
CA GLN C 1101 47.11 79.01 -81.10
C GLN C 1101 47.81 80.40 -81.11
N GLU C 1102 49.01 80.53 -81.71
CA GLU C 1102 49.72 81.79 -81.66
C GLU C 1102 50.49 82.02 -82.96
N GLY C 1103 50.69 83.29 -83.28
CA GLY C 1103 51.43 83.70 -84.46
C GLY C 1103 52.41 84.82 -84.18
N GLN C 1104 52.89 85.47 -85.23
CA GLN C 1104 53.85 86.57 -85.07
C GLN C 1104 53.65 87.65 -86.12
N ASP C 1111 53.44 79.50 -84.11
CA ASP C 1111 54.05 79.04 -82.87
C ASP C 1111 53.35 77.77 -82.38
N HIS C 1112 54.06 76.95 -81.59
CA HIS C 1112 53.64 75.67 -80.99
C HIS C 1112 52.28 75.04 -81.31
N GLY C 1113 52.28 73.97 -82.10
CA GLY C 1113 51.05 73.27 -82.39
C GLY C 1113 50.59 72.73 -81.05
N VAL C 1114 49.38 73.05 -80.62
CA VAL C 1114 48.96 72.60 -79.27
C VAL C 1114 47.72 71.75 -79.03
N CYS C 1115 46.55 72.18 -79.52
CA CYS C 1115 45.23 71.59 -79.13
C CYS C 1115 45.12 70.89 -77.74
N HIS C 1116 45.02 71.58 -76.58
CA HIS C 1116 45.01 70.77 -75.36
C HIS C 1116 43.65 70.76 -74.66
N LEU C 1117 42.96 71.88 -74.85
CA LEU C 1117 41.57 72.09 -74.45
C LEU C 1117 40.94 72.59 -75.75
N ASP C 1118 41.25 71.83 -76.81
CA ASP C 1118 40.82 72.07 -78.18
C ASP C 1118 39.34 71.95 -78.47
N ILE C 1119 38.65 73.07 -78.28
CA ILE C 1119 37.23 73.21 -78.57
C ILE C 1119 37.10 74.69 -78.87
N ALA C 1120 37.16 75.47 -77.79
CA ALA C 1120 37.13 76.92 -77.77
C ALA C 1120 37.36 77.29 -76.32
N ASN C 1121 38.61 77.20 -75.86
CA ASN C 1121 38.97 77.94 -74.64
C ASN C 1121 38.55 79.37 -74.84
N PRO C 1122 37.76 79.92 -73.90
CA PRO C 1122 37.26 81.29 -74.06
C PRO C 1122 38.34 82.32 -74.33
N SER C 1123 39.52 82.13 -73.75
CA SER C 1123 40.50 83.20 -73.74
C SER C 1123 41.91 82.74 -73.44
N ALA C 1124 42.81 83.70 -73.23
CA ALA C 1124 44.20 83.42 -72.94
C ALA C 1124 44.86 84.62 -72.25
N PHE C 1125 45.97 84.36 -71.58
CA PHE C 1125 46.84 85.40 -71.07
C PHE C 1125 48.23 85.21 -71.67
N VAL C 1126 48.83 86.32 -72.10
CA VAL C 1126 50.14 86.29 -72.74
C VAL C 1126 51.05 87.37 -72.17
N LYS C 1127 52.16 86.94 -71.56
CA LYS C 1127 53.14 87.88 -71.05
C LYS C 1127 54.02 88.41 -72.17
N PRO C 1128 54.59 89.60 -72.00
CA PRO C 1128 55.57 90.14 -72.95
C PRO C 1128 56.95 89.50 -72.78
N GLU C 1132 54.98 81.78 -70.21
CA GLU C 1132 53.96 81.94 -69.18
C GLU C 1132 52.64 82.41 -69.77
N GLU C 1133 52.08 81.62 -70.69
CA GLU C 1133 50.79 81.88 -71.29
C GLU C 1133 49.77 80.88 -70.76
N TYR C 1134 48.62 81.39 -70.30
CA TYR C 1134 47.64 80.60 -69.59
C TYR C 1134 46.30 80.67 -70.33
N ILE C 1135 45.51 79.61 -70.21
CA ILE C 1135 44.29 79.43 -70.99
C ILE C 1135 43.16 79.05 -70.06
N VAL C 1136 42.00 79.70 -70.22
CA VAL C 1136 40.80 79.35 -69.49
C VAL C 1136 40.04 78.30 -70.28
N GLY C 1137 39.14 77.58 -69.61
CA GLY C 1137 38.32 76.58 -70.28
C GLY C 1137 36.84 76.77 -70.01
N PHE C 1138 36.02 76.39 -71.01
CA PHE C 1138 34.57 76.45 -70.84
C PHE C 1138 34.08 75.52 -69.75
N ASP C 1139 34.88 74.52 -69.38
CA ASP C 1139 34.43 73.45 -68.50
C ASP C 1139 34.72 73.74 -67.03
N LEU C 1140 34.73 75.04 -66.70
CA LEU C 1140 35.10 75.52 -65.37
C LEU C 1140 36.50 74.96 -65.09
N LYS C 1141 37.31 74.91 -66.15
CA LYS C 1141 38.68 74.41 -66.10
C LYS C 1141 39.71 75.52 -66.23
N ASN C 1142 40.89 75.30 -65.63
CA ASN C 1142 41.98 76.25 -65.57
C ASN C 1142 43.28 75.56 -65.97
N SER C 1143 44.28 76.35 -66.36
CA SER C 1143 45.54 75.81 -66.87
C SER C 1143 46.70 76.28 -65.99
N LEU C 1144 47.78 75.49 -65.96
CA LEU C 1144 49.02 75.87 -65.31
C LEU C 1144 50.23 75.60 -66.21
N LEU C 1145 50.10 75.81 -67.52
CA LEU C 1145 51.14 75.42 -68.45
C LEU C 1145 52.35 76.32 -68.27
N PHE C 1146 53.33 75.85 -67.49
CA PHE C 1146 54.60 76.53 -67.32
C PHE C 1146 54.42 77.98 -66.86
N ILE C 1154 52.99 71.52 -66.75
CA ILE C 1154 52.17 71.05 -65.64
C ILE C 1154 50.76 71.59 -65.81
N ASP C 1155 49.78 70.85 -65.29
CA ASP C 1155 48.37 71.21 -65.44
C ASP C 1155 47.71 71.15 -64.07
N VAL C 1156 46.89 72.14 -63.76
CA VAL C 1156 46.06 72.14 -62.55
C VAL C 1156 44.61 72.32 -62.96
N PHE C 1157 43.70 71.61 -62.28
CA PHE C 1157 42.29 71.63 -62.61
C PHE C 1157 41.47 71.38 -61.35
N ARG C 1158 40.20 71.76 -61.41
CA ARG C 1158 39.27 71.48 -60.31
C ARG C 1158 38.19 70.52 -60.80
N ILE C 1171 31.64 78.17 -63.67
CA ILE C 1171 32.72 78.10 -64.64
C ILE C 1171 33.66 79.28 -64.50
N CYS C 1172 34.96 78.99 -64.48
CA CYS C 1172 35.98 80.02 -64.32
C CYS C 1172 36.06 80.89 -65.57
N GLU C 1173 36.45 82.16 -65.37
CA GLU C 1173 36.44 83.11 -66.47
C GLU C 1173 37.67 84.03 -66.49
N GLU C 1174 38.73 83.73 -65.74
CA GLU C 1174 39.90 84.57 -65.71
C GLU C 1174 41.11 83.77 -65.24
N GLU C 1175 42.30 84.17 -65.71
CA GLU C 1175 43.57 83.67 -65.17
C GLU C 1175 44.58 84.81 -65.33
N ILE C 1176 44.80 85.59 -64.28
CA ILE C 1176 45.57 86.82 -64.37
C ILE C 1176 46.77 86.75 -63.44
N ALA C 1177 47.78 87.55 -63.75
CA ALA C 1177 49.10 87.44 -63.16
C ALA C 1177 49.27 88.25 -61.89
N GLN C 1178 49.88 87.64 -60.87
CA GLN C 1178 50.45 88.38 -59.75
C GLN C 1178 51.94 88.04 -59.73
N LYS C 1179 52.77 89.05 -59.99
CA LYS C 1179 54.21 88.82 -60.08
C LYS C 1179 54.76 88.30 -58.75
N ALA C 1180 54.09 88.63 -57.65
CA ALA C 1180 54.45 88.04 -56.36
C ALA C 1180 54.15 86.55 -56.36
N LYS C 1181 55.19 85.73 -56.38
CA LYS C 1181 55.08 84.28 -56.34
C LYS C 1181 54.38 83.74 -57.59
N ILE C 1182 54.35 84.55 -58.66
CA ILE C 1182 53.71 84.24 -59.94
C ILE C 1182 52.31 83.69 -59.69
N SER C 1183 51.70 84.12 -58.58
CA SER C 1183 50.42 83.58 -58.15
C SER C 1183 49.35 84.03 -59.13
N TYR C 1184 49.00 83.16 -60.07
CA TYR C 1184 48.03 83.49 -61.11
C TYR C 1184 46.65 83.16 -60.55
N LEU C 1185 45.82 84.19 -60.42
CA LEU C 1185 44.53 84.02 -59.79
C LEU C 1185 43.41 83.97 -60.81
N VAL C 1186 42.33 83.28 -60.44
CA VAL C 1186 41.32 82.83 -61.38
C VAL C 1186 39.97 83.44 -61.03
N ALA C 1187 39.32 84.00 -62.05
CA ALA C 1187 37.98 84.57 -61.88
C ALA C 1187 37.10 84.27 -63.08
N ASP C 1190 33.85 80.84 -58.47
CA ASP C 1190 33.99 81.23 -57.07
C ASP C 1190 35.32 81.94 -56.84
N GLY C 1191 35.74 82.03 -55.58
CA GLY C 1191 36.94 82.77 -55.26
C GLY C 1191 38.20 82.06 -55.69
N THR C 1192 39.35 82.73 -55.56
CA THR C 1192 40.64 82.16 -55.94
C THR C 1192 41.70 82.52 -54.91
N MET C 1193 41.21 82.80 -53.70
CA MET C 1193 42.09 83.38 -52.70
C MET C 1193 42.74 82.31 -51.84
N LEU C 1194 41.93 81.58 -51.07
CA LEU C 1194 42.37 80.42 -50.30
C LEU C 1194 43.52 80.79 -49.36
N ALA C 1195 43.81 82.09 -49.25
CA ALA C 1195 44.99 82.61 -48.57
C ALA C 1195 46.25 82.06 -49.23
N MET C 1196 46.44 82.37 -50.51
CA MET C 1196 47.70 82.11 -51.21
C MET C 1196 48.90 82.58 -50.38
N PHE C 1206 35.40 83.70 -50.17
CA PHE C 1206 35.05 83.24 -51.51
C PHE C 1206 33.88 84.01 -52.10
N ALA C 1207 32.82 83.28 -52.41
CA ALA C 1207 31.71 83.80 -53.18
C ALA C 1207 30.41 83.63 -52.42
N VAL C 1208 29.56 84.65 -52.49
CA VAL C 1208 28.16 84.48 -52.13
C VAL C 1208 27.35 84.11 -53.38
N GLU C 1209 27.97 84.27 -54.55
CA GLU C 1209 27.33 84.02 -55.84
C GLU C 1209 28.37 83.33 -56.74
N ASN C 1210 27.96 82.23 -57.36
CA ASN C 1210 28.91 81.33 -57.99
C ASN C 1210 29.16 81.66 -59.46
N ARG C 1211 29.65 82.87 -59.74
CA ARG C 1211 30.28 83.16 -61.02
C ARG C 1211 31.10 84.45 -60.97
N LYS C 1212 32.40 84.33 -61.21
CA LYS C 1212 33.27 85.49 -61.31
C LYS C 1212 33.39 85.93 -62.76
N VAL C 1213 32.75 87.04 -63.13
CA VAL C 1213 32.85 87.54 -64.50
C VAL C 1213 34.28 87.92 -64.82
N GLN C 1214 34.83 88.87 -64.06
CA GLN C 1214 36.19 89.32 -64.27
C GLN C 1214 36.60 90.15 -63.06
N LEU C 1215 37.84 89.99 -62.62
CA LEU C 1215 38.39 90.80 -61.55
C LEU C 1215 39.60 91.56 -62.08
N ILE C 1216 39.69 92.84 -61.74
CA ILE C 1216 40.88 93.63 -62.06
C ILE C 1216 41.48 94.10 -60.74
N TYR C 1217 42.74 93.75 -60.51
CA TYR C 1217 43.32 93.90 -59.19
C TYR C 1217 43.93 95.28 -59.02
N SER C 1218 43.84 95.82 -57.80
CA SER C 1218 44.14 97.22 -57.55
C SER C 1218 45.57 97.43 -57.05
N ILE C 1219 46.53 97.14 -57.93
CA ILE C 1219 47.93 97.57 -57.80
C ILE C 1219 48.65 96.84 -56.66
N GLU C 1220 49.91 96.50 -56.90
CA GLU C 1220 50.79 95.87 -55.91
C GLU C 1220 50.30 94.48 -55.51
N GLU C 1221 49.23 94.02 -56.14
CA GLU C 1221 48.63 92.72 -55.85
C GLU C 1221 48.22 92.58 -54.39
N VAL C 1222 48.09 93.70 -53.68
CA VAL C 1222 47.66 93.71 -52.28
C VAL C 1222 46.30 94.36 -52.09
N HIS C 1223 45.65 94.78 -53.18
CA HIS C 1223 44.33 95.39 -53.11
C HIS C 1223 43.45 94.78 -54.18
N GLU C 1224 42.40 94.11 -53.76
CA GLU C 1224 41.46 93.49 -54.69
C GLU C 1224 40.06 93.77 -54.18
N HIS C 1225 39.12 94.09 -55.08
CA HIS C 1225 37.75 94.43 -54.71
C HIS C 1225 36.70 93.33 -54.91
N CYS C 1226 36.86 92.58 -56.00
CA CYS C 1226 36.01 91.43 -56.39
C CYS C 1226 34.57 91.56 -56.87
N ILE C 1227 34.37 91.95 -58.13
CA ILE C 1227 33.00 91.90 -58.64
C ILE C 1227 32.65 90.47 -59.06
N ARG C 1228 31.47 90.01 -58.64
CA ARG C 1228 30.80 88.89 -59.27
C ARG C 1228 29.41 89.25 -59.79
N GLN C 1229 28.63 89.98 -58.99
CA GLN C 1229 27.48 90.76 -59.43
C GLN C 1229 27.11 91.71 -58.30
N LEU C 1230 25.97 92.39 -58.41
CA LEU C 1230 25.49 93.32 -57.40
C LEU C 1230 26.57 94.32 -56.97
N LEU C 1231 26.89 94.36 -55.68
CA LEU C 1231 27.89 95.30 -55.20
C LEU C 1231 29.28 94.88 -55.67
N PHE C 1232 30.14 95.86 -55.87
CA PHE C 1232 31.50 95.59 -56.31
C PHE C 1232 32.45 95.31 -55.15
N SER C 1233 32.65 96.28 -54.28
CA SER C 1233 33.71 96.25 -53.29
C SER C 1233 33.22 96.60 -51.89
N PRO C 1234 33.47 95.76 -50.91
CA PRO C 1234 33.38 96.19 -49.52
C PRO C 1234 34.73 96.68 -49.03
N CYS C 1235 34.82 97.07 -47.77
CA CYS C 1235 36.11 97.39 -47.16
C CYS C 1235 36.89 96.11 -46.91
N LYS C 1236 38.17 96.29 -46.58
CA LYS C 1236 39.01 95.14 -46.24
C LYS C 1236 40.16 95.65 -45.37
N LEU C 1237 40.81 94.72 -44.67
CA LEU C 1237 41.93 95.08 -43.81
C LEU C 1237 43.21 95.20 -44.61
N TYR D 1 3.50 25.30 -47.38
CA TYR D 1 4.73 24.87 -46.74
C TYR D 1 5.89 25.80 -47.11
N GLN D 2 7.10 25.26 -47.06
CA GLN D 2 8.30 26.05 -47.31
C GLN D 2 9.04 25.46 -48.50
N TYR D 3 9.30 26.31 -49.49
CA TYR D 3 10.04 25.87 -50.67
C TYR D 3 11.45 25.42 -50.30
N LYS D 4 12.12 26.20 -49.47
CA LYS D 4 13.48 25.85 -49.07
C LYS D 4 13.50 24.58 -48.25
N ASP D 5 12.40 24.26 -47.57
CA ASP D 5 12.33 22.99 -46.86
C ASP D 5 12.14 21.82 -47.82
N ILE D 6 11.28 21.98 -48.83
CA ILE D 6 10.99 20.85 -49.71
C ILE D 6 12.18 20.55 -50.60
N LEU D 7 12.85 21.58 -51.13
CA LEU D 7 13.88 21.34 -52.13
C LEU D 7 15.05 20.54 -51.58
N SER D 8 15.21 20.50 -50.27
CA SER D 8 16.31 19.80 -49.61
C SER D 8 16.25 18.31 -49.78
N VAL D 9 15.30 17.84 -50.58
CA VAL D 9 15.04 16.42 -50.72
C VAL D 9 15.55 15.92 -52.08
N PHE D 10 15.57 16.82 -53.07
CA PHE D 10 15.76 16.43 -54.46
C PHE D 10 17.15 16.75 -54.99
N GLU D 11 18.13 16.92 -54.10
CA GLU D 11 19.48 17.28 -54.52
C GLU D 11 20.07 16.30 -55.52
N ASP D 12 19.68 15.03 -55.42
CA ASP D 12 20.23 14.01 -56.32
C ASP D 12 19.89 14.32 -57.76
N ALA D 13 18.63 14.69 -58.02
CA ALA D 13 18.23 15.01 -59.39
C ALA D 13 19.01 16.20 -59.92
N PHE D 14 19.13 17.25 -59.11
CA PHE D 14 19.84 18.45 -59.55
C PHE D 14 21.30 18.15 -59.82
N VAL D 15 21.88 17.25 -59.04
CA VAL D 15 23.21 16.75 -59.35
C VAL D 15 23.19 16.06 -60.71
N ASP D 16 22.16 15.25 -60.96
CA ASP D 16 22.07 14.52 -62.21
C ASP D 16 21.84 15.45 -63.39
N ASN D 17 20.91 16.39 -63.26
CA ASN D 17 20.47 17.15 -64.43
C ASN D 17 20.79 18.64 -64.35
N PHE D 18 20.52 19.28 -63.22
CA PHE D 18 20.67 20.73 -63.14
C PHE D 18 22.13 21.14 -63.24
N ASP D 19 22.41 22.24 -63.95
CA ASP D 19 23.77 22.83 -64.01
C ASP D 19 23.73 24.38 -63.95
N CYS D 20 23.99 24.98 -62.78
CA CYS D 20 23.96 26.43 -62.65
C CYS D 20 25.06 27.11 -63.44
N LYS D 21 26.20 26.46 -63.62
CA LYS D 21 27.32 27.07 -64.34
C LYS D 21 26.91 27.37 -65.77
N ASP D 22 26.18 26.46 -66.41
CA ASP D 22 25.70 26.69 -67.76
C ASP D 22 24.43 27.53 -67.79
N VAL D 23 23.78 27.75 -66.65
CA VAL D 23 22.56 28.53 -66.57
C VAL D 23 22.87 29.81 -65.81
N GLN D 24 23.14 30.88 -66.55
CA GLN D 24 23.54 32.16 -65.97
C GLN D 24 22.49 33.23 -66.24
N ASP D 25 21.21 32.87 -66.07
CA ASP D 25 20.14 33.84 -66.19
C ASP D 25 20.40 35.07 -65.33
N MET D 26 20.93 34.84 -64.12
CA MET D 26 21.41 35.89 -63.23
C MET D 26 20.34 36.94 -62.96
N PRO D 27 19.29 36.61 -62.19
CA PRO D 27 18.45 37.69 -61.64
C PRO D 27 19.16 38.32 -60.46
N LYS D 28 19.58 39.58 -60.65
CA LYS D 28 20.43 40.23 -59.67
C LYS D 28 19.74 40.38 -58.33
N SER D 29 18.41 40.53 -58.33
CA SER D 29 17.69 40.56 -57.08
C SER D 29 17.78 39.23 -56.35
N ILE D 30 17.63 38.13 -57.07
CA ILE D 30 17.59 36.82 -56.44
C ILE D 30 18.98 36.24 -56.19
N LEU D 31 20.01 36.76 -56.85
CA LEU D 31 21.34 36.19 -56.77
C LEU D 31 22.36 37.32 -56.81
N SER D 32 23.43 37.15 -56.03
CA SER D 32 24.51 38.13 -55.92
C SER D 32 25.78 37.74 -56.67
N LYS D 33 26.37 38.71 -57.36
CA LYS D 33 27.55 38.51 -58.21
C LYS D 33 28.88 38.03 -57.61
N GLU D 34 28.89 37.42 -56.42
CA GLU D 34 30.17 36.94 -55.91
C GLU D 34 30.18 35.47 -55.59
N GLU D 35 29.02 34.84 -55.39
CA GLU D 35 28.95 33.42 -55.12
C GLU D 35 28.75 32.60 -56.37
N ILE D 36 28.01 33.13 -57.34
CA ILE D 36 27.96 32.53 -58.67
C ILE D 36 29.35 32.45 -59.26
N ASP D 37 30.20 33.43 -58.94
CA ASP D 37 31.58 33.37 -59.39
C ASP D 37 32.28 32.15 -58.81
N HIS D 38 32.02 31.89 -57.54
CA HIS D 38 32.58 30.70 -56.92
C HIS D 38 31.93 29.53 -57.67
N ILE D 39 30.62 29.57 -57.79
CA ILE D 39 29.85 28.52 -58.48
C ILE D 39 30.41 28.10 -59.84
N ILE D 40 31.04 29.01 -60.56
CA ILE D 40 31.57 28.69 -61.88
C ILE D 40 32.87 27.88 -61.77
N MET D 41 33.90 28.46 -61.15
CA MET D 41 35.20 27.81 -61.14
C MET D 41 35.21 26.59 -60.21
N SER D 42 34.65 26.74 -59.03
CA SER D 42 34.48 25.62 -58.12
C SER D 42 33.16 24.94 -58.43
N LYS D 43 32.69 24.08 -57.53
CA LYS D 43 31.30 23.63 -57.51
C LYS D 43 30.94 22.75 -58.69
N ASP D 44 31.85 22.60 -59.65
CA ASP D 44 31.58 21.87 -60.87
C ASP D 44 31.38 20.37 -60.65
N ALA D 45 31.79 19.86 -59.50
CA ALA D 45 31.49 18.48 -59.15
C ALA D 45 30.07 18.38 -58.65
N VAL D 46 29.74 17.25 -58.01
CA VAL D 46 28.46 17.03 -57.35
C VAL D 46 28.10 18.23 -56.48
N SER D 47 29.12 18.90 -55.95
CA SER D 47 28.94 20.07 -55.09
C SER D 47 28.17 21.17 -55.83
N GLY D 48 27.83 20.91 -57.09
CA GLY D 48 26.93 21.78 -57.80
C GLY D 48 25.62 21.98 -57.08
N THR D 49 25.05 20.91 -56.53
CA THR D 49 23.80 21.07 -55.79
C THR D 49 24.01 21.34 -54.31
N LEU D 50 25.06 20.78 -53.71
CA LEU D 50 25.37 20.97 -52.30
C LEU D 50 25.58 22.43 -51.96
N ARG D 51 26.57 23.06 -52.61
CA ARG D 51 26.80 24.48 -52.41
C ARG D 51 25.57 25.30 -52.78
N LEU D 52 24.83 24.85 -53.80
CA LEU D 52 23.56 25.49 -54.09
C LEU D 52 22.63 25.42 -52.90
N PHE D 53 22.51 24.23 -52.31
CA PHE D 53 21.74 24.10 -51.09
C PHE D 53 22.44 24.75 -49.91
N TRP D 54 23.69 25.16 -50.08
CA TRP D 54 24.33 26.01 -49.09
C TRP D 54 24.15 27.49 -49.38
N THR D 55 23.74 27.82 -50.61
CA THR D 55 23.55 29.21 -51.01
C THR D 55 22.08 29.63 -51.18
N LEU D 56 21.25 28.77 -51.75
CA LEU D 56 19.84 29.09 -51.95
C LEU D 56 19.10 29.16 -50.61
N LEU D 57 19.54 28.32 -49.69
CA LEU D 57 18.98 28.24 -48.34
C LEU D 57 19.31 29.48 -47.52
N SER D 58 20.54 30.00 -47.67
CA SER D 58 20.89 31.24 -46.99
C SER D 58 19.98 32.37 -47.42
N LYS D 59 19.52 32.35 -48.67
CA LYS D 59 18.55 33.34 -49.12
C LYS D 59 17.21 33.14 -48.43
N GLN D 60 16.49 34.24 -48.27
CA GLN D 60 15.19 34.21 -47.63
C GLN D 60 14.17 33.46 -48.50
N GLU D 61 13.16 32.89 -47.83
CA GLU D 61 12.31 31.89 -48.46
C GLU D 61 11.57 32.45 -49.66
N GLU D 62 10.65 33.41 -49.43
CA GLU D 62 9.81 33.89 -50.52
C GLU D 62 10.60 34.44 -51.69
N MET D 63 11.87 34.75 -51.49
CA MET D 63 12.68 35.31 -52.56
C MET D 63 12.96 34.29 -53.65
N VAL D 64 13.07 33.00 -53.29
CA VAL D 64 13.56 31.99 -54.22
C VAL D 64 12.50 31.47 -55.18
N GLN D 65 11.22 31.77 -54.95
CA GLN D 65 10.17 31.27 -55.84
C GLN D 65 10.37 31.77 -57.25
N LYS D 66 10.88 33.00 -57.40
CA LYS D 66 11.16 33.52 -58.73
C LYS D 66 12.09 32.59 -59.50
N PHE D 67 13.01 31.93 -58.80
CA PHE D 67 13.85 30.94 -59.46
C PHE D 67 13.02 29.76 -59.95
N VAL D 68 12.22 29.18 -59.06
CA VAL D 68 11.53 27.94 -59.41
C VAL D 68 10.41 28.21 -60.41
N GLU D 69 9.66 29.28 -60.20
CA GLU D 69 8.53 29.56 -61.08
C GLU D 69 8.99 30.13 -62.42
N GLU D 70 10.09 30.87 -62.43
CA GLU D 70 10.53 31.54 -63.65
C GLU D 70 11.91 31.09 -64.11
N VAL D 71 12.92 31.19 -63.26
CA VAL D 71 14.29 30.94 -63.70
C VAL D 71 14.47 29.46 -64.05
N LEU D 72 13.87 28.57 -63.28
CA LEU D 72 13.84 27.18 -63.70
C LEU D 72 12.96 27.02 -64.94
N ARG D 73 11.87 27.78 -65.00
CA ARG D 73 10.94 27.66 -66.11
C ARG D 73 11.59 27.98 -67.44
N ILE D 74 12.38 29.04 -67.49
CA ILE D 74 12.83 29.58 -68.78
C ILE D 74 13.74 28.59 -69.50
N ASN D 75 14.65 27.93 -68.78
CA ASN D 75 15.61 27.05 -69.41
C ASN D 75 15.42 25.58 -69.04
N TYR D 76 14.53 25.26 -68.11
CA TYR D 76 14.23 23.88 -67.76
C TYR D 76 12.74 23.65 -67.83
N LYS D 77 12.36 22.41 -68.06
CA LYS D 77 10.96 22.05 -68.26
C LYS D 77 10.56 20.93 -67.31
N PHE D 78 11.47 19.98 -67.11
CA PHE D 78 11.20 18.78 -66.32
C PHE D 78 11.31 19.04 -64.83
N LEU D 79 12.34 19.77 -64.41
CA LEU D 79 12.63 19.91 -63.00
C LEU D 79 11.53 20.62 -62.24
N MET D 80 10.73 21.46 -62.91
CA MET D 80 9.68 22.18 -62.22
C MET D 80 8.59 21.25 -61.70
N SER D 81 8.27 20.22 -62.47
CA SER D 81 7.10 19.39 -62.14
C SER D 81 7.22 18.69 -60.80
N PRO D 82 8.30 17.96 -60.48
CA PRO D 82 8.32 17.23 -59.20
C PRO D 82 8.38 18.19 -58.01
N ILE D 83 9.11 19.29 -58.15
CA ILE D 83 9.23 20.22 -57.04
C ILE D 83 7.92 20.96 -56.79
N LYS D 84 7.21 21.35 -57.85
CA LYS D 84 5.90 21.97 -57.66
C LYS D 84 4.88 20.97 -57.17
N THR D 85 5.08 19.68 -57.44
CA THR D 85 4.29 18.62 -56.83
C THR D 85 4.76 18.31 -55.43
N GLU D 86 5.91 18.83 -55.03
CA GLU D 86 6.42 18.62 -53.69
C GLU D 86 5.98 19.76 -52.79
N GLN D 87 5.71 20.91 -53.40
CA GLN D 87 5.42 22.11 -52.62
C GLN D 87 4.17 21.94 -51.78
N ARG D 88 3.12 21.36 -52.35
CA ARG D 88 1.86 21.26 -51.63
C ARG D 88 1.61 19.88 -51.04
N GLN D 89 1.84 18.82 -51.82
CA GLN D 89 1.46 17.49 -51.36
C GLN D 89 2.24 17.04 -50.13
N PRO D 90 3.57 17.30 -50.02
CA PRO D 90 4.32 16.93 -48.81
C PRO D 90 4.22 15.46 -48.42
N SER D 91 5.17 14.66 -48.91
CA SER D 91 5.13 13.22 -48.70
C SER D 91 5.34 12.85 -47.24
N MET D 92 4.99 11.60 -46.91
CA MET D 92 5.05 11.13 -45.54
C MET D 92 6.48 11.14 -45.01
N MET D 93 7.38 10.48 -45.73
CA MET D 93 8.77 10.41 -45.29
C MET D 93 9.44 11.77 -45.37
N THR D 94 9.10 12.56 -46.37
CA THR D 94 9.61 13.93 -46.46
C THR D 94 9.14 14.75 -45.27
N ARG D 95 7.87 14.60 -44.91
CA ARG D 95 7.36 15.25 -43.72
C ARG D 95 8.15 14.82 -42.49
N MET D 96 8.41 13.51 -42.38
CA MET D 96 9.18 13.01 -41.25
C MET D 96 10.55 13.66 -41.21
N TYR D 97 11.22 13.72 -42.36
CA TYR D 97 12.54 14.31 -42.45
C TYR D 97 12.52 15.76 -42.00
N ILE D 98 11.54 16.52 -42.48
CA ILE D 98 11.47 17.93 -42.12
C ILE D 98 11.22 18.08 -40.62
N GLU D 99 10.35 17.24 -40.06
CA GLU D 99 10.08 17.32 -38.64
C GLU D 99 11.32 17.04 -37.81
N GLN D 100 12.04 15.98 -38.16
CA GLN D 100 13.25 15.64 -37.41
C GLN D 100 14.32 16.72 -37.60
N ARG D 101 14.40 17.29 -38.79
CA ARG D 101 15.36 18.36 -39.06
C ARG D 101 15.03 19.58 -38.21
N ASP D 102 13.75 19.93 -38.10
CA ASP D 102 13.36 21.06 -37.27
C ASP D 102 13.61 20.77 -35.80
N ARG D 103 13.43 19.51 -35.40
CA ARG D 103 13.75 19.14 -34.02
C ARG D 103 15.22 19.33 -33.73
N LEU D 104 16.08 18.92 -34.66
CA LEU D 104 17.51 19.14 -34.47
C LEU D 104 17.83 20.63 -34.46
N TYR D 105 17.12 21.41 -35.27
CA TYR D 105 17.26 22.86 -35.23
C TYR D 105 16.98 23.40 -33.84
N ASN D 106 15.85 23.01 -33.27
CA ASN D 106 15.53 23.38 -31.90
C ASN D 106 16.56 22.85 -30.93
N ASP D 107 17.19 21.72 -31.26
CA ASP D 107 18.20 21.15 -30.39
C ASP D 107 19.43 22.04 -30.31
N ASN D 108 19.96 22.46 -31.46
CA ASN D 108 21.22 23.17 -31.44
C ASN D 108 21.06 24.68 -31.24
N GLN D 109 20.11 25.29 -31.96
CA GLN D 109 19.84 26.72 -31.86
C GLN D 109 21.05 27.57 -32.23
N VAL D 110 22.09 27.53 -31.41
CA VAL D 110 23.24 28.40 -31.63
C VAL D 110 23.95 28.05 -32.93
N PHE D 111 24.20 26.75 -33.14
CA PHE D 111 24.89 26.34 -34.35
C PHE D 111 24.10 26.71 -35.61
N ALA D 112 22.78 26.54 -35.57
CA ALA D 112 21.97 26.83 -36.74
C ALA D 112 22.18 28.25 -37.23
N LYS D 113 22.15 29.21 -36.31
CA LYS D 113 22.46 30.59 -36.67
C LYS D 113 23.95 30.84 -36.77
N TYR D 114 24.79 29.93 -36.27
CA TYR D 114 26.22 30.13 -36.26
C TYR D 114 26.94 29.03 -37.03
N ASN D 115 26.41 28.69 -38.19
CA ASN D 115 27.04 27.70 -39.06
C ASN D 115 27.30 28.29 -40.43
N VAL D 116 28.51 28.12 -40.92
CA VAL D 116 28.81 28.18 -42.35
C VAL D 116 29.43 26.84 -42.71
N SER D 117 28.77 26.09 -43.58
CA SER D 117 29.23 24.76 -43.91
C SER D 117 30.57 24.82 -44.65
N ARG D 118 31.48 23.95 -44.26
CA ARG D 118 32.80 23.86 -44.87
C ARG D 118 32.87 22.55 -45.64
N LEU D 119 33.18 22.65 -46.94
CA LEU D 119 32.73 21.62 -47.88
C LEU D 119 33.55 20.34 -47.77
N GLN D 120 34.85 20.41 -48.09
CA GLN D 120 35.64 19.22 -48.37
C GLN D 120 35.56 18.13 -47.30
N PRO D 121 35.72 18.42 -46.00
CA PRO D 121 35.55 17.35 -45.01
C PRO D 121 34.16 16.75 -45.06
N TYR D 122 33.13 17.60 -45.11
CA TYR D 122 31.76 17.09 -45.24
C TYR D 122 31.61 16.21 -46.46
N LEU D 123 32.23 16.62 -47.56
CA LEU D 123 32.19 15.85 -48.79
C LEU D 123 32.79 14.47 -48.58
N LYS D 124 33.86 14.41 -47.82
CA LYS D 124 34.42 13.12 -47.45
C LYS D 124 33.45 12.35 -46.57
N LEU D 125 32.78 13.04 -45.66
CA LEU D 125 32.06 12.39 -44.59
C LEU D 125 30.79 11.72 -45.09
N ARG D 126 30.03 12.41 -45.93
CA ARG D 126 28.77 11.79 -46.34
C ARG D 126 29.03 10.60 -47.26
N GLN D 127 30.22 10.53 -47.86
CA GLN D 127 30.61 9.35 -48.60
C GLN D 127 30.70 8.13 -47.69
N ALA D 128 31.34 8.27 -46.54
CA ALA D 128 31.34 7.18 -45.58
C ALA D 128 29.95 6.93 -45.06
N LEU D 129 29.15 7.98 -44.94
CA LEU D 129 27.78 7.88 -44.44
C LEU D 129 26.81 7.18 -45.39
N LEU D 130 27.16 7.15 -46.68
CA LEU D 130 26.30 6.52 -47.68
C LEU D 130 26.58 5.02 -47.82
N GLU D 131 27.72 4.60 -47.28
CA GLU D 131 28.14 3.20 -47.33
C GLU D 131 28.36 2.61 -45.95
N LEU D 132 27.85 3.26 -44.90
CA LEU D 132 28.04 2.75 -43.55
C LEU D 132 27.41 1.37 -43.41
N ARG D 133 28.18 0.44 -42.86
CA ARG D 133 27.71 -0.91 -42.57
C ARG D 133 26.82 -0.90 -41.34
N PRO D 134 26.01 -1.96 -41.16
CA PRO D 134 25.05 -1.95 -40.05
C PRO D 134 25.69 -1.82 -38.66
N ALA D 135 26.98 -2.07 -38.52
CA ALA D 135 27.62 -1.95 -37.22
C ALA D 135 28.87 -1.09 -37.21
N LYS D 136 29.35 -0.61 -38.35
CA LYS D 136 30.56 0.19 -38.37
C LYS D 136 30.29 1.58 -37.80
N ASN D 137 31.36 2.21 -37.31
CA ASN D 137 31.27 3.50 -36.63
C ASN D 137 32.36 4.40 -37.17
N VAL D 138 31.98 5.49 -37.82
CA VAL D 138 32.95 6.42 -38.39
C VAL D 138 33.54 7.28 -37.29
N LEU D 139 34.86 7.45 -37.31
CA LEU D 139 35.57 8.29 -36.37
C LEU D 139 35.98 9.58 -37.06
N ILE D 140 35.73 10.70 -36.41
CA ILE D 140 36.20 12.01 -36.85
C ILE D 140 37.03 12.62 -35.73
N ASP D 141 38.20 13.13 -36.07
CA ASP D 141 39.19 13.54 -35.10
C ASP D 141 39.37 15.06 -35.14
N GLY D 142 40.09 15.56 -34.14
CA GLY D 142 40.38 16.97 -34.07
C GLY D 142 40.90 17.35 -32.70
N VAL D 143 40.96 18.67 -32.46
CA VAL D 143 41.49 19.21 -31.22
C VAL D 143 40.53 20.30 -30.72
N LEU D 144 40.32 20.33 -29.41
CA LEU D 144 39.44 21.30 -28.76
C LEU D 144 38.07 21.45 -29.43
N GLY D 145 37.63 20.40 -30.13
CA GLY D 145 36.36 20.45 -30.82
C GLY D 145 36.44 21.61 -31.81
N SER D 146 37.57 21.67 -32.50
CA SER D 146 37.86 22.75 -33.44
C SER D 146 36.84 22.70 -34.56
N GLY D 147 35.61 23.08 -34.24
CA GLY D 147 34.50 22.92 -35.14
C GLY D 147 33.93 21.53 -35.20
N LYS D 148 34.47 20.59 -34.43
CA LYS D 148 34.09 19.18 -34.59
C LYS D 148 32.61 18.96 -34.33
N THR D 149 32.10 19.56 -33.26
CA THR D 149 30.67 19.44 -32.97
C THR D 149 29.84 20.06 -34.09
N TRP D 150 30.29 21.22 -34.59
CA TRP D 150 29.55 21.92 -35.63
C TRP D 150 29.38 21.05 -36.86
N VAL D 151 30.49 20.51 -37.38
CA VAL D 151 30.42 19.67 -38.57
C VAL D 151 29.74 18.34 -38.25
N ALA D 152 29.87 17.86 -37.02
CA ALA D 152 29.23 16.61 -36.64
C ALA D 152 27.72 16.73 -36.73
N LEU D 153 27.17 17.88 -36.33
CA LEU D 153 25.75 18.07 -36.56
C LEU D 153 25.46 18.40 -38.02
N ASP D 154 26.39 19.08 -38.69
CA ASP D 154 26.16 19.48 -40.07
C ASP D 154 25.99 18.27 -40.98
N VAL D 155 26.80 17.23 -40.79
CA VAL D 155 26.74 16.08 -41.68
C VAL D 155 25.38 15.40 -41.58
N CYS D 156 24.85 15.29 -40.37
CA CYS D 156 23.54 14.66 -40.21
C CYS D 156 22.45 15.65 -40.55
N LEU D 157 22.51 16.22 -41.75
CA LEU D 157 21.51 17.17 -42.21
C LEU D 157 21.03 16.91 -43.63
N SER D 158 21.82 16.22 -44.46
CA SER D 158 21.39 15.92 -45.81
C SER D 158 20.18 15.00 -45.80
N TYR D 159 19.27 15.24 -46.75
CA TYR D 159 18.09 14.39 -46.84
C TYR D 159 18.46 12.94 -47.06
N LYS D 160 19.40 12.69 -47.97
CA LYS D 160 19.80 11.32 -48.26
C LYS D 160 20.39 10.65 -47.04
N VAL D 161 21.15 11.41 -46.24
CA VAL D 161 21.77 10.84 -45.04
C VAL D 161 20.69 10.30 -44.10
N GLN D 162 19.69 11.12 -43.80
CA GLN D 162 18.65 10.70 -42.86
C GLN D 162 17.75 9.63 -43.48
N CYS D 163 17.48 9.75 -44.78
CA CYS D 163 16.63 8.77 -45.45
C CYS D 163 17.26 7.39 -45.43
N LYS D 164 18.56 7.32 -45.76
CA LYS D 164 19.28 6.06 -45.63
C LYS D 164 19.34 5.62 -44.18
N MET D 165 19.47 6.57 -43.26
CA MET D 165 19.62 6.24 -41.86
C MET D 165 18.28 5.95 -41.20
N ASP D 166 17.18 6.13 -41.94
CA ASP D 166 15.83 5.91 -41.45
C ASP D 166 15.49 6.84 -40.29
N PHE D 167 16.12 8.02 -40.29
CA PHE D 167 15.74 9.10 -39.40
C PHE D 167 15.88 8.69 -37.94
N LYS D 168 16.85 7.81 -37.68
CA LYS D 168 17.12 7.30 -36.35
C LYS D 168 18.48 7.84 -35.94
N ILE D 169 18.48 9.06 -35.41
CA ILE D 169 19.70 9.77 -35.03
C ILE D 169 19.53 10.24 -33.60
N PHE D 170 20.50 9.92 -32.74
CA PHE D 170 20.37 10.16 -31.30
C PHE D 170 21.74 10.56 -30.76
N TRP D 171 22.00 11.85 -30.71
CA TRP D 171 23.31 12.34 -30.27
C TRP D 171 23.58 11.97 -28.82
N LEU D 172 24.86 11.78 -28.52
CA LEU D 172 25.32 11.57 -27.14
C LEU D 172 26.67 12.23 -26.96
N ASN D 173 26.84 12.92 -25.84
CA ASN D 173 28.06 13.67 -25.55
C ASN D 173 28.92 12.91 -24.56
N LEU D 174 30.22 12.85 -24.82
CA LEU D 174 31.16 12.27 -23.86
C LEU D 174 31.92 13.37 -23.14
N LYS D 175 31.29 13.83 -22.07
CA LYS D 175 31.80 14.91 -21.22
C LYS D 175 31.91 14.41 -19.79
N ASN D 176 33.14 14.30 -19.29
CA ASN D 176 33.42 13.70 -17.98
C ASN D 176 32.73 12.35 -17.87
N CYS D 177 33.09 11.47 -18.79
CA CYS D 177 32.37 10.22 -18.95
C CYS D 177 33.27 9.06 -18.61
N ASN D 178 34.24 9.31 -17.73
CA ASN D 178 35.28 8.33 -17.45
C ASN D 178 35.03 7.59 -16.13
N SER D 179 33.77 7.48 -15.73
CA SER D 179 33.42 6.67 -14.58
C SER D 179 32.28 5.73 -14.93
N PRO D 180 32.20 4.58 -14.27
CA PRO D 180 31.15 3.60 -14.57
C PRO D 180 29.75 4.14 -14.42
N GLU D 181 29.54 5.08 -13.50
CA GLU D 181 28.21 5.67 -13.37
C GLU D 181 27.89 6.55 -14.57
N THR D 182 28.83 7.42 -14.97
CA THR D 182 28.55 8.37 -16.04
C THR D 182 27.97 7.68 -17.27
N VAL D 183 28.60 6.59 -17.71
CA VAL D 183 28.05 5.85 -18.84
C VAL D 183 26.69 5.24 -18.48
N LEU D 184 26.51 4.85 -17.22
CA LEU D 184 25.26 4.22 -16.78
C LEU D 184 24.06 5.14 -16.99
N GLU D 185 24.11 6.36 -16.42
CA GLU D 185 22.89 7.16 -16.49
C GLU D 185 22.59 7.57 -17.92
N MET D 186 23.64 7.85 -18.71
CA MET D 186 23.38 8.16 -20.12
C MET D 186 22.89 6.94 -20.87
N LEU D 187 23.20 5.73 -20.40
CA LEU D 187 22.60 4.56 -21.04
C LEU D 187 21.12 4.49 -20.73
N GLN D 188 20.74 4.80 -19.49
CA GLN D 188 19.30 4.85 -19.18
C GLN D 188 18.61 5.92 -20.01
N LYS D 189 19.23 7.09 -20.12
CA LYS D 189 18.68 8.14 -20.97
C LYS D 189 18.61 7.68 -22.42
N LEU D 190 19.57 6.87 -22.84
CA LEU D 190 19.57 6.28 -24.17
C LEU D 190 18.36 5.37 -24.35
N LEU D 191 18.09 4.51 -23.38
CA LEU D 191 16.91 3.67 -23.43
C LEU D 191 15.66 4.53 -23.58
N TYR D 192 15.56 5.58 -22.78
CA TYR D 192 14.38 6.42 -22.80
C TYR D 192 14.24 7.14 -24.14
N GLN D 193 15.34 7.69 -24.66
CA GLN D 193 15.33 8.34 -25.96
C GLN D 193 15.01 7.35 -27.06
N ILE D 194 15.23 6.06 -26.83
CA ILE D 194 14.72 5.02 -27.72
C ILE D 194 13.30 4.72 -27.29
N ASP D 195 13.14 4.23 -26.07
CA ASP D 195 11.81 3.90 -25.58
C ASP D 195 11.81 3.89 -24.06
N PRO D 196 11.01 4.72 -23.44
CA PRO D 196 10.93 4.73 -21.97
C PRO D 196 10.09 3.58 -21.40
N ASN D 197 10.36 2.38 -21.90
CA ASN D 197 9.68 1.18 -21.45
C ASN D 197 10.74 0.18 -21.03
N TRP D 198 10.65 -0.29 -19.79
CA TRP D 198 11.64 -1.23 -19.28
C TRP D 198 11.11 -1.94 -18.05
N THR D 199 11.47 -3.22 -17.94
CA THR D 199 11.21 -4.01 -16.73
C THR D 199 12.28 -3.65 -15.72
N SER D 200 11.99 -2.64 -14.89
CA SER D 200 12.98 -2.03 -14.01
C SER D 200 13.45 -2.96 -12.90
N ARG D 201 13.03 -4.22 -12.89
CA ARG D 201 13.42 -5.14 -11.82
C ARG D 201 14.84 -5.67 -11.96
N SER D 202 15.55 -5.33 -13.03
CA SER D 202 16.91 -5.80 -13.23
C SER D 202 17.94 -5.01 -12.42
N ASP D 203 17.52 -3.95 -11.72
CA ASP D 203 18.48 -3.16 -10.94
C ASP D 203 19.14 -4.01 -9.88
N HIS D 204 20.42 -4.27 -10.05
CA HIS D 204 21.20 -5.11 -9.14
C HIS D 204 22.40 -4.30 -8.68
N SER D 205 22.26 -3.63 -7.54
CA SER D 205 23.31 -2.78 -7.01
C SER D 205 24.48 -3.55 -6.50
N SER D 206 24.50 -4.87 -6.68
CA SER D 206 25.65 -5.67 -6.29
C SER D 206 26.90 -5.20 -7.02
N ASN D 207 26.79 -4.98 -8.33
CA ASN D 207 27.88 -4.40 -9.10
C ASN D 207 27.29 -3.51 -10.18
N ILE D 208 27.75 -2.26 -10.24
CA ILE D 208 27.41 -1.41 -11.37
C ILE D 208 27.95 -2.01 -12.66
N LYS D 209 29.14 -2.61 -12.61
CA LYS D 209 29.70 -3.32 -13.74
C LYS D 209 28.94 -4.61 -14.07
N LEU D 210 28.05 -5.05 -13.18
CA LEU D 210 27.17 -6.16 -13.46
C LEU D 210 25.89 -5.71 -14.15
N ARG D 211 25.18 -4.76 -13.52
CA ARG D 211 23.96 -4.24 -14.10
C ARG D 211 24.21 -3.57 -15.44
N ILE D 212 25.42 -3.04 -15.63
CA ILE D 212 25.78 -2.45 -16.92
C ILE D 212 25.71 -3.51 -18.01
N HIS D 213 26.13 -4.74 -17.70
CA HIS D 213 26.01 -5.80 -18.69
C HIS D 213 24.56 -6.13 -19.01
N SER D 214 23.72 -6.21 -17.99
CA SER D 214 22.31 -6.49 -18.23
C SER D 214 21.69 -5.44 -19.13
N ILE D 215 21.97 -4.17 -18.85
CA ILE D 215 21.33 -3.10 -19.61
C ILE D 215 21.89 -3.04 -21.03
N GLN D 216 23.20 -3.24 -21.19
CA GLN D 216 23.74 -3.24 -22.54
C GLN D 216 23.21 -4.42 -23.35
N ALA D 217 23.05 -5.58 -22.71
CA ALA D 217 22.44 -6.72 -23.40
C ALA D 217 21.00 -6.42 -23.79
N GLU D 218 20.27 -5.74 -22.91
CA GLU D 218 18.91 -5.34 -23.23
C GLU D 218 18.89 -4.43 -24.45
N LEU D 219 19.79 -3.46 -24.51
CA LEU D 219 19.82 -2.57 -25.66
C LEU D 219 20.25 -3.31 -26.92
N ARG D 220 21.16 -4.28 -26.79
CA ARG D 220 21.58 -5.07 -27.94
C ARG D 220 20.41 -5.88 -28.49
N ARG D 221 19.62 -6.50 -27.62
CA ARG D 221 18.46 -7.22 -28.10
C ARG D 221 17.38 -6.27 -28.61
N LEU D 222 17.39 -5.04 -28.13
CA LEU D 222 16.40 -4.04 -28.52
C LEU D 222 16.72 -3.36 -29.86
N LEU D 223 18.00 -3.34 -30.23
CA LEU D 223 18.42 -2.72 -31.48
C LEU D 223 18.04 -3.58 -32.68
N LYS D 224 18.02 -4.89 -32.46
CA LYS D 224 17.69 -5.86 -33.49
C LYS D 224 16.19 -6.13 -33.50
N SER D 225 15.39 -5.07 -33.57
CA SER D 225 13.94 -5.20 -33.62
C SER D 225 13.43 -5.21 -35.05
N LYS D 226 13.62 -4.10 -35.76
CA LYS D 226 13.23 -3.87 -37.14
C LYS D 226 13.41 -2.40 -37.51
N PRO D 227 12.84 -1.45 -36.76
CA PRO D 227 13.14 -0.04 -37.05
C PRO D 227 14.45 0.41 -36.43
N TYR D 228 14.99 -0.37 -35.51
CA TYR D 228 16.20 -0.02 -34.77
C TYR D 228 17.44 -0.61 -35.43
N GLU D 229 17.30 -1.16 -36.62
CA GLU D 229 18.44 -1.78 -37.28
C GLU D 229 19.44 -0.76 -37.79
N ASN D 230 19.02 0.50 -37.93
CA ASN D 230 19.93 1.61 -38.23
C ASN D 230 19.58 2.83 -37.38
N CYS D 231 20.19 2.91 -36.20
CA CYS D 231 20.00 4.03 -35.28
C CYS D 231 21.33 4.73 -35.08
N LEU D 232 21.36 6.04 -35.33
CA LEU D 232 22.58 6.81 -35.26
C LEU D 232 22.77 7.40 -33.87
N LEU D 233 24.01 7.39 -33.41
CA LEU D 233 24.32 7.92 -32.09
C LEU D 233 25.78 8.36 -32.10
N VAL D 234 26.00 9.65 -32.18
CA VAL D 234 27.35 10.19 -32.11
C VAL D 234 27.83 10.14 -30.67
N LEU D 235 29.14 10.02 -30.49
CA LEU D 235 29.76 10.13 -29.18
C LEU D 235 30.61 11.39 -29.21
N LEU D 236 30.17 12.41 -28.48
CA LEU D 236 30.71 13.75 -28.64
C LEU D 236 31.93 13.95 -27.76
N ASN D 237 33.07 14.26 -28.39
CA ASN D 237 34.33 14.53 -27.69
C ASN D 237 34.70 13.35 -26.80
N VAL D 238 34.95 12.22 -27.47
CA VAL D 238 35.15 10.96 -26.78
C VAL D 238 36.26 11.07 -25.74
N GLN D 239 36.01 10.53 -24.56
CA GLN D 239 36.93 10.69 -23.44
C GLN D 239 38.10 9.72 -23.54
N ASN D 240 37.82 8.42 -23.50
CA ASN D 240 38.87 7.40 -23.49
C ASN D 240 38.34 6.13 -24.11
N ALA D 241 39.28 5.22 -24.41
CA ALA D 241 38.90 3.88 -24.85
C ALA D 241 38.11 3.16 -23.78
N LYS D 242 38.41 3.45 -22.51
CA LYS D 242 37.74 2.74 -21.42
C LYS D 242 36.24 2.91 -21.51
N ALA D 243 35.78 4.14 -21.77
CA ALA D 243 34.36 4.36 -21.94
C ALA D 243 33.83 3.60 -23.16
N TRP D 244 34.57 3.64 -24.27
CA TRP D 244 34.05 3.05 -25.50
C TRP D 244 33.90 1.54 -25.42
N ASN D 245 34.77 0.85 -24.68
CA ASN D 245 34.64 -0.60 -24.64
C ASN D 245 33.29 -1.05 -24.14
N ALA D 246 32.56 -0.16 -23.47
CA ALA D 246 31.16 -0.40 -23.16
C ALA D 246 30.23 0.05 -24.29
N PHE D 247 30.65 1.02 -25.09
CA PHE D 247 29.78 1.57 -26.14
C PHE D 247 29.89 0.81 -27.45
N ASN D 248 30.70 -0.25 -27.53
CA ASN D 248 30.79 -1.05 -28.74
C ASN D 248 29.53 -1.91 -28.85
N LEU D 249 28.45 -1.27 -29.26
CA LEU D 249 27.13 -1.90 -29.31
C LEU D 249 26.83 -2.54 -30.66
N SER D 250 27.77 -2.45 -31.62
CA SER D 250 27.63 -3.07 -32.94
C SER D 250 26.40 -2.53 -33.68
N CYS D 251 26.35 -1.21 -33.84
CA CYS D 251 25.27 -0.55 -34.56
C CYS D 251 25.85 0.54 -35.45
N LYS D 252 24.97 1.28 -36.10
CA LYS D 252 25.37 2.39 -36.96
C LYS D 252 25.49 3.68 -36.17
N ILE D 253 26.21 3.62 -35.06
CA ILE D 253 26.57 4.80 -34.28
C ILE D 253 27.89 5.35 -34.82
N LEU D 254 28.27 6.55 -34.38
CA LEU D 254 29.59 7.09 -34.69
C LEU D 254 30.01 7.99 -33.53
N LEU D 255 31.02 8.81 -33.78
CA LEU D 255 31.69 9.51 -32.68
C LEU D 255 32.65 10.55 -33.24
N THR D 256 32.96 11.54 -32.39
CA THR D 256 34.04 12.48 -32.63
C THR D 256 35.01 12.41 -31.47
N THR D 257 36.30 12.31 -31.79
CA THR D 257 37.33 12.16 -30.78
C THR D 257 37.84 13.52 -30.33
N ARG D 258 38.44 13.54 -29.14
CA ARG D 258 38.90 14.79 -28.54
C ARG D 258 40.36 14.71 -28.15
N PHE D 259 40.84 13.51 -27.81
CA PHE D 259 42.18 13.31 -27.28
C PHE D 259 42.95 12.34 -28.16
N LYS D 260 44.27 12.52 -28.21
CA LYS D 260 45.09 11.63 -29.02
C LYS D 260 45.00 10.19 -28.52
N GLN D 261 44.84 9.99 -27.21
CA GLN D 261 44.63 8.65 -26.68
C GLN D 261 43.43 8.00 -27.35
N VAL D 262 42.36 8.76 -27.55
CA VAL D 262 41.22 8.25 -28.28
C VAL D 262 41.62 7.89 -29.70
N THR D 263 42.63 8.57 -30.24
CA THR D 263 43.06 8.38 -31.63
C THR D 263 44.32 7.52 -31.71
N ASP D 264 44.53 6.63 -30.75
CA ASP D 264 45.63 5.69 -30.82
C ASP D 264 45.17 4.25 -30.90
N PHE D 265 44.23 3.85 -30.04
CA PHE D 265 43.68 2.50 -30.08
C PHE D 265 42.73 2.29 -31.24
N LEU D 266 42.51 3.32 -32.07
CA LEU D 266 41.61 3.21 -33.21
C LEU D 266 42.02 2.06 -34.12
N SER D 267 41.04 1.31 -34.59
CA SER D 267 41.27 0.16 -35.46
C SER D 267 40.79 0.50 -36.86
N ALA D 268 41.75 0.78 -37.76
CA ALA D 268 41.40 1.04 -39.15
C ALA D 268 40.78 -0.19 -39.79
N ALA D 269 41.20 -1.37 -39.36
CA ALA D 269 40.64 -2.60 -39.91
C ALA D 269 39.14 -2.70 -39.63
N THR D 270 38.70 -2.23 -38.47
CA THR D 270 37.28 -2.32 -38.14
C THR D 270 36.49 -1.19 -38.80
N THR D 271 36.94 0.05 -38.63
CA THR D 271 36.19 1.20 -39.08
C THR D 271 37.10 2.19 -39.77
N THR D 272 36.49 3.18 -40.41
CA THR D 272 37.22 4.30 -40.99
C THR D 272 37.40 5.39 -39.95
N HIS D 273 38.26 6.36 -40.29
CA HIS D 273 38.64 7.41 -39.35
C HIS D 273 38.92 8.70 -40.12
N ILE D 274 38.50 9.82 -39.55
CA ILE D 274 38.63 11.12 -40.18
C ILE D 274 39.25 12.08 -39.17
N SER D 275 39.96 13.09 -39.66
CA SER D 275 40.54 14.12 -38.83
C SER D 275 40.42 15.45 -39.54
N LEU D 276 40.82 16.53 -38.85
CA LEU D 276 40.87 17.86 -39.45
C LEU D 276 42.27 18.44 -39.49
N ASP D 277 43.24 17.77 -38.87
CA ASP D 277 44.60 18.29 -38.75
C ASP D 277 45.37 18.12 -40.06
N HIS D 278 44.78 18.65 -41.13
CA HIS D 278 45.41 18.56 -42.43
C HIS D 278 44.95 19.73 -43.28
N HIS D 279 45.80 20.11 -44.24
CA HIS D 279 45.46 21.23 -45.10
C HIS D 279 44.20 20.95 -45.90
N SER D 280 43.91 19.68 -46.17
CA SER D 280 42.68 19.34 -46.88
C SER D 280 41.47 19.68 -46.04
N MET D 281 41.47 19.26 -44.77
CA MET D 281 40.30 19.48 -43.93
C MET D 281 40.28 20.86 -43.27
N THR D 282 41.38 21.59 -43.30
CA THR D 282 41.38 22.93 -42.74
C THR D 282 40.60 23.88 -43.66
N LEU D 283 40.09 24.94 -43.06
CA LEU D 283 39.25 25.88 -43.80
C LEU D 283 40.08 26.79 -44.69
N THR D 284 39.46 27.27 -45.77
CA THR D 284 40.11 28.16 -46.70
C THR D 284 39.89 29.61 -46.30
N PRO D 285 40.72 30.54 -46.81
CA PRO D 285 40.44 31.96 -46.58
C PRO D 285 39.07 32.37 -47.05
N ASP D 286 38.56 31.75 -48.12
CA ASP D 286 37.15 31.90 -48.45
C ASP D 286 36.26 31.42 -47.32
N GLU D 287 36.56 30.24 -46.80
CA GLU D 287 35.83 29.77 -45.63
C GLU D 287 36.07 30.69 -44.44
N VAL D 288 37.30 31.19 -44.29
CA VAL D 288 37.57 32.10 -43.19
C VAL D 288 36.64 33.31 -43.26
N LYS D 289 36.53 33.92 -44.43
CA LYS D 289 35.73 35.13 -44.54
C LYS D 289 34.25 34.84 -44.44
N SER D 290 33.78 33.70 -44.96
CA SER D 290 32.37 33.37 -44.81
C SER D 290 32.01 33.12 -43.34
N LEU D 291 32.86 32.36 -42.65
CA LEU D 291 32.62 32.06 -41.24
C LEU D 291 32.67 33.33 -40.40
N LEU D 292 33.62 34.22 -40.67
CA LEU D 292 33.63 35.47 -39.92
C LEU D 292 32.42 36.33 -40.28
N LEU D 293 31.98 36.24 -41.52
CA LEU D 293 30.87 37.07 -41.98
C LEU D 293 29.58 36.66 -41.30
N LYS D 294 29.42 35.37 -41.00
CA LYS D 294 28.18 34.96 -40.36
C LYS D 294 28.01 35.61 -39.00
N TYR D 295 29.07 36.18 -38.43
CA TYR D 295 28.99 36.94 -37.19
C TYR D 295 29.09 38.45 -37.44
N LEU D 296 30.15 38.87 -38.14
CA LEU D 296 30.38 40.29 -38.38
C LEU D 296 29.23 40.91 -39.17
N ASP D 297 28.79 40.22 -40.23
CA ASP D 297 27.66 40.68 -41.04
C ASP D 297 27.88 42.09 -41.57
N CYS D 298 29.09 42.36 -42.05
CA CYS D 298 29.44 43.70 -42.53
C CYS D 298 30.40 43.56 -43.70
N ARG D 299 29.85 43.51 -44.92
CA ARG D 299 30.69 43.27 -46.10
C ARG D 299 31.67 44.41 -46.35
N PRO D 300 31.26 45.68 -46.35
CA PRO D 300 32.26 46.74 -46.54
C PRO D 300 33.35 46.71 -45.49
N GLN D 301 32.98 46.42 -44.24
CA GLN D 301 33.96 46.23 -43.19
C GLN D 301 34.52 44.82 -43.15
N ASP D 302 33.96 43.90 -43.93
CA ASP D 302 34.55 42.56 -44.04
C ASP D 302 35.94 42.61 -44.65
N LEU D 303 36.29 43.71 -45.33
CA LEU D 303 37.66 43.88 -45.79
C LEU D 303 38.65 43.77 -44.65
N PRO D 304 38.46 44.46 -43.50
CA PRO D 304 39.34 44.27 -42.33
C PRO D 304 40.82 44.26 -42.67
N ARG D 305 41.57 43.37 -42.02
CA ARG D 305 43.00 43.25 -42.29
C ARG D 305 43.48 41.89 -41.78
N GLU D 306 44.64 41.48 -42.30
CA GLU D 306 45.33 40.26 -41.86
C GLU D 306 44.54 39.00 -42.16
N VAL D 307 45.20 37.85 -42.06
CA VAL D 307 44.58 36.55 -42.25
C VAL D 307 45.26 35.58 -41.29
N LEU D 308 44.50 35.07 -40.31
CA LEU D 308 45.08 34.28 -39.25
C LEU D 308 44.09 33.20 -38.84
N THR D 309 44.42 32.49 -37.74
CA THR D 309 43.60 31.55 -36.96
C THR D 309 43.03 30.39 -37.76
N THR D 310 42.76 29.28 -37.09
CA THR D 310 42.17 28.09 -37.70
C THR D 310 40.98 27.53 -36.93
N ASN D 311 41.00 27.58 -35.60
CA ASN D 311 39.93 26.97 -34.80
C ASN D 311 38.62 27.69 -35.01
N PRO D 312 37.65 27.00 -35.65
CA PRO D 312 36.28 27.43 -35.89
C PRO D 312 35.83 28.13 -34.63
N ARG D 313 35.92 27.51 -33.46
CA ARG D 313 35.52 28.12 -32.18
C ARG D 313 36.30 29.37 -31.73
N ARG D 314 37.62 29.28 -31.62
CA ARG D 314 38.47 30.41 -31.25
C ARG D 314 38.17 31.62 -32.10
N LEU D 315 38.17 31.45 -33.42
CA LEU D 315 37.89 32.59 -34.28
C LEU D 315 36.47 33.09 -34.09
N SER D 316 35.55 32.20 -33.73
CA SER D 316 34.17 32.62 -33.50
C SER D 316 34.08 33.55 -32.30
N ILE D 317 34.65 33.14 -31.17
CA ILE D 317 34.62 33.99 -30.00
C ILE D 317 35.44 35.25 -30.24
N ILE D 318 36.49 35.14 -31.06
CA ILE D 318 37.30 36.31 -31.41
C ILE D 318 36.46 37.32 -32.16
N ALA D 319 35.71 36.86 -33.16
CA ALA D 319 34.86 37.74 -33.94
C ALA D 319 33.77 38.35 -33.07
N GLU D 320 33.18 37.55 -32.19
CA GLU D 320 32.17 38.07 -31.27
C GLU D 320 32.75 39.17 -30.40
N SER D 321 33.93 38.94 -29.83
CA SER D 321 34.55 39.93 -28.96
C SER D 321 34.89 41.19 -29.73
N ILE D 322 35.34 41.04 -30.97
CA ILE D 322 35.58 42.21 -31.84
C ILE D 322 34.30 43.00 -32.00
N ARG D 323 33.19 42.29 -32.29
CA ARG D 323 31.90 42.94 -32.37
C ARG D 323 31.48 43.51 -31.02
N ASP D 324 31.89 42.86 -29.94
CA ASP D 324 31.41 43.23 -28.61
C ASP D 324 32.57 43.65 -27.71
N ALA D 327 36.59 45.84 -30.55
CA ALA D 327 37.59 46.39 -31.45
C ALA D 327 38.21 45.28 -32.30
N THR D 328 38.59 45.63 -33.53
CA THR D 328 39.19 44.64 -34.42
C THR D 328 40.58 44.25 -33.97
N TRP D 329 41.22 45.06 -33.12
CA TRP D 329 42.61 44.82 -32.76
C TRP D 329 42.80 44.65 -31.26
N ASP D 330 42.19 45.51 -30.45
CA ASP D 330 42.27 45.33 -29.01
C ASP D 330 41.58 44.04 -28.58
N ASN D 331 40.33 43.84 -29.01
CA ASN D 331 39.67 42.57 -28.76
C ASN D 331 40.38 41.42 -29.47
N TRP D 332 41.15 41.71 -30.52
CA TRP D 332 41.87 40.67 -31.23
C TRP D 332 42.93 40.01 -30.36
N LYS D 333 43.68 40.80 -29.60
CA LYS D 333 44.79 40.24 -28.82
C LYS D 333 44.61 40.46 -27.32
N HIS D 334 44.27 41.68 -26.91
CA HIS D 334 44.31 42.02 -25.49
C HIS D 334 43.13 41.40 -24.74
N VAL D 335 41.93 41.46 -25.32
CA VAL D 335 40.72 41.00 -24.67
C VAL D 335 40.67 39.48 -24.63
N ASN D 336 39.67 38.94 -23.92
CA ASN D 336 39.42 37.50 -23.82
C ASN D 336 40.47 36.77 -23.00
N CYS D 337 41.17 37.51 -22.13
CA CYS D 337 42.09 36.86 -21.20
C CYS D 337 41.35 36.02 -20.16
N ASP D 338 40.04 36.19 -20.04
CA ASP D 338 39.25 35.43 -19.07
C ASP D 338 38.22 34.54 -19.73
N LYS D 339 38.23 34.42 -21.05
CA LYS D 339 37.28 33.57 -21.75
C LYS D 339 37.99 32.42 -22.47
N LEU D 340 38.89 32.74 -23.39
CA LEU D 340 39.65 31.70 -24.08
C LEU D 340 40.54 30.95 -23.12
N THR D 341 41.26 31.68 -22.27
CA THR D 341 42.13 31.04 -21.30
C THR D 341 41.35 30.10 -20.40
N THR D 342 40.20 30.56 -19.90
CA THR D 342 39.41 29.75 -19.00
C THR D 342 38.92 28.48 -19.67
N ILE D 343 38.40 28.60 -20.89
CA ILE D 343 37.81 27.43 -21.53
C ILE D 343 38.88 26.43 -21.94
N ILE D 344 40.02 26.92 -22.45
CA ILE D 344 41.08 26.01 -22.83
C ILE D 344 41.69 25.35 -21.60
N GLU D 345 41.78 26.10 -20.50
CA GLU D 345 42.28 25.51 -19.27
C GLU D 345 41.33 24.43 -18.77
N SER D 346 40.03 24.71 -18.83
CA SER D 346 39.02 23.75 -18.39
C SER D 346 39.09 22.47 -19.22
N SER D 347 39.16 22.62 -20.54
CA SER D 347 39.31 21.45 -21.40
C SER D 347 40.65 20.76 -21.14
N LEU D 348 41.65 21.51 -20.67
CA LEU D 348 42.97 20.98 -20.42
C LEU D 348 43.08 20.27 -19.08
N ASN D 349 42.18 20.54 -18.15
CA ASN D 349 42.33 20.18 -16.74
C ASN D 349 42.33 18.69 -16.47
N VAL D 350 42.29 17.82 -17.48
CA VAL D 350 42.22 16.39 -17.22
C VAL D 350 43.51 15.88 -16.57
N LEU D 351 44.64 16.53 -16.83
CA LEU D 351 45.94 16.02 -16.41
C LEU D 351 46.15 16.24 -14.91
N GLU D 352 46.99 15.38 -14.33
CA GLU D 352 47.41 15.60 -12.94
C GLU D 352 48.47 16.69 -12.90
N PRO D 353 48.57 17.42 -11.79
CA PRO D 353 49.44 18.60 -11.78
C PRO D 353 50.90 18.33 -11.44
N ALA D 354 51.16 17.27 -10.66
CA ALA D 354 52.46 17.13 -10.01
C ALA D 354 53.58 17.04 -11.04
N GLU D 355 53.47 16.11 -11.98
CA GLU D 355 54.47 15.97 -13.02
C GLU D 355 54.00 16.44 -14.38
N TYR D 356 52.78 16.07 -14.76
CA TYR D 356 52.23 16.49 -16.06
C TYR D 356 52.24 18.00 -16.17
N ARG D 357 51.47 18.68 -15.32
CA ARG D 357 51.25 20.10 -15.52
C ARG D 357 52.49 20.90 -15.19
N LYS D 358 53.32 20.42 -14.27
CA LYS D 358 54.56 21.13 -13.97
C LYS D 358 55.53 21.09 -15.15
N MET D 359 55.78 19.90 -15.68
CA MET D 359 56.65 19.80 -16.84
C MET D 359 56.06 20.52 -18.04
N PHE D 360 54.72 20.58 -18.12
CA PHE D 360 54.10 21.36 -19.19
C PHE D 360 54.36 22.85 -19.01
N ASP D 361 54.19 23.34 -17.77
CA ASP D 361 54.52 24.72 -17.47
C ASP D 361 55.98 25.03 -17.72
N ARG D 362 56.83 24.01 -17.69
CA ARG D 362 58.23 24.20 -18.06
C ARG D 362 58.38 24.70 -19.50
N LEU D 363 57.37 24.54 -20.34
CA LEU D 363 57.46 24.85 -21.75
C LEU D 363 57.22 26.32 -22.06
N SER D 364 56.99 27.15 -21.05
CA SER D 364 56.66 28.55 -21.30
C SER D 364 57.81 29.30 -21.96
N VAL D 365 59.05 29.03 -21.53
CA VAL D 365 60.19 29.87 -21.90
C VAL D 365 60.53 29.80 -23.38
N PHE D 366 60.07 28.78 -24.08
CA PHE D 366 60.52 28.52 -25.42
C PHE D 366 59.88 29.45 -26.45
N PRO D 367 60.50 29.61 -27.61
CA PRO D 367 59.91 30.46 -28.64
C PRO D 367 58.55 29.96 -29.04
N PRO D 368 57.65 30.85 -29.48
CA PRO D 368 56.24 30.47 -29.67
C PRO D 368 56.04 29.33 -30.65
N SER D 369 56.80 29.28 -31.74
CA SER D 369 56.61 28.29 -32.79
C SER D 369 57.97 27.71 -33.16
N ALA D 370 58.28 26.53 -32.65
CA ALA D 370 59.59 25.91 -32.85
C ALA D 370 59.50 24.44 -32.46
N HIS D 371 60.66 23.78 -32.44
CA HIS D 371 60.79 22.39 -32.04
C HIS D 371 61.78 22.29 -30.88
N ILE D 372 61.74 21.14 -30.20
CA ILE D 372 62.66 20.89 -29.09
C ILE D 372 63.14 19.45 -29.12
N PRO D 373 64.43 19.21 -28.90
CA PRO D 373 64.92 17.85 -28.70
C PRO D 373 64.52 17.31 -27.34
N THR D 374 64.73 16.00 -27.16
CA THR D 374 64.31 15.34 -25.94
C THR D 374 65.22 15.68 -24.77
N ILE D 375 66.50 15.95 -25.01
CA ILE D 375 67.41 16.23 -23.91
C ILE D 375 67.09 17.58 -23.28
N LEU D 376 66.74 18.57 -24.10
CA LEU D 376 66.47 19.90 -23.57
C LEU D 376 65.25 19.89 -22.65
N LEU D 377 64.18 19.20 -23.06
CA LEU D 377 63.05 19.00 -22.17
C LEU D 377 63.39 18.07 -21.02
N SER D 378 64.37 17.19 -21.21
CA SER D 378 64.81 16.31 -20.14
C SER D 378 65.40 17.12 -18.98
N LEU D 379 66.20 18.13 -19.31
CA LEU D 379 66.78 18.97 -18.26
C LEU D 379 65.69 19.64 -17.43
N ILE D 380 64.61 20.05 -18.08
CA ILE D 380 63.61 20.89 -17.43
C ILE D 380 62.46 20.03 -16.93
N SER D 387 64.88 7.68 -18.49
CA SER D 387 63.94 7.89 -19.58
C SER D 387 62.60 8.38 -19.04
N ASP D 388 62.62 8.91 -17.83
CA ASP D 388 61.39 9.43 -17.23
C ASP D 388 60.77 10.52 -18.10
N VAL D 389 61.61 11.42 -18.60
CA VAL D 389 61.12 12.57 -19.35
C VAL D 389 60.49 12.13 -20.67
N MET D 390 61.08 11.12 -21.33
CA MET D 390 60.49 10.69 -22.60
C MET D 390 59.22 9.90 -22.37
N VAL D 391 59.11 9.17 -21.26
CA VAL D 391 57.83 8.56 -20.90
C VAL D 391 56.80 9.65 -20.63
N VAL D 392 57.22 10.74 -19.99
CA VAL D 392 56.30 11.84 -19.72
C VAL D 392 55.81 12.47 -21.02
N VAL D 393 56.73 12.69 -21.96
CA VAL D 393 56.32 13.28 -23.24
C VAL D 393 55.43 12.31 -24.00
N ASN D 394 55.67 11.01 -23.88
CA ASN D 394 54.80 10.03 -24.52
C ASN D 394 53.40 10.07 -23.93
N LYS D 395 53.30 10.07 -22.60
CA LYS D 395 51.99 10.04 -21.96
C LYS D 395 51.27 11.37 -22.14
N LEU D 396 52.00 12.47 -22.30
CA LEU D 396 51.34 13.73 -22.61
C LEU D 396 50.90 13.78 -24.07
N HIS D 397 51.69 13.20 -24.97
CA HIS D 397 51.30 13.16 -26.36
C HIS D 397 50.06 12.33 -26.53
N LYS D 398 49.99 11.18 -25.85
CA LYS D 398 48.78 10.37 -25.91
C LYS D 398 47.57 11.19 -25.52
N TYR D 399 47.73 12.15 -24.62
CA TYR D 399 46.63 13.07 -24.33
C TYR D 399 46.32 13.88 -25.58
N SER D 400 47.26 14.75 -25.96
CA SER D 400 47.15 15.65 -27.10
C SER D 400 48.19 16.77 -26.99
N LEU D 401 48.58 17.11 -25.76
CA LEU D 401 49.24 18.38 -25.51
C LEU D 401 50.57 18.49 -26.22
N VAL D 402 51.22 17.37 -26.52
CA VAL D 402 52.50 17.38 -27.21
C VAL D 402 52.46 16.38 -28.35
N GLU D 403 53.31 16.62 -29.34
CA GLU D 403 53.49 15.71 -30.45
C GLU D 403 54.93 15.23 -30.48
N LYS D 404 55.13 13.97 -30.87
CA LYS D 404 56.45 13.38 -31.00
C LYS D 404 56.72 13.09 -32.46
N GLN D 405 57.87 13.57 -32.95
CA GLN D 405 58.29 13.33 -34.33
C GLN D 405 59.77 12.97 -34.34
N PRO D 406 60.18 12.11 -35.27
CA PRO D 406 61.59 11.71 -35.41
C PRO D 406 62.43 12.80 -36.08
N SER D 409 64.98 13.42 -33.50
CA SER D 409 63.66 13.25 -32.93
C SER D 409 63.25 14.46 -32.08
N THR D 410 63.19 15.62 -32.72
CA THR D 410 62.79 16.83 -32.04
C THR D 410 61.29 16.79 -31.74
N ILE D 411 60.78 17.87 -31.15
CA ILE D 411 59.39 17.94 -30.74
C ILE D 411 58.90 19.37 -30.84
N SER D 412 57.79 19.57 -31.55
CA SER D 412 57.10 20.85 -31.56
C SER D 412 55.86 20.79 -30.68
N ILE D 413 55.27 21.95 -30.44
CA ILE D 413 54.16 22.10 -29.50
C ILE D 413 53.01 22.83 -30.16
N PRO D 414 51.75 22.46 -29.92
CA PRO D 414 50.63 23.26 -30.41
C PRO D 414 50.68 24.69 -29.86
N SER D 415 50.40 25.64 -30.75
CA SER D 415 50.52 27.05 -30.40
C SER D 415 49.35 27.53 -29.54
N ILE D 416 48.15 27.03 -29.83
CA ILE D 416 46.96 27.52 -29.14
C ILE D 416 47.09 27.33 -27.63
N TYR D 417 47.61 26.19 -27.21
CA TYR D 417 47.89 25.97 -25.81
C TYR D 417 49.24 26.53 -25.38
N LEU D 418 50.00 27.07 -26.32
CA LEU D 418 51.35 27.57 -26.04
C LEU D 418 51.33 29.05 -25.66
N GLU D 419 50.87 29.91 -26.56
CA GLU D 419 51.00 31.34 -26.35
C GLU D 419 49.86 31.89 -25.50
N LEU D 420 48.62 31.52 -25.83
CA LEU D 420 47.48 32.12 -25.16
C LEU D 420 47.34 31.61 -23.73
N LYS D 421 47.69 30.35 -23.49
CA LYS D 421 47.37 29.74 -22.20
C LYS D 421 48.39 30.07 -21.13
N VAL D 422 49.63 29.62 -21.31
CA VAL D 422 50.61 29.62 -20.21
C VAL D 422 51.45 30.89 -20.15
N LYS D 423 51.35 31.78 -21.13
CA LYS D 423 52.10 33.02 -21.06
C LYS D 423 51.72 33.83 -19.83
N LEU D 424 50.42 33.94 -19.57
CA LEU D 424 49.95 34.68 -18.41
C LEU D 424 50.24 33.96 -17.11
N GLU D 425 50.22 32.64 -17.11
CA GLU D 425 50.39 31.84 -15.90
C GLU D 425 51.78 31.20 -15.89
N ASN D 426 52.70 31.81 -15.14
CA ASN D 426 54.06 31.27 -15.06
C ASN D 426 54.72 31.82 -13.81
N GLU D 427 54.97 30.96 -12.83
CA GLU D 427 55.81 31.34 -11.71
C GLU D 427 57.26 31.46 -12.16
N TYR D 428 58.03 32.25 -11.42
CA TYR D 428 59.43 32.50 -11.82
C TYR D 428 60.27 31.26 -11.54
N ALA D 429 60.13 30.27 -12.40
CA ALA D 429 61.13 29.23 -12.55
C ALA D 429 62.14 29.57 -13.63
N LEU D 430 62.01 30.75 -14.25
CA LEU D 430 62.88 31.10 -15.37
C LEU D 430 64.32 31.29 -14.94
N HIS D 431 64.57 31.48 -13.65
CA HIS D 431 65.95 31.54 -13.19
C HIS D 431 66.70 30.27 -13.58
N ARG D 432 66.26 29.12 -13.07
CA ARG D 432 66.90 27.86 -13.39
C ARG D 432 66.76 27.53 -14.87
N SER D 433 65.61 27.84 -15.47
CA SER D 433 65.41 27.52 -16.87
C SER D 433 66.44 28.25 -17.74
N ILE D 434 66.63 29.54 -17.51
CA ILE D 434 67.50 30.31 -18.38
C ILE D 434 68.96 30.06 -18.04
N VAL D 435 69.28 29.77 -16.77
CA VAL D 435 70.66 29.43 -16.46
C VAL D 435 71.01 28.09 -17.10
N ASP D 436 70.06 27.16 -17.17
CA ASP D 436 70.29 25.93 -17.92
C ASP D 436 70.40 26.20 -19.41
N HIS D 437 69.57 27.13 -19.92
CA HIS D 437 69.65 27.57 -21.31
C HIS D 437 71.02 28.11 -21.65
N TYR D 438 71.74 28.63 -20.66
CA TYR D 438 73.16 28.90 -20.81
C TYR D 438 74.03 27.68 -20.60
N ASN D 439 73.69 26.83 -19.62
CA ASN D 439 74.59 25.78 -19.17
C ASN D 439 74.81 24.76 -20.26
N ILE D 440 73.73 24.19 -20.80
CA ILE D 440 73.90 23.09 -21.75
C ILE D 440 74.57 23.56 -23.04
N PRO D 441 74.37 24.79 -23.53
CA PRO D 441 75.18 25.22 -24.69
C PRO D 441 76.61 25.58 -24.32
N LYS D 442 76.85 26.12 -23.13
CA LYS D 442 78.23 26.38 -22.73
C LYS D 442 79.02 25.08 -22.63
N THR D 443 78.38 24.02 -22.14
CA THR D 443 78.99 22.70 -22.19
C THR D 443 79.37 22.33 -23.62
N PHE D 444 78.55 22.76 -24.58
CA PHE D 444 78.83 22.54 -25.99
C PHE D 444 79.84 23.58 -26.45
N ASP D 445 81.11 23.33 -26.11
CA ASP D 445 82.20 24.26 -26.43
C ASP D 445 83.38 23.45 -26.91
N SER D 446 83.67 23.50 -28.20
CA SER D 446 84.79 22.78 -28.80
C SER D 446 86.01 23.67 -28.87
N ASP D 447 87.16 23.05 -29.16
CA ASP D 447 88.40 23.81 -29.33
C ASP D 447 88.28 24.80 -30.48
N ASP D 448 87.87 24.32 -31.64
CA ASP D 448 87.48 25.20 -32.73
C ASP D 448 86.10 25.73 -32.43
N LEU D 449 85.48 26.37 -33.41
CA LEU D 449 84.10 26.80 -33.30
C LEU D 449 83.16 25.86 -34.03
N ILE D 450 83.45 24.55 -34.00
CA ILE D 450 82.61 23.54 -34.64
C ILE D 450 82.11 22.58 -33.55
N PRO D 451 81.12 22.98 -32.76
CA PRO D 451 80.54 22.06 -31.78
C PRO D 451 79.31 21.38 -32.34
N PRO D 452 78.79 20.36 -31.67
CA PRO D 452 77.55 19.68 -32.15
C PRO D 452 76.23 20.36 -31.79
N TYR D 453 75.82 21.31 -32.63
CA TYR D 453 74.52 21.95 -32.48
C TYR D 453 73.39 21.06 -32.96
N LEU D 454 72.18 21.60 -32.90
CA LEU D 454 71.02 21.09 -33.60
C LEU D 454 70.50 22.16 -34.55
N ASP D 455 70.14 21.72 -35.76
CA ASP D 455 69.92 22.64 -36.88
C ASP D 455 68.95 23.75 -36.53
N GLN D 456 67.83 23.38 -35.95
CA GLN D 456 66.91 24.41 -35.63
C GLN D 456 67.24 25.06 -34.31
N TYR D 457 67.27 24.26 -33.27
CA TYR D 457 67.22 24.76 -31.91
C TYR D 457 68.44 25.61 -31.60
N PHE D 458 69.62 25.02 -31.65
CA PHE D 458 70.80 25.72 -31.18
C PHE D 458 71.18 26.85 -32.13
N TYR D 459 70.75 26.76 -33.38
CA TYR D 459 71.08 27.82 -34.32
C TYR D 459 70.13 29.01 -34.20
N SER D 460 69.00 28.86 -33.51
CA SER D 460 68.02 29.93 -33.41
C SER D 460 67.75 30.38 -31.98
N HIS D 461 67.31 29.47 -31.12
CA HIS D 461 66.83 29.81 -29.79
C HIS D 461 67.93 30.33 -28.89
N ILE D 462 69.18 30.01 -29.23
CA ILE D 462 70.30 30.42 -28.40
C ILE D 462 70.42 31.94 -28.38
N GLY D 463 70.07 32.62 -29.47
CA GLY D 463 70.11 34.07 -29.46
C GLY D 463 69.13 34.67 -28.45
N HIS D 464 67.89 34.17 -28.46
CA HIS D 464 66.92 34.59 -27.47
C HIS D 464 67.42 34.35 -26.06
N HIS D 465 67.92 33.15 -25.79
CA HIS D 465 68.30 32.83 -24.42
C HIS D 465 69.54 33.59 -23.98
N LEU D 466 70.47 33.83 -24.91
CA LEU D 466 71.65 34.65 -24.60
C LEU D 466 71.27 36.09 -24.32
N LYS D 467 70.31 36.64 -25.08
CA LYS D 467 69.77 37.94 -24.74
C LYS D 467 69.08 37.89 -23.39
N ASN D 468 68.52 36.75 -23.04
CA ASN D 468 67.81 36.60 -21.77
C ASN D 468 68.75 36.55 -20.57
N ILE D 469 69.96 36.02 -20.73
CA ILE D 469 70.81 35.80 -19.55
C ILE D 469 71.69 36.99 -19.19
N GLU D 470 72.65 37.34 -20.05
CA GLU D 470 73.69 38.29 -19.67
C GLU D 470 74.44 38.72 -20.92
N HIS D 471 75.21 39.81 -20.77
CA HIS D 471 75.87 40.47 -21.88
C HIS D 471 77.13 39.75 -22.38
N PRO D 472 78.11 39.40 -21.54
CA PRO D 472 79.37 38.89 -22.11
C PRO D 472 79.15 37.61 -22.89
N GLU D 473 78.21 36.77 -22.43
CA GLU D 473 77.84 35.59 -23.18
C GLU D 473 77.19 35.96 -24.51
N ARG D 474 76.44 37.07 -24.53
CA ARG D 474 75.90 37.53 -25.80
C ARG D 474 77.01 37.89 -26.78
N MET D 475 77.99 38.69 -26.33
CA MET D 475 79.04 39.07 -27.25
C MET D 475 79.90 37.89 -27.67
N THR D 476 80.14 36.94 -26.76
CA THR D 476 81.01 35.81 -27.09
C THR D 476 80.29 34.77 -27.94
N LEU D 477 79.25 34.15 -27.38
CA LEU D 477 78.69 32.94 -27.97
C LEU D 477 77.86 33.21 -29.21
N PHE D 478 77.45 34.46 -29.46
CA PHE D 478 76.91 34.77 -30.78
C PHE D 478 77.93 34.51 -31.88
N ARG D 479 79.21 34.65 -31.57
CA ARG D 479 80.27 34.52 -32.57
C ARG D 479 80.09 35.51 -33.71
N MET D 480 79.35 36.59 -33.46
CA MET D 480 79.28 37.66 -34.44
C MET D 480 80.63 38.32 -34.63
N VAL D 481 81.42 38.41 -33.56
CA VAL D 481 82.83 38.78 -33.69
C VAL D 481 83.59 37.70 -34.46
N PHE D 482 83.19 36.44 -34.33
CA PHE D 482 83.86 35.33 -34.98
C PHE D 482 83.26 35.09 -36.37
N LEU D 483 83.80 34.09 -37.05
CA LEU D 483 83.49 33.85 -38.45
C LEU D 483 82.83 32.49 -38.69
N ASP D 484 82.79 31.61 -37.69
CA ASP D 484 82.36 30.24 -37.94
C ASP D 484 80.89 30.15 -38.30
N PHE D 485 80.03 30.91 -37.61
CA PHE D 485 78.63 30.91 -37.97
C PHE D 485 78.42 31.33 -39.42
N ARG D 486 79.21 32.28 -39.91
CA ARG D 486 79.13 32.74 -41.29
C ARG D 486 79.26 31.59 -42.28
N PHE D 487 79.68 30.42 -41.83
CA PHE D 487 79.68 29.21 -42.65
C PHE D 487 78.66 28.20 -42.16
N LEU D 488 78.69 27.88 -40.86
CA LEU D 488 77.86 26.82 -40.32
C LEU D 488 76.37 27.13 -40.49
N GLU D 489 75.96 28.32 -40.05
CA GLU D 489 74.54 28.67 -40.10
C GLU D 489 74.02 28.66 -41.53
N GLN D 490 74.76 29.27 -42.45
CA GLN D 490 74.27 29.38 -43.83
C GLN D 490 74.27 28.04 -44.53
N LYS D 491 75.33 27.24 -44.37
CA LYS D 491 75.36 25.96 -45.04
C LYS D 491 74.54 24.90 -44.32
N ILE D 492 74.00 25.23 -43.14
CA ILE D 492 73.08 24.33 -42.47
C ILE D 492 71.63 24.79 -42.59
N ARG D 493 71.39 26.01 -43.06
CA ARG D 493 70.05 26.51 -43.34
C ARG D 493 70.01 27.03 -44.78
N HIS D 494 69.35 26.28 -45.65
CA HIS D 494 69.21 26.68 -47.04
C HIS D 494 68.13 25.87 -47.75
N ASN D 507 67.02 32.00 -45.84
CA ASN D 507 68.28 31.33 -45.52
C ASN D 507 69.32 32.35 -45.03
N THR D 508 69.14 33.60 -45.43
CA THR D 508 69.96 34.70 -44.92
C THR D 508 69.13 35.68 -44.09
N LEU D 509 67.90 35.92 -44.53
CA LEU D 509 67.02 36.84 -43.82
C LEU D 509 66.83 36.43 -42.37
N GLN D 510 66.88 35.12 -42.10
CA GLN D 510 66.59 34.66 -40.74
C GLN D 510 67.76 34.91 -39.80
N GLN D 511 68.99 34.79 -40.28
CA GLN D 511 70.12 35.32 -39.51
C GLN D 511 69.94 36.81 -39.26
N LEU D 512 69.57 37.55 -40.31
CA LEU D 512 69.34 38.98 -40.13
C LEU D 512 68.27 39.22 -39.06
N LYS D 513 67.25 38.38 -39.04
CA LYS D 513 66.15 38.51 -38.09
C LYS D 513 66.61 38.27 -36.68
N PHE D 514 67.41 37.22 -36.48
CA PHE D 514 68.05 37.02 -35.18
C PHE D 514 68.87 38.23 -34.78
N TYR D 515 69.49 38.86 -35.77
CA TYR D 515 70.65 39.70 -35.50
C TYR D 515 70.26 41.04 -34.92
N LYS D 516 69.43 41.79 -35.64
CA LYS D 516 69.11 43.17 -35.24
C LYS D 516 68.53 43.33 -33.85
N PRO D 517 67.66 42.46 -33.32
CA PRO D 517 67.13 42.71 -31.97
C PRO D 517 68.11 42.35 -30.87
N TYR D 518 69.11 41.53 -31.13
CA TYR D 518 70.04 41.08 -30.09
C TYR D 518 71.28 41.95 -30.08
N ILE D 519 71.06 43.26 -29.96
CA ILE D 519 72.10 44.26 -30.00
C ILE D 519 72.25 44.98 -28.67
N CYS D 520 71.13 45.27 -28.00
CA CYS D 520 71.18 46.09 -26.80
C CYS D 520 72.08 45.50 -25.73
N ASP D 521 71.97 44.20 -25.49
CA ASP D 521 72.75 43.54 -24.46
C ASP D 521 74.22 43.47 -24.83
N ASP D 523 77.78 46.03 -25.35
CA ASP D 523 77.96 47.45 -25.14
C ASP D 523 77.97 48.20 -26.48
N PRO D 524 77.57 49.48 -26.46
CA PRO D 524 77.54 50.25 -27.71
C PRO D 524 78.87 50.31 -28.43
N LYS D 525 79.98 50.17 -27.72
CA LYS D 525 81.27 50.08 -28.40
C LYS D 525 81.32 48.87 -29.33
N TYR D 526 80.80 47.73 -28.87
CA TYR D 526 80.71 46.58 -29.76
C TYR D 526 79.55 46.74 -30.74
N GLU D 527 78.48 47.41 -30.33
CA GLU D 527 77.30 47.51 -31.19
C GLU D 527 77.59 48.36 -32.41
N ARG D 528 78.45 49.37 -32.28
CA ARG D 528 78.79 50.19 -33.44
C ARG D 528 79.59 49.40 -34.47
N LEU D 529 80.42 48.45 -34.03
CA LEU D 529 81.10 47.58 -34.97
C LEU D 529 80.15 46.56 -35.57
N VAL D 530 79.26 46.00 -34.75
CA VAL D 530 78.36 44.98 -35.26
C VAL D 530 77.27 45.58 -36.15
N ASN D 531 77.04 46.89 -36.09
CA ASN D 531 76.10 47.48 -37.06
C ASN D 531 76.74 47.58 -38.43
N ALA D 532 78.03 47.88 -38.50
CA ALA D 532 78.74 47.76 -39.76
C ALA D 532 78.75 46.33 -40.25
N ILE D 533 78.88 45.38 -39.32
CA ILE D 533 78.67 43.98 -39.65
C ILE D 533 77.31 43.78 -40.29
N LEU D 534 76.27 44.36 -39.68
CA LEU D 534 74.92 44.25 -40.20
C LEU D 534 74.83 44.78 -41.62
N ASP D 535 75.33 45.99 -41.84
CA ASP D 535 75.24 46.59 -43.16
C ASP D 535 76.00 45.77 -44.19
N PHE D 536 77.08 45.10 -43.77
CA PHE D 536 77.81 44.22 -44.66
C PHE D 536 77.11 42.88 -44.89
N LEU D 537 76.24 42.46 -43.98
CA LEU D 537 75.64 41.13 -44.10
C LEU D 537 75.01 40.85 -45.46
N PRO D 538 74.14 41.70 -46.02
CA PRO D 538 73.41 41.30 -47.23
C PRO D 538 74.23 41.34 -48.50
N LYS D 539 75.54 41.59 -48.43
CA LYS D 539 76.31 41.76 -49.65
C LYS D 539 76.51 40.45 -50.41
N ILE D 540 76.14 39.31 -49.83
CA ILE D 540 76.15 38.05 -50.55
C ILE D 540 75.25 37.04 -49.86
N TYR D 549 86.49 27.09 -47.68
CA TYR D 549 86.86 27.51 -46.33
C TYR D 549 87.77 28.74 -46.36
N THR D 550 88.84 28.65 -47.15
CA THR D 550 89.74 29.79 -47.31
C THR D 550 89.01 30.99 -47.91
N ASP D 551 87.94 30.73 -48.65
CA ASP D 551 87.13 31.82 -49.20
C ASP D 551 86.47 32.62 -48.08
N LEU D 552 86.00 31.93 -47.04
CA LEU D 552 85.33 32.61 -45.92
C LEU D 552 86.27 33.56 -45.21
N LEU D 553 87.53 33.18 -45.03
CA LEU D 553 88.50 34.06 -44.40
C LEU D 553 88.98 35.14 -45.36
N ARG D 554 89.12 34.83 -46.64
CA ARG D 554 89.57 35.84 -47.61
C ARG D 554 88.53 36.94 -47.77
N ILE D 555 87.24 36.60 -47.76
CA ILE D 555 86.22 37.64 -47.79
C ILE D 555 86.19 38.42 -46.49
N ALA D 556 86.57 37.80 -45.38
CA ALA D 556 86.70 38.50 -44.11
C ALA D 556 87.98 39.32 -44.01
N LEU D 557 88.89 39.16 -44.97
CA LEU D 557 90.14 39.91 -44.95
C LEU D 557 89.89 41.41 -45.08
N MET D 558 88.96 41.80 -45.95
CA MET D 558 88.76 43.23 -46.22
C MET D 558 88.28 43.96 -44.97
N ALA D 559 87.40 43.33 -44.19
CA ALA D 559 86.85 43.97 -42.99
C ALA D 559 87.90 43.98 -41.89
N GLU D 560 88.99 44.71 -42.16
CA GLU D 560 90.03 44.89 -41.17
C GLU D 560 89.61 45.86 -40.07
N ASP D 561 88.67 46.75 -40.36
CA ASP D 561 88.11 47.62 -39.34
C ASP D 561 87.36 46.85 -38.27
N GLU D 562 87.15 45.55 -38.49
CA GLU D 562 86.42 44.69 -37.59
C GLU D 562 87.28 43.50 -37.22
N ALA D 563 87.08 42.97 -36.02
CA ALA D 563 87.88 41.86 -35.53
C ALA D 563 87.55 40.54 -36.23
N ILE D 564 86.73 40.57 -37.28
CA ILE D 564 86.40 39.35 -38.00
C ILE D 564 87.67 38.72 -38.58
N PHE D 565 88.56 39.55 -39.14
CA PHE D 565 89.83 39.05 -39.61
C PHE D 565 90.68 38.53 -38.46
N GLU D 566 90.56 39.13 -37.28
CA GLU D 566 91.35 38.71 -36.14
C GLU D 566 91.04 37.26 -35.78
N GLU D 567 89.76 36.90 -35.77
CA GLU D 567 89.39 35.51 -35.53
C GLU D 567 89.68 34.63 -36.73
N ALA D 568 89.53 35.17 -37.95
CA ALA D 568 89.89 34.40 -39.13
C ALA D 568 91.35 33.98 -39.11
N HIS D 569 92.20 34.80 -38.49
CA HIS D 569 93.61 34.43 -38.33
C HIS D 569 93.76 33.13 -37.56
N LYS D 570 93.12 33.03 -36.40
CA LYS D 570 93.15 31.77 -35.65
C LYS D 570 92.48 30.65 -36.41
N GLN D 571 91.39 30.94 -37.12
CA GLN D 571 90.66 29.91 -37.82
C GLN D 571 91.50 29.25 -38.90
N VAL D 572 92.16 30.06 -39.73
CA VAL D 572 93.08 29.48 -40.72
C VAL D 572 94.29 28.88 -40.03
N GLN D 573 94.69 29.44 -38.89
CA GLN D 573 95.77 28.87 -38.11
C GLN D 573 95.45 27.44 -37.69
N ARG D 574 94.22 27.22 -37.24
CA ARG D 574 93.79 25.90 -36.81
C ARG D 574 93.10 25.13 -37.94
N ASP D 598 77.22 39.45 -54.25
CA ASP D 598 75.88 39.17 -54.74
C ASP D 598 74.83 39.92 -53.93
N ASN D 599 74.17 40.89 -54.58
CA ASN D 599 73.17 41.70 -53.90
C ASN D 599 72.04 40.84 -53.35
N GLU D 600 71.55 39.92 -54.17
CA GLU D 600 70.45 39.04 -53.75
C GLU D 600 70.56 37.78 -54.59
N GLY D 601 70.73 36.64 -53.92
CA GLY D 601 70.72 35.33 -54.56
C GLY D 601 69.56 34.49 -54.08
N ARG D 602 68.62 34.20 -54.99
CA ARG D 602 67.41 33.46 -54.63
C ARG D 602 67.58 31.96 -54.72
N HIS D 603 66.82 31.23 -53.90
CA HIS D 603 66.96 29.79 -53.71
C HIS D 603 65.64 29.05 -53.90
N ALA D 604 64.53 29.75 -53.76
CA ALA D 604 63.22 29.12 -53.75
C ALA D 604 62.92 28.43 -55.08
N VAL D 605 63.67 28.74 -56.11
CA VAL D 605 63.48 28.13 -57.41
C VAL D 605 64.05 26.72 -57.37
N TYR D 606 63.33 25.78 -57.98
CA TYR D 606 63.68 24.37 -57.93
C TYR D 606 64.48 23.93 -59.14
N LEU D 607 63.92 24.06 -60.34
CA LEU D 607 64.60 23.60 -61.56
C LEU D 607 65.56 24.67 -62.09
N HIS D 608 65.00 25.78 -62.55
CA HIS D 608 65.76 26.89 -63.11
C HIS D 608 64.88 28.12 -63.12
N ASN D 609 65.51 29.28 -63.25
CA ASN D 609 64.80 30.55 -63.30
C ASN D 609 64.54 30.94 -64.75
N ASP D 610 63.30 31.26 -65.08
CA ASP D 610 62.95 31.67 -66.44
C ASP D 610 62.52 33.13 -66.52
N PHE D 611 61.44 33.51 -65.83
CA PHE D 611 60.77 34.77 -66.13
C PHE D 611 60.26 35.38 -64.84
N CYS D 612 60.84 36.51 -64.42
CA CYS D 612 60.53 37.11 -63.13
C CYS D 612 60.29 38.60 -63.31
N LEU D 613 59.72 39.23 -62.28
CA LEU D 613 59.35 40.63 -62.39
C LEU D 613 59.26 41.25 -61.00
N ILE D 614 59.32 42.58 -60.95
CA ILE D 614 59.34 43.34 -59.70
C ILE D 614 58.12 44.25 -59.63
N ALA D 615 57.50 44.31 -58.46
CA ALA D 615 56.31 45.15 -58.28
C ALA D 615 56.65 46.62 -58.44
N LEU D 616 55.69 47.36 -59.01
CA LEU D 616 55.89 48.77 -59.29
C LEU D 616 56.12 49.58 -58.02
N ALA D 617 55.34 49.29 -56.98
CA ALA D 617 55.36 50.05 -55.74
C ALA D 617 56.59 49.75 -54.91
N SER D 618 57.60 49.13 -55.51
CA SER D 618 58.77 48.64 -54.79
C SER D 618 58.36 47.64 -53.72
N GLY D 619 57.38 46.80 -54.04
CA GLY D 619 56.90 45.87 -53.05
C GLY D 619 57.36 44.44 -53.22
N GLN D 620 57.27 43.89 -54.43
CA GLN D 620 57.28 42.44 -54.54
C GLN D 620 57.92 41.98 -55.84
N ILE D 621 58.30 40.71 -55.83
CA ILE D 621 58.82 40.01 -56.99
C ILE D 621 57.90 38.82 -57.28
N LEU D 622 57.59 38.62 -58.55
CA LEU D 622 56.99 37.39 -59.03
C LEU D 622 58.04 36.59 -59.79
N LEU D 623 57.97 35.27 -59.68
CA LEU D 623 58.84 34.39 -60.43
C LEU D 623 57.98 33.31 -61.09
N THR D 624 58.31 32.98 -62.33
CA THR D 624 57.55 32.06 -63.17
C THR D 624 58.56 31.33 -64.02
N ASP D 625 58.74 30.03 -63.76
CA ASP D 625 59.93 29.33 -64.22
C ASP D 625 59.57 27.95 -64.74
N VAL D 626 60.61 27.18 -65.05
CA VAL D 626 60.44 25.77 -65.38
C VAL D 626 59.83 25.04 -64.20
N SER D 627 60.05 25.54 -62.99
CA SER D 627 59.56 24.93 -61.77
C SER D 627 58.03 24.94 -61.68
N LEU D 628 57.38 25.47 -62.71
CA LEU D 628 55.94 25.36 -62.92
C LEU D 628 55.12 26.14 -61.90
N GLU D 629 55.75 26.94 -61.04
CA GLU D 629 55.05 27.62 -59.97
C GLU D 629 55.14 29.12 -60.17
N GLY D 630 54.01 29.81 -60.09
CA GLY D 630 54.00 31.25 -60.00
C GLY D 630 54.17 31.66 -58.55
N GLU D 631 55.35 32.14 -58.19
CA GLU D 631 55.69 32.40 -56.80
C GLU D 631 55.86 33.89 -56.57
N ASP D 632 55.51 34.34 -55.37
CA ASP D 632 55.55 35.75 -55.01
C ASP D 632 56.35 35.94 -53.73
N THR D 633 57.29 36.89 -53.78
CA THR D 633 58.13 37.28 -52.65
C THR D 633 58.21 38.79 -52.61
N TYR D 634 59.05 39.31 -51.72
CA TYR D 634 59.26 40.74 -51.54
C TYR D 634 60.42 41.21 -52.42
N LEU D 635 60.92 42.44 -52.34
CA LEU D 635 62.04 42.88 -53.17
C LEU D 635 63.30 43.00 -52.32
N LEU D 636 63.11 43.16 -51.02
CA LEU D 636 64.22 43.29 -50.09
C LEU D 636 63.94 42.54 -48.78
N ARG D 637 62.91 42.97 -48.07
CA ARG D 637 62.53 42.34 -46.81
C ARG D 637 61.72 41.11 -47.23
N ASP D 638 62.43 40.04 -47.56
CA ASP D 638 61.92 39.00 -48.46
C ASP D 638 61.29 37.85 -47.71
N GLU D 639 60.00 37.63 -47.96
CA GLU D 639 59.31 36.41 -47.55
C GLU D 639 58.47 35.91 -48.72
N SER D 640 58.27 34.60 -48.78
CA SER D 640 57.51 34.00 -49.87
C SER D 640 56.05 34.41 -49.73
N ASP D 641 55.60 35.34 -50.58
CA ASP D 641 54.24 35.83 -50.49
C ASP D 641 53.24 34.76 -50.87
N SER D 642 53.49 34.04 -51.96
CA SER D 642 52.53 33.04 -52.40
C SER D 642 53.23 32.07 -53.35
N SER D 643 52.53 30.97 -53.66
CA SER D 643 53.02 29.98 -54.61
C SER D 643 51.80 29.30 -55.23
N ASP D 644 51.48 29.65 -56.47
CA ASP D 644 50.27 29.19 -57.13
C ASP D 644 50.63 28.36 -58.36
N ILE D 645 50.03 27.18 -58.46
CA ILE D 645 50.17 26.33 -59.64
C ILE D 645 49.21 26.84 -60.70
N LEU D 646 49.73 27.58 -61.66
CA LEU D 646 48.88 28.21 -62.66
C LEU D 646 48.53 27.26 -63.80
N ARG D 647 49.55 26.80 -64.53
CA ARG D 647 49.32 25.85 -65.61
C ARG D 647 50.23 24.64 -65.43
N MET D 648 50.28 23.77 -66.45
CA MET D 648 50.85 22.42 -66.29
C MET D 648 52.16 22.22 -67.05
N ALA D 649 52.82 23.30 -67.48
CA ALA D 649 54.08 23.18 -68.20
C ALA D 649 54.78 24.53 -68.22
N VAL D 650 56.00 24.53 -68.73
CA VAL D 650 56.89 25.69 -68.63
C VAL D 650 56.25 26.93 -69.23
N PHE D 651 56.63 28.09 -68.68
CA PHE D 651 55.96 29.36 -68.95
C PHE D 651 56.72 30.13 -70.03
N ASN D 652 55.99 30.72 -70.97
CA ASN D 652 56.68 31.47 -72.03
C ASN D 652 57.06 32.86 -71.57
N GLN D 653 56.08 33.69 -71.25
CA GLN D 653 56.28 35.10 -70.93
C GLN D 653 55.19 35.55 -69.98
N GLN D 654 55.31 36.77 -69.49
CA GLN D 654 54.30 37.31 -68.57
C GLN D 654 54.27 38.82 -68.64
N LYS D 655 53.31 39.38 -67.92
CA LYS D 655 53.11 40.82 -67.77
C LYS D 655 52.20 41.02 -66.57
N HIS D 656 52.19 42.24 -66.03
CA HIS D 656 51.32 42.59 -64.92
C HIS D 656 50.31 43.63 -65.38
N LEU D 657 49.40 44.00 -64.48
CA LEU D 657 48.55 45.14 -64.74
C LEU D 657 49.23 46.43 -64.30
N ILE D 658 48.93 47.50 -65.04
CA ILE D 658 49.47 48.82 -64.72
C ILE D 658 49.09 49.23 -63.31
N THR D 659 47.97 48.74 -62.81
CA THR D 659 47.51 49.02 -61.46
C THR D 659 48.02 47.99 -60.46
N LEU D 660 48.81 47.02 -60.91
CA LEU D 660 49.33 45.96 -60.05
C LEU D 660 48.21 45.20 -59.36
N HIS D 661 47.09 45.04 -60.07
CA HIS D 661 45.92 44.39 -59.49
C HIS D 661 45.74 42.97 -59.98
N CYS D 662 46.18 42.68 -61.19
CA CYS D 662 46.20 41.33 -61.75
C CYS D 662 47.38 41.25 -62.70
N ASN D 663 47.36 40.24 -63.57
CA ASN D 663 48.44 40.06 -64.52
C ASN D 663 47.96 39.19 -65.68
N GLY D 664 48.90 38.88 -66.55
CA GLY D 664 48.67 37.89 -67.59
C GLY D 664 49.97 37.20 -67.92
N SER D 665 49.87 36.05 -68.58
CA SER D 665 51.07 35.35 -69.03
C SER D 665 50.73 34.53 -70.25
N VAL D 666 51.76 34.19 -71.02
CA VAL D 666 51.64 33.24 -72.10
C VAL D 666 52.56 32.07 -71.79
N LYS D 667 52.12 30.87 -72.14
CA LYS D 667 52.98 29.71 -72.12
C LYS D 667 52.85 29.01 -73.45
N LEU D 668 53.53 27.87 -73.56
CA LEU D 668 53.60 27.15 -74.82
C LEU D 668 52.23 26.75 -75.34
N TRP D 669 51.23 26.71 -74.47
CA TRP D 669 49.85 26.52 -74.94
C TRP D 669 49.37 27.70 -75.74
N SER D 670 50.02 28.86 -75.60
CA SER D 670 49.49 30.14 -76.08
C SER D 670 48.15 30.45 -75.42
N LEU D 671 48.18 30.53 -74.09
CA LEU D 671 47.02 30.87 -73.28
C LEU D 671 47.37 32.06 -72.40
N TRP D 672 46.34 32.71 -71.85
CA TRP D 672 46.63 33.86 -71.00
C TRP D 672 45.75 33.90 -69.76
N PRO D 673 46.29 33.56 -68.60
CA PRO D 673 45.52 33.69 -67.35
C PRO D 673 45.52 35.12 -66.83
N ASP D 674 44.77 35.29 -65.74
CA ASP D 674 44.67 36.59 -65.10
C ASP D 674 44.78 36.52 -63.59
N CYS D 675 45.58 35.60 -63.05
CA CYS D 675 45.72 35.40 -61.62
C CYS D 675 46.42 36.58 -60.95
N PRO D 676 45.79 37.25 -59.98
CA PRO D 676 46.44 38.38 -59.31
C PRO D 676 47.38 37.96 -58.20
N GLY D 677 47.89 38.94 -57.46
CA GLY D 677 48.79 38.70 -56.36
C GLY D 677 48.60 39.73 -55.27
N ARG D 678 49.64 40.49 -54.97
CA ARG D 678 49.58 41.52 -53.95
C ARG D 678 50.68 42.56 -54.13
N HIS D 680 44.94 36.49 -55.84
CA HIS D 680 45.71 35.27 -56.03
C HIS D 680 44.91 34.19 -56.77
N SER D 681 43.85 34.60 -57.45
CA SER D 681 43.01 33.67 -58.19
C SER D 681 42.19 34.39 -59.25
N GLY D 682 42.77 34.55 -60.44
CA GLY D 682 42.10 35.22 -61.54
C GLY D 682 41.50 34.22 -62.52
N GLY D 683 42.18 33.09 -62.68
CA GLY D 683 41.73 32.05 -63.59
C GLY D 683 42.20 32.26 -65.01
N SER D 684 42.70 31.18 -65.63
CA SER D 684 43.19 31.25 -67.00
C SER D 684 42.08 31.68 -67.94
N LYS D 685 42.43 32.53 -68.90
CA LYS D 685 41.45 33.03 -69.86
C LYS D 685 42.06 33.35 -71.22
N GLN D 686 41.33 34.14 -72.00
CA GLN D 686 41.77 34.53 -73.31
C GLN D 686 42.29 33.43 -74.20
N GLN D 687 41.79 32.17 -74.09
CA GLN D 687 42.34 31.26 -75.08
C GLN D 687 41.94 31.69 -76.48
N LEU D 688 42.89 31.64 -77.41
CA LEU D 688 42.63 31.88 -78.83
C LEU D 688 43.66 31.16 -79.70
N VAL D 693 48.11 32.48 -79.49
CA VAL D 693 48.20 33.77 -78.82
C VAL D 693 49.65 34.05 -78.45
N LYS D 694 50.15 35.22 -78.82
CA LYS D 694 51.56 35.54 -78.64
C LYS D 694 51.81 36.66 -77.65
N ARG D 695 51.24 37.84 -77.86
CA ARG D 695 51.61 39.01 -77.06
C ARG D 695 50.36 39.69 -76.52
N PHE D 696 50.48 40.26 -75.33
CA PHE D 696 49.46 41.11 -74.74
C PHE D 696 50.07 42.48 -74.50
N ILE D 697 49.40 43.54 -74.96
CA ILE D 697 49.83 44.90 -74.71
C ILE D 697 48.67 45.63 -74.06
N GLY D 698 48.95 46.34 -72.96
CA GLY D 698 47.95 47.13 -72.27
C GLY D 698 47.90 48.54 -72.81
N SER D 699 47.17 49.38 -72.10
CA SER D 699 47.23 50.82 -72.35
C SER D 699 48.07 51.45 -71.25
N TYR D 700 49.12 52.17 -71.67
CA TYR D 700 49.96 52.86 -70.70
C TYR D 700 49.15 53.90 -69.94
N ALA D 701 48.11 54.43 -70.56
CA ALA D 701 47.17 55.30 -69.87
C ALA D 701 46.41 54.52 -68.82
N ASN D 702 46.07 55.20 -67.73
CA ASN D 702 45.37 54.59 -66.61
C ASN D 702 43.86 54.62 -66.76
N LEU D 703 43.36 55.07 -67.91
CA LEU D 703 41.93 55.16 -68.15
C LEU D 703 41.46 54.32 -69.33
N LYS D 704 42.34 54.00 -70.26
CA LYS D 704 41.96 53.27 -71.48
C LYS D 704 42.06 51.78 -71.16
N ILE D 705 41.15 51.30 -70.32
CA ILE D 705 41.13 49.91 -69.88
C ILE D 705 41.07 48.93 -71.05
N VAL D 706 40.77 49.42 -72.26
CA VAL D 706 40.90 48.58 -73.44
C VAL D 706 42.36 48.20 -73.63
N ALA D 707 42.64 46.91 -73.73
CA ALA D 707 43.98 46.39 -73.92
C ALA D 707 43.99 45.59 -75.22
N PHE D 708 45.09 45.69 -75.94
CA PHE D 708 45.21 45.08 -77.26
C PHE D 708 45.94 43.75 -77.12
N TYR D 709 45.60 42.80 -77.98
CA TYR D 709 46.13 41.45 -77.93
C TYR D 709 46.62 41.07 -79.32
N LEU D 710 47.62 40.19 -79.37
CA LEU D 710 48.41 39.97 -80.56
C LEU D 710 48.58 38.47 -80.74
N ASN D 711 47.67 37.85 -81.48
CA ASN D 711 47.64 36.41 -81.62
C ASN D 711 48.30 35.98 -82.93
N GLU D 712 48.54 34.68 -83.04
CA GLU D 712 48.91 34.06 -84.30
C GLU D 712 47.70 33.72 -85.14
N ASP D 713 46.50 33.89 -84.59
CA ASP D 713 45.26 33.46 -85.21
C ASP D 713 44.73 34.49 -86.22
N ALA D 714 45.60 35.33 -86.75
CA ALA D 714 45.23 36.40 -87.68
C ALA D 714 44.16 37.31 -87.08
N GLY D 715 44.23 37.53 -85.77
CA GLY D 715 43.28 38.41 -85.10
C GLY D 715 43.88 39.12 -83.90
N LEU D 716 43.64 40.43 -83.81
CA LEU D 716 44.13 41.25 -82.71
C LEU D 716 42.92 41.76 -81.94
N PRO D 717 42.56 41.10 -80.83
CA PRO D 717 41.41 41.55 -80.04
C PRO D 717 41.78 42.69 -79.11
N GLU D 718 40.74 43.32 -78.57
CA GLU D 718 40.91 44.32 -77.53
C GLU D 718 39.80 44.14 -76.51
N ALA D 719 40.16 44.18 -75.22
CA ALA D 719 39.19 43.86 -74.18
C ALA D 719 39.52 44.62 -72.90
N ASN D 720 38.54 44.63 -71.99
CA ASN D 720 38.67 45.32 -70.71
C ASN D 720 38.86 44.31 -69.59
N ILE D 721 39.57 44.73 -68.55
CA ILE D 721 39.71 43.90 -67.35
C ILE D 721 38.41 43.83 -66.58
N GLN D 722 37.75 44.98 -66.41
CA GLN D 722 36.45 44.99 -65.73
C GLN D 722 35.44 44.16 -66.50
N LEU D 723 35.44 44.28 -67.82
CA LEU D 723 34.60 43.44 -68.66
C LEU D 723 35.36 42.16 -68.96
N HIS D 724 34.81 41.32 -69.83
CA HIS D 724 35.36 39.98 -70.01
C HIS D 724 35.36 39.50 -71.45
N VAL D 725 35.11 40.38 -72.43
CA VAL D 725 35.01 39.98 -73.83
C VAL D 725 35.85 40.92 -74.67
N ALA D 726 36.35 40.41 -75.78
CA ALA D 726 37.06 41.24 -76.74
C ALA D 726 36.11 42.27 -77.35
N PHE D 727 36.63 43.47 -77.61
CA PHE D 727 35.84 44.57 -78.14
C PHE D 727 36.03 44.74 -79.64
N ILE D 728 37.28 44.94 -80.07
CA ILE D 728 37.61 45.18 -81.47
C ILE D 728 38.67 44.16 -81.87
N ASN D 729 38.46 43.50 -83.00
CA ASN D 729 39.41 42.53 -83.54
C ASN D 729 39.91 43.03 -84.89
N GLY D 730 41.20 43.34 -84.96
CA GLY D 730 41.83 43.70 -86.21
C GLY D 730 42.44 42.51 -86.94
N ASP D 731 42.05 42.32 -88.20
CA ASP D 731 42.62 41.26 -89.03
C ASP D 731 43.89 41.74 -89.71
N TRP D 737 56.97 35.41 -89.25
CA TRP D 737 55.83 35.86 -88.48
C TRP D 737 56.02 35.56 -87.00
N ASP D 738 56.79 36.39 -86.29
CA ASP D 738 57.07 36.09 -84.89
C ASP D 738 56.37 37.02 -83.90
N GLU D 739 56.64 38.32 -83.97
CA GLU D 739 56.19 39.22 -82.92
C GLU D 739 55.39 40.38 -83.50
N GLN D 740 54.32 40.74 -82.81
CA GLN D 740 53.38 41.76 -83.25
C GLN D 740 53.32 42.89 -82.24
N ASP D 741 52.80 44.03 -82.67
CA ASP D 741 52.66 45.19 -81.81
C ASP D 741 51.61 46.12 -82.41
N GLN D 742 51.02 46.96 -81.56
CA GLN D 742 50.06 47.95 -82.01
C GLN D 742 50.55 49.35 -81.65
N GLU D 743 50.39 50.27 -82.59
CA GLU D 743 50.81 51.65 -82.34
C GLU D 743 49.64 52.48 -81.84
N PHE D 744 49.82 53.80 -81.78
CA PHE D 744 48.84 54.72 -81.20
C PHE D 744 47.51 54.70 -81.94
N SER D 747 47.64 53.39 -84.54
CA SER D 747 46.85 53.00 -85.69
C SER D 747 47.74 52.31 -86.71
N HIS D 748 48.75 51.60 -86.20
CA HIS D 748 49.71 50.89 -87.04
C HIS D 748 50.20 49.66 -86.28
N VAL D 749 50.68 48.66 -87.01
CA VAL D 749 51.09 47.39 -86.40
C VAL D 749 52.45 46.96 -86.92
N PRO D 750 53.52 47.09 -86.15
CA PRO D 750 54.82 46.55 -86.60
C PRO D 750 54.97 45.08 -86.26
N VAL D 751 55.15 44.22 -87.27
CA VAL D 751 55.36 42.79 -87.07
C VAL D 751 56.77 42.50 -87.56
N LEU D 752 57.64 42.10 -86.63
CA LEU D 752 59.00 41.68 -86.94
C LEU D 752 58.84 40.17 -87.09
N LYS D 753 59.04 39.65 -88.30
CA LYS D 753 58.82 38.22 -88.55
C LYS D 753 59.99 37.24 -88.49
N THR D 754 59.61 35.97 -88.45
CA THR D 754 60.47 34.79 -88.42
C THR D 754 61.65 34.92 -89.37
N MET D 755 61.45 35.45 -90.56
CA MET D 755 62.54 35.50 -91.53
C MET D 755 63.50 36.65 -91.26
N GLN D 756 63.56 37.10 -90.01
CA GLN D 756 64.43 38.20 -89.61
C GLN D 756 64.25 39.40 -90.55
N SER D 757 62.99 39.77 -90.77
CA SER D 757 62.63 40.89 -91.62
C SER D 757 61.43 41.58 -91.00
N GLY D 758 61.55 42.87 -90.71
CA GLY D 758 60.47 43.60 -90.08
C GLY D 758 59.57 44.23 -91.12
N ILE D 759 58.27 44.00 -90.99
CA ILE D 759 57.27 44.55 -91.90
C ILE D 759 56.20 45.25 -91.07
N ARG D 760 55.86 46.48 -91.46
CA ARG D 760 54.83 47.25 -90.78
C ARG D 760 53.53 47.11 -91.54
N CYS D 761 52.42 47.14 -90.83
CA CYS D 761 51.11 46.81 -91.38
C CYS D 761 50.10 47.89 -91.01
N PHE D 762 49.33 48.31 -92.00
CA PHE D 762 48.21 49.24 -91.79
C PHE D 762 47.23 48.67 -90.77
N VAL D 763 46.83 49.47 -89.78
CA VAL D 763 45.63 49.14 -89.01
C VAL D 763 44.39 49.45 -89.85
N GLN D 764 44.41 50.60 -90.51
CA GLN D 764 43.33 50.95 -91.43
C GLN D 764 43.54 50.22 -92.74
N VAL D 765 42.47 49.56 -93.21
CA VAL D 765 42.45 48.77 -94.44
C VAL D 765 43.19 47.45 -94.22
N LEU D 766 44.06 47.40 -93.20
CA LEU D 766 44.68 46.16 -92.73
C LEU D 766 45.62 45.56 -93.76
N LYS D 767 46.45 46.41 -94.37
CA LYS D 767 47.48 45.98 -95.30
C LYS D 767 48.84 46.17 -94.66
N ARG D 768 49.90 45.95 -95.44
CA ARG D 768 51.27 46.02 -94.95
C ARG D 768 51.96 47.28 -95.46
N TYR D 769 52.60 48.01 -94.55
CA TYR D 769 53.21 49.29 -94.90
C TYR D 769 54.41 49.10 -95.81
N TYR D 770 55.47 48.49 -95.30
CA TYR D 770 56.80 48.57 -95.90
C TYR D 770 57.60 47.34 -95.48
N VAL D 771 58.66 47.08 -96.23
CA VAL D 771 59.60 46.00 -95.94
C VAL D 771 61.00 46.57 -95.96
N VAL D 772 61.94 45.89 -95.30
CA VAL D 772 63.31 46.40 -95.20
C VAL D 772 64.31 45.34 -95.65
N CYS D 773 63.98 44.06 -95.42
CA CYS D 773 64.85 42.94 -95.75
C CYS D 773 66.09 42.94 -94.87
N THR D 774 65.89 43.03 -93.56
CA THR D 774 66.98 43.02 -92.59
C THR D 774 67.64 41.66 -92.46
N SER D 775 67.23 40.67 -93.25
CA SER D 775 67.76 39.32 -93.19
C SER D 775 68.82 39.09 -94.25
N ASN D 776 69.66 40.11 -94.47
CA ASN D 776 70.72 40.00 -95.47
C ASN D 776 71.72 38.91 -95.07
N CYS D 777 72.05 38.82 -93.78
CA CYS D 777 73.00 37.83 -93.30
C CYS D 777 72.38 36.72 -92.47
N THR D 778 71.06 36.70 -92.32
CA THR D 778 70.36 35.62 -91.63
C THR D 778 70.92 35.32 -90.25
N LEU D 794 62.44 39.16 -80.41
CA LEU D 794 62.85 40.29 -79.59
C LEU D 794 62.52 41.60 -80.30
N HIS D 795 61.34 42.14 -80.05
CA HIS D 795 60.88 43.37 -80.69
C HIS D 795 60.01 44.14 -79.71
N VAL D 796 60.56 45.20 -79.14
CA VAL D 796 59.98 45.88 -77.99
C VAL D 796 59.87 47.38 -78.30
N PHE D 797 58.93 48.03 -77.62
CA PHE D 797 58.76 49.47 -77.68
C PHE D 797 59.48 50.15 -76.51
N ASN D 798 59.43 51.47 -76.48
CA ASN D 798 59.92 52.23 -75.33
C ASN D 798 58.77 52.49 -74.35
N VAL D 799 59.07 53.23 -73.29
CA VAL D 799 58.03 53.58 -72.33
C VAL D 799 56.98 54.48 -72.98
N GLU D 800 57.42 55.37 -73.86
CA GLU D 800 56.51 56.30 -74.52
C GLU D 800 55.90 55.73 -75.79
N ASN D 801 56.27 54.50 -76.16
CA ASN D 801 55.61 53.66 -77.17
C ASN D 801 55.70 54.20 -78.60
N ASP D 802 56.46 55.26 -78.84
CA ASP D 802 56.61 55.75 -80.21
C ASP D 802 57.88 55.23 -80.88
N THR D 803 58.59 54.31 -80.26
CA THR D 803 59.80 53.74 -80.84
C THR D 803 59.86 52.23 -80.62
N PRO D 804 59.68 51.43 -81.67
CA PRO D 804 59.84 49.98 -81.54
C PRO D 804 61.27 49.54 -81.79
N LEU D 805 61.57 48.33 -81.32
CA LEU D 805 62.87 47.73 -81.51
C LEU D 805 62.77 46.48 -82.38
N ALA D 806 63.84 46.22 -83.13
CA ALA D 806 63.98 45.03 -83.94
C ALA D 806 65.29 44.36 -83.57
N LEU D 807 65.22 43.10 -83.16
CA LEU D 807 66.41 42.42 -82.64
C LEU D 807 66.43 41.02 -83.24
N ASP D 808 67.18 40.88 -84.34
CA ASP D 808 67.28 39.60 -85.02
C ASP D 808 68.74 39.40 -85.44
N VAL D 809 69.07 38.16 -85.74
CA VAL D 809 70.37 37.77 -86.28
C VAL D 809 71.47 38.26 -85.35
N PHE D 810 72.07 39.41 -85.69
CA PHE D 810 73.15 39.98 -84.91
C PHE D 810 73.02 41.50 -84.77
N ASP D 811 71.87 42.09 -85.09
CA ASP D 811 71.78 43.54 -85.15
C ASP D 811 70.49 44.01 -84.50
N GLU D 812 70.42 45.32 -84.25
CA GLU D 812 69.24 45.96 -83.73
C GLU D 812 68.85 47.10 -84.65
N ARG D 813 67.55 47.38 -84.70
CA ARG D 813 67.01 48.49 -85.47
C ARG D 813 66.00 49.22 -84.61
N SER D 814 66.11 50.55 -84.57
CA SER D 814 65.19 51.36 -83.79
C SER D 814 64.57 52.41 -84.70
N LYS D 815 63.24 52.56 -84.61
CA LYS D 815 62.53 53.47 -85.49
C LYS D 815 61.48 54.27 -84.74
N THR D 816 60.68 55.04 -85.46
CA THR D 816 59.57 55.80 -84.88
C THR D 816 58.30 54.95 -84.86
N ALA D 817 57.26 55.53 -84.25
CA ALA D 817 55.94 54.91 -84.21
C ALA D 817 54.89 55.94 -83.83
N VAL D 819 55.86 57.93 -87.77
CA VAL D 819 56.54 58.64 -88.85
C VAL D 819 57.33 57.64 -89.70
N LEU D 820 57.66 56.51 -89.07
CA LEU D 820 58.31 55.38 -89.76
C LEU D 820 59.67 55.77 -90.32
N LEU D 821 60.56 56.18 -89.43
CA LEU D 821 61.94 56.51 -89.79
C LEU D 821 62.90 55.73 -88.89
N ILE D 822 63.96 55.20 -89.49
CA ILE D 822 64.94 54.41 -88.76
C ILE D 822 65.85 55.34 -87.97
N PHE D 823 66.28 54.88 -86.79
CA PHE D 823 67.16 55.68 -85.94
C PHE D 823 68.60 55.18 -85.94
N LYS D 824 68.81 53.91 -85.58
CA LYS D 824 70.16 53.44 -85.33
C LYS D 824 70.25 51.93 -85.45
N TYR D 825 71.49 51.44 -85.42
CA TYR D 825 71.81 50.02 -85.37
C TYR D 825 72.98 49.83 -84.41
N SER D 826 73.20 48.59 -83.98
CA SER D 826 74.35 48.31 -83.11
C SER D 826 75.02 47.00 -83.51
N VAL D 827 76.03 46.59 -82.74
CA VAL D 827 76.86 45.43 -83.10
C VAL D 827 77.13 44.61 -81.85
N TRP D 828 77.46 43.33 -82.07
CA TRP D 828 77.82 42.42 -80.99
C TRP D 828 78.98 41.53 -81.42
N PHE D 832 77.91 38.15 -81.39
CA PHE D 832 77.31 36.89 -80.96
C PHE D 832 75.81 36.95 -81.15
N LEU D 833 75.15 35.81 -81.08
CA LEU D 833 73.69 35.77 -81.16
C LEU D 833 73.11 36.19 -79.82
N PRO D 834 72.42 37.31 -79.72
CA PRO D 834 71.70 37.64 -78.49
C PRO D 834 70.39 36.87 -78.45
N GLY D 835 70.33 35.85 -77.59
CA GLY D 835 69.16 35.00 -77.54
C GLY D 835 67.99 35.68 -76.86
N LEU D 836 68.21 36.88 -76.33
CA LEU D 836 67.25 37.55 -75.48
C LEU D 836 67.69 38.99 -75.25
N SER D 837 66.70 39.87 -75.04
CA SER D 837 66.96 41.29 -74.88
C SER D 837 65.69 41.97 -74.41
N VAL D 838 65.84 43.13 -73.77
CA VAL D 838 64.68 43.91 -73.33
C VAL D 838 65.06 45.39 -73.39
N SER D 839 64.10 46.27 -73.14
CA SER D 839 64.34 47.71 -73.01
C SER D 839 64.21 48.11 -71.54
N LEU D 840 64.32 49.41 -71.26
CA LEU D 840 64.27 49.87 -69.88
C LEU D 840 63.23 50.96 -69.69
N GLN D 841 63.18 51.52 -68.49
CA GLN D 841 62.14 52.46 -68.11
C GLN D 841 62.58 53.87 -68.47
N SER D 842 62.69 54.12 -69.78
CA SER D 842 63.12 55.40 -70.36
C SER D 842 64.63 55.59 -70.20
N GLU D 843 65.07 56.84 -70.35
CA GLU D 843 66.48 57.21 -70.52
C GLU D 843 67.06 56.71 -71.83
N ALA D 844 66.22 56.17 -72.70
CA ALA D 844 66.65 55.62 -73.99
C ALA D 844 67.73 54.55 -73.80
N VAL D 845 67.59 53.75 -72.75
CA VAL D 845 68.52 52.69 -72.43
C VAL D 845 67.80 51.36 -72.61
N GLN D 846 68.48 50.41 -73.25
CA GLN D 846 67.91 49.10 -73.54
C GLN D 846 68.89 48.02 -73.12
N LEU D 847 68.36 46.82 -72.89
CA LEU D 847 69.14 45.70 -72.36
C LEU D 847 69.26 44.59 -73.40
N PRO D 848 70.35 44.50 -74.12
CA PRO D 848 70.62 43.32 -74.95
C PRO D 848 71.50 42.29 -74.26
N GLU D 849 71.28 41.03 -74.65
CA GLU D 849 72.08 39.93 -74.13
C GLU D 849 72.65 39.09 -75.25
N ILE D 853 75.26 34.13 -71.50
CA ILE D 853 76.58 34.28 -70.90
C ILE D 853 77.01 35.74 -71.04
N THR D 854 76.69 36.31 -72.19
CA THR D 854 77.07 37.68 -72.47
C THR D 854 75.85 38.60 -72.37
N CYS D 855 76.08 39.78 -71.80
CA CYS D 855 75.03 40.78 -71.64
C CYS D 855 75.61 42.18 -71.74
N GLY D 856 74.70 43.14 -71.80
CA GLY D 856 75.08 44.53 -71.79
C GLY D 856 73.85 45.39 -71.70
N LYS D 857 74.09 46.70 -71.59
CA LYS D 857 73.04 47.70 -71.64
C LYS D 857 73.56 48.91 -72.41
N ARG D 858 72.70 49.51 -73.22
CA ARG D 858 73.12 50.61 -74.08
C ARG D 858 72.11 51.74 -74.01
N SER D 859 72.58 52.94 -73.70
CA SER D 859 71.74 54.14 -73.73
C SER D 859 71.67 54.58 -75.17
N THR D 860 70.65 54.09 -75.88
CA THR D 860 70.52 54.39 -77.29
C THR D 860 70.30 55.90 -77.49
N ASP D 861 70.69 56.37 -78.67
CA ASP D 861 70.56 57.77 -79.05
C ASP D 861 71.26 58.68 -78.04
N ARG D 863 73.96 54.54 -77.27
CA ARG D 863 74.65 53.91 -78.38
C ARG D 863 76.00 53.39 -77.94
N TYR D 864 76.08 52.96 -76.69
CA TYR D 864 77.33 52.53 -76.09
C TYR D 864 77.07 51.44 -75.07
N LEU D 865 77.99 50.47 -75.00
CA LEU D 865 77.79 49.29 -74.17
C LEU D 865 77.62 49.60 -72.70
N LEU D 866 77.77 50.87 -72.31
CA LEU D 866 77.66 51.27 -70.91
C LEU D 866 78.52 50.38 -70.03
N LEU D 867 77.96 49.25 -69.60
CA LEU D 867 78.66 48.30 -68.78
C LEU D 867 78.33 46.89 -69.25
N GLY D 868 79.31 46.01 -69.16
CA GLY D 868 79.09 44.61 -69.45
C GLY D 868 78.92 43.81 -68.19
N THR D 869 77.73 43.24 -67.98
CA THR D 869 77.44 42.54 -66.74
C THR D 869 78.26 41.26 -66.63
N SER D 870 78.61 40.91 -65.40
CA SER D 870 79.37 39.70 -65.11
C SER D 870 78.78 39.02 -63.88
N GLU D 871 77.79 38.15 -64.10
CA GLU D 871 77.15 37.39 -63.04
C GLU D 871 76.60 36.09 -63.60
N GLY D 872 77.16 34.96 -63.17
CA GLY D 872 76.72 33.67 -63.68
C GLY D 872 77.52 33.19 -64.86
N LEU D 873 77.00 33.45 -66.07
CA LEU D 873 77.61 33.12 -67.35
C LEU D 873 77.45 31.66 -67.72
N ILE D 874 76.40 31.00 -67.21
CA ILE D 874 75.79 29.88 -67.93
C ILE D 874 74.70 30.51 -68.79
N VAL D 875 74.10 29.72 -69.70
CA VAL D 875 73.10 30.24 -70.61
C VAL D 875 72.05 31.07 -69.86
N TYR D 876 71.71 32.23 -70.45
CA TYR D 876 70.92 33.24 -69.78
C TYR D 876 69.44 33.09 -70.16
N ASP D 877 68.56 33.60 -69.30
CA ASP D 877 67.12 33.44 -69.51
C ASP D 877 66.37 34.77 -69.56
N LEU D 878 66.68 35.72 -68.68
CA LEU D 878 66.15 37.08 -68.77
C LEU D 878 66.93 38.05 -67.90
N LYS D 879 66.71 39.34 -68.18
CA LYS D 879 67.07 40.46 -67.31
C LYS D 879 66.09 41.58 -67.63
N ILE D 880 65.34 42.07 -66.64
CA ILE D 880 64.22 42.96 -66.88
C ILE D 880 64.38 44.31 -66.19
N SER D 881 64.91 44.32 -64.97
CA SER D 881 65.22 45.52 -64.19
C SER D 881 64.01 46.18 -63.56
N ASP D 882 64.19 47.43 -63.11
CA ASP D 882 63.29 48.16 -62.23
C ASP D 882 62.78 49.44 -62.88
N PRO D 883 61.75 50.09 -62.32
CA PRO D 883 61.26 51.34 -62.92
C PRO D 883 62.17 52.54 -62.69
N VAL D 884 62.81 52.62 -61.51
CA VAL D 884 63.61 53.79 -61.18
C VAL D 884 64.90 53.84 -61.99
N LEU D 885 65.39 52.69 -62.46
CA LEU D 885 66.65 52.59 -63.19
C LEU D 885 67.84 53.07 -62.39
N ARG D 886 67.78 52.89 -61.07
CA ARG D 886 68.99 52.89 -60.26
C ARG D 886 69.34 51.46 -59.88
N SER D 887 68.80 50.50 -60.63
CA SER D 887 68.83 49.10 -60.26
C SER D 887 68.52 48.26 -61.49
N ASN D 888 68.62 46.93 -61.32
CA ASN D 888 68.23 45.98 -62.35
C ASN D 888 68.19 44.58 -61.77
N VAL D 889 67.45 43.69 -62.43
CA VAL D 889 67.30 42.32 -61.94
C VAL D 889 67.78 41.37 -63.02
N SER D 890 68.25 40.19 -62.60
CA SER D 890 68.83 39.23 -63.52
C SER D 890 68.46 37.82 -63.06
N GLU D 891 67.97 37.02 -64.01
CA GLU D 891 67.62 35.63 -63.73
C GLU D 891 67.98 34.78 -64.95
N HIS D 892 68.53 33.59 -64.68
CA HIS D 892 68.99 32.72 -65.76
C HIS D 892 68.80 31.28 -65.31
N ILE D 893 69.47 30.36 -66.01
CA ILE D 893 69.25 28.94 -65.85
C ILE D 893 69.99 28.45 -64.61
N GLU D 894 70.67 29.36 -63.92
CA GLU D 894 71.37 29.01 -62.68
C GLU D 894 70.43 28.55 -61.59
N CYS D 895 69.11 28.58 -61.82
CA CYS D 895 68.09 28.32 -60.83
C CYS D 895 68.11 29.33 -59.69
N VAL D 896 68.85 30.43 -59.87
CA VAL D 896 69.04 31.44 -58.84
C VAL D 896 68.91 32.81 -59.47
N ASP D 897 68.11 33.68 -58.84
CA ASP D 897 68.04 35.08 -59.21
C ASP D 897 69.17 35.84 -58.54
N ILE D 898 69.95 36.57 -59.32
CA ILE D 898 71.03 37.39 -58.80
C ILE D 898 70.72 38.83 -59.14
N TYR D 899 70.71 39.67 -58.11
CA TYR D 899 70.30 41.06 -58.25
C TYR D 899 71.50 41.97 -58.42
N GLU D 900 71.27 43.13 -59.06
CA GLU D 900 72.31 44.13 -59.26
C GLU D 900 71.70 45.53 -59.16
N LEU D 901 72.58 46.53 -59.14
CA LEU D 901 72.19 47.93 -59.05
C LEU D 901 72.85 48.72 -60.16
N PHE D 902 72.12 49.70 -60.70
CA PHE D 902 72.64 50.48 -61.83
C PHE D 902 73.85 51.30 -61.45
N ASP D 903 73.82 51.95 -60.28
CA ASP D 903 74.92 52.84 -59.92
C ASP D 903 76.25 52.10 -59.81
N PRO D 904 76.42 51.12 -58.91
CA PRO D 904 77.68 50.38 -58.90
C PRO D 904 77.82 49.42 -60.08
N VAL D 905 76.81 48.55 -60.26
CA VAL D 905 76.86 47.42 -61.19
C VAL D 905 78.00 46.47 -60.83
N TYR D 906 79.20 47.01 -60.67
CA TYR D 906 80.38 46.20 -60.40
C TYR D 906 80.22 45.42 -59.10
N LYS D 907 80.78 44.21 -59.08
CA LYS D 907 80.86 43.40 -57.88
C LYS D 907 82.24 42.78 -57.72
N TYR D 908 83.23 43.27 -58.45
CA TYR D 908 84.57 42.70 -58.42
C TYR D 908 85.60 43.82 -58.28
N ILE D 909 86.35 43.78 -57.18
CA ILE D 909 87.47 44.69 -57.00
C ILE D 909 88.60 44.34 -57.97
N VAL D 910 88.79 43.05 -58.19
CA VAL D 910 89.88 42.52 -58.99
C VAL D 910 89.24 41.44 -59.86
N LEU D 911 90.05 40.64 -60.56
CA LEU D 911 89.55 39.55 -61.38
C LEU D 911 88.72 40.04 -62.57
N CYS D 912 89.35 40.77 -63.48
CA CYS D 912 88.72 41.17 -64.75
C CYS D 912 89.76 41.04 -65.86
N GLY D 913 89.70 39.93 -66.60
CA GLY D 913 90.64 39.69 -67.69
C GLY D 913 90.34 38.47 -68.54
N ALA D 914 90.73 38.51 -69.81
CA ALA D 914 90.44 37.42 -70.73
C ALA D 914 91.18 36.14 -70.33
N LYS D 915 90.59 35.00 -70.71
CA LYS D 915 91.07 33.69 -70.28
C LYS D 915 92.48 33.37 -70.77
N GLY D 916 92.65 33.23 -72.08
CA GLY D 916 93.92 32.77 -72.61
C GLY D 916 94.90 33.89 -72.89
N LYS D 917 95.79 34.16 -71.95
CA LYS D 917 96.76 35.24 -72.10
C LYS D 917 98.13 34.82 -71.57
N GLN D 918 98.17 33.70 -70.86
CA GLN D 918 99.37 33.16 -70.18
C GLN D 918 99.90 34.20 -69.19
N VAL D 919 101.05 33.92 -68.58
CA VAL D 919 101.70 34.83 -67.63
C VAL D 919 103.20 34.68 -67.83
N VAL D 920 103.96 35.66 -67.35
CA VAL D 920 105.42 35.62 -67.38
C VAL D 920 105.90 35.43 -65.96
N HIS D 921 106.63 34.33 -65.71
CA HIS D 921 107.33 34.19 -64.44
C HIS D 921 108.67 34.89 -64.48
N VAL D 922 109.02 35.49 -63.35
CA VAL D 922 110.27 36.21 -63.21
C VAL D 922 110.97 35.79 -61.93
N LEU D 925 105.50 39.68 -57.36
CA LEU D 925 105.03 40.42 -58.52
C LEU D 925 105.58 39.85 -59.82
N ARG D 926 104.70 39.55 -60.77
CA ARG D 926 105.10 39.14 -62.11
C ARG D 926 104.06 39.62 -63.11
N SER D 927 104.53 40.25 -64.19
CA SER D 927 103.68 40.93 -65.16
C SER D 927 102.74 39.99 -65.87
N VAL D 928 101.45 40.14 -65.58
CA VAL D 928 100.40 39.38 -66.25
C VAL D 928 100.34 40.06 -67.60
N SER D 929 100.40 39.30 -68.67
CA SER D 929 100.43 39.88 -70.01
C SER D 929 99.11 40.18 -70.72
N GLY D 930 98.39 41.22 -70.30
CA GLY D 930 97.17 41.58 -71.03
C GLY D 930 95.89 41.77 -70.21
N SER D 931 94.89 42.36 -70.87
CA SER D 931 93.46 42.28 -70.53
C SER D 931 92.69 43.19 -71.49
N ASN D 932 91.38 42.92 -71.61
CA ASN D 932 90.47 43.83 -72.30
C ASN D 932 89.05 43.39 -72.01
N SER D 933 88.10 44.28 -72.31
CA SER D 933 86.69 43.99 -72.12
C SER D 933 85.85 44.63 -73.21
N ARG D 937 95.28 44.70 -73.26
CA ARG D 937 96.45 44.05 -72.69
C ARG D 937 96.91 44.74 -71.41
N GLU D 938 96.48 44.21 -70.28
CA GLU D 938 96.85 44.77 -68.98
C GLU D 938 97.96 43.96 -68.33
N ILE D 939 99.12 44.57 -68.18
CA ILE D 939 100.32 43.85 -67.80
C ILE D 939 100.71 44.32 -66.40
N ALA D 940 100.45 43.47 -65.41
CA ALA D 940 100.31 43.91 -64.04
C ALA D 940 101.21 43.12 -63.10
N TRP D 941 101.56 43.76 -61.99
CA TRP D 941 102.38 43.18 -60.94
C TRP D 941 101.47 42.81 -59.77
N VAL D 942 101.35 41.52 -59.49
CA VAL D 942 100.46 41.03 -58.44
C VAL D 942 101.28 40.21 -57.45
N HIS D 943 100.99 40.42 -56.17
CA HIS D 943 101.66 39.70 -55.09
C HIS D 943 100.75 38.66 -54.47
N ASP D 946 100.60 46.69 -59.66
CA ASP D 946 101.15 47.65 -60.60
C ASP D 946 100.80 47.27 -62.03
N GLU D 947 99.66 47.77 -62.49
CA GLU D 947 99.11 47.39 -63.78
C GLU D 947 99.38 48.46 -64.83
N ILE D 948 99.42 48.03 -66.09
CA ILE D 948 99.36 48.92 -67.23
C ILE D 948 98.12 48.56 -68.02
N SER D 949 97.67 49.46 -68.88
CA SER D 949 96.48 49.23 -69.71
C SER D 949 96.81 49.59 -71.14
N VAL D 950 96.72 48.62 -72.04
CA VAL D 950 96.96 48.82 -73.46
C VAL D 950 95.76 48.27 -74.22
N MET D 951 95.01 49.16 -74.87
CA MET D 951 93.81 48.73 -75.58
C MET D 951 94.12 48.37 -77.02
N THR D 952 93.67 47.19 -77.44
CA THR D 952 93.90 46.71 -78.79
C THR D 952 92.60 46.23 -79.42
N CYS D 955 91.97 41.11 -79.52
CA CYS D 955 93.03 40.33 -80.15
C CYS D 955 93.02 38.89 -79.69
N LEU D 956 93.95 38.08 -80.19
CA LEU D 956 93.92 36.65 -79.92
C LEU D 956 94.76 36.28 -78.70
N GLU D 957 96.08 36.48 -78.77
CA GLU D 957 96.96 36.00 -77.70
C GLU D 957 98.19 36.86 -77.53
N PRO D 958 98.59 37.13 -76.29
CA PRO D 958 99.88 37.78 -76.03
C PRO D 958 101.02 36.77 -75.91
N ASN D 959 102.22 37.24 -75.59
CA ASN D 959 103.39 36.39 -75.47
C ASN D 959 104.06 36.60 -74.11
N VAL D 960 105.08 35.80 -73.84
CA VAL D 960 105.70 35.79 -72.51
C VAL D 960 107.02 36.55 -72.54
N TYR D 961 108.00 36.05 -73.28
CA TYR D 961 109.30 36.71 -73.43
C TYR D 961 110.02 36.89 -72.11
N LEU D 962 111.29 37.30 -72.16
CA LEU D 962 112.03 37.65 -70.95
C LEU D 962 112.89 38.89 -71.18
N MET D 966 108.52 43.98 -74.49
CA MET D 966 108.70 42.95 -75.51
C MET D 966 107.67 41.84 -75.31
N ASP D 967 106.53 41.96 -76.00
CA ASP D 967 105.41 41.04 -75.79
C ASP D 967 104.79 40.56 -77.09
N MET D 968 105.31 40.97 -78.24
CA MET D 968 104.83 40.50 -79.53
C MET D 968 103.32 40.73 -79.65
N THR D 969 102.53 39.64 -79.64
CA THR D 969 101.07 39.58 -79.62
C THR D 969 100.47 39.41 -81.01
N ARG D 970 99.32 38.75 -81.08
CA ARG D 970 98.60 38.45 -82.30
C ARG D 970 97.32 39.30 -82.38
N GLU D 971 96.83 39.48 -83.61
CA GLU D 971 95.54 40.11 -83.83
C GLU D 971 94.68 39.14 -84.63
N ARG D 972 93.54 39.62 -85.09
CA ARG D 972 92.62 38.78 -85.84
C ARG D 972 93.07 38.61 -87.29
N LEU D 975 96.48 39.02 -88.22
CA LEU D 975 97.44 40.11 -88.05
C LEU D 975 98.36 39.88 -86.86
N LEU D 976 99.62 40.25 -87.02
CA LEU D 976 100.62 40.13 -85.96
C LEU D 976 101.29 41.48 -85.76
N ALA D 977 101.77 41.68 -84.53
CA ALA D 977 102.49 42.89 -84.17
C ALA D 977 103.52 42.51 -83.12
N VAL D 978 104.64 43.22 -83.08
CA VAL D 978 105.61 43.05 -82.01
C VAL D 978 105.43 44.19 -81.01
N ASP D 979 104.90 43.88 -79.84
CA ASP D 979 104.59 44.89 -78.84
C ASP D 979 105.72 45.01 -77.83
N SER D 980 105.54 45.93 -76.89
CA SER D 980 106.61 46.28 -75.96
C SER D 980 106.01 46.97 -74.74
N LYS D 981 106.88 47.23 -73.76
CA LYS D 981 106.53 47.94 -72.53
C LYS D 981 107.65 48.91 -72.20
N GLU D 982 107.56 50.13 -72.71
CA GLU D 982 108.51 51.21 -72.38
C GLU D 982 109.94 50.82 -72.73
N ARG D 983 110.19 50.66 -74.03
CA ARG D 983 111.55 50.40 -74.51
C ARG D 983 111.94 51.39 -75.60
N LEU D 986 106.81 51.11 -78.83
CA LEU D 986 107.21 50.64 -80.15
C LEU D 986 106.48 49.36 -80.53
N ILE D 987 105.55 49.47 -81.48
CA ILE D 987 104.79 48.34 -81.99
C ILE D 987 105.30 48.05 -83.40
N LYS D 988 105.77 46.82 -83.61
CA LYS D 988 106.26 46.42 -84.91
C LYS D 988 105.18 45.60 -85.61
N PRO D 989 104.54 46.11 -86.65
CA PRO D 989 103.45 45.35 -87.30
C PRO D 989 103.99 44.13 -88.03
N ALA D 990 104.19 43.05 -87.27
CA ALA D 990 104.77 41.84 -87.82
C ALA D 990 103.97 41.33 -89.02
N ILE D 991 104.68 40.98 -90.07
CA ILE D 991 104.05 40.56 -91.32
C ILE D 991 104.00 39.04 -91.41
N SER D 998 96.13 32.44 -83.08
CA SER D 998 95.95 31.50 -81.98
C SER D 998 97.24 31.34 -81.17
N THR D 999 97.74 30.11 -81.12
CA THR D 999 98.87 29.79 -80.25
C THR D 999 100.14 30.49 -80.71
N ILE D 1000 100.83 31.13 -79.77
CA ILE D 1000 102.13 31.74 -80.02
C ILE D 1000 103.09 31.29 -78.93
N THR D 1001 104.30 30.91 -79.31
CA THR D 1001 105.35 30.58 -78.36
C THR D 1001 106.52 31.54 -78.54
N PRO D 1002 106.74 32.46 -77.61
CA PRO D 1002 107.85 33.42 -77.76
C PRO D 1002 109.19 32.79 -77.38
N THR D 1003 110.22 33.64 -77.38
CA THR D 1003 111.53 33.23 -76.92
C THR D 1003 111.46 32.88 -75.44
N HIS D 1004 110.48 33.43 -74.74
CA HIS D 1004 110.29 33.22 -73.32
C HIS D 1004 111.54 33.62 -72.54
N CYS D 1009 114.10 34.92 -82.46
CA CYS D 1009 112.95 34.30 -81.81
C CYS D 1009 112.35 33.20 -82.68
N LYS D 1010 111.68 32.24 -82.05
CA LYS D 1010 111.10 31.12 -82.77
C LYS D 1010 109.65 30.92 -82.35
N ILE D 1011 108.73 30.94 -83.32
CA ILE D 1011 107.29 30.88 -83.04
C ILE D 1011 106.64 29.85 -83.95
N ASN D 1012 105.31 29.76 -83.88
CA ASN D 1012 104.59 28.65 -84.49
C ASN D 1012 103.56 29.09 -85.52
N ALA D 1013 102.70 28.15 -85.91
CA ALA D 1013 101.68 28.41 -86.92
C ALA D 1013 100.32 28.52 -86.25
N ILE D 1014 99.33 28.84 -87.08
CA ILE D 1014 97.93 28.81 -86.67
C ILE D 1014 97.26 27.70 -87.46
N SER D 1015 97.24 27.85 -88.79
CA SER D 1015 96.76 26.75 -89.62
C SER D 1015 97.88 25.77 -89.95
N ALA D 1016 98.84 26.18 -90.79
CA ALA D 1016 99.95 25.30 -91.13
C ALA D 1016 101.27 26.03 -91.37
N PHE D 1017 101.29 27.35 -91.22
CA PHE D 1017 102.46 28.14 -91.62
C PHE D 1017 103.29 28.50 -90.40
N ASN D 1018 104.18 27.59 -90.02
CA ASN D 1018 105.03 27.77 -88.84
C ASN D 1018 106.11 28.77 -89.20
N ASP D 1019 105.77 30.05 -89.10
CA ASP D 1019 106.60 31.12 -89.59
C ASP D 1019 107.54 31.58 -88.47
N GLU D 1020 108.80 31.13 -88.50
CA GLU D 1020 109.81 31.62 -87.56
C GLU D 1020 110.23 33.05 -87.91
N GLN D 1021 109.28 33.97 -87.76
CA GLN D 1021 109.53 35.36 -88.06
C GLN D 1021 110.30 35.99 -86.90
N ILE D 1022 111.54 36.37 -87.15
CA ILE D 1022 112.45 36.85 -86.11
C ILE D 1022 112.44 38.37 -86.10
N PHE D 1023 112.21 38.95 -84.93
CA PHE D 1023 112.23 40.40 -84.77
C PHE D 1023 113.19 40.80 -83.65
N VAL D 1027 113.73 36.12 -90.57
CA VAL D 1027 113.88 35.70 -91.95
C VAL D 1027 112.62 35.01 -92.43
N ASP D 1028 111.56 35.08 -91.62
CA ASP D 1028 110.33 34.32 -91.84
C ASP D 1028 110.66 32.85 -92.05
N GLY D 1029 111.08 32.21 -90.97
CA GLY D 1029 111.55 30.84 -91.04
C GLY D 1029 110.40 29.90 -91.27
N VAL D 1030 109.87 29.90 -92.49
CA VAL D 1030 108.73 29.05 -92.80
C VAL D 1030 109.13 27.61 -92.59
N ILE D 1031 108.41 26.94 -91.72
CA ILE D 1031 108.54 25.51 -91.50
C ILE D 1031 107.43 24.82 -92.28
N ILE D 1032 107.77 23.83 -93.10
CA ILE D 1032 106.75 23.15 -93.90
C ILE D 1032 106.05 22.00 -93.15
N ASP D 1033 105.36 22.33 -92.06
CA ASP D 1033 104.66 21.33 -91.24
C ASP D 1033 103.53 20.55 -91.93
N VAL D 1034 102.83 21.20 -92.86
CA VAL D 1034 101.74 20.61 -93.61
C VAL D 1034 100.70 19.96 -92.70
N HIS D 1036 97.55 19.06 -90.81
CA HIS D 1036 96.71 20.00 -91.53
C HIS D 1036 96.56 21.32 -90.77
N ASP D 1037 96.24 21.23 -89.49
CA ASP D 1037 95.99 22.40 -88.65
C ASP D 1037 96.92 22.36 -87.45
N THR D 1038 97.85 23.30 -87.39
CA THR D 1038 98.77 23.37 -86.26
C THR D 1038 98.04 23.82 -85.00
N ALA D 1039 98.27 23.09 -83.91
CA ALA D 1039 97.57 23.37 -82.66
C ALA D 1039 98.52 23.81 -81.55
N LEU D 1040 99.54 23.02 -81.24
CA LEU D 1040 100.27 23.15 -79.97
C LEU D 1040 101.75 23.40 -80.19
N PRO D 1041 102.26 24.58 -79.85
CA PRO D 1041 103.70 24.82 -79.93
C PRO D 1041 104.42 24.66 -78.60
N GLN D 1042 105.68 24.27 -78.67
CA GLN D 1042 106.60 24.26 -77.53
C GLN D 1042 108.02 24.40 -78.04
N GLN D 1043 108.91 24.93 -77.19
CA GLN D 1043 110.31 25.06 -77.53
C GLN D 1043 111.06 23.77 -77.24
N PHE D 1044 111.70 23.19 -78.27
CA PHE D 1044 112.36 21.90 -78.15
C PHE D 1044 113.86 22.04 -77.88
N GLU D 1047 116.46 27.11 -80.49
CA GLU D 1047 116.18 26.94 -81.91
C GLU D 1047 115.09 25.89 -82.21
N PRO D 1048 115.26 24.63 -81.79
CA PRO D 1048 114.27 23.62 -82.15
C PRO D 1048 112.95 23.84 -81.44
N ILE D 1049 111.87 23.48 -82.13
CA ILE D 1049 110.51 23.74 -81.68
C ILE D 1049 109.72 22.43 -81.70
N ASP D 1050 108.80 22.30 -80.75
CA ASP D 1050 107.86 21.18 -80.70
C ASP D 1050 106.49 21.66 -81.17
N TYR D 1051 105.84 20.85 -81.99
CA TYR D 1051 104.51 21.16 -82.50
C TYR D 1051 103.57 19.98 -82.27
N LEU D 1052 102.31 20.29 -82.02
CA LEU D 1052 101.29 19.26 -81.78
C LEU D 1052 100.06 19.53 -82.64
N LYS D 1053 99.94 18.79 -83.74
CA LYS D 1053 98.87 19.01 -84.71
C LYS D 1053 97.67 18.11 -84.46
N GLN D 1054 96.68 18.17 -85.35
CA GLN D 1054 95.49 17.36 -85.20
C GLN D 1054 95.55 16.08 -86.02
N VAL D 1055 96.42 16.02 -87.03
CA VAL D 1055 96.66 14.80 -87.79
C VAL D 1055 97.74 13.94 -87.15
N SER D 1056 98.32 14.41 -86.04
CA SER D 1056 99.41 13.78 -85.31
C SER D 1056 100.63 13.50 -86.20
N PRO D 1057 101.19 14.50 -86.89
CA PRO D 1057 102.48 14.30 -87.53
C PRO D 1057 103.62 14.71 -86.61
N ASN D 1058 103.89 13.90 -85.59
CA ASN D 1058 104.93 14.20 -84.61
C ASN D 1058 106.25 14.50 -85.32
N ILE D 1059 106.85 15.64 -84.95
CA ILE D 1059 107.87 16.27 -85.77
C ILE D 1059 108.92 16.93 -84.89
N LEU D 1060 110.13 17.04 -85.43
CA LEU D 1060 111.20 17.82 -84.82
C LEU D 1060 111.89 18.61 -85.93
N VAL D 1061 111.92 19.94 -85.81
CA VAL D 1061 112.38 20.80 -86.89
C VAL D 1061 113.58 21.62 -86.44
N ALA D 1062 114.48 21.94 -87.37
CA ALA D 1062 115.60 22.82 -87.11
C ALA D 1062 115.36 24.15 -87.80
N SER D 1063 115.65 25.24 -87.11
CA SER D 1063 115.42 26.57 -87.65
C SER D 1063 116.64 27.10 -88.40
N ALA D 1067 113.04 23.18 -91.94
CA ALA D 1067 113.98 22.08 -91.97
C ALA D 1067 113.57 20.98 -91.00
N GLN D 1068 112.72 20.08 -91.47
CA GLN D 1068 112.18 19.02 -90.62
C GLN D 1068 113.25 17.97 -90.36
N LYS D 1069 113.78 17.95 -89.13
CA LYS D 1069 114.77 16.95 -88.77
C LYS D 1069 114.17 15.55 -88.76
N THR D 1070 113.04 15.38 -88.07
CA THR D 1070 112.35 14.10 -88.00
C THR D 1070 110.84 14.34 -88.08
N VAL D 1071 110.14 13.46 -88.80
CA VAL D 1071 108.69 13.49 -88.92
C VAL D 1071 108.15 12.10 -88.62
N ILE D 1072 107.20 12.00 -87.70
CA ILE D 1072 106.61 10.72 -87.29
C ILE D 1072 105.10 10.83 -87.31
N PHE D 1073 104.43 9.81 -87.85
CA PHE D 1073 102.98 9.71 -87.82
C PHE D 1073 102.60 8.59 -86.84
N GLN D 1074 102.50 8.96 -85.57
CA GLN D 1074 102.17 7.98 -84.53
C GLN D 1074 100.74 7.45 -84.63
N LEU D 1075 99.80 8.34 -84.92
CA LEU D 1075 98.39 7.96 -85.03
C LEU D 1075 97.63 8.90 -85.96
N GLU D 1076 96.31 8.90 -85.84
CA GLU D 1076 95.46 9.75 -86.66
C GLU D 1076 95.89 11.21 -86.57
N LEU D 1081 99.30 17.21 -76.17
CA LEU D 1081 100.37 17.89 -75.46
C LEU D 1081 101.63 17.03 -75.51
N GLN D 1082 102.79 17.64 -75.31
CA GLN D 1082 104.07 16.99 -75.58
C GLN D 1082 105.13 17.39 -74.55
N PRO D 1083 105.01 16.88 -73.32
CA PRO D 1083 106.02 17.19 -72.30
C PRO D 1083 107.29 16.38 -72.48
N ASN D 1084 108.44 17.05 -72.50
CA ASN D 1084 109.72 16.36 -72.64
C ASN D 1084 110.01 15.53 -71.40
N ASP D 1085 110.55 14.34 -71.60
CA ASP D 1085 110.90 13.44 -70.50
C ASP D 1085 112.29 13.78 -69.96
N LEU D 1089 114.75 16.22 -73.99
CA LEU D 1089 115.51 17.26 -74.67
C LEU D 1089 115.58 16.95 -76.16
N MET D 1090 115.86 15.69 -76.47
CA MET D 1090 115.75 15.14 -77.82
C MET D 1090 114.54 14.22 -78.02
N MET D 1091 113.88 13.81 -76.94
CA MET D 1091 112.71 12.94 -77.05
C MET D 1091 111.48 13.68 -76.55
N ASP D 1092 110.30 13.16 -76.92
CA ASP D 1092 109.03 13.77 -76.56
C ASP D 1092 107.91 12.75 -76.77
N VAL D 1093 106.82 13.02 -76.10
CA VAL D 1093 105.60 12.32 -76.26
C VAL D 1093 104.65 13.41 -76.82
N SER D 1094 103.31 13.18 -76.82
CA SER D 1094 102.23 14.09 -77.40
C SER D 1094 100.75 13.63 -77.23
N THR D 1095 100.09 13.96 -76.12
CA THR D 1095 98.70 13.48 -75.89
C THR D 1095 97.65 13.60 -77.02
N LYS D 1096 97.69 12.69 -78.01
CA LYS D 1096 96.80 12.64 -79.19
C LYS D 1096 97.00 11.43 -80.11
N TYR D 1097 97.18 10.22 -79.58
CA TYR D 1097 97.36 9.05 -80.43
C TYR D 1097 96.01 8.41 -80.30
N ALA D 1098 95.97 7.21 -79.73
CA ALA D 1098 94.68 6.58 -79.48
C ALA D 1098 94.27 7.38 -78.26
N SER D 1099 95.29 7.96 -77.63
CA SER D 1099 95.18 8.77 -76.43
C SER D 1099 96.54 9.41 -76.23
N LEU D 1100 97.46 8.65 -75.65
CA LEU D 1100 98.82 9.09 -75.40
C LEU D 1100 99.74 7.90 -75.06
N GLN D 1101 100.63 7.54 -75.98
CA GLN D 1101 101.56 6.42 -75.78
C GLN D 1101 102.95 6.92 -75.38
N GLU D 1102 103.90 6.01 -75.17
CA GLU D 1102 105.24 6.45 -74.78
C GLU D 1102 106.29 5.87 -75.71
N GLY D 1103 107.41 6.57 -75.82
CA GLY D 1103 108.45 6.13 -76.72
C GLY D 1103 109.74 6.91 -76.55
N GLN D 1104 110.68 6.66 -77.46
CA GLN D 1104 111.94 7.39 -77.50
C GLN D 1104 111.72 8.80 -78.00
N ASP D 1111 107.62 3.07 -77.16
CA ASP D 1111 107.80 2.11 -76.08
C ASP D 1111 106.52 1.33 -75.83
N HIS D 1112 105.65 1.88 -74.98
CA HIS D 1112 104.47 1.16 -74.53
C HIS D 1112 103.25 2.06 -74.68
N GLY D 1113 102.24 1.57 -75.39
CA GLY D 1113 100.99 2.29 -75.46
C GLY D 1113 100.27 2.26 -74.12
N VAL D 1114 99.59 3.36 -73.82
CA VAL D 1114 98.85 3.45 -72.57
C VAL D 1114 97.52 2.73 -72.75
N CYS D 1115 97.48 1.46 -72.35
CA CYS D 1115 96.26 0.67 -72.44
C CYS D 1115 95.39 0.92 -71.22
N HIS D 1116 95.08 2.19 -70.97
CA HIS D 1116 94.36 2.56 -69.76
C HIS D 1116 93.29 3.60 -70.06
N LEU D 1117 92.69 3.52 -71.24
CA LEU D 1117 91.67 4.47 -71.64
C LEU D 1117 90.39 3.77 -72.08
N ASP D 1118 89.26 4.41 -71.79
CA ASP D 1118 87.95 3.87 -72.15
C ASP D 1118 87.31 4.73 -73.23
N ALA D 1120 90.61 8.52 -74.37
CA ALA D 1120 91.48 9.47 -75.06
C ALA D 1120 92.24 10.34 -74.06
N ASN D 1121 93.28 10.94 -74.57
CA ASN D 1121 94.05 11.74 -73.77
C ASN D 1121 93.91 13.06 -74.39
N PRO D 1122 93.78 13.95 -73.47
CA PRO D 1122 93.91 15.33 -73.96
C PRO D 1122 95.16 16.04 -73.49
N SER D 1123 95.63 15.70 -72.29
CA SER D 1123 96.77 16.40 -71.70
C SER D 1123 97.47 15.49 -70.70
N ALA D 1124 98.75 15.79 -70.48
CA ALA D 1124 99.56 15.01 -69.56
C ALA D 1124 100.83 15.80 -69.25
N PHE D 1125 101.56 15.33 -68.26
CA PHE D 1125 102.90 15.78 -67.95
C PHE D 1125 103.82 14.56 -67.80
N VAL D 1126 105.08 14.75 -68.16
CA VAL D 1126 106.06 13.68 -68.18
C VAL D 1126 107.19 14.06 -67.23
N LYS D 1127 107.72 13.07 -66.52
CA LYS D 1127 108.73 13.36 -65.51
C LYS D 1127 109.96 13.98 -66.17
N PRO D 1128 110.61 14.95 -65.52
CA PRO D 1128 111.80 15.62 -66.04
C PRO D 1128 113.03 14.73 -65.98
N GLU D 1132 107.92 8.50 -64.63
CA GLU D 1132 106.46 8.50 -64.54
C GLU D 1132 105.84 9.49 -65.52
N GLU D 1133 104.53 9.37 -65.69
CA GLU D 1133 103.74 10.31 -66.47
C GLU D 1133 102.37 10.42 -65.82
N TYR D 1134 101.85 11.65 -65.75
CA TYR D 1134 100.56 11.93 -65.13
C TYR D 1134 99.62 12.46 -66.19
N ILE D 1135 98.40 11.90 -66.25
CA ILE D 1135 97.54 12.10 -67.41
C ILE D 1135 96.16 12.57 -66.99
N VAL D 1136 95.55 13.41 -67.82
CA VAL D 1136 94.15 13.79 -67.72
C VAL D 1136 93.33 12.85 -68.59
N GLY D 1137 92.17 12.45 -68.08
CA GLY D 1137 91.17 11.77 -68.88
C GLY D 1137 89.99 12.71 -69.09
N PHE D 1138 89.65 12.93 -70.36
CA PHE D 1138 88.58 13.83 -70.77
C PHE D 1138 87.24 13.51 -70.12
N ASP D 1139 87.12 12.37 -69.45
CA ASP D 1139 85.91 11.99 -68.73
C ASP D 1139 85.84 12.59 -67.35
N LEU D 1140 86.54 13.71 -67.12
CA LEU D 1140 86.73 14.27 -65.78
C LEU D 1140 87.42 13.25 -64.88
N LYS D 1141 88.61 12.85 -65.32
CA LYS D 1141 89.36 11.80 -64.63
C LYS D 1141 90.85 12.11 -64.74
N ASN D 1142 91.65 11.31 -64.06
CA ASN D 1142 93.10 11.41 -64.16
C ASN D 1142 93.71 10.03 -63.96
N SER D 1143 95.02 9.95 -64.17
CA SER D 1143 95.74 8.68 -64.02
C SER D 1143 97.20 8.96 -63.75
N LEU D 1144 97.83 8.04 -63.02
CA LEU D 1144 99.26 8.13 -62.72
C LEU D 1144 99.95 6.78 -62.78
N LEU D 1145 99.21 5.74 -63.21
CA LEU D 1145 99.74 4.38 -63.17
C LEU D 1145 100.73 4.13 -64.30
N PHE D 1146 101.88 4.80 -64.24
CA PHE D 1146 102.97 4.62 -65.19
C PHE D 1146 102.53 4.88 -66.63
N ILE D 1154 98.11 2.48 -60.11
CA ILE D 1154 97.24 3.23 -59.20
C ILE D 1154 96.36 4.19 -59.98
N ASP D 1155 95.08 4.24 -59.61
CA ASP D 1155 94.12 5.16 -60.19
C ASP D 1155 93.22 5.76 -59.13
N VAL D 1156 93.79 6.13 -57.99
CA VAL D 1156 93.02 6.70 -56.89
C VAL D 1156 92.70 8.15 -57.24
N PHE D 1157 91.42 8.44 -57.44
CA PHE D 1157 90.96 9.75 -57.90
C PHE D 1157 89.52 9.95 -57.46
N ARG D 1158 89.04 11.17 -57.62
CA ARG D 1158 87.64 11.48 -57.30
C ARG D 1158 86.73 10.89 -58.37
N ILE D 1171 85.62 19.08 -66.08
CA ILE D 1171 86.53 18.25 -66.86
C ILE D 1171 87.97 18.63 -66.57
N CYS D 1172 88.77 17.62 -66.22
CA CYS D 1172 90.20 17.84 -66.05
C CYS D 1172 90.82 18.25 -67.38
N GLU D 1173 91.85 19.10 -67.32
CA GLU D 1173 92.37 19.67 -68.55
C GLU D 1173 93.89 19.69 -68.63
N GLU D 1174 94.58 19.44 -67.51
CA GLU D 1174 96.02 19.61 -67.45
C GLU D 1174 96.66 18.68 -66.44
N GLU D 1175 97.96 18.46 -66.59
CA GLU D 1175 98.72 17.66 -65.64
C GLU D 1175 100.04 18.35 -65.34
N ILE D 1176 100.51 18.16 -64.10
CA ILE D 1176 101.72 18.84 -63.64
C ILE D 1176 102.63 17.89 -62.88
N ALA D 1177 103.85 18.34 -62.62
CA ALA D 1177 104.77 17.66 -61.71
C ALA D 1177 105.37 18.72 -60.79
N GLN D 1178 105.63 18.37 -59.54
CA GLN D 1178 106.06 19.36 -58.57
C GLN D 1178 107.04 18.82 -57.54
N LYS D 1179 107.16 19.55 -56.42
CA LYS D 1179 108.27 19.40 -55.48
C LYS D 1179 108.44 17.94 -55.06
N ALA D 1180 109.69 17.48 -55.07
CA ALA D 1180 110.05 16.14 -54.62
C ALA D 1180 109.33 15.05 -55.41
N LYS D 1181 108.71 15.44 -56.53
CA LYS D 1181 107.89 14.53 -57.33
C LYS D 1181 106.83 13.84 -56.49
N ILE D 1182 106.28 14.55 -55.51
CA ILE D 1182 105.35 13.96 -54.56
C ILE D 1182 103.97 14.58 -54.70
N SER D 1183 103.88 15.88 -54.48
CA SER D 1183 102.60 16.58 -54.47
C SER D 1183 102.34 17.19 -55.85
N TYR D 1184 101.09 17.11 -56.29
CA TYR D 1184 100.69 17.62 -57.58
C TYR D 1184 99.28 18.19 -57.45
N LEU D 1185 99.16 19.51 -57.38
CA LEU D 1185 97.84 20.14 -57.27
C LEU D 1185 97.28 20.45 -58.66
N VAL D 1186 97.03 19.36 -59.38
CA VAL D 1186 96.41 19.42 -60.69
C VAL D 1186 95.00 19.98 -60.55
N ALA D 1187 94.61 20.85 -61.48
CA ALA D 1187 93.25 21.38 -61.51
C ALA D 1187 92.76 21.52 -62.95
N ASP D 1190 91.26 25.99 -58.17
CA ASP D 1190 92.48 25.64 -57.45
C ASP D 1190 92.68 24.14 -57.46
N GLY D 1191 91.59 23.42 -57.68
CA GLY D 1191 91.62 21.99 -57.52
C GLY D 1191 91.82 21.63 -56.07
N THR D 1192 92.37 20.43 -55.86
CA THR D 1192 92.63 19.96 -54.52
C THR D 1192 94.08 19.52 -54.38
N MET D 1193 94.44 19.00 -53.21
CA MET D 1193 95.80 18.56 -52.94
C MET D 1193 95.75 17.25 -52.16
N LEU D 1194 96.83 16.49 -52.28
CA LEU D 1194 96.99 15.24 -51.54
C LEU D 1194 98.48 15.02 -51.26
N ALA D 1195 98.80 13.95 -50.53
CA ALA D 1195 100.19 13.62 -50.25
C ALA D 1195 100.66 12.50 -51.16
N MET D 1196 99.92 11.39 -51.16
CA MET D 1196 100.20 10.27 -52.06
C MET D 1196 99.06 9.25 -51.99
N PHE D 1206 87.62 26.33 -51.92
CA PHE D 1206 87.89 25.82 -53.25
C PHE D 1206 87.98 26.94 -54.27
N ALA D 1207 87.32 26.76 -55.41
CA ALA D 1207 87.37 27.73 -56.48
C ALA D 1207 86.05 27.75 -57.26
N VAL D 1208 85.58 28.95 -57.59
CA VAL D 1208 84.29 29.13 -58.27
C VAL D 1208 84.40 29.05 -59.79
N GLU D 1209 83.47 28.29 -60.36
CA GLU D 1209 83.31 27.92 -61.79
C GLU D 1209 84.33 26.86 -62.21
N ASN D 1210 83.83 25.78 -62.81
CA ASN D 1210 84.66 24.66 -63.23
C ASN D 1210 85.50 24.84 -64.49
N ARG D 1211 85.85 23.71 -65.12
CA ARG D 1211 86.67 23.69 -66.33
C ARG D 1211 87.93 24.54 -66.16
N LYS D 1212 88.80 24.12 -65.25
CA LYS D 1212 89.95 24.91 -64.84
C LYS D 1212 90.98 25.02 -65.97
N VAL D 1213 91.67 26.17 -66.01
CA VAL D 1213 92.66 26.46 -67.04
C VAL D 1213 93.53 27.63 -66.57
N GLN D 1214 94.73 27.75 -67.13
CA GLN D 1214 95.64 28.88 -66.87
C GLN D 1214 96.09 28.90 -65.41
N LEU D 1215 96.55 27.73 -64.96
CA LEU D 1215 96.82 27.47 -63.55
C LEU D 1215 98.32 27.36 -63.30
N ILE D 1216 99.04 28.33 -63.85
CA ILE D 1216 100.51 28.36 -63.80
C ILE D 1216 100.98 28.22 -62.37
N TYR D 1217 102.15 27.60 -62.19
CA TYR D 1217 102.85 27.55 -60.92
C TYR D 1217 104.30 27.99 -61.14
N SER D 1218 105.08 28.02 -60.07
CA SER D 1218 106.50 28.33 -60.18
C SER D 1218 107.29 27.32 -59.36
N ILE D 1219 108.60 27.30 -59.57
CA ILE D 1219 109.48 26.46 -58.74
C ILE D 1219 109.34 26.85 -57.29
N GLU D 1220 109.12 28.13 -57.03
CA GLU D 1220 108.71 28.60 -55.71
C GLU D 1220 107.22 28.33 -55.59
N GLU D 1221 106.87 27.35 -54.79
CA GLU D 1221 105.47 27.00 -54.58
C GLU D 1221 104.78 28.03 -53.70
N VAL D 1222 103.46 27.90 -53.60
CA VAL D 1222 102.60 28.76 -52.79
C VAL D 1222 102.62 30.15 -53.45
N HIS D 1223 102.74 30.16 -54.77
CA HIS D 1223 102.53 31.37 -55.56
C HIS D 1223 102.00 30.95 -56.93
N GLU D 1224 100.75 31.31 -57.20
CA GLU D 1224 99.97 30.68 -58.26
C GLU D 1224 99.17 31.75 -59.00
N HIS D 1225 98.74 31.39 -60.21
CA HIS D 1225 97.79 32.23 -60.94
C HIS D 1225 96.78 31.34 -61.64
N CYS D 1226 95.61 31.90 -61.92
CA CYS D 1226 94.54 31.18 -62.58
C CYS D 1226 93.67 32.17 -63.34
N ILE D 1227 93.22 31.76 -64.52
CA ILE D 1227 92.29 32.55 -65.33
C ILE D 1227 91.23 31.60 -65.87
N ARG D 1228 89.96 31.96 -65.69
CA ARG D 1228 88.90 31.13 -66.20
C ARG D 1228 87.81 32.01 -66.81
N GLN D 1229 86.81 31.40 -67.43
CA GLN D 1229 85.72 32.13 -68.08
C GLN D 1229 85.12 33.26 -67.21
N LEU D 1230 84.84 33.11 -65.87
CA LEU D 1230 84.32 34.36 -65.31
C LEU D 1230 85.38 35.45 -65.25
N LEU D 1231 86.49 35.28 -65.97
CA LEU D 1231 87.51 36.31 -66.13
C LEU D 1231 88.17 36.65 -64.80
N PHE D 1232 88.54 35.62 -64.04
CA PHE D 1232 89.15 35.78 -62.72
C PHE D 1232 90.67 35.59 -62.85
N SER D 1233 91.34 36.64 -63.33
CA SER D 1233 92.75 36.51 -63.70
C SER D 1233 93.75 36.59 -62.54
N PRO D 1234 93.78 37.68 -61.74
CA PRO D 1234 94.86 37.83 -60.76
C PRO D 1234 94.80 36.84 -59.61
N CYS D 1235 93.63 36.75 -58.98
CA CYS D 1235 93.39 35.85 -57.87
C CYS D 1235 94.32 36.10 -56.69
N LYS D 1236 95.04 35.08 -56.26
CA LYS D 1236 95.90 35.14 -55.09
C LYS D 1236 97.31 34.66 -55.45
N LEU D 1237 98.19 34.75 -54.47
CA LEU D 1237 99.57 34.30 -54.61
C LEU D 1237 100.14 33.92 -53.25
N TYR E 1 29.25 -3.03 -52.49
CA TYR E 1 29.76 -3.59 -51.24
C TYR E 1 31.28 -3.71 -51.26
N GLN E 2 31.80 -4.68 -50.51
CA GLN E 2 33.23 -4.87 -50.34
C GLN E 2 33.66 -6.12 -51.08
N TYR E 3 34.61 -5.97 -51.99
CA TYR E 3 35.13 -7.15 -52.70
C TYR E 3 36.06 -7.95 -51.81
N LYS E 4 36.80 -7.27 -50.93
CA LYS E 4 37.65 -7.95 -49.97
C LYS E 4 36.84 -8.86 -49.06
N ASP E 5 35.60 -8.50 -48.79
CA ASP E 5 34.75 -9.34 -47.95
C ASP E 5 34.24 -10.55 -48.73
N ILE E 6 33.94 -10.38 -50.02
CA ILE E 6 33.29 -11.44 -50.78
C ILE E 6 34.28 -12.41 -51.40
N LEU E 7 35.55 -12.03 -51.52
CA LEU E 7 36.52 -12.95 -52.13
C LEU E 7 36.75 -14.18 -51.25
N SER E 8 36.63 -14.02 -49.93
CA SER E 8 36.85 -15.15 -49.04
C SER E 8 35.85 -16.28 -49.27
N VAL E 9 34.72 -15.97 -49.91
CA VAL E 9 33.69 -16.98 -50.11
C VAL E 9 34.19 -18.10 -50.98
N PHE E 10 34.82 -17.76 -52.10
CA PHE E 10 35.20 -18.73 -53.12
C PHE E 10 36.69 -19.07 -53.08
N GLU E 11 37.27 -19.07 -51.88
CA GLU E 11 38.63 -19.53 -51.73
C GLU E 11 38.76 -20.99 -52.15
N ASP E 12 37.69 -21.78 -52.01
CA ASP E 12 37.73 -23.17 -52.44
C ASP E 12 37.92 -23.28 -53.96
N ALA E 13 37.11 -22.54 -54.72
CA ALA E 13 37.27 -22.53 -56.17
C ALA E 13 38.63 -21.95 -56.54
N PHE E 14 39.07 -20.92 -55.80
CA PHE E 14 40.39 -20.36 -56.02
C PHE E 14 41.47 -21.41 -55.90
N VAL E 15 41.38 -22.24 -54.87
CA VAL E 15 42.30 -23.37 -54.72
C VAL E 15 42.19 -24.28 -55.94
N ASP E 16 40.96 -24.60 -56.32
CA ASP E 16 40.76 -25.61 -57.38
C ASP E 16 41.38 -25.17 -58.70
N ASN E 17 41.18 -23.92 -59.08
CA ASN E 17 41.54 -23.46 -60.41
C ASN E 17 42.73 -22.52 -60.43
N PHE E 18 42.69 -21.47 -59.61
CA PHE E 18 43.68 -20.42 -59.74
C PHE E 18 45.08 -20.91 -59.38
N ASP E 19 46.07 -20.36 -60.06
CA ASP E 19 47.46 -20.69 -59.84
C ASP E 19 48.25 -19.41 -59.64
N CYS E 20 49.06 -19.36 -58.58
CA CYS E 20 49.94 -18.22 -58.33
C CYS E 20 51.41 -18.54 -58.48
N LYS E 21 51.80 -19.81 -58.42
CA LYS E 21 53.16 -20.19 -58.80
C LYS E 21 53.37 -20.08 -60.29
N ASP E 22 52.29 -20.12 -61.08
CA ASP E 22 52.36 -20.08 -62.53
C ASP E 22 51.94 -18.73 -63.11
N VAL E 23 50.75 -18.24 -62.75
CA VAL E 23 50.23 -17.02 -63.34
C VAL E 23 51.02 -15.82 -62.83
N GLN E 24 51.88 -15.27 -63.68
CA GLN E 24 52.64 -14.06 -63.38
C GLN E 24 52.39 -13.05 -64.49
N ASP E 25 51.62 -12.03 -64.19
CA ASP E 25 51.39 -10.89 -65.08
C ASP E 25 51.54 -9.61 -64.30
N MET E 26 52.60 -9.55 -63.50
CA MET E 26 52.86 -8.61 -62.42
C MET E 26 52.48 -7.17 -62.76
N PRO E 27 51.35 -6.68 -62.25
CA PRO E 27 51.13 -5.23 -62.26
C PRO E 27 51.77 -4.63 -61.02
N LYS E 28 52.74 -3.75 -61.21
CA LYS E 28 53.52 -3.26 -60.08
C LYS E 28 52.67 -2.44 -59.14
N SER E 29 51.65 -1.76 -59.66
CA SER E 29 50.79 -0.93 -58.82
C SER E 29 50.04 -1.77 -57.80
N ILE E 30 49.36 -2.82 -58.27
CA ILE E 30 48.56 -3.64 -57.36
C ILE E 30 49.46 -4.42 -56.41
N LEU E 31 50.57 -4.94 -56.92
CA LEU E 31 51.36 -5.94 -56.22
C LEU E 31 52.83 -5.70 -56.53
N SER E 32 53.69 -6.09 -55.60
CA SER E 32 55.12 -5.85 -55.79
C SER E 32 55.90 -6.79 -54.87
N LYS E 33 57.20 -6.49 -54.73
CA LYS E 33 58.13 -7.10 -53.79
C LYS E 33 58.05 -8.62 -53.69
N GLU E 34 58.37 -9.14 -52.51
CA GLU E 34 58.49 -10.57 -52.27
C GLU E 34 57.15 -11.23 -51.97
N GLU E 35 56.11 -10.45 -51.68
CA GLU E 35 54.82 -11.04 -51.34
C GLU E 35 54.29 -11.89 -52.48
N ILE E 36 54.37 -11.39 -53.72
CA ILE E 36 54.14 -12.25 -54.87
C ILE E 36 55.17 -13.35 -54.91
N ASP E 37 56.43 -13.00 -54.69
CA ASP E 37 57.50 -14.00 -54.70
C ASP E 37 57.32 -15.01 -53.58
N HIS E 38 56.66 -14.59 -52.51
CA HIS E 38 56.33 -15.48 -51.40
C HIS E 38 55.32 -16.55 -51.78
N ILE E 39 54.70 -16.43 -52.94
CA ILE E 39 53.61 -17.32 -53.30
C ILE E 39 53.98 -18.26 -54.44
N ILE E 40 55.16 -18.09 -55.05
CA ILE E 40 55.67 -19.13 -55.93
C ILE E 40 56.01 -20.38 -55.14
N MET E 41 56.75 -20.24 -54.03
CA MET E 41 57.06 -21.43 -53.24
C MET E 41 55.88 -21.89 -52.40
N SER E 42 54.70 -21.34 -52.66
CA SER E 42 53.48 -21.90 -52.10
C SER E 42 53.35 -23.34 -52.56
N LYS E 43 53.42 -24.28 -51.63
CA LYS E 43 53.37 -25.70 -52.00
C LYS E 43 51.93 -26.18 -52.08
N ASP E 44 51.19 -26.16 -50.98
CA ASP E 44 49.80 -26.64 -51.03
C ASP E 44 48.96 -25.68 -51.88
N ALA E 45 47.99 -26.18 -52.63
CA ALA E 45 47.15 -25.29 -53.43
C ALA E 45 46.22 -24.56 -52.46
N VAL E 46 45.70 -25.35 -51.53
CA VAL E 46 44.82 -24.95 -50.44
C VAL E 46 45.48 -23.90 -49.56
N SER E 47 46.78 -24.03 -49.32
CA SER E 47 47.46 -22.97 -48.59
C SER E 47 48.11 -21.97 -49.52
N GLY E 48 48.32 -22.34 -50.78
CA GLY E 48 48.68 -21.34 -51.78
C GLY E 48 47.64 -20.22 -51.87
N THR E 49 46.37 -20.57 -51.80
CA THR E 49 45.32 -19.58 -51.63
C THR E 49 45.45 -18.82 -50.30
N LEU E 50 45.94 -19.47 -49.24
CA LEU E 50 46.14 -18.76 -47.98
C LEU E 50 47.23 -17.69 -48.11
N ARG E 51 48.38 -18.06 -48.68
CA ARG E 51 49.39 -17.06 -49.03
C ARG E 51 48.79 -15.94 -49.85
N LEU E 52 48.11 -16.28 -50.93
CA LEU E 52 47.66 -15.23 -51.82
C LEU E 52 46.64 -14.33 -51.14
N PHE E 53 45.67 -14.91 -50.44
CA PHE E 53 44.63 -14.13 -49.78
C PHE E 53 45.19 -13.29 -48.66
N TRP E 54 46.15 -13.82 -47.90
CA TRP E 54 46.75 -13.03 -46.86
C TRP E 54 47.57 -11.89 -47.44
N THR E 55 48.22 -12.12 -48.58
CA THR E 55 48.92 -11.04 -49.24
C THR E 55 47.95 -9.94 -49.68
N LEU E 56 46.81 -10.34 -50.24
CA LEU E 56 45.90 -9.32 -50.77
C LEU E 56 45.20 -8.56 -49.67
N LEU E 57 44.83 -9.23 -48.58
CA LEU E 57 44.04 -8.56 -47.55
C LEU E 57 44.81 -7.42 -46.90
N SER E 58 46.14 -7.51 -46.89
CA SER E 58 46.95 -6.39 -46.45
C SER E 58 46.75 -5.16 -47.32
N LYS E 59 46.35 -5.35 -48.57
CA LYS E 59 46.12 -4.26 -49.49
C LYS E 59 44.71 -3.70 -49.32
N GLN E 60 44.44 -2.61 -50.03
CA GLN E 60 43.16 -1.95 -49.94
C GLN E 60 42.20 -2.46 -51.03
N GLU E 61 40.98 -1.92 -51.03
CA GLU E 61 39.90 -2.49 -51.83
C GLU E 61 40.04 -2.17 -53.32
N GLU E 62 40.61 -1.03 -53.68
CA GLU E 62 40.67 -0.63 -55.08
C GLU E 62 41.47 -1.64 -55.90
N MET E 63 42.62 -2.07 -55.39
CA MET E 63 43.51 -2.87 -56.22
C MET E 63 42.95 -4.25 -56.53
N VAL E 64 42.26 -4.87 -55.58
CA VAL E 64 41.71 -6.19 -55.84
C VAL E 64 40.65 -6.13 -56.94
N GLN E 65 40.02 -4.98 -57.13
CA GLN E 65 39.12 -4.81 -58.27
C GLN E 65 39.88 -4.92 -59.58
N LYS E 66 41.03 -4.24 -59.67
CA LYS E 66 41.90 -4.38 -60.82
C LYS E 66 42.28 -5.83 -61.03
N PHE E 67 42.58 -6.52 -59.93
CA PHE E 67 42.93 -7.93 -60.02
C PHE E 67 41.80 -8.75 -60.62
N VAL E 68 40.62 -8.65 -60.03
CA VAL E 68 39.53 -9.56 -60.38
C VAL E 68 39.01 -9.27 -61.77
N GLU E 69 38.85 -8.00 -62.11
CA GLU E 69 38.22 -7.69 -63.38
C GLU E 69 39.19 -7.75 -64.55
N GLU E 70 40.46 -7.46 -64.30
CA GLU E 70 41.46 -7.37 -65.36
C GLU E 70 42.55 -8.43 -65.23
N VAL E 71 43.22 -8.48 -64.08
CA VAL E 71 44.30 -9.46 -63.89
C VAL E 71 43.75 -10.88 -63.98
N LEU E 72 42.59 -11.11 -63.35
CA LEU E 72 41.97 -12.43 -63.45
C LEU E 72 41.40 -12.69 -64.84
N ARG E 73 41.12 -11.63 -65.60
CA ARG E 73 40.47 -11.78 -66.90
C ARG E 73 41.35 -12.49 -67.91
N ILE E 74 42.66 -12.21 -67.90
CA ILE E 74 43.50 -12.44 -69.07
C ILE E 74 43.55 -13.93 -69.43
N ASN E 75 43.86 -14.78 -68.46
CA ASN E 75 43.97 -16.22 -68.71
C ASN E 75 42.81 -17.01 -68.12
N TYR E 76 42.13 -16.46 -67.13
CA TYR E 76 40.98 -17.10 -66.52
C TYR E 76 39.74 -16.34 -66.95
N LYS E 77 38.74 -17.06 -67.39
CA LYS E 77 37.51 -16.43 -67.83
C LYS E 77 36.29 -16.96 -67.11
N PHE E 78 36.19 -18.28 -66.98
CA PHE E 78 35.16 -18.88 -66.14
C PHE E 78 35.36 -18.53 -64.68
N LEU E 79 36.57 -18.11 -64.31
CA LEU E 79 36.88 -17.87 -62.91
C LEU E 79 36.13 -16.66 -62.36
N MET E 80 36.11 -15.54 -63.10
CA MET E 80 35.47 -14.35 -62.58
C MET E 80 33.96 -14.50 -62.52
N SER E 81 33.40 -15.44 -63.28
CA SER E 81 31.95 -15.52 -63.44
C SER E 81 31.18 -15.61 -62.13
N PRO E 82 31.49 -16.50 -61.18
CA PRO E 82 30.76 -16.44 -59.91
C PRO E 82 31.12 -15.18 -59.13
N ILE E 83 32.38 -14.77 -59.25
CA ILE E 83 32.84 -13.59 -58.53
C ILE E 83 32.23 -12.33 -59.13
N LYS E 84 32.24 -12.21 -60.45
CA LYS E 84 31.53 -11.11 -61.08
C LYS E 84 30.04 -11.22 -60.81
N THR E 85 29.58 -12.41 -60.39
CA THR E 85 28.20 -12.65 -60.02
C THR E 85 28.07 -12.65 -58.49
N GLU E 86 28.97 -11.94 -57.80
CA GLU E 86 28.83 -11.82 -56.35
C GLU E 86 29.06 -10.42 -55.82
N GLN E 87 29.59 -9.49 -56.61
CA GLN E 87 29.90 -8.17 -56.08
C GLN E 87 28.64 -7.44 -55.60
N ARG E 88 27.58 -7.51 -56.38
CA ARG E 88 26.31 -6.89 -56.02
C ARG E 88 25.23 -7.89 -55.63
N GLN E 89 25.39 -9.15 -56.03
CA GLN E 89 24.38 -10.17 -55.76
C GLN E 89 24.19 -10.41 -54.27
N PRO E 90 25.26 -10.61 -53.47
CA PRO E 90 25.10 -10.78 -52.01
C PRO E 90 24.06 -11.81 -51.62
N SER E 91 24.44 -13.08 -51.63
CA SER E 91 23.52 -14.13 -51.23
C SER E 91 23.21 -14.04 -49.75
N MET E 92 22.14 -14.73 -49.35
CA MET E 92 21.69 -14.69 -47.96
C MET E 92 22.77 -15.19 -47.02
N MET E 93 23.28 -16.39 -47.28
CA MET E 93 24.29 -16.99 -46.40
C MET E 93 25.60 -16.23 -46.46
N THR E 94 25.99 -15.80 -47.66
CA THR E 94 27.17 -14.96 -47.79
C THR E 94 27.02 -13.71 -46.95
N ARG E 95 25.88 -13.04 -47.04
CA ARG E 95 25.67 -11.86 -46.23
C ARG E 95 25.78 -12.18 -44.75
N MET E 96 25.23 -13.34 -44.34
CA MET E 96 25.31 -13.74 -42.94
C MET E 96 26.75 -13.88 -42.50
N TYR E 97 27.55 -14.64 -43.26
CA TYR E 97 28.97 -14.74 -42.98
C TYR E 97 29.57 -13.34 -42.87
N ILE E 98 29.09 -12.42 -43.70
CA ILE E 98 29.62 -11.06 -43.68
C ILE E 98 29.40 -10.42 -42.32
N GLU E 99 28.17 -10.40 -41.80
CA GLU E 99 28.04 -9.61 -40.56
C GLU E 99 28.71 -10.34 -39.40
N GLN E 100 28.64 -11.68 -39.38
CA GLN E 100 29.28 -12.38 -38.27
C GLN E 100 30.79 -12.14 -38.26
N ARG E 101 31.44 -12.18 -39.43
CA ARG E 101 32.88 -11.93 -39.48
C ARG E 101 33.19 -10.47 -39.16
N ASP E 102 32.30 -9.56 -39.55
CA ASP E 102 32.47 -8.17 -39.16
C ASP E 102 32.39 -8.01 -37.65
N ARG E 103 31.56 -8.81 -36.98
CA ARG E 103 31.56 -8.80 -35.52
C ARG E 103 32.83 -9.41 -34.96
N LEU E 104 33.34 -10.46 -35.60
CA LEU E 104 34.63 -11.02 -35.21
C LEU E 104 35.71 -9.96 -35.21
N TYR E 105 35.63 -8.98 -36.11
CA TYR E 105 36.42 -7.77 -35.93
C TYR E 105 35.90 -6.86 -34.82
N ASN E 106 34.59 -6.71 -34.72
CA ASN E 106 34.01 -5.67 -33.89
C ASN E 106 34.32 -5.91 -32.41
N ASP E 107 34.27 -7.16 -31.97
CA ASP E 107 34.54 -7.47 -30.58
C ASP E 107 36.01 -7.29 -30.23
N ASN E 108 36.92 -7.55 -31.18
CA ASN E 108 38.34 -7.51 -30.86
C ASN E 108 38.92 -6.11 -30.99
N GLN E 109 38.90 -5.55 -32.19
CA GLN E 109 39.39 -4.21 -32.52
C GLN E 109 40.89 -4.05 -32.33
N VAL E 110 41.59 -5.06 -31.83
CA VAL E 110 43.04 -4.93 -31.64
C VAL E 110 43.73 -5.97 -32.49
N PHE E 111 43.57 -7.24 -32.14
CA PHE E 111 43.97 -8.29 -33.07
C PHE E 111 43.23 -8.15 -34.38
N ALA E 112 42.01 -7.61 -34.34
CA ALA E 112 41.33 -7.23 -35.56
C ALA E 112 42.19 -6.30 -36.40
N LYS E 113 42.92 -5.41 -35.75
CA LYS E 113 43.86 -4.53 -36.45
C LYS E 113 45.28 -5.09 -36.48
N TYR E 114 45.64 -5.92 -35.52
CA TYR E 114 47.02 -6.38 -35.38
C TYR E 114 47.17 -7.88 -35.62
N ASN E 115 46.29 -8.46 -36.43
CA ASN E 115 46.41 -9.87 -36.74
C ASN E 115 47.64 -10.16 -37.60
N VAL E 116 48.29 -11.28 -37.30
CA VAL E 116 49.27 -11.90 -38.20
C VAL E 116 48.88 -13.36 -38.34
N SER E 117 48.61 -13.79 -39.57
CA SER E 117 48.10 -15.13 -39.82
C SER E 117 49.26 -16.12 -39.86
N ARG E 118 49.54 -16.73 -38.72
CA ARG E 118 50.57 -17.76 -38.61
C ARG E 118 50.10 -18.99 -39.38
N LEU E 119 50.69 -19.24 -40.54
CA LEU E 119 50.10 -20.17 -41.49
C LEU E 119 50.14 -21.61 -40.99
N GLN E 120 51.29 -22.05 -40.49
CA GLN E 120 51.38 -23.42 -39.99
C GLN E 120 50.40 -23.68 -38.86
N PRO E 121 50.34 -22.86 -37.80
CA PRO E 121 49.35 -23.16 -36.75
C PRO E 121 47.93 -23.00 -37.23
N TYR E 122 47.66 -21.97 -38.03
CA TYR E 122 46.33 -21.76 -38.59
C TYR E 122 45.86 -22.99 -39.34
N LEU E 123 46.77 -23.46 -40.17
CA LEU E 123 46.46 -24.61 -40.91
C LEU E 123 46.17 -25.73 -39.95
N LYS E 124 47.16 -26.19 -39.22
CA LYS E 124 47.09 -27.36 -38.38
C LYS E 124 45.87 -27.30 -37.47
N LEU E 125 45.36 -26.10 -37.19
CA LEU E 125 44.16 -25.98 -36.39
C LEU E 125 42.91 -26.07 -37.26
N ARG E 126 42.95 -25.55 -38.49
CA ARG E 126 41.75 -25.57 -39.31
C ARG E 126 41.38 -26.99 -39.71
N GLN E 127 42.38 -27.80 -40.10
CA GLN E 127 42.05 -29.20 -40.36
C GLN E 127 41.44 -29.86 -39.13
N ALA E 128 42.04 -29.64 -37.96
CA ALA E 128 41.45 -30.19 -36.74
C ALA E 128 40.02 -29.69 -36.54
N LEU E 129 39.74 -28.46 -36.98
CA LEU E 129 38.36 -27.97 -36.95
C LEU E 129 37.45 -28.78 -37.85
N LEU E 130 37.96 -29.18 -39.02
CA LEU E 130 37.09 -29.77 -40.04
C LEU E 130 36.39 -31.01 -39.53
N GLU E 131 37.09 -31.87 -38.80
CA GLU E 131 36.53 -33.16 -38.40
C GLU E 131 35.81 -33.12 -37.06
N LEU E 132 35.76 -31.98 -36.39
CA LEU E 132 35.20 -31.93 -35.05
C LEU E 132 33.75 -32.38 -35.05
N ARG E 133 33.44 -33.33 -34.17
CA ARG E 133 32.12 -33.90 -34.02
C ARG E 133 31.40 -33.27 -32.83
N PRO E 134 30.05 -33.27 -32.83
CA PRO E 134 29.30 -32.61 -31.76
C PRO E 134 29.57 -33.17 -30.38
N ALA E 135 30.44 -34.18 -30.27
CA ALA E 135 30.83 -34.71 -28.98
C ALA E 135 32.27 -34.40 -28.61
N LYS E 136 33.17 -34.26 -29.59
CA LYS E 136 34.57 -34.05 -29.29
C LYS E 136 34.83 -32.58 -28.99
N ASN E 137 36.10 -32.27 -28.72
CA ASN E 137 36.51 -30.94 -28.31
C ASN E 137 37.97 -30.75 -28.68
N VAL E 138 38.40 -29.48 -28.68
CA VAL E 138 39.71 -29.09 -29.18
C VAL E 138 40.47 -28.37 -28.08
N LEU E 139 41.75 -28.66 -27.96
CA LEU E 139 42.66 -28.02 -27.01
C LEU E 139 43.78 -27.35 -27.78
N ILE E 140 44.05 -26.09 -27.45
CA ILE E 140 45.20 -25.37 -28.00
C ILE E 140 46.09 -24.97 -26.83
N ASP E 141 47.35 -25.38 -26.89
CA ASP E 141 48.26 -25.12 -25.79
C ASP E 141 49.46 -24.30 -26.19
N GLY E 142 50.13 -23.76 -25.17
CA GLY E 142 51.33 -22.97 -25.41
C GLY E 142 51.73 -22.20 -24.18
N VAL E 143 52.93 -21.64 -24.22
CA VAL E 143 53.44 -20.83 -23.11
C VAL E 143 52.74 -19.48 -23.13
N LEU E 144 52.44 -18.97 -21.93
CA LEU E 144 51.75 -17.69 -21.73
C LEU E 144 52.10 -16.54 -22.69
N GLY E 145 51.07 -15.89 -23.22
CA GLY E 145 51.25 -14.79 -24.16
C GLY E 145 51.82 -15.21 -25.49
N SER E 146 51.34 -16.32 -26.05
CA SER E 146 51.77 -16.79 -27.35
C SER E 146 50.73 -16.51 -28.43
N GLY E 147 49.72 -15.70 -28.13
CA GLY E 147 48.68 -15.44 -29.10
C GLY E 147 47.76 -16.61 -29.32
N LYS E 148 47.65 -17.53 -28.36
CA LYS E 148 46.71 -18.62 -28.49
C LYS E 148 45.32 -18.05 -28.70
N THR E 149 44.97 -17.05 -27.90
CA THR E 149 43.77 -16.28 -28.12
C THR E 149 43.76 -15.71 -29.53
N TRP E 150 44.88 -15.13 -29.95
CA TRP E 150 44.94 -14.47 -31.25
C TRP E 150 44.70 -15.46 -32.38
N VAL E 151 45.45 -16.56 -32.40
CA VAL E 151 45.25 -17.56 -33.43
C VAL E 151 43.86 -18.18 -33.36
N ALA E 152 43.26 -18.19 -32.17
CA ALA E 152 41.94 -18.80 -32.01
C ALA E 152 40.92 -18.13 -32.92
N LEU E 153 40.81 -16.81 -32.85
CA LEU E 153 39.91 -16.14 -33.76
C LEU E 153 40.54 -15.88 -35.13
N ASP E 154 41.86 -16.02 -35.25
CA ASP E 154 42.47 -15.95 -36.58
C ASP E 154 41.94 -17.07 -37.47
N VAL E 155 41.89 -18.29 -36.95
CA VAL E 155 41.46 -19.41 -37.78
C VAL E 155 39.97 -19.33 -38.06
N CYS E 156 39.17 -18.93 -37.07
CA CYS E 156 37.72 -18.94 -37.22
C CYS E 156 37.26 -18.00 -38.33
N LEU E 157 38.11 -17.05 -38.73
CA LEU E 157 37.76 -16.14 -39.81
C LEU E 157 37.55 -16.87 -41.13
N SER E 158 38.04 -18.11 -41.24
CA SER E 158 37.93 -18.86 -42.47
C SER E 158 36.47 -19.00 -42.89
N TYR E 159 36.21 -18.77 -44.18
CA TYR E 159 34.85 -18.90 -44.68
C TYR E 159 34.36 -20.34 -44.57
N LYS E 160 35.22 -21.31 -44.85
CA LYS E 160 34.81 -22.70 -44.68
C LYS E 160 34.56 -23.02 -43.22
N VAL E 161 35.44 -22.55 -42.34
CA VAL E 161 35.24 -22.74 -40.90
C VAL E 161 33.97 -22.05 -40.45
N GLN E 162 33.74 -20.82 -40.91
CA GLN E 162 32.55 -20.09 -40.52
C GLN E 162 31.29 -20.66 -41.14
N CYS E 163 31.43 -21.40 -42.25
CA CYS E 163 30.26 -21.97 -42.90
C CYS E 163 29.84 -23.27 -42.22
N LYS E 164 30.81 -24.14 -41.94
CA LYS E 164 30.52 -25.28 -41.08
C LYS E 164 30.12 -24.83 -39.68
N MET E 165 30.48 -23.60 -39.31
CA MET E 165 30.02 -23.03 -38.05
C MET E 165 28.51 -22.85 -38.04
N ASP E 166 27.93 -22.43 -39.17
CA ASP E 166 26.56 -21.95 -39.24
C ASP E 166 26.37 -20.69 -38.42
N PHE E 167 27.46 -19.98 -38.16
CA PHE E 167 27.44 -18.60 -37.63
C PHE E 167 26.79 -18.52 -36.26
N LYS E 168 27.27 -19.33 -35.33
CA LYS E 168 26.73 -19.34 -33.96
C LYS E 168 27.84 -19.49 -32.93
N ILE E 169 28.93 -18.73 -33.09
CA ILE E 169 30.04 -18.84 -32.16
C ILE E 169 29.66 -18.18 -30.84
N PHE E 170 30.14 -18.74 -29.73
CA PHE E 170 29.92 -18.16 -28.42
C PHE E 170 31.25 -18.18 -27.67
N TRP E 171 31.72 -17.00 -27.27
CA TRP E 171 33.06 -16.83 -26.74
C TRP E 171 33.02 -16.69 -25.23
N LEU E 172 33.83 -17.50 -24.54
CA LEU E 172 33.87 -17.48 -23.09
C LEU E 172 35.31 -17.31 -22.63
N ASN E 173 35.57 -16.28 -21.85
CA ASN E 173 36.87 -16.06 -21.24
C ASN E 173 36.84 -16.59 -19.82
N LEU E 174 37.69 -17.57 -19.54
CA LEU E 174 37.69 -18.23 -18.23
C LEU E 174 38.68 -17.57 -17.28
N LYS E 175 38.63 -16.25 -17.20
CA LYS E 175 39.52 -15.54 -16.29
C LYS E 175 39.00 -15.69 -14.88
N ASN E 176 39.82 -16.25 -14.00
CA ASN E 176 39.43 -16.50 -12.61
C ASN E 176 38.18 -17.36 -12.57
N CYS E 177 38.10 -18.33 -13.48
CA CYS E 177 36.98 -19.26 -13.54
C CYS E 177 37.10 -20.38 -12.50
N ASN E 178 37.96 -20.20 -11.50
CA ASN E 178 38.16 -21.22 -10.49
C ASN E 178 37.14 -21.13 -9.36
N SER E 179 36.22 -20.17 -9.42
CA SER E 179 35.19 -20.12 -8.40
C SER E 179 33.83 -20.42 -9.01
N PRO E 180 32.97 -21.13 -8.30
CA PRO E 180 31.63 -21.41 -8.83
C PRO E 180 30.82 -20.16 -9.10
N GLU E 181 31.03 -19.10 -8.33
CA GLU E 181 30.28 -17.86 -8.58
C GLU E 181 30.65 -17.28 -9.94
N THR E 182 31.95 -17.18 -10.22
CA THR E 182 32.38 -16.64 -11.50
C THR E 182 31.87 -17.48 -12.65
N VAL E 183 31.94 -18.80 -12.52
CA VAL E 183 31.49 -19.65 -13.61
C VAL E 183 29.99 -19.53 -13.80
N LEU E 184 29.23 -19.39 -12.71
CA LEU E 184 27.79 -19.20 -12.86
C LEU E 184 27.48 -17.88 -13.55
N GLU E 185 28.18 -16.81 -13.20
CA GLU E 185 27.91 -15.54 -13.85
C GLU E 185 28.25 -15.60 -15.32
N MET E 186 29.39 -16.21 -15.66
CA MET E 186 29.77 -16.36 -17.06
C MET E 186 28.76 -17.23 -17.79
N LEU E 187 28.20 -18.22 -17.11
CA LEU E 187 27.17 -19.06 -17.73
C LEU E 187 25.88 -18.27 -17.95
N GLN E 188 25.56 -17.37 -17.03
CA GLN E 188 24.39 -16.51 -17.23
C GLN E 188 24.59 -15.63 -18.46
N LYS E 189 25.81 -15.09 -18.60
CA LYS E 189 26.14 -14.33 -19.79
C LYS E 189 26.04 -15.21 -21.04
N LEU E 190 26.44 -16.46 -20.92
CA LEU E 190 26.30 -17.40 -22.03
C LEU E 190 24.83 -17.62 -22.38
N LEU E 191 23.98 -17.75 -21.37
CA LEU E 191 22.55 -17.87 -21.61
C LEU E 191 22.05 -16.67 -22.39
N TYR E 192 22.49 -15.48 -21.99
CA TYR E 192 22.11 -14.28 -22.71
C TYR E 192 22.65 -14.30 -24.13
N GLN E 193 23.86 -14.85 -24.32
CA GLN E 193 24.38 -15.08 -25.66
C GLN E 193 23.42 -15.93 -26.46
N ILE E 194 22.90 -16.99 -25.84
CA ILE E 194 21.85 -17.78 -26.46
C ILE E 194 20.56 -16.98 -26.52
N ASP E 195 20.03 -16.64 -25.35
CA ASP E 195 18.78 -15.89 -25.31
C ASP E 195 18.59 -15.26 -23.93
N PRO E 196 18.22 -13.99 -23.89
CA PRO E 196 17.97 -13.35 -22.59
C PRO E 196 16.64 -13.76 -22.01
N ASN E 197 16.38 -15.07 -21.96
CA ASN E 197 15.13 -15.58 -21.41
C ASN E 197 15.44 -16.80 -20.56
N TRP E 198 14.80 -16.87 -19.39
CA TRP E 198 15.02 -17.97 -18.46
C TRP E 198 13.88 -18.02 -17.47
N THR E 199 13.57 -19.24 -17.01
CA THR E 199 12.58 -19.47 -15.97
C THR E 199 13.31 -19.35 -14.63
N SER E 200 13.36 -18.13 -14.09
CA SER E 200 14.12 -17.88 -12.89
C SER E 200 13.49 -18.47 -11.63
N ARG E 201 12.25 -18.96 -11.72
CA ARG E 201 11.60 -19.54 -10.55
C ARG E 201 12.26 -20.82 -10.09
N SER E 202 13.13 -21.41 -10.92
CA SER E 202 13.91 -22.56 -10.47
C SER E 202 15.09 -22.16 -9.62
N ASP E 203 15.50 -20.89 -9.66
CA ASP E 203 16.71 -20.44 -8.98
C ASP E 203 16.51 -20.47 -7.47
N HIS E 204 17.34 -21.24 -6.78
CA HIS E 204 17.25 -21.44 -5.34
C HIS E 204 18.61 -21.15 -4.71
N SER E 205 18.62 -20.30 -3.69
CA SER E 205 19.85 -19.92 -3.02
C SER E 205 20.41 -21.01 -2.12
N SER E 206 19.83 -22.22 -2.15
CA SER E 206 20.34 -23.30 -1.33
C SER E 206 21.76 -23.67 -1.71
N ASN E 207 22.00 -23.92 -2.99
CA ASN E 207 23.34 -24.19 -3.49
C ASN E 207 23.48 -23.60 -4.88
N ILE E 208 24.63 -22.96 -5.12
CA ILE E 208 24.91 -22.41 -6.45
C ILE E 208 25.00 -23.52 -7.47
N LYS E 209 25.65 -24.63 -7.14
CA LYS E 209 25.67 -25.77 -8.04
C LYS E 209 24.28 -26.36 -8.23
N LEU E 210 23.45 -26.29 -7.18
CA LEU E 210 22.08 -26.77 -7.28
C LEU E 210 21.31 -26.06 -8.38
N ARG E 211 21.73 -24.86 -8.75
CA ARG E 211 21.11 -24.18 -9.88
C ARG E 211 21.93 -24.26 -11.14
N ILE E 212 23.25 -24.39 -11.01
CA ILE E 212 24.07 -24.47 -12.21
C ILE E 212 23.79 -25.76 -12.96
N HIS E 213 23.53 -26.86 -12.25
CA HIS E 213 23.20 -28.09 -12.94
C HIS E 213 21.89 -27.96 -13.70
N SER E 214 20.90 -27.30 -13.10
CA SER E 214 19.60 -27.16 -13.74
C SER E 214 19.70 -26.25 -14.95
N ILE E 215 20.43 -25.15 -14.82
CA ILE E 215 20.56 -24.24 -15.95
C ILE E 215 21.37 -24.89 -17.05
N GLN E 216 22.34 -25.75 -16.70
CA GLN E 216 23.08 -26.48 -17.72
C GLN E 216 22.20 -27.49 -18.43
N ALA E 217 21.27 -28.11 -17.70
CA ALA E 217 20.29 -28.98 -18.34
C ALA E 217 19.45 -28.18 -19.32
N GLU E 218 19.02 -26.99 -18.92
CA GLU E 218 18.32 -26.13 -19.86
C GLU E 218 19.21 -25.80 -21.06
N LEU E 219 20.50 -25.59 -20.81
CA LEU E 219 21.43 -25.23 -21.87
C LEU E 219 21.54 -26.33 -22.91
N ARG E 220 21.72 -27.57 -22.47
CA ARG E 220 21.79 -28.67 -23.43
C ARG E 220 20.44 -28.87 -24.12
N ARG E 221 19.35 -28.69 -23.38
CA ARG E 221 18.02 -28.83 -23.98
C ARG E 221 17.84 -27.84 -25.12
N LEU E 222 18.21 -26.58 -24.90
CA LEU E 222 18.09 -25.58 -25.95
C LEU E 222 19.14 -25.77 -27.04
N LEU E 223 20.31 -26.30 -26.67
CA LEU E 223 21.37 -26.51 -27.64
C LEU E 223 20.97 -27.54 -28.69
N LYS E 224 20.53 -28.71 -28.22
CA LYS E 224 20.15 -29.79 -29.13
C LYS E 224 18.69 -29.62 -29.55
N SER E 225 18.38 -28.42 -30.03
CA SER E 225 17.06 -28.12 -30.55
C SER E 225 17.00 -28.36 -32.06
N LYS E 226 17.80 -27.61 -32.80
CA LYS E 226 17.91 -27.70 -34.25
C LYS E 226 18.92 -26.69 -34.78
N PRO E 227 18.80 -25.39 -34.47
CA PRO E 227 19.77 -24.43 -35.02
C PRO E 227 21.11 -24.47 -34.33
N TYR E 228 21.22 -25.13 -33.17
CA TYR E 228 22.41 -25.09 -32.35
C TYR E 228 23.06 -26.45 -32.23
N GLU E 229 22.99 -27.25 -33.29
CA GLU E 229 23.50 -28.62 -33.21
C GLU E 229 25.02 -28.66 -33.29
N ASN E 230 25.61 -27.82 -34.15
CA ASN E 230 27.06 -27.82 -34.36
C ASN E 230 27.58 -26.40 -34.11
N CYS E 231 27.82 -26.07 -32.84
CA CYS E 231 28.32 -24.75 -32.48
C CYS E 231 29.59 -24.91 -31.67
N LEU E 232 30.39 -23.85 -31.68
CA LEU E 232 31.72 -23.86 -31.09
C LEU E 232 31.75 -22.91 -29.90
N LEU E 233 32.34 -23.40 -28.80
CA LEU E 233 32.42 -22.67 -27.55
C LEU E 233 33.91 -22.50 -27.22
N VAL E 234 34.49 -21.40 -27.71
CA VAL E 234 35.88 -21.11 -27.38
C VAL E 234 35.98 -20.79 -25.89
N LEU E 235 37.00 -21.35 -25.25
CA LEU E 235 37.18 -21.22 -23.82
C LEU E 235 38.54 -20.61 -23.57
N LEU E 236 38.55 -19.42 -22.98
CA LEU E 236 39.72 -18.56 -22.99
C LEU E 236 40.35 -18.49 -21.61
N ASN E 237 41.66 -18.74 -21.55
CA ASN E 237 42.41 -18.75 -20.30
C ASN E 237 41.75 -19.66 -19.27
N VAL E 238 41.69 -20.95 -19.61
CA VAL E 238 41.09 -21.91 -18.71
C VAL E 238 41.96 -22.05 -17.48
N GLN E 239 41.39 -21.69 -16.32
CA GLN E 239 42.15 -21.75 -15.08
C GLN E 239 42.48 -23.19 -14.70
N ASN E 240 41.44 -24.00 -14.49
CA ASN E 240 41.62 -25.39 -14.12
C ASN E 240 40.51 -26.22 -14.76
N ALA E 241 40.68 -27.55 -14.66
CA ALA E 241 39.69 -28.46 -15.20
C ALA E 241 38.36 -28.38 -14.45
N LYS E 242 38.36 -27.80 -13.25
CA LYS E 242 37.16 -27.76 -12.42
C LYS E 242 36.00 -27.12 -13.16
N ALA E 243 36.24 -25.95 -13.76
CA ALA E 243 35.17 -25.26 -14.46
C ALA E 243 34.64 -26.09 -15.61
N TRP E 244 35.53 -26.63 -16.45
CA TRP E 244 35.08 -27.48 -17.54
C TRP E 244 34.27 -28.66 -17.06
N ASN E 245 34.57 -29.16 -15.86
CA ASN E 245 33.78 -30.27 -15.33
C ASN E 245 32.32 -29.90 -15.19
N ALA E 246 32.01 -28.61 -15.14
CA ALA E 246 30.63 -28.15 -15.23
C ALA E 246 30.26 -27.75 -16.66
N PHE E 247 31.17 -27.09 -17.37
CA PHE E 247 30.88 -26.58 -18.70
C PHE E 247 30.97 -27.64 -19.78
N ASN E 248 31.34 -28.86 -19.43
CA ASN E 248 31.30 -29.94 -20.41
C ASN E 248 29.85 -30.30 -20.71
N LEU E 249 29.28 -29.68 -21.73
CA LEU E 249 27.89 -29.90 -22.11
C LEU E 249 27.77 -30.75 -23.38
N SER E 250 28.83 -31.50 -23.72
CA SER E 250 28.81 -32.44 -24.84
C SER E 250 28.47 -31.74 -26.16
N CYS E 251 29.35 -30.83 -26.56
CA CYS E 251 29.18 -30.07 -27.79
C CYS E 251 30.52 -29.97 -28.51
N LYS E 252 30.48 -29.38 -29.70
CA LYS E 252 31.70 -29.02 -30.42
C LYS E 252 32.37 -27.84 -29.71
N ILE E 253 33.13 -28.17 -28.67
CA ILE E 253 33.72 -27.13 -27.84
C ILE E 253 35.24 -27.16 -27.93
N LEU E 254 35.89 -26.12 -27.43
CA LEU E 254 37.34 -26.05 -27.48
C LEU E 254 37.81 -25.05 -26.43
N LEU E 255 39.12 -24.97 -26.28
CA LEU E 255 39.69 -24.17 -25.21
C LEU E 255 41.18 -23.96 -25.46
N THR E 256 41.69 -22.87 -24.90
CA THR E 256 43.11 -22.63 -24.78
C THR E 256 43.53 -22.95 -23.36
N THR E 257 44.62 -23.69 -23.23
CA THR E 257 45.11 -24.14 -21.94
C THR E 257 46.30 -23.29 -21.53
N ARG E 258 46.12 -22.49 -20.49
CA ARG E 258 47.20 -21.65 -20.00
C ARG E 258 48.17 -22.40 -19.12
N PHE E 259 47.74 -23.51 -18.53
CA PHE E 259 48.53 -24.21 -17.53
C PHE E 259 48.72 -25.67 -17.91
N LYS E 260 49.87 -26.22 -17.49
CA LYS E 260 50.16 -27.62 -17.78
C LYS E 260 49.15 -28.55 -17.14
N GLN E 261 48.56 -28.15 -16.02
CA GLN E 261 47.52 -28.98 -15.40
C GLN E 261 46.36 -29.20 -16.35
N VAL E 262 45.86 -28.12 -16.95
CA VAL E 262 44.74 -28.22 -17.87
C VAL E 262 45.13 -29.08 -19.07
N THR E 263 46.35 -28.90 -19.56
CA THR E 263 46.82 -29.72 -20.68
C THR E 263 46.82 -31.19 -20.34
N ASP E 264 47.37 -31.54 -19.18
CA ASP E 264 47.55 -32.94 -18.82
C ASP E 264 46.24 -33.60 -18.42
N PHE E 265 45.26 -32.82 -17.97
CA PHE E 265 44.02 -33.43 -17.49
C PHE E 265 43.29 -34.19 -18.58
N LEU E 266 43.24 -33.64 -19.79
CA LEU E 266 42.32 -34.15 -20.80
C LEU E 266 42.80 -35.45 -21.39
N SER E 267 41.86 -36.17 -22.01
CA SER E 267 42.13 -37.43 -22.69
C SER E 267 42.16 -37.20 -24.20
N ALA E 268 43.32 -37.43 -24.81
CA ALA E 268 43.50 -37.15 -26.22
C ALA E 268 42.59 -37.98 -27.11
N ALA E 269 41.99 -39.05 -26.59
CA ALA E 269 41.07 -39.86 -27.40
C ALA E 269 39.88 -39.04 -27.86
N THR E 270 39.20 -38.38 -26.94
CA THR E 270 38.06 -37.53 -27.27
C THR E 270 38.41 -36.06 -27.31
N THR E 271 39.69 -35.72 -27.18
CA THR E 271 40.15 -34.34 -27.22
C THR E 271 41.26 -34.21 -28.25
N THR E 272 41.10 -33.31 -29.20
CA THR E 272 42.15 -33.03 -30.18
C THR E 272 43.12 -32.03 -29.58
N HIS E 273 44.28 -32.52 -29.15
CA HIS E 273 45.29 -31.70 -28.49
C HIS E 273 46.22 -31.11 -29.55
N ILE E 274 46.49 -29.81 -29.44
CA ILE E 274 47.45 -29.14 -30.31
C ILE E 274 48.33 -28.28 -29.42
N SER E 275 49.64 -28.31 -29.67
CA SER E 275 50.58 -27.53 -28.89
C SER E 275 51.54 -26.79 -29.81
N LEU E 276 51.76 -25.52 -29.50
CA LEU E 276 52.66 -24.68 -30.29
C LEU E 276 54.11 -24.77 -29.83
N ASP E 277 54.37 -25.49 -28.74
CA ASP E 277 55.73 -25.59 -28.23
C ASP E 277 56.55 -26.54 -29.09
N HIS E 278 56.67 -26.19 -30.37
CA HIS E 278 57.28 -27.09 -31.34
C HIS E 278 57.89 -26.27 -32.46
N HIS E 279 58.94 -26.84 -33.05
CA HIS E 279 59.67 -26.12 -34.09
C HIS E 279 58.77 -25.83 -35.29
N SER E 280 57.92 -26.79 -35.66
CA SER E 280 56.94 -26.50 -36.69
C SER E 280 55.91 -25.51 -36.17
N MET E 281 55.38 -25.76 -34.98
CA MET E 281 54.38 -24.91 -34.38
C MET E 281 54.95 -23.68 -33.69
N THR E 282 56.18 -23.28 -34.03
CA THR E 282 56.69 -21.97 -33.65
C THR E 282 56.85 -21.10 -34.90
N LEU E 283 57.00 -19.80 -34.67
CA LEU E 283 57.04 -18.83 -35.76
C LEU E 283 58.34 -18.93 -36.54
N THR E 284 58.23 -18.80 -37.86
CA THR E 284 59.38 -18.73 -38.73
C THR E 284 60.06 -17.37 -38.58
N PRO E 285 61.32 -17.26 -38.99
CA PRO E 285 61.94 -15.93 -39.05
C PRO E 285 61.17 -14.98 -39.93
N ASP E 286 60.47 -15.50 -40.94
CA ASP E 286 59.59 -14.67 -41.74
C ASP E 286 58.41 -14.15 -40.93
N GLU E 287 57.78 -15.03 -40.14
CA GLU E 287 56.56 -14.65 -39.43
C GLU E 287 56.83 -13.62 -38.36
N VAL E 288 57.91 -13.79 -37.60
CA VAL E 288 58.23 -12.84 -36.55
C VAL E 288 58.51 -11.47 -37.15
N LYS E 289 59.23 -11.42 -38.26
CA LYS E 289 59.48 -10.15 -38.92
C LYS E 289 58.20 -9.59 -39.51
N SER E 290 57.26 -10.46 -39.90
CA SER E 290 55.97 -9.99 -40.36
C SER E 290 55.25 -9.23 -39.25
N LEU E 291 55.22 -9.80 -38.06
CA LEU E 291 54.58 -9.11 -36.93
C LEU E 291 55.36 -7.84 -36.58
N LEU E 292 56.68 -7.91 -36.61
CA LEU E 292 57.49 -6.73 -36.32
C LEU E 292 57.22 -5.62 -37.32
N LEU E 293 57.01 -5.97 -38.58
CA LEU E 293 56.66 -4.95 -39.57
C LEU E 293 55.24 -4.47 -39.37
N LYS E 294 54.34 -5.35 -38.92
CA LYS E 294 52.99 -4.94 -38.56
C LYS E 294 52.99 -3.86 -37.49
N TYR E 295 53.91 -3.95 -36.54
CA TYR E 295 53.98 -2.95 -35.48
C TYR E 295 54.90 -1.77 -35.82
N LEU E 296 56.19 -2.04 -36.05
CA LEU E 296 57.15 -0.98 -36.34
C LEU E 296 56.79 -0.22 -37.61
N ASP E 297 56.39 -0.94 -38.67
CA ASP E 297 55.90 -0.34 -39.91
C ASP E 297 56.97 0.49 -40.61
N CYS E 298 58.12 -0.12 -40.87
CA CYS E 298 59.13 0.49 -41.72
C CYS E 298 60.06 -0.60 -42.25
N ARG E 299 59.98 -0.87 -43.54
CA ARG E 299 60.78 -1.90 -44.18
C ARG E 299 62.21 -1.40 -44.37
N PRO E 300 62.41 -0.12 -44.65
CA PRO E 300 63.79 0.39 -44.76
C PRO E 300 64.58 0.20 -43.48
N GLN E 301 63.94 0.33 -42.32
CA GLN E 301 64.56 0.07 -41.04
C GLN E 301 64.22 -1.32 -40.52
N ASP E 302 63.67 -2.19 -41.36
CA ASP E 302 63.38 -3.55 -40.95
C ASP E 302 64.66 -4.28 -40.56
N LEU E 303 65.72 -4.09 -41.32
CA LEU E 303 67.00 -4.72 -41.05
C LEU E 303 67.59 -4.20 -39.75
N PRO E 304 67.26 -2.97 -39.34
CA PRO E 304 67.91 -2.39 -38.14
C PRO E 304 67.70 -3.21 -36.88
N ARG E 305 66.55 -3.86 -36.74
CA ARG E 305 66.31 -4.67 -35.55
C ARG E 305 67.19 -5.92 -35.57
N GLU E 306 67.51 -6.41 -34.37
CA GLU E 306 68.29 -7.63 -34.22
C GLU E 306 67.36 -8.84 -34.34
N VAL E 307 67.85 -10.01 -33.94
CA VAL E 307 67.09 -11.25 -34.04
C VAL E 307 67.02 -11.83 -32.62
N LEU E 308 65.93 -11.54 -31.91
CA LEU E 308 65.71 -12.03 -30.56
C LEU E 308 64.23 -12.34 -30.38
N THR E 309 63.82 -12.59 -29.13
CA THR E 309 62.43 -12.80 -28.69
C THR E 309 61.82 -14.07 -29.27
N THR E 310 60.84 -14.64 -28.57
CA THR E 310 60.16 -15.82 -29.07
C THR E 310 58.64 -15.72 -29.07
N ASN E 311 58.03 -15.13 -28.03
CA ASN E 311 56.58 -15.22 -28.03
C ASN E 311 55.95 -13.96 -28.60
N PRO E 312 54.78 -14.08 -29.23
CA PRO E 312 54.17 -12.93 -29.90
C PRO E 312 53.94 -11.73 -29.00
N ARG E 313 53.53 -11.95 -27.74
CA ARG E 313 53.18 -10.82 -26.89
C ARG E 313 54.42 -10.02 -26.51
N ARG E 314 55.52 -10.71 -26.22
CA ARG E 314 56.75 -10.01 -25.90
C ARG E 314 57.23 -9.20 -27.10
N LEU E 315 57.16 -9.78 -28.30
CA LEU E 315 57.57 -9.05 -29.48
C LEU E 315 56.69 -7.84 -29.71
N SER E 316 55.38 -8.01 -29.55
CA SER E 316 54.45 -6.92 -29.78
C SER E 316 54.69 -5.79 -28.79
N ILE E 317 54.83 -6.13 -27.51
CA ILE E 317 55.03 -5.11 -26.49
C ILE E 317 56.39 -4.45 -26.67
N ILE E 318 57.40 -5.19 -27.10
CA ILE E 318 58.72 -4.61 -27.31
C ILE E 318 58.70 -3.66 -28.49
N ALA E 319 58.05 -4.06 -29.57
CA ALA E 319 57.94 -3.18 -30.74
C ALA E 319 57.18 -1.92 -30.39
N GLU E 320 56.09 -2.06 -29.64
CA GLU E 320 55.32 -0.89 -29.23
C GLU E 320 56.13 0.01 -28.30
N SER E 321 56.94 -0.59 -27.43
CA SER E 321 57.76 0.19 -26.51
C SER E 321 58.86 0.93 -27.26
N ILE E 322 59.40 0.32 -28.31
CA ILE E 322 60.51 0.93 -29.04
C ILE E 322 60.09 2.26 -29.64
N ARG E 323 58.92 2.30 -30.27
CA ARG E 323 58.47 3.52 -30.92
C ARG E 323 58.19 4.64 -29.94
N ASP E 324 58.01 4.33 -28.67
CA ASP E 324 57.69 5.36 -27.67
C ASP E 324 58.57 5.24 -26.43
N ALA E 327 62.98 3.08 -28.17
CA ALA E 327 64.35 2.85 -28.63
C ALA E 327 64.59 1.38 -28.88
N THR E 328 65.32 1.08 -29.95
CA THR E 328 65.54 -0.31 -30.34
C THR E 328 66.35 -1.09 -29.32
N TRP E 329 67.00 -0.42 -28.38
CA TRP E 329 67.83 -1.13 -27.41
C TRP E 329 67.49 -0.76 -25.97
N ASP E 330 67.15 0.50 -25.71
CA ASP E 330 66.66 0.87 -24.39
C ASP E 330 65.35 0.16 -24.08
N ASN E 331 64.37 0.28 -24.98
CA ASN E 331 63.13 -0.47 -24.82
C ASN E 331 63.31 -1.95 -25.07
N TRP E 332 64.44 -2.34 -25.65
CA TRP E 332 64.70 -3.76 -25.90
C TRP E 332 65.10 -4.51 -24.64
N LYS E 333 65.87 -3.88 -23.78
CA LYS E 333 66.31 -4.60 -22.59
C LYS E 333 66.02 -3.87 -21.30
N HIS E 334 66.10 -2.55 -21.28
CA HIS E 334 66.01 -1.78 -20.05
C HIS E 334 64.57 -1.43 -19.71
N VAL E 335 63.87 -0.78 -20.64
CA VAL E 335 62.49 -0.37 -20.45
C VAL E 335 61.59 -1.60 -20.45
N ASN E 336 60.32 -1.41 -20.11
CA ASN E 336 59.29 -2.45 -20.02
C ASN E 336 59.53 -3.39 -18.86
N CYS E 337 60.43 -3.05 -17.94
CA CYS E 337 60.61 -3.81 -16.72
C CYS E 337 59.47 -3.60 -15.73
N ASP E 338 58.48 -2.81 -16.14
CA ASP E 338 57.31 -2.52 -15.30
C ASP E 338 55.97 -2.75 -16.03
N LYS E 339 56.04 -3.28 -17.26
CA LYS E 339 54.84 -3.56 -18.05
C LYS E 339 54.70 -5.06 -18.25
N LEU E 340 55.77 -5.66 -18.76
CA LEU E 340 55.87 -7.10 -18.97
C LEU E 340 55.94 -7.82 -17.63
N THR E 341 56.71 -7.28 -16.69
CA THR E 341 56.72 -7.83 -15.35
C THR E 341 55.37 -7.76 -14.68
N THR E 342 54.51 -6.81 -15.09
CA THR E 342 53.16 -6.77 -14.56
C THR E 342 52.36 -7.98 -15.00
N ILE E 343 52.35 -8.25 -16.31
CA ILE E 343 51.52 -9.33 -16.82
C ILE E 343 52.08 -10.69 -16.40
N ILE E 344 53.41 -10.84 -16.43
CA ILE E 344 53.97 -12.13 -16.02
C ILE E 344 53.74 -12.36 -14.54
N GLU E 345 53.78 -11.30 -13.72
CA GLU E 345 53.45 -11.48 -12.31
C GLU E 345 51.98 -11.79 -12.11
N SER E 346 51.12 -11.21 -12.94
CA SER E 346 49.70 -11.55 -12.88
C SER E 346 49.50 -13.04 -13.16
N SER E 347 50.20 -13.56 -14.16
CA SER E 347 50.17 -14.99 -14.42
C SER E 347 50.73 -15.77 -13.24
N LEU E 348 51.82 -15.28 -12.64
CA LEU E 348 52.44 -15.89 -11.48
C LEU E 348 51.50 -15.98 -10.29
N ASN E 349 50.59 -15.02 -10.15
CA ASN E 349 49.76 -14.89 -8.96
C ASN E 349 48.96 -16.13 -8.64
N VAL E 350 48.87 -17.10 -9.57
CA VAL E 350 48.08 -18.29 -9.34
C VAL E 350 48.67 -19.15 -8.23
N LEU E 351 49.98 -19.12 -8.06
CA LEU E 351 50.64 -20.02 -7.12
C LEU E 351 50.39 -19.61 -5.67
N GLU E 352 50.37 -20.60 -4.79
CA GLU E 352 50.37 -20.32 -3.36
C GLU E 352 51.70 -19.69 -2.99
N PRO E 353 51.72 -18.49 -2.44
CA PRO E 353 52.97 -17.73 -2.36
C PRO E 353 53.93 -18.24 -1.30
N ALA E 354 53.39 -18.68 -0.16
CA ALA E 354 54.23 -18.97 0.99
C ALA E 354 55.26 -20.04 0.67
N GLU E 355 54.81 -21.17 0.10
CA GLU E 355 55.73 -22.25 -0.18
C GLU E 355 56.38 -22.13 -1.55
N TYR E 356 55.63 -21.66 -2.55
CA TYR E 356 56.10 -21.75 -3.92
C TYR E 356 57.04 -20.60 -4.27
N ARG E 357 56.59 -19.36 -4.02
CA ARG E 357 57.36 -18.20 -4.45
C ARG E 357 58.74 -18.19 -3.82
N LYS E 358 58.84 -18.62 -2.57
CA LYS E 358 60.15 -18.63 -1.92
C LYS E 358 61.09 -19.61 -2.61
N MET E 359 60.61 -20.81 -2.91
CA MET E 359 61.43 -21.76 -3.64
C MET E 359 61.83 -21.20 -5.00
N PHE E 360 60.91 -20.49 -5.65
CA PHE E 360 61.22 -19.87 -6.93
C PHE E 360 62.31 -18.82 -6.78
N ASP E 361 62.22 -17.99 -5.75
CA ASP E 361 63.23 -16.98 -5.49
C ASP E 361 64.57 -17.63 -5.17
N ARG E 362 64.56 -18.85 -4.63
CA ARG E 362 65.80 -19.58 -4.44
C ARG E 362 66.53 -19.86 -5.75
N LEU E 363 65.84 -19.78 -6.88
CA LEU E 363 66.37 -20.25 -8.16
C LEU E 363 67.06 -19.17 -8.97
N SER E 364 67.25 -17.97 -8.41
CA SER E 364 67.82 -16.88 -9.18
C SER E 364 69.31 -17.10 -9.46
N VAL E 365 69.99 -17.86 -8.60
CA VAL E 365 71.43 -18.01 -8.70
C VAL E 365 71.88 -18.80 -9.92
N PHE E 366 70.98 -19.57 -10.53
CA PHE E 366 71.37 -20.41 -11.65
C PHE E 366 71.69 -19.58 -12.89
N PRO E 367 72.52 -20.10 -13.79
CA PRO E 367 72.74 -19.40 -15.06
C PRO E 367 71.44 -19.26 -15.82
N PRO E 368 71.29 -18.19 -16.59
CA PRO E 368 70.03 -17.99 -17.32
C PRO E 368 69.66 -19.15 -18.22
N SER E 369 70.66 -19.76 -18.85
CA SER E 369 70.48 -20.98 -19.63
C SER E 369 71.13 -22.10 -18.82
N ALA E 370 70.32 -22.80 -18.03
CA ALA E 370 70.85 -23.82 -17.14
C ALA E 370 69.80 -24.89 -16.89
N HIS E 371 70.28 -26.07 -16.52
CA HIS E 371 69.44 -27.16 -16.06
C HIS E 371 69.80 -27.48 -14.61
N ILE E 372 68.80 -27.94 -13.85
CA ILE E 372 68.88 -27.97 -12.40
C ILE E 372 68.65 -29.40 -11.91
N PRO E 373 69.55 -29.96 -11.11
CA PRO E 373 69.30 -31.25 -10.47
C PRO E 373 68.41 -31.08 -9.24
N THR E 374 67.88 -32.21 -8.78
CA THR E 374 66.94 -32.20 -7.66
C THR E 374 67.64 -31.95 -6.33
N ILE E 375 68.87 -32.44 -6.17
CA ILE E 375 69.54 -32.31 -4.88
C ILE E 375 69.87 -30.86 -4.58
N LEU E 376 70.25 -30.08 -5.60
CA LEU E 376 70.62 -28.69 -5.36
C LEU E 376 69.43 -27.88 -4.88
N LEU E 377 68.26 -28.05 -5.52
CA LEU E 377 67.07 -27.37 -5.05
C LEU E 377 66.62 -27.90 -3.70
N SER E 378 66.85 -29.20 -3.44
CA SER E 378 66.53 -29.76 -2.13
C SER E 378 67.34 -29.08 -1.03
N LEU E 379 68.62 -28.82 -1.31
CA LEU E 379 69.44 -28.08 -0.36
C LEU E 379 68.88 -26.69 -0.12
N ILE E 380 68.45 -26.02 -1.18
CA ILE E 380 68.05 -24.63 -1.10
C ILE E 380 66.57 -24.54 -0.81
N SER E 387 59.98 -36.98 -0.31
CA SER E 387 59.56 -36.63 -1.66
C SER E 387 58.98 -35.22 -1.71
N ASP E 388 59.20 -34.48 -0.63
CA ASP E 388 58.62 -33.14 -0.53
C ASP E 388 59.10 -32.24 -1.66
N VAL E 389 60.41 -32.21 -1.90
CA VAL E 389 60.95 -31.33 -2.93
C VAL E 389 60.46 -31.76 -4.31
N MET E 390 60.45 -33.07 -4.57
CA MET E 390 60.05 -33.53 -5.89
C MET E 390 58.54 -33.35 -6.11
N VAL E 391 57.73 -33.56 -5.06
CA VAL E 391 56.30 -33.26 -5.18
C VAL E 391 56.09 -31.78 -5.42
N VAL E 392 56.85 -30.93 -4.73
CA VAL E 392 56.70 -29.49 -4.88
C VAL E 392 57.03 -29.07 -6.30
N VAL E 393 58.20 -29.48 -6.80
CA VAL E 393 58.54 -29.14 -8.17
C VAL E 393 57.59 -29.78 -9.14
N ASN E 394 57.00 -30.92 -8.78
CA ASN E 394 56.00 -31.55 -9.63
C ASN E 394 54.79 -30.65 -9.80
N LYS E 395 54.27 -30.10 -8.70
CA LYS E 395 53.09 -29.25 -8.82
C LYS E 395 53.43 -27.93 -9.50
N LEU E 396 54.61 -27.38 -9.23
CA LEU E 396 55.00 -26.14 -9.89
C LEU E 396 55.14 -26.35 -11.39
N HIS E 397 55.67 -27.50 -11.79
CA HIS E 397 55.64 -27.88 -13.20
C HIS E 397 54.21 -28.00 -13.68
N LYS E 398 53.35 -28.61 -12.86
CA LYS E 398 51.97 -28.83 -13.25
C LYS E 398 51.28 -27.52 -13.60
N TYR E 399 51.68 -26.44 -12.92
CA TYR E 399 51.11 -25.13 -13.19
C TYR E 399 51.48 -24.75 -14.62
N SER E 400 52.79 -24.44 -14.77
CA SER E 400 53.62 -24.03 -15.94
C SER E 400 54.75 -23.16 -15.40
N LEU E 401 55.76 -23.76 -14.80
CA LEU E 401 56.85 -22.96 -14.25
C LEU E 401 58.20 -23.65 -14.16
N VAL E 402 58.22 -24.98 -14.31
CA VAL E 402 59.47 -25.70 -14.20
C VAL E 402 59.40 -27.00 -15.00
N GLU E 403 60.10 -27.07 -16.12
CA GLU E 403 59.97 -28.24 -16.98
C GLU E 403 60.96 -29.32 -16.56
N LYS E 404 60.43 -30.51 -16.27
CA LYS E 404 61.22 -31.65 -15.86
C LYS E 404 61.45 -32.58 -17.05
N GLN E 405 62.65 -33.13 -17.14
CA GLN E 405 63.01 -34.07 -18.18
C GLN E 405 63.84 -35.19 -17.58
N PRO E 406 63.70 -36.42 -18.09
CA PRO E 406 64.49 -37.55 -17.60
C PRO E 406 65.87 -37.63 -18.26
N SER E 409 68.28 -37.05 -15.16
CA SER E 409 66.93 -36.48 -15.18
C SER E 409 66.91 -35.04 -14.68
N THR E 410 67.59 -34.15 -15.41
CA THR E 410 67.69 -32.77 -15.00
C THR E 410 66.37 -32.03 -15.24
N ILE E 411 66.35 -30.77 -14.81
CA ILE E 411 65.15 -29.94 -14.86
C ILE E 411 65.58 -28.53 -15.25
N SER E 412 64.76 -27.84 -16.04
CA SER E 412 65.07 -26.47 -16.44
C SER E 412 63.86 -25.56 -16.25
N ILE E 413 64.07 -24.28 -16.55
CA ILE E 413 63.09 -23.23 -16.31
C ILE E 413 62.80 -22.47 -17.60
N PRO E 414 61.57 -22.06 -17.85
CA PRO E 414 61.32 -21.11 -18.94
C PRO E 414 62.05 -19.80 -18.71
N SER E 415 62.76 -19.35 -19.74
CA SER E 415 63.51 -18.10 -19.65
C SER E 415 62.58 -16.91 -19.49
N ILE E 416 61.48 -16.88 -20.24
CA ILE E 416 60.52 -15.79 -20.14
C ILE E 416 60.08 -15.60 -18.69
N TYR E 417 60.09 -16.68 -17.92
CA TYR E 417 59.91 -16.59 -16.48
C TYR E 417 61.21 -16.36 -15.74
N LEU E 418 62.34 -16.72 -16.33
CA LEU E 418 63.58 -16.76 -15.58
C LEU E 418 64.21 -15.38 -15.42
N GLU E 419 64.57 -14.74 -16.52
CA GLU E 419 65.45 -13.58 -16.48
C GLU E 419 64.72 -12.27 -16.31
N LEU E 420 63.40 -12.28 -16.11
CA LEU E 420 62.66 -11.03 -16.03
C LEU E 420 62.07 -10.77 -14.65
N LYS E 421 61.34 -11.73 -14.09
CA LYS E 421 60.61 -11.46 -12.85
C LYS E 421 61.52 -11.58 -11.63
N VAL E 422 62.06 -12.78 -11.38
CA VAL E 422 62.92 -12.97 -10.23
C VAL E 422 64.21 -12.18 -10.37
N LYS E 423 64.56 -11.80 -11.60
CA LYS E 423 65.67 -10.88 -11.79
C LYS E 423 65.40 -9.57 -11.07
N LEU E 424 64.16 -9.08 -11.16
CA LEU E 424 63.83 -7.81 -10.52
C LEU E 424 63.71 -7.94 -9.00
N GLU E 425 63.09 -9.03 -8.54
CA GLU E 425 62.75 -9.17 -7.12
C GLU E 425 63.57 -10.31 -6.51
N ASN E 426 64.28 -10.01 -5.43
CA ASN E 426 65.09 -11.00 -4.75
C ASN E 426 65.58 -10.43 -3.42
N GLU E 427 65.78 -11.33 -2.45
CA GLU E 427 66.41 -10.99 -1.18
C GLU E 427 67.89 -11.37 -1.24
N TYR E 428 68.57 -11.20 -0.11
CA TYR E 428 69.98 -11.55 -0.03
C TYR E 428 70.19 -13.01 0.36
N ALA E 429 69.39 -13.89 -0.23
CA ALA E 429 69.62 -15.31 0.00
C ALA E 429 70.74 -15.86 -0.87
N LEU E 430 71.12 -15.01 -1.80
CA LEU E 430 72.18 -15.23 -2.75
C LEU E 430 73.36 -15.73 -1.98
N HIS E 431 73.76 -15.06 -0.91
CA HIS E 431 74.92 -15.51 -0.13
C HIS E 431 74.71 -16.90 0.49
N ARG E 432 73.55 -17.11 1.11
CA ARG E 432 73.19 -18.40 1.69
C ARG E 432 73.10 -19.45 0.60
N SER E 433 72.64 -19.07 -0.59
CA SER E 433 72.71 -19.97 -1.72
C SER E 433 74.15 -20.16 -2.18
N ILE E 434 74.89 -19.07 -2.33
CA ILE E 434 76.19 -19.19 -3.01
C ILE E 434 77.17 -19.94 -2.13
N VAL E 435 77.10 -19.78 -0.81
CA VAL E 435 77.94 -20.60 0.06
C VAL E 435 77.52 -22.06 -0.02
N ASP E 436 76.22 -22.33 -0.17
CA ASP E 436 75.78 -23.67 -0.51
C ASP E 436 76.32 -24.07 -1.88
N HIS E 437 76.39 -23.11 -2.79
CA HIS E 437 77.04 -23.32 -4.08
C HIS E 437 78.54 -23.52 -3.92
N TYR E 438 79.06 -23.32 -2.72
CA TYR E 438 80.38 -23.82 -2.35
C TYR E 438 80.29 -25.05 -1.45
N ASN E 439 79.23 -25.19 -0.66
CA ASN E 439 79.17 -26.26 0.32
C ASN E 439 79.20 -27.62 -0.35
N ILE E 440 78.31 -27.85 -1.31
CA ILE E 440 78.22 -29.15 -1.95
C ILE E 440 79.35 -29.39 -2.94
N PRO E 441 79.85 -28.40 -3.71
CA PRO E 441 81.02 -28.69 -4.55
C PRO E 441 82.26 -29.05 -3.76
N LYS E 442 82.46 -28.44 -2.58
CA LYS E 442 83.59 -28.82 -1.76
C LYS E 442 83.49 -30.28 -1.32
N THR E 443 82.27 -30.73 -1.00
CA THR E 443 82.05 -32.14 -0.71
C THR E 443 82.36 -33.01 -1.92
N PHE E 444 82.24 -32.47 -3.13
CA PHE E 444 82.55 -33.21 -4.34
C PHE E 444 84.05 -33.17 -4.65
N ASP E 445 84.83 -33.53 -3.64
CA ASP E 445 86.27 -33.63 -3.76
C ASP E 445 86.65 -35.09 -3.56
N SER E 446 87.35 -35.66 -4.52
CA SER E 446 87.69 -37.08 -4.51
C SER E 446 89.15 -37.28 -4.12
N ASP E 447 89.52 -38.55 -3.96
CA ASP E 447 90.92 -38.88 -3.64
C ASP E 447 91.85 -38.40 -4.74
N ASP E 448 91.55 -38.77 -5.98
CA ASP E 448 92.24 -38.22 -7.14
C ASP E 448 91.49 -36.97 -7.57
N LEU E 449 91.79 -36.49 -8.76
CA LEU E 449 91.08 -35.35 -9.32
C LEU E 449 89.92 -35.76 -10.21
N ILE E 450 89.31 -36.92 -9.92
CA ILE E 450 88.10 -37.38 -10.60
C ILE E 450 86.93 -37.22 -9.65
N PRO E 451 86.24 -36.08 -9.65
CA PRO E 451 85.05 -35.93 -8.83
C PRO E 451 83.81 -36.30 -9.62
N PRO E 452 82.74 -36.71 -8.95
CA PRO E 452 81.51 -37.08 -9.69
C PRO E 452 80.75 -35.85 -10.17
N TYR E 453 81.29 -35.20 -11.20
CA TYR E 453 80.66 -34.03 -11.77
C TYR E 453 79.39 -34.39 -12.53
N LEU E 454 78.48 -33.42 -12.62
CA LEU E 454 77.35 -33.49 -13.52
C LEU E 454 77.72 -32.83 -14.84
N ASP E 455 77.31 -33.46 -15.95
CA ASP E 455 77.81 -33.09 -17.27
C ASP E 455 77.60 -31.61 -17.56
N GLN E 456 76.39 -31.10 -17.33
CA GLN E 456 76.11 -29.72 -17.68
C GLN E 456 76.27 -28.76 -16.51
N TYR E 457 75.94 -29.19 -15.29
CA TYR E 457 75.96 -28.26 -14.17
C TYR E 457 77.37 -28.14 -13.59
N PHE E 458 77.93 -29.25 -13.12
CA PHE E 458 79.21 -29.18 -12.42
C PHE E 458 80.33 -28.71 -13.34
N TYR E 459 80.23 -29.04 -14.63
CA TYR E 459 81.27 -28.61 -15.55
C TYR E 459 81.14 -27.13 -15.89
N SER E 460 79.92 -26.64 -16.11
CA SER E 460 79.72 -25.30 -16.63
C SER E 460 79.34 -24.28 -15.55
N HIS E 461 78.21 -24.51 -14.87
CA HIS E 461 77.67 -23.51 -13.96
C HIS E 461 78.55 -23.28 -12.75
N ILE E 462 79.48 -24.20 -12.46
CA ILE E 462 80.26 -24.08 -11.25
C ILE E 462 81.14 -22.83 -11.27
N GLY E 463 81.56 -22.39 -12.47
CA GLY E 463 82.46 -21.26 -12.55
C GLY E 463 81.84 -19.97 -12.03
N HIS E 464 80.59 -19.72 -12.41
CA HIS E 464 79.88 -18.56 -11.88
C HIS E 464 79.86 -18.54 -10.36
N HIS E 465 79.44 -19.64 -9.75
CA HIS E 465 79.29 -19.68 -8.32
C HIS E 465 80.62 -19.59 -7.59
N LEU E 466 81.65 -20.24 -8.14
CA LEU E 466 82.97 -20.19 -7.51
C LEU E 466 83.60 -18.81 -7.63
N LYS E 467 83.33 -18.10 -8.73
CA LYS E 467 83.73 -16.70 -8.79
C LYS E 467 82.91 -15.87 -7.81
N ASN E 468 81.64 -16.23 -7.61
CA ASN E 468 80.76 -15.49 -6.73
C ASN E 468 81.20 -15.58 -5.27
N ILE E 469 81.72 -16.74 -4.84
CA ILE E 469 82.03 -16.89 -3.42
C ILE E 469 83.29 -16.12 -3.04
N GLU E 470 84.44 -16.51 -3.58
CA GLU E 470 85.72 -15.95 -3.13
C GLU E 470 86.79 -16.35 -4.14
N HIS E 471 87.98 -15.77 -3.95
CA HIS E 471 89.12 -15.96 -4.83
C HIS E 471 89.88 -17.28 -4.64
N PRO E 472 90.22 -17.71 -3.42
CA PRO E 472 91.18 -18.81 -3.30
C PRO E 472 90.70 -20.11 -3.92
N GLU E 473 89.38 -20.30 -4.00
CA GLU E 473 88.84 -21.50 -4.64
C GLU E 473 89.14 -21.51 -6.14
N ARG E 474 89.44 -20.34 -6.69
CA ARG E 474 89.72 -20.20 -8.12
C ARG E 474 91.00 -20.88 -8.55
N MET E 475 91.97 -20.98 -7.64
CA MET E 475 93.26 -21.59 -7.95
C MET E 475 93.32 -23.06 -7.56
N THR E 476 92.17 -23.62 -7.16
CA THR E 476 92.11 -25.01 -6.77
C THR E 476 90.96 -25.76 -7.40
N LEU E 477 89.72 -25.31 -7.20
CA LEU E 477 88.56 -26.08 -7.63
C LEU E 477 88.35 -26.02 -9.13
N PHE E 478 88.73 -24.94 -9.84
CA PHE E 478 88.57 -25.06 -11.31
C PHE E 478 89.71 -25.82 -11.97
N ARG E 479 90.71 -26.25 -11.17
CA ARG E 479 91.73 -27.14 -11.70
C ARG E 479 92.41 -26.57 -12.94
N MET E 480 92.43 -25.24 -13.09
CA MET E 480 93.21 -24.68 -14.19
C MET E 480 94.70 -24.87 -13.92
N VAL E 481 95.11 -24.75 -12.66
CA VAL E 481 96.47 -25.10 -12.28
C VAL E 481 96.64 -26.61 -12.27
N PHE E 482 95.55 -27.35 -12.14
CA PHE E 482 95.56 -28.80 -12.24
C PHE E 482 95.43 -29.20 -13.71
N LEU E 483 95.25 -30.49 -13.97
CA LEU E 483 95.17 -31.00 -15.34
C LEU E 483 93.96 -31.88 -15.60
N ASP E 484 93.39 -32.54 -14.58
CA ASP E 484 92.37 -33.54 -14.80
C ASP E 484 91.08 -32.95 -15.35
N PHE E 485 90.64 -31.81 -14.80
CA PHE E 485 89.39 -31.23 -15.26
C PHE E 485 89.42 -30.91 -16.74
N ARG E 486 90.61 -30.61 -17.28
CA ARG E 486 90.72 -30.47 -18.72
C ARG E 486 90.25 -31.73 -19.43
N PHE E 487 90.77 -32.89 -19.04
CA PHE E 487 90.36 -34.15 -19.65
C PHE E 487 88.87 -34.39 -19.44
N LEU E 488 88.40 -34.15 -18.21
CA LEU E 488 86.99 -34.40 -17.91
C LEU E 488 86.09 -33.56 -18.80
N GLU E 489 86.33 -32.26 -18.82
CA GLU E 489 85.56 -31.36 -19.67
C GLU E 489 85.64 -31.73 -21.14
N GLN E 490 86.84 -31.99 -21.65
CA GLN E 490 86.98 -32.28 -23.08
C GLN E 490 86.24 -33.56 -23.45
N LYS E 491 86.43 -34.62 -22.68
CA LYS E 491 85.89 -35.90 -23.10
C LYS E 491 84.39 -35.96 -22.86
N ILE E 492 83.91 -35.29 -21.81
CA ILE E 492 82.48 -35.36 -21.53
C ILE E 492 81.66 -34.41 -22.39
N ARG E 493 82.30 -33.41 -23.01
CA ARG E 493 81.59 -32.42 -23.80
C ARG E 493 81.98 -32.53 -25.26
N HIS E 494 80.99 -32.71 -26.13
CA HIS E 494 81.22 -32.73 -27.57
C HIS E 494 79.92 -32.47 -28.34
N ASN E 507 82.24 -27.05 -27.81
CA ASN E 507 82.89 -28.13 -27.08
C ASN E 507 84.15 -27.62 -26.40
N THR E 508 84.89 -26.77 -27.10
CA THR E 508 86.08 -26.13 -26.57
C THR E 508 85.89 -24.65 -26.31
N LEU E 509 85.23 -23.94 -27.23
CA LEU E 509 84.95 -22.52 -27.02
C LEU E 509 84.07 -22.31 -25.81
N GLN E 510 83.19 -23.26 -25.52
CA GLN E 510 82.37 -23.14 -24.32
C GLN E 510 83.23 -23.16 -23.06
N GLN E 511 84.43 -23.70 -23.14
CA GLN E 511 85.36 -23.58 -22.01
C GLN E 511 86.05 -22.23 -22.01
N LEU E 512 86.48 -21.75 -23.18
CA LEU E 512 87.14 -20.45 -23.25
C LEU E 512 86.23 -19.35 -22.75
N LYS E 513 84.94 -19.48 -23.02
CA LYS E 513 83.96 -18.50 -22.58
C LYS E 513 83.96 -18.42 -21.05
N PHE E 514 84.48 -19.48 -20.43
CA PHE E 514 84.56 -19.55 -18.97
C PHE E 514 85.99 -19.36 -18.51
N TYR E 515 86.92 -19.27 -19.46
CA TYR E 515 88.32 -19.08 -19.15
C TYR E 515 88.72 -17.60 -19.19
N LYS E 516 88.01 -16.83 -20.01
CA LYS E 516 88.30 -15.40 -20.12
C LYS E 516 87.52 -14.56 -19.12
N PRO E 517 86.19 -14.74 -19.05
CA PRO E 517 85.34 -14.00 -18.13
C PRO E 517 85.40 -14.55 -16.71
N TYR E 518 86.56 -15.07 -16.32
CA TYR E 518 86.75 -15.63 -15.00
C TYR E 518 88.13 -15.34 -14.43
N ILE E 519 88.69 -14.19 -14.82
CA ILE E 519 90.01 -13.79 -14.35
C ILE E 519 89.88 -12.60 -13.41
N CYS E 520 89.71 -12.88 -12.11
CA CYS E 520 89.56 -11.83 -11.11
C CYS E 520 90.85 -11.66 -10.30
N ASP E 521 90.74 -11.12 -9.09
CA ASP E 521 91.91 -10.92 -8.23
C ASP E 521 92.51 -12.25 -7.78
N ASN E 522 93.14 -12.95 -8.71
CA ASN E 522 93.76 -14.22 -8.40
C ASN E 522 95.27 -14.06 -8.33
N ASP E 523 95.71 -12.81 -8.12
CA ASP E 523 97.12 -12.37 -8.02
C ASP E 523 97.98 -12.44 -9.30
N PRO E 524 99.04 -11.61 -9.34
CA PRO E 524 99.96 -11.52 -10.47
C PRO E 524 100.44 -12.89 -10.96
N LYS E 525 100.86 -13.74 -10.03
CA LYS E 525 101.35 -15.07 -10.38
C LYS E 525 100.37 -15.86 -11.25
N TYR E 526 99.10 -15.86 -10.86
CA TYR E 526 98.08 -16.60 -11.61
C TYR E 526 97.41 -15.77 -12.70
N GLU E 527 97.28 -14.46 -12.50
CA GLU E 527 96.65 -13.57 -13.52
C GLU E 527 97.17 -13.73 -14.86
N ARG E 528 98.45 -13.85 -14.78
CA ARG E 528 99.34 -13.97 -15.92
C ARG E 528 99.67 -15.43 -16.24
N LEU E 529 99.78 -16.29 -15.22
CA LEU E 529 100.05 -17.70 -15.48
C LEU E 529 98.88 -18.35 -16.19
N VAL E 530 97.65 -18.07 -15.75
CA VAL E 530 96.50 -18.64 -16.45
C VAL E 530 96.32 -18.00 -17.81
N ASN E 531 96.79 -16.77 -18.01
CA ASN E 531 96.79 -16.19 -19.35
C ASN E 531 97.77 -16.93 -20.27
N ALA E 532 98.95 -17.27 -19.75
CA ALA E 532 99.89 -18.07 -20.52
C ALA E 532 99.31 -19.45 -20.81
N ILE E 533 98.59 -20.03 -19.85
CA ILE E 533 97.85 -21.26 -20.08
C ILE E 533 96.87 -21.08 -21.21
N LEU E 534 96.06 -20.02 -21.13
CA LEU E 534 94.99 -19.79 -22.10
C LEU E 534 95.53 -19.57 -23.50
N ASP E 535 96.71 -18.96 -23.61
CA ASP E 535 97.29 -18.78 -24.94
C ASP E 535 97.52 -20.12 -25.62
N PHE E 536 98.02 -21.10 -24.87
CA PHE E 536 98.21 -22.43 -25.41
C PHE E 536 96.90 -23.20 -25.56
N LEU E 537 95.93 -22.94 -24.69
CA LEU E 537 94.77 -23.83 -24.58
C LEU E 537 94.09 -24.15 -25.90
N PRO E 538 93.80 -23.17 -26.78
CA PRO E 538 93.15 -23.54 -28.05
C PRO E 538 94.07 -24.17 -29.06
N LYS E 539 95.38 -24.21 -28.80
CA LYS E 539 96.32 -24.70 -29.79
C LYS E 539 96.21 -26.21 -30.00
N ILE E 540 95.46 -26.91 -29.16
CA ILE E 540 95.19 -28.33 -29.36
C ILE E 540 93.91 -28.71 -28.64
N TYR E 549 96.03 -41.52 -21.43
CA TYR E 549 96.36 -41.04 -20.09
C TYR E 549 97.73 -40.35 -20.07
N THR E 550 98.75 -41.07 -20.53
CA THR E 550 100.11 -40.54 -20.48
C THR E 550 100.30 -39.35 -21.41
N ASP E 551 99.46 -39.23 -22.44
CA ASP E 551 99.59 -38.11 -23.37
C ASP E 551 99.39 -36.78 -22.66
N LEU E 552 98.40 -36.70 -21.79
CA LEU E 552 98.10 -35.43 -21.11
C LEU E 552 99.24 -35.01 -20.19
N LEU E 553 99.78 -35.94 -19.42
CA LEU E 553 100.90 -35.61 -18.55
C LEU E 553 102.17 -35.28 -19.35
N ARG E 554 102.41 -36.00 -20.45
CA ARG E 554 103.57 -35.70 -21.28
C ARG E 554 103.47 -34.31 -21.90
N ILE E 555 102.28 -33.93 -22.37
CA ILE E 555 102.13 -32.59 -22.94
C ILE E 555 102.19 -31.52 -21.85
N ALA E 556 101.72 -31.84 -20.63
CA ALA E 556 101.89 -30.92 -19.51
C ALA E 556 103.36 -30.75 -19.14
N LEU E 557 104.17 -31.78 -19.36
CA LEU E 557 105.61 -31.69 -19.09
C LEU E 557 106.25 -30.56 -19.89
N MET E 558 105.81 -30.36 -21.14
CA MET E 558 106.40 -29.33 -21.97
C MET E 558 106.22 -27.95 -21.33
N ALA E 559 105.01 -27.67 -20.84
CA ALA E 559 104.76 -26.41 -20.15
C ALA E 559 105.36 -26.45 -18.75
N GLU E 560 106.67 -26.70 -18.74
CA GLU E 560 107.41 -26.68 -17.48
C GLU E 560 107.41 -25.30 -16.86
N ASP E 561 107.31 -24.26 -17.68
CA ASP E 561 107.23 -22.89 -17.19
C ASP E 561 106.01 -22.68 -16.29
N GLU E 562 105.03 -23.57 -16.37
CA GLU E 562 103.82 -23.49 -15.58
C GLU E 562 103.75 -24.69 -14.64
N ALA E 563 103.09 -24.51 -13.51
CA ALA E 563 102.95 -25.56 -12.49
C ALA E 563 102.04 -26.69 -12.94
N ILE E 564 101.63 -26.69 -14.21
CA ILE E 564 100.82 -27.78 -14.74
C ILE E 564 101.57 -29.10 -14.62
N PHE E 565 102.86 -29.10 -15.00
CA PHE E 565 103.67 -30.30 -14.83
C PHE E 565 103.86 -30.62 -13.35
N GLU E 566 103.82 -29.60 -12.50
CA GLU E 566 104.06 -29.82 -11.07
C GLU E 566 103.02 -30.77 -10.48
N GLU E 567 101.77 -30.66 -10.92
CA GLU E 567 100.75 -31.58 -10.44
C GLU E 567 100.56 -32.76 -11.38
N ALA E 568 100.98 -32.63 -12.64
CA ALA E 568 101.04 -33.80 -13.51
C ALA E 568 101.99 -34.84 -12.94
N HIS E 569 103.02 -34.40 -12.21
CA HIS E 569 103.90 -35.33 -11.52
C HIS E 569 103.14 -36.15 -10.48
N LYS E 570 102.29 -35.51 -9.69
CA LYS E 570 101.49 -36.26 -8.73
C LYS E 570 100.47 -37.15 -9.42
N GLN E 571 99.93 -36.69 -10.56
CA GLN E 571 98.96 -37.50 -11.28
C GLN E 571 99.59 -38.79 -11.79
N VAL E 572 100.72 -38.69 -12.50
CA VAL E 572 101.42 -39.90 -12.95
C VAL E 572 101.93 -40.68 -11.75
N GLN E 573 102.20 -39.99 -10.64
CA GLN E 573 102.57 -40.65 -9.41
C GLN E 573 101.46 -41.58 -8.92
N ARG E 574 100.23 -41.10 -8.96
CA ARG E 574 99.09 -41.88 -8.54
C ARG E 574 98.69 -42.89 -9.62
N ASP E 598 98.30 -29.08 -35.70
CA ASP E 598 96.88 -28.85 -35.93
C ASP E 598 96.35 -27.74 -35.03
N ASN E 599 96.24 -26.54 -35.60
CA ASN E 599 95.77 -25.39 -34.81
C ASN E 599 94.28 -25.51 -34.53
N GLU E 600 93.49 -25.82 -35.56
CA GLU E 600 92.04 -25.90 -35.43
C GLU E 600 91.55 -27.20 -36.05
N GLY E 601 90.60 -27.85 -35.37
CA GLY E 601 90.01 -29.08 -35.86
C GLY E 601 88.58 -29.27 -35.39
N ARG E 602 87.65 -29.54 -36.30
CA ARG E 602 86.24 -29.66 -35.99
C ARG E 602 85.85 -31.13 -35.97
N HIS E 603 85.20 -31.56 -34.90
CA HIS E 603 84.71 -32.93 -34.79
C HIS E 603 83.24 -32.99 -34.45
N ALA E 604 82.60 -31.85 -34.15
CA ALA E 604 81.18 -31.86 -33.83
C ALA E 604 80.36 -32.49 -34.95
N VAL E 605 80.78 -32.25 -36.19
CA VAL E 605 80.30 -33.05 -37.31
C VAL E 605 81.16 -34.30 -37.41
N TYR E 606 80.51 -35.46 -37.39
CA TYR E 606 81.20 -36.73 -37.18
C TYR E 606 81.68 -37.35 -38.48
N LEU E 607 80.81 -37.43 -39.48
CA LEU E 607 81.13 -38.14 -40.69
C LEU E 607 80.30 -37.58 -41.84
N HIS E 608 80.67 -37.98 -43.06
CA HIS E 608 79.96 -37.63 -44.28
C HIS E 608 80.04 -36.13 -44.57
N ASN E 609 81.27 -35.67 -44.75
CA ASN E 609 81.55 -34.29 -45.13
C ASN E 609 82.34 -34.30 -46.42
N ASP E 610 82.15 -33.26 -47.25
CA ASP E 610 82.78 -33.24 -48.56
C ASP E 610 83.85 -32.17 -48.69
N PHE E 611 83.47 -30.89 -48.60
CA PHE E 611 84.35 -29.78 -48.99
C PHE E 611 84.21 -28.64 -47.99
N CYS E 612 85.15 -27.70 -48.05
CA CYS E 612 85.11 -26.55 -47.16
C CYS E 612 85.80 -25.37 -47.83
N LEU E 613 85.52 -24.18 -47.28
CA LEU E 613 86.07 -22.93 -47.79
C LEU E 613 85.92 -21.86 -46.71
N ILE E 614 86.59 -20.74 -46.93
CA ILE E 614 86.89 -19.77 -45.88
C ILE E 614 86.53 -18.37 -46.35
N ALA E 615 85.98 -17.57 -45.44
CA ALA E 615 85.54 -16.23 -45.79
C ALA E 615 86.70 -15.35 -46.21
N LEU E 616 86.43 -14.49 -47.20
CA LEU E 616 87.44 -13.54 -47.66
C LEU E 616 87.77 -12.53 -46.58
N ALA E 617 86.77 -12.01 -45.89
CA ALA E 617 86.94 -10.99 -44.86
C ALA E 617 87.39 -11.56 -43.53
N SER E 618 87.93 -12.79 -43.53
CA SER E 618 88.35 -13.47 -42.30
C SER E 618 87.21 -13.55 -41.30
N GLY E 619 86.02 -13.89 -41.78
CA GLY E 619 84.86 -13.91 -40.93
C GLY E 619 84.30 -15.27 -40.57
N GLN E 620 84.28 -16.21 -41.51
CA GLN E 620 83.51 -17.42 -41.30
C GLN E 620 84.01 -18.56 -42.16
N ILE E 621 83.47 -19.75 -41.88
CA ILE E 621 83.77 -20.98 -42.59
C ILE E 621 82.48 -21.48 -43.23
N LEU E 622 82.55 -21.78 -44.52
CA LEU E 622 81.46 -22.42 -45.22
C LEU E 622 81.92 -23.82 -45.59
N LEU E 623 80.99 -24.77 -45.67
CA LEU E 623 81.37 -26.12 -46.03
C LEU E 623 80.16 -26.93 -46.47
N THR E 624 80.45 -28.00 -47.21
CA THR E 624 79.47 -28.90 -47.77
C THR E 624 79.83 -30.32 -47.37
N ASP E 625 78.81 -31.17 -47.26
CA ASP E 625 78.98 -32.47 -46.64
C ASP E 625 78.43 -33.59 -47.51
N VAL E 626 79.04 -34.77 -47.39
CA VAL E 626 78.48 -35.96 -48.00
C VAL E 626 77.07 -36.20 -47.47
N SER E 627 76.81 -35.77 -46.24
CA SER E 627 75.56 -35.91 -45.54
C SER E 627 74.48 -34.97 -46.05
N LEU E 628 74.65 -34.36 -47.23
CA LEU E 628 73.64 -33.49 -47.82
C LEU E 628 73.38 -32.27 -46.96
N GLU E 629 74.42 -31.81 -46.26
CA GLU E 629 74.32 -30.75 -45.26
C GLU E 629 75.42 -29.73 -45.53
N GLY E 630 75.08 -28.63 -46.17
CA GLY E 630 76.06 -27.58 -46.34
C GLY E 630 76.10 -26.71 -45.11
N GLU E 631 77.06 -26.98 -44.22
CA GLU E 631 77.05 -26.39 -42.90
C GLU E 631 77.75 -25.04 -42.91
N ASP E 632 77.48 -24.25 -41.88
CA ASP E 632 78.01 -22.89 -41.78
C ASP E 632 78.55 -22.65 -40.37
N THR E 633 79.81 -22.27 -40.27
CA THR E 633 80.43 -21.89 -39.00
C THR E 633 81.26 -20.63 -39.22
N TYR E 634 82.09 -20.30 -38.25
CA TYR E 634 82.89 -19.08 -38.30
C TYR E 634 84.37 -19.40 -38.43
N LEU E 635 85.17 -18.33 -38.56
CA LEU E 635 86.62 -18.41 -38.51
C LEU E 635 87.17 -18.11 -37.12
N LEU E 636 86.60 -17.12 -36.44
CA LEU E 636 86.90 -16.88 -35.03
C LEU E 636 85.70 -17.35 -34.21
N ARG E 637 85.99 -18.19 -33.23
CA ARG E 637 85.01 -18.86 -32.37
C ARG E 637 84.26 -19.95 -33.13
N ASP E 638 84.41 -19.97 -34.46
CA ASP E 638 83.89 -21.02 -35.33
C ASP E 638 82.45 -21.41 -35.03
N GLU E 639 81.65 -20.47 -34.54
CA GLU E 639 80.33 -20.79 -34.03
C GLU E 639 79.40 -21.20 -35.17
N SER E 640 78.63 -22.26 -34.94
CA SER E 640 77.72 -22.78 -35.95
C SER E 640 76.54 -21.84 -36.12
N ASP E 641 76.50 -21.13 -37.24
CA ASP E 641 75.46 -20.15 -37.50
C ASP E 641 74.30 -20.70 -38.32
N SER E 642 74.60 -21.49 -39.36
CA SER E 642 73.55 -22.05 -40.19
C SER E 642 74.08 -23.35 -40.80
N SER E 643 73.38 -23.87 -41.81
CA SER E 643 73.65 -25.15 -42.43
C SER E 643 72.44 -25.53 -43.28
N ASP E 644 71.27 -25.49 -42.65
CA ASP E 644 69.99 -25.70 -43.31
C ASP E 644 69.98 -26.97 -44.13
N ILE E 645 69.32 -26.94 -45.28
CA ILE E 645 69.28 -28.07 -46.20
C ILE E 645 69.57 -27.54 -47.59
N LEU E 646 70.35 -28.31 -48.35
CA LEU E 646 70.71 -27.93 -49.70
C LEU E 646 69.97 -28.73 -50.75
N ARG E 647 70.01 -30.06 -50.63
CA ARG E 647 69.37 -30.97 -51.59
C ARG E 647 69.22 -32.38 -51.02
N MET E 648 69.59 -33.37 -51.82
CA MET E 648 69.49 -34.78 -51.41
C MET E 648 70.38 -35.70 -52.24
N ALA E 649 71.59 -35.24 -52.55
CA ALA E 649 72.56 -36.03 -53.32
C ALA E 649 73.95 -35.76 -52.79
N VAL E 650 74.96 -36.47 -53.30
CA VAL E 650 76.38 -36.20 -52.77
C VAL E 650 77.12 -34.92 -53.24
N PHE E 651 78.08 -34.31 -52.48
CA PHE E 651 78.43 -33.00 -52.99
C PHE E 651 79.73 -33.05 -53.80
N ASN E 652 79.64 -32.65 -55.07
CA ASN E 652 80.72 -32.74 -56.04
C ASN E 652 81.68 -31.56 -55.96
N GLN E 653 81.15 -30.36 -55.74
CA GLN E 653 81.95 -29.15 -55.54
C GLN E 653 81.05 -28.02 -55.05
N GLN E 654 81.67 -26.91 -54.66
CA GLN E 654 80.95 -25.79 -54.10
C GLN E 654 81.73 -24.52 -54.34
N LYS E 655 81.03 -23.39 -54.28
CA LYS E 655 81.67 -22.09 -54.48
C LYS E 655 80.69 -20.99 -54.08
N HIS E 656 81.22 -19.77 -53.98
CA HIS E 656 80.43 -18.60 -53.58
C HIS E 656 80.66 -17.48 -54.59
N LEU E 657 79.66 -16.61 -54.72
CA LEU E 657 79.83 -15.49 -55.61
C LEU E 657 80.66 -14.38 -54.94
N ILE E 658 81.18 -13.50 -55.78
CA ILE E 658 82.13 -12.48 -55.34
C ILE E 658 81.55 -11.65 -54.20
N THR E 659 80.24 -11.49 -54.18
CA THR E 659 79.58 -10.74 -53.13
C THR E 659 79.71 -11.39 -51.76
N LEU E 660 80.15 -12.65 -51.70
CA LEU E 660 80.19 -13.44 -50.47
C LEU E 660 78.78 -13.58 -49.90
N HIS E 661 77.78 -13.11 -50.65
CA HIS E 661 76.39 -13.21 -50.28
C HIS E 661 75.64 -14.13 -51.22
N CYS E 662 76.29 -14.64 -52.25
CA CYS E 662 75.67 -15.57 -53.17
C CYS E 662 76.69 -16.67 -53.46
N ASN E 663 76.19 -17.79 -53.97
CA ASN E 663 77.00 -19.00 -54.01
C ASN E 663 76.42 -19.99 -55.01
N GLY E 664 77.19 -21.02 -55.28
CA GLY E 664 76.75 -22.12 -56.13
C GLY E 664 77.54 -23.36 -55.80
N SER E 665 76.96 -24.52 -56.11
CA SER E 665 77.61 -25.77 -55.78
C SER E 665 77.15 -26.84 -56.75
N VAL E 666 77.72 -28.03 -56.61
CA VAL E 666 77.32 -29.21 -57.39
C VAL E 666 77.18 -30.37 -56.42
N LYS E 667 76.29 -31.30 -56.74
CA LYS E 667 76.25 -32.59 -56.08
C LYS E 667 76.30 -33.67 -57.15
N LEU E 668 76.15 -34.93 -56.73
CA LEU E 668 76.04 -36.00 -57.72
C LEU E 668 74.86 -35.75 -58.66
N TRP E 669 73.83 -35.08 -58.18
CA TRP E 669 72.73 -34.65 -59.04
C TRP E 669 73.20 -33.68 -60.10
N SER E 670 74.34 -33.01 -59.86
CA SER E 670 74.96 -32.06 -60.77
C SER E 670 74.17 -30.78 -60.93
N LEU E 671 73.23 -30.50 -60.04
CA LEU E 671 72.56 -29.21 -60.06
C LEU E 671 73.43 -28.15 -59.40
N TRP E 672 72.94 -26.91 -59.47
CA TRP E 672 73.59 -25.77 -58.85
C TRP E 672 72.58 -25.03 -57.97
N PRO E 673 72.88 -24.81 -56.70
CA PRO E 673 72.02 -23.95 -55.88
C PRO E 673 72.50 -22.52 -55.83
N ASP E 674 71.70 -21.63 -55.27
CA ASP E 674 72.12 -20.28 -55.00
C ASP E 674 71.91 -19.90 -53.54
N CYS E 675 71.65 -20.87 -52.67
CA CYS E 675 71.33 -20.65 -51.27
C CYS E 675 72.42 -19.86 -50.57
N PRO E 676 72.17 -18.59 -50.24
CA PRO E 676 73.22 -17.75 -49.62
C PRO E 676 73.50 -18.11 -48.18
N GLY E 677 74.34 -17.31 -47.53
CA GLY E 677 74.61 -17.50 -46.12
C GLY E 677 74.47 -16.21 -45.35
N ARG E 678 73.86 -15.20 -45.99
CA ARG E 678 73.69 -13.87 -45.40
C ARG E 678 75.04 -13.29 -44.96
N HIS E 680 69.96 -17.23 -46.09
CA HIS E 680 70.40 -18.60 -45.88
C HIS E 680 69.64 -19.55 -46.81
N SER E 681 68.79 -18.99 -47.66
CA SER E 681 67.99 -19.76 -48.61
C SER E 681 68.01 -19.05 -49.97
N GLY E 682 68.22 -19.81 -51.03
CA GLY E 682 68.26 -19.25 -52.37
C GLY E 682 68.01 -20.28 -53.45
N GLY E 683 68.89 -21.28 -53.53
CA GLY E 683 68.77 -22.34 -54.52
C GLY E 683 68.73 -21.79 -55.94
N LYS E 685 66.41 -23.91 -58.54
CA LYS E 685 67.78 -24.35 -58.78
C LYS E 685 68.17 -24.18 -60.24
N GLN E 686 69.46 -24.30 -60.53
CA GLN E 686 69.96 -24.17 -61.89
C GLN E 686 70.02 -25.55 -62.53
N GLN E 687 69.06 -25.81 -63.43
CA GLN E 687 68.88 -27.13 -64.03
C GLN E 687 69.19 -27.07 -65.52
N LEU E 688 70.30 -27.70 -65.92
CA LEU E 688 70.67 -27.81 -67.33
C LEU E 688 71.53 -29.06 -67.59
N VAL E 693 77.52 -29.00 -66.44
CA VAL E 693 76.96 -28.33 -65.28
C VAL E 693 77.88 -28.57 -64.08
N LYS E 694 79.18 -28.40 -64.31
CA LYS E 694 80.19 -28.72 -63.32
C LYS E 694 81.24 -27.64 -63.11
N ARG E 695 81.34 -26.66 -64.01
CA ARG E 695 82.34 -25.59 -63.91
C ARG E 695 81.64 -24.26 -64.12
N PHE E 696 81.57 -23.45 -63.07
CA PHE E 696 80.99 -22.11 -63.13
C PHE E 696 82.05 -21.10 -62.73
N ILE E 697 82.35 -20.17 -63.64
CA ILE E 697 83.29 -19.08 -63.38
C ILE E 697 82.58 -17.77 -63.70
N GLY E 698 82.43 -16.92 -62.69
CA GLY E 698 81.78 -15.64 -62.88
C GLY E 698 82.74 -14.55 -63.31
N SER E 699 82.18 -13.36 -63.47
CA SER E 699 82.98 -12.18 -63.81
C SER E 699 83.81 -11.78 -62.60
N TYR E 700 85.14 -11.86 -62.73
CA TYR E 700 86.02 -11.50 -61.63
C TYR E 700 85.91 -10.02 -61.28
N ALA E 701 85.65 -9.18 -62.27
CA ALA E 701 85.53 -7.75 -62.03
C ALA E 701 84.34 -7.47 -61.13
N ASN E 702 84.54 -6.58 -60.15
CA ASN E 702 83.47 -6.19 -59.25
C ASN E 702 82.39 -5.37 -59.93
N LEU E 703 82.63 -4.90 -61.15
CA LEU E 703 81.66 -4.08 -61.88
C LEU E 703 80.59 -4.94 -62.55
N LYS E 704 81.01 -5.91 -63.35
CA LYS E 704 80.08 -6.77 -64.07
C LYS E 704 79.76 -8.03 -63.26
N ILE E 705 78.49 -8.39 -63.24
CA ILE E 705 78.06 -9.65 -62.64
C ILE E 705 77.70 -10.66 -63.73
N VAL E 706 78.24 -10.46 -64.93
CA VAL E 706 78.01 -11.39 -66.03
C VAL E 706 78.84 -12.64 -65.78
N ALA E 707 78.20 -13.67 -65.23
CA ALA E 707 78.90 -14.84 -64.74
C ALA E 707 78.85 -15.96 -65.78
N PHE E 708 80.02 -16.53 -66.09
CA PHE E 708 80.19 -17.38 -67.25
C PHE E 708 79.92 -18.83 -66.86
N TYR E 709 78.85 -19.40 -67.40
CA TYR E 709 78.34 -20.66 -66.95
C TYR E 709 78.59 -21.72 -68.02
N LEU E 710 78.31 -22.98 -67.65
CA LEU E 710 78.63 -24.11 -68.50
C LEU E 710 77.58 -25.19 -68.27
N ASN E 711 77.46 -26.09 -69.24
CA ASN E 711 76.50 -27.17 -69.17
C ASN E 711 77.18 -28.49 -69.55
N GLU E 712 76.55 -29.59 -69.13
CA GLU E 712 76.93 -30.90 -69.64
C GLU E 712 76.47 -31.10 -71.07
N ASP E 713 75.66 -30.18 -71.60
CA ASP E 713 75.07 -30.28 -72.92
C ASP E 713 75.80 -29.39 -73.93
N ALA E 714 77.08 -29.12 -73.68
CA ALA E 714 77.91 -28.26 -74.54
C ALA E 714 77.28 -26.88 -74.70
N GLY E 715 77.14 -26.19 -73.57
CA GLY E 715 76.57 -24.85 -73.55
C GLY E 715 77.37 -23.92 -72.66
N LEU E 716 77.36 -22.64 -73.03
CA LEU E 716 78.07 -21.60 -72.28
C LEU E 716 77.10 -20.47 -71.95
N PRO E 717 76.21 -20.68 -70.99
CA PRO E 717 75.31 -19.60 -70.58
C PRO E 717 76.03 -18.62 -69.66
N GLU E 718 75.38 -17.46 -69.46
CA GLU E 718 75.90 -16.41 -68.61
C GLU E 718 74.75 -15.67 -67.96
N ALA E 719 74.88 -15.35 -66.67
CA ALA E 719 73.79 -14.70 -65.95
C ALA E 719 74.27 -13.58 -65.04
N ASN E 720 73.38 -13.12 -64.15
CA ASN E 720 73.62 -11.99 -63.27
C ASN E 720 73.00 -12.28 -61.90
N ILE E 721 73.37 -11.46 -60.92
CA ILE E 721 72.71 -11.51 -59.62
C ILE E 721 71.29 -10.98 -59.73
N GLN E 722 71.14 -9.82 -60.36
CA GLN E 722 69.81 -9.24 -60.55
C GLN E 722 69.06 -9.88 -61.72
N LEU E 723 69.74 -10.65 -62.56
CA LEU E 723 69.11 -11.32 -63.70
C LEU E 723 69.11 -12.82 -63.51
N HIS E 724 67.94 -13.43 -63.66
CA HIS E 724 67.78 -14.86 -63.49
C HIS E 724 67.75 -15.60 -64.82
N VAL E 725 68.09 -14.92 -65.91
CA VAL E 725 68.06 -15.49 -67.25
C VAL E 725 69.47 -15.53 -67.80
N ALA E 726 69.73 -16.51 -68.67
CA ALA E 726 71.02 -16.63 -69.32
C ALA E 726 71.20 -15.50 -70.34
N PHE E 727 72.47 -15.26 -70.70
CA PHE E 727 72.81 -14.23 -71.67
C PHE E 727 72.89 -14.77 -73.09
N ILE E 728 73.77 -15.74 -73.34
CA ILE E 728 73.96 -16.32 -74.66
C ILE E 728 74.10 -17.83 -74.53
N ASN E 729 73.47 -18.56 -75.46
CA ASN E 729 73.54 -20.02 -75.48
C ASN E 729 74.75 -20.49 -76.31
N GLY E 730 75.93 -20.10 -75.86
CA GLY E 730 77.15 -20.49 -76.53
C GLY E 730 77.36 -21.99 -76.57
N ASP E 731 77.37 -22.56 -77.76
CA ASP E 731 77.47 -24.01 -77.92
C ASP E 731 78.90 -24.45 -78.21
N TRP E 737 83.57 -30.18 -72.07
CA TRP E 737 82.61 -29.65 -71.10
C TRP E 737 82.92 -30.12 -69.68
N ASP E 738 84.13 -30.64 -69.48
CA ASP E 738 84.53 -31.06 -68.14
C ASP E 738 85.24 -29.96 -67.38
N GLU E 739 86.39 -29.49 -67.89
CA GLU E 739 87.17 -28.43 -67.25
C GLU E 739 87.40 -27.35 -68.30
N GLN E 740 86.61 -26.29 -68.24
CA GLN E 740 86.68 -25.22 -69.22
C GLN E 740 86.00 -23.97 -68.69
N ASP E 741 86.11 -22.89 -69.46
CA ASP E 741 85.18 -21.77 -69.42
C ASP E 741 85.45 -20.81 -70.57
N GLN E 742 86.31 -19.83 -70.34
CA GLN E 742 86.50 -18.74 -71.29
C GLN E 742 87.93 -18.25 -71.18
N GLU E 743 88.21 -17.08 -71.77
CA GLU E 743 89.55 -16.48 -71.72
C GLU E 743 89.46 -15.13 -71.03
N PHE E 744 90.54 -14.34 -71.10
CA PHE E 744 90.58 -13.02 -70.49
C PHE E 744 89.49 -12.11 -71.06
N SER E 747 88.83 -15.29 -76.44
CA SER E 747 89.04 -15.81 -77.77
C SER E 747 89.41 -17.30 -77.72
N HIS E 748 89.71 -17.78 -76.51
CA HIS E 748 90.12 -19.15 -76.29
C HIS E 748 89.35 -19.74 -75.12
N VAL E 749 89.18 -21.07 -75.15
CA VAL E 749 88.55 -21.81 -74.06
C VAL E 749 89.32 -23.12 -73.87
N PRO E 750 90.01 -23.30 -72.74
CA PRO E 750 90.71 -24.58 -72.52
C PRO E 750 89.75 -25.60 -71.92
N VAL E 751 89.43 -26.63 -72.71
CA VAL E 751 88.52 -27.69 -72.29
C VAL E 751 89.38 -28.88 -71.89
N LEU E 752 89.01 -29.56 -70.82
CA LEU E 752 89.74 -30.77 -70.42
C LEU E 752 88.75 -31.93 -70.49
N LYS E 753 88.56 -32.45 -71.69
CA LYS E 753 87.70 -33.58 -71.95
C LYS E 753 88.52 -34.86 -71.96
N THR E 754 88.06 -35.87 -71.20
CA THR E 754 88.88 -37.02 -70.87
C THR E 754 89.49 -37.67 -72.11
N MET E 755 88.75 -37.69 -73.22
CA MET E 755 89.35 -38.14 -74.48
C MET E 755 90.41 -37.13 -74.87
N GLN E 756 91.67 -37.58 -74.84
CA GLN E 756 92.89 -36.77 -74.95
C GLN E 756 93.09 -35.98 -73.65
N SER E 757 92.11 -36.06 -72.75
CA SER E 757 92.15 -35.44 -71.43
C SER E 757 92.50 -33.96 -71.50
N GLY E 758 92.24 -33.33 -72.64
CA GLY E 758 92.45 -31.90 -72.78
C GLY E 758 92.68 -31.42 -74.20
N ILE E 759 91.96 -30.36 -74.56
CA ILE E 759 91.99 -29.71 -75.86
C ILE E 759 91.66 -28.24 -75.66
N ARG E 760 91.72 -27.45 -76.73
CA ARG E 760 91.36 -26.04 -76.62
C ARG E 760 90.46 -25.68 -77.78
N CYS E 761 89.47 -24.83 -77.51
CA CYS E 761 88.49 -24.44 -78.53
C CYS E 761 88.43 -22.92 -78.64
N PHE E 762 87.87 -22.48 -79.76
CA PHE E 762 87.76 -21.06 -80.03
C PHE E 762 86.66 -20.45 -79.18
N VAL E 763 86.57 -19.12 -79.18
CA VAL E 763 85.44 -18.43 -78.57
C VAL E 763 84.58 -17.86 -79.69
N GLN E 764 85.23 -17.33 -80.72
CA GLN E 764 84.54 -16.74 -81.85
C GLN E 764 84.10 -17.76 -82.89
N VAL E 765 84.69 -18.94 -82.91
CA VAL E 765 84.38 -19.93 -83.93
C VAL E 765 84.03 -21.31 -83.36
N LEU E 766 84.43 -21.63 -82.13
CA LEU E 766 84.13 -22.91 -81.49
C LEU E 766 84.71 -24.08 -82.28
N LYS E 767 86.03 -24.06 -82.44
CA LYS E 767 86.75 -25.15 -83.06
C LYS E 767 88.06 -25.34 -82.33
N ARG E 768 88.67 -26.52 -82.51
CA ARG E 768 89.84 -26.86 -81.73
C ARG E 768 90.99 -25.88 -81.99
N TYR E 769 91.67 -25.49 -80.92
CA TYR E 769 92.88 -24.68 -81.09
C TYR E 769 94.09 -25.56 -81.36
N TYR E 770 94.45 -26.41 -80.40
CA TYR E 770 95.70 -27.17 -80.47
C TYR E 770 95.59 -28.40 -79.60
N VAL E 771 96.54 -29.31 -79.78
CA VAL E 771 96.72 -30.48 -78.93
C VAL E 771 98.22 -30.64 -78.67
N VAL E 772 98.63 -30.56 -77.40
CA VAL E 772 100.04 -30.61 -77.04
C VAL E 772 100.32 -31.60 -75.91
N CYS E 773 99.29 -32.19 -75.32
CA CYS E 773 99.43 -33.23 -74.29
C CYS E 773 100.16 -32.71 -73.04
N THR E 774 99.54 -31.72 -72.39
CA THR E 774 99.96 -31.28 -71.07
C THR E 774 98.93 -31.61 -69.99
N SER E 775 97.82 -32.25 -70.34
CA SER E 775 96.81 -32.65 -69.36
C SER E 775 96.27 -34.04 -69.65
N ASN E 776 97.04 -34.86 -70.37
CA ASN E 776 96.55 -36.13 -70.88
C ASN E 776 96.25 -37.17 -69.79
N CYS E 777 96.68 -36.92 -68.55
CA CYS E 777 96.43 -37.83 -67.43
C CYS E 777 96.94 -39.23 -67.71
N THR E 778 97.97 -39.35 -68.55
CA THR E 778 98.50 -40.64 -68.94
C THR E 778 99.60 -41.10 -67.98
N LEU E 794 88.07 -29.80 -59.13
CA LEU E 794 89.39 -29.25 -59.45
C LEU E 794 89.25 -28.13 -60.48
N HIS E 795 88.43 -27.13 -60.14
CA HIS E 795 88.13 -26.03 -61.05
C HIS E 795 88.81 -24.72 -60.65
N VAL E 796 89.84 -24.79 -59.80
CA VAL E 796 90.51 -23.58 -59.31
C VAL E 796 91.57 -23.16 -60.32
N PHE E 797 91.73 -21.85 -60.49
CA PHE E 797 92.69 -21.26 -61.41
C PHE E 797 93.66 -20.38 -60.64
N ASN E 798 94.51 -19.68 -61.40
CA ASN E 798 95.38 -18.64 -60.86
C ASN E 798 94.66 -17.32 -60.78
N VAL E 799 95.43 -16.23 -60.67
CA VAL E 799 94.92 -14.88 -60.50
C VAL E 799 93.84 -14.55 -61.52
N GLU E 800 93.84 -15.22 -62.67
CA GLU E 800 92.85 -14.94 -63.71
C GLU E 800 92.26 -16.27 -64.18
N ASN E 801 91.31 -16.19 -65.12
CA ASN E 801 90.48 -17.31 -65.54
C ASN E 801 91.24 -18.40 -66.27
N ASP E 802 92.48 -18.15 -66.67
CA ASP E 802 93.26 -19.11 -67.43
C ASP E 802 93.83 -20.18 -66.48
N THR E 803 94.75 -21.02 -67.01
CA THR E 803 95.59 -22.08 -66.43
C THR E 803 95.12 -23.49 -66.81
N PRO E 804 93.97 -23.98 -66.30
CA PRO E 804 93.73 -25.43 -66.21
C PRO E 804 94.95 -26.33 -66.37
N LEU E 805 95.06 -26.99 -67.52
CA LEU E 805 96.20 -27.83 -67.86
C LEU E 805 96.40 -28.94 -66.82
N ALA E 806 95.40 -29.82 -66.72
CA ALA E 806 95.27 -30.72 -65.58
C ALA E 806 96.32 -31.83 -65.64
N LEU E 807 96.12 -32.85 -64.82
CA LEU E 807 97.11 -33.91 -64.60
C LEU E 807 97.58 -34.50 -65.90
N ASP E 808 98.90 -34.75 -66.00
CA ASP E 808 99.41 -35.59 -67.06
C ASP E 808 100.03 -36.87 -66.52
N VAL E 809 101.09 -36.80 -65.70
CA VAL E 809 101.52 -38.01 -65.01
C VAL E 809 101.75 -37.79 -63.52
N PHE E 810 102.87 -37.11 -63.16
CA PHE E 810 103.24 -37.03 -61.75
C PHE E 810 103.98 -35.77 -61.31
N ASP E 811 104.29 -34.81 -62.17
CA ASP E 811 105.22 -33.75 -61.78
C ASP E 811 104.72 -32.39 -62.25
N GLU E 812 104.20 -31.60 -61.31
CA GLU E 812 103.95 -30.18 -61.48
C GLU E 812 102.85 -29.88 -62.49
N ARG E 813 102.15 -28.77 -62.28
CA ARG E 813 101.01 -28.41 -63.11
C ARG E 813 100.83 -26.90 -63.04
N SER E 814 101.10 -26.20 -64.14
CA SER E 814 101.08 -24.76 -64.08
C SER E 814 100.92 -24.17 -65.48
N LYS E 815 100.25 -23.04 -65.55
CA LYS E 815 100.16 -22.22 -66.75
C LYS E 815 100.27 -20.77 -66.36
N THR E 816 100.96 -20.00 -67.21
CA THR E 816 101.16 -18.58 -66.94
C THR E 816 99.84 -17.84 -66.85
N ALA E 817 99.77 -16.91 -65.89
CA ALA E 817 98.60 -16.08 -65.70
C ALA E 817 99.03 -14.66 -65.35
N VAL E 819 98.86 -14.13 -71.21
CA VAL E 819 98.18 -14.39 -72.48
C VAL E 819 99.17 -14.89 -73.53
N LEU E 820 98.81 -16.01 -74.17
CA LEU E 820 99.65 -16.65 -75.18
C LEU E 820 101.05 -16.91 -74.63
N LEU E 821 101.11 -17.38 -73.39
CA LEU E 821 102.35 -17.58 -72.67
C LEU E 821 102.41 -18.99 -72.09
N ILE E 822 102.08 -19.98 -72.92
CA ILE E 822 101.98 -21.37 -72.44
C ILE E 822 103.38 -21.96 -72.56
N PHE E 823 104.21 -21.66 -71.54
CA PHE E 823 105.53 -22.25 -71.45
C PHE E 823 105.77 -22.56 -69.99
N LYS E 824 105.28 -23.72 -69.55
CA LYS E 824 105.42 -24.15 -68.17
C LYS E 824 105.37 -25.68 -68.14
N TYR E 825 105.87 -26.24 -67.04
CA TYR E 825 105.90 -27.69 -66.88
C TYR E 825 104.63 -28.16 -66.16
N SER E 826 103.53 -28.10 -66.92
CA SER E 826 102.24 -28.56 -66.42
C SER E 826 102.07 -30.01 -66.82
N VAL E 827 102.51 -30.91 -65.95
CA VAL E 827 102.33 -32.34 -66.21
C VAL E 827 101.49 -32.92 -65.08
N TRP E 828 102.08 -33.01 -63.89
CA TRP E 828 101.44 -33.62 -62.73
C TRP E 828 100.66 -34.89 -63.08
N PHE E 832 101.59 -42.88 -56.55
CA PHE E 832 100.55 -42.12 -55.87
C PHE E 832 99.91 -41.10 -56.81
N LEU E 833 99.21 -41.57 -57.84
CA LEU E 833 98.60 -40.69 -58.84
C LEU E 833 97.72 -39.65 -58.17
N PRO E 834 98.10 -38.39 -58.22
CA PRO E 834 97.41 -37.39 -57.41
C PRO E 834 96.15 -36.89 -58.09
N GLY E 835 95.06 -37.00 -57.34
CA GLY E 835 93.77 -36.44 -57.67
C GLY E 835 93.65 -35.15 -56.82
N LEU E 836 94.37 -35.09 -55.70
CA LEU E 836 94.42 -33.97 -54.79
C LEU E 836 95.00 -32.72 -55.46
N SER E 837 94.09 -31.95 -56.02
CA SER E 837 94.33 -30.69 -56.73
C SER E 837 93.73 -29.51 -55.97
N VAL E 838 94.58 -28.55 -55.61
CA VAL E 838 94.17 -27.25 -55.10
C VAL E 838 95.15 -26.21 -55.64
N SER E 839 94.64 -25.02 -55.97
CA SER E 839 95.49 -23.92 -56.41
C SER E 839 95.03 -22.64 -55.75
N LEU E 840 95.95 -21.67 -55.67
CA LEU E 840 95.67 -20.35 -55.12
C LEU E 840 95.78 -19.29 -56.20
N GLN E 841 95.64 -18.03 -55.78
CA GLN E 841 95.65 -16.88 -56.67
C GLN E 841 96.63 -15.82 -56.19
N SER E 842 97.56 -16.21 -55.31
CA SER E 842 98.57 -15.28 -54.78
C SER E 842 99.93 -15.83 -55.15
N GLU E 843 100.71 -15.03 -55.90
CA GLU E 843 102.04 -15.38 -56.38
C GLU E 843 102.00 -16.61 -57.28
N ALA E 844 100.79 -17.05 -57.65
CA ALA E 844 100.60 -18.27 -58.43
C ALA E 844 101.21 -19.47 -57.73
N VAL E 845 100.66 -19.80 -56.56
CA VAL E 845 101.10 -20.92 -55.75
C VAL E 845 100.13 -22.08 -55.96
N GLN E 846 100.68 -23.25 -56.25
CA GLN E 846 99.90 -24.47 -56.41
C GLN E 846 99.94 -25.31 -55.15
N LEU E 847 98.83 -25.98 -54.86
CA LEU E 847 98.61 -26.69 -53.60
C LEU E 847 98.22 -28.13 -53.88
N PRO E 848 99.23 -29.01 -53.99
CA PRO E 848 98.99 -30.44 -54.26
C PRO E 848 98.16 -31.09 -53.16
N GLU E 849 96.85 -31.00 -53.27
CA GLU E 849 95.95 -31.58 -52.28
C GLU E 849 96.26 -33.06 -52.05
N ILE E 853 97.87 -39.45 -52.06
CA ILE E 853 97.38 -38.68 -50.92
C ILE E 853 98.48 -37.69 -50.53
N THR E 854 99.65 -37.87 -51.12
CA THR E 854 100.79 -37.02 -50.83
C THR E 854 100.51 -35.59 -51.26
N CYS E 855 101.07 -34.64 -50.51
CA CYS E 855 100.86 -33.22 -50.74
C CYS E 855 102.21 -32.51 -50.82
N GLY E 856 102.81 -32.53 -52.00
CA GLY E 856 104.08 -31.88 -52.23
C GLY E 856 103.93 -30.41 -52.60
N LYS E 857 103.66 -29.57 -51.59
CA LYS E 857 103.38 -28.16 -51.86
C LYS E 857 104.55 -27.50 -52.58
N ARG E 858 104.22 -26.67 -53.57
CA ARG E 858 105.20 -26.00 -54.39
C ARG E 858 104.79 -24.55 -54.61
N SER E 859 105.73 -23.78 -55.16
CA SER E 859 105.45 -22.43 -55.64
C SER E 859 105.88 -22.36 -57.10
N THR E 860 104.94 -22.00 -57.97
CA THR E 860 105.29 -21.85 -59.36
C THR E 860 106.21 -20.64 -59.56
N ASP E 861 106.98 -20.69 -60.63
CA ASP E 861 107.89 -19.62 -61.00
C ASP E 861 108.89 -19.32 -59.89
N ARG E 863 108.20 -23.11 -59.44
CA ARG E 863 107.98 -24.49 -59.84
C ARG E 863 108.94 -25.38 -59.08
N TYR E 864 108.72 -25.51 -57.78
CA TYR E 864 109.68 -26.18 -56.92
C TYR E 864 109.01 -26.50 -55.59
N LEU E 865 109.36 -27.65 -55.02
CA LEU E 865 108.71 -28.17 -53.83
C LEU E 865 108.98 -27.23 -52.66
N LEU E 866 107.98 -26.43 -52.31
CA LEU E 866 108.08 -25.61 -51.10
C LEU E 866 108.19 -26.50 -49.87
N LEU E 867 107.14 -27.27 -49.59
CA LEU E 867 107.09 -28.18 -48.47
C LEU E 867 106.24 -29.38 -48.87
N GLY E 868 106.23 -30.39 -48.00
CA GLY E 868 105.33 -31.50 -48.18
C GLY E 868 104.49 -31.69 -46.93
N THR E 869 103.20 -31.44 -47.03
CA THR E 869 102.30 -31.56 -45.89
C THR E 869 101.64 -32.93 -45.93
N SER E 870 102.22 -33.88 -45.19
CA SER E 870 101.71 -35.24 -45.11
C SER E 870 100.47 -35.33 -44.23
N GLU E 871 100.37 -34.41 -43.26
CA GLU E 871 99.28 -34.26 -42.28
C GLU E 871 98.25 -35.39 -42.10
N GLY E 872 98.74 -36.62 -42.00
CA GLY E 872 97.89 -37.79 -41.84
C GLY E 872 97.23 -38.22 -43.13
N LEU E 873 98.01 -38.79 -44.06
CA LEU E 873 97.53 -39.05 -45.41
C LEU E 873 96.36 -40.02 -45.43
N ILE E 874 95.16 -39.50 -45.65
CA ILE E 874 93.96 -40.32 -45.80
C ILE E 874 93.09 -39.82 -46.94
N VAL E 875 93.27 -40.41 -48.13
CA VAL E 875 92.44 -40.14 -49.30
C VAL E 875 92.47 -38.67 -49.66
N TYR E 876 92.00 -37.82 -48.74
CA TYR E 876 91.98 -36.36 -48.87
C TYR E 876 90.93 -35.88 -49.86
N ASP E 877 90.26 -34.78 -49.54
CA ASP E 877 89.21 -34.22 -50.38
C ASP E 877 89.56 -32.82 -50.86
N LEU E 878 89.83 -31.88 -49.95
CA LEU E 878 90.27 -30.54 -50.29
C LEU E 878 91.23 -30.03 -49.23
N LYS E 879 92.12 -29.13 -49.66
CA LYS E 879 93.07 -28.46 -48.77
C LYS E 879 93.31 -27.07 -49.35
N ILE E 880 92.53 -26.11 -48.88
CA ILE E 880 92.50 -24.76 -49.46
C ILE E 880 93.06 -23.77 -48.44
N SER E 881 93.80 -22.79 -48.94
CA SER E 881 94.35 -21.73 -48.10
C SER E 881 93.45 -20.50 -48.15
N ASP E 882 93.79 -19.53 -47.32
CA ASP E 882 93.01 -18.31 -47.19
C ASP E 882 93.37 -17.32 -48.28
N PRO E 883 92.54 -16.30 -48.49
CA PRO E 883 92.87 -15.29 -49.51
C PRO E 883 94.22 -14.62 -49.32
N VAL E 884 94.49 -14.10 -48.12
CA VAL E 884 95.65 -13.22 -47.97
C VAL E 884 96.92 -14.02 -47.72
N LEU E 885 97.03 -14.63 -46.55
CA LEU E 885 98.29 -15.27 -46.16
C LEU E 885 98.18 -15.99 -44.83
N ARG E 886 99.31 -16.52 -44.37
CA ARG E 886 99.56 -16.90 -42.99
C ARG E 886 98.43 -17.74 -42.40
N SER E 887 97.69 -18.45 -43.25
CA SER E 887 96.61 -19.32 -42.80
C SER E 887 96.11 -20.16 -43.95
N ASN E 888 95.61 -21.35 -43.61
CA ASN E 888 95.16 -22.35 -44.58
C ASN E 888 94.44 -23.46 -43.83
N VAL E 889 93.72 -24.30 -44.59
CA VAL E 889 92.94 -25.39 -44.01
C VAL E 889 93.10 -26.63 -44.88
N SER E 890 92.73 -27.77 -44.31
CA SER E 890 92.82 -29.07 -44.96
C SER E 890 91.67 -29.94 -44.47
N GLU E 891 90.77 -30.33 -45.39
CA GLU E 891 89.61 -31.14 -45.04
C GLU E 891 89.77 -32.53 -45.62
N HIS E 892 89.40 -33.55 -44.85
CA HIS E 892 89.68 -34.94 -45.20
C HIS E 892 88.45 -35.81 -44.98
N ILE E 893 88.58 -37.07 -45.37
CA ILE E 893 87.43 -37.99 -45.41
C ILE E 893 86.91 -38.35 -44.03
N GLU E 894 87.73 -38.25 -42.98
CA GLU E 894 87.22 -38.47 -41.64
C GLU E 894 86.27 -37.38 -41.19
N CYS E 895 86.04 -36.36 -42.04
CA CYS E 895 85.10 -35.29 -41.74
C CYS E 895 85.53 -34.53 -40.50
N VAL E 896 86.83 -34.23 -40.43
CA VAL E 896 87.42 -33.39 -39.40
C VAL E 896 88.46 -32.48 -40.05
N ASP E 897 88.12 -31.21 -40.24
CA ASP E 897 89.05 -30.29 -40.86
C ASP E 897 90.21 -29.97 -39.93
N ILE E 898 91.34 -29.58 -40.51
CA ILE E 898 92.52 -29.14 -39.77
C ILE E 898 92.93 -27.79 -40.35
N TYR E 899 92.87 -26.76 -39.52
CA TYR E 899 93.29 -25.41 -39.91
C TYR E 899 94.64 -25.10 -39.29
N GLU E 900 95.56 -24.59 -40.10
CA GLU E 900 96.88 -24.22 -39.63
C GLU E 900 97.31 -22.92 -40.29
N LEU E 901 98.00 -22.06 -39.54
CA LEU E 901 98.54 -20.84 -40.12
C LEU E 901 99.66 -21.19 -41.11
N PHE E 902 99.69 -20.45 -42.23
CA PHE E 902 100.65 -20.74 -43.29
C PHE E 902 102.09 -20.70 -42.83
N ASP E 903 102.47 -19.66 -42.08
CA ASP E 903 103.86 -19.55 -41.68
C ASP E 903 104.25 -20.71 -40.75
N PRO E 904 103.53 -20.97 -39.62
CA PRO E 904 103.82 -22.15 -38.79
C PRO E 904 102.95 -23.37 -39.13
N VAL E 905 102.95 -23.78 -40.39
CA VAL E 905 102.26 -25.01 -40.75
C VAL E 905 102.90 -26.20 -40.05
N TYR E 906 104.23 -26.30 -40.15
CA TYR E 906 104.97 -27.37 -39.49
C TYR E 906 106.01 -26.83 -38.53
N LYS E 907 105.99 -25.53 -38.25
CA LYS E 907 106.75 -25.00 -37.13
C LYS E 907 106.24 -25.59 -35.83
N TYR E 908 104.98 -26.03 -35.80
CA TYR E 908 104.49 -26.87 -34.74
C TYR E 908 105.32 -28.16 -34.69
N ILE E 909 105.57 -28.65 -33.47
CA ILE E 909 106.53 -29.72 -33.24
C ILE E 909 106.27 -30.92 -34.15
N VAL E 910 107.28 -31.29 -34.92
CA VAL E 910 107.23 -32.42 -35.84
C VAL E 910 108.60 -33.10 -35.81
N LEU E 911 108.66 -34.29 -35.24
CA LEU E 911 109.88 -35.10 -35.22
C LEU E 911 109.52 -36.43 -35.87
N CYS E 912 109.60 -36.48 -37.20
CA CYS E 912 109.11 -37.61 -37.98
C CYS E 912 110.21 -38.17 -38.86
N GLY E 913 110.05 -39.44 -39.22
CA GLY E 913 111.00 -40.12 -40.08
C GLY E 913 110.35 -41.31 -40.75
N ALA E 914 111.04 -41.83 -41.77
CA ALA E 914 110.49 -42.93 -42.54
C ALA E 914 110.30 -44.17 -41.68
N LYS E 915 109.32 -45.00 -42.06
CA LYS E 915 108.99 -46.19 -41.28
C LYS E 915 110.15 -47.16 -41.23
N GLY E 916 110.83 -47.36 -42.37
CA GLY E 916 111.93 -48.31 -42.42
C GLY E 916 113.06 -47.91 -41.50
N LYS E 917 113.19 -48.62 -40.38
CA LYS E 917 114.15 -48.28 -39.35
C LYS E 917 114.81 -49.55 -38.83
N GLN E 918 116.08 -49.44 -38.46
CA GLN E 918 116.80 -50.50 -37.78
C GLN E 918 117.40 -49.96 -36.49
N VAL E 919 117.07 -50.60 -35.37
CA VAL E 919 117.51 -50.18 -34.06
C VAL E 919 118.39 -51.27 -33.46
N VAL E 920 119.60 -50.89 -33.06
CA VAL E 920 120.46 -51.75 -32.25
C VAL E 920 120.74 -51.00 -30.95
N HIS E 921 120.51 -51.68 -29.84
CA HIS E 921 120.64 -51.06 -28.53
C HIS E 921 122.12 -50.96 -28.19
N VAL E 922 122.71 -49.81 -28.50
CA VAL E 922 124.13 -49.59 -28.30
C VAL E 922 124.43 -49.39 -26.82
N LEU E 925 123.41 -45.66 -25.66
CA LEU E 925 122.00 -45.31 -25.81
C LEU E 925 121.34 -46.14 -26.89
N ARG E 926 120.87 -45.48 -27.94
CA ARG E 926 120.20 -46.15 -29.05
C ARG E 926 120.53 -45.38 -30.33
N SER E 927 121.56 -45.82 -31.03
CA SER E 927 121.97 -45.19 -32.28
C SER E 927 120.98 -45.64 -33.35
N VAL E 928 120.14 -44.73 -33.82
CA VAL E 928 119.04 -45.07 -34.70
C VAL E 928 119.33 -44.55 -36.08
N SER E 929 119.31 -45.44 -37.08
CA SER E 929 119.56 -45.10 -38.47
C SER E 929 118.34 -45.44 -39.30
N GLY E 930 117.99 -44.55 -40.21
CA GLY E 930 116.81 -44.78 -41.05
C GLY E 930 116.78 -43.87 -42.25
N SER E 931 116.03 -44.31 -43.26
CA SER E 931 115.89 -43.55 -44.49
C SER E 931 115.10 -42.26 -44.25
N ASN E 932 115.30 -41.30 -45.14
CA ASN E 932 114.58 -40.03 -45.06
C ASN E 932 113.21 -40.18 -45.68
N SER E 933 112.21 -39.59 -45.02
CA SER E 933 110.84 -39.64 -45.52
C SER E 933 110.62 -38.61 -46.62
N ARG E 937 119.27 -40.40 -45.66
CA ARG E 937 119.25 -41.15 -44.42
C ARG E 937 119.66 -40.30 -43.21
N GLU E 938 119.54 -40.88 -42.02
CA GLU E 938 119.84 -40.17 -40.80
C GLU E 938 120.26 -41.15 -39.72
N ILE E 939 121.29 -40.78 -38.97
CA ILE E 939 121.70 -41.50 -37.76
C ILE E 939 121.62 -40.53 -36.59
N ALA E 940 120.91 -40.93 -35.54
CA ALA E 940 120.56 -39.95 -34.52
C ALA E 940 120.29 -40.67 -33.19
N TRP E 941 119.99 -39.86 -32.18
CA TRP E 941 119.70 -40.28 -30.82
C TRP E 941 118.54 -39.44 -30.28
N VAL E 942 117.51 -40.11 -29.78
CA VAL E 942 116.31 -39.41 -29.31
C VAL E 942 116.55 -38.81 -27.93
N HIS E 943 115.59 -38.02 -27.44
CA HIS E 943 115.71 -37.22 -26.23
C HIS E 943 116.34 -37.98 -25.06
N ASP E 946 121.53 -35.14 -30.88
CA ASP E 946 122.55 -35.72 -31.74
C ASP E 946 121.94 -36.30 -33.01
N GLU E 947 121.74 -35.44 -34.01
CA GLU E 947 121.13 -35.81 -35.27
C GLU E 947 122.15 -35.61 -36.38
N ILE E 948 122.31 -36.63 -37.25
CA ILE E 948 123.29 -36.61 -38.32
C ILE E 948 122.58 -36.98 -39.61
N SER E 949 122.44 -36.01 -40.50
CA SER E 949 121.71 -36.22 -41.75
C SER E 949 122.67 -36.76 -42.80
N VAL E 950 122.70 -38.08 -42.93
CA VAL E 950 123.54 -38.73 -43.93
C VAL E 950 122.68 -38.97 -45.17
N MET E 951 122.58 -37.96 -46.02
CA MET E 951 121.69 -38.05 -47.18
C MET E 951 122.19 -39.10 -48.17
N THR E 952 121.23 -39.72 -48.84
CA THR E 952 121.54 -40.76 -49.83
C THR E 952 120.75 -40.50 -51.11
N CYS E 955 115.38 -44.54 -51.58
CA CYS E 955 115.57 -44.99 -50.20
C CYS E 955 114.54 -46.05 -49.83
N LEU E 956 115.01 -47.27 -49.56
CA LEU E 956 114.13 -48.39 -49.27
C LEU E 956 114.26 -48.90 -47.84
N GLU E 957 115.45 -49.32 -47.42
CA GLU E 957 115.60 -49.97 -46.13
C GLU E 957 116.94 -49.65 -45.51
N PRO E 958 117.01 -49.46 -44.19
CA PRO E 958 118.31 -49.35 -43.51
C PRO E 958 118.81 -50.70 -43.02
N ASN E 959 120.02 -50.74 -42.48
CA ASN E 959 120.54 -51.98 -41.89
C ASN E 959 121.56 -51.63 -40.82
N VAL E 960 121.81 -52.60 -39.94
CA VAL E 960 122.93 -52.56 -39.03
C VAL E 960 123.70 -53.86 -39.19
N TYR E 961 125.00 -53.74 -39.46
CA TYR E 961 125.86 -54.90 -39.60
C TYR E 961 126.34 -55.44 -38.26
N LEU E 962 125.95 -54.79 -37.16
CA LEU E 962 126.27 -55.24 -35.80
C LEU E 962 127.79 -55.22 -35.56
N MET E 966 126.45 -47.85 -39.70
CA MET E 966 126.89 -49.09 -40.31
C MET E 966 125.72 -49.64 -41.13
N ASP E 967 125.28 -48.86 -42.10
CA ASP E 967 124.05 -49.15 -42.82
C ASP E 967 124.35 -49.71 -44.22
N MET E 968 123.27 -50.05 -44.92
CA MET E 968 123.30 -50.54 -46.29
C MET E 968 122.21 -49.82 -47.08
N THR E 969 122.47 -49.60 -48.37
CA THR E 969 121.58 -48.81 -49.20
C THR E 969 120.98 -49.68 -50.31
N ARG E 970 119.66 -49.60 -50.44
CA ARG E 970 118.92 -50.22 -51.54
C ARG E 970 117.94 -49.20 -52.10
N GLU E 971 118.46 -48.02 -52.44
CA GLU E 971 117.65 -46.82 -52.58
C GLU E 971 116.35 -47.05 -53.33
N ARG E 972 116.46 -47.40 -54.61
CA ARG E 972 115.30 -47.63 -55.47
C ARG E 972 115.71 -48.50 -56.65
N LEU E 975 119.77 -50.67 -56.37
CA LEU E 975 121.21 -50.58 -56.16
C LEU E 975 121.59 -50.97 -54.74
N LEU E 976 122.85 -51.35 -54.54
CA LEU E 976 123.36 -51.66 -53.22
C LEU E 976 124.72 -51.01 -53.03
N ALA E 977 124.97 -50.54 -51.80
CA ALA E 977 126.26 -49.95 -51.45
C ALA E 977 126.58 -50.33 -50.01
N VAL E 978 127.66 -51.08 -49.83
CA VAL E 978 128.13 -51.45 -48.50
C VAL E 978 128.64 -50.20 -47.81
N ASP E 979 128.03 -49.86 -46.66
CA ASP E 979 128.39 -48.66 -45.93
C ASP E 979 128.76 -49.01 -44.50
N SER E 980 129.36 -48.03 -43.82
CA SER E 980 129.88 -48.24 -42.48
C SER E 980 129.67 -46.99 -41.64
N LYS E 981 129.80 -47.17 -40.33
CA LYS E 981 129.70 -46.05 -39.40
C LYS E 981 130.78 -45.01 -39.68
N GLU E 982 132.00 -45.47 -39.94
CA GLU E 982 133.11 -44.56 -40.21
C GLU E 982 132.87 -43.74 -41.47
N ARG E 983 132.34 -44.37 -42.52
CA ARG E 983 132.13 -43.67 -43.78
C ARG E 983 130.79 -42.96 -43.79
N LEU E 986 133.52 -42.88 -48.88
CA LEU E 986 134.06 -44.23 -48.78
C LEU E 986 132.91 -45.20 -49.00
N ILE E 987 131.75 -44.66 -49.40
CA ILE E 987 130.59 -45.48 -49.73
C ILE E 987 131.00 -46.50 -50.78
N LYS E 988 130.91 -47.78 -50.42
CA LYS E 988 131.35 -48.86 -51.31
C LYS E 988 130.13 -49.45 -51.98
N PRO E 989 129.90 -49.17 -53.28
CA PRO E 989 128.72 -49.72 -53.95
C PRO E 989 128.83 -51.23 -54.10
N ALA E 990 127.87 -51.95 -53.53
CA ALA E 990 127.83 -53.40 -53.61
C ALA E 990 127.21 -53.82 -54.93
N ILE E 991 127.94 -54.63 -55.69
CA ILE E 991 127.49 -55.06 -57.01
C ILE E 991 127.07 -56.53 -56.98
N SER E 998 113.25 -57.96 -49.87
CA SER E 998 112.82 -58.44 -48.57
C SER E 998 113.82 -58.06 -47.49
N THR E 999 113.94 -56.76 -47.22
CA THR E 999 114.83 -56.18 -46.20
C THR E 999 116.36 -56.39 -46.37
N ILE E 1000 117.11 -55.84 -45.42
CA ILE E 1000 118.57 -55.91 -45.42
C ILE E 1000 119.02 -56.44 -44.06
N THR E 1001 119.80 -57.52 -44.07
CA THR E 1001 120.28 -58.14 -42.85
C THR E 1001 121.77 -58.40 -42.95
N PRO E 1002 122.48 -58.38 -41.83
CA PRO E 1002 123.92 -58.64 -41.84
C PRO E 1002 124.21 -60.14 -41.85
N THR E 1003 125.50 -60.46 -41.90
CA THR E 1003 125.93 -61.85 -41.79
C THR E 1003 125.74 -62.37 -40.37
N HIS E 1004 126.39 -61.73 -39.40
CA HIS E 1004 126.30 -62.16 -38.01
C HIS E 1004 126.61 -61.00 -37.07
N CYS E 1009 126.36 -58.73 -44.85
CA CYS E 1009 125.93 -58.00 -46.04
C CYS E 1009 125.13 -58.91 -46.96
N LYS E 1010 124.18 -59.65 -46.39
CA LYS E 1010 123.32 -60.56 -47.13
C LYS E 1010 122.00 -59.84 -47.41
N ILE E 1011 121.85 -59.34 -48.64
CA ILE E 1011 120.74 -58.48 -49.01
C ILE E 1011 119.94 -59.18 -50.11
N ASN E 1012 118.62 -59.06 -50.02
CA ASN E 1012 117.70 -59.67 -50.98
C ASN E 1012 117.03 -58.59 -51.82
N ALA E 1013 116.07 -59.01 -52.62
CA ALA E 1013 115.37 -58.12 -53.54
C ALA E 1013 113.92 -58.59 -53.64
N ILE E 1014 113.23 -58.15 -54.70
CA ILE E 1014 111.84 -58.50 -54.91
C ILE E 1014 111.82 -59.78 -55.73
N SER E 1015 112.95 -60.48 -55.75
CA SER E 1015 113.09 -61.77 -56.40
C SER E 1015 113.77 -62.73 -55.43
N ALA E 1016 114.08 -63.93 -55.91
CA ALA E 1016 114.83 -64.91 -55.12
C ALA E 1016 116.33 -64.77 -55.27
N PHE E 1017 116.80 -63.83 -56.08
CA PHE E 1017 118.23 -63.59 -56.22
C PHE E 1017 118.78 -63.03 -54.91
N ASN E 1018 119.50 -63.86 -54.18
CA ASN E 1018 120.09 -63.46 -52.91
C ASN E 1018 121.59 -63.70 -52.97
N ASP E 1019 122.35 -62.71 -52.53
CA ASP E 1019 123.80 -62.74 -52.64
C ASP E 1019 124.39 -62.62 -51.24
N GLU E 1020 125.40 -63.44 -50.94
CA GLU E 1020 126.08 -63.30 -49.66
C GLU E 1020 126.85 -61.99 -49.59
N GLN E 1021 127.39 -61.53 -50.74
CA GLN E 1021 128.06 -60.24 -50.87
C GLN E 1021 129.03 -59.98 -49.72
N ILE E 1022 130.00 -60.87 -49.58
CA ILE E 1022 131.01 -60.72 -48.52
C ILE E 1022 131.92 -59.57 -48.94
N PHE E 1023 131.67 -58.40 -48.38
CA PHE E 1023 132.37 -57.18 -48.77
C PHE E 1023 133.35 -56.74 -47.68
N VAL E 1027 133.60 -61.41 -51.51
CA VAL E 1027 133.14 -62.61 -52.21
C VAL E 1027 131.64 -62.52 -52.44
N ASP E 1028 131.24 -62.53 -53.72
CA ASP E 1028 129.85 -62.44 -54.11
C ASP E 1028 129.38 -63.84 -54.49
N GLY E 1029 128.83 -64.57 -53.52
CA GLY E 1029 128.26 -65.87 -53.78
C GLY E 1029 126.77 -65.77 -54.02
N VAL E 1030 126.37 -65.92 -55.28
CA VAL E 1030 124.97 -65.73 -55.68
C VAL E 1030 124.19 -66.95 -55.23
N ILE E 1031 123.54 -66.86 -54.06
CA ILE E 1031 122.72 -67.95 -53.54
C ILE E 1031 121.30 -67.66 -54.01
N ILE E 1032 121.00 -68.11 -55.23
CA ILE E 1032 119.64 -67.98 -55.74
C ILE E 1032 118.75 -68.97 -55.00
N ASP E 1033 117.77 -68.46 -54.27
CA ASP E 1033 116.88 -69.31 -53.50
C ASP E 1033 115.78 -69.92 -54.36
N VAL E 1034 115.53 -69.32 -55.53
CA VAL E 1034 114.50 -69.77 -56.47
C VAL E 1034 113.18 -70.11 -55.79
N HIS E 1036 110.96 -67.92 -56.01
CA HIS E 1036 110.46 -66.75 -56.70
C HIS E 1036 110.97 -65.47 -56.09
N ASP E 1037 110.39 -65.09 -54.96
CA ASP E 1037 110.79 -63.90 -54.24
C ASP E 1037 111.18 -64.30 -52.82
N THR E 1038 111.84 -63.38 -52.13
CA THR E 1038 112.20 -63.58 -50.73
C THR E 1038 111.41 -62.62 -49.86
N ALA E 1039 110.86 -63.15 -48.77
CA ALA E 1039 110.01 -62.37 -47.87
C ALA E 1039 110.76 -61.87 -46.64
N LEU E 1040 111.39 -62.76 -45.89
CA LEU E 1040 112.07 -62.36 -44.67
C LEU E 1040 113.34 -63.17 -44.47
N PRO E 1041 114.49 -62.52 -44.34
CA PRO E 1041 115.72 -63.24 -44.02
C PRO E 1041 115.98 -63.29 -42.52
N GLN E 1042 116.53 -64.43 -42.09
CA GLN E 1042 116.87 -64.64 -40.69
C GLN E 1042 118.25 -65.29 -40.64
N GLN E 1043 118.64 -65.75 -39.45
CA GLN E 1043 119.92 -66.41 -39.24
C GLN E 1043 119.72 -67.65 -38.39
N PHE E 1044 120.64 -68.60 -38.55
CA PHE E 1044 120.58 -69.87 -37.81
C PHE E 1044 121.72 -69.97 -36.82
N GLU E 1047 128.50 -70.49 -41.23
CA GLU E 1047 127.62 -69.34 -41.07
C GLU E 1047 126.23 -69.62 -41.59
N PRO E 1048 125.47 -70.46 -40.89
CA PRO E 1048 124.12 -70.78 -41.34
C PRO E 1048 123.21 -69.56 -41.26
N ILE E 1049 122.28 -69.47 -42.22
CA ILE E 1049 121.36 -68.35 -42.35
C ILE E 1049 119.98 -68.89 -42.71
N ASP E 1050 119.01 -67.98 -42.78
CA ASP E 1050 117.64 -68.32 -43.16
C ASP E 1050 117.13 -67.31 -44.18
N TYR E 1051 116.19 -67.77 -45.00
CA TYR E 1051 115.55 -66.91 -46.01
C TYR E 1051 114.11 -67.41 -46.18
N LEU E 1052 113.17 -66.73 -45.53
CA LEU E 1052 111.77 -67.03 -45.75
C LEU E 1052 111.33 -66.45 -47.08
N LYS E 1053 110.89 -67.31 -47.98
CA LYS E 1053 110.48 -66.92 -49.31
C LYS E 1053 108.95 -66.89 -49.40
N GLN E 1054 108.46 -66.48 -50.56
CA GLN E 1054 107.04 -66.46 -50.85
C GLN E 1054 106.54 -67.80 -51.36
N VAL E 1055 107.45 -68.73 -51.66
CA VAL E 1055 107.06 -70.08 -52.07
C VAL E 1055 106.76 -70.96 -50.87
N SER E 1056 107.77 -71.10 -49.98
CA SER E 1056 107.79 -71.89 -48.75
C SER E 1056 109.21 -72.29 -48.32
N PRO E 1057 110.13 -72.62 -49.22
CA PRO E 1057 111.46 -73.02 -48.76
C PRO E 1057 112.14 -71.94 -47.93
N ASN E 1058 112.81 -72.38 -46.87
CA ASN E 1058 113.56 -71.52 -45.96
C ASN E 1058 115.04 -71.94 -45.93
N ILE E 1059 115.62 -72.12 -47.10
CA ILE E 1059 116.87 -72.87 -47.29
C ILE E 1059 117.99 -72.35 -46.38
N LEU E 1060 118.51 -73.24 -45.54
CA LEU E 1060 119.59 -72.93 -44.61
C LEU E 1060 120.92 -73.10 -45.34
N VAL E 1061 121.41 -72.03 -45.95
CA VAL E 1061 122.62 -72.05 -46.76
C VAL E 1061 123.81 -71.77 -45.88
N ALA E 1062 124.93 -72.47 -46.14
CA ALA E 1062 126.17 -72.27 -45.41
C ALA E 1062 127.13 -71.49 -46.31
N SER E 1063 127.44 -70.26 -45.91
CA SER E 1063 128.32 -69.41 -46.70
C SER E 1063 129.79 -69.70 -46.41
N ALA E 1067 125.16 -73.92 -49.70
CA ALA E 1067 125.10 -75.18 -48.96
C ALA E 1067 123.85 -75.26 -48.10
N GLN E 1068 122.73 -75.59 -48.73
CA GLN E 1068 121.45 -75.69 -48.04
C GLN E 1068 121.46 -76.94 -47.15
N LYS E 1069 121.10 -76.76 -45.88
CA LYS E 1069 121.33 -77.81 -44.87
C LYS E 1069 120.13 -78.72 -44.68
N THR E 1070 119.03 -78.17 -44.16
CA THR E 1070 117.86 -78.95 -43.76
C THR E 1070 116.65 -78.03 -43.76
N VAL E 1071 115.66 -78.32 -44.62
CA VAL E 1071 114.51 -77.45 -44.79
C VAL E 1071 113.26 -78.28 -45.00
N ILE E 1072 112.11 -77.61 -44.93
CA ILE E 1072 110.80 -78.22 -45.13
C ILE E 1072 109.89 -77.21 -45.82
N PHE E 1073 108.99 -77.73 -46.65
CA PHE E 1073 108.01 -76.90 -47.34
C PHE E 1073 106.78 -76.69 -46.45
N GLN E 1074 106.23 -75.48 -46.50
CA GLN E 1074 105.05 -75.16 -45.71
C GLN E 1074 103.84 -74.79 -46.56
N LEU E 1075 103.96 -73.83 -47.49
CA LEU E 1075 102.79 -73.37 -48.21
C LEU E 1075 103.05 -73.22 -49.71
N GLU E 1076 102.12 -72.59 -50.40
CA GLU E 1076 102.24 -72.29 -51.82
C GLU E 1076 103.07 -71.02 -52.03
N LEU E 1081 106.91 -65.74 -40.87
CA LEU E 1081 108.14 -65.52 -40.11
C LEU E 1081 108.53 -66.77 -39.36
N GLN E 1082 109.85 -67.01 -39.23
CA GLN E 1082 110.39 -68.23 -38.63
C GLN E 1082 111.26 -67.85 -37.44
N PRO E 1083 110.68 -67.71 -36.25
CA PRO E 1083 111.49 -67.43 -35.06
C PRO E 1083 112.18 -68.70 -34.58
N ASN E 1084 113.47 -68.60 -34.30
CA ASN E 1084 114.24 -69.75 -33.85
C ASN E 1084 113.73 -70.26 -32.52
N ASP E 1085 113.17 -71.47 -32.52
CA ASP E 1085 112.59 -72.06 -31.32
C ASP E 1085 113.65 -72.38 -30.28
N LEU E 1089 118.81 -76.89 -32.79
CA LEU E 1089 118.20 -75.71 -33.39
C LEU E 1089 117.51 -76.07 -34.71
N MET E 1090 117.45 -77.35 -35.02
CA MET E 1090 116.91 -77.84 -36.28
C MET E 1090 115.39 -77.76 -36.35
N MET E 1091 114.74 -77.08 -35.40
CA MET E 1091 113.28 -76.99 -35.33
C MET E 1091 112.87 -75.52 -35.43
N ASP E 1092 112.25 -75.15 -36.56
CA ASP E 1092 111.72 -73.81 -36.74
C ASP E 1092 110.65 -73.86 -37.82
N VAL E 1093 109.60 -73.05 -37.64
CA VAL E 1093 108.47 -73.02 -38.54
C VAL E 1093 108.10 -71.57 -38.86
N SER E 1094 107.33 -71.41 -39.94
CA SER E 1094 106.79 -70.13 -40.34
C SER E 1094 105.30 -70.07 -40.00
N THR E 1095 104.67 -68.97 -40.40
CA THR E 1095 103.24 -68.77 -40.21
C THR E 1095 102.66 -68.10 -41.45
N LYS E 1096 101.64 -68.71 -42.03
CA LYS E 1096 100.99 -68.16 -43.21
C LYS E 1096 99.48 -68.43 -43.18
N SER E 1099 98.90 -72.05 -41.59
CA SER E 1099 98.71 -71.84 -40.16
C SER E 1099 99.47 -72.86 -39.34
N LEU E 1100 100.59 -72.44 -38.76
CA LEU E 1100 101.49 -73.35 -38.05
C LEU E 1100 102.00 -72.67 -36.79
N GLN E 1101 102.49 -73.48 -35.85
CA GLN E 1101 103.08 -72.93 -34.63
C GLN E 1101 104.38 -73.60 -34.18
N GLU E 1102 104.65 -74.85 -34.51
CA GLU E 1102 105.95 -75.46 -34.20
C GLU E 1102 106.12 -76.71 -35.04
N GLY E 1103 107.37 -77.16 -35.14
CA GLY E 1103 107.67 -78.37 -35.87
C GLY E 1103 109.10 -78.38 -36.36
N GLN E 1104 109.65 -79.58 -36.49
CA GLN E 1104 111.02 -79.74 -36.94
C GLN E 1104 111.10 -79.67 -38.46
N ASP E 1111 106.00 -80.96 -36.67
CA ASP E 1111 105.62 -81.69 -35.46
C ASP E 1111 104.12 -81.55 -35.21
N HIS E 1112 103.70 -80.39 -34.72
CA HIS E 1112 102.29 -80.13 -34.44
C HIS E 1112 101.90 -78.76 -34.99
N GLY E 1113 100.84 -78.73 -35.78
CA GLY E 1113 100.36 -77.49 -36.38
C GLY E 1113 99.02 -77.06 -35.81
N VAL E 1114 98.79 -75.75 -35.84
CA VAL E 1114 97.56 -75.16 -35.32
C VAL E 1114 96.98 -74.22 -36.38
N CYS E 1115 95.72 -74.46 -36.72
CA CYS E 1115 94.97 -73.63 -37.66
C CYS E 1115 93.70 -73.12 -37.01
N HIS E 1116 93.77 -72.87 -35.69
CA HIS E 1116 92.58 -72.47 -34.94
C HIS E 1116 92.05 -71.11 -35.41
N LEU E 1117 92.91 -70.27 -35.96
CA LEU E 1117 92.49 -68.95 -36.38
C LEU E 1117 91.61 -69.02 -37.62
N ASP E 1118 90.77 -68.00 -37.77
CA ASP E 1118 89.80 -67.94 -38.86
C ASP E 1118 90.27 -66.99 -39.95
N ALA E 1120 94.49 -64.95 -41.20
CA ALA E 1120 95.47 -66.02 -41.23
C ALA E 1120 96.56 -65.80 -40.19
N ASN E 1121 97.76 -66.27 -40.47
CA ASN E 1121 98.90 -66.12 -39.56
C ASN E 1121 100.01 -65.32 -40.24
N PRO E 1122 100.16 -64.04 -39.92
CA PRO E 1122 101.24 -63.26 -40.53
C PRO E 1122 102.62 -63.47 -39.89
N SER E 1123 102.66 -63.74 -38.58
CA SER E 1123 103.92 -63.75 -37.85
C SER E 1123 103.90 -64.87 -36.81
N ALA E 1124 105.04 -65.04 -36.14
CA ALA E 1124 105.21 -66.07 -35.12
C ALA E 1124 106.25 -65.63 -34.11
N PHE E 1125 106.21 -66.27 -32.94
CA PHE E 1125 107.17 -66.00 -31.87
C PHE E 1125 107.28 -67.26 -31.02
N VAL E 1126 108.38 -67.36 -30.30
CA VAL E 1126 108.67 -68.53 -29.47
C VAL E 1126 108.62 -68.10 -28.01
N LYS E 1127 107.86 -68.84 -27.21
CA LYS E 1127 107.80 -68.57 -25.77
C LYS E 1127 109.18 -68.75 -25.15
N PRO E 1128 109.65 -67.79 -24.35
CA PRO E 1128 110.98 -67.85 -23.73
C PRO E 1128 111.09 -68.95 -22.68
N GLU E 1132 104.96 -74.50 -26.57
CA GLU E 1132 104.24 -73.23 -26.55
C GLU E 1132 104.90 -72.18 -27.42
N GLU E 1133 104.08 -71.43 -28.17
CA GLU E 1133 104.55 -70.35 -29.01
C GLU E 1133 103.52 -69.21 -28.95
N TYR E 1134 103.85 -68.12 -29.62
CA TYR E 1134 103.00 -66.93 -29.69
C TYR E 1134 102.64 -66.69 -31.15
N ILE E 1135 101.35 -66.49 -31.41
CA ILE E 1135 100.85 -66.28 -32.76
C ILE E 1135 100.02 -65.01 -32.80
N VAL E 1136 100.19 -64.22 -33.84
CA VAL E 1136 99.44 -62.98 -34.06
C VAL E 1136 98.34 -63.26 -35.06
N GLY E 1137 97.12 -62.86 -34.73
CA GLY E 1137 95.99 -62.99 -35.63
C GLY E 1137 95.91 -61.84 -36.60
N PHE E 1138 94.97 -61.96 -37.53
CA PHE E 1138 94.75 -60.94 -38.53
C PHE E 1138 93.54 -60.06 -38.22
N ASP E 1139 92.45 -60.65 -37.76
CA ASP E 1139 91.25 -59.87 -37.44
C ASP E 1139 91.37 -59.23 -36.06
N LEU E 1140 92.47 -58.52 -35.84
CA LEU E 1140 92.76 -57.90 -34.54
C LEU E 1140 92.74 -58.94 -33.42
N LYS E 1141 93.36 -60.08 -33.68
CA LYS E 1141 93.30 -61.23 -32.78
C LYS E 1141 94.70 -61.78 -32.57
N ASN E 1142 94.77 -62.83 -31.75
CA ASN E 1142 95.98 -63.61 -31.53
C ASN E 1142 95.56 -65.04 -31.22
N SER E 1143 96.54 -65.90 -30.90
CA SER E 1143 96.26 -67.27 -30.50
C SER E 1143 97.46 -67.88 -29.80
N LEU E 1144 97.23 -68.57 -28.68
CA LEU E 1144 98.31 -69.07 -27.83
C LEU E 1144 98.07 -70.55 -27.54
N LEU E 1145 98.87 -71.42 -28.16
CA LEU E 1145 98.77 -72.86 -27.98
C LEU E 1145 100.15 -73.46 -27.76
N PHE E 1146 100.20 -74.78 -27.67
CA PHE E 1146 101.46 -75.50 -27.48
C PHE E 1146 102.21 -75.66 -28.80
N ILE E 1154 94.11 -68.67 -21.81
CA ILE E 1154 94.80 -67.39 -21.74
C ILE E 1154 93.91 -66.28 -22.29
N ASP E 1155 93.04 -65.76 -21.44
CA ASP E 1155 92.06 -64.74 -21.83
C ASP E 1155 92.78 -63.40 -21.82
N VAL E 1156 93.38 -63.05 -22.95
CA VAL E 1156 94.13 -61.80 -23.05
C VAL E 1156 93.62 -60.96 -24.22
N PHE E 1157 93.55 -61.56 -25.40
CA PHE E 1157 93.15 -60.84 -26.60
C PHE E 1157 91.64 -60.88 -26.77
N ARG E 1158 91.05 -59.75 -27.16
CA ARG E 1158 89.62 -59.65 -27.32
C ARG E 1158 89.25 -59.34 -28.76
N ILE E 1171 94.57 -54.13 -36.76
CA ILE E 1171 95.10 -55.46 -37.06
C ILE E 1171 96.46 -55.67 -36.40
N CYS E 1172 96.52 -56.66 -35.52
CA CYS E 1172 97.77 -56.97 -34.83
C CYS E 1172 98.80 -57.49 -35.82
N GLU E 1173 100.06 -57.13 -35.58
CA GLU E 1173 101.14 -57.55 -36.48
C GLU E 1173 102.41 -57.98 -35.76
N GLU E 1174 102.40 -58.12 -34.44
CA GLU E 1174 103.61 -58.51 -33.74
C GLU E 1174 103.24 -59.06 -32.37
N GLU E 1175 104.15 -59.86 -31.81
CA GLU E 1175 103.99 -60.38 -30.45
C GLU E 1175 105.37 -60.76 -29.94
N ILE E 1176 105.87 -60.01 -28.96
CA ILE E 1176 107.20 -60.22 -28.40
C ILE E 1176 107.06 -60.40 -26.89
N ALA E 1177 107.65 -61.46 -26.37
CA ALA E 1177 107.60 -61.74 -24.95
C ALA E 1177 108.69 -60.96 -24.23
N GLN E 1178 108.69 -61.05 -22.90
CA GLN E 1178 109.73 -60.47 -22.07
C GLN E 1178 110.54 -61.59 -21.42
N LYS E 1179 111.63 -61.19 -20.77
CA LYS E 1179 112.47 -62.15 -20.08
C LYS E 1179 111.75 -62.73 -18.87
N ALA E 1180 110.99 -61.90 -18.16
CA ALA E 1180 110.23 -62.37 -17.01
C ALA E 1180 109.15 -63.35 -17.41
N LYS E 1181 108.79 -63.40 -18.70
CA LYS E 1181 107.76 -64.30 -19.21
C LYS E 1181 106.42 -64.07 -18.49
N ILE E 1182 106.21 -62.84 -18.03
CA ILE E 1182 105.02 -62.50 -17.26
C ILE E 1182 104.32 -61.32 -17.93
N SER E 1183 105.03 -60.21 -18.10
CA SER E 1183 104.50 -59.01 -18.71
C SER E 1183 104.88 -58.99 -20.20
N TYR E 1184 103.89 -58.75 -21.06
CA TYR E 1184 104.10 -58.74 -22.49
C TYR E 1184 103.52 -57.46 -23.09
N LEU E 1185 103.94 -57.16 -24.32
CA LEU E 1185 103.46 -55.99 -25.05
C LEU E 1185 103.24 -56.42 -26.50
N VAL E 1186 101.96 -56.53 -26.89
CA VAL E 1186 101.56 -57.03 -28.19
C VAL E 1186 100.92 -55.89 -28.98
N ALA E 1187 101.27 -55.78 -30.26
CA ALA E 1187 100.70 -54.75 -31.11
C ALA E 1187 100.72 -55.16 -32.58
N ASP E 1190 98.96 -49.47 -31.49
CA ASP E 1190 98.30 -49.57 -30.20
C ASP E 1190 98.92 -50.68 -29.36
N GLY E 1191 99.50 -50.30 -28.22
CA GLY E 1191 100.22 -51.23 -27.36
C GLY E 1191 99.53 -51.36 -26.02
N THR E 1192 99.54 -52.58 -25.48
CA THR E 1192 98.87 -52.91 -24.24
C THR E 1192 99.74 -53.80 -23.38
N MET E 1193 99.44 -53.83 -22.07
CA MET E 1193 100.17 -54.65 -21.13
C MET E 1193 99.17 -55.22 -20.13
N LEU E 1194 99.34 -56.49 -19.78
CA LEU E 1194 98.48 -57.16 -18.81
C LEU E 1194 99.25 -58.34 -18.22
N ALA E 1195 98.56 -59.13 -17.40
CA ALA E 1195 99.11 -60.34 -16.82
C ALA E 1195 98.74 -61.55 -17.70
N MET E 1196 99.18 -62.72 -17.26
CA MET E 1196 99.01 -63.95 -18.03
C MET E 1196 97.54 -64.35 -18.11
N PHE E 1206 98.80 -46.01 -25.34
CA PHE E 1206 98.43 -46.54 -26.65
C PHE E 1206 99.19 -45.84 -27.77
N ALA E 1207 98.65 -45.94 -28.98
CA ALA E 1207 99.26 -45.32 -30.14
C ALA E 1207 98.23 -44.44 -30.84
N VAL E 1208 98.69 -43.26 -31.25
CA VAL E 1208 97.85 -42.41 -32.10
C VAL E 1208 97.59 -43.09 -33.43
N GLU E 1209 98.64 -43.72 -33.95
CA GLU E 1209 98.62 -44.38 -35.25
C GLU E 1209 97.98 -45.75 -35.31
N ASN E 1210 98.53 -46.60 -36.18
CA ASN E 1210 97.99 -47.95 -36.37
C ASN E 1210 98.91 -49.12 -36.04
N ARG E 1211 98.39 -49.96 -35.14
CA ARG E 1211 98.99 -51.21 -34.64
C ARG E 1211 100.50 -51.39 -34.35
N LYS E 1212 101.35 -50.40 -34.65
CA LYS E 1212 102.82 -50.45 -34.50
C LYS E 1212 103.39 -51.66 -35.23
N VAL E 1213 103.51 -51.53 -36.56
CA VAL E 1213 103.93 -52.59 -37.49
C VAL E 1213 105.12 -53.36 -36.94
N GLN E 1214 106.17 -52.66 -36.48
CA GLN E 1214 107.36 -53.35 -35.95
C GLN E 1214 107.97 -52.54 -34.81
N LEU E 1215 107.60 -52.88 -33.58
CA LEU E 1215 108.24 -52.27 -32.42
C LEU E 1215 109.62 -52.86 -32.20
N ILE E 1216 110.51 -52.08 -31.62
CA ILE E 1216 111.85 -52.54 -31.24
C ILE E 1216 112.03 -52.21 -29.77
N TYR E 1217 111.73 -53.17 -28.90
CA TYR E 1217 111.75 -52.97 -27.46
C TYR E 1217 113.18 -52.91 -26.94
N SER E 1218 113.36 -52.29 -25.77
CA SER E 1218 114.66 -52.27 -25.12
C SER E 1218 114.93 -53.60 -24.41
N ILE E 1219 116.20 -53.81 -24.08
CA ILE E 1219 116.57 -55.01 -23.33
C ILE E 1219 115.96 -54.99 -21.94
N GLU E 1220 115.87 -53.80 -21.33
CA GLU E 1220 115.20 -53.64 -20.06
C GLU E 1220 113.73 -53.32 -20.21
N GLU E 1221 113.14 -53.57 -21.39
CA GLU E 1221 111.71 -53.40 -21.64
C GLU E 1221 111.21 -52.05 -21.14
N VAL E 1222 111.98 -51.01 -21.49
CA VAL E 1222 111.66 -49.63 -21.11
C VAL E 1222 111.62 -48.74 -22.35
N HIS E 1223 112.38 -49.10 -23.39
CA HIS E 1223 112.50 -48.27 -24.59
C HIS E 1223 112.06 -49.04 -25.82
N GLU E 1224 111.29 -48.37 -26.68
CA GLU E 1224 110.66 -49.02 -27.82
C GLU E 1224 110.72 -48.08 -29.02
N HIS E 1225 111.05 -48.62 -30.20
CA HIS E 1225 111.35 -47.77 -31.35
C HIS E 1225 110.82 -48.41 -32.62
N CYS E 1226 109.79 -47.81 -33.23
CA CYS E 1226 109.18 -48.35 -34.44
C CYS E 1226 109.02 -47.34 -35.57
N ILE E 1227 108.64 -46.10 -35.27
CA ILE E 1227 108.07 -45.16 -36.22
C ILE E 1227 106.81 -45.78 -36.83
N ARG E 1228 105.65 -45.26 -36.45
CA ARG E 1228 104.37 -45.83 -36.83
C ARG E 1228 103.84 -45.18 -38.10
N GLN E 1229 102.55 -45.36 -38.36
CA GLN E 1229 101.95 -45.08 -39.66
C GLN E 1229 102.23 -43.66 -40.13
N LEU E 1230 101.94 -42.67 -39.29
CA LEU E 1230 102.19 -41.28 -39.65
C LEU E 1230 103.57 -40.82 -39.23
N LEU E 1231 104.54 -41.75 -39.18
CA LEU E 1231 105.94 -41.43 -38.95
C LEU E 1231 106.17 -40.80 -37.58
N PHE E 1232 105.47 -41.31 -36.57
CA PHE E 1232 105.65 -40.81 -35.21
C PHE E 1232 106.78 -41.59 -34.56
N SER E 1233 107.92 -40.92 -34.41
CA SER E 1233 109.12 -41.58 -33.87
C SER E 1233 109.05 -41.66 -32.35
N PRO E 1234 109.08 -42.86 -31.75
CA PRO E 1234 108.99 -42.95 -30.29
C PRO E 1234 110.30 -42.63 -29.61
N CYS E 1235 110.37 -41.46 -28.98
CA CYS E 1235 111.55 -41.05 -28.25
C CYS E 1235 111.57 -41.73 -26.89
N LYS E 1236 112.61 -42.53 -26.63
CA LYS E 1236 112.64 -43.40 -25.47
C LYS E 1236 113.97 -43.41 -24.72
N LEU E 1237 114.88 -42.50 -25.04
CA LEU E 1237 116.15 -42.45 -24.31
C LEU E 1237 116.02 -41.52 -23.09
N MET F 1 33.03 -27.02 -63.68
CA MET F 1 32.39 -28.20 -64.25
C MET F 1 31.98 -29.18 -63.16
N PRO F 2 31.01 -30.03 -63.45
CA PRO F 2 30.62 -31.05 -62.47
C PRO F 2 31.79 -31.96 -62.13
N LYS F 3 31.78 -32.44 -60.88
CA LYS F 3 32.84 -33.34 -60.43
C LYS F 3 32.89 -34.62 -61.25
N ARG F 4 31.79 -35.01 -61.88
CA ARG F 4 31.82 -36.19 -62.75
C ARG F 4 32.83 -36.00 -63.87
N HIS F 5 32.95 -34.78 -64.39
CA HIS F 5 33.99 -34.49 -65.36
C HIS F 5 35.37 -34.81 -64.79
N ARG F 6 35.61 -34.35 -63.56
CA ARG F 6 36.88 -34.57 -62.90
C ARG F 6 37.19 -36.04 -62.70
N GLU F 7 36.21 -36.81 -62.21
CA GLU F 7 36.42 -38.22 -61.97
C GLU F 7 36.66 -38.95 -63.29
N HIS F 8 35.93 -38.58 -64.34
CA HIS F 8 36.16 -39.19 -65.64
C HIS F 8 37.55 -38.90 -66.15
N ILE F 9 38.00 -37.65 -66.03
CA ILE F 9 39.27 -37.30 -66.66
C ILE F 9 40.43 -37.96 -65.94
N ARG F 10 40.40 -38.04 -64.60
CA ARG F 10 41.55 -38.65 -63.96
C ARG F 10 41.42 -40.16 -63.82
N LYS F 11 40.23 -40.72 -63.94
CA LYS F 11 40.10 -42.17 -63.99
C LYS F 11 40.47 -42.73 -65.36
N ASN F 12 40.53 -41.89 -66.38
CA ASN F 12 40.90 -42.31 -67.72
C ASN F 12 42.08 -41.52 -68.26
N LEU F 13 42.77 -40.76 -67.40
CA LEU F 13 43.89 -39.96 -67.84
C LEU F 13 44.96 -40.81 -68.51
N ASN F 14 45.11 -42.06 -68.09
CA ASN F 14 46.11 -42.94 -68.69
C ASN F 14 45.83 -43.17 -70.17
N ILE F 15 44.59 -43.51 -70.51
CA ILE F 15 44.25 -43.78 -71.90
C ILE F 15 44.47 -42.53 -72.74
N LEU F 16 44.07 -41.37 -72.21
CA LEU F 16 44.20 -40.13 -72.96
C LEU F 16 45.66 -39.76 -73.18
N VAL F 17 46.49 -39.88 -72.15
CA VAL F 17 47.90 -39.54 -72.32
C VAL F 17 48.59 -40.53 -73.23
N GLU F 18 48.12 -41.79 -73.27
CA GLU F 18 48.73 -42.79 -74.13
C GLU F 18 48.35 -42.56 -75.60
N TRP F 19 47.06 -42.33 -75.86
CA TRP F 19 46.55 -42.33 -77.22
C TRP F 19 46.82 -41.03 -77.96
N THR F 20 47.19 -39.97 -77.27
CA THR F 20 47.29 -38.65 -77.85
C THR F 20 48.75 -38.21 -77.97
N ASN F 21 49.09 -37.65 -79.12
CA ASN F 21 50.41 -37.06 -79.29
C ASN F 21 50.58 -35.88 -78.36
N TYR F 22 51.78 -35.75 -77.78
CA TYR F 22 52.03 -34.71 -76.80
C TYR F 22 52.02 -33.33 -77.45
N GLU F 23 52.96 -33.08 -78.37
CA GLU F 23 53.11 -31.75 -78.94
C GLU F 23 51.91 -31.35 -79.79
N ARG F 24 51.35 -32.30 -80.54
CA ARG F 24 50.20 -32.00 -81.39
C ARG F 24 49.00 -31.57 -80.58
N LEU F 25 48.67 -32.36 -79.54
CA LEU F 25 47.56 -31.99 -78.67
C LEU F 25 47.84 -30.70 -77.94
N ALA F 26 49.09 -30.49 -77.52
CA ALA F 26 49.43 -29.26 -76.79
C ALA F 26 49.21 -28.04 -77.67
N MET F 27 49.74 -28.07 -78.90
CA MET F 27 49.56 -26.93 -79.79
C MET F 27 48.10 -26.73 -80.12
N GLU F 28 47.35 -27.81 -80.35
CA GLU F 28 45.95 -27.68 -80.69
C GLU F 28 45.16 -27.05 -79.54
N CYS F 29 45.43 -27.48 -78.31
CA CYS F 29 44.67 -26.95 -77.18
C CYS F 29 45.06 -25.52 -76.86
N VAL F 30 46.35 -25.18 -76.95
CA VAL F 30 46.76 -23.82 -76.65
C VAL F 30 46.25 -22.86 -77.72
N GLN F 31 46.20 -23.32 -78.98
CA GLN F 31 45.60 -22.51 -80.03
C GLN F 31 44.08 -22.56 -80.01
N GLN F 32 43.51 -23.49 -79.24
CA GLN F 32 42.08 -23.57 -79.06
C GLN F 32 41.54 -22.49 -78.13
N GLY F 33 42.42 -21.70 -77.53
CA GLY F 33 42.01 -20.66 -76.60
C GLY F 33 42.00 -21.08 -75.15
N ILE F 34 42.58 -22.24 -74.82
CA ILE F 34 42.54 -22.76 -73.46
C ILE F 34 43.78 -22.29 -72.72
N LEU F 35 44.94 -22.66 -73.23
CA LEU F 35 46.21 -22.30 -72.61
C LEU F 35 46.78 -21.05 -73.25
N THR F 36 47.70 -20.42 -72.53
CA THR F 36 48.43 -19.26 -72.99
C THR F 36 49.91 -19.59 -73.04
N VAL F 37 50.73 -18.59 -73.39
CA VAL F 37 52.16 -18.79 -73.42
C VAL F 37 52.69 -19.14 -72.04
N GLN F 38 52.21 -18.44 -71.01
CA GLN F 38 52.59 -18.80 -69.65
C GLN F 38 52.02 -20.16 -69.27
N MET F 39 50.77 -20.42 -69.64
CA MET F 39 50.15 -21.70 -69.30
C MET F 39 50.89 -22.85 -69.96
N LEU F 40 51.19 -22.72 -71.26
CA LEU F 40 51.94 -23.76 -71.94
C LEU F 40 53.35 -23.89 -71.37
N ARG F 41 53.99 -22.77 -71.05
CA ARG F 41 55.33 -22.82 -70.49
C ARG F 41 55.34 -23.55 -69.16
N ASN F 42 54.38 -23.22 -68.29
CA ASN F 42 54.27 -23.91 -67.00
C ASN F 42 53.98 -25.39 -67.20
N THR F 43 53.13 -25.72 -68.17
CA THR F 43 52.85 -27.12 -68.45
C THR F 43 54.10 -27.86 -68.90
N GLN F 44 54.88 -27.23 -69.78
CA GLN F 44 56.07 -27.89 -70.30
C GLN F 44 57.23 -27.84 -69.32
N ASP F 45 57.34 -26.80 -68.51
CA ASP F 45 58.42 -26.77 -67.54
C ASP F 45 58.08 -27.69 -66.37
N LEU F 46 59.07 -27.97 -65.54
CA LEU F 46 58.94 -28.93 -64.45
C LEU F 46 60.01 -28.63 -63.41
N ASN F 47 60.17 -29.55 -62.47
CA ASN F 47 60.90 -29.30 -61.24
C ASN F 47 62.38 -29.66 -61.30
N GLY F 48 62.91 -29.95 -62.48
CA GLY F 48 64.33 -30.26 -62.60
C GLY F 48 64.61 -31.74 -62.69
N LYS F 49 63.75 -32.46 -63.39
CA LYS F 49 63.96 -33.89 -63.60
C LYS F 49 65.23 -34.26 -64.36
N PRO F 50 65.64 -33.55 -65.45
CA PRO F 50 66.69 -34.12 -66.31
C PRO F 50 68.06 -34.20 -65.65
N PHE F 51 68.12 -34.81 -64.48
CA PHE F 51 69.34 -35.43 -63.95
C PHE F 51 69.10 -36.80 -63.35
N ASN F 52 67.86 -37.16 -63.02
CA ASN F 52 67.54 -38.46 -62.43
C ASN F 52 66.47 -39.22 -63.20
N MET F 53 65.45 -38.54 -63.72
CA MET F 53 64.29 -39.19 -64.30
C MET F 53 64.34 -38.96 -65.81
N ASP F 54 64.24 -40.05 -66.58
CA ASP F 54 64.65 -40.07 -67.98
C ASP F 54 63.72 -39.23 -68.85
N GLU F 55 64.28 -38.78 -69.99
CA GLU F 55 63.50 -38.04 -70.97
C GLU F 55 62.38 -38.86 -71.58
N LYS F 56 62.47 -40.19 -71.51
CA LYS F 56 61.41 -41.04 -72.05
C LYS F 56 60.10 -40.83 -71.32
N ASP F 57 60.14 -40.36 -70.08
CA ASP F 57 58.93 -40.03 -69.33
C ASP F 57 58.75 -38.54 -69.11
N VAL F 58 59.72 -37.71 -69.48
CA VAL F 58 59.53 -36.26 -69.32
C VAL F 58 58.34 -35.80 -70.14
N ARG F 59 58.26 -36.23 -71.39
CA ARG F 59 57.15 -35.81 -72.25
C ARG F 59 55.84 -36.39 -71.76
N VAL F 60 55.84 -37.62 -71.26
CA VAL F 60 54.60 -38.23 -70.79
C VAL F 60 54.12 -37.55 -69.52
N GLU F 61 55.05 -37.21 -68.62
CA GLU F 61 54.71 -36.43 -67.46
C GLU F 61 54.15 -35.07 -67.85
N GLN F 62 54.77 -34.44 -68.86
CA GLN F 62 54.26 -33.18 -69.36
C GLN F 62 52.85 -33.33 -69.91
N HIS F 63 52.58 -34.44 -70.59
CA HIS F 63 51.25 -34.65 -71.17
C HIS F 63 50.20 -34.87 -70.10
N ARG F 64 50.51 -35.70 -69.09
CA ARG F 64 49.54 -35.89 -68.01
C ARG F 64 49.33 -34.61 -67.23
N ARG F 65 50.39 -33.83 -67.01
CA ARG F 65 50.23 -32.52 -66.40
C ARG F 65 49.39 -31.60 -67.29
N LEU F 66 49.49 -31.77 -68.61
CA LEU F 66 48.65 -31.02 -69.52
C LEU F 66 47.18 -31.34 -69.28
N LEU F 67 46.87 -32.63 -69.12
CA LEU F 67 45.50 -33.01 -68.79
C LEU F 67 45.08 -32.41 -67.44
N LEU F 68 46.00 -32.39 -66.48
CA LEU F 68 45.71 -31.82 -65.17
C LEU F 68 45.40 -30.34 -65.27
N LYS F 69 46.17 -29.62 -66.09
CA LYS F 69 45.88 -28.20 -66.34
C LYS F 69 44.55 -28.04 -67.05
N ILE F 70 44.27 -28.93 -68.01
CA ILE F 70 43.08 -28.81 -68.84
C ILE F 70 41.82 -28.94 -67.98
N THR F 71 41.81 -29.91 -67.07
CA THR F 71 40.61 -30.11 -66.27
C THR F 71 40.35 -28.95 -65.32
N GLN F 72 41.32 -28.04 -65.16
CA GLN F 72 41.09 -26.86 -64.35
C GLN F 72 40.27 -25.79 -65.07
N ARG F 73 40.12 -25.91 -66.39
CA ARG F 73 39.41 -24.91 -67.16
C ARG F 73 37.92 -24.96 -66.87
N GLY F 74 37.15 -24.10 -67.54
CA GLY F 74 35.73 -24.02 -67.35
C GLY F 74 35.01 -25.28 -67.79
N PRO F 75 33.72 -25.37 -67.45
CA PRO F 75 32.97 -26.61 -67.75
C PRO F 75 32.95 -26.99 -69.22
N THR F 76 32.84 -26.01 -70.12
CA THR F 76 32.72 -26.29 -71.55
C THR F 76 34.00 -26.85 -72.15
N ALA F 77 35.12 -26.78 -71.43
CA ALA F 77 36.41 -27.14 -72.00
C ALA F 77 36.36 -28.52 -72.64
N TYR F 78 35.66 -29.46 -72.00
CA TYR F 78 35.59 -30.82 -72.52
C TYR F 78 35.13 -30.82 -73.98
N ASN F 79 34.02 -30.15 -74.26
CA ASN F 79 33.57 -30.04 -75.64
C ASN F 79 34.63 -29.33 -76.48
N LEU F 80 35.16 -28.22 -75.96
CA LEU F 80 36.28 -27.57 -76.61
C LEU F 80 37.45 -28.53 -76.78
N LEU F 81 37.72 -29.36 -75.78
CA LEU F 81 38.70 -30.42 -75.94
C LEU F 81 38.26 -31.42 -77.00
N ILE F 82 36.98 -31.81 -76.96
CA ILE F 82 36.48 -32.81 -77.90
C ILE F 82 36.72 -32.34 -79.32
N ASN F 83 36.31 -31.10 -79.63
CA ASN F 83 36.59 -30.53 -80.93
C ASN F 83 38.09 -30.47 -81.18
N ALA F 84 38.85 -30.05 -80.18
CA ALA F 84 40.30 -30.10 -80.28
C ALA F 84 40.77 -31.51 -80.61
N LEU F 85 40.18 -32.51 -79.94
CA LEU F 85 40.51 -33.89 -80.25
C LEU F 85 40.12 -34.24 -81.68
N ARG F 86 38.98 -33.72 -82.14
CA ARG F 86 38.63 -33.90 -83.54
C ARG F 86 39.65 -33.25 -84.45
N ASN F 87 40.25 -32.12 -84.00
CA ASN F 87 41.39 -31.57 -84.72
C ASN F 87 42.58 -32.52 -84.68
N ILE F 88 42.83 -33.14 -83.52
CA ILE F 88 43.86 -34.15 -83.42
C ILE F 88 43.53 -35.36 -84.28
N ASN F 89 42.25 -35.56 -84.56
CA ASN F 89 41.71 -36.73 -85.25
C ASN F 89 41.85 -37.99 -84.42
N CYS F 90 42.28 -37.87 -83.17
CA CYS F 90 42.29 -38.99 -82.23
C CYS F 90 40.86 -39.23 -81.73
N LEU F 91 39.99 -39.56 -82.71
CA LEU F 91 38.56 -39.63 -82.45
C LEU F 91 38.20 -40.76 -81.49
N ASP F 92 39.06 -41.77 -81.35
CA ASP F 92 38.86 -42.74 -80.29
C ASP F 92 38.91 -42.07 -78.93
N ALA F 93 39.89 -41.19 -78.73
CA ALA F 93 39.97 -40.45 -77.48
C ALA F 93 38.78 -39.53 -77.31
N ALA F 94 38.34 -38.90 -78.39
CA ALA F 94 37.19 -37.99 -78.31
C ALA F 94 35.91 -38.75 -77.92
N VAL F 95 35.67 -39.89 -78.55
CA VAL F 95 34.47 -40.65 -78.22
C VAL F 95 34.58 -41.22 -76.81
N LEU F 96 35.78 -41.61 -76.38
CA LEU F 96 35.95 -42.06 -75.01
C LEU F 96 35.67 -40.93 -74.02
N LEU F 97 36.13 -39.73 -74.34
CA LEU F 97 35.88 -38.59 -73.48
C LEU F 97 34.39 -38.25 -73.40
N GLU F 98 33.70 -38.27 -74.53
CA GLU F 98 32.29 -37.93 -74.56
C GLU F 98 31.40 -39.05 -74.08
N SER F 99 31.93 -40.27 -73.93
CA SER F 99 31.13 -41.39 -73.45
C SER F 99 30.75 -41.26 -71.98
N VAL F 100 31.47 -40.44 -71.21
CA VAL F 100 31.10 -40.28 -69.81
C VAL F 100 29.72 -39.67 -69.69
N ASP F 101 29.35 -38.80 -70.63
CA ASP F 101 28.00 -38.23 -70.64
C ASP F 101 27.04 -39.23 -71.27
N GLU F 102 25.85 -38.76 -71.64
CA GLU F 102 24.73 -39.60 -72.06
C GLU F 102 24.68 -40.92 -71.29
N MET G 1 12.65 11.86 -66.35
CA MET G 1 12.34 10.98 -67.46
C MET G 1 13.06 9.65 -67.24
N PRO G 2 12.39 8.52 -67.60
CA PRO G 2 12.92 7.19 -67.27
C PRO G 2 14.44 7.04 -67.38
N LYS G 3 15.03 6.57 -66.30
CA LYS G 3 16.48 6.36 -66.27
C LYS G 3 16.91 5.33 -67.31
N ARG G 4 16.01 4.43 -67.69
CA ARG G 4 16.35 3.45 -68.71
C ARG G 4 16.70 4.13 -70.02
N HIS G 5 15.98 5.20 -70.37
CA HIS G 5 16.35 5.97 -71.54
C HIS G 5 17.75 6.55 -71.38
N ARG G 6 18.06 7.07 -70.20
CA ARG G 6 19.38 7.60 -69.93
C ARG G 6 20.46 6.56 -70.14
N GLU G 7 20.23 5.34 -69.61
CA GLU G 7 21.24 4.30 -69.68
C GLU G 7 21.40 3.80 -71.11
N HIS G 8 20.30 3.73 -71.86
CA HIS G 8 20.41 3.41 -73.28
C HIS G 8 21.14 4.51 -74.03
N ILE G 9 20.98 5.76 -73.58
CA ILE G 9 21.61 6.88 -74.27
C ILE G 9 23.12 6.84 -74.10
N ARG G 10 23.60 6.71 -72.86
CA ARG G 10 25.04 6.78 -72.69
C ARG G 10 25.74 5.44 -72.88
N LYS G 11 24.97 4.33 -72.93
CA LYS G 11 25.56 3.08 -73.38
C LYS G 11 25.78 3.08 -74.88
N ASN G 12 25.12 3.99 -75.59
CA ASN G 12 25.24 4.13 -77.03
C ASN G 12 25.80 5.50 -77.41
N LEU G 13 26.79 5.96 -76.66
CA LEU G 13 27.31 7.30 -76.91
C LEU G 13 27.92 7.41 -78.29
N ASN G 14 28.65 6.38 -78.71
CA ASN G 14 29.24 6.37 -80.05
C ASN G 14 28.20 6.12 -81.13
N ILE G 15 27.29 5.16 -80.88
CA ILE G 15 26.14 5.03 -81.76
C ILE G 15 25.55 6.38 -82.06
N LEU G 16 25.31 7.16 -81.03
CA LEU G 16 24.65 8.45 -81.20
C LEU G 16 25.59 9.61 -81.52
N VAL G 17 26.91 9.42 -81.54
CA VAL G 17 27.81 10.51 -81.87
C VAL G 17 28.31 10.42 -83.31
N GLU G 18 28.72 9.26 -83.81
CA GLU G 18 29.37 9.33 -85.10
C GLU G 18 28.50 8.89 -86.28
N TRP G 19 27.38 8.21 -86.05
CA TRP G 19 26.34 8.13 -87.06
C TRP G 19 25.46 9.37 -87.12
N THR G 20 25.82 10.42 -86.40
CA THR G 20 25.02 11.61 -86.49
C THR G 20 25.87 12.81 -86.86
N ASN G 21 25.40 13.59 -87.84
CA ASN G 21 26.05 14.85 -88.18
C ASN G 21 25.94 15.83 -87.01
N TYR G 22 26.93 16.72 -86.90
CA TYR G 22 26.96 17.62 -85.76
C TYR G 22 26.11 18.87 -86.01
N GLU G 23 26.43 19.62 -87.05
CA GLU G 23 25.82 20.94 -87.24
C GLU G 23 24.34 20.82 -87.57
N ARG G 24 23.99 19.93 -88.49
CA ARG G 24 22.59 19.75 -88.85
C ARG G 24 21.77 19.30 -87.64
N LEU G 25 22.29 18.33 -86.89
CA LEU G 25 21.57 17.86 -85.72
C LEU G 25 21.43 18.95 -84.68
N ALA G 26 22.49 19.75 -84.49
CA ALA G 26 22.46 20.81 -83.50
C ALA G 26 21.42 21.87 -83.85
N MET G 27 21.43 22.33 -85.11
CA MET G 27 20.44 23.31 -85.51
C MET G 27 19.03 22.74 -85.45
N GLU G 28 18.85 21.49 -85.87
CA GLU G 28 17.54 20.85 -85.84
C GLU G 28 17.01 20.76 -84.42
N CYS G 29 17.85 20.34 -83.48
CA CYS G 29 17.40 20.19 -82.10
C CYS G 29 17.17 21.54 -81.44
N VAL G 30 18.02 22.53 -81.72
CA VAL G 30 17.83 23.82 -81.08
C VAL G 30 16.58 24.50 -81.60
N GLN G 31 16.24 24.33 -82.88
CA GLN G 31 14.95 24.79 -83.35
C GLN G 31 13.83 23.83 -83.00
N GLN G 32 14.16 22.59 -82.64
CA GLN G 32 13.14 21.61 -82.28
C GLN G 32 12.38 22.02 -81.03
N GLY G 33 12.89 22.98 -80.28
CA GLY G 33 12.27 23.41 -79.06
C GLY G 33 12.92 22.74 -77.86
N ILE G 34 14.23 22.56 -77.94
CA ILE G 34 14.97 21.85 -76.90
C ILE G 34 15.96 22.79 -76.26
N LEU G 35 16.88 23.32 -77.06
CA LEU G 35 17.94 24.21 -76.56
C LEU G 35 17.68 25.65 -76.98
N THR G 36 18.33 26.56 -76.28
CA THR G 36 18.32 27.97 -76.58
C THR G 36 19.66 28.37 -77.16
N VAL G 37 19.82 29.68 -77.42
CA VAL G 37 21.09 30.18 -77.92
C VAL G 37 22.20 29.96 -76.89
N GLN G 38 21.91 30.20 -75.62
CA GLN G 38 22.93 29.96 -74.61
C GLN G 38 23.09 28.48 -74.33
N MET G 39 22.01 27.71 -74.37
CA MET G 39 22.12 26.26 -74.30
C MET G 39 23.02 25.73 -75.40
N LEU G 40 22.75 26.13 -76.65
CA LEU G 40 23.58 25.66 -77.75
C LEU G 40 25.02 26.14 -77.58
N ARG G 41 25.19 27.39 -77.16
CA ARG G 41 26.54 27.92 -77.00
C ARG G 41 27.33 27.12 -75.97
N ASN G 42 26.77 26.95 -74.78
CA ASN G 42 27.51 26.30 -73.70
C ASN G 42 27.69 24.81 -73.96
N THR G 43 26.73 24.16 -74.60
CA THR G 43 26.88 22.74 -74.87
C THR G 43 27.85 22.50 -76.01
N GLN G 44 27.81 23.35 -77.03
CA GLN G 44 28.72 23.21 -78.16
C GLN G 44 30.16 23.40 -77.73
N ASP G 45 30.45 24.50 -77.04
CA ASP G 45 31.83 24.75 -76.65
C ASP G 45 32.24 23.76 -75.57
N LEU G 46 33.52 23.79 -75.24
CA LEU G 46 34.11 22.88 -74.27
C LEU G 46 34.79 23.69 -73.17
N ASN G 47 35.53 22.98 -72.32
CA ASN G 47 36.22 23.62 -71.21
C ASN G 47 37.30 24.59 -71.67
N GLY G 48 37.57 24.67 -72.97
CA GLY G 48 38.67 25.46 -73.46
C GLY G 48 39.92 24.63 -73.52
N LYS G 49 40.18 23.89 -72.44
CA LYS G 49 41.29 22.95 -72.45
C LYS G 49 41.19 21.93 -73.58
N PRO G 50 40.03 21.32 -73.87
CA PRO G 50 39.97 20.43 -75.04
C PRO G 50 40.05 21.15 -76.37
N PHE G 51 39.93 22.47 -76.38
CA PHE G 51 39.90 23.20 -77.65
C PHE G 51 41.24 23.17 -78.37
N ASN G 52 42.35 23.19 -77.63
CA ASN G 52 43.66 23.34 -78.26
C ASN G 52 44.31 22.02 -78.62
N MET G 53 43.61 20.89 -78.47
CA MET G 53 44.05 19.65 -79.07
C MET G 53 43.41 19.49 -80.45
N ASP G 54 43.53 18.29 -81.01
CA ASP G 54 43.07 18.03 -82.37
C ASP G 54 41.57 18.24 -82.52
N GLU G 55 41.18 18.85 -83.64
CA GLU G 55 39.76 19.09 -83.90
C GLU G 55 39.00 17.79 -84.10
N LYS G 56 39.66 16.75 -84.61
CA LYS G 56 39.01 15.46 -84.74
C LYS G 56 38.54 14.97 -83.38
N ASP G 57 39.32 15.22 -82.34
CA ASP G 57 38.90 15.01 -80.96
C ASP G 57 38.30 16.27 -80.35
N VAL G 58 37.69 17.13 -81.16
CA VAL G 58 36.96 18.28 -80.67
C VAL G 58 35.50 18.25 -81.14
N ARG G 59 35.29 18.00 -82.43
CA ARG G 59 33.93 17.92 -82.94
C ARG G 59 33.17 16.77 -82.30
N VAL G 60 33.83 15.63 -82.14
CA VAL G 60 33.20 14.48 -81.49
C VAL G 60 32.87 14.79 -80.04
N GLU G 61 33.78 15.49 -79.36
CA GLU G 61 33.54 15.86 -77.97
C GLU G 61 32.35 16.82 -77.86
N GLN G 62 32.26 17.78 -78.78
CA GLN G 62 31.10 18.68 -78.78
C GLN G 62 29.82 17.93 -79.06
N HIS G 63 29.86 16.98 -79.99
CA HIS G 63 28.67 16.20 -80.31
C HIS G 63 28.21 15.38 -79.11
N ARG G 64 29.15 14.74 -78.41
CA ARG G 64 28.76 14.00 -77.22
C ARG G 64 28.35 14.92 -76.07
N ARG G 65 28.86 16.15 -76.06
CA ARG G 65 28.32 17.16 -75.13
C ARG G 65 26.84 17.39 -75.41
N LEU G 66 26.49 17.54 -76.68
CA LEU G 66 25.08 17.66 -77.05
C LEU G 66 24.32 16.40 -76.65
N LEU G 67 24.96 15.25 -76.82
CA LEU G 67 24.34 13.97 -76.44
C LEU G 67 23.98 13.96 -74.98
N LEU G 68 24.90 14.41 -74.12
CA LEU G 68 24.61 14.44 -72.70
C LEU G 68 23.61 15.53 -72.36
N LYS G 69 23.58 16.61 -73.14
CA LYS G 69 22.58 17.65 -72.90
C LYS G 69 21.18 17.13 -73.15
N ILE G 70 20.99 16.36 -74.22
CA ILE G 70 19.64 15.91 -74.54
C ILE G 70 19.13 14.90 -73.52
N THR G 71 20.00 14.02 -73.04
CA THR G 71 19.57 13.08 -72.01
C THR G 71 19.32 13.78 -70.68
N GLN G 72 19.82 15.00 -70.53
CA GLN G 72 19.51 15.81 -69.37
C GLN G 72 18.11 16.37 -69.42
N ARG G 73 17.51 16.46 -70.60
CA ARG G 73 16.20 17.11 -70.75
C ARG G 73 15.10 16.18 -70.23
N GLY G 74 13.85 16.58 -70.46
CA GLY G 74 12.72 15.98 -69.81
C GLY G 74 12.10 14.80 -70.54
N PRO G 75 10.84 14.51 -70.22
CA PRO G 75 10.19 13.32 -70.81
C PRO G 75 10.13 13.33 -72.32
N THR G 76 9.89 14.49 -72.93
CA THR G 76 9.81 14.54 -74.38
C THR G 76 11.18 14.39 -75.03
N ALA G 77 12.25 14.61 -74.28
CA ALA G 77 13.59 14.60 -74.86
C ALA G 77 13.85 13.32 -75.64
N TYR G 78 13.29 12.20 -75.20
CA TYR G 78 13.40 10.97 -75.95
C TYR G 78 12.69 11.11 -77.30
N ASN G 79 11.36 11.26 -77.28
CA ASN G 79 10.60 11.11 -78.51
C ASN G 79 10.82 12.29 -79.44
N LEU G 80 10.88 13.50 -78.88
CA LEU G 80 11.21 14.67 -79.68
C LEU G 80 12.56 14.50 -80.35
N LEU G 81 13.44 13.69 -79.76
CA LEU G 81 14.70 13.35 -80.41
C LEU G 81 14.45 12.61 -81.71
N ILE G 82 13.67 11.52 -81.65
CA ILE G 82 13.46 10.68 -82.82
C ILE G 82 12.87 11.49 -83.96
N ASN G 83 11.84 12.28 -83.65
CA ASN G 83 11.24 13.16 -84.66
C ASN G 83 12.28 14.14 -85.19
N ALA G 84 13.08 14.72 -84.30
CA ALA G 84 14.20 15.55 -84.75
C ALA G 84 15.13 14.74 -85.64
N LEU G 85 15.42 13.50 -85.24
CA LEU G 85 16.24 12.63 -86.07
C LEU G 85 15.53 12.30 -87.38
N ARG G 86 14.20 12.27 -87.36
CA ARG G 86 13.46 12.08 -88.60
C ARG G 86 13.73 13.21 -89.59
N ASN G 87 14.18 14.36 -89.10
CA ASN G 87 14.55 15.47 -89.97
C ASN G 87 16.03 15.47 -90.32
N ILE G 88 16.84 14.62 -89.67
CA ILE G 88 18.27 14.59 -89.97
C ILE G 88 18.60 13.66 -91.12
N ASN G 89 17.65 12.82 -91.55
CA ASN G 89 17.86 11.68 -92.42
C ASN G 89 18.68 10.59 -91.72
N CYS G 90 19.09 10.82 -90.47
CA CYS G 90 19.72 9.78 -89.66
C CYS G 90 18.65 8.84 -89.13
N LEU G 91 18.03 8.14 -90.09
CA LEU G 91 16.95 7.22 -89.75
C LEU G 91 17.45 6.12 -88.83
N ASP G 92 18.66 5.61 -89.09
CA ASP G 92 19.19 4.49 -88.32
C ASP G 92 19.26 4.82 -86.83
N ALA G 93 19.73 6.02 -86.49
CA ALA G 93 19.91 6.35 -85.08
C ALA G 93 18.58 6.34 -84.34
N ALA G 94 17.54 6.97 -84.91
CA ALA G 94 16.26 7.02 -84.22
C ALA G 94 15.58 5.65 -84.19
N VAL G 95 15.69 4.89 -85.28
CA VAL G 95 15.04 3.58 -85.28
C VAL G 95 15.74 2.62 -84.32
N LEU G 96 17.05 2.76 -84.13
CA LEU G 96 17.73 1.96 -83.12
C LEU G 96 17.45 2.46 -81.71
N LEU G 97 17.26 3.76 -81.54
CA LEU G 97 16.81 4.27 -80.25
C LEU G 97 15.47 3.67 -79.88
N GLU G 98 14.57 3.57 -80.86
CA GLU G 98 13.27 2.95 -80.64
C GLU G 98 13.35 1.44 -80.55
N SER G 99 14.39 0.82 -81.12
CA SER G 99 14.43 -0.64 -81.23
C SER G 99 14.47 -1.30 -79.86
N VAL G 100 15.26 -0.75 -78.93
CA VAL G 100 15.39 -1.34 -77.62
C VAL G 100 14.07 -1.30 -76.85
N ASP G 101 13.16 -0.42 -77.26
CA ASP G 101 11.84 -0.35 -76.64
C ASP G 101 10.95 -1.44 -77.22
N GLU G 102 9.67 -1.42 -76.85
CA GLU G 102 8.63 -2.32 -77.34
C GLU G 102 9.10 -3.77 -77.49
N MET H 1 -22.99 29.62 -52.75
CA MET H 1 -22.54 28.60 -53.68
C MET H 1 -21.14 28.11 -53.32
N PRO H 2 -20.79 26.91 -53.77
CA PRO H 2 -19.46 26.36 -53.47
C PRO H 2 -18.33 27.23 -53.97
N LYS H 3 -17.15 27.02 -53.38
CA LYS H 3 -15.96 27.76 -53.76
C LYS H 3 -15.54 27.51 -55.19
N ARG H 4 -15.92 26.37 -55.77
CA ARG H 4 -15.63 26.12 -57.19
C ARG H 4 -16.21 27.22 -58.06
N HIS H 5 -17.39 27.71 -57.70
CA HIS H 5 -17.97 28.84 -58.41
C HIS H 5 -17.14 30.11 -58.23
N ARG H 6 -16.59 30.31 -57.03
CA ARG H 6 -15.70 31.43 -56.80
C ARG H 6 -14.47 31.36 -57.69
N GLU H 7 -13.82 30.20 -57.74
CA GLU H 7 -12.63 30.10 -58.58
C GLU H 7 -12.98 30.24 -60.05
N HIS H 8 -14.15 29.75 -60.46
CA HIS H 8 -14.59 29.92 -61.83
C HIS H 8 -14.80 31.39 -62.17
N ILE H 9 -15.47 32.13 -61.30
CA ILE H 9 -15.75 33.54 -61.59
C ILE H 9 -14.47 34.36 -61.58
N ARG H 10 -13.55 34.06 -60.66
CA ARG H 10 -12.31 34.84 -60.64
C ARG H 10 -11.40 34.46 -61.80
N LYS H 11 -11.34 33.18 -62.17
CA LYS H 11 -10.47 32.74 -63.24
C LYS H 11 -11.01 33.12 -64.61
N ASN H 12 -12.33 33.28 -64.74
CA ASN H 12 -12.97 33.63 -65.99
C ASN H 12 -13.38 35.10 -66.01
N LEU H 13 -12.71 35.92 -65.19
CA LEU H 13 -13.03 37.34 -65.17
C LEU H 13 -12.82 37.98 -66.54
N ASN H 14 -11.75 37.58 -67.23
CA ASN H 14 -11.41 38.20 -68.51
C ASN H 14 -12.46 37.93 -69.58
N ILE H 15 -12.84 36.66 -69.78
CA ILE H 15 -13.80 36.36 -70.83
C ILE H 15 -15.15 36.97 -70.50
N LEU H 16 -15.56 36.91 -69.24
CA LEU H 16 -16.83 37.50 -68.85
C LEU H 16 -16.85 39.01 -69.04
N VAL H 17 -15.75 39.69 -68.69
CA VAL H 17 -15.71 41.13 -68.84
C VAL H 17 -15.56 41.54 -70.30
N GLU H 18 -15.08 40.65 -71.17
CA GLU H 18 -14.91 41.01 -72.56
C GLU H 18 -16.15 40.68 -73.41
N TRP H 19 -16.85 39.59 -73.13
CA TRP H 19 -18.03 39.28 -73.93
C TRP H 19 -19.18 40.23 -73.61
N THR H 20 -19.25 40.70 -72.36
CA THR H 20 -20.42 41.42 -71.86
C THR H 20 -20.18 42.92 -71.88
N ASN H 21 -21.23 43.66 -72.24
CA ASN H 21 -21.20 45.11 -72.19
C ASN H 21 -21.32 45.59 -70.76
N TYR H 22 -20.84 46.81 -70.50
CA TYR H 22 -20.85 47.33 -69.14
C TYR H 22 -22.22 47.85 -68.74
N GLU H 23 -22.71 48.88 -69.46
CA GLU H 23 -23.95 49.53 -69.05
C GLU H 23 -25.15 48.60 -69.19
N ARG H 24 -25.19 47.79 -70.25
CA ARG H 24 -26.30 46.88 -70.43
C ARG H 24 -26.34 45.85 -69.31
N LEU H 25 -25.18 45.31 -68.93
CA LEU H 25 -25.15 44.37 -67.82
C LEU H 25 -25.54 45.05 -66.52
N ALA H 26 -25.11 46.29 -66.32
CA ALA H 26 -25.45 47.01 -65.10
C ALA H 26 -26.96 47.22 -64.99
N MET H 27 -27.57 47.72 -66.07
CA MET H 27 -29.01 47.94 -66.04
C MET H 27 -29.77 46.63 -65.88
N GLU H 28 -29.31 45.57 -66.56
CA GLU H 28 -29.96 44.28 -66.41
C GLU H 28 -29.90 43.78 -64.97
N CYS H 29 -28.71 43.79 -64.38
CA CYS H 29 -28.56 43.27 -63.02
C CYS H 29 -29.35 44.10 -62.02
N VAL H 30 -29.31 45.43 -62.15
CA VAL H 30 -30.05 46.26 -61.20
C VAL H 30 -31.55 46.07 -61.37
N GLN H 31 -32.01 45.86 -62.61
CA GLN H 31 -33.43 45.60 -62.81
C GLN H 31 -33.79 44.16 -62.47
N GLN H 32 -32.77 43.30 -62.30
CA GLN H 32 -33.01 41.95 -61.80
C GLN H 32 -33.16 41.91 -60.29
N GLY H 33 -33.06 43.07 -59.62
CA GLY H 33 -33.07 43.11 -58.17
C GLY H 33 -31.75 42.74 -57.54
N ILE H 34 -30.70 42.57 -58.33
CA ILE H 34 -29.41 42.12 -57.83
C ILE H 34 -28.73 43.20 -56.99
N LEU H 35 -28.87 44.47 -57.35
CA LEU H 35 -28.16 45.54 -56.67
C LEU H 35 -29.11 46.63 -56.20
N THR H 36 -28.68 47.33 -55.15
CA THR H 36 -29.31 48.54 -54.66
C THR H 36 -28.44 49.73 -55.03
N VAL H 37 -28.95 50.94 -54.73
CA VAL H 37 -28.29 52.16 -55.18
C VAL H 37 -26.90 52.29 -54.57
N GLN H 38 -26.77 52.01 -53.27
CA GLN H 38 -25.48 52.17 -52.62
C GLN H 38 -24.44 51.22 -53.21
N MET H 39 -24.80 49.95 -53.36
CA MET H 39 -23.84 48.98 -53.85
C MET H 39 -23.54 49.18 -55.34
N LEU H 40 -24.52 49.60 -56.14
CA LEU H 40 -24.21 49.88 -57.54
C LEU H 40 -23.31 51.08 -57.65
N ARG H 41 -23.53 52.10 -56.82
CA ARG H 41 -22.65 53.25 -56.82
C ARG H 41 -21.23 52.84 -56.43
N ASN H 42 -21.10 51.99 -55.42
CA ASN H 42 -19.78 51.52 -55.01
C ASN H 42 -19.12 50.72 -56.12
N THR H 43 -19.86 49.81 -56.75
CA THR H 43 -19.28 48.94 -57.76
C THR H 43 -18.85 49.72 -58.99
N GLN H 44 -19.70 50.65 -59.45
CA GLN H 44 -19.31 51.50 -60.57
C GLN H 44 -18.10 52.35 -60.21
N ASP H 45 -18.09 52.90 -59.00
CA ASP H 45 -16.99 53.75 -58.59
C ASP H 45 -15.74 52.92 -58.32
N LEU H 46 -14.61 53.61 -58.19
CA LEU H 46 -13.31 52.98 -57.99
C LEU H 46 -12.56 53.80 -56.93
N ASN H 47 -11.26 53.55 -56.83
CA ASN H 47 -10.44 54.29 -55.87
C ASN H 47 -10.44 55.79 -56.17
N GLY H 48 -10.64 56.17 -57.43
CA GLY H 48 -10.42 57.52 -57.88
C GLY H 48 -8.98 57.76 -58.29
N LYS H 49 -8.04 57.04 -57.67
CA LYS H 49 -6.69 56.99 -58.19
C LYS H 49 -6.63 56.56 -59.66
N PRO H 50 -7.39 55.55 -60.13
CA PRO H 50 -7.31 55.17 -61.54
C PRO H 50 -7.78 56.24 -62.51
N PHE H 51 -8.18 57.41 -62.00
CA PHE H 51 -8.52 58.51 -62.89
C PHE H 51 -7.29 58.96 -63.68
N ASN H 52 -6.10 58.83 -63.09
CA ASN H 52 -4.88 59.21 -63.79
C ASN H 52 -4.62 58.29 -64.98
N MET H 53 -4.81 56.99 -64.81
CA MET H 53 -4.54 56.05 -65.88
C MET H 53 -5.66 56.10 -66.92
N ASP H 54 -5.43 55.39 -68.03
CA ASP H 54 -6.27 55.51 -69.20
C ASP H 54 -7.70 55.05 -68.91
N GLU H 55 -8.67 55.82 -69.40
CA GLU H 55 -10.07 55.48 -69.24
C GLU H 55 -10.42 54.16 -69.91
N LYS H 56 -9.61 53.72 -70.88
CA LYS H 56 -9.94 52.54 -71.67
C LYS H 56 -10.16 51.32 -70.79
N ASP H 57 -9.37 51.15 -69.74
CA ASP H 57 -9.52 50.04 -68.83
C ASP H 57 -10.33 50.39 -67.61
N VAL H 58 -10.70 51.66 -67.44
CA VAL H 58 -11.42 52.06 -66.23
C VAL H 58 -12.77 51.36 -66.15
N ARG H 59 -13.64 51.64 -67.12
CA ARG H 59 -14.96 51.01 -67.13
C ARG H 59 -14.84 49.49 -67.12
N VAL H 60 -13.91 48.96 -67.92
CA VAL H 60 -13.68 47.52 -67.93
C VAL H 60 -13.36 47.04 -66.52
N GLU H 61 -12.45 47.75 -65.85
CA GLU H 61 -12.17 47.41 -64.45
C GLU H 61 -13.43 47.52 -63.62
N GLN H 62 -14.20 48.59 -63.81
CA GLN H 62 -15.50 48.70 -63.17
C GLN H 62 -16.35 47.49 -63.52
N HIS H 63 -16.38 47.12 -64.80
CA HIS H 63 -17.09 45.91 -65.20
C HIS H 63 -16.51 44.69 -64.49
N ARG H 64 -15.18 44.62 -64.43
CA ARG H 64 -14.54 43.58 -63.62
C ARG H 64 -15.05 43.65 -62.19
N ARG H 65 -15.13 44.87 -61.64
CA ARG H 65 -15.67 45.07 -60.30
C ARG H 65 -17.00 44.37 -60.14
N LEU H 66 -17.86 44.46 -61.17
CA LEU H 66 -19.18 43.84 -61.10
C LEU H 66 -19.07 42.38 -60.72
N LEU H 67 -18.19 41.64 -61.42
CA LEU H 67 -18.02 40.23 -61.09
C LEU H 67 -17.65 40.05 -59.63
N LEU H 68 -16.65 40.84 -59.19
CA LEU H 68 -16.17 40.74 -57.82
C LEU H 68 -17.26 41.01 -56.81
N LYS H 69 -18.33 41.70 -57.22
CA LYS H 69 -19.45 41.93 -56.34
C LYS H 69 -20.47 40.81 -56.42
N ILE H 70 -20.75 40.30 -57.63
CA ILE H 70 -21.83 39.34 -57.77
C ILE H 70 -21.45 37.97 -57.24
N THR H 71 -20.15 37.64 -57.23
CA THR H 71 -19.74 36.44 -56.53
C THR H 71 -20.10 36.48 -55.05
N GLN H 72 -20.31 37.69 -54.51
CA GLN H 72 -20.74 37.82 -53.13
C GLN H 72 -22.20 37.44 -52.94
N ARG H 73 -23.02 37.58 -53.98
CA ARG H 73 -24.45 37.36 -53.82
C ARG H 73 -24.76 35.87 -53.76
N GLY H 74 -25.96 35.56 -53.26
CA GLY H 74 -26.35 34.22 -52.87
C GLY H 74 -26.21 33.17 -53.95
N PRO H 75 -26.35 31.90 -53.56
CA PRO H 75 -26.09 30.80 -54.50
C PRO H 75 -26.95 30.84 -55.74
N THR H 76 -28.22 31.23 -55.60
CA THR H 76 -29.11 31.29 -56.75
C THR H 76 -28.86 32.52 -57.61
N ALA H 77 -28.16 33.52 -57.09
CA ALA H 77 -27.88 34.72 -57.86
C ALA H 77 -27.09 34.40 -59.12
N TYR H 78 -26.19 33.42 -59.04
CA TYR H 78 -25.47 32.96 -60.23
C TYR H 78 -26.45 32.47 -61.28
N ASN H 79 -27.45 31.70 -60.84
CA ASN H 79 -28.54 31.32 -61.74
C ASN H 79 -29.25 32.54 -62.27
N LEU H 80 -29.47 33.54 -61.40
CA LEU H 80 -29.97 34.82 -61.86
C LEU H 80 -29.05 35.41 -62.92
N LEU H 81 -27.74 35.33 -62.69
CA LEU H 81 -26.79 35.67 -63.72
C LEU H 81 -27.06 34.88 -64.98
N ILE H 82 -27.24 33.56 -64.83
CA ILE H 82 -27.62 32.72 -65.96
C ILE H 82 -28.86 33.29 -66.63
N ASN H 83 -29.84 33.71 -65.84
CA ASN H 83 -30.99 34.39 -66.40
C ASN H 83 -30.59 35.75 -66.97
N ALA H 84 -29.87 36.56 -66.18
CA ALA H 84 -29.58 37.93 -66.59
C ALA H 84 -28.80 37.95 -67.90
N LEU H 85 -27.81 37.07 -68.04
CA LEU H 85 -27.04 37.00 -69.26
C LEU H 85 -27.90 36.67 -70.46
N ARG H 86 -28.91 35.80 -70.28
CA ARG H 86 -29.82 35.52 -71.39
C ARG H 86 -30.64 36.74 -71.75
N ASN H 87 -30.95 37.59 -70.77
CA ASN H 87 -31.52 38.89 -71.10
C ASN H 87 -30.55 39.70 -71.93
N ILE H 88 -29.26 39.63 -71.61
CA ILE H 88 -28.23 40.24 -72.44
C ILE H 88 -28.17 39.57 -73.79
N ASN H 89 -28.57 38.29 -73.86
CA ASN H 89 -28.40 37.43 -75.02
C ASN H 89 -26.94 37.16 -75.32
N CYS H 90 -26.05 37.44 -74.36
CA CYS H 90 -24.63 37.23 -74.51
C CYS H 90 -24.28 35.79 -74.12
N LEU H 91 -24.77 34.86 -74.94
CA LEU H 91 -24.72 33.44 -74.61
C LEU H 91 -23.33 32.84 -74.76
N ASP H 92 -22.42 33.52 -75.45
CA ASP H 92 -21.05 33.02 -75.55
C ASP H 92 -20.40 32.93 -74.19
N ALA H 93 -20.67 33.90 -73.31
CA ALA H 93 -20.22 33.81 -71.93
C ALA H 93 -21.07 32.85 -71.13
N ALA H 94 -22.35 32.70 -71.50
CA ALA H 94 -23.26 31.84 -70.74
C ALA H 94 -22.86 30.37 -70.83
N VAL H 95 -22.46 29.93 -72.02
CA VAL H 95 -22.04 28.54 -72.18
C VAL H 95 -20.79 28.26 -71.35
N LEU H 96 -19.85 29.20 -71.32
CA LEU H 96 -18.65 29.03 -70.50
C LEU H 96 -19.01 29.03 -69.03
N LEU H 97 -19.94 29.89 -68.62
CA LEU H 97 -20.40 29.91 -67.22
C LEU H 97 -20.99 28.56 -66.82
N GLU H 98 -21.83 27.99 -67.69
CA GLU H 98 -22.47 26.72 -67.38
C GLU H 98 -21.56 25.53 -67.60
N SER H 99 -20.43 25.73 -68.27
CA SER H 99 -19.54 24.62 -68.61
C SER H 99 -18.94 23.97 -67.37
N VAL H 100 -18.53 24.78 -66.40
CA VAL H 100 -17.85 24.24 -65.22
C VAL H 100 -18.78 23.39 -64.40
N ASP H 101 -20.06 23.75 -64.32
CA ASP H 101 -21.00 23.00 -63.51
C ASP H 101 -21.46 21.74 -64.24
N GLU H 102 -22.38 21.02 -63.61
CA GLU H 102 -22.89 19.72 -64.06
C GLU H 102 -21.83 18.85 -64.74
N MET I 1 -50.43 20.67 -22.71
CA MET I 1 -50.80 20.25 -24.05
C MET I 1 -49.80 20.80 -25.05
N PRO I 2 -49.69 20.17 -26.23
CA PRO I 2 -48.65 20.56 -27.20
C PRO I 2 -48.53 22.05 -27.41
N LYS I 3 -47.39 22.61 -27.02
CA LYS I 3 -47.13 24.03 -27.18
C LYS I 3 -46.93 24.41 -28.63
N ARG I 4 -46.67 23.43 -29.51
CA ARG I 4 -46.71 23.72 -30.94
C ARG I 4 -48.08 24.20 -31.37
N HIS I 5 -49.13 23.73 -30.70
CA HIS I 5 -50.46 24.29 -30.94
C HIS I 5 -50.53 25.74 -30.50
N ARG I 6 -49.92 26.08 -29.37
CA ARG I 6 -49.82 27.48 -28.96
C ARG I 6 -49.10 28.30 -30.01
N GLU I 7 -48.00 27.78 -30.55
CA GLU I 7 -47.26 28.51 -31.58
C GLU I 7 -48.10 28.68 -32.84
N HIS I 8 -48.83 27.64 -33.23
CA HIS I 8 -49.72 27.74 -34.38
C HIS I 8 -50.77 28.81 -34.16
N ILE I 9 -51.37 28.84 -32.97
CA ILE I 9 -52.37 29.87 -32.67
C ILE I 9 -51.73 31.25 -32.74
N ARG I 10 -50.54 31.38 -32.17
CA ARG I 10 -49.87 32.68 -32.10
C ARG I 10 -49.52 33.20 -33.50
N LYS I 11 -48.95 32.33 -34.33
CA LYS I 11 -48.52 32.76 -35.66
C LYS I 11 -49.67 33.01 -36.61
N ASN I 12 -50.85 32.44 -36.34
CA ASN I 12 -52.01 32.61 -37.19
C ASN I 12 -53.05 33.54 -36.58
N LEU I 13 -52.65 34.33 -35.58
CA LEU I 13 -53.58 35.28 -34.96
C LEU I 13 -54.06 36.32 -35.97
N ASN I 14 -53.16 36.83 -36.80
CA ASN I 14 -53.56 37.90 -37.72
C ASN I 14 -54.40 37.40 -38.89
N ILE I 15 -54.85 36.15 -38.87
CA ILE I 15 -55.87 35.65 -39.79
C ILE I 15 -57.20 35.49 -39.08
N LEU I 16 -57.21 34.77 -37.96
CA LEU I 16 -58.45 34.55 -37.22
C LEU I 16 -58.96 35.80 -36.53
N VAL I 17 -58.09 36.78 -36.29
CA VAL I 17 -58.52 38.00 -35.62
C VAL I 17 -59.51 38.77 -36.47
N GLU I 18 -59.45 38.60 -37.80
CA GLU I 18 -60.35 39.27 -38.71
C GLU I 18 -61.26 38.33 -39.50
N TRP I 19 -60.95 37.03 -39.55
CA TRP I 19 -61.81 36.11 -40.29
C TRP I 19 -63.02 35.65 -39.49
N THR I 20 -63.09 35.95 -38.21
CA THR I 20 -64.18 35.48 -37.36
C THR I 20 -64.92 36.67 -36.75
N ASN I 21 -66.25 36.60 -36.77
CA ASN I 21 -67.06 37.63 -36.14
C ASN I 21 -66.75 37.68 -34.65
N TYR I 22 -66.46 38.88 -34.15
CA TYR I 22 -66.10 39.01 -32.74
C TYR I 22 -67.27 38.64 -31.85
N GLU I 23 -68.45 39.20 -32.13
CA GLU I 23 -69.61 38.97 -31.27
C GLU I 23 -70.11 37.54 -31.39
N ARG I 24 -70.24 37.02 -32.61
CA ARG I 24 -70.74 35.67 -32.79
C ARG I 24 -69.79 34.64 -32.17
N LEU I 25 -68.48 34.81 -32.40
CA LEU I 25 -67.53 33.87 -31.81
C LEU I 25 -67.53 33.99 -30.29
N ALA I 26 -67.64 35.21 -29.77
CA ALA I 26 -67.66 35.40 -28.32
C ALA I 26 -68.87 34.72 -27.70
N MET I 27 -70.05 34.94 -28.27
CA MET I 27 -71.25 34.32 -27.72
C MET I 27 -71.19 32.81 -27.85
N GLU I 28 -70.63 32.30 -28.95
CA GLU I 28 -70.51 30.86 -29.10
C GLU I 28 -69.58 30.28 -28.04
N CYS I 29 -68.40 30.87 -27.86
CA CYS I 29 -67.42 30.30 -26.94
C CYS I 29 -67.88 30.41 -25.49
N VAL I 30 -68.46 31.55 -25.11
CA VAL I 30 -68.99 31.66 -23.76
C VAL I 30 -70.18 30.73 -23.58
N GLN I 31 -70.98 30.54 -24.63
CA GLN I 31 -72.03 29.54 -24.61
C GLN I 31 -71.43 28.14 -24.70
N GLN I 32 -70.24 28.01 -25.29
CA GLN I 32 -69.59 26.72 -25.40
C GLN I 32 -69.16 26.18 -24.03
N GLY I 33 -69.23 27.00 -22.99
CA GLY I 33 -68.84 26.57 -21.67
C GLY I 33 -67.40 26.86 -21.33
N ILE I 34 -66.78 27.82 -21.99
CA ILE I 34 -65.35 28.10 -21.86
C ILE I 34 -65.12 29.36 -21.05
N LEU I 35 -65.81 30.44 -21.38
CA LEU I 35 -65.67 31.71 -20.69
C LEU I 35 -66.85 31.94 -19.76
N THR I 36 -66.66 32.84 -18.80
CA THR I 36 -67.68 33.23 -17.84
C THR I 36 -68.03 34.69 -18.05
N VAL I 37 -68.93 35.18 -17.20
CA VAL I 37 -69.31 36.59 -17.27
C VAL I 37 -68.12 37.48 -16.97
N GLN I 38 -67.33 37.14 -15.94
CA GLN I 38 -66.09 37.86 -15.70
C GLN I 38 -65.09 37.61 -16.80
N MET I 39 -65.04 36.38 -17.31
CA MET I 39 -64.10 36.08 -18.39
C MET I 39 -64.49 36.81 -19.67
N LEU I 40 -65.77 36.78 -20.05
CA LEU I 40 -66.17 37.54 -21.22
C LEU I 40 -66.02 39.04 -20.99
N ARG I 41 -66.16 39.50 -19.75
CA ARG I 41 -65.98 40.91 -19.45
C ARG I 41 -64.52 41.33 -19.66
N ASN I 42 -63.59 40.57 -19.09
CA ASN I 42 -62.18 40.88 -19.29
C ASN I 42 -61.76 40.64 -20.73
N THR I 43 -62.49 39.81 -21.45
CA THR I 43 -62.25 39.64 -22.87
C THR I 43 -62.67 40.88 -23.65
N GLN I 44 -63.86 41.39 -23.38
CA GLN I 44 -64.39 42.51 -24.13
C GLN I 44 -63.66 43.81 -23.77
N ASP I 45 -63.41 44.05 -22.49
CA ASP I 45 -62.77 45.28 -22.09
C ASP I 45 -61.29 45.26 -22.45
N LEU I 46 -60.63 46.39 -22.24
CA LEU I 46 -59.22 46.53 -22.60
C LEU I 46 -58.58 47.48 -21.58
N ASN I 47 -57.39 48.00 -21.91
CA ASN I 47 -56.69 48.86 -20.97
C ASN I 47 -57.52 50.08 -20.58
N GLY I 48 -58.50 50.45 -21.40
CA GLY I 48 -59.34 51.59 -21.15
C GLY I 48 -58.89 52.83 -21.89
N LYS I 49 -57.58 53.01 -22.08
CA LYS I 49 -57.09 54.09 -22.91
C LYS I 49 -57.49 53.95 -24.38
N PRO I 50 -57.86 52.73 -24.91
CA PRO I 50 -58.38 52.66 -26.28
C PRO I 50 -59.45 53.69 -26.65
N PHE I 51 -60.04 54.36 -25.66
CA PHE I 51 -61.08 55.36 -25.96
C PHE I 51 -60.59 56.42 -26.95
N ASN I 52 -59.30 56.76 -26.90
CA ASN I 52 -58.77 57.74 -27.85
C ASN I 52 -58.66 57.14 -29.25
N MET I 53 -58.16 55.91 -29.37
CA MET I 53 -58.17 55.23 -30.65
C MET I 53 -59.61 54.96 -31.11
N ASP I 54 -59.77 54.85 -32.43
CA ASP I 54 -61.06 54.57 -33.03
C ASP I 54 -61.48 53.12 -32.75
N GLU I 55 -62.72 52.80 -33.15
CA GLU I 55 -63.28 51.50 -32.84
C GLU I 55 -62.76 50.39 -33.74
N LYS I 56 -62.32 50.72 -34.97
CA LYS I 56 -62.02 49.68 -35.94
C LYS I 56 -60.88 48.78 -35.47
N ASP I 57 -59.83 49.38 -34.90
CA ASP I 57 -58.72 48.59 -34.39
C ASP I 57 -58.99 48.12 -32.96
N VAL I 58 -59.85 48.82 -32.23
CA VAL I 58 -60.20 48.39 -30.88
C VAL I 58 -60.91 47.05 -30.92
N ARG I 59 -61.87 46.89 -31.82
CA ARG I 59 -62.57 45.61 -31.94
C ARG I 59 -61.63 44.52 -32.43
N VAL I 60 -60.74 44.85 -33.37
CA VAL I 60 -59.77 43.89 -33.85
C VAL I 60 -58.89 43.41 -32.71
N GLU I 61 -58.39 44.35 -31.90
CA GLU I 61 -57.53 43.97 -30.79
C GLU I 61 -58.31 43.26 -29.69
N GLN I 62 -59.61 43.53 -29.58
CA GLN I 62 -60.45 42.77 -28.66
C GLN I 62 -60.55 41.31 -29.10
N HIS I 63 -60.78 41.09 -30.39
CA HIS I 63 -60.77 39.73 -30.93
C HIS I 63 -59.40 39.09 -30.72
N ARG I 64 -58.35 39.88 -30.92
CA ARG I 64 -56.98 39.40 -30.70
C ARG I 64 -56.77 38.98 -29.25
N ARG I 65 -57.25 39.79 -28.31
CA ARG I 65 -57.15 39.46 -26.90
C ARG I 65 -57.95 38.20 -26.58
N LEU I 66 -59.11 38.04 -27.24
CA LEU I 66 -59.90 36.84 -27.09
C LEU I 66 -59.07 35.61 -27.48
N LEU I 67 -58.43 35.67 -28.64
CA LEU I 67 -57.57 34.56 -29.06
C LEU I 67 -56.39 34.38 -28.12
N LEU I 68 -55.87 35.47 -27.56
CA LEU I 68 -54.75 35.35 -26.63
C LEU I 68 -55.15 34.61 -25.36
N LYS I 69 -56.32 34.93 -24.82
CA LYS I 69 -56.75 34.36 -23.55
C LYS I 69 -57.44 33.01 -23.71
N ILE I 70 -57.84 32.64 -24.92
CA ILE I 70 -58.51 31.35 -25.09
C ILE I 70 -57.51 30.20 -24.91
N THR I 71 -56.26 30.39 -25.33
CA THR I 71 -55.28 29.31 -25.23
C THR I 71 -54.85 29.06 -23.80
N GLN I 72 -55.24 29.91 -22.86
CA GLN I 72 -55.01 29.66 -21.45
C GLN I 72 -55.90 28.53 -20.91
N ARG I 73 -56.89 28.10 -21.68
CA ARG I 73 -57.87 27.14 -21.20
C ARG I 73 -57.36 25.71 -21.40
N GLY I 74 -58.25 24.72 -21.26
CA GLY I 74 -57.87 23.33 -21.28
C GLY I 74 -57.36 22.87 -22.64
N PRO I 75 -56.69 21.71 -22.65
CA PRO I 75 -56.15 21.20 -23.92
C PRO I 75 -57.20 20.95 -24.97
N THR I 76 -58.38 20.48 -24.56
CA THR I 76 -59.45 20.17 -25.50
C THR I 76 -60.14 21.41 -26.04
N ALA I 77 -59.89 22.57 -25.45
CA ALA I 77 -60.57 23.79 -25.88
C ALA I 77 -60.39 24.01 -27.37
N TYR I 78 -59.19 23.76 -27.89
CA TYR I 78 -58.94 23.89 -29.32
C TYR I 78 -59.96 23.08 -30.11
N ASN I 79 -60.08 21.79 -29.78
CA ASN I 79 -61.11 20.98 -30.40
C ASN I 79 -62.49 21.58 -30.16
N LEU I 80 -62.75 22.01 -28.93
CA LEU I 80 -63.99 22.70 -28.64
C LEU I 80 -64.11 23.96 -29.48
N LEU I 81 -63.02 24.72 -29.60
CA LEU I 81 -63.00 25.85 -30.52
C LEU I 81 -63.20 25.37 -31.95
N ILE I 82 -62.59 24.23 -32.30
CA ILE I 82 -62.86 23.63 -33.59
C ILE I 82 -64.36 23.40 -33.75
N ASN I 83 -65.00 22.91 -32.70
CA ASN I 83 -66.46 22.85 -32.70
C ASN I 83 -67.05 24.24 -32.80
N ALA I 84 -66.59 25.16 -31.95
CA ALA I 84 -67.16 26.50 -31.92
C ALA I 84 -67.06 27.18 -33.29
N LEU I 85 -65.90 27.03 -33.94
CA LEU I 85 -65.72 27.62 -35.26
C LEU I 85 -66.74 27.09 -36.24
N ARG I 86 -67.03 25.78 -36.19
CA ARG I 86 -68.03 25.25 -37.09
C ARG I 86 -69.41 25.79 -36.76
N ASN I 87 -69.65 26.13 -35.50
CA ASN I 87 -70.86 26.87 -35.14
C ASN I 87 -70.87 28.23 -35.81
N ILE I 88 -69.72 28.91 -35.84
CA ILE I 88 -69.62 30.17 -36.55
C ILE I 88 -69.77 29.97 -38.04
N ASN I 89 -69.65 28.73 -38.51
CA ASN I 89 -69.69 28.36 -39.92
C ASN I 89 -68.52 28.94 -40.71
N CYS I 90 -67.58 29.59 -40.02
CA CYS I 90 -66.32 29.99 -40.64
C CYS I 90 -65.42 28.77 -40.75
N LEU I 91 -65.92 27.79 -41.50
CA LEU I 91 -65.22 26.52 -41.64
C LEU I 91 -63.88 26.69 -42.32
N ASP I 92 -63.74 27.75 -43.13
CA ASP I 92 -62.45 28.08 -43.72
C ASP I 92 -61.40 28.32 -42.65
N ALA I 93 -61.83 28.80 -41.47
CA ALA I 93 -60.89 28.99 -40.37
C ALA I 93 -60.64 27.70 -39.60
N ALA I 94 -61.69 26.89 -39.42
CA ALA I 94 -61.53 25.64 -38.68
C ALA I 94 -60.64 24.67 -39.42
N VAL I 95 -60.76 24.61 -40.75
CA VAL I 95 -59.92 23.71 -41.52
C VAL I 95 -58.46 24.15 -41.44
N LEU I 96 -58.21 25.45 -41.39
CA LEU I 96 -56.84 25.93 -41.23
C LEU I 96 -56.32 25.61 -39.84
N LEU I 97 -57.16 25.77 -38.82
CA LEU I 97 -56.76 25.43 -37.46
C LEU I 97 -56.38 23.96 -37.34
N GLU I 98 -57.19 23.08 -37.93
CA GLU I 98 -56.93 21.66 -37.84
C GLU I 98 -55.90 21.18 -38.85
N SER I 99 -55.57 21.99 -39.86
CA SER I 99 -54.63 21.56 -40.89
C SER I 99 -53.23 21.36 -40.32
N VAL I 100 -52.81 22.25 -39.43
CA VAL I 100 -51.48 22.12 -38.84
C VAL I 100 -51.36 20.84 -38.04
N ASP I 101 -52.46 20.37 -37.47
CA ASP I 101 -52.45 19.15 -36.68
C ASP I 101 -52.61 17.94 -37.62
N GLU I 102 -52.73 16.76 -37.01
CA GLU I 102 -52.74 15.46 -37.69
C GLU I 102 -51.86 15.43 -38.94
N MET J 1 -61.99 -7.08 5.59
CA MET J 1 -61.47 -7.25 4.24
C MET J 1 -60.64 -6.01 3.86
N PRO J 2 -59.77 -6.11 2.85
CA PRO J 2 -58.92 -4.97 2.48
C PRO J 2 -59.72 -3.69 2.22
N LYS J 3 -58.94 -2.63 2.05
CA LYS J 3 -59.44 -1.26 2.11
C LYS J 3 -60.12 -0.79 0.83
N ARG J 4 -59.88 -1.45 -0.30
CA ARG J 4 -60.66 -1.16 -1.50
C ARG J 4 -62.14 -1.29 -1.21
N HIS J 5 -62.49 -2.30 -0.43
CA HIS J 5 -63.87 -2.57 -0.05
C HIS J 5 -64.39 -1.47 0.86
N ARG J 6 -63.56 -1.03 1.82
CA ARG J 6 -63.98 0.09 2.66
C ARG J 6 -64.28 1.32 1.81
N GLU J 7 -63.38 1.67 0.88
CA GLU J 7 -63.60 2.88 0.09
C GLU J 7 -64.79 2.72 -0.83
N HIS J 8 -64.99 1.52 -1.38
CA HIS J 8 -66.13 1.27 -2.23
C HIS J 8 -67.43 1.42 -1.47
N ILE J 9 -67.49 0.85 -0.27
CA ILE J 9 -68.68 0.98 0.56
C ILE J 9 -68.94 2.45 0.87
N ARG J 10 -67.90 3.16 1.30
CA ARG J 10 -68.10 4.52 1.77
C ARG J 10 -68.50 5.45 0.63
N LYS J 11 -67.90 5.27 -0.55
CA LYS J 11 -68.23 6.12 -1.68
C LYS J 11 -69.64 5.88 -2.21
N ASN J 12 -70.22 4.70 -1.95
CA ASN J 12 -71.54 4.37 -2.44
C ASN J 12 -72.61 4.46 -1.36
N LEU J 13 -72.33 5.17 -0.27
CA LEU J 13 -73.30 5.27 0.82
C LEU J 13 -74.59 5.94 0.36
N ASN J 14 -74.47 7.03 -0.40
CA ASN J 14 -75.66 7.71 -0.89
C ASN J 14 -76.51 6.79 -1.76
N ILE J 15 -75.87 5.93 -2.54
CA ILE J 15 -76.60 4.98 -3.37
C ILE J 15 -77.41 4.02 -2.50
N LEU J 16 -76.71 3.23 -1.69
CA LEU J 16 -77.38 2.17 -0.96
C LEU J 16 -78.38 2.71 0.06
N VAL J 17 -78.11 3.89 0.63
CA VAL J 17 -79.00 4.43 1.63
C VAL J 17 -80.37 4.75 1.04
N GLU J 18 -80.44 4.95 -0.27
CA GLU J 18 -81.70 5.27 -0.95
C GLU J 18 -82.28 4.11 -1.74
N TRP J 19 -81.43 3.25 -2.30
CA TRP J 19 -81.93 2.12 -3.09
C TRP J 19 -82.43 0.96 -2.26
N THR J 20 -82.15 0.94 -0.97
CA THR J 20 -82.53 -0.16 -0.10
C THR J 20 -83.53 0.32 0.94
N ASN J 21 -84.55 -0.48 1.20
CA ASN J 21 -85.49 -0.18 2.28
C ASN J 21 -84.84 -0.47 3.62
N TYR J 22 -85.11 0.39 4.60
CA TYR J 22 -84.50 0.22 5.91
C TYR J 22 -85.04 -1.01 6.62
N GLU J 23 -86.36 -1.15 6.66
CA GLU J 23 -86.97 -2.19 7.47
C GLU J 23 -86.61 -3.59 6.96
N ARG J 24 -86.83 -3.84 5.67
CA ARG J 24 -86.61 -5.16 5.12
C ARG J 24 -85.15 -5.56 5.22
N LEU J 25 -84.26 -4.66 4.78
CA LEU J 25 -82.84 -4.94 4.84
C LEU J 25 -82.39 -5.17 6.28
N ALA J 26 -82.89 -4.34 7.20
CA ALA J 26 -82.49 -4.47 8.59
C ALA J 26 -82.91 -5.82 9.17
N MET J 27 -84.19 -6.18 9.07
CA MET J 27 -84.60 -7.45 9.65
C MET J 27 -83.94 -8.62 8.96
N GLU J 28 -83.82 -8.57 7.64
CA GLU J 28 -83.21 -9.68 6.92
C GLU J 28 -81.75 -9.84 7.31
N CYS J 29 -81.01 -8.74 7.44
CA CYS J 29 -79.59 -8.83 7.78
C CYS J 29 -79.41 -9.28 9.23
N VAL J 30 -80.30 -8.84 10.12
CA VAL J 30 -80.17 -9.24 11.52
C VAL J 30 -80.49 -10.73 11.69
N GLN J 31 -81.51 -11.23 11.01
CA GLN J 31 -81.69 -12.68 10.95
C GLN J 31 -80.72 -13.35 9.99
N GLN J 32 -80.06 -12.59 9.10
CA GLN J 32 -78.97 -13.17 8.33
C GLN J 32 -77.80 -13.59 9.22
N GLY J 33 -77.78 -13.13 10.46
CA GLY J 33 -76.67 -13.42 11.36
C GLY J 33 -75.62 -12.35 11.29
N ILE J 34 -76.05 -11.09 11.28
CA ILE J 34 -75.13 -9.97 11.11
C ILE J 34 -75.16 -9.08 12.34
N LEU J 35 -76.33 -8.56 12.69
CA LEU J 35 -76.50 -7.70 13.85
C LEU J 35 -77.03 -8.48 15.05
N THR J 36 -77.07 -7.80 16.18
CA THR J 36 -77.66 -8.30 17.41
C THR J 36 -78.78 -7.36 17.84
N VAL J 37 -79.55 -7.79 18.85
CA VAL J 37 -80.62 -6.94 19.37
C VAL J 37 -80.05 -5.64 19.90
N GLN J 38 -78.95 -5.71 20.65
CA GLN J 38 -78.28 -4.51 21.09
C GLN J 38 -77.79 -3.68 19.92
N MET J 39 -77.18 -4.33 18.93
CA MET J 39 -76.58 -3.57 17.86
C MET J 39 -77.64 -2.96 16.96
N LEU J 40 -78.71 -3.71 16.67
CA LEU J 40 -79.80 -3.14 15.90
C LEU J 40 -80.46 -1.99 16.65
N ARG J 41 -80.62 -2.15 17.97
CA ARG J 41 -81.29 -1.10 18.73
C ARG J 41 -80.43 0.16 18.84
N ASN J 42 -79.11 -0.01 18.91
CA ASN J 42 -78.23 1.15 18.96
C ASN J 42 -78.08 1.81 17.60
N THR J 43 -78.17 1.03 16.53
CA THR J 43 -78.08 1.60 15.19
C THR J 43 -79.37 2.34 14.83
N GLN J 44 -80.52 1.73 15.09
CA GLN J 44 -81.79 2.37 14.78
C GLN J 44 -81.98 3.63 15.61
N ASP J 45 -81.83 3.51 16.93
CA ASP J 45 -81.87 4.69 17.77
C ASP J 45 -80.66 5.55 17.50
N LEU J 46 -80.85 6.86 17.59
CA LEU J 46 -79.78 7.81 17.34
C LEU J 46 -79.26 8.33 18.67
N ASN J 47 -78.35 9.31 18.58
CA ASN J 47 -77.80 9.90 19.79
C ASN J 47 -78.86 10.67 20.59
N GLY J 48 -80.01 10.93 19.99
CA GLY J 48 -81.09 11.64 20.63
C GLY J 48 -81.19 13.10 20.26
N LYS J 49 -80.12 13.68 19.73
CA LYS J 49 -80.13 15.10 19.36
C LYS J 49 -81.08 15.45 18.23
N PRO J 50 -81.44 14.53 17.28
CA PRO J 50 -82.34 14.96 16.20
C PRO J 50 -83.76 15.24 16.68
N PHE J 51 -83.88 15.99 17.77
CA PHE J 51 -85.14 16.65 18.05
C PHE J 51 -85.41 17.70 16.98
N ASN J 52 -84.34 18.23 16.39
CA ASN J 52 -84.45 19.17 15.29
C ASN J 52 -84.50 18.45 13.95
N MET J 53 -83.68 17.42 13.77
CA MET J 53 -83.58 16.75 12.48
C MET J 53 -84.75 15.79 12.32
N ASP J 54 -85.44 15.89 11.19
CA ASP J 54 -86.77 15.32 11.03
C ASP J 54 -86.72 13.84 10.69
N GLU J 55 -87.89 13.19 10.81
CA GLU J 55 -87.99 11.75 10.63
C GLU J 55 -87.62 11.33 9.22
N LYS J 56 -87.96 12.15 8.22
CA LYS J 56 -87.62 11.81 6.85
C LYS J 56 -86.12 11.60 6.69
N ASP J 57 -85.32 12.39 7.41
CA ASP J 57 -83.88 12.18 7.42
C ASP J 57 -83.43 11.31 8.58
N VAL J 58 -84.27 11.11 9.59
CA VAL J 58 -83.96 10.12 10.62
C VAL J 58 -83.84 8.75 10.00
N ARG J 59 -84.75 8.42 9.08
CA ARG J 59 -84.68 7.14 8.38
C ARG J 59 -83.39 7.01 7.59
N VAL J 60 -83.00 8.09 6.89
CA VAL J 60 -81.78 8.04 6.09
C VAL J 60 -80.55 7.88 6.97
N GLU J 61 -80.51 8.60 8.10
CA GLU J 61 -79.39 8.47 9.01
C GLU J 61 -79.32 7.06 9.61
N GLN J 62 -80.48 6.49 9.95
CA GLN J 62 -80.49 5.14 10.47
C GLN J 62 -79.98 4.15 9.43
N HIS J 63 -80.40 4.32 8.18
CA HIS J 63 -79.94 3.43 7.10
C HIS J 63 -78.44 3.55 6.91
N ARG J 64 -77.91 4.78 6.91
CA ARG J 64 -76.49 4.95 6.69
C ARG J 64 -75.67 4.45 7.87
N ARG J 65 -76.20 4.59 9.09
CA ARG J 65 -75.53 3.99 10.25
C ARG J 65 -75.53 2.47 10.15
N LEU J 66 -76.63 1.90 9.65
CA LEU J 66 -76.67 0.46 9.42
C LEU J 66 -75.60 0.04 8.42
N LEU J 67 -75.44 0.81 7.34
CA LEU J 67 -74.39 0.53 6.37
C LEU J 67 -73.01 0.63 7.01
N LEU J 68 -72.82 1.63 7.88
CA LEU J 68 -71.53 1.79 8.56
C LEU J 68 -71.25 0.63 9.50
N LYS J 69 -72.29 0.03 10.08
CA LYS J 69 -72.08 -1.18 10.87
C LYS J 69 -71.75 -2.36 9.98
N ILE J 70 -72.44 -2.47 8.84
CA ILE J 70 -72.22 -3.60 7.95
C ILE J 70 -70.79 -3.61 7.45
N THR J 71 -70.28 -2.45 7.05
CA THR J 71 -68.89 -2.38 6.60
C THR J 71 -67.90 -2.63 7.72
N GLN J 72 -68.35 -2.56 8.97
CA GLN J 72 -67.47 -2.73 10.11
C GLN J 72 -67.06 -4.18 10.33
N ARG J 73 -67.94 -5.13 10.02
CA ARG J 73 -67.78 -6.49 10.50
C ARG J 73 -66.75 -7.26 9.65
N GLY J 74 -66.70 -8.57 9.85
CA GLY J 74 -65.66 -9.40 9.29
C GLY J 74 -65.65 -9.46 7.78
N PRO J 75 -64.63 -10.11 7.23
CA PRO J 75 -64.48 -10.14 5.77
C PRO J 75 -65.64 -10.81 5.04
N THR J 76 -66.30 -11.78 5.66
CA THR J 76 -67.40 -12.48 5.03
C THR J 76 -68.62 -11.60 4.82
N ALA J 77 -68.57 -10.35 5.30
CA ALA J 77 -69.70 -9.44 5.22
C ALA J 77 -70.32 -9.46 3.83
N TYR J 78 -69.51 -9.15 2.81
CA TYR J 78 -70.01 -9.18 1.45
C TYR J 78 -70.74 -10.48 1.13
N ASN J 79 -70.11 -11.64 1.39
CA ASN J 79 -70.84 -12.90 1.25
C ASN J 79 -72.14 -12.84 2.01
N LEU J 80 -72.04 -12.62 3.33
CA LEU J 80 -73.21 -12.55 4.19
C LEU J 80 -74.17 -11.43 3.80
N LEU J 81 -73.72 -10.46 3.00
CA LEU J 81 -74.64 -9.47 2.48
C LEU J 81 -74.99 -9.65 1.01
N ILE J 82 -74.15 -10.34 0.23
CA ILE J 82 -74.44 -10.44 -1.21
C ILE J 82 -75.74 -11.19 -1.42
N ASN J 83 -75.90 -12.31 -0.73
CA ASN J 83 -77.19 -12.99 -0.68
C ASN J 83 -78.27 -12.12 -0.02
N ALA J 84 -77.87 -11.31 0.95
CA ALA J 84 -78.85 -10.56 1.75
C ALA J 84 -79.71 -9.66 0.87
N LEU J 85 -79.08 -8.84 0.03
CA LEU J 85 -79.86 -7.98 -0.86
C LEU J 85 -80.69 -8.81 -1.84
N ARG J 86 -80.24 -10.03 -2.15
CA ARG J 86 -81.02 -10.89 -3.03
C ARG J 86 -82.32 -11.31 -2.35
N ASN J 87 -82.32 -11.39 -1.02
CA ASN J 87 -83.57 -11.51 -0.29
C ASN J 87 -84.32 -10.18 -0.27
N ILE J 88 -83.57 -9.07 -0.18
CA ILE J 88 -84.18 -7.74 -0.27
C ILE J 88 -84.57 -7.40 -1.70
N ASN J 89 -84.07 -8.16 -2.68
CA ASN J 89 -84.39 -7.99 -4.09
C ASN J 89 -83.92 -6.64 -4.62
N CYS J 90 -82.90 -6.04 -3.99
CA CYS J 90 -82.32 -4.79 -4.47
C CYS J 90 -81.15 -5.07 -5.41
N LEU J 91 -81.47 -5.70 -6.53
CA LEU J 91 -80.44 -6.04 -7.50
C LEU J 91 -79.86 -4.80 -8.19
N ASP J 92 -80.64 -3.72 -8.26
CA ASP J 92 -80.14 -2.50 -8.90
C ASP J 92 -78.88 -2.01 -8.19
N ALA J 93 -78.86 -2.07 -6.87
CA ALA J 93 -77.67 -1.73 -6.10
C ALA J 93 -76.81 -2.95 -5.79
N ALA J 94 -77.37 -4.15 -5.85
CA ALA J 94 -76.55 -5.35 -5.68
C ALA J 94 -75.52 -5.47 -6.79
N VAL J 95 -75.92 -5.20 -8.03
CA VAL J 95 -74.97 -5.22 -9.13
C VAL J 95 -73.93 -4.11 -8.95
N LEU J 96 -74.37 -2.95 -8.45
CA LEU J 96 -73.44 -1.85 -8.22
C LEU J 96 -72.38 -2.21 -7.20
N LEU J 97 -72.79 -2.83 -6.09
CA LEU J 97 -71.83 -3.19 -5.05
C LEU J 97 -70.93 -4.33 -5.51
N GLU J 98 -71.48 -5.30 -6.23
CA GLU J 98 -70.65 -6.41 -6.70
C GLU J 98 -69.72 -5.99 -7.84
N SER J 99 -70.03 -4.90 -8.53
CA SER J 99 -69.21 -4.45 -9.64
C SER J 99 -67.83 -3.99 -9.21
N VAL J 100 -67.67 -3.57 -7.94
CA VAL J 100 -66.36 -3.15 -7.49
C VAL J 100 -65.39 -4.34 -7.49
N ASP J 101 -65.92 -5.54 -7.26
CA ASP J 101 -65.14 -6.75 -7.36
C ASP J 101 -65.17 -7.23 -8.80
N GLU J 102 -64.64 -8.42 -9.06
CA GLU J 102 -64.46 -8.98 -10.41
C GLU J 102 -64.14 -7.93 -11.47
N MET K 1 -44.39 -40.57 20.98
CA MET K 1 -45.34 -40.28 19.90
C MET K 1 -45.42 -38.78 19.62
N PRO K 2 -45.75 -38.43 18.37
CA PRO K 2 -45.90 -37.01 18.03
C PRO K 2 -47.05 -36.38 18.81
N LYS K 3 -46.91 -35.09 19.08
CA LYS K 3 -47.94 -34.36 19.81
C LYS K 3 -49.27 -34.35 19.07
N ARG K 4 -49.27 -34.54 17.76
CA ARG K 4 -50.52 -34.56 17.02
C ARG K 4 -51.43 -35.68 17.49
N HIS K 5 -50.86 -36.83 17.85
CA HIS K 5 -51.67 -37.91 18.42
C HIS K 5 -52.39 -37.45 19.68
N ARG K 6 -51.63 -36.88 20.62
CA ARG K 6 -52.22 -36.46 21.89
C ARG K 6 -53.26 -35.37 21.67
N GLU K 7 -52.97 -34.40 20.81
CA GLU K 7 -53.92 -33.34 20.54
C GLU K 7 -55.20 -33.88 19.91
N HIS K 8 -55.07 -34.85 18.99
CA HIS K 8 -56.24 -35.48 18.40
C HIS K 8 -57.07 -36.19 19.46
N ILE K 9 -56.41 -36.89 20.38
CA ILE K 9 -57.16 -37.57 21.43
C ILE K 9 -57.87 -36.57 22.33
N ARG K 10 -57.21 -35.47 22.67
CA ARG K 10 -57.87 -34.46 23.50
C ARG K 10 -59.08 -33.87 22.80
N LYS K 11 -58.92 -33.40 21.56
CA LYS K 11 -60.01 -32.72 20.87
C LYS K 11 -61.14 -33.67 20.53
N ASN K 12 -60.83 -34.95 20.28
CA ASN K 12 -61.83 -35.94 19.94
C ASN K 12 -62.14 -36.88 21.11
N LEU K 13 -61.88 -36.44 22.34
CA LEU K 13 -62.17 -37.28 23.49
C LEU K 13 -63.66 -37.54 23.66
N ASN K 14 -64.48 -36.53 23.36
CA ASN K 14 -65.91 -36.63 23.61
C ASN K 14 -66.55 -37.72 22.75
N ILE K 15 -66.31 -37.69 21.45
CA ILE K 15 -66.89 -38.69 20.57
C ILE K 15 -66.42 -40.09 20.95
N LEU K 16 -65.11 -40.22 21.20
CA LEU K 16 -64.53 -41.52 21.50
C LEU K 16 -65.10 -42.09 22.80
N VAL K 17 -65.18 -41.27 23.84
CA VAL K 17 -65.77 -41.73 25.10
C VAL K 17 -67.24 -42.05 24.90
N GLU K 18 -67.89 -41.40 23.95
CA GLU K 18 -69.29 -41.71 23.68
C GLU K 18 -69.43 -43.09 23.04
N TRP K 19 -68.63 -43.38 22.02
CA TRP K 19 -68.78 -44.65 21.31
C TRP K 19 -68.38 -45.82 22.19
N THR K 20 -67.22 -45.71 22.82
CA THR K 20 -66.57 -46.87 23.40
C THR K 20 -67.16 -47.24 24.75
N ASN K 21 -67.49 -48.51 24.92
CA ASN K 21 -67.87 -49.03 26.23
C ASN K 21 -66.70 -48.93 27.18
N TYR K 22 -67.00 -48.74 28.46
CA TYR K 22 -65.93 -48.55 29.43
C TYR K 22 -65.29 -49.88 29.82
N GLU K 23 -66.10 -50.81 30.34
CA GLU K 23 -65.54 -52.08 30.81
C GLU K 23 -64.95 -52.90 29.67
N ARG K 24 -65.63 -52.92 28.52
CA ARG K 24 -65.15 -53.70 27.39
C ARG K 24 -63.81 -53.18 26.89
N LEU K 25 -63.72 -51.86 26.70
CA LEU K 25 -62.45 -51.28 26.26
C LEU K 25 -61.37 -51.47 27.32
N ALA K 26 -61.74 -51.37 28.59
CA ALA K 26 -60.76 -51.55 29.66
C ALA K 26 -60.17 -52.96 29.66
N MET K 27 -61.04 -53.96 29.60
CA MET K 27 -60.58 -55.34 29.57
C MET K 27 -59.78 -55.63 28.30
N GLU K 28 -60.24 -55.12 27.15
CA GLU K 28 -59.50 -55.32 25.91
C GLU K 28 -58.13 -54.66 25.95
N CYS K 29 -58.02 -53.47 26.51
CA CYS K 29 -56.75 -52.78 26.52
C CYS K 29 -55.78 -53.41 27.53
N VAL K 30 -56.28 -53.79 28.70
CA VAL K 30 -55.41 -54.43 29.68
C VAL K 30 -54.92 -55.78 29.18
N GLN K 31 -55.78 -56.50 28.44
CA GLN K 31 -55.33 -57.71 27.79
C GLN K 31 -54.39 -57.40 26.64
N GLN K 32 -54.61 -56.30 25.94
CA GLN K 32 -53.82 -55.93 24.77
C GLN K 32 -52.39 -55.64 25.14
N GLY K 33 -52.11 -55.47 26.42
CA GLY K 33 -50.80 -55.08 26.90
C GLY K 33 -50.65 -53.61 27.17
N ILE K 34 -51.72 -52.93 27.58
CA ILE K 34 -51.73 -51.48 27.74
C ILE K 34 -51.77 -51.07 29.21
N LEU K 35 -52.52 -51.79 30.03
CA LEU K 35 -52.65 -51.44 31.44
C LEU K 35 -52.21 -52.59 32.34
N THR K 36 -51.90 -52.24 33.58
CA THR K 36 -51.66 -53.18 34.67
C THR K 36 -52.72 -52.95 35.74
N VAL K 37 -52.79 -53.88 36.70
CA VAL K 37 -53.83 -53.81 37.71
C VAL K 37 -53.71 -52.54 38.54
N GLN K 38 -52.48 -52.16 38.89
CA GLN K 38 -52.27 -50.97 39.70
C GLN K 38 -52.82 -49.73 39.02
N MET K 39 -52.43 -49.51 37.75
CA MET K 39 -52.85 -48.30 37.07
C MET K 39 -54.35 -48.33 36.75
N LEU K 40 -54.90 -49.50 36.43
CA LEU K 40 -56.33 -49.55 36.14
C LEU K 40 -57.16 -49.33 37.40
N ARG K 41 -56.62 -49.69 38.57
CA ARG K 41 -57.31 -49.38 39.81
C ARG K 41 -57.52 -47.87 39.93
N ASN K 42 -56.47 -47.10 39.73
CA ASN K 42 -56.59 -45.65 39.78
C ASN K 42 -57.44 -45.13 38.62
N THR K 43 -57.36 -45.78 37.47
CA THR K 43 -58.16 -45.36 36.31
C THR K 43 -59.65 -45.48 36.59
N GLN K 44 -60.07 -46.60 37.18
CA GLN K 44 -61.47 -46.77 37.54
C GLN K 44 -61.83 -45.98 38.79
N ASP K 45 -60.83 -45.60 39.60
CA ASP K 45 -61.09 -44.75 40.75
C ASP K 45 -61.56 -43.36 40.34
N LEU K 46 -61.34 -42.97 39.08
CA LEU K 46 -61.74 -41.68 38.58
C LEU K 46 -61.14 -40.57 39.41
N ASN K 47 -61.91 -40.02 40.35
CA ASN K 47 -61.49 -38.86 41.12
C ASN K 47 -61.80 -38.96 42.62
N GLY K 48 -62.63 -39.90 43.06
CA GLY K 48 -63.19 -39.88 44.39
C GLY K 48 -64.38 -38.96 44.52
N LYS K 49 -64.37 -37.84 43.78
CA LYS K 49 -65.50 -36.97 43.54
C LYS K 49 -66.71 -37.70 42.96
N PRO K 50 -66.54 -38.84 42.22
CA PRO K 50 -67.69 -39.61 41.78
C PRO K 50 -68.80 -39.81 42.81
N PHE K 51 -68.48 -39.64 44.09
CA PHE K 51 -69.50 -39.77 45.12
C PHE K 51 -70.58 -38.71 44.97
N ASN K 52 -70.18 -37.43 44.84
CA ASN K 52 -71.16 -36.36 45.01
C ASN K 52 -72.07 -36.19 43.80
N MET K 53 -71.54 -36.31 42.58
CA MET K 53 -72.50 -36.29 41.48
C MET K 53 -73.13 -37.67 41.32
N ASP K 54 -74.02 -37.79 40.34
CA ASP K 54 -74.72 -39.03 40.08
C ASP K 54 -73.76 -40.06 39.46
N GLU K 55 -74.19 -41.33 39.49
CA GLU K 55 -73.40 -42.38 38.86
C GLU K 55 -73.31 -42.17 37.35
N LYS K 56 -74.32 -41.53 36.75
CA LYS K 56 -74.32 -41.32 35.31
C LYS K 56 -73.13 -40.50 34.85
N ASP K 57 -72.59 -39.66 35.72
CA ASP K 57 -71.42 -38.84 35.42
C ASP K 57 -70.15 -39.39 36.07
N VAL K 58 -70.03 -40.71 36.14
CA VAL K 58 -68.86 -41.34 36.74
C VAL K 58 -68.20 -42.24 35.70
N ARG K 59 -68.98 -43.12 35.11
CA ARG K 59 -68.45 -44.07 34.14
C ARG K 59 -67.87 -43.34 32.92
N VAL K 60 -68.55 -42.30 32.45
CA VAL K 60 -68.05 -41.54 31.31
C VAL K 60 -66.77 -40.81 31.69
N GLU K 61 -66.71 -40.25 32.90
CA GLU K 61 -65.51 -39.56 33.32
C GLU K 61 -64.37 -40.55 33.56
N GLN K 62 -64.69 -41.73 34.07
CA GLN K 62 -63.69 -42.79 34.16
C GLN K 62 -63.15 -43.15 32.78
N HIS K 63 -64.04 -43.24 31.79
CA HIS K 63 -63.62 -43.62 30.45
C HIS K 63 -62.76 -42.53 29.79
N ARG K 64 -63.14 -41.27 29.96
CA ARG K 64 -62.31 -40.19 29.44
C ARG K 64 -60.97 -40.10 30.16
N ARG K 65 -60.95 -40.39 31.46
CA ARG K 65 -59.68 -40.48 32.18
C ARG K 65 -58.81 -41.60 31.62
N LEU K 66 -59.43 -42.74 31.31
CA LEU K 66 -58.71 -43.83 30.67
C LEU K 66 -58.14 -43.40 29.33
N LEU K 67 -58.95 -42.70 28.53
CA LEU K 67 -58.51 -42.21 27.24
C LEU K 67 -57.30 -41.30 27.39
N LEU K 68 -57.36 -40.44 28.42
CA LEU K 68 -56.31 -39.49 28.75
C LEU K 68 -55.03 -40.16 29.25
N LYS K 69 -55.18 -41.31 29.90
CA LYS K 69 -54.05 -42.11 30.35
C LYS K 69 -53.37 -42.82 29.18
N ILE K 70 -54.17 -43.38 28.28
CA ILE K 70 -53.68 -44.21 27.20
C ILE K 70 -53.27 -43.36 26.01
N THR K 71 -53.25 -42.04 26.22
CA THR K 71 -52.74 -41.13 25.19
C THR K 71 -51.26 -41.37 24.92
N GLN K 72 -50.46 -41.54 25.97
CA GLN K 72 -49.02 -41.66 25.86
C GLN K 72 -48.47 -42.98 26.35
N ARG K 73 -49.13 -43.63 27.29
CA ARG K 73 -48.68 -44.93 27.77
C ARG K 73 -48.85 -45.98 26.68
N GLY K 74 -47.94 -46.94 26.65
CA GLY K 74 -47.94 -47.97 25.65
C GLY K 74 -46.87 -47.71 24.61
N PRO K 75 -46.11 -48.75 24.25
CA PRO K 75 -44.99 -48.54 23.32
C PRO K 75 -45.41 -47.92 22.00
N THR K 76 -46.57 -48.33 21.48
CA THR K 76 -47.19 -47.73 20.30
C THR K 76 -48.63 -47.46 20.70
N ALA K 77 -48.84 -46.32 21.38
CA ALA K 77 -50.18 -45.97 21.82
C ALA K 77 -51.15 -45.88 20.65
N TYR K 78 -50.77 -45.17 19.58
CA TYR K 78 -51.65 -45.05 18.42
C TYR K 78 -52.01 -46.43 17.88
N ASN K 79 -50.99 -47.24 17.60
CA ASN K 79 -51.24 -48.53 16.97
C ASN K 79 -51.92 -49.51 17.93
N LEU K 80 -51.45 -49.58 19.19
CA LEU K 80 -51.99 -50.57 20.11
C LEU K 80 -53.44 -50.28 20.47
N LEU K 81 -53.77 -49.01 20.70
CA LEU K 81 -55.17 -48.63 20.84
C LEU K 81 -55.95 -48.88 19.56
N ILE K 82 -55.37 -48.63 18.39
CA ILE K 82 -56.09 -48.95 17.16
C ILE K 82 -56.48 -50.42 17.16
N ASN K 83 -55.54 -51.28 17.55
CA ASN K 83 -55.81 -52.71 17.63
C ASN K 83 -56.90 -53.01 18.65
N ALA K 84 -56.81 -52.38 19.83
CA ALA K 84 -57.80 -52.64 20.88
C ALA K 84 -59.20 -52.23 20.43
N LEU K 85 -59.33 -51.06 19.81
CA LEU K 85 -60.62 -50.59 19.31
C LEU K 85 -61.13 -51.48 18.19
N ARG K 86 -60.23 -52.00 17.35
CA ARG K 86 -60.66 -53.00 16.38
C ARG K 86 -61.19 -54.24 17.07
N ASN K 87 -60.56 -54.63 18.17
CA ASN K 87 -61.04 -55.76 18.95
C ASN K 87 -62.42 -55.47 19.55
N ILE K 88 -62.65 -54.20 19.95
CA ILE K 88 -63.95 -53.81 20.49
C ILE K 88 -65.04 -54.01 19.46
N ASN K 89 -64.69 -53.96 18.18
CA ASN K 89 -65.60 -53.94 17.04
C ASN K 89 -66.38 -52.63 16.97
N CYS K 90 -66.08 -51.68 17.86
CA CYS K 90 -66.54 -50.30 17.71
C CYS K 90 -65.64 -49.57 16.72
N LEU K 91 -65.71 -50.04 15.47
CA LEU K 91 -64.74 -49.65 14.46
C LEU K 91 -64.87 -48.19 14.06
N ASP K 92 -66.00 -47.55 14.36
CA ASP K 92 -66.10 -46.11 14.14
C ASP K 92 -65.06 -45.38 14.96
N ALA K 93 -64.88 -45.78 16.21
CA ALA K 93 -63.85 -45.19 17.06
C ALA K 93 -62.47 -45.47 16.49
N ALA K 94 -62.23 -46.69 16.00
CA ALA K 94 -60.92 -47.03 15.46
C ALA K 94 -60.60 -46.18 14.23
N VAL K 95 -61.56 -46.03 13.32
CA VAL K 95 -61.31 -45.24 12.12
C VAL K 95 -61.20 -43.76 12.47
N LEU K 96 -61.93 -43.28 13.47
CA LEU K 96 -61.75 -41.90 13.91
C LEU K 96 -60.35 -41.69 14.46
N LEU K 97 -59.83 -42.67 15.20
CA LEU K 97 -58.45 -42.60 15.66
C LEU K 97 -57.48 -42.58 14.48
N GLU K 98 -57.71 -43.44 13.49
CA GLU K 98 -56.83 -43.52 12.34
C GLU K 98 -56.91 -42.29 11.46
N SER K 99 -58.00 -41.51 11.59
CA SER K 99 -58.20 -40.36 10.72
C SER K 99 -57.09 -39.33 10.86
N VAL K 100 -56.61 -39.09 12.08
CA VAL K 100 -55.55 -38.11 12.26
C VAL K 100 -54.26 -38.55 11.59
N ASP K 101 -54.07 -39.85 11.38
CA ASP K 101 -52.94 -40.33 10.61
C ASP K 101 -53.25 -40.28 9.13
N GLU K 102 -52.28 -40.70 8.32
CA GLU K 102 -52.39 -40.78 6.85
C GLU K 102 -53.09 -39.57 6.23
N MET L 1 26.62 -68.13 -44.96
CA MET L 1 25.44 -68.83 -45.43
C MET L 1 24.23 -68.59 -44.53
N PRO L 2 23.04 -68.80 -45.07
CA PRO L 2 21.85 -68.90 -44.22
C PRO L 2 22.02 -70.04 -43.23
N LYS L 3 21.42 -69.88 -42.05
CA LYS L 3 21.60 -70.85 -40.99
C LYS L 3 21.19 -72.25 -41.41
N ARG L 4 20.24 -72.36 -42.35
CA ARG L 4 19.88 -73.66 -42.88
C ARG L 4 21.08 -74.34 -43.53
N HIS L 5 21.83 -73.59 -44.34
CA HIS L 5 23.02 -74.17 -44.94
C HIS L 5 24.08 -74.48 -43.90
N ARG L 6 24.19 -73.64 -42.86
CA ARG L 6 25.18 -73.88 -41.81
C ARG L 6 24.89 -75.19 -41.08
N GLU L 7 23.65 -75.38 -40.65
CA GLU L 7 23.30 -76.63 -39.96
C GLU L 7 23.35 -77.81 -40.91
N HIS L 8 23.02 -77.59 -42.19
CA HIS L 8 23.10 -78.67 -43.16
C HIS L 8 24.54 -79.13 -43.35
N ILE L 9 25.48 -78.19 -43.37
CA ILE L 9 26.89 -78.56 -43.45
C ILE L 9 27.34 -79.22 -42.16
N ARG L 10 26.85 -78.73 -41.01
CA ARG L 10 27.22 -79.31 -39.72
C ARG L 10 26.83 -80.77 -39.65
N LYS L 11 25.57 -81.08 -39.95
CA LYS L 11 25.13 -82.48 -39.96
C LYS L 11 25.64 -83.23 -41.18
N ASN L 12 26.07 -82.51 -42.22
CA ASN L 12 26.53 -83.08 -43.48
C ASN L 12 28.03 -83.30 -43.51
N LEU L 13 28.75 -82.90 -42.47
CA LEU L 13 30.17 -83.17 -42.41
C LEU L 13 30.44 -84.67 -42.43
N ASN L 14 29.65 -85.44 -41.69
CA ASN L 14 29.83 -86.88 -41.64
C ASN L 14 29.50 -87.56 -42.96
N ILE L 15 28.89 -86.86 -43.92
CA ILE L 15 28.72 -87.39 -45.26
C ILE L 15 29.92 -86.99 -46.11
N LEU L 16 30.14 -85.69 -46.26
CA LEU L 16 31.12 -85.20 -47.20
C LEU L 16 32.55 -85.31 -46.70
N VAL L 17 32.80 -86.15 -45.69
CA VAL L 17 34.15 -86.32 -45.16
C VAL L 17 34.79 -87.57 -45.74
N GLU L 18 33.98 -88.59 -46.04
CA GLU L 18 34.52 -89.85 -46.53
C GLU L 18 34.19 -90.14 -47.99
N TRP L 19 33.02 -89.75 -48.49
CA TRP L 19 32.82 -89.85 -49.93
C TRP L 19 33.63 -88.83 -50.72
N THR L 20 34.28 -87.89 -50.04
CA THR L 20 35.17 -86.92 -50.70
C THR L 20 36.61 -87.17 -50.26
N ASN L 21 37.53 -87.18 -51.22
CA ASN L 21 38.94 -87.26 -50.88
C ASN L 21 39.44 -85.89 -50.42
N TYR L 22 40.43 -85.91 -49.53
CA TYR L 22 40.85 -84.69 -48.87
C TYR L 22 41.83 -83.88 -49.71
N GLU L 23 42.78 -84.56 -50.36
CA GLU L 23 43.84 -83.85 -51.07
C GLU L 23 43.28 -83.07 -52.25
N ARG L 24 42.46 -83.74 -53.07
CA ARG L 24 41.88 -83.06 -54.24
C ARG L 24 41.04 -81.87 -53.79
N LEU L 25 40.24 -82.05 -52.74
CA LEU L 25 39.41 -80.95 -52.24
C LEU L 25 40.28 -79.80 -51.74
N ALA L 26 41.39 -80.11 -51.06
CA ALA L 26 42.24 -79.06 -50.51
C ALA L 26 42.89 -78.24 -51.61
N MET L 27 43.55 -78.90 -52.57
CA MET L 27 44.18 -78.14 -53.64
C MET L 27 43.19 -77.65 -54.68
N GLU L 28 41.91 -78.02 -54.59
CA GLU L 28 40.92 -77.35 -55.41
C GLU L 28 40.35 -76.11 -54.72
N CYS L 29 40.14 -76.17 -53.40
CA CYS L 29 39.59 -75.02 -52.69
C CYS L 29 40.63 -73.92 -52.56
N VAL L 30 41.90 -74.27 -52.36
CA VAL L 30 42.92 -73.24 -52.31
C VAL L 30 43.07 -72.57 -53.67
N GLN L 31 42.90 -73.32 -54.75
CA GLN L 31 42.96 -72.76 -56.09
C GLN L 31 41.73 -71.91 -56.40
N GLN L 32 40.57 -72.31 -55.87
CA GLN L 32 39.33 -71.60 -56.14
C GLN L 32 39.35 -70.19 -55.56
N GLY L 33 40.31 -69.90 -54.68
CA GLY L 33 40.35 -68.62 -54.01
C GLY L 33 39.57 -68.57 -52.73
N ILE L 34 39.13 -69.71 -52.22
CA ILE L 34 38.32 -69.77 -51.00
C ILE L 34 39.22 -69.61 -49.79
N LEU L 35 40.19 -70.52 -49.66
CA LEU L 35 41.11 -70.53 -48.54
C LEU L 35 42.51 -70.14 -49.01
N THR L 36 43.39 -69.89 -48.04
CA THR L 36 44.75 -69.44 -48.32
C THR L 36 45.75 -70.48 -47.84
N VAL L 37 47.02 -70.29 -48.24
CA VAL L 37 48.06 -71.25 -47.91
C VAL L 37 48.25 -71.34 -46.41
N GLN L 38 48.24 -70.20 -45.71
CA GLN L 38 48.21 -70.23 -44.25
C GLN L 38 46.93 -70.87 -43.74
N MET L 39 45.81 -70.57 -44.40
CA MET L 39 44.53 -71.10 -43.94
C MET L 39 44.49 -72.61 -44.16
N LEU L 40 45.03 -73.08 -45.29
CA LEU L 40 45.20 -74.51 -45.47
C LEU L 40 46.14 -75.09 -44.42
N ARG L 41 47.21 -74.36 -44.10
CA ARG L 41 48.18 -74.85 -43.12
C ARG L 41 47.51 -75.10 -41.78
N ASN L 42 46.66 -74.19 -41.33
CA ASN L 42 45.92 -74.43 -40.10
C ASN L 42 44.84 -75.48 -40.30
N THR L 43 44.29 -75.59 -41.51
CA THR L 43 43.26 -76.59 -41.78
C THR L 43 43.81 -78.00 -41.62
N GLN L 44 45.02 -78.24 -42.11
CA GLN L 44 45.62 -79.56 -42.09
C GLN L 44 46.54 -79.79 -40.90
N ASP L 45 46.77 -78.78 -40.07
CA ASP L 45 47.69 -78.94 -38.95
C ASP L 45 47.08 -79.84 -37.88
N LEU L 46 47.90 -80.72 -37.32
CA LEU L 46 47.46 -81.57 -36.23
C LEU L 46 47.27 -80.75 -34.96
N ASN L 47 46.32 -81.18 -34.13
CA ASN L 47 46.02 -80.49 -32.88
C ASN L 47 46.83 -81.03 -31.71
N GLY L 48 47.76 -81.95 -31.96
CA GLY L 48 48.57 -82.52 -30.90
C GLY L 48 48.25 -83.98 -30.69
N LYS L 49 46.96 -84.30 -30.78
CA LYS L 49 46.47 -85.68 -30.71
C LYS L 49 46.77 -86.47 -31.99
N PRO L 50 46.66 -85.88 -33.19
CA PRO L 50 46.83 -86.69 -34.41
C PRO L 50 48.17 -87.41 -34.53
N PHE L 51 49.26 -86.85 -34.00
CA PHE L 51 50.51 -87.61 -34.00
C PHE L 51 50.39 -88.86 -33.15
N ASN L 52 49.83 -88.69 -31.95
CA ASN L 52 49.62 -89.79 -31.01
C ASN L 52 48.55 -90.73 -31.53
N MET L 53 47.48 -90.15 -32.06
CA MET L 53 46.36 -90.93 -32.60
C MET L 53 46.79 -91.54 -33.93
N ASP L 54 46.15 -92.66 -34.29
CA ASP L 54 46.53 -93.31 -35.54
C ASP L 54 46.22 -92.40 -36.72
N GLU L 55 47.09 -92.47 -37.73
CA GLU L 55 47.01 -91.53 -38.84
C GLU L 55 45.71 -91.68 -39.62
N LYS L 56 45.14 -92.89 -39.67
CA LYS L 56 43.87 -93.08 -40.36
C LYS L 56 42.77 -92.24 -39.72
N ASP L 57 42.81 -92.12 -38.40
CA ASP L 57 41.86 -91.29 -37.65
C ASP L 57 42.33 -89.84 -37.58
N VAL L 58 43.14 -89.42 -38.54
CA VAL L 58 43.65 -88.05 -38.62
C VAL L 58 43.12 -87.35 -39.87
N ARG L 59 43.45 -87.87 -41.05
CA ARG L 59 43.06 -87.25 -42.31
C ARG L 59 41.56 -86.96 -42.35
N VAL L 60 40.76 -87.93 -41.90
CA VAL L 60 39.31 -87.76 -41.89
C VAL L 60 38.94 -86.52 -41.07
N GLU L 61 39.46 -86.43 -39.86
CA GLU L 61 39.26 -85.22 -39.07
C GLU L 61 39.95 -84.03 -39.70
N GLN L 62 41.12 -84.25 -40.31
CA GLN L 62 41.68 -83.22 -41.17
C GLN L 62 40.64 -82.81 -42.22
N HIS L 63 40.07 -83.80 -42.89
CA HIS L 63 38.95 -83.54 -43.79
C HIS L 63 37.80 -82.88 -43.05
N ARG L 64 37.51 -83.36 -41.83
CA ARG L 64 36.43 -82.79 -41.04
C ARG L 64 36.66 -81.31 -40.77
N ARG L 65 37.92 -80.87 -40.82
CA ARG L 65 38.19 -79.45 -40.63
C ARG L 65 37.82 -78.64 -41.85
N LEU L 66 38.11 -79.15 -43.06
CA LEU L 66 38.06 -78.32 -44.25
C LEU L 66 36.65 -77.80 -44.53
N LEU L 67 35.64 -78.65 -44.35
CA LEU L 67 34.27 -78.19 -44.53
C LEU L 67 33.95 -77.05 -43.57
N LEU L 68 34.36 -77.19 -42.30
CA LEU L 68 34.15 -76.12 -41.35
C LEU L 68 34.93 -74.88 -41.74
N LYS L 69 36.02 -75.05 -42.50
CA LYS L 69 36.72 -73.91 -43.06
C LYS L 69 35.93 -73.26 -44.18
N ILE L 70 35.26 -74.08 -45.00
CA ILE L 70 34.50 -73.52 -46.12
C ILE L 70 33.27 -72.78 -45.62
N THR L 71 32.55 -73.37 -44.68
CA THR L 71 31.37 -72.71 -44.12
C THR L 71 31.73 -71.44 -43.37
N GLN L 72 33.00 -71.26 -43.01
CA GLN L 72 33.42 -70.02 -42.38
C GLN L 72 33.20 -68.82 -43.30
N ARG L 73 33.28 -69.03 -44.61
CA ARG L 73 33.18 -67.93 -45.56
C ARG L 73 31.76 -67.37 -45.58
N GLY L 74 31.62 -66.20 -46.21
CA GLY L 74 30.37 -65.51 -46.26
C GLY L 74 29.32 -66.29 -47.03
N PRO L 75 28.13 -65.69 -47.15
CA PRO L 75 26.96 -66.46 -47.65
C PRO L 75 27.17 -67.11 -49.00
N THR L 76 28.02 -66.54 -49.86
CA THR L 76 28.20 -67.05 -51.21
C THR L 76 29.01 -68.35 -51.26
N ALA L 77 29.55 -68.81 -50.13
CA ALA L 77 30.40 -70.00 -50.16
C ALA L 77 29.64 -71.24 -50.60
N TYR L 78 28.43 -71.41 -50.06
CA TYR L 78 27.54 -72.55 -50.33
C TYR L 78 27.55 -73.06 -51.76
N ASN L 79 27.07 -72.25 -52.68
CA ASN L 79 27.02 -72.60 -54.09
C ASN L 79 28.42 -72.83 -54.64
N LEU L 80 29.39 -72.01 -54.22
CA LEU L 80 30.77 -72.21 -54.65
C LEU L 80 31.26 -73.60 -54.23
N LEU L 81 30.89 -74.02 -53.02
CA LEU L 81 31.24 -75.38 -52.60
C LEU L 81 30.71 -76.40 -53.61
N ILE L 82 29.47 -76.21 -54.05
CA ILE L 82 28.92 -77.07 -55.10
C ILE L 82 29.84 -77.03 -56.31
N ASN L 83 30.18 -75.82 -56.74
CA ASN L 83 31.12 -75.65 -57.84
C ASN L 83 32.43 -76.37 -57.53
N ALA L 84 32.91 -76.24 -56.29
CA ALA L 84 34.10 -76.95 -55.88
C ALA L 84 33.99 -78.44 -56.18
N LEU L 85 32.89 -79.06 -55.75
CA LEU L 85 32.75 -80.49 -55.98
C LEU L 85 32.57 -80.80 -57.46
N ARG L 86 32.06 -79.84 -58.23
CA ARG L 86 32.03 -80.01 -59.68
C ARG L 86 33.44 -80.24 -60.22
N ASN L 87 34.42 -79.51 -59.68
CA ASN L 87 35.80 -79.76 -60.03
C ASN L 87 36.33 -81.01 -59.35
N ILE L 88 35.79 -81.36 -58.17
CA ILE L 88 36.18 -82.58 -57.50
C ILE L 88 35.64 -83.80 -58.23
N ASN L 89 34.58 -83.62 -59.02
CA ASN L 89 33.84 -84.67 -59.70
C ASN L 89 33.13 -85.58 -58.70
N CYS L 90 33.14 -85.23 -57.42
CA CYS L 90 32.37 -85.95 -56.41
C CYS L 90 30.90 -85.48 -56.47
N LEU L 91 30.25 -85.84 -57.57
CA LEU L 91 28.90 -85.37 -57.83
C LEU L 91 27.92 -85.88 -56.80
N ASP L 92 28.09 -87.11 -56.33
CA ASP L 92 27.15 -87.70 -55.39
C ASP L 92 27.06 -86.90 -54.09
N ALA L 93 28.15 -86.25 -53.69
CA ALA L 93 28.13 -85.43 -52.49
C ALA L 93 27.61 -84.03 -52.74
N ALA L 94 27.95 -83.45 -53.90
CA ALA L 94 27.45 -82.11 -54.20
C ALA L 94 25.95 -82.11 -54.41
N VAL L 95 25.42 -83.17 -55.04
CA VAL L 95 23.97 -83.26 -55.22
C VAL L 95 23.28 -83.41 -53.87
N LEU L 96 23.92 -84.15 -52.95
CA LEU L 96 23.40 -84.21 -51.59
C LEU L 96 23.39 -82.83 -50.95
N LEU L 97 24.46 -82.06 -51.16
CA LEU L 97 24.55 -80.72 -50.59
C LEU L 97 23.43 -79.83 -51.12
N GLU L 98 23.21 -79.85 -52.44
CA GLU L 98 22.23 -78.95 -53.04
C GLU L 98 20.81 -79.48 -52.92
N SER L 99 20.62 -80.75 -52.56
CA SER L 99 19.26 -81.30 -52.47
C SER L 99 18.47 -80.67 -51.33
N VAL L 100 19.14 -80.22 -50.28
CA VAL L 100 18.41 -79.66 -49.14
C VAL L 100 17.71 -78.37 -49.52
N ASP L 101 18.26 -77.62 -50.47
CA ASP L 101 17.68 -76.37 -50.90
C ASP L 101 16.63 -76.63 -51.99
N GLU L 102 16.17 -75.57 -52.63
CA GLU L 102 15.14 -75.61 -53.67
C GLU L 102 14.02 -76.60 -53.38
N MET M 1 -13.75 -57.81 20.95
CA MET M 1 -14.73 -57.88 19.88
C MET M 1 -16.02 -57.15 20.27
N PRO M 2 -16.84 -56.79 19.28
CA PRO M 2 -18.09 -56.06 19.58
C PRO M 2 -19.04 -56.86 20.44
N LYS M 3 -20.04 -56.15 20.97
CA LYS M 3 -20.98 -56.74 21.92
C LYS M 3 -21.85 -57.82 21.29
N ARG M 4 -21.96 -57.85 19.97
CA ARG M 4 -22.74 -58.90 19.31
C ARG M 4 -22.16 -60.28 19.59
N HIS M 5 -20.84 -60.40 19.53
CA HIS M 5 -20.21 -61.66 19.89
C HIS M 5 -20.41 -61.96 21.37
N ARG M 6 -20.37 -60.94 22.22
CA ARG M 6 -20.67 -61.13 23.64
C ARG M 6 -22.04 -61.78 23.83
N GLU M 7 -23.08 -61.18 23.22
CA GLU M 7 -24.43 -61.70 23.43
C GLU M 7 -24.60 -63.07 22.80
N HIS M 8 -24.00 -63.29 21.63
CA HIS M 8 -24.07 -64.60 21.00
C HIS M 8 -23.45 -65.67 21.88
N ILE M 9 -22.27 -65.38 22.43
CA ILE M 9 -21.58 -66.36 23.26
C ILE M 9 -22.34 -66.62 24.54
N ARG M 10 -22.84 -65.57 25.20
CA ARG M 10 -23.58 -65.80 26.44
C ARG M 10 -24.87 -66.56 26.19
N LYS M 11 -25.52 -66.34 25.05
CA LYS M 11 -26.76 -67.04 24.77
C LYS M 11 -26.52 -68.49 24.41
N ASN M 12 -25.47 -68.77 23.63
CA ASN M 12 -25.18 -70.13 23.19
C ASN M 12 -24.18 -70.83 24.09
N LEU M 13 -23.88 -70.24 25.25
CA LEU M 13 -23.07 -70.91 26.26
C LEU M 13 -23.67 -72.24 26.66
N ASN M 14 -24.99 -72.25 26.93
CA ASN M 14 -25.65 -73.45 27.41
C ASN M 14 -25.64 -74.57 26.38
N ILE M 15 -25.38 -74.25 25.11
CA ILE M 15 -25.38 -75.23 24.04
C ILE M 15 -23.97 -75.70 23.71
N LEU M 16 -23.05 -74.74 23.50
CA LEU M 16 -21.66 -75.10 23.24
C LEU M 16 -20.95 -75.63 24.47
N VAL M 17 -21.56 -75.53 25.65
CA VAL M 17 -20.99 -76.15 26.84
C VAL M 17 -21.17 -77.66 26.80
N GLU M 18 -22.13 -78.14 26.01
CA GLU M 18 -22.43 -79.56 25.94
C GLU M 18 -22.07 -80.18 24.61
N TRP M 19 -22.22 -79.46 23.49
CA TRP M 19 -21.87 -80.06 22.20
C TRP M 19 -20.37 -80.37 22.12
N THR M 20 -19.52 -79.45 22.54
CA THR M 20 -18.08 -79.65 22.48
C THR M 20 -17.59 -80.18 23.83
N ASN M 21 -16.70 -81.17 23.78
CA ASN M 21 -16.15 -81.71 25.00
C ASN M 21 -15.31 -80.67 25.73
N TYR M 22 -15.47 -80.59 27.05
CA TYR M 22 -14.74 -79.59 27.82
C TYR M 22 -13.24 -79.83 27.76
N GLU M 23 -12.81 -81.06 28.04
CA GLU M 23 -11.38 -81.36 28.03
C GLU M 23 -10.82 -81.24 26.62
N ARG M 24 -11.52 -81.78 25.62
CA ARG M 24 -11.04 -81.72 24.25
C ARG M 24 -10.97 -80.28 23.74
N LEU M 25 -11.71 -79.36 24.35
CA LEU M 25 -11.66 -77.95 23.99
C LEU M 25 -10.55 -77.22 24.73
N ALA M 26 -10.48 -77.39 26.06
CA ALA M 26 -9.50 -76.67 26.85
C ALA M 26 -8.08 -77.11 26.53
N MET M 27 -7.91 -78.41 26.33
CA MET M 27 -6.60 -78.98 26.00
C MET M 27 -6.24 -78.74 24.54
N GLU M 28 -7.10 -78.03 23.82
CA GLU M 28 -6.86 -77.71 22.42
C GLU M 28 -6.66 -76.20 22.29
N CYS M 29 -7.17 -75.49 23.27
CA CYS M 29 -7.07 -74.04 23.35
C CYS M 29 -5.84 -73.58 24.11
N VAL M 30 -5.38 -74.36 25.10
CA VAL M 30 -4.16 -73.99 25.79
C VAL M 30 -2.97 -73.99 24.84
N GLN M 31 -2.94 -74.95 23.91
CA GLN M 31 -1.94 -74.92 22.84
C GLN M 31 -2.30 -73.94 21.73
N GLN M 32 -3.58 -73.55 21.63
CA GLN M 32 -3.99 -72.64 20.57
C GLN M 32 -3.37 -71.27 20.72
N GLY M 33 -2.97 -70.88 21.93
CA GLY M 33 -2.33 -69.60 22.12
C GLY M 33 -3.22 -68.54 22.72
N ILE M 34 -4.01 -68.89 23.74
CA ILE M 34 -4.71 -67.88 24.51
C ILE M 34 -4.41 -68.10 25.99
N LEU M 35 -4.59 -69.33 26.46
CA LEU M 35 -4.55 -69.64 27.88
C LEU M 35 -3.15 -70.18 28.22
N THR M 36 -2.34 -69.35 28.88
CA THR M 36 -0.97 -69.72 29.27
C THR M 36 -0.68 -69.25 30.70
N VAL M 37 0.57 -69.38 31.16
CA VAL M 37 1.04 -68.99 32.53
C VAL M 37 0.26 -67.89 33.27
N GLN M 38 -0.22 -66.93 32.49
CA GLN M 38 -1.04 -65.81 32.91
C GLN M 38 -2.54 -66.10 32.89
N MET M 39 -2.97 -67.11 32.14
CA MET M 39 -4.38 -67.48 32.08
C MET M 39 -4.62 -68.93 32.44
N LEU M 40 -3.81 -69.84 31.91
CA LEU M 40 -3.93 -71.29 32.08
C LEU M 40 -5.38 -71.77 32.09
N ARG M 41 -5.87 -72.20 33.25
CA ARG M 41 -7.22 -72.76 33.32
C ARG M 41 -8.22 -71.67 33.66
N ASN M 42 -8.11 -71.10 34.86
CA ASN M 42 -9.06 -70.13 35.40
C ASN M 42 -10.49 -70.68 35.36
N THR M 43 -10.63 -71.97 35.08
CA THR M 43 -11.91 -72.69 35.04
C THR M 43 -11.88 -73.97 35.86
N GLN M 44 -10.76 -74.67 35.89
CA GLN M 44 -10.62 -75.82 36.78
C GLN M 44 -10.59 -75.39 38.23
N ASP M 45 -10.24 -74.14 38.50
CA ASP M 45 -10.39 -73.53 39.82
C ASP M 45 -11.63 -72.65 39.82
N LEU M 46 -12.31 -72.60 40.96
CA LEU M 46 -13.61 -71.96 41.05
C LEU M 46 -13.62 -71.10 42.31
N ASN M 47 -14.81 -70.65 42.71
CA ASN M 47 -14.95 -69.88 43.92
C ASN M 47 -14.47 -70.64 45.16
N GLY M 48 -14.43 -71.96 45.08
CA GLY M 48 -13.95 -72.79 46.18
C GLY M 48 -15.01 -73.65 46.82
N LYS M 49 -16.29 -73.42 46.54
CA LYS M 49 -17.39 -74.19 47.12
C LYS M 49 -18.37 -74.62 46.04
N PRO M 50 -17.94 -75.48 45.11
CA PRO M 50 -18.88 -76.06 44.14
C PRO M 50 -19.39 -77.45 44.51
N PHE M 51 -18.94 -78.03 45.62
CA PHE M 51 -19.23 -79.41 45.96
C PHE M 51 -20.58 -79.60 46.63
N ASN M 52 -21.32 -78.51 46.86
CA ASN M 52 -22.69 -78.63 47.34
C ASN M 52 -23.59 -79.36 46.36
N MET M 53 -23.24 -79.33 45.08
CA MET M 53 -24.00 -79.99 44.03
C MET M 53 -23.05 -80.81 43.16
N ASP M 54 -23.55 -81.96 42.70
CA ASP M 54 -22.73 -83.12 42.36
C ASP M 54 -21.92 -82.91 41.08
N GLU M 55 -20.86 -83.72 40.95
CA GLU M 55 -19.85 -83.53 39.92
C GLU M 55 -20.41 -83.65 38.51
N LYS M 56 -21.40 -84.53 38.29
CA LYS M 56 -21.99 -84.67 36.96
C LYS M 56 -22.46 -83.33 36.42
N ASP M 57 -23.23 -82.61 37.21
CA ASP M 57 -23.66 -81.28 36.81
C ASP M 57 -22.58 -80.24 37.06
N VAL M 58 -21.56 -80.55 37.87
CA VAL M 58 -20.44 -79.63 38.06
C VAL M 58 -19.72 -79.38 36.74
N ARG M 59 -19.49 -80.45 35.97
CA ARG M 59 -18.83 -80.30 34.68
C ARG M 59 -19.53 -79.25 33.85
N VAL M 60 -20.87 -79.24 33.88
CA VAL M 60 -21.64 -78.29 33.09
C VAL M 60 -21.24 -76.85 33.42
N GLU M 61 -20.96 -76.56 34.69
CA GLU M 61 -20.49 -75.21 34.98
C GLU M 61 -19.00 -75.03 34.69
N GLN M 62 -18.17 -76.06 34.92
CA GLN M 62 -16.75 -75.92 34.66
C GLN M 62 -16.49 -75.48 33.22
N HIS M 63 -17.07 -76.23 32.27
CA HIS M 63 -16.94 -75.85 30.87
C HIS M 63 -17.64 -74.53 30.60
N ARG M 64 -18.71 -74.23 31.34
CA ARG M 64 -19.33 -72.92 31.30
C ARG M 64 -18.35 -71.83 31.72
N ARG M 65 -17.43 -72.17 32.62
CA ARG M 65 -16.39 -71.23 33.03
C ARG M 65 -15.42 -70.93 31.89
N LEU M 66 -15.34 -71.79 30.89
CA LEU M 66 -14.38 -71.58 29.80
C LEU M 66 -14.87 -70.55 28.80
N LEU M 67 -16.05 -70.79 28.21
CA LEU M 67 -16.53 -69.95 27.12
C LEU M 67 -16.71 -68.50 27.58
N LEU M 68 -17.26 -68.31 28.77
CA LEU M 68 -17.46 -66.96 29.29
C LEU M 68 -16.14 -66.21 29.39
N LYS M 69 -15.03 -66.94 29.60
CA LYS M 69 -13.72 -66.32 29.60
C LYS M 69 -13.30 -65.91 28.19
N ILE M 70 -13.58 -66.76 27.19
CA ILE M 70 -13.06 -66.54 25.85
C ILE M 70 -13.56 -65.24 25.26
N THR M 71 -14.69 -64.73 25.75
CA THR M 71 -15.26 -63.50 25.22
C THR M 71 -14.48 -62.26 25.65
N GLN M 72 -13.67 -62.36 26.70
CA GLN M 72 -13.12 -61.16 27.32
C GLN M 72 -12.01 -60.49 26.53
N ARG M 73 -11.50 -61.11 25.47
CA ARG M 73 -10.41 -60.53 24.71
C ARG M 73 -10.92 -59.68 23.56
N GLY M 74 -10.00 -59.24 22.70
CA GLY M 74 -10.31 -58.28 21.66
C GLY M 74 -10.90 -58.90 20.42
N PRO M 75 -10.97 -58.12 19.34
CA PRO M 75 -11.72 -58.56 18.14
C PRO M 75 -11.22 -59.86 17.54
N THR M 76 -9.93 -60.16 17.67
CA THR M 76 -9.38 -61.37 17.07
C THR M 76 -9.98 -62.62 17.70
N ALA M 77 -10.12 -62.63 19.02
CA ALA M 77 -10.42 -63.86 19.76
C ALA M 77 -11.66 -64.57 19.21
N TYR M 78 -12.72 -63.80 18.92
CA TYR M 78 -13.93 -64.39 18.36
C TYR M 78 -13.62 -65.26 17.16
N ASN M 79 -12.94 -64.70 16.16
CA ASN M 79 -12.56 -65.49 14.99
C ASN M 79 -11.60 -66.60 15.39
N LEU M 80 -10.69 -66.30 16.31
CA LEU M 80 -9.82 -67.33 16.86
C LEU M 80 -10.65 -68.43 17.51
N LEU M 81 -11.73 -68.05 18.21
CA LEU M 81 -12.63 -69.05 18.75
C LEU M 81 -13.20 -69.92 17.63
N ILE M 82 -13.57 -69.29 16.51
CA ILE M 82 -13.90 -70.03 15.31
C ILE M 82 -12.85 -71.10 15.05
N ASN M 83 -11.59 -70.67 14.95
CA ASN M 83 -10.50 -71.59 14.69
C ASN M 83 -10.45 -72.68 15.76
N ALA M 84 -10.70 -72.31 17.02
CA ALA M 84 -10.68 -73.28 18.10
C ALA M 84 -11.68 -74.41 17.83
N LEU M 85 -12.92 -74.04 17.46
CA LEU M 85 -13.90 -75.07 17.17
C LEU M 85 -13.52 -75.88 15.93
N ARG M 86 -12.73 -75.30 15.03
CA ARG M 86 -12.23 -76.06 13.90
C ARG M 86 -11.32 -77.19 14.36
N ASN M 87 -10.60 -77.01 15.46
CA ASN M 87 -9.83 -78.10 16.05
C ASN M 87 -10.74 -79.06 16.79
N ILE M 88 -11.90 -78.57 17.26
CA ILE M 88 -12.78 -79.41 18.06
C ILE M 88 -13.42 -80.51 17.23
N ASN M 89 -13.71 -80.21 15.95
CA ASN M 89 -14.43 -81.06 15.02
C ASN M 89 -15.91 -81.20 15.38
N CYS M 90 -16.34 -80.61 16.50
CA CYS M 90 -17.76 -80.45 16.79
C CYS M 90 -18.27 -79.22 16.02
N LEU M 91 -18.14 -79.32 14.70
CA LEU M 91 -18.37 -78.18 13.81
C LEU M 91 -19.83 -77.77 13.76
N ASP M 92 -20.74 -78.60 14.26
CA ASP M 92 -22.12 -78.16 14.37
C ASP M 92 -22.28 -76.99 15.32
N ALA M 93 -21.35 -76.83 16.28
CA ALA M 93 -21.28 -75.61 17.07
C ALA M 93 -20.52 -74.51 16.35
N ALA M 94 -19.55 -74.87 15.51
CA ALA M 94 -18.83 -73.86 14.74
C ALA M 94 -19.74 -73.14 13.77
N VAL M 95 -20.62 -73.88 13.08
CA VAL M 95 -21.57 -73.26 12.17
C VAL M 95 -22.60 -72.44 12.93
N LEU M 96 -22.97 -72.89 14.13
CA LEU M 96 -23.86 -72.09 14.97
C LEU M 96 -23.22 -70.77 15.33
N LEU M 97 -21.93 -70.79 15.66
CA LEU M 97 -21.19 -69.55 15.90
C LEU M 97 -21.14 -68.70 14.64
N GLU M 98 -20.97 -69.34 13.48
CA GLU M 98 -20.89 -68.62 12.22
C GLU M 98 -22.20 -67.91 11.90
N SER M 99 -23.32 -68.53 12.26
CA SER M 99 -24.64 -68.02 11.85
C SER M 99 -24.89 -66.60 12.34
N VAL M 100 -24.34 -66.22 13.50
CA VAL M 100 -24.60 -64.87 14.01
C VAL M 100 -23.92 -63.82 13.16
N ASP M 101 -22.76 -64.13 12.59
CA ASP M 101 -22.05 -63.21 11.71
C ASP M 101 -22.49 -63.46 10.27
N GLU M 102 -21.75 -62.90 9.32
CA GLU M 102 -21.97 -63.09 7.88
C GLU M 102 -23.43 -62.94 7.47
N TYR N 1 14.67 -51.20 25.29
CA TYR N 1 14.45 -50.19 26.32
C TYR N 1 14.33 -50.86 27.68
N GLN N 2 13.69 -50.19 28.63
CA GLN N 2 13.44 -50.80 29.92
C GLN N 2 12.41 -51.92 29.78
N TYR N 3 12.46 -52.88 30.69
CA TYR N 3 11.55 -54.02 30.67
C TYR N 3 10.70 -54.08 31.94
N LYS N 4 10.70 -52.98 32.69
CA LYS N 4 9.93 -52.91 33.94
C LYS N 4 8.85 -51.83 33.86
N ASP N 5 8.87 -51.07 32.77
CA ASP N 5 7.90 -50.00 32.55
C ASP N 5 6.76 -50.43 31.64
N ILE N 6 7.04 -51.34 30.70
CA ILE N 6 6.03 -51.74 29.72
C ILE N 6 4.90 -52.53 30.35
N LEU N 7 5.10 -53.11 31.53
CA LEU N 7 4.08 -53.97 32.13
C LEU N 7 2.89 -53.17 32.61
N SER N 8 3.14 -52.05 33.29
CA SER N 8 2.04 -51.22 33.80
C SER N 8 1.18 -50.64 32.68
N VAL N 9 1.72 -50.53 31.47
CA VAL N 9 0.93 -50.05 30.35
C VAL N 9 -0.22 -51.00 30.06
N PHE N 10 0.06 -52.31 30.09
CA PHE N 10 -0.97 -53.32 29.88
C PHE N 10 -1.62 -53.78 31.17
N GLU N 11 -1.59 -52.94 32.21
CA GLU N 11 -2.39 -53.25 33.40
C GLU N 11 -3.87 -53.30 33.06
N ASP N 12 -4.30 -52.49 32.08
CA ASP N 12 -5.68 -52.57 31.62
C ASP N 12 -5.98 -53.95 31.05
N ALA N 13 -5.09 -54.47 30.20
CA ALA N 13 -5.28 -55.80 29.66
C ALA N 13 -5.25 -56.85 30.76
N PHE N 14 -4.36 -56.69 31.73
CA PHE N 14 -4.26 -57.64 32.83
C PHE N 14 -5.56 -57.71 33.62
N VAL N 15 -6.09 -56.55 34.01
CA VAL N 15 -7.34 -56.52 34.74
C VAL N 15 -8.48 -57.07 33.88
N ASP N 16 -8.45 -56.76 32.58
CA ASP N 16 -9.52 -57.20 31.69
C ASP N 16 -9.56 -58.72 31.58
N ASN N 17 -8.40 -59.36 31.40
CA ASN N 17 -8.40 -60.77 31.05
C ASN N 17 -7.39 -61.63 31.77
N PHE N 18 -6.40 -61.08 32.46
CA PHE N 18 -5.30 -61.86 33.00
C PHE N 18 -5.52 -62.16 34.47
N ASP N 19 -5.27 -63.42 34.86
CA ASP N 19 -5.36 -63.84 36.24
C ASP N 19 -4.21 -64.80 36.51
N CYS N 20 -3.22 -64.34 37.27
CA CYS N 20 -2.04 -65.12 37.58
C CYS N 20 -2.30 -66.18 38.65
N LYS N 21 -3.56 -66.46 38.94
CA LYS N 21 -3.92 -67.40 40.01
C LYS N 21 -4.40 -68.74 39.47
N ASP N 22 -4.21 -68.98 38.18
CA ASP N 22 -4.41 -70.30 37.59
C ASP N 22 -3.08 -71.03 37.40
N VAL N 23 -1.99 -70.49 37.92
CA VAL N 23 -0.66 -71.04 37.68
C VAL N 23 -0.49 -72.34 38.46
N GLN N 24 0.00 -73.37 37.78
CA GLN N 24 0.42 -74.62 38.42
C GLN N 24 1.90 -74.90 38.16
N ASP N 25 2.59 -73.98 37.47
CA ASP N 25 4.00 -74.13 37.17
C ASP N 25 4.88 -73.38 38.16
N MET N 26 4.77 -72.05 38.17
CA MET N 26 5.39 -71.13 39.11
C MET N 26 6.82 -71.57 39.43
N PRO N 27 7.78 -71.35 38.53
CA PRO N 27 9.11 -71.95 38.73
C PRO N 27 9.90 -71.35 39.88
N LYS N 28 9.35 -71.47 41.09
CA LYS N 28 10.03 -71.22 42.36
C LYS N 28 10.92 -69.99 42.34
N SER N 29 12.12 -70.14 41.77
CA SER N 29 13.03 -68.99 41.63
C SER N 29 12.41 -67.87 40.82
N ILE N 30 11.26 -68.14 40.19
CA ILE N 30 10.53 -67.07 39.53
C ILE N 30 10.11 -66.01 40.54
N LEU N 31 9.61 -66.43 41.70
CA LEU N 31 9.20 -65.54 42.78
C LEU N 31 8.99 -66.36 44.02
N SER N 32 9.36 -65.78 45.18
CA SER N 32 9.19 -66.38 46.51
C SER N 32 7.74 -66.81 46.72
N LYS N 33 7.57 -67.95 47.38
CA LYS N 33 6.23 -68.53 47.50
C LYS N 33 5.28 -67.60 48.22
N GLU N 34 5.77 -66.88 49.23
CA GLU N 34 4.89 -66.03 50.04
C GLU N 34 4.19 -64.98 49.20
N GLU N 35 4.93 -64.31 48.33
CA GLU N 35 4.37 -63.21 47.56
C GLU N 35 3.25 -63.68 46.64
N ILE N 36 3.53 -64.70 45.81
CA ILE N 36 2.53 -65.18 44.87
C ILE N 36 1.38 -65.87 45.59
N ASP N 37 1.66 -66.52 46.71
CA ASP N 37 0.63 -67.26 47.42
C ASP N 37 -0.31 -66.35 48.21
N HIS N 38 0.15 -65.18 48.64
CA HIS N 38 -0.81 -64.25 49.21
C HIS N 38 -1.59 -63.48 48.16
N ILE N 39 -1.18 -63.57 46.89
CA ILE N 39 -2.05 -63.10 45.82
C ILE N 39 -3.14 -64.11 45.50
N ILE N 40 -2.99 -65.36 45.95
CA ILE N 40 -4.04 -66.36 45.76
C ILE N 40 -5.31 -65.93 46.49
N MET N 41 -5.15 -65.33 47.66
CA MET N 41 -6.28 -64.83 48.44
C MET N 41 -6.68 -63.41 48.06
N SER N 42 -6.35 -62.97 46.85
CA SER N 42 -6.71 -61.63 46.41
C SER N 42 -8.23 -61.50 46.31
N LYS N 43 -8.72 -60.29 46.61
CA LYS N 43 -10.16 -60.04 46.65
C LYS N 43 -10.79 -60.21 45.27
N ASP N 44 -10.12 -59.72 44.24
CA ASP N 44 -10.65 -59.77 42.88
C ASP N 44 -9.49 -59.78 41.90
N ALA N 45 -9.84 -59.83 40.60
CA ALA N 45 -8.83 -59.77 39.56
C ALA N 45 -8.06 -58.46 39.61
N VAL N 46 -8.72 -57.37 40.00
CA VAL N 46 -8.02 -56.11 40.18
C VAL N 46 -7.01 -56.21 41.32
N SER N 47 -7.40 -56.81 42.43
CA SER N 47 -6.49 -56.97 43.55
C SER N 47 -5.32 -57.87 43.18
N GLY N 48 -5.59 -58.97 42.48
CA GLY N 48 -4.50 -59.82 42.02
C GLY N 48 -3.57 -59.10 41.06
N THR N 49 -4.14 -58.29 40.17
CA THR N 49 -3.34 -57.50 39.25
C THR N 49 -2.42 -56.55 40.01
N LEU N 50 -2.98 -55.84 41.00
CA LEU N 50 -2.19 -54.89 41.77
C LEU N 50 -1.09 -55.60 42.56
N ARG N 51 -1.44 -56.72 43.21
CA ARG N 51 -0.46 -57.46 43.99
C ARG N 51 0.68 -57.96 43.10
N LEU N 52 0.33 -58.51 41.94
CA LEU N 52 1.36 -59.01 41.03
C LEU N 52 2.22 -57.87 40.51
N PHE N 53 1.60 -56.77 40.07
CA PHE N 53 2.36 -55.68 39.50
C PHE N 53 3.14 -54.89 40.54
N TRP N 54 2.87 -55.09 41.83
CA TRP N 54 3.69 -54.49 42.86
C TRP N 54 4.84 -55.41 43.26
N THR N 55 4.53 -56.66 43.58
CA THR N 55 5.57 -57.61 43.97
C THR N 55 6.56 -57.84 42.84
N LEU N 56 6.07 -58.03 41.62
CA LEU N 56 6.95 -58.23 40.47
C LEU N 56 7.78 -56.98 40.21
N LEU N 57 7.17 -55.80 40.32
CA LEU N 57 7.93 -54.57 40.16
C LEU N 57 8.99 -54.42 41.24
N SER N 58 8.79 -55.03 42.41
CA SER N 58 9.83 -55.05 43.42
C SER N 58 11.02 -55.91 43.02
N LYS N 59 10.80 -56.90 42.14
CA LYS N 59 11.88 -57.77 41.70
C LYS N 59 12.83 -57.02 40.77
N GLN N 60 13.99 -57.63 40.51
CA GLN N 60 14.95 -57.02 39.60
C GLN N 60 14.49 -57.17 38.15
N GLU N 61 15.02 -56.29 37.29
CA GLU N 61 14.49 -56.12 35.95
C GLU N 61 14.70 -57.37 35.08
N GLU N 62 15.89 -57.99 35.17
CA GLU N 62 16.20 -59.09 34.26
C GLU N 62 15.37 -60.33 34.52
N MET N 63 14.84 -60.49 35.74
CA MET N 63 14.03 -61.66 36.04
C MET N 63 12.67 -61.59 35.32
N VAL N 64 12.17 -60.37 35.08
CA VAL N 64 10.92 -60.23 34.35
C VAL N 64 11.05 -60.84 32.96
N GLN N 65 12.27 -60.91 32.43
CA GLN N 65 12.46 -61.60 31.16
C GLN N 65 12.13 -63.08 31.29
N LYS N 66 12.57 -63.73 32.38
CA LYS N 66 12.17 -65.12 32.59
C LYS N 66 10.68 -65.23 32.83
N PHE N 67 10.11 -64.27 33.56
CA PHE N 67 8.66 -64.20 33.69
C PHE N 67 7.97 -64.24 32.32
N VAL N 68 8.42 -63.40 31.40
CA VAL N 68 7.72 -63.20 30.15
C VAL N 68 8.24 -64.09 29.04
N GLU N 69 9.53 -63.99 28.74
CA GLU N 69 10.05 -64.54 27.48
C GLU N 69 9.81 -66.05 27.38
N GLU N 70 9.89 -66.76 28.50
CA GLU N 70 9.71 -68.21 28.46
C GLU N 70 8.60 -68.72 29.37
N VAL N 71 8.47 -68.21 30.59
CA VAL N 71 7.43 -68.70 31.49
C VAL N 71 6.05 -68.34 30.94
N LEU N 72 5.86 -67.08 30.57
CA LEU N 72 4.61 -66.69 29.93
C LEU N 72 4.47 -67.35 28.56
N ARG N 73 5.54 -67.36 27.77
CA ARG N 73 5.51 -67.99 26.45
C ARG N 73 5.74 -69.50 26.57
N ILE N 74 4.80 -70.15 27.25
CA ILE N 74 4.71 -71.61 27.13
C ILE N 74 4.12 -71.97 25.77
N ASN N 75 2.88 -71.52 25.50
CA ASN N 75 2.36 -71.48 24.13
C ASN N 75 1.29 -70.37 24.10
N TYR N 76 1.73 -69.14 23.82
CA TYR N 76 0.85 -68.00 24.02
C TYR N 76 0.55 -67.21 22.74
N LYS N 77 1.58 -66.72 22.05
CA LYS N 77 1.52 -66.04 20.76
C LYS N 77 0.54 -64.87 20.73
N PHE N 78 -0.02 -64.49 21.87
CA PHE N 78 -1.26 -63.71 21.86
C PHE N 78 -1.06 -62.26 22.25
N LEU N 79 -0.49 -61.99 23.43
CA LEU N 79 -0.33 -60.63 23.91
C LEU N 79 1.08 -60.43 24.45
N MET N 80 2.06 -60.96 23.72
CA MET N 80 3.46 -60.72 24.01
C MET N 80 4.10 -59.88 22.92
N SER N 81 3.55 -59.95 21.71
CA SER N 81 3.96 -59.03 20.66
C SER N 81 3.74 -57.57 21.07
N PRO N 82 2.62 -57.21 21.72
CA PRO N 82 2.51 -55.82 22.19
C PRO N 82 3.51 -55.47 23.28
N ILE N 83 3.74 -56.39 24.23
CA ILE N 83 4.70 -56.12 25.30
C ILE N 83 6.10 -55.96 24.72
N LYS N 84 6.48 -56.86 23.81
CA LYS N 84 7.81 -56.76 23.21
C LYS N 84 7.93 -55.51 22.34
N THR N 85 6.85 -55.15 21.66
CA THR N 85 6.84 -53.91 20.88
C THR N 85 7.08 -52.70 21.79
N GLU N 86 6.40 -52.66 22.93
CA GLU N 86 6.61 -51.57 23.88
C GLU N 86 8.01 -51.59 24.44
N GLN N 87 8.57 -52.76 24.67
CA GLN N 87 9.97 -52.85 25.11
C GLN N 87 10.90 -52.27 24.07
N ARG N 88 10.63 -52.54 22.80
CA ARG N 88 11.52 -52.11 21.73
C ARG N 88 11.06 -50.79 21.10
N GLN N 89 9.86 -50.76 20.56
CA GLN N 89 9.36 -49.57 19.89
C GLN N 89 8.93 -48.53 20.92
N PRO N 90 8.15 -48.95 21.95
CA PRO N 90 7.61 -48.01 22.94
C PRO N 90 6.85 -46.83 22.33
N SER N 91 5.53 -46.87 22.43
CA SER N 91 4.71 -45.83 21.83
C SER N 91 4.98 -44.49 22.50
N MET N 92 4.64 -43.41 21.78
CA MET N 92 4.83 -42.08 22.30
C MET N 92 4.05 -41.87 23.60
N MET N 93 2.82 -42.37 23.65
CA MET N 93 2.03 -42.32 24.87
C MET N 93 2.73 -43.05 26.01
N THR N 94 3.15 -44.29 25.75
CA THR N 94 3.86 -45.07 26.76
C THR N 94 5.19 -44.43 27.12
N ARG N 95 5.92 -43.91 26.14
CA ARG N 95 7.19 -43.26 26.42
C ARG N 95 7.00 -42.05 27.33
N MET N 96 5.97 -41.25 27.06
CA MET N 96 5.71 -40.09 27.91
C MET N 96 5.29 -40.53 29.31
N TYR N 97 4.50 -41.61 29.41
CA TYR N 97 4.13 -42.14 30.72
C TYR N 97 5.37 -42.52 31.51
N ILE N 98 6.28 -43.26 30.88
CA ILE N 98 7.50 -43.69 31.55
C ILE N 98 8.34 -42.48 31.94
N GLU N 99 8.46 -41.52 31.03
CA GLU N 99 9.26 -40.33 31.32
C GLU N 99 8.69 -39.55 32.49
N GLN N 100 7.37 -39.37 32.51
CA GLN N 100 6.74 -38.65 33.61
C GLN N 100 6.92 -39.38 34.93
N ARG N 101 6.73 -40.71 34.92
CA ARG N 101 6.92 -41.48 36.14
C ARG N 101 8.35 -41.38 36.64
N ASP N 102 9.32 -41.47 35.72
CA ASP N 102 10.73 -41.36 36.10
C ASP N 102 11.03 -39.96 36.64
N ARG N 103 10.41 -38.94 36.03
CA ARG N 103 10.59 -37.58 36.52
C ARG N 103 10.06 -37.43 37.94
N LEU N 104 8.89 -38.02 38.21
CA LEU N 104 8.33 -37.97 39.56
C LEU N 104 9.25 -38.67 40.56
N TYR N 105 9.74 -39.85 40.20
CA TYR N 105 10.65 -40.57 41.09
C TYR N 105 11.92 -39.78 41.34
N ASN N 106 12.38 -39.12 40.27
CA ASN N 106 13.56 -38.26 40.26
C ASN N 106 13.36 -36.96 41.04
N ASP N 107 12.09 -36.61 41.28
CA ASP N 107 11.72 -35.48 42.11
C ASP N 107 11.59 -35.86 43.58
N ASN N 108 11.10 -37.06 43.88
CA ASN N 108 10.94 -37.46 45.27
C ASN N 108 12.16 -38.18 45.83
N GLN N 109 12.71 -39.14 45.08
CA GLN N 109 13.95 -39.84 45.43
C GLN N 109 13.81 -40.70 46.67
N VAL N 110 12.64 -40.71 47.30
CA VAL N 110 12.47 -41.44 48.56
C VAL N 110 11.31 -42.42 48.44
N PHE N 111 10.34 -42.10 47.58
CA PHE N 111 9.21 -42.99 47.38
C PHE N 111 9.55 -44.14 46.46
N ALA N 112 10.62 -44.03 45.66
CA ALA N 112 10.96 -45.09 44.72
C ALA N 112 11.35 -46.38 45.44
N LYS N 113 12.02 -46.26 46.59
CA LYS N 113 12.44 -47.43 47.36
C LYS N 113 11.60 -47.67 48.59
N TYR N 114 11.22 -46.62 49.31
CA TYR N 114 10.52 -46.75 50.58
C TYR N 114 9.02 -46.88 50.43
N ASN N 115 8.54 -47.33 49.27
CA ASN N 115 7.11 -47.51 49.06
C ASN N 115 6.71 -48.95 49.31
N VAL N 116 5.72 -49.14 50.16
CA VAL N 116 5.02 -50.41 50.30
C VAL N 116 3.56 -50.12 49.96
N SER N 117 3.15 -50.49 48.74
CA SER N 117 1.85 -50.09 48.23
C SER N 117 0.73 -50.74 49.04
N ARG N 118 -0.23 -49.93 49.47
CA ARG N 118 -1.38 -50.40 50.24
C ARG N 118 -2.53 -50.60 49.26
N LEU N 119 -2.92 -51.86 49.05
CA LEU N 119 -3.90 -52.16 48.00
C LEU N 119 -5.26 -51.57 48.32
N GLN N 120 -5.68 -51.64 49.58
CA GLN N 120 -7.03 -51.19 49.92
C GLN N 120 -7.23 -49.71 49.63
N PRO N 121 -6.39 -48.78 50.10
CA PRO N 121 -6.64 -47.36 49.81
C PRO N 121 -6.54 -47.01 48.33
N TYR N 122 -5.51 -47.50 47.64
CA TYR N 122 -5.42 -47.24 46.20
C TYR N 122 -6.62 -47.81 45.47
N LEU N 123 -7.09 -48.99 45.89
CA LEU N 123 -8.26 -49.60 45.28
C LEU N 123 -9.48 -48.74 45.48
N LYS N 124 -9.62 -48.15 46.67
CA LYS N 124 -10.76 -47.28 46.94
C LYS N 124 -10.58 -45.89 46.34
N LEU N 125 -9.40 -45.56 45.83
CA LEU N 125 -9.15 -44.26 45.23
C LEU N 125 -9.24 -44.26 43.71
N ARG N 126 -8.70 -45.26 43.04
CA ARG N 126 -8.51 -45.15 41.60
C ARG N 126 -9.82 -45.20 40.82
N GLN N 127 -10.88 -45.79 41.39
CA GLN N 127 -12.17 -45.73 40.71
C GLN N 127 -12.71 -44.31 40.65
N ALA N 128 -12.54 -43.55 41.74
CA ALA N 128 -12.90 -42.14 41.70
C ALA N 128 -11.94 -41.36 40.84
N LEU N 129 -10.68 -41.78 40.81
CA LEU N 129 -9.69 -41.12 39.95
C LEU N 129 -10.08 -41.23 38.49
N LEU N 130 -10.52 -42.41 38.06
CA LEU N 130 -10.84 -42.63 36.65
C LEU N 130 -12.14 -41.97 36.23
N GLU N 131 -13.04 -41.68 37.18
CA GLU N 131 -14.30 -41.01 36.87
C GLU N 131 -14.30 -39.54 37.26
N LEU N 132 -13.15 -38.97 37.60
CA LEU N 132 -13.11 -37.57 38.01
C LEU N 132 -13.57 -36.68 36.87
N ARG N 133 -14.46 -35.73 37.19
CA ARG N 133 -14.91 -34.78 36.19
C ARG N 133 -13.80 -33.80 35.87
N PRO N 134 -13.75 -33.30 34.62
CA PRO N 134 -12.73 -32.32 34.23
C PRO N 134 -12.62 -31.11 35.14
N ALA N 135 -13.57 -30.92 36.06
CA ALA N 135 -13.44 -29.84 37.02
C ALA N 135 -13.87 -30.27 38.43
N LYS N 136 -14.21 -31.53 38.65
CA LYS N 136 -14.50 -31.99 40.00
C LYS N 136 -13.19 -32.21 40.77
N ASN N 137 -13.32 -32.18 42.10
CA ASN N 137 -12.19 -32.31 43.00
C ASN N 137 -12.40 -33.48 43.94
N VAL N 138 -11.28 -34.01 44.45
CA VAL N 138 -11.30 -35.15 45.36
C VAL N 138 -10.52 -34.80 46.61
N LEU N 139 -11.10 -35.06 47.78
CA LEU N 139 -10.49 -34.76 49.07
C LEU N 139 -10.07 -36.06 49.76
N ILE N 140 -8.84 -36.08 50.25
CA ILE N 140 -8.30 -37.18 51.03
C ILE N 140 -7.94 -36.63 52.41
N ASP N 141 -8.38 -37.32 53.45
CA ASP N 141 -8.10 -36.85 54.81
C ASP N 141 -8.02 -38.06 55.74
N GLY N 142 -8.16 -37.81 57.03
CA GLY N 142 -8.10 -38.85 58.04
C GLY N 142 -7.35 -38.38 59.26
N VAL N 143 -6.28 -39.08 59.62
CA VAL N 143 -5.38 -38.67 60.68
C VAL N 143 -4.04 -38.32 60.05
N LEU N 144 -3.45 -37.22 60.50
CA LEU N 144 -2.16 -36.82 59.95
C LEU N 144 -1.07 -37.80 60.35
N GLY N 145 0.03 -37.77 59.61
CA GLY N 145 1.10 -38.72 59.87
C GLY N 145 0.80 -40.11 59.38
N SER N 146 -0.19 -40.28 58.52
CA SER N 146 -0.57 -41.58 57.98
C SER N 146 0.13 -41.88 56.66
N GLY N 147 1.17 -41.12 56.31
CA GLY N 147 1.82 -41.30 55.03
C GLY N 147 0.90 -41.10 53.86
N LYS N 148 -0.09 -40.22 53.99
CA LYS N 148 -1.01 -39.97 52.90
C LYS N 148 -0.29 -39.43 51.68
N THR N 149 0.85 -38.78 51.88
CA THR N 149 1.71 -38.41 50.77
C THR N 149 2.13 -39.64 49.99
N TRP N 150 2.51 -40.70 50.71
CA TRP N 150 2.91 -41.94 50.05
C TRP N 150 1.75 -42.56 49.30
N VAL N 151 0.54 -42.48 49.86
CA VAL N 151 -0.64 -42.99 49.15
C VAL N 151 -0.89 -42.21 47.88
N ALA N 152 -0.73 -40.89 47.94
CA ALA N 152 -0.90 -40.05 46.76
C ALA N 152 0.13 -40.40 45.70
N LEU N 153 1.37 -40.65 46.11
CA LEU N 153 2.38 -41.08 45.16
C LEU N 153 2.05 -42.45 44.58
N ASP N 154 1.50 -43.34 45.41
CA ASP N 154 1.09 -44.66 44.94
C ASP N 154 0.03 -44.56 43.86
N VAL N 155 -0.97 -43.71 44.08
CA VAL N 155 -2.02 -43.57 43.08
C VAL N 155 -1.51 -42.77 41.89
N CYS N 156 -0.46 -41.98 42.08
CA CYS N 156 0.06 -41.14 41.00
C CYS N 156 0.73 -41.96 39.93
N LEU N 157 1.54 -42.94 40.32
CA LEU N 157 2.30 -43.73 39.36
C LEU N 157 1.42 -44.60 38.48
N SER N 158 0.14 -44.74 38.82
CA SER N 158 -0.75 -45.60 38.05
C SER N 158 -0.81 -45.16 36.60
N TYR N 159 -0.74 -46.13 35.70
CA TYR N 159 -0.78 -45.84 34.27
C TYR N 159 -2.12 -45.26 33.85
N LYS N 160 -3.21 -45.80 34.40
CA LYS N 160 -4.54 -45.38 34.00
C LYS N 160 -4.78 -43.90 34.33
N VAL N 161 -4.40 -43.49 35.53
CA VAL N 161 -4.67 -42.11 35.95
C VAL N 161 -3.80 -41.14 35.16
N GLN N 162 -2.55 -41.52 34.88
CA GLN N 162 -1.68 -40.67 34.08
C GLN N 162 -2.20 -40.55 32.65
N CYS N 163 -2.73 -41.64 32.09
CA CYS N 163 -3.35 -41.57 30.77
C CYS N 163 -4.57 -40.66 30.79
N LYS N 164 -5.42 -40.78 31.81
CA LYS N 164 -6.61 -39.95 31.89
C LYS N 164 -6.23 -38.47 32.02
N MET N 165 -5.21 -38.18 32.83
CA MET N 165 -4.78 -36.81 33.03
C MET N 165 -3.88 -36.32 31.90
N ASP N 166 -3.49 -37.20 30.99
CA ASP N 166 -2.53 -36.86 29.93
C ASP N 166 -1.22 -36.36 30.51
N PHE N 167 -0.85 -36.89 31.68
CA PHE N 167 0.40 -36.55 32.35
C PHE N 167 0.47 -35.07 32.69
N LYS N 168 -0.68 -34.43 32.87
CA LYS N 168 -0.75 -33.02 33.26
C LYS N 168 -0.89 -32.96 34.78
N ILE N 169 0.19 -33.32 35.46
CA ILE N 169 0.19 -33.47 36.91
C ILE N 169 1.16 -32.46 37.51
N PHE N 170 0.72 -31.81 38.59
CA PHE N 170 1.51 -30.80 39.27
C PHE N 170 1.29 -30.93 40.76
N TRP N 171 2.37 -31.15 41.50
CA TRP N 171 2.30 -31.37 42.94
C TRP N 171 2.71 -30.11 43.67
N LEU N 172 1.85 -29.63 44.56
CA LEU N 172 2.12 -28.47 45.40
C LEU N 172 1.88 -28.87 46.85
N ASN N 173 2.91 -28.79 47.67
CA ASN N 173 2.77 -29.06 49.09
C ASN N 173 2.22 -27.83 49.79
N LEU N 174 1.05 -27.95 50.39
CA LEU N 174 0.40 -26.81 51.01
C LEU N 174 0.88 -26.60 52.44
N LYS N 175 2.19 -26.54 52.63
CA LYS N 175 2.76 -26.19 53.92
C LYS N 175 2.77 -24.67 54.06
N ASN N 176 2.31 -24.19 55.21
CA ASN N 176 2.30 -22.76 55.52
C ASN N 176 1.51 -21.98 54.47
N CYS N 177 0.21 -22.24 54.45
CA CYS N 177 -0.72 -21.54 53.58
C CYS N 177 -1.61 -20.59 54.37
N ASN N 178 -1.03 -19.91 55.36
CA ASN N 178 -1.77 -19.04 56.26
C ASN N 178 -1.27 -17.60 56.15
N SER N 179 -0.89 -17.19 54.95
CA SER N 179 -0.45 -15.82 54.72
C SER N 179 -0.61 -15.49 53.26
N PRO N 180 -1.01 -14.26 52.91
CA PRO N 180 -1.29 -13.94 51.50
C PRO N 180 -0.09 -14.15 50.58
N GLU N 181 1.11 -13.82 51.05
CA GLU N 181 2.29 -14.04 50.21
C GLU N 181 2.63 -15.51 50.11
N THR N 182 2.31 -16.30 51.15
CA THR N 182 2.57 -17.73 51.10
C THR N 182 1.75 -18.42 50.02
N VAL N 183 0.53 -17.95 49.77
CA VAL N 183 -0.23 -18.48 48.66
C VAL N 183 0.12 -17.76 47.36
N LEU N 184 0.56 -16.50 47.43
CA LEU N 184 0.97 -15.80 46.22
C LEU N 184 2.15 -16.49 45.56
N GLU N 185 3.15 -16.86 46.35
CA GLU N 185 4.29 -17.58 45.79
C GLU N 185 3.88 -18.92 45.22
N MET N 186 2.90 -19.58 45.84
CA MET N 186 2.40 -20.84 45.28
C MET N 186 1.70 -20.60 43.95
N LEU N 187 0.96 -19.49 43.84
CA LEU N 187 0.38 -19.13 42.54
C LEU N 187 1.46 -18.94 41.48
N GLN N 188 2.51 -18.18 41.81
CA GLN N 188 3.58 -18.00 40.82
C GLN N 188 4.24 -19.32 40.46
N LYS N 189 4.54 -20.15 41.46
CA LYS N 189 5.25 -21.40 41.20
C LYS N 189 4.39 -22.36 40.39
N LEU N 190 3.08 -22.39 40.64
CA LEU N 190 2.21 -23.24 39.83
C LEU N 190 2.04 -22.70 38.43
N LEU N 191 2.00 -21.37 38.29
CA LEU N 191 2.00 -20.78 36.95
C LEU N 191 3.23 -21.21 36.18
N TYR N 192 4.40 -21.12 36.81
CA TYR N 192 5.62 -21.51 36.14
C TYR N 192 5.67 -23.01 35.87
N GLN N 193 5.03 -23.80 36.74
CA GLN N 193 4.84 -25.22 36.44
C GLN N 193 4.04 -25.39 35.16
N ILE N 194 2.94 -24.64 35.03
CA ILE N 194 2.19 -24.62 33.77
C ILE N 194 3.03 -23.95 32.69
N ASP N 195 3.55 -22.76 32.98
CA ASP N 195 4.42 -22.05 32.06
C ASP N 195 5.20 -20.98 32.80
N PRO N 196 6.53 -20.99 32.74
CA PRO N 196 7.35 -19.99 33.43
C PRO N 196 7.35 -18.63 32.73
N ASN N 197 6.17 -18.17 32.37
CA ASN N 197 5.98 -16.85 31.79
C ASN N 197 4.81 -16.17 32.47
N TRP N 198 4.90 -14.85 32.57
CA TRP N 198 3.86 -14.11 33.27
C TRP N 198 3.85 -12.68 32.77
N THR N 199 2.65 -12.17 32.48
CA THR N 199 2.47 -10.74 32.20
C THR N 199 2.28 -10.04 33.54
N SER N 200 3.39 -9.92 34.26
CA SER N 200 3.43 -9.40 35.63
C SER N 200 3.13 -7.91 35.72
N ARG N 201 2.75 -7.23 34.63
CA ARG N 201 2.40 -5.82 34.72
C ARG N 201 1.15 -5.60 35.56
N SER N 202 0.21 -6.56 35.52
CA SER N 202 -1.01 -6.45 36.30
C SER N 202 -0.78 -6.58 37.80
N ASP N 203 0.43 -7.01 38.21
CA ASP N 203 0.74 -7.13 39.63
C ASP N 203 0.71 -5.76 40.30
N HIS N 204 -0.34 -5.50 41.06
CA HIS N 204 -0.49 -4.23 41.77
C HIS N 204 -0.41 -4.52 43.26
N SER N 205 0.66 -4.06 43.89
CA SER N 205 0.93 -4.33 45.29
C SER N 205 0.07 -3.51 46.23
N SER N 206 -0.82 -2.67 45.71
CA SER N 206 -1.75 -1.93 46.56
C SER N 206 -2.59 -2.89 47.39
N ASN N 207 -3.05 -3.98 46.78
CA ASN N 207 -3.68 -5.07 47.49
C ASN N 207 -3.05 -6.36 47.01
N ILE N 208 -2.48 -7.14 47.94
CA ILE N 208 -2.01 -8.46 47.58
C ILE N 208 -3.19 -9.33 47.17
N LYS N 209 -4.38 -9.06 47.73
CA LYS N 209 -5.58 -9.73 47.26
C LYS N 209 -5.90 -9.35 45.81
N LEU N 210 -5.61 -8.11 45.42
CA LEU N 210 -5.81 -7.72 44.03
C LEU N 210 -4.98 -8.59 43.10
N ARG N 211 -3.69 -8.73 43.41
CA ARG N 211 -2.82 -9.55 42.59
C ARG N 211 -3.21 -11.03 42.67
N ILE N 212 -3.67 -11.49 43.82
CA ILE N 212 -4.00 -12.91 43.94
C ILE N 212 -5.24 -13.23 43.10
N HIS N 213 -6.23 -12.34 43.08
CA HIS N 213 -7.38 -12.61 42.22
C HIS N 213 -7.02 -12.41 40.75
N SER N 214 -6.09 -11.50 40.45
CA SER N 214 -5.65 -11.34 39.08
C SER N 214 -4.96 -12.60 38.57
N ILE N 215 -4.06 -13.16 39.38
CA ILE N 215 -3.35 -14.37 38.97
C ILE N 215 -4.28 -15.57 38.96
N GLN N 216 -5.28 -15.60 39.86
CA GLN N 216 -6.28 -16.65 39.79
C GLN N 216 -7.08 -16.56 38.51
N ALA N 217 -7.42 -15.34 38.10
CA ALA N 217 -8.11 -15.14 36.82
C ALA N 217 -7.24 -15.60 35.65
N GLU N 218 -5.96 -15.26 35.70
CA GLU N 218 -5.04 -15.68 34.64
C GLU N 218 -4.95 -17.20 34.58
N LEU N 219 -4.82 -17.85 35.74
CA LEU N 219 -4.72 -19.30 35.78
C LEU N 219 -6.01 -19.95 35.30
N ARG N 220 -7.15 -19.37 35.65
CA ARG N 220 -8.42 -19.89 35.18
C ARG N 220 -8.52 -19.78 33.66
N ARG N 221 -8.14 -18.63 33.12
CA ARG N 221 -8.26 -18.42 31.68
C ARG N 221 -7.29 -19.30 30.90
N LEU N 222 -6.10 -19.56 31.44
CA LEU N 222 -5.18 -20.44 30.74
C LEU N 222 -5.56 -21.91 30.90
N LEU N 223 -6.12 -22.28 32.04
CA LEU N 223 -6.47 -23.68 32.29
C LEU N 223 -7.52 -24.17 31.30
N LYS N 224 -8.37 -23.28 30.82
CA LYS N 224 -9.38 -23.63 29.82
C LYS N 224 -8.71 -23.82 28.46
N SER N 225 -7.92 -24.88 28.38
CA SER N 225 -7.16 -25.21 27.18
C SER N 225 -7.33 -26.70 26.87
N LYS N 226 -7.22 -27.02 25.59
CA LYS N 226 -7.29 -28.42 25.18
C LYS N 226 -6.18 -29.27 25.79
N PRO N 227 -4.90 -28.86 25.79
CA PRO N 227 -3.92 -29.62 26.57
C PRO N 227 -4.18 -29.55 28.06
N TYR N 228 -4.88 -28.54 28.53
CA TYR N 228 -5.12 -28.33 29.95
C TYR N 228 -6.53 -28.73 30.37
N GLU N 229 -7.25 -29.46 29.53
CA GLU N 229 -8.60 -29.89 29.90
C GLU N 229 -8.58 -30.86 31.07
N ASN N 230 -7.61 -31.78 31.08
CA ASN N 230 -7.44 -32.72 32.19
C ASN N 230 -6.11 -32.49 32.88
N CYS N 231 -6.16 -31.92 34.08
CA CYS N 231 -4.96 -31.63 34.85
C CYS N 231 -5.20 -32.06 36.30
N LEU N 232 -4.17 -32.64 36.90
CA LEU N 232 -4.23 -33.11 38.28
C LEU N 232 -3.30 -32.27 39.14
N LEU N 233 -3.89 -31.41 39.96
CA LEU N 233 -3.13 -30.62 40.93
C LEU N 233 -3.22 -31.32 42.28
N VAL N 234 -2.08 -31.77 42.78
CA VAL N 234 -2.01 -32.37 44.10
C VAL N 234 -1.79 -31.27 45.13
N LEU N 235 -2.64 -31.25 46.15
CA LEU N 235 -2.61 -30.23 47.19
C LEU N 235 -2.24 -30.92 48.50
N LEU N 236 -0.94 -31.02 48.77
CA LEU N 236 -0.44 -31.82 49.88
C LEU N 236 -0.62 -31.05 51.19
N ASN N 237 -1.34 -31.65 52.14
CA ASN N 237 -1.53 -31.11 53.48
C ASN N 237 -2.12 -29.70 53.43
N VAL N 238 -3.36 -29.65 52.94
CA VAL N 238 -4.08 -28.39 52.90
C VAL N 238 -4.21 -27.85 54.31
N GLN N 239 -3.87 -26.57 54.49
CA GLN N 239 -3.89 -25.98 55.82
C GLN N 239 -5.32 -25.72 56.27
N ASN N 240 -6.06 -24.92 55.50
CA ASN N 240 -7.44 -24.57 55.85
C ASN N 240 -8.25 -24.44 54.57
N ALA N 241 -9.58 -24.56 54.73
CA ALA N 241 -10.47 -24.38 53.60
C ALA N 241 -10.40 -22.98 53.03
N LYS N 242 -9.96 -22.01 53.83
CA LYS N 242 -9.77 -20.65 53.34
C LYS N 242 -8.78 -20.62 52.19
N ALA N 243 -7.67 -21.37 52.33
CA ALA N 243 -6.68 -21.44 51.27
C ALA N 243 -7.29 -22.03 50.00
N TRP N 244 -8.08 -23.11 50.14
CA TRP N 244 -8.76 -23.67 48.98
C TRP N 244 -9.72 -22.68 48.35
N ASN N 245 -10.32 -21.81 49.16
CA ASN N 245 -11.24 -20.82 48.61
C ASN N 245 -10.55 -19.89 47.63
N ALA N 246 -9.22 -19.81 47.68
CA ALA N 246 -8.43 -19.17 46.64
C ALA N 246 -7.90 -20.16 45.62
N PHE N 247 -7.62 -21.39 46.04
CA PHE N 247 -7.09 -22.41 45.16
C PHE N 247 -8.17 -23.15 44.39
N ASN N 248 -9.43 -22.79 44.58
CA ASN N 248 -10.53 -23.40 43.83
C ASN N 248 -10.56 -22.85 42.41
N LEU N 249 -9.81 -23.50 41.51
CA LEU N 249 -9.66 -23.03 40.14
C LEU N 249 -10.43 -23.88 39.14
N SER N 250 -11.41 -24.67 39.61
CA SER N 250 -12.34 -25.39 38.74
C SER N 250 -11.61 -26.37 37.82
N CYS N 251 -10.97 -27.36 38.43
CA CYS N 251 -10.25 -28.37 37.67
C CYS N 251 -10.32 -29.71 38.42
N LYS N 252 -9.62 -30.70 37.89
CA LYS N 252 -9.56 -32.02 38.50
C LYS N 252 -8.49 -32.04 39.59
N ILE N 253 -8.71 -31.28 40.67
CA ILE N 253 -7.70 -31.19 41.70
C ILE N 253 -7.98 -32.21 42.81
N LEU N 254 -6.90 -32.75 43.35
CA LEU N 254 -6.98 -33.64 44.50
C LEU N 254 -6.21 -33.02 45.64
N LEU N 255 -6.92 -32.77 46.74
CA LEU N 255 -6.32 -32.16 47.92
C LEU N 255 -6.35 -33.15 49.07
N THR N 256 -5.23 -33.24 49.80
CA THR N 256 -5.10 -34.15 50.93
C THR N 256 -4.63 -33.37 52.15
N THR N 257 -5.59 -32.78 52.87
CA THR N 257 -5.26 -32.03 54.08
C THR N 257 -4.96 -33.00 55.22
N ARG N 258 -4.57 -32.43 56.36
CA ARG N 258 -4.32 -33.22 57.56
C ARG N 258 -5.02 -32.62 58.77
N PHE N 259 -6.05 -31.80 58.55
CA PHE N 259 -6.80 -31.16 59.62
C PHE N 259 -8.27 -31.51 59.51
N LYS N 260 -8.90 -31.80 60.65
CA LYS N 260 -10.32 -32.10 60.68
C LYS N 260 -11.19 -30.92 60.28
N GLN N 261 -10.67 -29.70 60.45
CA GLN N 261 -11.45 -28.51 60.08
C GLN N 261 -11.65 -28.40 58.59
N VAL N 262 -10.67 -28.81 57.79
CA VAL N 262 -10.73 -28.57 56.35
C VAL N 262 -11.79 -29.45 55.70
N THR N 263 -11.89 -30.72 56.12
CA THR N 263 -12.76 -31.66 55.44
C THR N 263 -14.24 -31.33 55.64
N ASP N 264 -14.58 -30.69 56.76
CA ASP N 264 -15.99 -30.44 57.06
C ASP N 264 -16.63 -29.51 56.04
N PHE N 265 -15.90 -28.47 55.62
CA PHE N 265 -16.48 -27.48 54.72
C PHE N 265 -16.85 -28.10 53.38
N LEU N 266 -16.01 -28.97 52.85
CA LEU N 266 -16.19 -29.46 51.49
C LEU N 266 -17.37 -30.42 51.43
N SER N 267 -18.18 -30.29 50.39
CA SER N 267 -19.35 -31.16 50.23
C SER N 267 -18.94 -32.48 49.60
N ALA N 268 -19.53 -33.57 50.11
CA ALA N 268 -19.17 -34.90 49.64
C ALA N 268 -19.56 -35.11 48.19
N ALA N 269 -20.73 -34.63 47.79
CA ALA N 269 -21.13 -34.72 46.39
C ALA N 269 -20.17 -33.91 45.51
N THR N 270 -19.87 -32.68 45.94
CA THR N 270 -18.92 -31.87 45.20
C THR N 270 -17.51 -32.47 45.22
N THR N 271 -17.10 -32.96 46.38
CA THR N 271 -15.78 -33.55 46.56
C THR N 271 -15.94 -34.92 47.18
N THR N 272 -15.61 -35.97 46.43
CA THR N 272 -15.67 -37.30 47.00
C THR N 272 -14.74 -37.38 48.20
N HIS N 273 -15.32 -37.44 49.39
CA HIS N 273 -14.53 -37.37 50.61
C HIS N 273 -13.86 -38.70 50.87
N ILE N 274 -12.57 -38.66 51.20
CA ILE N 274 -11.79 -39.85 51.52
C ILE N 274 -11.07 -39.62 52.84
N SER N 275 -11.29 -40.51 53.80
CA SER N 275 -10.60 -40.48 55.07
C SER N 275 -9.72 -41.71 55.20
N LEU N 276 -8.70 -41.61 56.05
CA LEU N 276 -7.75 -42.70 56.24
C LEU N 276 -7.81 -43.33 57.63
N ASP N 277 -8.68 -42.86 58.51
CA ASP N 277 -8.82 -43.43 59.84
C ASP N 277 -9.94 -44.47 59.83
N HIS N 278 -9.66 -45.60 59.18
CA HIS N 278 -10.61 -46.69 59.07
C HIS N 278 -9.88 -48.01 59.14
N HIS N 279 -10.60 -49.04 59.58
CA HIS N 279 -10.03 -50.38 59.61
C HIS N 279 -9.67 -50.84 58.20
N SER N 280 -10.53 -50.57 57.23
CA SER N 280 -10.20 -50.86 55.84
C SER N 280 -9.04 -49.99 55.39
N MET N 281 -9.10 -48.69 55.70
CA MET N 281 -7.98 -47.80 55.42
C MET N 281 -6.71 -48.27 56.11
N THR N 282 -6.87 -48.95 57.23
CA THR N 282 -5.73 -49.43 58.03
C THR N 282 -5.11 -50.75 57.54
N LEU N 283 -5.76 -51.41 56.59
CA LEU N 283 -5.27 -52.66 56.03
C LEU N 283 -4.88 -53.69 57.09
N THR N 284 -3.66 -54.23 57.00
CA THR N 284 -3.17 -55.22 57.93
C THR N 284 -1.73 -54.93 58.30
N PRO N 285 -1.28 -55.40 59.47
CA PRO N 285 0.14 -55.29 59.79
C PRO N 285 1.03 -56.04 58.81
N ASP N 286 0.49 -57.07 58.15
CA ASP N 286 1.24 -57.75 57.10
C ASP N 286 1.66 -56.77 56.00
N GLU N 287 0.87 -55.72 55.79
CA GLU N 287 1.26 -54.67 54.85
C GLU N 287 2.57 -54.02 55.26
N VAL N 288 2.75 -53.76 56.56
CA VAL N 288 3.92 -53.05 57.05
C VAL N 288 4.96 -54.01 57.60
N LYS N 289 4.73 -55.32 57.50
CA LYS N 289 5.78 -56.26 57.89
C LYS N 289 7.00 -56.14 56.99
N SER N 290 6.82 -55.59 55.79
CA SER N 290 7.92 -55.36 54.86
C SER N 290 8.58 -54.01 55.07
N LEU N 291 8.22 -53.28 56.13
CA LEU N 291 8.86 -52.00 56.39
C LEU N 291 10.35 -52.19 56.66
N LEU N 292 10.69 -53.18 57.48
CA LEU N 292 12.10 -53.50 57.68
C LEU N 292 12.74 -54.04 56.41
N LEU N 293 11.93 -54.54 55.48
CA LEU N 293 12.47 -54.94 54.18
C LEU N 293 12.72 -53.73 53.29
N LYS N 294 11.85 -52.73 53.36
CA LYS N 294 12.07 -51.51 52.60
C LYS N 294 13.16 -50.63 53.20
N TYR N 295 13.45 -50.80 54.49
CA TYR N 295 14.47 -50.00 55.18
C TYR N 295 15.76 -50.79 55.38
N LEU N 296 15.67 -51.91 56.10
CA LEU N 296 16.83 -52.73 56.40
C LEU N 296 17.00 -53.91 55.46
N ASP N 297 15.93 -54.34 54.81
CA ASP N 297 15.95 -55.46 53.87
C ASP N 297 16.49 -56.72 54.53
N CYS N 298 15.76 -57.17 55.56
CA CYS N 298 16.13 -58.38 56.31
C CYS N 298 14.85 -59.14 56.64
N ARG N 299 14.53 -60.13 55.79
CA ARG N 299 13.30 -60.90 55.95
C ARG N 299 13.28 -61.68 57.26
N PRO N 300 14.32 -62.41 57.64
CA PRO N 300 14.26 -63.19 58.88
C PRO N 300 14.06 -62.34 60.13
N GLN N 301 14.60 -61.12 60.15
CA GLN N 301 14.48 -60.28 61.34
C GLN N 301 13.07 -59.75 61.53
N ASP N 302 12.22 -59.82 60.50
CA ASP N 302 10.84 -59.37 60.64
C ASP N 302 10.08 -60.23 61.65
N LEU N 303 10.30 -61.55 61.62
CA LEU N 303 9.65 -62.43 62.58
C LEU N 303 10.01 -62.10 64.01
N PRO N 304 11.27 -61.86 64.36
CA PRO N 304 11.58 -61.45 65.74
C PRO N 304 10.91 -60.15 66.15
N ARG N 305 10.73 -59.21 65.21
CA ARG N 305 10.08 -57.96 65.50
C ARG N 305 8.56 -58.12 65.44
N GLU N 306 7.84 -57.05 65.76
CA GLU N 306 6.37 -57.05 65.74
C GLU N 306 5.91 -55.69 65.23
N VAL N 307 5.28 -55.67 64.05
CA VAL N 307 4.80 -54.43 63.46
C VAL N 307 3.40 -54.13 63.97
N LEU N 308 2.98 -52.88 63.79
CA LEU N 308 1.69 -52.39 64.25
C LEU N 308 0.86 -51.95 63.05
N THR N 309 -0.25 -51.28 63.33
CA THR N 309 -1.18 -50.84 62.30
C THR N 309 -0.55 -49.71 61.47
N THR N 310 -1.34 -49.13 60.58
CA THR N 310 -0.83 -48.17 59.60
C THR N 310 -0.47 -46.82 60.24
N ASN N 311 0.80 -46.66 60.60
CA ASN N 311 1.33 -45.39 61.08
C ASN N 311 2.68 -45.15 60.40
N PRO N 312 2.66 -44.83 59.10
CA PRO N 312 3.93 -44.82 58.33
C PRO N 312 4.99 -43.90 58.88
N ARG N 313 4.61 -42.72 59.37
CA ARG N 313 5.62 -41.80 59.90
C ARG N 313 6.28 -42.36 61.14
N ARG N 314 5.49 -42.63 62.18
CA ARG N 314 6.04 -43.09 63.45
C ARG N 314 6.71 -44.44 63.31
N LEU N 315 6.03 -45.38 62.66
CA LEU N 315 6.59 -46.72 62.50
C LEU N 315 7.85 -46.69 61.63
N SER N 316 7.83 -45.89 60.56
CA SER N 316 8.99 -45.79 59.69
C SER N 316 10.19 -45.20 60.43
N ILE N 317 9.97 -44.15 61.22
CA ILE N 317 11.09 -43.55 61.94
C ILE N 317 11.59 -44.48 63.04
N ILE N 318 10.68 -45.23 63.68
CA ILE N 318 11.11 -46.19 64.70
C ILE N 318 11.98 -47.27 64.06
N ALA N 319 11.57 -47.77 62.90
CA ALA N 319 12.37 -48.77 62.20
C ALA N 319 13.71 -48.19 61.73
N GLU N 320 13.71 -46.93 61.30
CA GLU N 320 14.96 -46.30 60.90
C GLU N 320 15.92 -46.20 62.08
N SER N 321 15.40 -45.86 63.26
CA SER N 321 16.24 -45.90 64.45
C SER N 321 16.70 -47.32 64.75
N ILE N 322 15.79 -48.29 64.59
CA ILE N 322 16.09 -49.68 64.92
C ILE N 322 17.26 -50.18 64.09
N ARG N 323 17.20 -49.98 62.78
CA ARG N 323 18.27 -50.39 61.89
C ARG N 323 19.53 -49.57 62.09
N ASP N 324 19.46 -48.47 62.83
CA ASP N 324 20.58 -47.58 63.00
C ASP N 324 20.79 -47.23 64.47
N ALA N 327 19.03 -51.08 66.84
CA ALA N 327 18.51 -52.00 67.84
C ALA N 327 16.98 -52.05 67.77
N THR N 328 16.44 -53.27 67.65
CA THR N 328 15.01 -53.43 67.48
C THR N 328 14.24 -52.95 68.70
N TRP N 329 14.70 -53.29 69.90
CA TRP N 329 13.96 -52.97 71.11
C TRP N 329 14.37 -51.62 71.70
N ASP N 330 15.67 -51.29 71.66
CA ASP N 330 16.13 -50.01 72.17
C ASP N 330 15.52 -48.85 71.39
N ASN N 331 15.48 -48.96 70.07
CA ASN N 331 14.94 -47.90 69.26
C ASN N 331 13.42 -47.97 69.12
N TRP N 332 12.81 -49.02 69.66
CA TRP N 332 11.35 -49.12 69.61
C TRP N 332 10.69 -48.04 70.45
N LYS N 333 11.10 -47.90 71.70
CA LYS N 333 10.46 -46.97 72.63
C LYS N 333 11.39 -45.91 73.16
N HIS N 334 12.55 -46.29 73.71
CA HIS N 334 13.44 -45.32 74.33
C HIS N 334 13.97 -44.32 73.31
N VAL N 335 14.50 -44.82 72.20
CA VAL N 335 14.91 -43.94 71.10
C VAL N 335 13.66 -43.44 70.41
N ASN N 336 13.84 -42.46 69.51
CA ASN N 336 12.78 -41.73 68.81
C ASN N 336 12.10 -40.70 69.70
N CYS N 337 12.58 -40.52 70.93
CA CYS N 337 12.05 -39.48 71.80
C CYS N 337 12.50 -38.08 71.38
N ASP N 338 13.47 -37.98 70.47
CA ASP N 338 13.92 -36.69 69.97
C ASP N 338 13.57 -36.46 68.51
N LYS N 339 13.26 -37.51 67.76
CA LYS N 339 12.92 -37.40 66.34
C LYS N 339 11.44 -37.62 66.08
N LEU N 340 10.86 -38.70 66.61
CA LEU N 340 9.43 -38.92 66.47
C LEU N 340 8.65 -37.83 67.18
N THR N 341 9.11 -37.40 68.35
CA THR N 341 8.45 -36.30 69.04
C THR N 341 8.55 -35.01 68.24
N THR N 342 9.70 -34.76 67.62
CA THR N 342 9.87 -33.57 66.81
C THR N 342 8.76 -33.47 65.77
N ILE N 343 8.42 -34.58 65.12
CA ILE N 343 7.37 -34.53 64.11
C ILE N 343 5.99 -34.60 64.76
N ILE N 344 5.86 -35.24 65.92
CA ILE N 344 4.53 -35.43 66.49
C ILE N 344 3.98 -34.12 67.02
N GLU N 345 4.83 -33.29 67.64
CA GLU N 345 4.40 -31.94 67.98
C GLU N 345 4.88 -30.90 66.99
N SER N 346 5.50 -31.32 65.88
CA SER N 346 5.78 -30.38 64.79
C SER N 346 4.49 -29.92 64.13
N SER N 347 3.56 -30.86 63.89
CA SER N 347 2.27 -30.50 63.33
C SER N 347 1.42 -29.73 64.34
N LEU N 348 1.74 -29.81 65.64
CA LEU N 348 0.95 -29.12 66.64
C LEU N 348 1.07 -27.60 66.51
N ASN N 349 2.26 -27.11 66.18
CA ASN N 349 2.71 -25.74 66.48
C ASN N 349 1.72 -24.64 66.10
N VAL N 350 0.70 -24.98 65.31
CA VAL N 350 -0.32 -24.02 64.91
C VAL N 350 -1.18 -23.54 66.08
N LEU N 351 -1.20 -24.26 67.20
CA LEU N 351 -2.10 -23.88 68.29
C LEU N 351 -1.49 -22.77 69.12
N GLU N 352 -2.31 -21.80 69.52
CA GLU N 352 -1.80 -20.85 70.50
C GLU N 352 -1.74 -21.53 71.88
N PRO N 353 -0.68 -21.28 72.65
CA PRO N 353 -0.49 -22.04 73.89
C PRO N 353 -1.18 -21.45 75.11
N ALA N 354 -1.66 -20.22 75.04
CA ALA N 354 -2.26 -19.59 76.22
C ALA N 354 -3.49 -20.36 76.68
N GLU N 355 -4.30 -20.83 75.75
CA GLU N 355 -5.50 -21.59 76.07
C GLU N 355 -5.46 -23.01 75.55
N TYR N 356 -4.96 -23.22 74.33
CA TYR N 356 -5.04 -24.54 73.72
C TYR N 356 -4.01 -25.50 74.30
N ARG N 357 -2.72 -25.14 74.19
CA ARG N 357 -1.67 -26.03 74.63
C ARG N 357 -1.69 -26.24 76.13
N LYS N 358 -2.08 -25.20 76.89
CA LYS N 358 -2.20 -25.35 78.34
C LYS N 358 -3.24 -26.40 78.69
N MET N 359 -4.41 -26.34 78.06
CA MET N 359 -5.46 -27.32 78.34
C MET N 359 -5.05 -28.71 77.86
N PHE N 360 -4.36 -28.79 76.72
CA PHE N 360 -3.91 -30.08 76.24
C PHE N 360 -2.91 -30.71 77.21
N ASP N 361 -2.05 -29.87 77.80
CA ASP N 361 -1.15 -30.35 78.84
C ASP N 361 -1.91 -30.75 80.09
N ARG N 362 -2.97 -30.00 80.44
CA ARG N 362 -3.85 -30.41 81.52
C ARG N 362 -4.40 -31.80 81.30
N LEU N 363 -4.71 -32.12 80.04
CA LEU N 363 -5.26 -33.42 79.65
C LEU N 363 -4.30 -34.57 79.92
N SER N 364 -3.01 -34.30 80.12
CA SER N 364 -2.03 -35.38 80.26
C SER N 364 -2.30 -36.27 81.45
N VAL N 365 -2.94 -35.76 82.50
CA VAL N 365 -3.15 -36.56 83.72
C VAL N 365 -4.06 -37.74 83.42
N PHE N 366 -4.98 -37.60 82.48
CA PHE N 366 -5.87 -38.68 82.15
C PHE N 366 -5.09 -39.81 81.49
N PRO N 367 -5.52 -41.06 81.69
CA PRO N 367 -4.75 -42.20 81.20
C PRO N 367 -4.56 -42.16 79.70
N PRO N 368 -3.55 -42.87 79.18
CA PRO N 368 -3.21 -42.73 77.75
C PRO N 368 -4.37 -43.01 76.82
N SER N 369 -5.21 -44.00 77.13
CA SER N 369 -6.38 -44.36 76.32
C SER N 369 -7.58 -44.33 77.26
N ALA N 370 -8.19 -43.15 77.40
CA ALA N 370 -9.32 -43.00 78.29
C ALA N 370 -10.29 -41.98 77.70
N HIS N 371 -11.56 -42.15 78.05
CA HIS N 371 -12.57 -41.18 77.71
C HIS N 371 -12.58 -40.09 78.79
N ILE N 372 -13.53 -39.16 78.70
CA ILE N 372 -13.57 -38.09 79.68
C ILE N 372 -14.97 -37.47 79.77
N PRO N 373 -15.51 -37.31 80.98
CA PRO N 373 -16.74 -36.55 81.14
C PRO N 373 -16.49 -35.07 80.86
N THR N 374 -17.56 -34.40 80.43
CA THR N 374 -17.45 -32.98 80.12
C THR N 374 -17.19 -32.16 81.37
N ILE N 375 -17.77 -32.55 82.50
CA ILE N 375 -17.59 -31.80 83.74
C ILE N 375 -16.13 -31.77 84.14
N LEU N 376 -15.45 -32.91 84.05
CA LEU N 376 -14.07 -32.99 84.53
C LEU N 376 -13.14 -32.11 83.71
N LEU N 377 -13.29 -32.13 82.39
CA LEU N 377 -12.51 -31.23 81.55
C LEU N 377 -12.89 -29.78 81.80
N SER N 378 -14.16 -29.53 82.12
CA SER N 378 -14.59 -28.17 82.44
C SER N 378 -13.86 -27.65 83.68
N LEU N 379 -13.76 -28.48 84.71
CA LEU N 379 -13.08 -28.06 85.93
C LEU N 379 -11.61 -27.76 85.66
N ILE N 380 -10.96 -28.60 84.88
CA ILE N 380 -9.55 -28.42 84.56
C ILE N 380 -9.39 -27.43 83.41
N SER N 387 -19.62 -22.21 78.78
CA SER N 387 -19.40 -23.14 77.68
C SER N 387 -18.06 -22.86 77.02
N ASP N 388 -17.23 -22.04 77.68
CA ASP N 388 -15.92 -21.73 77.13
C ASP N 388 -15.08 -22.99 76.99
N VAL N 389 -15.14 -23.88 77.98
CA VAL N 389 -14.36 -25.11 77.93
C VAL N 389 -14.83 -25.99 76.78
N MET N 390 -16.15 -26.12 76.60
CA MET N 390 -16.62 -26.99 75.53
C MET N 390 -16.37 -26.34 74.17
N VAL N 391 -16.42 -25.02 74.08
CA VAL N 391 -16.03 -24.33 72.86
C VAL N 391 -14.57 -24.61 72.54
N VAL N 392 -13.72 -24.57 73.56
CA VAL N 392 -12.28 -24.79 73.37
C VAL N 392 -12.03 -26.21 72.89
N VAL N 393 -12.63 -27.20 73.57
CA VAL N 393 -12.43 -28.58 73.16
C VAL N 393 -13.05 -28.82 71.80
N ASN N 394 -14.10 -28.07 71.46
CA ASN N 394 -14.75 -28.26 70.17
C ASN N 394 -13.85 -27.76 69.05
N LYS N 395 -13.29 -26.57 69.20
CA LYS N 395 -12.37 -26.06 68.19
C LYS N 395 -11.11 -26.92 68.11
N LEU N 396 -10.63 -27.43 69.25
CA LEU N 396 -9.50 -28.34 69.22
C LEU N 396 -9.84 -29.60 68.44
N HIS N 397 -11.06 -30.11 68.64
CA HIS N 397 -11.55 -31.20 67.80
C HIS N 397 -11.55 -30.79 66.34
N LYS N 398 -11.88 -29.54 66.08
CA LYS N 398 -11.93 -29.07 64.70
C LYS N 398 -10.55 -29.12 64.05
N TYR N 399 -9.52 -28.67 64.77
CA TYR N 399 -8.21 -28.59 64.12
C TYR N 399 -7.70 -29.97 63.74
N SER N 400 -7.19 -30.73 64.70
CA SER N 400 -6.85 -32.12 64.45
C SER N 400 -6.97 -33.02 65.68
N LEU N 401 -7.01 -32.43 66.87
CA LEU N 401 -6.52 -33.16 68.03
C LEU N 401 -7.55 -34.14 68.60
N VAL N 402 -8.65 -33.64 69.13
CA VAL N 402 -9.49 -34.42 70.03
C VAL N 402 -10.70 -34.94 69.27
N GLU N 403 -11.01 -36.22 69.47
CA GLU N 403 -12.18 -36.84 68.90
C GLU N 403 -13.39 -36.60 69.79
N LYS N 404 -14.51 -36.24 69.17
CA LYS N 404 -15.74 -35.95 69.89
C LYS N 404 -16.81 -36.95 69.54
N GLN N 405 -17.65 -37.26 70.52
CA GLN N 405 -18.63 -38.34 70.40
C GLN N 405 -19.76 -38.07 71.37
N PRO N 406 -20.95 -38.66 71.13
CA PRO N 406 -22.06 -38.56 72.08
C PRO N 406 -22.01 -39.67 73.12
N SER N 409 -22.30 -38.43 75.98
CA SER N 409 -21.67 -37.22 75.45
C SER N 409 -20.23 -37.11 75.93
N THR N 410 -19.61 -38.25 76.23
CA THR N 410 -18.22 -38.25 76.62
C THR N 410 -17.35 -37.97 75.39
N ILE N 411 -16.04 -38.06 75.58
CA ILE N 411 -15.08 -37.75 74.52
C ILE N 411 -13.86 -38.64 74.68
N SER N 412 -13.40 -39.21 73.56
CA SER N 412 -12.20 -40.02 73.53
C SER N 412 -11.07 -39.22 72.89
N ILE N 413 -9.85 -39.51 73.32
CA ILE N 413 -8.66 -38.79 72.88
C ILE N 413 -7.70 -39.80 72.28
N PRO N 414 -7.12 -39.55 71.11
CA PRO N 414 -6.16 -40.50 70.53
C PRO N 414 -4.92 -40.65 71.41
N SER N 415 -4.38 -41.86 71.41
CA SER N 415 -3.21 -42.16 72.24
C SER N 415 -1.93 -41.53 71.70
N ILE N 416 -1.90 -41.21 70.41
CA ILE N 416 -0.68 -40.69 69.80
C ILE N 416 -0.33 -39.33 70.39
N TYR N 417 -1.31 -38.43 70.48
CA TYR N 417 -1.09 -37.11 71.08
C TYR N 417 -1.22 -37.10 72.59
N LEU N 418 -1.81 -38.13 73.19
CA LEU N 418 -2.05 -38.06 74.64
C LEU N 418 -0.80 -38.44 75.43
N GLU N 419 -0.05 -39.44 74.99
CA GLU N 419 1.05 -39.94 75.82
C GLU N 419 2.40 -39.34 75.44
N LEU N 420 2.86 -39.60 74.21
CA LEU N 420 4.25 -39.31 73.89
C LEU N 420 4.54 -37.81 73.85
N LYS N 421 3.64 -37.05 73.22
CA LYS N 421 3.92 -35.64 72.98
C LYS N 421 4.01 -34.84 74.28
N VAL N 422 3.11 -35.11 75.22
CA VAL N 422 2.98 -34.25 76.40
C VAL N 422 3.56 -34.84 77.68
N LYS N 423 3.69 -36.16 77.78
CA LYS N 423 4.28 -36.75 78.98
C LYS N 423 5.75 -36.33 79.12
N LEU N 424 6.48 -36.30 78.01
CA LEU N 424 7.89 -35.92 78.07
C LEU N 424 8.06 -34.49 78.54
N GLU N 425 7.22 -33.58 78.04
CA GLU N 425 7.28 -32.16 78.40
C GLU N 425 6.04 -31.83 79.24
N ASN N 426 6.21 -31.87 80.56
CA ASN N 426 5.09 -31.67 81.47
C ASN N 426 5.59 -31.11 82.79
N GLU N 427 5.16 -29.90 83.13
CA GLU N 427 5.41 -29.35 84.45
C GLU N 427 4.49 -30.02 85.47
N TYR N 428 4.78 -29.77 86.75
CA TYR N 428 4.00 -30.38 87.83
C TYR N 428 2.73 -29.57 88.08
N ALA N 429 1.78 -29.72 87.16
CA ALA N 429 0.40 -29.34 87.43
C ALA N 429 -0.40 -30.48 88.00
N LEU N 430 0.25 -31.62 88.24
CA LEU N 430 -0.44 -32.83 88.67
C LEU N 430 -1.06 -32.69 90.05
N HIS N 431 -0.53 -31.79 90.88
CA HIS N 431 -1.10 -31.61 92.22
C HIS N 431 -2.54 -31.14 92.14
N ARG N 432 -2.80 -30.08 91.38
CA ARG N 432 -4.16 -29.57 91.23
C ARG N 432 -5.06 -30.59 90.54
N SER N 433 -4.54 -31.22 89.48
CA SER N 433 -5.34 -32.19 88.74
C SER N 433 -5.75 -33.35 89.63
N ILE N 434 -4.83 -33.85 90.45
CA ILE N 434 -5.16 -35.04 91.22
C ILE N 434 -5.94 -34.67 92.48
N VAL N 435 -5.74 -33.48 93.03
CA VAL N 435 -6.61 -33.07 94.13
C VAL N 435 -8.04 -32.89 93.62
N ASP N 436 -8.20 -32.40 92.38
CA ASP N 436 -9.54 -32.38 91.80
C ASP N 436 -10.06 -33.78 91.54
N HIS N 437 -9.20 -34.67 91.05
CA HIS N 437 -9.58 -36.07 90.82
C HIS N 437 -9.98 -36.76 92.12
N TYR N 438 -9.52 -36.23 93.25
CA TYR N 438 -9.96 -36.66 94.56
C TYR N 438 -11.24 -35.96 95.01
N ASN N 439 -11.38 -34.68 94.67
CA ASN N 439 -12.50 -33.90 95.18
C ASN N 439 -13.79 -34.29 94.51
N ILE N 440 -13.79 -34.46 93.19
CA ILE N 440 -15.03 -34.72 92.47
C ILE N 440 -15.68 -36.04 92.90
N PRO N 441 -14.96 -37.15 93.12
CA PRO N 441 -15.65 -38.34 93.64
C PRO N 441 -16.09 -38.20 95.07
N LYS N 442 -15.43 -37.35 95.86
CA LYS N 442 -15.96 -37.02 97.18
C LYS N 442 -17.30 -36.31 97.04
N THR N 443 -17.40 -35.39 96.08
CA THR N 443 -18.70 -34.82 95.76
C THR N 443 -19.65 -35.89 95.24
N PHE N 444 -19.10 -36.98 94.70
CA PHE N 444 -19.90 -38.12 94.25
C PHE N 444 -20.06 -39.14 95.38
N ASP N 445 -20.65 -38.67 96.48
CA ASP N 445 -20.93 -39.51 97.65
C ASP N 445 -22.37 -39.31 98.07
N SER N 446 -22.98 -40.38 98.59
CA SER N 446 -24.38 -40.37 98.97
C SER N 446 -24.53 -40.96 100.36
N ASP N 447 -25.77 -40.92 100.86
CA ASP N 447 -26.09 -41.60 102.11
C ASP N 447 -25.81 -43.09 102.00
N ASP N 448 -26.29 -43.70 100.93
CA ASP N 448 -25.91 -45.06 100.60
C ASP N 448 -24.57 -45.03 99.87
N LEU N 449 -24.15 -46.16 99.33
CA LEU N 449 -22.92 -46.25 98.57
C LEU N 449 -23.17 -46.29 97.07
N ILE N 450 -24.35 -45.87 96.61
CA ILE N 450 -24.67 -45.84 95.19
C ILE N 450 -24.39 -44.43 94.67
N PRO N 451 -23.28 -44.22 93.95
CA PRO N 451 -23.01 -42.91 93.38
C PRO N 451 -23.48 -42.84 91.95
N PRO N 452 -23.56 -41.64 91.37
CA PRO N 452 -23.80 -41.49 89.92
C PRO N 452 -22.53 -41.64 89.09
N TYR N 453 -21.81 -42.74 89.31
CA TYR N 453 -20.56 -42.96 88.60
C TYR N 453 -20.79 -43.12 87.12
N LEU N 454 -19.85 -42.62 86.33
CA LEU N 454 -19.88 -42.82 84.88
C LEU N 454 -19.20 -44.15 84.55
N ASP N 455 -19.82 -44.90 83.63
CA ASP N 455 -19.39 -46.26 83.37
C ASP N 455 -17.93 -46.34 82.99
N GLN N 456 -17.50 -45.52 82.02
CA GLN N 456 -16.16 -45.70 81.47
C GLN N 456 -15.09 -45.03 82.32
N TYR N 457 -15.15 -43.70 82.46
CA TYR N 457 -14.06 -43.00 83.14
C TYR N 457 -14.08 -43.30 84.63
N PHE N 458 -15.24 -43.19 85.27
CA PHE N 458 -15.31 -43.32 86.72
C PHE N 458 -14.89 -44.71 87.16
N TYR N 459 -15.67 -45.72 86.76
CA TYR N 459 -15.44 -47.09 87.21
C TYR N 459 -14.02 -47.57 86.91
N SER N 460 -13.38 -47.00 85.88
CA SER N 460 -12.03 -47.42 85.51
C SER N 460 -10.95 -46.66 86.26
N HIS N 461 -11.02 -45.34 86.27
CA HIS N 461 -9.90 -44.50 86.67
C HIS N 461 -10.06 -43.91 88.06
N ILE N 462 -11.18 -44.17 88.74
CA ILE N 462 -11.25 -43.85 90.16
C ILE N 462 -10.16 -44.62 90.89
N GLY N 463 -9.89 -45.85 90.44
CA GLY N 463 -8.80 -46.62 91.02
C GLY N 463 -7.45 -45.94 90.85
N HIS N 464 -7.15 -45.51 89.62
CA HIS N 464 -5.90 -44.79 89.37
C HIS N 464 -5.78 -43.55 90.26
N HIS N 465 -6.83 -42.74 90.30
CA HIS N 465 -6.72 -41.47 91.00
C HIS N 465 -6.63 -41.67 92.51
N LEU N 466 -7.38 -42.64 93.06
CA LEU N 466 -7.34 -42.85 94.51
C LEU N 466 -6.01 -43.45 94.94
N LYS N 467 -5.43 -44.35 94.12
CA LYS N 467 -4.06 -44.77 94.38
C LYS N 467 -3.11 -43.59 94.30
N ASN N 468 -3.40 -42.63 93.42
CA ASN N 468 -2.52 -41.48 93.25
C ASN N 468 -2.51 -40.57 94.48
N ILE N 469 -3.67 -40.31 95.09
CA ILE N 469 -3.71 -39.32 96.16
C ILE N 469 -3.16 -39.90 97.47
N GLU N 470 -3.83 -40.91 98.04
CA GLU N 470 -3.49 -41.38 99.37
C GLU N 470 -4.29 -42.64 99.66
N HIS N 471 -3.94 -43.30 100.78
CA HIS N 471 -4.48 -44.60 101.14
C HIS N 471 -5.86 -44.57 101.80
N PRO N 472 -6.17 -43.68 102.74
CA PRO N 472 -7.51 -43.75 103.34
C PRO N 472 -8.61 -43.61 102.30
N GLU N 473 -8.39 -42.75 101.30
CA GLU N 473 -9.31 -42.64 100.18
C GLU N 473 -9.36 -43.93 99.38
N ARG N 474 -8.20 -44.56 99.17
CA ARG N 474 -8.16 -45.85 98.52
C ARG N 474 -9.03 -46.90 99.22
N MET N 475 -8.83 -47.13 100.52
CA MET N 475 -9.69 -48.09 101.23
C MET N 475 -11.15 -47.68 101.17
N THR N 476 -11.47 -46.39 101.26
CA THR N 476 -12.89 -46.01 101.38
C THR N 476 -13.64 -46.14 100.07
N LEU N 477 -13.20 -45.44 99.01
CA LEU N 477 -14.06 -45.25 97.84
C LEU N 477 -14.01 -46.37 96.82
N PHE N 478 -13.05 -47.29 96.89
CA PHE N 478 -13.09 -48.46 96.02
C PHE N 478 -14.23 -49.40 96.39
N ARG N 479 -14.71 -49.31 97.62
CA ARG N 479 -15.74 -50.17 98.19
C ARG N 479 -15.33 -51.65 98.27
N MET N 480 -14.04 -51.96 98.43
CA MET N 480 -13.66 -53.34 98.77
C MET N 480 -13.72 -53.57 100.27
N VAL N 481 -13.50 -52.49 101.04
CA VAL N 481 -13.96 -52.43 102.42
C VAL N 481 -15.48 -52.48 102.45
N PHE N 482 -16.12 -51.79 101.53
CA PHE N 482 -17.56 -51.84 101.36
C PHE N 482 -17.91 -53.03 100.48
N LEU N 483 -19.15 -53.08 99.99
CA LEU N 483 -19.59 -54.16 99.12
C LEU N 483 -20.22 -53.67 97.82
N ASP N 484 -20.53 -52.39 97.70
CA ASP N 484 -21.27 -51.91 96.55
C ASP N 484 -20.47 -51.96 95.25
N PHE N 485 -19.13 -51.97 95.33
CA PHE N 485 -18.33 -52.08 94.12
C PHE N 485 -18.61 -53.38 93.40
N ARG N 486 -18.66 -54.49 94.16
CA ARG N 486 -18.84 -55.80 93.55
C ARG N 486 -20.12 -55.88 92.73
N PHE N 487 -21.19 -55.24 93.21
CA PHE N 487 -22.45 -55.25 92.47
C PHE N 487 -22.41 -54.25 91.32
N LEU N 488 -22.10 -52.99 91.63
CA LEU N 488 -22.23 -51.93 90.64
C LEU N 488 -21.30 -52.16 89.46
N GLU N 489 -20.00 -52.36 89.73
CA GLU N 489 -19.04 -52.51 88.64
C GLU N 489 -19.37 -53.70 87.77
N GLN N 490 -19.64 -54.86 88.39
CA GLN N 490 -19.84 -56.07 87.61
C GLN N 490 -21.12 -56.01 86.79
N LYS N 491 -22.24 -55.62 87.41
CA LYS N 491 -23.48 -55.54 86.65
C LYS N 491 -23.38 -54.48 85.57
N ILE N 492 -22.73 -53.35 85.86
CA ILE N 492 -22.57 -52.30 84.87
C ILE N 492 -21.50 -52.62 83.84
N ARG N 493 -20.65 -53.60 84.11
CA ARG N 493 -19.62 -54.03 83.16
C ARG N 493 -19.95 -55.44 82.70
N HIS N 494 -20.66 -55.53 81.58
CA HIS N 494 -21.06 -56.81 81.04
C HIS N 494 -20.95 -56.83 79.51
N ASN N 507 -16.20 -56.36 82.97
CA ASN N 507 -16.54 -57.61 83.64
C ASN N 507 -15.69 -57.82 84.89
N THR N 508 -15.33 -59.08 85.15
CA THR N 508 -14.50 -59.38 86.30
C THR N 508 -13.02 -59.11 86.03
N LEU N 509 -12.57 -59.24 84.78
CA LEU N 509 -11.16 -59.06 84.46
C LEU N 509 -10.71 -57.64 84.78
N GLN N 510 -11.51 -56.64 84.38
CA GLN N 510 -11.20 -55.25 84.70
C GLN N 510 -11.20 -55.00 86.20
N GLN N 511 -12.15 -55.58 86.93
CA GLN N 511 -12.18 -55.37 88.37
C GLN N 511 -10.95 -55.97 89.02
N LEU N 512 -10.53 -57.15 88.58
CA LEU N 512 -9.29 -57.74 89.06
C LEU N 512 -8.09 -56.88 88.71
N LYS N 513 -8.07 -56.35 87.49
CA LYS N 513 -6.98 -55.49 87.04
C LYS N 513 -6.93 -54.19 87.81
N PHE N 514 -8.03 -53.81 88.45
CA PHE N 514 -7.99 -52.68 89.39
C PHE N 514 -7.51 -53.13 90.77
N TYR N 515 -7.99 -54.28 91.23
CA TYR N 515 -7.69 -54.77 92.57
C TYR N 515 -6.20 -55.04 92.76
N LYS N 516 -5.55 -55.60 91.73
CA LYS N 516 -4.18 -56.07 91.91
C LYS N 516 -3.18 -54.93 92.09
N PRO N 517 -2.99 -54.03 91.13
CA PRO N 517 -1.85 -53.10 91.21
C PRO N 517 -2.05 -51.94 92.18
N TYR N 518 -3.25 -51.77 92.73
CA TYR N 518 -3.54 -50.62 93.57
C TYR N 518 -3.33 -50.90 95.05
N ILE N 519 -2.93 -52.11 95.42
CA ILE N 519 -2.74 -52.45 96.84
C ILE N 519 -1.57 -51.74 97.48
N CYS N 520 -0.71 -51.09 96.69
CA CYS N 520 0.44 -50.39 97.24
C CYS N 520 0.03 -49.17 98.07
N ASP N 521 -1.16 -48.62 97.83
CA ASP N 521 -1.58 -47.43 98.55
C ASP N 521 -2.53 -47.79 99.68
N ASP N 523 -2.51 -49.85 104.30
CA ASP N 523 -1.89 -50.53 105.43
C ASP N 523 -1.99 -52.05 105.30
N PRO N 524 -0.93 -52.75 105.70
CA PRO N 524 -0.88 -54.21 105.49
C PRO N 524 -2.01 -54.97 106.15
N LYS N 525 -2.53 -54.51 107.29
CA LYS N 525 -3.66 -55.20 107.91
C LYS N 525 -4.85 -55.21 106.97
N TYR N 526 -5.13 -54.10 106.32
CA TYR N 526 -6.16 -54.09 105.30
C TYR N 526 -5.67 -54.66 103.98
N GLU N 527 -4.36 -54.66 103.74
CA GLU N 527 -3.85 -55.24 102.50
C GLU N 527 -4.08 -56.74 102.46
N ARG N 528 -3.93 -57.43 103.59
CA ARG N 528 -4.21 -58.86 103.61
C ARG N 528 -5.70 -59.13 103.44
N LEU N 529 -6.56 -58.29 104.03
CA LEU N 529 -8.00 -58.47 103.88
C LEU N 529 -8.43 -58.26 102.44
N VAL N 530 -7.93 -57.20 101.81
CA VAL N 530 -8.27 -56.97 100.40
C VAL N 530 -7.58 -57.98 99.50
N ASN N 531 -6.46 -58.58 99.92
CA ASN N 531 -5.90 -59.69 99.15
C ASN N 531 -6.83 -60.90 99.21
N ALA N 532 -7.40 -61.16 100.37
CA ALA N 532 -8.40 -62.22 100.48
C ALA N 532 -9.64 -61.89 99.64
N ILE N 533 -10.02 -60.61 99.61
CA ILE N 533 -11.09 -60.16 98.71
C ILE N 533 -10.74 -60.47 97.27
N LEU N 534 -9.51 -60.15 96.86
CA LEU N 534 -9.08 -60.37 95.49
C LEU N 534 -9.07 -61.86 95.16
N ASP N 535 -8.67 -62.69 96.12
CA ASP N 535 -8.74 -64.13 95.94
C ASP N 535 -10.17 -64.61 95.79
N PHE N 536 -11.08 -64.05 96.59
CA PHE N 536 -12.48 -64.45 96.53
C PHE N 536 -13.16 -63.98 95.25
N LEU N 537 -12.61 -62.93 94.62
CA LEU N 537 -13.27 -62.33 93.46
C LEU N 537 -13.47 -63.30 92.30
N PRO N 538 -12.46 -64.01 91.79
CA PRO N 538 -12.71 -64.96 90.69
C PRO N 538 -13.38 -66.23 91.14
N LYS N 539 -13.47 -66.48 92.45
CA LYS N 539 -14.16 -67.67 92.93
C LYS N 539 -15.65 -67.61 92.62
N ILE N 540 -16.17 -66.41 92.37
CA ILE N 540 -17.56 -66.24 92.00
C ILE N 540 -17.79 -64.82 91.49
N TYR N 549 -29.65 -57.93 95.31
CA TYR N 549 -29.24 -57.26 96.54
C TYR N 549 -29.09 -58.28 97.67
N THR N 550 -30.12 -59.09 97.85
CA THR N 550 -30.08 -60.13 98.87
C THR N 550 -28.98 -61.15 98.59
N ASP N 551 -28.71 -61.42 97.32
CA ASP N 551 -27.65 -62.36 96.97
C ASP N 551 -26.29 -61.83 97.40
N LEU N 552 -26.05 -60.54 97.19
CA LEU N 552 -24.75 -59.96 97.55
C LEU N 552 -24.51 -60.04 99.05
N LEU N 553 -25.53 -59.70 99.85
CA LEU N 553 -25.37 -59.78 101.29
C LEU N 553 -25.26 -61.23 101.77
N ARG N 554 -26.01 -62.14 101.14
CA ARG N 554 -25.91 -63.56 101.51
C ARG N 554 -24.52 -64.10 101.25
N ILE N 555 -23.92 -63.76 100.09
CA ILE N 555 -22.58 -64.26 99.79
C ILE N 555 -21.54 -63.56 100.65
N ALA N 556 -21.75 -62.30 100.99
CA ALA N 556 -20.83 -61.62 101.91
C ALA N 556 -20.91 -62.24 103.31
N LEU N 557 -22.08 -62.75 103.69
CA LEU N 557 -22.22 -63.40 104.98
C LEU N 557 -21.30 -64.60 105.12
N MET N 558 -20.92 -65.23 104.00
CA MET N 558 -20.03 -66.38 104.06
C MET N 558 -18.66 -66.00 104.61
N ALA N 559 -18.14 -64.84 104.22
CA ALA N 559 -16.84 -64.37 104.67
C ALA N 559 -17.03 -63.36 105.79
N GLU N 560 -16.40 -63.61 106.94
CA GLU N 560 -16.61 -62.80 108.13
C GLU N 560 -15.39 -62.03 108.58
N ASP N 561 -14.20 -62.63 108.53
CA ASP N 561 -12.99 -61.88 108.84
C ASP N 561 -12.85 -60.68 107.91
N GLU N 562 -13.35 -60.81 106.69
CA GLU N 562 -13.49 -59.70 105.76
C GLU N 562 -14.65 -58.84 106.20
N ALA N 563 -14.48 -57.53 106.11
CA ALA N 563 -15.55 -56.63 106.54
C ALA N 563 -16.70 -56.54 105.53
N ILE N 564 -16.73 -57.43 104.54
CA ILE N 564 -17.77 -57.36 103.52
C ILE N 564 -19.14 -57.61 104.12
N PHE N 565 -19.26 -58.64 104.97
CA PHE N 565 -20.55 -58.86 105.63
C PHE N 565 -20.87 -57.75 106.62
N GLU N 566 -19.82 -57.14 107.20
CA GLU N 566 -20.04 -55.99 108.08
C GLU N 566 -20.70 -54.85 107.32
N GLU N 567 -20.24 -54.57 106.11
CA GLU N 567 -20.89 -53.55 105.29
C GLU N 567 -22.25 -54.02 104.79
N ALA N 568 -22.39 -55.32 104.54
CA ALA N 568 -23.67 -55.85 104.05
C ALA N 568 -24.76 -55.69 105.10
N HIS N 569 -24.41 -55.76 106.38
CA HIS N 569 -25.39 -55.53 107.43
C HIS N 569 -25.95 -54.12 107.35
N LYS N 570 -25.08 -53.13 107.16
CA LYS N 570 -25.55 -51.75 106.99
C LYS N 570 -26.35 -51.61 105.70
N GLN N 571 -25.93 -52.32 104.65
CA GLN N 571 -26.65 -52.24 103.38
C GLN N 571 -28.06 -52.78 103.51
N VAL N 572 -28.23 -53.86 104.28
CA VAL N 572 -29.55 -54.50 104.38
C VAL N 572 -30.43 -53.75 105.36
N GLN N 573 -29.85 -53.15 106.41
CA GLN N 573 -30.69 -52.40 107.35
C GLN N 573 -31.26 -51.15 106.69
N ARG N 574 -30.54 -50.57 105.74
CA ARG N 574 -30.98 -49.37 105.05
C ARG N 574 -31.74 -49.72 103.77
N ASP N 598 -16.82 -70.78 92.08
CA ASP N 598 -16.59 -71.33 90.75
C ASP N 598 -15.52 -70.51 90.04
N ASN N 599 -14.57 -71.22 89.45
CA ASN N 599 -13.41 -70.66 88.73
C ASN N 599 -13.51 -69.28 88.07
N GLU N 600 -14.05 -69.24 86.86
CA GLU N 600 -14.18 -67.98 86.14
C GLU N 600 -15.47 -67.92 85.32
N GLY N 601 -15.42 -67.29 84.16
CA GLY N 601 -16.59 -67.15 83.33
C GLY N 601 -16.30 -66.49 82.01
N ARG N 602 -17.17 -66.78 81.06
CA ARG N 602 -17.07 -66.24 79.69
C ARG N 602 -18.49 -65.75 79.32
N HIS N 603 -18.63 -65.36 78.04
CA HIS N 603 -19.89 -64.92 77.40
C HIS N 603 -19.79 -64.43 75.95
N ALA N 604 -19.14 -63.29 75.91
CA ALA N 604 -19.01 -62.30 74.81
C ALA N 604 -19.78 -62.58 73.55
N VAL N 605 -20.99 -63.17 73.58
CA VAL N 605 -21.68 -63.74 72.36
C VAL N 605 -23.16 -63.50 72.10
N TYR N 606 -23.65 -64.03 70.95
CA TYR N 606 -24.90 -63.43 70.50
C TYR N 606 -25.97 -64.48 70.27
N LEU N 607 -25.52 -65.73 70.05
CA LEU N 607 -26.43 -66.87 69.82
C LEU N 607 -26.62 -68.03 70.84
N HIS N 608 -25.77 -69.06 70.69
CA HIS N 608 -25.78 -70.31 71.46
C HIS N 608 -24.47 -71.13 71.52
N ASN N 609 -23.67 -71.00 72.59
CA ASN N 609 -22.46 -71.85 72.84
C ASN N 609 -22.19 -73.20 72.10
N ASP N 610 -21.25 -73.16 71.16
CA ASP N 610 -20.87 -74.34 70.41
C ASP N 610 -19.35 -74.53 70.44
N PHE N 611 -18.94 -75.80 70.48
CA PHE N 611 -17.52 -76.21 70.49
C PHE N 611 -16.62 -75.70 71.63
N CYS N 612 -16.58 -76.48 72.71
CA CYS N 612 -15.74 -76.21 73.86
C CYS N 612 -14.42 -76.96 73.68
N LEU N 613 -13.33 -76.24 73.88
CA LEU N 613 -11.98 -76.77 73.72
C LEU N 613 -10.93 -76.36 74.77
N ILE N 614 -9.68 -76.45 74.36
CA ILE N 614 -8.51 -76.16 75.16
C ILE N 614 -7.19 -76.00 74.34
N ALA N 615 -6.47 -74.89 74.53
CA ALA N 615 -5.17 -74.68 73.92
C ALA N 615 -4.29 -75.62 74.74
N LEU N 616 -3.56 -76.49 74.05
CA LEU N 616 -2.71 -77.51 74.67
C LEU N 616 -1.82 -76.91 75.76
N ALA N 617 -1.23 -75.76 75.45
CA ALA N 617 -0.26 -75.11 76.34
C ALA N 617 -0.77 -74.12 77.37
N SER N 618 -1.76 -74.54 78.15
CA SER N 618 -2.34 -73.73 79.24
C SER N 618 -2.52 -72.24 78.98
N GLY N 619 -3.48 -71.87 78.15
CA GLY N 619 -3.69 -70.46 77.90
C GLY N 619 -4.70 -69.98 76.88
N GLN N 620 -5.22 -70.85 76.00
CA GLN N 620 -6.16 -70.30 75.03
C GLN N 620 -7.38 -71.18 74.92
N ILE N 621 -8.47 -70.57 74.48
CA ILE N 621 -9.74 -71.24 74.23
C ILE N 621 -10.16 -70.93 72.81
N LEU N 622 -10.44 -71.98 72.04
CA LEU N 622 -10.87 -71.86 70.66
C LEU N 622 -12.39 -71.92 70.73
N LEU N 623 -12.96 -71.05 71.56
CA LEU N 623 -14.41 -70.96 71.82
C LEU N 623 -15.43 -71.16 70.68
N THR N 624 -15.67 -70.10 69.91
CA THR N 624 -16.60 -70.03 68.76
C THR N 624 -18.12 -70.04 69.05
N ASP N 625 -18.89 -69.16 68.41
CA ASP N 625 -20.33 -69.27 68.63
C ASP N 625 -21.25 -69.42 67.40
N VAL N 626 -22.46 -68.87 67.47
CA VAL N 626 -23.44 -69.03 66.40
C VAL N 626 -23.81 -67.83 65.51
N SER N 627 -23.17 -66.69 65.71
CA SER N 627 -23.50 -65.52 64.90
C SER N 627 -22.37 -65.18 63.92
N LEU N 628 -21.66 -66.22 63.50
CA LEU N 628 -20.53 -66.15 62.56
C LEU N 628 -19.50 -65.10 62.95
N GLU N 629 -18.66 -65.40 63.95
CA GLU N 629 -17.70 -64.39 64.37
C GLU N 629 -16.34 -64.75 64.99
N GLY N 630 -15.88 -66.01 65.02
CA GLY N 630 -14.57 -66.18 65.63
C GLY N 630 -14.61 -66.48 67.12
N GLU N 631 -14.25 -65.47 67.92
CA GLU N 631 -14.23 -65.54 69.39
C GLU N 631 -13.30 -66.57 70.03
N ASP N 632 -12.07 -66.15 70.29
CA ASP N 632 -11.06 -67.02 70.94
C ASP N 632 -10.65 -66.31 72.24
N THR N 633 -10.24 -67.02 73.29
CA THR N 633 -9.98 -66.31 74.53
C THR N 633 -8.97 -67.00 75.45
N TYR N 634 -8.35 -66.22 76.32
CA TYR N 634 -7.39 -66.73 77.29
C TYR N 634 -8.18 -67.37 78.43
N LEU N 635 -7.55 -68.28 79.15
CA LEU N 635 -8.22 -68.98 80.24
C LEU N 635 -8.10 -68.25 81.59
N LEU N 636 -6.96 -67.61 81.82
CA LEU N 636 -6.75 -66.88 83.06
C LEU N 636 -6.95 -65.39 82.87
N ARG N 637 -7.42 -65.01 81.68
CA ARG N 637 -7.65 -63.61 81.35
C ARG N 637 -8.97 -63.37 80.65
N ASP N 638 -9.43 -64.31 79.83
CA ASP N 638 -10.61 -64.13 78.98
C ASP N 638 -10.46 -62.95 78.02
N GLU N 639 -9.23 -62.48 77.83
CA GLU N 639 -8.99 -61.43 76.86
C GLU N 639 -9.37 -61.94 75.47
N SER N 640 -10.45 -61.39 74.92
CA SER N 640 -10.89 -61.80 73.59
C SER N 640 -9.77 -61.57 72.59
N ASP N 641 -9.21 -62.66 72.09
CA ASP N 641 -8.02 -62.58 71.24
C ASP N 641 -8.32 -62.57 69.76
N SER N 642 -9.32 -63.33 69.27
CA SER N 642 -9.66 -63.20 67.85
C SER N 642 -11.12 -63.61 67.63
N SER N 643 -11.91 -62.61 67.25
CA SER N 643 -13.32 -62.80 66.93
C SER N 643 -13.44 -62.87 65.42
N ASP N 644 -13.07 -64.02 64.87
CA ASP N 644 -13.03 -64.17 63.43
C ASP N 644 -14.03 -65.16 62.87
N ILE N 645 -14.97 -64.63 62.12
CA ILE N 645 -15.96 -65.46 61.48
C ILE N 645 -15.16 -66.32 60.52
N LEU N 646 -15.27 -67.64 60.64
CA LEU N 646 -14.56 -68.50 59.70
C LEU N 646 -15.43 -68.26 58.48
N ARG N 647 -16.57 -68.99 58.46
CA ARG N 647 -17.53 -69.06 57.32
C ARG N 647 -18.97 -69.60 57.58
N MET N 648 -19.08 -70.60 58.44
CA MET N 648 -20.38 -71.18 58.77
C MET N 648 -20.46 -71.60 60.23
N ALA N 649 -20.75 -70.63 61.10
CA ALA N 649 -20.88 -70.91 62.53
C ALA N 649 -22.24 -71.58 62.74
N VAL N 650 -22.24 -72.91 62.70
CA VAL N 650 -23.47 -73.67 62.84
C VAL N 650 -23.43 -74.63 64.03
N PHE N 651 -23.26 -75.94 63.77
CA PHE N 651 -23.27 -76.96 64.84
C PHE N 651 -22.67 -78.31 64.48
N ASN N 652 -21.41 -78.53 64.85
CA ASN N 652 -20.75 -79.82 64.61
C ASN N 652 -19.52 -80.03 65.47
N GLN N 653 -18.35 -79.86 64.86
CA GLN N 653 -17.11 -80.08 65.59
C GLN N 653 -15.85 -79.34 65.13
N GLN N 654 -14.90 -79.36 66.06
CA GLN N 654 -13.55 -78.80 65.99
C GLN N 654 -12.50 -79.84 66.37
N LYS N 655 -11.29 -79.66 65.85
CA LYS N 655 -10.22 -80.56 66.12
C LYS N 655 -8.97 -79.73 66.18
N HIS N 656 -8.08 -80.23 67.00
CA HIS N 656 -6.75 -79.68 67.14
C HIS N 656 -5.76 -80.50 66.32
N LEU N 657 -4.47 -80.28 66.55
CA LEU N 657 -3.45 -81.17 66.03
C LEU N 657 -2.58 -81.72 67.15
N ILE N 658 -1.48 -82.37 66.78
CA ILE N 658 -0.56 -82.94 67.76
C ILE N 658 -0.05 -81.86 68.71
N THR N 659 0.42 -80.74 68.17
CA THR N 659 0.78 -79.62 69.03
C THR N 659 -0.08 -78.40 68.74
N LEU N 660 -0.02 -77.91 67.50
CA LEU N 660 -0.63 -76.63 67.17
C LEU N 660 -0.60 -76.42 65.66
N HIS N 661 -0.81 -75.18 65.23
CA HIS N 661 -0.54 -74.67 63.88
C HIS N 661 -1.63 -75.06 62.89
N CYS N 662 -2.61 -75.84 63.32
CA CYS N 662 -3.79 -76.10 62.51
C CYS N 662 -4.97 -76.32 63.45
N ASN N 663 -6.16 -75.74 63.15
CA ASN N 663 -7.39 -75.81 64.02
C ASN N 663 -8.75 -75.35 63.42
N GLY N 664 -9.26 -75.97 62.36
CA GLY N 664 -10.54 -75.53 61.82
C GLY N 664 -11.72 -76.37 62.30
N SER N 665 -12.90 -75.78 62.50
CA SER N 665 -14.01 -76.60 62.95
C SER N 665 -15.12 -76.78 61.91
N VAL N 666 -15.24 -78.01 61.39
CA VAL N 666 -16.34 -78.30 60.44
C VAL N 666 -17.75 -77.89 60.92
N LYS N 667 -18.56 -77.35 60.03
CA LYS N 667 -19.90 -76.92 60.38
C LYS N 667 -20.90 -77.98 59.96
N LEU N 668 -22.05 -77.52 59.48
CA LEU N 668 -23.09 -78.45 59.03
C LEU N 668 -23.20 -78.36 57.52
N TRP N 669 -22.10 -77.93 56.87
CA TRP N 669 -22.04 -77.81 55.42
C TRP N 669 -20.91 -78.73 54.98
N SER N 670 -20.94 -79.93 55.53
CA SER N 670 -19.90 -81.00 55.29
C SER N 670 -18.47 -80.52 55.70
N LEU N 671 -18.03 -79.49 54.99
CA LEU N 671 -16.71 -78.85 55.13
C LEU N 671 -16.13 -78.71 56.54
N TRP N 672 -14.82 -78.95 56.62
CA TRP N 672 -14.07 -78.84 57.87
C TRP N 672 -12.80 -78.02 57.61
N PRO N 673 -12.97 -76.71 57.39
CA PRO N 673 -11.87 -75.78 57.13
C PRO N 673 -11.00 -75.60 58.37
N ASP N 674 -9.68 -75.64 58.13
CA ASP N 674 -8.57 -75.54 59.11
C ASP N 674 -7.83 -74.20 59.29
N CYS N 675 -7.27 -73.91 60.47
CA CYS N 675 -6.55 -72.65 60.57
C CYS N 675 -5.28 -72.79 61.40
N PRO N 676 -4.51 -71.68 61.49
CA PRO N 676 -3.26 -71.62 62.24
C PRO N 676 -3.52 -71.22 63.70
N GLY N 677 -2.47 -70.94 64.44
CA GLY N 677 -2.63 -70.56 65.83
C GLY N 677 -2.88 -69.07 65.91
N ARG N 678 -1.93 -68.33 66.47
CA ARG N 678 -2.06 -66.88 66.54
C ARG N 678 -2.00 -66.25 65.14
N ARG N 679 -1.58 -67.01 64.14
CA ARG N 679 -1.70 -66.59 62.76
C ARG N 679 -3.14 -66.61 62.26
N HIS N 680 -3.99 -67.43 62.87
CA HIS N 680 -5.44 -67.32 62.75
C HIS N 680 -5.97 -67.61 61.35
N SER N 681 -5.60 -66.77 60.37
CA SER N 681 -6.16 -66.81 59.02
C SER N 681 -6.32 -68.24 58.50
N GLY N 682 -7.55 -68.61 58.15
CA GLY N 682 -7.87 -69.98 57.78
C GLY N 682 -7.03 -70.53 56.66
N GLY N 683 -6.44 -71.70 56.88
CA GLY N 683 -5.50 -72.26 55.93
C GLY N 683 -6.10 -73.23 54.93
N SER N 684 -6.82 -74.23 55.42
CA SER N 684 -7.28 -75.33 54.59
C SER N 684 -8.79 -75.25 54.37
N LYS N 685 -9.20 -75.38 53.11
CA LYS N 685 -10.59 -75.51 52.72
C LYS N 685 -10.80 -76.94 52.25
N GLN N 686 -11.67 -77.68 52.95
CA GLN N 686 -11.86 -79.10 52.67
C GLN N 686 -13.35 -79.40 52.68
N GLN N 687 -13.89 -79.78 51.52
CA GLN N 687 -15.30 -80.10 51.40
C GLN N 687 -15.52 -81.25 50.42
N LEU N 688 -16.00 -82.38 50.94
CA LEU N 688 -16.26 -83.55 50.12
C LEU N 688 -17.64 -84.14 50.39
N VAL N 693 -19.09 -84.78 55.18
CA VAL N 693 -17.83 -85.21 55.77
C VAL N 693 -17.87 -84.98 57.28
N LYS N 694 -17.21 -85.87 58.03
CA LYS N 694 -17.34 -85.90 59.48
C LYS N 694 -15.96 -86.23 60.06
N ARG N 695 -16.02 -86.63 61.33
CA ARG N 695 -14.94 -86.99 62.23
C ARG N 695 -13.63 -87.46 61.62
N PHE N 696 -12.59 -86.65 61.82
CA PHE N 696 -11.26 -86.96 61.31
C PHE N 696 -10.20 -86.55 62.33
N ILE N 697 -9.22 -87.41 62.55
CA ILE N 697 -8.16 -87.13 63.52
C ILE N 697 -6.76 -87.22 62.94
N GLY N 698 -5.85 -86.43 63.52
CA GLY N 698 -4.46 -86.38 63.12
C GLY N 698 -3.72 -87.61 63.60
N SER N 699 -2.64 -87.96 62.90
CA SER N 699 -1.82 -89.09 63.32
C SER N 699 -1.27 -88.85 64.71
N TYR N 700 -1.49 -89.81 65.60
CA TYR N 700 -1.08 -89.66 66.99
C TYR N 700 0.44 -89.63 67.13
N ALA N 701 1.18 -89.99 66.09
CA ALA N 701 2.63 -89.88 66.09
C ALA N 701 3.05 -88.47 65.71
N ASN N 702 3.94 -87.88 66.51
CA ASN N 702 4.42 -86.53 66.24
C ASN N 702 5.30 -86.45 65.00
N LEU N 703 5.94 -87.56 64.60
CA LEU N 703 6.79 -87.57 63.42
C LEU N 703 5.97 -87.61 62.12
N LYS N 704 4.93 -88.42 62.09
CA LYS N 704 4.05 -88.52 60.93
C LYS N 704 2.88 -87.57 61.12
N ILE N 705 2.84 -86.49 60.35
CA ILE N 705 1.69 -85.57 60.37
C ILE N 705 0.72 -86.13 59.35
N VAL N 706 -0.04 -87.15 59.76
CA VAL N 706 -1.03 -87.79 58.90
C VAL N 706 -2.40 -87.38 59.41
N ALA N 707 -3.10 -86.59 58.61
CA ALA N 707 -4.43 -86.09 58.97
C ALA N 707 -5.43 -87.13 58.50
N PHE N 708 -5.68 -88.14 59.34
CA PHE N 708 -6.64 -89.17 59.01
C PHE N 708 -8.02 -88.54 58.87
N TYR N 709 -8.65 -88.80 57.73
CA TYR N 709 -9.92 -88.16 57.39
C TYR N 709 -11.00 -89.21 57.26
N LEU N 710 -12.25 -88.79 57.44
CA LEU N 710 -13.39 -89.70 57.39
C LEU N 710 -14.57 -89.00 56.74
N ASN N 711 -14.90 -89.40 55.52
CA ASN N 711 -16.09 -88.86 54.86
C ASN N 711 -17.30 -89.72 55.20
N GLU N 712 -18.39 -89.54 54.47
CA GLU N 712 -19.53 -90.42 54.59
C GLU N 712 -19.23 -91.73 53.85
N ASP N 713 -20.22 -92.62 53.79
CA ASP N 713 -20.12 -93.95 53.18
C ASP N 713 -18.81 -94.66 53.52
N ALA N 714 -18.36 -94.51 54.77
CA ALA N 714 -17.16 -95.16 55.27
C ALA N 714 -15.95 -94.92 54.38
N GLY N 715 -15.69 -93.66 54.03
CA GLY N 715 -14.57 -93.32 53.18
C GLY N 715 -13.29 -93.10 53.97
N LEU N 716 -12.17 -93.52 53.40
CA LEU N 716 -10.95 -93.25 54.16
C LEU N 716 -9.98 -92.40 53.33
N PRO N 717 -10.10 -91.09 53.40
CA PRO N 717 -9.06 -90.23 52.83
C PRO N 717 -7.96 -89.96 53.85
N GLU N 718 -6.70 -90.04 53.40
CA GLU N 718 -5.58 -89.81 54.28
C GLU N 718 -4.62 -88.84 53.60
N ALA N 719 -4.10 -87.88 54.36
CA ALA N 719 -3.25 -86.86 53.76
C ALA N 719 -2.28 -86.28 54.78
N ASN N 720 -1.04 -86.08 54.40
CA ASN N 720 -0.12 -85.30 55.20
C ASN N 720 -0.42 -83.83 55.03
N ILE N 721 -0.47 -83.11 56.14
CA ILE N 721 -0.79 -81.69 56.11
C ILE N 721 0.31 -80.92 55.39
N GLN N 722 1.56 -81.36 55.53
CA GLN N 722 2.67 -80.72 54.84
C GLN N 722 2.48 -80.73 53.32
N LEU N 723 1.70 -81.67 52.81
CA LEU N 723 1.32 -81.69 51.40
C LEU N 723 -0.15 -81.31 51.24
N HIS N 724 -0.52 -81.00 50.01
CA HIS N 724 -1.83 -80.43 49.72
C HIS N 724 -2.80 -81.43 49.11
N VAL N 725 -2.36 -82.67 48.88
CA VAL N 725 -3.17 -83.67 48.19
C VAL N 725 -3.33 -84.89 49.10
N ALA N 726 -4.49 -85.52 49.02
CA ALA N 726 -4.73 -86.74 49.79
C ALA N 726 -3.75 -87.83 49.41
N PHE N 727 -3.17 -88.47 50.42
CA PHE N 727 -2.19 -89.53 50.18
C PHE N 727 -2.87 -90.85 49.86
N ILE N 728 -3.75 -91.29 50.76
CA ILE N 728 -4.41 -92.59 50.66
C ILE N 728 -5.91 -92.36 50.66
N ASN N 729 -6.61 -93.01 49.73
CA ASN N 729 -8.04 -92.78 49.54
C ASN N 729 -8.82 -94.10 49.58
N GLY N 730 -8.56 -94.92 50.59
CA GLY N 730 -9.19 -96.22 50.68
C GLY N 730 -10.62 -96.21 51.15
N ASP N 731 -11.01 -97.22 51.93
CA ASP N 731 -12.38 -97.41 52.36
C ASP N 731 -12.41 -97.93 53.79
N TRP N 737 -24.45 -92.95 57.37
CA TRP N 737 -23.26 -93.21 58.16
C TRP N 737 -23.06 -92.14 59.24
N ASP N 738 -23.18 -92.57 60.50
CA ASP N 738 -23.27 -91.66 61.64
C ASP N 738 -21.90 -91.22 62.14
N GLU N 739 -21.05 -92.16 62.56
CA GLU N 739 -19.72 -91.81 63.04
C GLU N 739 -18.76 -92.97 62.82
N GLN N 740 -17.52 -92.60 62.49
CA GLN N 740 -16.50 -93.52 62.02
C GLN N 740 -15.22 -93.34 62.84
N ASP N 741 -14.35 -94.34 62.79
CA ASP N 741 -13.05 -94.28 63.44
C ASP N 741 -12.06 -95.15 62.70
N GLN N 742 -10.78 -94.90 62.95
CA GLN N 742 -9.70 -95.76 62.49
C GLN N 742 -9.17 -96.56 63.68
N GLU N 743 -8.14 -97.37 63.46
CA GLU N 743 -7.47 -98.07 64.56
C GLU N 743 -5.97 -98.07 64.27
N PHE N 744 -5.24 -98.86 65.05
CA PHE N 744 -3.79 -98.98 64.87
C PHE N 744 -3.46 -99.77 63.60
N SER N 747 -5.57 -101.24 61.60
CA SER N 747 -5.93 -102.36 60.73
C SER N 747 -7.42 -102.62 60.76
N HIS N 748 -8.14 -101.83 61.57
CA HIS N 748 -9.58 -101.98 61.76
C HIS N 748 -10.30 -100.63 61.73
N VAL N 749 -11.59 -100.64 61.36
CA VAL N 749 -12.40 -99.44 61.22
C VAL N 749 -13.76 -99.66 61.87
N PRO N 750 -14.04 -99.04 63.02
CA PRO N 750 -15.40 -99.09 63.57
C PRO N 750 -16.26 -97.91 63.12
N VAL N 751 -17.44 -98.20 62.57
CA VAL N 751 -18.42 -97.18 62.20
C VAL N 751 -19.77 -97.63 62.73
N LEU N 752 -20.63 -96.68 63.09
CA LEU N 752 -21.86 -97.05 63.80
C LEU N 752 -23.16 -96.84 63.01
N LYS N 753 -23.30 -95.78 62.21
CA LYS N 753 -24.47 -95.55 61.38
C LYS N 753 -25.79 -95.51 62.16
N THR N 754 -26.89 -95.47 61.43
CA THR N 754 -28.21 -95.14 61.96
C THR N 754 -28.98 -96.33 62.52
N MET N 755 -28.65 -97.55 62.10
CA MET N 755 -29.41 -98.71 62.59
C MET N 755 -29.01 -99.07 64.01
N GLN N 756 -28.08 -98.32 64.61
CA GLN N 756 -27.72 -98.45 66.02
C GLN N 756 -27.07 -99.79 66.31
N SER N 757 -26.65 -100.47 65.24
CA SER N 757 -25.81 -101.65 65.40
C SER N 757 -24.42 -101.35 64.84
N GLY N 758 -23.40 -101.60 65.65
CA GLY N 758 -22.05 -101.27 65.23
C GLY N 758 -21.58 -102.14 64.07
N ILE N 759 -20.63 -101.59 63.31
CA ILE N 759 -20.01 -102.27 62.19
C ILE N 759 -18.49 -102.15 62.34
N ARG N 760 -17.80 -103.27 62.22
CA ARG N 760 -16.36 -103.33 62.40
C ARG N 760 -15.73 -103.93 61.16
N CYS N 761 -14.78 -103.22 60.57
CA CYS N 761 -14.17 -103.60 59.30
C CYS N 761 -12.67 -103.72 59.46
N PHE N 762 -12.03 -104.30 58.45
CA PHE N 762 -10.57 -104.28 58.37
C PHE N 762 -10.12 -103.12 57.50
N VAL N 763 -9.00 -102.51 57.88
CA VAL N 763 -8.38 -101.51 57.02
C VAL N 763 -7.89 -102.16 55.73
N GLN N 764 -7.56 -103.44 55.79
CA GLN N 764 -6.92 -104.12 54.67
C GLN N 764 -7.89 -104.77 53.70
N VAL N 765 -9.06 -105.24 54.16
CA VAL N 765 -9.97 -105.96 53.28
C VAL N 765 -11.30 -105.22 53.19
N LEU N 766 -11.66 -104.48 54.23
CA LEU N 766 -12.77 -103.53 54.19
C LEU N 766 -14.12 -104.22 53.95
N LYS N 767 -14.44 -105.22 54.77
CA LYS N 767 -15.71 -105.93 54.68
C LYS N 767 -16.35 -105.94 56.08
N ARG N 768 -17.42 -106.70 56.31
CA ARG N 768 -18.12 -106.71 57.59
C ARG N 768 -17.63 -107.93 58.37
N TYR N 769 -17.14 -107.71 59.59
CA TYR N 769 -16.59 -108.82 60.38
C TYR N 769 -17.20 -108.91 61.76
N TYR N 770 -17.46 -107.77 62.39
CA TYR N 770 -17.97 -107.76 63.76
C TYR N 770 -19.09 -106.74 63.83
N VAL N 771 -20.30 -107.20 64.13
CA VAL N 771 -21.46 -106.35 64.25
C VAL N 771 -21.94 -106.42 65.69
N VAL N 772 -21.84 -105.30 66.40
CA VAL N 772 -22.39 -105.18 67.76
C VAL N 772 -23.77 -104.55 67.60
N CYS N 773 -24.80 -105.35 67.82
CA CYS N 773 -26.18 -104.88 67.70
C CYS N 773 -26.58 -104.16 68.97
N THR N 774 -25.66 -104.15 69.95
CA THR N 774 -25.82 -103.49 71.24
C THR N 774 -26.81 -104.27 72.11
N SER N 775 -27.49 -105.24 71.50
CA SER N 775 -28.27 -106.28 72.16
C SER N 775 -29.35 -105.72 73.09
N ASN N 776 -29.51 -104.40 73.15
CA ASN N 776 -30.50 -103.80 74.03
C ASN N 776 -31.15 -102.61 73.33
N CYS N 777 -31.37 -102.73 72.02
CA CYS N 777 -31.96 -101.63 71.26
C CYS N 777 -33.40 -101.41 71.68
N THR N 778 -34.22 -102.44 71.53
CA THR N 778 -35.62 -102.42 71.97
C THR N 778 -36.37 -101.16 71.52
N LEU N 794 -22.11 -92.67 69.08
CA LEU N 794 -20.99 -91.74 69.08
C LEU N 794 -19.73 -92.46 69.54
N HIS N 795 -18.67 -92.38 68.73
CA HIS N 795 -17.42 -93.09 68.99
C HIS N 795 -16.32 -92.10 69.33
N VAL N 796 -15.49 -92.48 70.30
CA VAL N 796 -14.36 -91.65 70.71
C VAL N 796 -13.40 -92.53 71.51
N PHE N 797 -12.11 -92.23 71.40
CA PHE N 797 -11.04 -93.04 71.98
C PHE N 797 -10.65 -92.52 73.36
N ASN N 798 -9.84 -93.26 74.10
CA ASN N 798 -9.56 -92.80 75.47
C ASN N 798 -8.23 -92.14 75.74
N VAL N 799 -7.50 -92.61 76.76
CA VAL N 799 -6.18 -92.08 77.15
C VAL N 799 -5.11 -93.05 76.69
N GLU N 800 -5.57 -94.01 75.92
CA GLU N 800 -4.70 -95.02 75.38
C GLU N 800 -5.20 -95.41 74.00
N ASN N 801 -6.18 -94.65 73.50
CA ASN N 801 -6.76 -94.88 72.16
C ASN N 801 -7.27 -96.31 72.02
N ASP N 802 -7.15 -97.05 73.12
CA ASP N 802 -7.56 -98.45 73.20
C ASP N 802 -9.04 -98.63 73.50
N THR N 803 -9.82 -97.59 73.83
CA THR N 803 -11.19 -97.83 74.25
C THR N 803 -12.17 -97.01 73.43
N PRO N 804 -12.57 -97.48 72.26
CA PRO N 804 -13.70 -96.86 71.54
C PRO N 804 -15.03 -97.15 72.22
N LEU N 805 -15.89 -96.15 72.29
CA LEU N 805 -17.23 -96.30 72.83
C LEU N 805 -18.24 -96.26 71.70
N ALA N 806 -19.24 -97.13 71.77
CA ALA N 806 -20.38 -97.11 70.86
C ALA N 806 -21.61 -96.66 71.61
N LEU N 807 -22.26 -95.60 71.12
CA LEU N 807 -23.50 -95.11 71.71
C LEU N 807 -24.66 -95.54 70.82
N ASP N 808 -25.59 -96.27 71.41
CA ASP N 808 -26.69 -96.85 70.65
C ASP N 808 -27.96 -96.78 71.46
N VAL N 809 -28.87 -95.89 71.07
CA VAL N 809 -30.19 -95.77 71.67
C VAL N 809 -30.07 -95.43 73.14
N PHE N 810 -29.67 -96.40 73.97
CA PHE N 810 -29.52 -96.16 75.39
C PHE N 810 -28.32 -96.89 76.00
N ASP N 811 -27.29 -97.18 75.20
CA ASP N 811 -26.16 -97.95 75.69
C ASP N 811 -24.84 -97.33 75.27
N GLU N 812 -23.84 -97.50 76.14
CA GLU N 812 -22.46 -97.10 75.92
C GLU N 812 -21.73 -98.44 75.96
N ARG N 813 -21.01 -98.78 74.90
CA ARG N 813 -20.34 -100.07 74.80
C ARG N 813 -18.88 -99.84 74.45
N SER N 814 -17.98 -100.11 75.39
CA SER N 814 -16.55 -99.92 75.16
C SER N 814 -16.02 -100.93 74.15
N LYS N 815 -15.95 -100.52 72.89
CA LYS N 815 -15.46 -101.37 71.82
C LYS N 815 -13.93 -101.44 71.79
N THR N 816 -13.41 -102.50 71.18
CA THR N 816 -11.96 -102.76 71.14
C THR N 816 -11.13 -101.91 70.17
N ALA N 817 -9.84 -102.21 70.12
CA ALA N 817 -8.91 -101.48 69.25
C ALA N 817 -7.62 -102.24 68.90
N THR N 818 -7.72 -103.27 68.06
CA THR N 818 -6.58 -104.13 67.64
C THR N 818 -5.62 -104.54 68.76
N VAL N 819 -6.19 -104.83 69.93
CA VAL N 819 -5.54 -105.28 71.15
C VAL N 819 -6.34 -106.39 71.85
N LEU N 820 -7.64 -106.16 71.94
CA LEU N 820 -8.57 -107.10 72.56
C LEU N 820 -9.90 -107.09 71.82
N LEU N 821 -11.00 -107.32 72.54
CA LEU N 821 -12.33 -107.33 71.94
C LEU N 821 -13.44 -107.15 72.97
N ILE N 822 -13.89 -105.88 73.11
CA ILE N 822 -14.96 -105.42 74.03
C ILE N 822 -14.64 -105.42 75.53
N PHE N 823 -14.88 -104.29 76.19
CA PHE N 823 -14.59 -104.20 77.59
C PHE N 823 -15.70 -103.94 78.60
N LYS N 824 -16.60 -102.99 78.33
CA LYS N 824 -17.45 -102.63 79.46
C LYS N 824 -18.73 -101.94 78.98
N TYR N 825 -19.80 -102.10 79.75
CA TYR N 825 -21.10 -101.52 79.45
C TYR N 825 -21.66 -100.60 80.53
N SER N 826 -21.49 -100.92 81.82
CA SER N 826 -21.82 -100.07 82.97
C SER N 826 -23.26 -99.53 83.00
N VAL N 827 -24.24 -100.35 82.59
CA VAL N 827 -25.67 -100.15 82.80
C VAL N 827 -26.05 -98.67 82.93
N TRP N 828 -25.81 -97.91 81.87
CA TRP N 828 -26.11 -96.47 81.86
C TRP N 828 -27.58 -96.20 82.19
N PHE N 832 -32.08 -92.30 79.78
CA PHE N 832 -32.12 -91.10 78.93
C PHE N 832 -31.37 -91.31 77.63
N LEU N 833 -31.81 -90.65 76.58
CA LEU N 833 -31.08 -90.69 75.33
C LEU N 833 -29.77 -89.95 75.48
N PRO N 834 -28.65 -90.54 75.03
CA PRO N 834 -27.37 -89.86 75.15
C PRO N 834 -27.26 -88.76 74.11
N GLY N 835 -27.34 -87.50 74.54
CA GLY N 835 -27.31 -86.41 73.60
C GLY N 835 -25.98 -86.30 72.90
N LEU N 836 -24.94 -85.93 73.64
CA LEU N 836 -23.59 -85.85 73.08
C LEU N 836 -22.56 -86.30 74.10
N SER N 837 -22.20 -87.58 74.09
CA SER N 837 -21.24 -88.08 75.08
C SER N 837 -19.88 -88.27 74.41
N VAL N 838 -18.83 -87.76 75.07
CA VAL N 838 -17.49 -87.74 74.49
C VAL N 838 -16.50 -88.30 75.51
N SER N 839 -15.24 -88.37 75.14
CA SER N 839 -14.17 -88.83 76.02
C SER N 839 -13.41 -87.64 76.58
N LEU N 840 -12.30 -87.92 77.27
CA LEU N 840 -11.50 -86.85 77.84
C LEU N 840 -10.12 -86.86 77.21
N GLN N 841 -9.12 -87.19 78.00
CA GLN N 841 -7.75 -87.25 77.53
C GLN N 841 -6.93 -88.03 78.54
N SER N 842 -7.61 -88.66 79.50
CA SER N 842 -6.93 -89.42 80.53
C SER N 842 -7.70 -90.55 81.23
N GLU N 843 -6.96 -91.24 82.09
CA GLU N 843 -7.39 -92.36 82.93
C GLU N 843 -8.68 -93.12 82.64
N ALA N 844 -8.87 -93.56 81.40
CA ALA N 844 -10.08 -94.28 80.96
C ALA N 844 -11.41 -93.54 81.17
N VAL N 845 -11.51 -92.68 82.19
CA VAL N 845 -12.74 -91.92 82.38
C VAL N 845 -13.13 -91.13 81.12
N GLN N 846 -14.42 -91.15 80.81
CA GLN N 846 -14.96 -90.45 79.64
C GLN N 846 -16.18 -89.64 80.07
N LEU N 847 -16.54 -88.63 79.29
CA LEU N 847 -17.65 -87.78 79.70
C LEU N 847 -18.96 -87.84 78.92
N PRO N 848 -20.07 -88.02 79.66
CA PRO N 848 -21.46 -88.05 79.19
C PRO N 848 -22.09 -86.73 79.60
N GLU N 849 -22.54 -85.94 78.63
CA GLU N 849 -23.11 -84.64 78.93
C GLU N 849 -24.35 -84.42 78.08
N ILE N 853 -26.50 -82.63 79.74
CA ILE N 853 -25.64 -82.98 80.87
C ILE N 853 -26.24 -84.13 81.66
N THR N 854 -27.04 -84.93 80.96
CA THR N 854 -27.75 -86.09 81.51
C THR N 854 -27.13 -86.82 82.70
N CYS N 855 -25.83 -87.12 82.64
CA CYS N 855 -25.18 -87.86 83.71
C CYS N 855 -23.83 -87.18 83.96
N GLY N 856 -22.90 -87.82 84.67
CA GLY N 856 -21.64 -87.18 84.98
C GLY N 856 -20.42 -87.97 84.55
N LYS N 857 -19.32 -87.74 85.25
CA LYS N 857 -18.06 -88.42 84.94
C LYS N 857 -18.06 -89.89 85.37
N ARG N 858 -18.03 -90.78 84.39
CA ARG N 858 -18.00 -92.22 84.65
C ARG N 858 -16.61 -92.74 84.33
N SER N 859 -15.85 -93.07 85.37
CA SER N 859 -14.50 -93.56 85.20
C SER N 859 -14.51 -94.95 84.60
N THR N 860 -14.83 -95.07 83.30
CA THR N 860 -14.89 -96.37 82.55
C THR N 860 -13.71 -97.31 82.82
N ASP N 861 -14.03 -98.64 82.97
CA ASP N 861 -13.15 -99.73 83.36
C ASP N 861 -12.65 -99.57 84.79
N ARG N 863 -15.40 -98.13 85.42
CA ARG N 863 -16.80 -98.47 85.21
C ARG N 863 -17.72 -97.49 85.93
N TYR N 864 -17.29 -97.03 87.10
CA TYR N 864 -18.12 -96.25 88.00
C TYR N 864 -18.12 -94.78 87.60
N LEU N 865 -19.03 -94.04 88.21
CA LEU N 865 -19.17 -92.61 88.00
C LEU N 865 -18.53 -91.87 89.17
N LEU N 866 -17.64 -90.94 88.85
CA LEU N 866 -17.00 -90.15 89.90
C LEU N 866 -17.73 -88.84 90.15
N LEU N 867 -17.94 -88.04 89.12
CA LEU N 867 -18.33 -86.66 89.30
C LEU N 867 -19.46 -86.31 88.35
N GLY N 868 -20.08 -85.16 88.58
CA GLY N 868 -21.11 -84.61 87.72
C GLY N 868 -20.64 -83.30 87.12
N THR N 869 -19.41 -83.32 86.59
CA THR N 869 -18.69 -82.15 86.08
C THR N 869 -18.09 -81.36 87.25
N SER N 870 -18.33 -81.87 88.46
CA SER N 870 -17.44 -81.68 89.62
C SER N 870 -17.49 -80.30 90.26
N GLU N 871 -18.24 -79.36 89.71
CA GLU N 871 -18.35 -78.02 90.31
C GLU N 871 -19.79 -77.54 90.19
N GLY N 872 -20.71 -78.35 90.71
CA GLY N 872 -22.11 -77.97 90.78
C GLY N 872 -22.74 -77.80 89.41
N LEU N 873 -23.85 -77.07 89.34
CA LEU N 873 -24.53 -76.88 88.06
C LEU N 873 -24.51 -75.41 87.63
N ILE N 874 -25.06 -74.56 88.48
CA ILE N 874 -25.24 -73.13 88.19
C ILE N 874 -26.01 -73.14 86.88
N VAL N 875 -27.19 -73.78 86.98
CA VAL N 875 -28.27 -74.06 85.97
C VAL N 875 -28.31 -75.50 85.38
N TYR N 876 -27.82 -75.72 84.16
CA TYR N 876 -27.89 -77.06 83.57
C TYR N 876 -26.58 -77.63 83.01
N ASP N 877 -26.02 -76.86 82.06
CA ASP N 877 -24.79 -77.13 81.33
C ASP N 877 -23.57 -76.37 81.89
N LEU N 878 -22.45 -77.08 81.95
CA LEU N 878 -21.16 -76.58 82.45
C LEU N 878 -20.26 -77.73 82.15
N LYS N 879 -19.40 -77.54 81.14
CA LYS N 879 -18.42 -78.54 80.63
C LYS N 879 -17.18 -78.77 81.50
N ILE N 880 -16.42 -79.86 81.19
CA ILE N 880 -15.29 -80.32 81.99
C ILE N 880 -14.54 -81.50 81.35
N SER N 881 -13.22 -81.40 81.34
CA SER N 881 -12.34 -82.45 80.79
C SER N 881 -10.90 -82.18 81.25
N ASP N 882 -9.99 -83.07 80.88
CA ASP N 882 -8.57 -82.92 81.21
C ASP N 882 -7.67 -83.21 80.02
N PRO N 883 -7.05 -82.15 79.45
CA PRO N 883 -6.14 -82.37 78.33
C PRO N 883 -4.96 -83.20 78.81
N VAL N 884 -4.44 -82.83 79.99
CA VAL N 884 -3.32 -83.53 80.61
C VAL N 884 -3.39 -83.35 82.13
N LEU N 885 -3.33 -82.11 82.57
CA LEU N 885 -3.39 -81.75 83.98
C LEU N 885 -3.66 -80.25 84.13
N ARG N 886 -4.79 -79.79 83.58
CA ARG N 886 -5.13 -78.37 83.66
C ARG N 886 -6.62 -78.03 83.50
N SER N 887 -7.30 -78.79 82.65
CA SER N 887 -8.75 -78.68 82.34
C SER N 887 -9.24 -77.43 81.59
N ASN N 888 -10.38 -77.58 80.90
CA ASN N 888 -10.99 -76.49 80.13
C ASN N 888 -12.46 -76.77 79.82
N VAL N 889 -12.84 -76.75 78.55
CA VAL N 889 -14.22 -76.99 78.07
C VAL N 889 -15.32 -75.94 78.35
N SER N 890 -15.55 -75.25 77.25
CA SER N 890 -16.46 -74.23 76.92
C SER N 890 -17.54 -74.37 75.82
N GLU N 891 -18.75 -74.73 76.23
CA GLU N 891 -19.98 -74.69 75.43
C GLU N 891 -21.29 -74.78 76.26
N HIS N 892 -22.01 -73.69 76.65
CA HIS N 892 -23.29 -74.03 77.27
C HIS N 892 -24.36 -74.33 76.20
N ILE N 893 -25.21 -73.35 76.06
CA ILE N 893 -26.34 -73.19 75.14
C ILE N 893 -26.87 -71.77 75.39
N GLU N 894 -26.74 -71.34 76.63
CA GLU N 894 -27.24 -70.03 76.94
C GLU N 894 -26.14 -69.00 76.86
N CYS N 895 -25.24 -69.12 75.86
CA CYS N 895 -24.15 -68.18 75.57
C CYS N 895 -23.08 -68.14 76.66
N VAL N 896 -23.26 -68.95 77.73
CA VAL N 896 -22.39 -68.93 78.95
C VAL N 896 -21.57 -70.17 79.42
N ASP N 897 -20.45 -70.45 78.76
CA ASP N 897 -19.68 -71.67 79.09
C ASP N 897 -18.88 -71.58 80.38
N ILE N 898 -18.72 -72.70 81.11
CA ILE N 898 -17.92 -72.55 82.32
C ILE N 898 -16.77 -73.54 82.52
N TYR N 899 -15.60 -72.98 82.81
CA TYR N 899 -14.40 -73.76 83.10
C TYR N 899 -14.34 -74.16 84.56
N GLU N 900 -14.48 -75.46 84.83
CA GLU N 900 -14.41 -75.97 86.19
C GLU N 900 -13.26 -76.96 86.28
N LEU N 901 -12.96 -77.40 87.50
CA LEU N 901 -11.76 -78.17 87.77
C LEU N 901 -12.11 -79.43 88.58
N PHE N 902 -11.19 -80.39 88.58
CA PHE N 902 -11.39 -81.63 89.32
C PHE N 902 -11.54 -81.37 90.81
N ASP N 903 -10.64 -80.56 91.37
CA ASP N 903 -10.40 -80.46 92.81
C ASP N 903 -11.65 -80.29 93.66
N PRO N 904 -12.63 -79.41 93.30
CA PRO N 904 -13.81 -79.24 94.16
C PRO N 904 -14.58 -80.52 94.44
N VAL N 905 -14.72 -81.37 93.41
CA VAL N 905 -15.42 -82.66 93.40
C VAL N 905 -16.79 -82.65 94.11
N TYR N 906 -17.45 -83.81 94.07
CA TYR N 906 -18.59 -84.16 94.92
C TYR N 906 -19.83 -83.27 94.82
N LYS N 907 -20.06 -82.63 93.66
CA LYS N 907 -21.36 -82.07 93.29
C LYS N 907 -22.11 -81.39 94.44
N TYR N 908 -21.52 -80.34 95.02
CA TYR N 908 -21.91 -79.80 96.32
C TYR N 908 -23.40 -79.56 96.59
N ILE N 909 -24.05 -78.62 95.90
CA ILE N 909 -25.39 -78.23 96.35
C ILE N 909 -26.49 -79.04 95.66
N VAL N 910 -26.21 -79.57 94.48
CA VAL N 910 -27.28 -80.16 93.67
C VAL N 910 -27.49 -81.63 94.02
N LEU N 911 -26.47 -82.32 94.54
CA LEU N 911 -26.61 -83.72 94.92
C LEU N 911 -27.41 -83.76 96.22
N CYS N 912 -28.73 -83.62 96.07
CA CYS N 912 -29.61 -83.51 97.24
C CYS N 912 -30.98 -84.12 97.00
N GLY N 913 -31.96 -83.72 97.82
CA GLY N 913 -33.19 -84.47 97.92
C GLY N 913 -34.28 -84.05 96.96
N ALA N 914 -33.93 -83.36 95.88
CA ALA N 914 -34.83 -83.19 94.75
C ALA N 914 -36.03 -82.32 95.06
N LYS N 915 -36.83 -82.03 94.03
CA LYS N 915 -38.00 -81.17 94.18
C LYS N 915 -39.04 -81.78 95.11
N GLY N 916 -39.15 -83.10 95.14
CA GLY N 916 -40.23 -83.75 95.87
C GLY N 916 -39.97 -83.93 97.35
N LYS N 917 -40.59 -83.07 98.17
CA LYS N 917 -40.43 -83.10 99.61
C LYS N 917 -41.71 -82.60 100.26
N GLN N 918 -41.92 -83.02 101.51
CA GLN N 918 -42.99 -82.49 102.35
C GLN N 918 -42.37 -81.84 103.58
N VAL N 919 -43.05 -80.82 104.10
CA VAL N 919 -42.53 -80.00 105.17
C VAL N 919 -43.49 -80.07 106.35
N VAL N 920 -42.96 -80.34 107.54
CA VAL N 920 -43.67 -80.12 108.79
C VAL N 920 -42.97 -78.98 109.51
N HIS N 921 -43.70 -77.89 109.72
CA HIS N 921 -43.19 -76.77 110.52
C HIS N 921 -43.27 -77.19 111.98
N VAL N 922 -42.30 -78.01 112.38
CA VAL N 922 -42.25 -78.56 113.73
C VAL N 922 -42.08 -77.46 114.76
N LEU N 925 -37.80 -76.69 115.12
CA LEU N 925 -37.31 -76.24 113.83
C LEU N 925 -38.26 -76.65 112.71
N ARG N 926 -37.74 -77.35 111.71
CA ARG N 926 -38.56 -77.77 110.57
C ARG N 926 -38.07 -79.12 110.08
N SER N 927 -38.88 -80.16 110.28
CA SER N 927 -38.57 -81.48 109.76
C SER N 927 -38.95 -81.53 108.29
N VAL N 928 -37.95 -81.42 107.42
CA VAL N 928 -38.19 -81.48 105.99
C VAL N 928 -37.34 -82.62 105.42
N SER N 929 -37.96 -83.48 104.62
CA SER N 929 -37.28 -84.66 104.10
C SER N 929 -37.93 -85.11 102.80
N GLY N 930 -37.11 -85.54 101.85
CA GLY N 930 -37.65 -86.06 100.60
C GLY N 930 -36.61 -86.46 99.57
N SER N 931 -36.80 -87.64 98.97
CA SER N 931 -36.19 -88.03 97.70
C SER N 931 -34.67 -88.12 97.71
N ASN N 932 -34.13 -88.80 96.71
CA ASN N 932 -32.70 -88.79 96.42
C ASN N 932 -32.42 -88.02 95.13
N SER N 933 -31.15 -87.96 94.77
CA SER N 933 -30.75 -87.29 93.53
C SER N 933 -30.72 -88.28 92.37
N ARG N 937 -31.88 -89.61 101.15
CA ARG N 937 -33.06 -88.85 101.57
C ARG N 937 -32.72 -87.93 102.71
N GLU N 938 -32.60 -86.65 102.39
CA GLU N 938 -32.14 -85.64 103.34
C GLU N 938 -33.16 -85.44 104.45
N ILE N 939 -32.69 -84.91 105.58
CA ILE N 939 -33.56 -84.31 106.59
C ILE N 939 -32.90 -83.00 107.01
N ALA N 940 -33.36 -81.90 106.41
CA ALA N 940 -32.72 -80.59 106.61
C ALA N 940 -33.46 -79.86 107.73
N TRP N 941 -33.06 -80.12 108.96
CA TRP N 941 -33.67 -79.46 110.10
C TRP N 941 -33.26 -78.00 110.05
N VAL N 942 -34.17 -77.16 109.52
CA VAL N 942 -33.84 -75.77 109.25
C VAL N 942 -33.49 -75.05 110.53
N HIS N 943 -32.39 -74.29 110.49
CA HIS N 943 -31.87 -73.59 111.67
C HIS N 943 -31.50 -74.59 112.76
N ASP N 946 -27.61 -80.77 110.09
CA ASP N 946 -28.66 -81.61 110.66
C ASP N 946 -29.18 -82.60 109.63
N GLU N 947 -28.47 -82.70 108.51
CA GLU N 947 -28.94 -83.48 107.38
C GLU N 947 -28.49 -84.93 107.49
N ILE N 948 -29.44 -85.85 107.37
CA ILE N 948 -29.19 -87.28 107.34
C ILE N 948 -29.77 -87.82 106.04
N SER N 949 -28.95 -88.54 105.27
CA SER N 949 -29.34 -89.08 103.99
C SER N 949 -29.59 -90.58 104.12
N VAL N 950 -30.72 -91.03 103.59
CA VAL N 950 -31.08 -92.44 103.59
C VAL N 950 -31.31 -92.89 102.15
N MET N 951 -30.59 -93.91 101.73
CA MET N 951 -30.72 -94.41 100.37
C MET N 951 -32.02 -95.17 100.21
N THR N 952 -32.64 -95.03 99.04
CA THR N 952 -33.84 -95.78 98.70
C THR N 952 -33.81 -96.20 97.23
N CYS N 955 -39.45 -93.30 95.95
CA CYS N 955 -38.67 -92.16 95.47
C CYS N 955 -39.48 -91.36 94.44
N LEU N 956 -40.63 -91.92 94.03
CA LEU N 956 -41.50 -91.22 93.11
C LEU N 956 -41.99 -89.90 93.71
N GLU N 957 -42.77 -89.98 94.78
CA GLU N 957 -43.11 -88.83 95.59
C GLU N 957 -43.07 -89.27 97.04
N PRO N 958 -41.87 -89.31 97.64
CA PRO N 958 -41.68 -90.03 98.90
C PRO N 958 -41.96 -89.21 100.16
N ASN N 959 -43.22 -88.88 100.43
CA ASN N 959 -43.53 -88.07 101.61
C ASN N 959 -44.97 -88.34 102.04
N VAL N 960 -45.16 -88.56 103.34
CA VAL N 960 -46.49 -88.81 103.89
C VAL N 960 -46.70 -87.98 105.16
N TYR N 961 -45.81 -87.02 105.41
CA TYR N 961 -45.87 -86.26 106.64
C TYR N 961 -45.93 -84.77 106.33
N LEU N 962 -46.95 -84.12 106.89
CA LEU N 962 -47.20 -82.70 106.63
C LEU N 962 -47.64 -81.97 107.90
N MET N 966 -41.56 -91.34 110.51
CA MET N 966 -42.34 -92.30 109.75
C MET N 966 -42.73 -91.69 108.40
N ASP N 967 -41.86 -91.86 107.40
CA ASP N 967 -42.06 -91.26 106.05
C ASP N 967 -41.73 -92.22 104.89
N MET N 968 -42.79 -92.39 104.09
CA MET N 968 -42.89 -93.20 102.89
C MET N 968 -41.81 -93.18 101.79
N THR N 969 -41.76 -94.29 101.05
CA THR N 969 -40.84 -94.54 99.95
C THR N 969 -41.56 -95.36 98.87
N ARG N 970 -41.40 -95.07 97.57
CA ARG N 970 -42.09 -95.92 96.61
C ARG N 970 -41.17 -96.58 95.58
N GLU N 971 -41.74 -97.48 94.78
CA GLU N 971 -40.99 -98.18 93.76
C GLU N 971 -41.17 -97.51 92.39
N ARG N 972 -40.94 -98.29 91.33
CA ARG N 972 -41.07 -97.77 89.97
C ARG N 972 -42.37 -98.25 89.34
N LEU N 975 -43.92 -100.61 94.68
CA LEU N 975 -43.79 -100.86 96.11
C LEU N 975 -43.93 -99.57 96.91
N LEU N 976 -44.48 -99.69 98.13
CA LEU N 976 -44.78 -98.53 98.97
C LEU N 976 -44.44 -98.90 100.42
N ALA N 977 -43.32 -98.39 100.92
CA ALA N 977 -42.87 -98.69 102.27
C ALA N 977 -43.28 -97.55 103.20
N VAL N 978 -43.69 -97.88 104.42
CA VAL N 978 -44.16 -96.87 105.36
C VAL N 978 -43.02 -95.99 105.83
N ASP N 979 -41.84 -96.59 106.02
CA ASP N 979 -40.58 -96.07 106.53
C ASP N 979 -39.52 -95.92 105.43
N SER N 980 -38.26 -95.92 105.84
CA SER N 980 -37.07 -95.75 104.99
C SER N 980 -36.94 -94.31 104.49
N LYS N 981 -36.93 -93.40 105.46
CA LYS N 981 -36.66 -91.99 105.19
C LYS N 981 -35.52 -91.49 106.06
N GLU N 982 -35.53 -91.90 107.31
CA GLU N 982 -34.54 -91.48 108.30
C GLU N 982 -33.75 -92.63 108.89
N ARG N 983 -33.97 -93.86 108.45
CA ARG N 983 -33.41 -95.04 109.08
C ARG N 983 -32.62 -95.88 108.09
N LEU N 986 -37.30 -100.56 111.11
CA LEU N 986 -38.56 -101.18 110.70
C LEU N 986 -39.07 -100.57 109.40
N ILE N 987 -39.57 -101.42 108.51
CA ILE N 987 -40.09 -100.99 107.21
C ILE N 987 -41.36 -101.76 106.93
N LYS N 988 -42.37 -101.07 106.39
CA LYS N 988 -43.62 -101.72 106.04
C LYS N 988 -43.94 -101.51 104.56
N PRO N 989 -43.41 -102.34 103.67
CA PRO N 989 -43.67 -102.22 102.21
C PRO N 989 -45.00 -102.82 101.79
N ALA N 990 -46.07 -102.05 101.98
CA ALA N 990 -47.41 -102.46 101.58
C ALA N 990 -47.78 -101.80 100.26
N ILE N 991 -49.03 -101.96 99.83
CA ILE N 991 -49.49 -101.31 98.60
C ILE N 991 -50.98 -100.99 98.71
N SER N 998 -48.38 -91.63 92.63
CA SER N 998 -48.19 -90.19 92.48
C SER N 998 -48.11 -89.50 93.83
N THR N 999 -49.20 -89.53 94.58
CA THR N 999 -49.23 -88.90 95.90
C THR N 999 -49.65 -89.87 97.00
N ILE N 1000 -49.47 -89.44 98.24
CA ILE N 1000 -49.77 -90.22 99.43
C ILE N 1000 -49.78 -89.34 100.67
N THR N 1001 -50.83 -89.46 101.47
CA THR N 1001 -50.96 -88.73 102.72
C THR N 1001 -51.69 -89.62 103.72
N PRO N 1002 -51.48 -89.40 105.03
CA PRO N 1002 -52.15 -90.23 106.03
C PRO N 1002 -53.53 -89.70 106.40
N THR N 1003 -54.15 -90.31 107.40
CA THR N 1003 -55.39 -89.83 107.98
C THR N 1003 -55.09 -88.62 108.87
N HIS N 1004 -56.11 -88.13 109.56
CA HIS N 1004 -55.95 -86.99 110.43
C HIS N 1004 -55.33 -87.39 111.77
N CYS N 1009 -51.46 -95.54 104.47
CA CYS N 1009 -51.82 -94.20 104.03
C CYS N 1009 -52.44 -94.27 102.64
N LYS N 1010 -53.08 -93.18 102.22
CA LYS N 1010 -53.89 -93.19 101.01
C LYS N 1010 -52.96 -93.29 99.81
N ILE N 1011 -53.16 -94.33 98.99
CA ILE N 1011 -52.32 -94.54 97.82
C ILE N 1011 -52.94 -93.85 96.62
N ASN N 1012 -52.16 -93.05 95.93
CA ASN N 1012 -52.50 -92.55 94.61
C ASN N 1012 -51.50 -93.11 93.61
N ALA N 1013 -52.01 -93.81 92.61
CA ALA N 1013 -51.17 -94.46 91.62
C ALA N 1013 -51.40 -93.82 90.27
N ILE N 1014 -50.56 -94.19 89.32
CA ILE N 1014 -50.70 -93.73 87.95
C ILE N 1014 -51.86 -94.53 87.34
N SER N 1015 -52.21 -95.63 87.99
CA SER N 1015 -53.30 -96.50 87.56
C SER N 1015 -54.63 -95.84 87.91
N ALA N 1016 -55.71 -96.59 87.71
CA ALA N 1016 -57.06 -96.07 87.89
C ALA N 1016 -57.63 -96.41 89.25
N PHE N 1017 -56.79 -96.49 90.28
CA PHE N 1017 -57.23 -96.96 91.59
C PHE N 1017 -56.58 -96.16 92.70
N ASN N 1018 -57.36 -95.85 93.73
CA ASN N 1018 -56.85 -95.34 94.99
C ASN N 1018 -56.97 -96.40 96.09
N ASP N 1019 -55.88 -96.58 96.81
CA ASP N 1019 -55.83 -97.53 97.92
C ASP N 1019 -55.75 -96.74 99.22
N GLU N 1020 -56.39 -97.25 100.27
CA GLU N 1020 -56.46 -96.57 101.55
C GLU N 1020 -55.78 -97.37 102.65
N GLN N 1021 -54.54 -97.82 102.38
CA GLN N 1021 -53.75 -98.62 103.31
C GLN N 1021 -53.76 -98.02 104.71
N ILE N 1022 -54.31 -98.75 105.68
CA ILE N 1022 -54.44 -98.26 107.05
C ILE N 1022 -53.35 -98.97 107.86
N PHE N 1023 -52.44 -98.18 108.42
CA PHE N 1023 -51.34 -98.72 109.20
C PHE N 1023 -51.52 -98.38 110.67
N VAL N 1027 -55.86 -102.61 105.37
CA VAL N 1027 -57.09 -102.24 104.70
C VAL N 1027 -56.78 -101.45 103.44
N ASP N 1028 -57.03 -102.05 102.27
CA ASP N 1028 -56.78 -101.37 101.01
C ASP N 1028 -57.71 -100.18 100.82
N GLY N 1029 -58.86 -100.18 101.51
CA GLY N 1029 -59.83 -99.14 101.34
C GLY N 1029 -60.26 -99.00 99.89
N VAL N 1030 -60.93 -100.02 99.38
CA VAL N 1030 -61.28 -100.09 97.96
C VAL N 1030 -62.55 -99.28 97.73
N ILE N 1031 -62.41 -98.12 97.10
CA ILE N 1031 -63.56 -97.31 96.70
C ILE N 1031 -63.54 -97.18 95.19
N ILE N 1032 -62.34 -96.92 94.63
CA ILE N 1032 -62.10 -96.80 93.19
C ILE N 1032 -62.78 -95.54 92.64
N ASP N 1033 -63.81 -95.06 93.34
CA ASP N 1033 -64.54 -93.81 93.11
C ASP N 1033 -64.86 -93.54 91.64
N VAL N 1034 -65.03 -94.59 90.86
CA VAL N 1034 -65.35 -94.44 89.45
C VAL N 1034 -66.77 -93.92 89.29
N HIS N 1036 -60.10 -94.54 88.00
CA HIS N 1036 -59.88 -93.16 87.61
C HIS N 1036 -58.40 -92.78 87.74
N ASP N 1037 -57.87 -92.09 86.72
CA ASP N 1037 -56.48 -91.65 86.77
C ASP N 1037 -56.31 -90.59 87.85
N THR N 1038 -55.51 -90.90 88.85
CA THR N 1038 -55.39 -90.06 90.04
C THR N 1038 -54.40 -88.93 89.75
N ALA N 1039 -54.91 -87.70 89.68
CA ALA N 1039 -54.03 -86.56 89.44
C ALA N 1039 -53.37 -86.12 90.74
N LEU N 1040 -54.16 -85.59 91.68
CA LEU N 1040 -53.69 -85.13 92.98
C LEU N 1040 -54.83 -85.11 93.99
N PRO N 1041 -55.43 -86.25 94.32
CA PRO N 1041 -56.53 -86.25 95.29
C PRO N 1041 -56.03 -86.00 96.70
N GLN N 1042 -56.78 -85.17 97.43
CA GLN N 1042 -56.40 -84.80 98.78
C GLN N 1042 -57.66 -84.38 99.53
N GLN N 1043 -57.54 -84.19 100.85
CA GLN N 1043 -58.67 -84.14 101.77
C GLN N 1043 -59.62 -82.99 101.43
N PHE N 1044 -60.83 -83.09 101.98
CA PHE N 1044 -61.93 -82.15 101.74
C PHE N 1044 -62.04 -81.11 102.86
N GLU N 1047 -59.47 -90.00 108.09
CA GLU N 1047 -60.55 -90.59 107.31
C GLU N 1047 -60.99 -89.75 106.10
N PRO N 1048 -61.43 -88.51 106.32
CA PRO N 1048 -62.08 -87.78 105.22
C PRO N 1048 -61.07 -87.24 104.22
N ILE N 1049 -61.23 -87.68 102.98
CA ILE N 1049 -60.36 -87.27 101.88
C ILE N 1049 -61.22 -87.00 100.64
N ASP N 1050 -60.92 -85.90 99.96
CA ASP N 1050 -61.51 -85.58 98.67
C ASP N 1050 -60.64 -86.16 97.55
N TYR N 1051 -61.18 -86.19 96.34
CA TYR N 1051 -60.50 -86.87 95.25
C TYR N 1051 -60.53 -86.02 93.98
N LEU N 1052 -59.56 -86.28 93.11
CA LEU N 1052 -59.44 -85.57 91.84
C LEU N 1052 -59.41 -86.58 90.69
N LYS N 1053 -59.70 -86.11 89.49
CA LYS N 1053 -59.58 -86.91 88.28
C LYS N 1053 -58.84 -86.11 87.22
N GLN N 1054 -58.78 -86.67 86.01
CA GLN N 1054 -58.11 -86.03 84.89
C GLN N 1054 -59.00 -85.83 83.67
N VAL N 1055 -60.02 -86.67 83.47
CA VAL N 1055 -60.89 -86.51 82.33
C VAL N 1055 -61.66 -85.20 82.42
N SER N 1056 -62.14 -84.87 83.63
CA SER N 1056 -63.04 -83.76 83.94
C SER N 1056 -63.65 -83.93 85.33
N PRO N 1057 -64.34 -85.06 85.62
CA PRO N 1057 -65.17 -85.10 86.83
C PRO N 1057 -64.42 -85.44 88.10
N ASN N 1058 -64.27 -84.47 88.99
CA ASN N 1058 -63.81 -84.78 90.33
C ASN N 1058 -64.90 -85.57 91.05
N ILE N 1059 -64.50 -86.33 92.06
CA ILE N 1059 -65.48 -87.05 92.87
C ILE N 1059 -65.76 -86.23 94.13
N LEU N 1060 -66.78 -85.37 94.07
CA LEU N 1060 -67.17 -84.56 95.21
C LEU N 1060 -67.56 -85.45 96.39
N VAL N 1061 -67.04 -85.10 97.56
CA VAL N 1061 -67.36 -85.84 98.78
C VAL N 1061 -67.09 -84.96 99.99
N ALA N 1062 -67.94 -85.06 101.01
CA ALA N 1062 -67.80 -84.30 102.25
C ALA N 1062 -66.72 -85.00 103.08
N SER N 1063 -66.45 -86.25 102.72
CA SER N 1063 -65.38 -87.02 103.36
C SER N 1063 -64.04 -86.63 102.76
N ALA N 1067 -69.27 -92.89 104.30
CA ALA N 1067 -68.42 -91.83 103.78
C ALA N 1067 -68.50 -91.76 102.26
N GLN N 1068 -69.55 -91.10 101.75
CA GLN N 1068 -69.73 -91.00 100.31
C GLN N 1068 -70.70 -89.86 100.02
N LYS N 1069 -70.53 -89.24 98.86
CA LYS N 1069 -71.39 -88.16 98.39
C LYS N 1069 -71.91 -88.53 97.00
N THR N 1070 -72.51 -87.61 96.25
CA THR N 1070 -73.16 -87.96 94.99
C THR N 1070 -72.35 -87.54 93.78
N VAL N 1071 -71.90 -86.28 93.75
CA VAL N 1071 -71.18 -85.59 92.68
C VAL N 1071 -71.90 -85.67 91.34
N ILE N 1072 -72.13 -84.51 90.72
CA ILE N 1072 -72.73 -84.44 89.39
C ILE N 1072 -71.72 -83.77 88.47
N PHE N 1073 -70.43 -83.89 88.81
CA PHE N 1073 -69.31 -83.53 87.94
C PHE N 1073 -69.15 -82.01 87.83
N GLN N 1074 -67.94 -81.55 87.51
CA GLN N 1074 -67.62 -80.13 87.44
C GLN N 1074 -66.54 -79.85 86.41
N LEU N 1075 -65.90 -78.68 86.53
CA LEU N 1075 -64.64 -78.36 85.87
C LEU N 1075 -64.80 -77.94 84.41
N GLU N 1076 -64.19 -76.82 84.05
CA GLU N 1076 -64.12 -76.37 82.66
C GLU N 1076 -62.67 -76.23 82.21
N LEU N 1081 -55.87 -78.54 89.89
CA LEU N 1081 -56.17 -78.60 91.31
C LEU N 1081 -57.65 -78.38 91.59
N GLN N 1082 -58.08 -78.81 92.78
CA GLN N 1082 -59.42 -78.51 93.27
C GLN N 1082 -59.35 -78.27 94.76
N PRO N 1083 -59.02 -77.05 95.17
CA PRO N 1083 -58.85 -76.76 96.59
C PRO N 1083 -60.20 -76.60 97.29
N ASN N 1084 -60.12 -76.22 98.56
CA ASN N 1084 -61.30 -76.05 99.39
C ASN N 1084 -61.85 -74.63 99.23
N ASP N 1085 -62.22 -74.27 98.01
CA ASP N 1085 -62.74 -72.94 97.69
C ASP N 1085 -61.80 -71.83 98.14
N LEU N 1089 -67.63 -79.00 104.52
CA LEU N 1089 -67.35 -77.70 103.91
C LEU N 1089 -68.62 -77.10 103.31
N MET N 1090 -68.46 -76.01 102.57
CA MET N 1090 -69.60 -75.40 101.88
C MET N 1090 -69.48 -75.56 100.37
N MET N 1091 -68.37 -75.10 99.80
CA MET N 1091 -68.19 -75.09 98.35
C MET N 1091 -66.76 -75.52 98.00
N ASP N 1092 -66.58 -76.03 96.79
CA ASP N 1092 -65.25 -76.34 96.26
C ASP N 1092 -65.00 -75.47 95.03
N VAL N 1093 -63.79 -75.55 94.46
CA VAL N 1093 -63.46 -74.83 93.23
C VAL N 1093 -62.73 -75.78 92.31
N SER N 1094 -63.13 -75.80 91.03
CA SER N 1094 -62.54 -76.66 90.02
C SER N 1094 -61.75 -75.83 89.03
N THR N 1095 -60.55 -76.30 88.68
CA THR N 1095 -59.61 -75.55 87.86
C THR N 1095 -59.23 -76.37 86.64
N LYS N 1096 -59.44 -75.80 85.44
CA LYS N 1096 -58.90 -76.34 84.20
C LYS N 1096 -59.02 -75.33 83.07
N SER N 1099 -61.51 -73.16 81.48
CA SER N 1099 -61.39 -71.98 82.33
C SER N 1099 -61.50 -72.36 83.81
N LEU N 1100 -62.47 -71.77 84.50
CA LEU N 1100 -62.66 -72.08 85.91
C LEU N 1100 -64.12 -71.85 86.30
N GLN N 1101 -64.58 -72.63 87.27
CA GLN N 1101 -65.94 -72.58 87.76
C GLN N 1101 -65.93 -72.66 89.28
N GLU N 1102 -66.96 -72.08 89.90
CA GLU N 1102 -67.06 -72.02 91.35
C GLU N 1102 -68.49 -72.28 91.80
N GLY N 1103 -68.64 -73.01 92.90
CA GLY N 1103 -69.96 -73.30 93.43
C GLY N 1103 -69.88 -74.40 94.48
N GLN N 1104 -71.06 -74.79 94.94
CA GLN N 1104 -71.18 -75.85 95.95
C GLN N 1104 -70.84 -77.20 95.34
N ASP N 1111 -72.23 -71.63 91.46
CA ASP N 1111 -72.78 -70.30 91.60
C ASP N 1111 -72.28 -69.38 90.49
N HIS N 1112 -70.97 -69.21 90.41
CA HIS N 1112 -70.34 -68.35 89.43
C HIS N 1112 -69.17 -69.06 88.75
N GLY N 1113 -68.92 -68.67 87.50
CA GLY N 1113 -67.83 -69.22 86.75
C GLY N 1113 -66.84 -68.13 86.35
N VAL N 1114 -65.58 -68.53 86.24
CA VAL N 1114 -64.49 -67.61 85.92
C VAL N 1114 -63.95 -68.01 84.56
N CYS N 1115 -64.31 -67.25 83.52
CA CYS N 1115 -63.79 -67.44 82.18
C CYS N 1115 -63.06 -66.20 81.66
N HIS N 1116 -62.54 -65.36 82.58
CA HIS N 1116 -61.78 -64.19 82.19
C HIS N 1116 -60.52 -64.56 81.42
N LEU N 1117 -60.06 -65.81 81.55
CA LEU N 1117 -58.83 -66.23 80.90
C LEU N 1117 -58.99 -66.28 79.39
N ASP N 1118 -57.93 -65.86 78.70
CA ASP N 1118 -57.92 -65.82 77.25
C ASP N 1118 -57.68 -67.21 76.68
N ALA N 1120 -57.23 -70.84 80.05
CA ALA N 1120 -57.82 -71.61 81.15
C ALA N 1120 -56.98 -71.44 82.42
N ASN N 1121 -57.17 -72.34 83.38
CA ASN N 1121 -56.60 -72.19 84.72
C ASN N 1121 -55.92 -73.47 85.20
N PRO N 1122 -54.62 -73.40 85.50
CA PRO N 1122 -53.94 -74.57 86.08
C PRO N 1122 -54.06 -74.67 87.58
N SER N 1123 -54.30 -73.56 88.28
CA SER N 1123 -54.38 -73.58 89.72
C SER N 1123 -55.08 -72.32 90.22
N ALA N 1124 -56.00 -72.50 91.15
CA ALA N 1124 -56.64 -71.40 91.85
C ALA N 1124 -56.20 -71.47 93.30
N PHE N 1125 -56.67 -70.54 94.12
CA PHE N 1125 -56.22 -70.50 95.51
C PHE N 1125 -57.39 -70.01 96.37
N VAL N 1126 -57.12 -69.75 97.65
CA VAL N 1126 -58.16 -69.51 98.64
C VAL N 1126 -57.87 -68.23 99.40
N LYS N 1127 -58.71 -67.94 100.39
CA LYS N 1127 -58.45 -66.86 101.33
C LYS N 1127 -58.62 -67.42 102.73
N PRO N 1128 -57.82 -66.94 103.70
CA PRO N 1128 -57.91 -67.40 105.08
C PRO N 1128 -58.85 -66.56 105.93
N GLU N 1132 -60.81 -64.25 97.61
CA GLU N 1132 -61.13 -65.61 98.03
C GLU N 1132 -60.67 -66.61 96.99
N GLU N 1133 -60.44 -66.13 95.76
CA GLU N 1133 -60.07 -66.98 94.63
C GLU N 1133 -59.14 -66.17 93.70
N TYR N 1134 -57.84 -66.35 93.87
CA TYR N 1134 -56.82 -65.75 93.01
C TYR N 1134 -56.24 -66.87 92.14
N ILE N 1135 -56.43 -66.76 90.83
CA ILE N 1135 -56.23 -67.88 89.91
C ILE N 1135 -55.12 -67.54 88.94
N VAL N 1136 -54.61 -68.57 88.24
CA VAL N 1136 -53.40 -68.50 87.45
C VAL N 1136 -53.74 -68.61 85.97
N GLY N 1137 -52.95 -67.93 85.13
CA GLY N 1137 -53.00 -68.13 83.69
C GLY N 1137 -51.69 -68.68 83.16
N PHE N 1138 -51.76 -69.54 82.14
CA PHE N 1138 -50.55 -70.16 81.59
C PHE N 1138 -49.59 -69.15 80.99
N ASP N 1139 -50.08 -67.99 80.55
CA ASP N 1139 -49.28 -67.05 79.79
C ASP N 1139 -48.54 -66.07 80.70
N LEU N 1140 -48.17 -66.53 81.90
CA LEU N 1140 -47.68 -65.64 82.95
C LEU N 1140 -48.67 -64.52 83.20
N LYS N 1141 -49.87 -64.90 83.62
CA LYS N 1141 -50.95 -63.98 83.93
C LYS N 1141 -51.76 -64.55 85.07
N ASN N 1142 -52.42 -63.67 85.81
CA ASN N 1142 -53.21 -64.06 86.97
C ASN N 1142 -54.57 -63.37 86.89
N SER N 1143 -55.46 -63.75 87.80
CA SER N 1143 -56.80 -63.20 87.83
C SER N 1143 -57.26 -63.09 89.28
N LEU N 1144 -57.67 -61.89 89.68
CA LEU N 1144 -58.14 -61.62 91.04
C LEU N 1144 -59.62 -61.27 90.96
N LEU N 1145 -60.43 -61.98 91.73
CA LEU N 1145 -61.86 -61.76 91.80
C LEU N 1145 -62.21 -60.85 92.97
N PHE N 1146 -63.45 -60.38 92.98
CA PHE N 1146 -63.93 -59.51 94.05
C PHE N 1146 -65.09 -60.13 94.80
N ILE N 1154 -58.07 -56.95 91.79
CA ILE N 1154 -57.67 -56.14 90.65
C ILE N 1154 -57.02 -57.01 89.59
N ASP N 1155 -57.39 -56.78 88.33
CA ASP N 1155 -56.88 -57.60 87.22
C ASP N 1155 -55.67 -56.90 86.59
N VAL N 1156 -54.60 -56.80 87.39
CA VAL N 1156 -53.33 -56.27 86.94
C VAL N 1156 -52.26 -57.33 87.16
N PHE N 1157 -51.40 -57.50 86.16
CA PHE N 1157 -50.30 -58.45 86.25
C PHE N 1157 -49.17 -58.01 85.34
N ARG N 1158 -47.97 -58.49 85.64
CA ARG N 1158 -46.81 -58.20 84.81
C ARG N 1158 -46.16 -59.50 84.31
N ILE N 1171 -46.69 -70.00 82.21
CA ILE N 1171 -45.86 -70.80 83.09
C ILE N 1171 -45.67 -70.10 84.44
N CYS N 1172 -46.59 -70.38 85.36
CA CYS N 1172 -46.56 -69.88 86.73
C CYS N 1172 -47.58 -70.68 87.52
N GLU N 1173 -47.30 -70.88 88.81
CA GLU N 1173 -48.08 -71.85 89.59
C GLU N 1173 -48.80 -71.24 90.79
N GLU N 1174 -48.09 -70.56 91.70
CA GLU N 1174 -48.69 -70.22 92.98
C GLU N 1174 -48.48 -68.74 93.29
N GLU N 1175 -49.36 -68.21 94.14
CA GLU N 1175 -49.41 -66.78 94.48
C GLU N 1175 -49.64 -66.52 95.96
N ILE N 1176 -49.67 -67.58 96.77
CA ILE N 1176 -49.99 -67.70 98.21
C ILE N 1176 -50.65 -66.49 98.89
N ALA N 1177 -51.57 -66.78 99.81
CA ALA N 1177 -52.34 -65.77 100.52
C ALA N 1177 -51.67 -65.43 101.85
N GLN N 1178 -51.85 -64.19 102.29
CA GLN N 1178 -51.41 -63.82 103.61
C GLN N 1178 -52.53 -64.07 104.62
N LYS N 1179 -52.14 -64.24 105.89
CA LYS N 1179 -53.13 -64.35 106.96
C LYS N 1179 -54.05 -63.15 106.97
N ALA N 1180 -53.50 -61.96 106.81
CA ALA N 1180 -54.29 -60.74 106.71
C ALA N 1180 -54.91 -60.59 105.32
N LYS N 1181 -54.75 -61.59 104.45
CA LYS N 1181 -55.23 -61.54 103.08
C LYS N 1181 -54.69 -60.32 102.34
N ILE N 1182 -53.43 -59.97 102.61
CA ILE N 1182 -52.81 -58.76 102.08
C ILE N 1182 -51.62 -59.09 101.18
N SER N 1183 -50.58 -59.69 101.75
CA SER N 1183 -49.36 -59.98 101.01
C SER N 1183 -49.48 -61.35 100.37
N TYR N 1184 -49.75 -61.37 99.06
CA TYR N 1184 -49.85 -62.60 98.30
C TYR N 1184 -48.55 -62.81 97.55
N LEU N 1185 -47.85 -63.90 97.85
CA LEU N 1185 -46.50 -64.11 97.38
C LEU N 1185 -46.49 -65.16 96.27
N VAL N 1186 -45.85 -64.82 95.15
CA VAL N 1186 -45.94 -65.58 93.91
C VAL N 1186 -44.64 -66.36 93.72
N ALA N 1187 -44.77 -67.48 93.02
CA ALA N 1187 -43.64 -68.31 92.61
C ALA N 1187 -44.14 -69.40 91.66
N ASP N 1190 -41.04 -67.14 90.78
CA ASP N 1190 -40.23 -66.03 91.26
C ASP N 1190 -40.75 -65.46 92.59
N GLY N 1191 -40.04 -65.76 93.67
CA GLY N 1191 -40.45 -65.26 94.96
C GLY N 1191 -40.50 -63.75 94.98
N THR N 1192 -41.65 -63.22 95.38
CA THR N 1192 -41.91 -61.79 95.30
C THR N 1192 -42.96 -61.41 96.33
N MET N 1193 -43.31 -60.13 96.34
CA MET N 1193 -44.30 -59.58 97.26
C MET N 1193 -45.29 -58.77 96.43
N LEU N 1194 -46.54 -58.74 96.88
CA LEU N 1194 -47.57 -58.02 96.15
C LEU N 1194 -48.42 -57.22 97.12
N ALA N 1195 -49.05 -56.17 96.58
CA ALA N 1195 -49.95 -55.32 97.33
C ALA N 1195 -51.30 -55.26 96.61
N MET N 1196 -52.37 -55.41 97.39
CA MET N 1196 -53.73 -55.43 96.85
C MET N 1196 -54.12 -54.10 96.22
N PHE N 1206 -35.90 -62.50 94.78
CA PHE N 1206 -36.07 -63.38 93.63
C PHE N 1206 -35.16 -64.60 93.70
N ALA N 1207 -35.53 -65.64 92.96
CA ALA N 1207 -34.80 -66.89 92.97
C ALA N 1207 -33.65 -66.85 91.96
N VAL N 1208 -32.88 -67.94 91.93
CA VAL N 1208 -31.92 -68.13 90.85
C VAL N 1208 -32.64 -68.53 89.59
N GLU N 1209 -33.33 -69.67 89.61
CA GLU N 1209 -34.34 -70.01 88.61
C GLU N 1209 -35.72 -69.68 89.15
N ASN N 1210 -36.34 -68.63 88.59
CA ASN N 1210 -37.50 -68.00 89.20
C ASN N 1210 -38.80 -68.73 88.90
N ARG N 1211 -38.85 -70.05 89.13
CA ARG N 1211 -40.09 -70.76 88.85
C ARG N 1211 -40.73 -71.39 90.08
N LYS N 1212 -40.04 -72.37 90.67
CA LYS N 1212 -40.53 -73.16 91.80
C LYS N 1212 -41.83 -73.90 91.48
N VAL N 1213 -41.89 -75.21 91.77
CA VAL N 1213 -43.16 -75.93 91.66
C VAL N 1213 -44.09 -75.51 92.79
N GLN N 1214 -43.56 -75.49 94.02
CA GLN N 1214 -44.36 -75.17 95.20
C GLN N 1214 -43.46 -74.57 96.27
N LEU N 1215 -44.06 -73.73 97.12
CA LEU N 1215 -43.38 -73.14 98.26
C LEU N 1215 -44.18 -73.43 99.52
N ILE N 1216 -43.53 -73.98 100.54
CA ILE N 1216 -44.16 -74.27 101.81
C ILE N 1216 -43.66 -73.24 102.82
N TYR N 1217 -44.51 -72.27 103.13
CA TYR N 1217 -44.19 -71.17 104.02
C TYR N 1217 -44.51 -71.54 105.47
N SER N 1218 -44.07 -70.68 106.38
CA SER N 1218 -44.38 -70.84 107.79
C SER N 1218 -45.73 -70.21 108.12
N ILE N 1219 -46.27 -70.60 109.27
CA ILE N 1219 -47.56 -70.06 109.69
C ILE N 1219 -47.44 -68.58 110.01
N GLU N 1220 -46.32 -68.15 110.61
CA GLU N 1220 -46.10 -66.75 110.92
C GLU N 1220 -45.78 -65.91 109.70
N GLU N 1221 -45.61 -66.53 108.52
CA GLU N 1221 -45.18 -65.84 107.31
C GLU N 1221 -43.80 -65.20 107.50
N VAL N 1222 -42.96 -65.84 108.31
CA VAL N 1222 -41.58 -65.41 108.49
C VAL N 1222 -40.59 -66.40 107.89
N HIS N 1223 -40.94 -67.67 107.77
CA HIS N 1223 -40.09 -68.69 107.21
C HIS N 1223 -40.83 -69.42 106.09
N GLU N 1224 -40.07 -70.15 105.27
CA GLU N 1224 -40.65 -70.78 104.09
C GLU N 1224 -39.71 -71.88 103.61
N HIS N 1225 -40.03 -72.45 102.45
CA HIS N 1225 -39.22 -73.50 101.85
C HIS N 1225 -39.30 -73.42 100.33
N CYS N 1226 -38.15 -73.31 99.69
CA CYS N 1226 -38.05 -73.33 98.23
C CYS N 1226 -37.23 -74.52 97.78
N ILE N 1227 -37.76 -75.27 96.83
CA ILE N 1227 -37.02 -76.34 96.17
C ILE N 1227 -37.27 -76.24 94.68
N ARG N 1228 -36.20 -76.30 93.90
CA ARG N 1228 -36.29 -76.24 92.44
C ARG N 1228 -35.49 -77.40 91.84
N GLN N 1229 -35.30 -77.33 90.52
CA GLN N 1229 -34.71 -78.44 89.77
C GLN N 1229 -33.29 -78.74 90.20
N LEU N 1230 -32.65 -77.82 90.91
CA LEU N 1230 -31.28 -78.05 91.35
C LEU N 1230 -31.20 -78.88 92.62
N LEU N 1231 -32.34 -79.28 93.17
CA LEU N 1231 -32.47 -80.17 94.31
C LEU N 1231 -31.94 -79.52 95.59
N PHE N 1232 -31.29 -78.37 95.45
CA PHE N 1232 -31.01 -77.36 96.47
C PHE N 1232 -30.44 -77.79 97.81
N SER N 1233 -30.70 -76.93 98.80
CA SER N 1233 -29.98 -76.75 100.05
C SER N 1233 -30.92 -75.99 100.99
N PRO N 1234 -30.58 -75.76 102.29
CA PRO N 1234 -31.62 -75.30 103.21
C PRO N 1234 -32.03 -73.86 103.01
N CYS N 1235 -32.98 -73.40 103.84
CA CYS N 1235 -33.55 -72.06 103.72
C CYS N 1235 -33.08 -71.26 104.94
N LYS N 1236 -32.56 -70.07 104.69
CA LYS N 1236 -32.12 -69.20 105.78
C LYS N 1236 -33.30 -68.83 106.68
N LEU N 1237 -34.48 -68.74 106.09
CA LEU N 1237 -35.69 -68.47 106.86
C LEU N 1237 -36.65 -69.65 106.77
N TYR O 1 -21.58 -42.50 32.92
CA TYR O 1 -21.54 -41.40 33.86
C TYR O 1 -22.34 -41.68 35.13
N GLN O 2 -23.30 -40.81 35.41
CA GLN O 2 -24.02 -40.82 36.68
C GLN O 2 -25.51 -40.83 36.41
N TYR O 3 -26.24 -41.65 37.17
CA TYR O 3 -27.69 -41.64 37.10
C TYR O 3 -28.29 -40.39 37.76
N LYS O 4 -27.54 -39.72 38.62
CA LYS O 4 -28.10 -38.65 39.45
C LYS O 4 -28.44 -37.41 38.62
N ASP O 5 -27.51 -36.95 37.79
CA ASP O 5 -27.69 -35.69 37.08
C ASP O 5 -28.65 -35.81 35.90
N ILE O 6 -28.71 -36.97 35.26
CA ILE O 6 -29.45 -37.10 34.02
C ILE O 6 -30.96 -37.03 34.22
N LEU O 7 -31.45 -37.38 35.40
CA LEU O 7 -32.90 -37.42 35.62
C LEU O 7 -33.52 -36.03 35.42
N SER O 8 -32.82 -34.98 35.85
CA SER O 8 -33.34 -33.64 35.70
C SER O 8 -33.58 -33.28 34.23
N VAL O 9 -32.94 -34.01 33.31
CA VAL O 9 -33.15 -33.76 31.90
C VAL O 9 -34.59 -34.06 31.50
N PHE O 10 -35.20 -35.07 32.11
CA PHE O 10 -36.42 -35.65 31.56
C PHE O 10 -37.65 -35.43 32.44
N GLU O 11 -37.56 -34.53 33.42
CA GLU O 11 -38.69 -34.29 34.31
C GLU O 11 -39.96 -33.99 33.52
N ASP O 12 -39.85 -33.11 32.52
CA ASP O 12 -40.97 -32.81 31.65
C ASP O 12 -41.57 -34.07 31.07
N ALA O 13 -40.72 -34.95 30.52
CA ALA O 13 -41.19 -36.23 30.02
C ALA O 13 -41.98 -36.98 31.09
N PHE O 14 -41.43 -37.04 32.31
CA PHE O 14 -42.19 -37.62 33.42
C PHE O 14 -43.48 -36.86 33.63
N VAL O 15 -43.40 -35.53 33.68
CA VAL O 15 -44.61 -34.72 33.79
C VAL O 15 -45.52 -35.02 32.61
N ASP O 16 -44.94 -35.31 31.45
CA ASP O 16 -45.74 -35.72 30.30
C ASP O 16 -46.47 -37.02 30.57
N ASN O 17 -45.76 -38.02 31.11
CA ASN O 17 -46.32 -39.36 31.22
C ASN O 17 -46.41 -39.84 32.67
N PHE O 18 -45.31 -39.75 33.43
CA PHE O 18 -45.29 -40.29 34.79
C PHE O 18 -46.40 -39.73 35.64
N ASP O 19 -47.26 -40.61 36.13
CA ASP O 19 -48.45 -40.17 36.85
C ASP O 19 -48.08 -39.48 38.16
N CYS O 20 -47.14 -40.07 38.91
CA CYS O 20 -46.69 -39.61 40.22
C CYS O 20 -47.78 -39.75 41.29
N LYS O 21 -48.95 -40.23 40.87
CA LYS O 21 -50.08 -40.45 41.76
C LYS O 21 -50.53 -41.91 41.69
N ASP O 22 -50.69 -42.41 40.47
CA ASP O 22 -51.12 -43.78 40.23
C ASP O 22 -49.95 -44.76 40.19
N VAL O 23 -48.72 -44.26 40.22
CA VAL O 23 -47.54 -45.12 40.19
C VAL O 23 -47.31 -45.61 41.62
N GLN O 24 -47.92 -46.73 41.98
CA GLN O 24 -47.76 -47.33 43.29
C GLN O 24 -47.11 -48.70 43.11
N ASP O 25 -45.80 -48.72 43.21
CA ASP O 25 -44.98 -49.91 43.00
C ASP O 25 -43.88 -49.97 44.05
N MET O 26 -44.27 -49.82 45.32
CA MET O 26 -43.44 -49.53 46.48
C MET O 26 -42.14 -50.32 46.54
N PRO O 27 -40.97 -49.67 46.37
CA PRO O 27 -39.72 -50.29 46.85
C PRO O 27 -39.49 -49.93 48.30
N LYS O 28 -39.58 -50.90 49.20
CA LYS O 28 -39.38 -50.60 50.62
C LYS O 28 -37.96 -50.17 50.90
N SER O 29 -37.02 -50.61 50.06
CA SER O 29 -35.61 -50.28 50.28
C SER O 29 -35.36 -48.79 50.07
N ILE O 30 -35.87 -48.23 48.98
CA ILE O 30 -35.60 -46.82 48.68
C ILE O 30 -36.83 -45.94 48.91
N LEU O 31 -37.99 -46.34 48.39
CA LEU O 31 -39.20 -45.51 48.47
C LEU O 31 -39.75 -45.63 49.89
N SER O 32 -39.73 -44.53 50.63
CA SER O 32 -40.13 -44.59 52.03
C SER O 32 -41.64 -44.39 52.18
N LYS O 33 -42.09 -44.44 53.43
CA LYS O 33 -43.52 -44.36 53.72
C LYS O 33 -43.99 -42.91 53.82
N GLU O 34 -43.35 -42.12 54.69
CA GLU O 34 -43.78 -40.75 54.87
C GLU O 34 -43.63 -39.94 53.59
N GLU O 35 -42.55 -40.18 52.84
CA GLU O 35 -42.34 -39.44 51.62
C GLU O 35 -43.31 -39.86 50.52
N ILE O 36 -43.73 -41.13 50.49
CA ILE O 36 -44.77 -41.49 49.53
C ILE O 36 -46.12 -40.92 49.98
N ASP O 37 -46.33 -40.83 51.30
CA ASP O 37 -47.53 -40.15 51.78
C ASP O 37 -47.55 -38.71 51.29
N HIS O 38 -46.39 -38.05 51.32
CA HIS O 38 -46.31 -36.69 50.81
C HIS O 38 -46.38 -36.66 49.28
N ILE O 39 -45.91 -37.70 48.61
CA ILE O 39 -45.94 -37.70 47.16
C ILE O 39 -47.37 -37.81 46.67
N ILE O 40 -48.23 -38.48 47.44
CA ILE O 40 -49.63 -38.59 47.04
C ILE O 40 -50.33 -37.24 47.15
N MET O 41 -49.98 -36.46 48.17
CA MET O 41 -50.75 -35.26 48.50
C MET O 41 -50.35 -34.03 47.71
N SER O 42 -49.31 -34.11 46.87
CA SER O 42 -48.92 -32.92 46.12
C SER O 42 -50.03 -32.49 45.17
N LYS O 43 -50.10 -31.19 44.93
CA LYS O 43 -51.22 -30.63 44.16
C LYS O 43 -51.23 -31.17 42.73
N ASP O 44 -50.09 -31.55 42.19
CA ASP O 44 -50.03 -32.10 40.85
C ASP O 44 -48.76 -32.92 40.71
N ALA O 45 -48.47 -33.34 39.48
CA ALA O 45 -47.26 -34.09 39.17
C ALA O 45 -46.21 -33.23 38.49
N VAL O 46 -46.43 -31.93 38.36
CA VAL O 46 -45.40 -31.04 37.85
C VAL O 46 -44.50 -30.71 39.03
N SER O 47 -45.07 -30.04 40.03
CA SER O 47 -44.39 -29.90 41.30
C SER O 47 -44.19 -31.27 41.94
N GLY O 48 -45.15 -32.17 41.73
CA GLY O 48 -45.03 -33.51 42.29
C GLY O 48 -43.77 -34.21 41.81
N THR O 49 -43.56 -34.22 40.50
CA THR O 49 -42.33 -34.79 39.96
C THR O 49 -41.11 -34.02 40.46
N LEU O 50 -41.27 -32.73 40.74
CA LEU O 50 -40.15 -31.92 41.20
C LEU O 50 -39.64 -32.39 42.56
N ARG O 51 -40.51 -32.34 43.57
CA ARG O 51 -40.02 -32.78 44.88
C ARG O 51 -39.84 -34.29 44.94
N LEU O 52 -40.49 -35.04 44.04
CA LEU O 52 -40.12 -36.44 43.88
C LEU O 52 -38.66 -36.58 43.45
N PHE O 53 -38.25 -35.78 42.47
CA PHE O 53 -36.86 -35.80 42.04
C PHE O 53 -35.94 -35.36 43.16
N TRP O 54 -36.40 -34.41 43.97
CA TRP O 54 -35.63 -33.98 45.12
C TRP O 54 -35.42 -35.14 46.08
N THR O 55 -36.48 -35.90 46.37
CA THR O 55 -36.36 -37.07 47.23
C THR O 55 -35.46 -38.12 46.62
N LEU O 56 -35.54 -38.29 45.29
CA LEU O 56 -34.71 -39.28 44.62
C LEU O 56 -33.24 -38.93 44.73
N LEU O 57 -32.89 -37.68 44.40
CA LEU O 57 -31.51 -37.24 44.54
C LEU O 57 -31.08 -37.23 45.98
N SER O 58 -32.04 -37.20 46.91
CA SER O 58 -31.71 -37.39 48.32
C SER O 58 -31.12 -38.78 48.54
N LYS O 59 -31.66 -39.79 47.88
CA LYS O 59 -31.08 -41.13 47.94
C LYS O 59 -29.75 -41.15 47.18
N GLN O 60 -28.95 -42.17 47.48
CA GLN O 60 -27.64 -42.26 46.87
C GLN O 60 -27.76 -42.67 45.39
N GLU O 61 -26.65 -42.52 44.68
CA GLU O 61 -26.67 -42.55 43.22
C GLU O 61 -27.19 -43.87 42.67
N GLU O 62 -26.61 -44.98 43.11
CA GLU O 62 -27.06 -46.28 42.62
C GLU O 62 -28.45 -46.62 43.11
N MET O 63 -28.82 -46.13 44.29
CA MET O 63 -30.02 -46.62 44.97
C MET O 63 -31.26 -46.39 44.13
N VAL O 64 -31.24 -45.37 43.28
CA VAL O 64 -32.40 -45.04 42.47
C VAL O 64 -32.52 -45.89 41.22
N GLN O 65 -31.42 -46.48 40.75
CA GLN O 65 -31.47 -47.23 39.50
C GLN O 65 -32.44 -48.40 39.60
N LYS O 66 -32.57 -49.00 40.79
CA LYS O 66 -33.52 -50.07 40.97
C LYS O 66 -34.93 -49.64 40.60
N PHE O 67 -35.28 -48.38 40.86
CA PHE O 67 -36.59 -47.90 40.46
C PHE O 67 -36.69 -47.83 38.94
N VAL O 68 -35.64 -47.31 38.28
CA VAL O 68 -35.76 -46.93 36.89
C VAL O 68 -35.39 -48.04 35.92
N GLU O 69 -34.97 -49.20 36.41
CA GLU O 69 -34.59 -50.30 35.54
C GLU O 69 -35.51 -51.50 35.66
N GLU O 70 -36.06 -51.75 36.84
CA GLU O 70 -37.01 -52.85 37.03
C GLU O 70 -38.31 -52.44 37.69
N VAL O 71 -38.28 -51.53 38.66
CA VAL O 71 -39.52 -51.09 39.29
C VAL O 71 -40.35 -50.26 38.32
N LEU O 72 -39.70 -49.45 37.49
CA LEU O 72 -40.41 -48.73 36.44
C LEU O 72 -40.99 -49.67 35.39
N ARG O 73 -40.46 -50.88 35.27
CA ARG O 73 -40.79 -51.72 34.12
C ARG O 73 -42.27 -52.05 34.08
N ILE O 74 -42.84 -52.43 35.22
CA ILE O 74 -44.21 -52.93 35.22
C ILE O 74 -45.19 -51.85 34.77
N ASN O 75 -45.05 -50.65 35.33
CA ASN O 75 -46.01 -49.59 35.12
C ASN O 75 -45.65 -48.66 33.96
N TYR O 76 -44.44 -48.76 33.41
CA TYR O 76 -44.04 -47.88 32.33
C TYR O 76 -42.98 -48.56 31.48
N LYS O 77 -42.93 -48.17 30.22
CA LYS O 77 -41.98 -48.75 29.27
C LYS O 77 -41.08 -47.70 28.63
N PHE O 78 -41.63 -46.55 28.25
CA PHE O 78 -40.85 -45.53 27.57
C PHE O 78 -39.66 -45.08 28.40
N LEU O 79 -39.91 -44.68 29.65
CA LEU O 79 -38.99 -43.79 30.35
C LEU O 79 -37.59 -44.36 30.45
N MET O 80 -37.46 -45.69 30.47
CA MET O 80 -36.13 -46.29 30.57
C MET O 80 -35.26 -45.92 29.38
N SER O 81 -35.83 -45.95 28.18
CA SER O 81 -35.06 -45.61 26.98
C SER O 81 -34.42 -44.21 27.03
N PRO O 82 -35.23 -43.15 27.18
CA PRO O 82 -34.74 -41.76 27.22
C PRO O 82 -33.77 -41.40 28.37
N ILE O 83 -33.67 -42.26 29.38
CA ILE O 83 -32.81 -42.03 30.53
C ILE O 83 -31.56 -42.91 30.45
N LYS O 84 -31.71 -44.15 30.03
CA LYS O 84 -30.55 -45.04 29.92
C LYS O 84 -29.69 -44.67 28.72
N THR O 85 -30.34 -44.22 27.64
CA THR O 85 -29.60 -43.75 26.48
C THR O 85 -28.74 -42.55 26.83
N GLU O 86 -29.28 -41.63 27.64
CA GLU O 86 -28.49 -40.49 28.12
C GLU O 86 -27.45 -40.94 29.14
N GLN O 87 -27.77 -41.97 29.94
CA GLN O 87 -26.82 -42.46 30.92
C GLN O 87 -25.53 -42.93 30.23
N ARG O 88 -25.67 -43.62 29.11
CA ARG O 88 -24.45 -43.97 28.36
C ARG O 88 -23.97 -42.83 27.48
N GLN O 89 -24.75 -42.45 26.47
CA GLN O 89 -24.28 -41.49 25.48
C GLN O 89 -24.00 -40.11 26.05
N PRO O 90 -24.87 -39.53 26.92
CA PRO O 90 -24.67 -38.16 27.41
C PRO O 90 -24.50 -37.14 26.31
N SER O 91 -25.59 -36.46 25.95
CA SER O 91 -25.56 -35.49 24.88
C SER O 91 -24.72 -34.28 25.28
N MET O 92 -24.26 -33.55 24.27
CA MET O 92 -23.29 -32.48 24.51
C MET O 92 -23.88 -31.34 25.33
N MET O 93 -25.11 -30.91 25.02
CA MET O 93 -25.70 -29.83 25.79
C MET O 93 -25.99 -30.29 27.21
N THR O 94 -26.42 -31.55 27.36
CA THR O 94 -26.62 -32.10 28.70
C THR O 94 -25.30 -32.15 29.46
N ARG O 95 -24.23 -32.56 28.80
CA ARG O 95 -22.93 -32.58 29.44
C ARG O 95 -22.49 -31.18 29.85
N MET O 96 -22.72 -30.19 28.98
CA MET O 96 -22.40 -28.81 29.30
C MET O 96 -23.18 -28.36 30.53
N TYR O 97 -24.47 -28.67 30.59
CA TYR O 97 -25.26 -28.37 31.76
C TYR O 97 -24.67 -29.03 32.99
N ILE O 98 -24.17 -30.26 32.82
CA ILE O 98 -23.57 -30.99 33.94
C ILE O 98 -22.35 -30.25 34.48
N GLU O 99 -21.43 -29.87 33.59
CA GLU O 99 -20.23 -29.19 34.07
C GLU O 99 -20.59 -27.85 34.68
N GLN O 100 -21.58 -27.17 34.10
CA GLN O 100 -21.99 -25.87 34.61
C GLN O 100 -22.56 -25.97 36.02
N ARG O 101 -23.50 -26.92 36.22
CA ARG O 101 -24.06 -27.10 37.56
C ARG O 101 -22.98 -27.53 38.54
N ASP O 102 -22.05 -28.38 38.10
CA ASP O 102 -20.96 -28.78 38.98
C ASP O 102 -20.09 -27.59 39.36
N ARG O 103 -19.88 -26.67 38.41
CA ARG O 103 -19.14 -25.46 38.73
C ARG O 103 -19.88 -24.63 39.78
N LEU O 104 -21.21 -24.55 39.65
CA LEU O 104 -21.98 -23.80 40.63
C LEU O 104 -21.91 -24.43 42.01
N TYR O 105 -22.05 -25.76 42.08
CA TYR O 105 -21.93 -26.44 43.37
C TYR O 105 -20.54 -26.27 43.96
N ASN O 106 -19.51 -26.41 43.13
CA ASN O 106 -18.16 -26.15 43.62
C ASN O 106 -18.00 -24.70 44.04
N ASP O 107 -18.87 -23.82 43.57
CA ASP O 107 -18.81 -22.42 43.97
C ASP O 107 -19.34 -22.20 45.37
N ASN O 108 -20.08 -23.15 45.95
CA ASN O 108 -20.68 -22.96 47.26
C ASN O 108 -20.11 -23.92 48.31
N GLN O 109 -20.23 -25.23 48.09
CA GLN O 109 -19.71 -26.26 48.97
C GLN O 109 -20.38 -26.27 50.34
N VAL O 110 -21.32 -25.37 50.59
CA VAL O 110 -22.01 -25.27 51.88
C VAL O 110 -23.52 -25.41 51.71
N PHE O 111 -24.11 -24.55 50.88
CA PHE O 111 -25.45 -24.81 50.36
C PHE O 111 -25.51 -26.13 49.62
N ALA O 112 -24.36 -26.62 49.13
CA ALA O 112 -24.32 -27.91 48.49
C ALA O 112 -24.60 -29.06 49.45
N LYS O 113 -24.64 -28.80 50.75
CA LYS O 113 -24.86 -29.88 51.70
C LYS O 113 -25.92 -29.54 52.74
N TYR O 114 -26.16 -28.26 52.99
CA TYR O 114 -27.05 -27.82 54.05
C TYR O 114 -28.36 -27.24 53.53
N ASN O 115 -28.63 -27.40 52.24
CA ASN O 115 -29.80 -26.82 51.61
C ASN O 115 -31.09 -27.56 51.97
N VAL O 116 -32.20 -26.83 51.87
CA VAL O 116 -33.54 -27.41 51.79
C VAL O 116 -34.32 -26.57 50.79
N SER O 117 -34.94 -27.22 49.81
CA SER O 117 -35.61 -26.54 48.71
C SER O 117 -37.00 -26.12 49.14
N ARG O 118 -37.19 -24.82 49.39
CA ARG O 118 -38.50 -24.28 49.67
C ARG O 118 -39.34 -24.34 48.41
N LEU O 119 -40.30 -25.26 48.37
CA LEU O 119 -41.00 -25.58 47.14
C LEU O 119 -41.71 -24.37 46.56
N GLN O 120 -42.79 -23.91 47.23
CA GLN O 120 -43.72 -22.99 46.58
C GLN O 120 -43.09 -21.66 46.20
N PRO O 121 -42.36 -20.96 47.07
CA PRO O 121 -41.73 -19.71 46.61
C PRO O 121 -40.83 -19.92 45.41
N TYR O 122 -40.04 -21.00 45.43
CA TYR O 122 -39.22 -21.33 44.28
C TYR O 122 -40.07 -21.61 43.06
N LEU O 123 -41.23 -22.23 43.26
CA LEU O 123 -42.15 -22.49 42.16
C LEU O 123 -42.56 -21.19 41.51
N LYS O 124 -42.95 -20.22 42.32
CA LYS O 124 -43.27 -18.90 41.81
C LYS O 124 -42.07 -18.31 41.08
N LEU O 125 -40.88 -18.47 41.66
CA LEU O 125 -39.67 -17.91 41.08
C LEU O 125 -39.46 -18.43 39.67
N ARG O 126 -39.21 -19.72 39.53
CA ARG O 126 -38.90 -20.22 38.20
C ARG O 126 -40.10 -20.12 37.28
N GLN O 127 -41.33 -20.07 37.82
CA GLN O 127 -42.48 -19.84 36.96
C GLN O 127 -42.40 -18.48 36.29
N ALA O 128 -42.15 -17.43 37.08
CA ALA O 128 -41.90 -16.13 36.49
C ALA O 128 -40.72 -16.19 35.53
N LEU O 129 -39.78 -17.10 35.80
CA LEU O 129 -38.60 -17.21 34.97
C LEU O 129 -38.85 -17.92 33.64
N LEU O 130 -39.94 -18.69 33.53
CA LEU O 130 -40.25 -19.31 32.24
C LEU O 130 -40.38 -18.27 31.13
N GLU O 131 -41.17 -17.22 31.39
CA GLU O 131 -41.32 -16.13 30.44
C GLU O 131 -40.36 -14.98 30.73
N LEU O 132 -39.18 -15.27 31.25
CA LEU O 132 -38.19 -14.22 31.45
C LEU O 132 -37.91 -13.53 30.12
N ARG O 133 -37.98 -12.23 30.14
CA ARG O 133 -37.83 -11.46 28.93
C ARG O 133 -36.43 -10.87 28.87
N PRO O 134 -35.84 -10.77 27.67
CA PRO O 134 -34.45 -10.30 27.57
C PRO O 134 -34.20 -8.95 28.21
N ALA O 135 -35.25 -8.13 28.34
CA ALA O 135 -35.16 -6.87 29.04
C ALA O 135 -35.70 -6.93 30.46
N LYS O 136 -36.42 -8.00 30.82
CA LYS O 136 -37.06 -8.07 32.13
C LYS O 136 -36.08 -8.51 33.20
N ASN O 137 -36.44 -8.22 34.45
CA ASN O 137 -35.66 -8.59 35.63
C ASN O 137 -36.60 -9.02 36.75
N VAL O 138 -36.03 -9.68 37.75
CA VAL O 138 -36.79 -10.21 38.87
C VAL O 138 -36.20 -9.69 40.16
N LEU O 139 -37.03 -9.02 40.96
CA LEU O 139 -36.65 -8.62 42.32
C LEU O 139 -37.09 -9.69 43.31
N ILE O 140 -36.18 -10.07 44.19
CA ILE O 140 -36.44 -11.06 45.22
C ILE O 140 -36.23 -10.37 46.57
N ASP O 141 -37.20 -9.95 47.35
CA ASP O 141 -36.92 -9.27 48.61
C ASP O 141 -36.86 -10.21 49.80
N GLY O 142 -37.50 -9.82 50.90
CA GLY O 142 -37.40 -10.58 52.13
C GLY O 142 -36.30 -10.03 53.01
N VAL O 143 -36.41 -10.23 54.32
CA VAL O 143 -35.40 -9.75 55.24
C VAL O 143 -34.08 -10.47 54.97
N LEU O 144 -32.98 -9.73 55.11
CA LEU O 144 -31.66 -10.31 54.91
C LEU O 144 -31.45 -11.50 55.84
N GLY O 145 -30.74 -12.50 55.35
CA GLY O 145 -30.55 -13.70 56.13
C GLY O 145 -31.80 -14.56 56.24
N SER O 146 -32.67 -14.51 55.24
CA SER O 146 -33.82 -15.40 55.17
C SER O 146 -33.59 -16.53 54.20
N GLY O 147 -32.34 -16.83 53.86
CA GLY O 147 -32.06 -17.89 52.92
C GLY O 147 -32.52 -17.62 51.52
N LYS O 148 -32.90 -16.38 51.19
CA LYS O 148 -33.22 -16.08 49.81
C LYS O 148 -31.98 -16.18 48.93
N THR O 149 -30.82 -16.15 49.57
CA THR O 149 -29.57 -16.35 48.87
C THR O 149 -29.51 -17.84 48.51
N TRP O 150 -30.11 -18.68 49.35
CA TRP O 150 -30.16 -20.11 49.10
C TRP O 150 -31.11 -20.44 47.97
N VAL O 151 -32.33 -19.89 48.01
CA VAL O 151 -33.32 -20.22 47.00
C VAL O 151 -32.97 -19.59 45.66
N ALA O 152 -32.27 -18.44 45.68
CA ALA O 152 -31.77 -17.87 44.45
C ALA O 152 -30.78 -18.81 43.79
N LEU O 153 -29.91 -19.43 44.60
CA LEU O 153 -29.03 -20.46 44.06
C LEU O 153 -29.84 -21.65 43.53
N ASP O 154 -30.87 -22.04 44.27
CA ASP O 154 -31.67 -23.21 43.88
C ASP O 154 -32.37 -23.01 42.55
N VAL O 155 -32.95 -21.84 42.35
CA VAL O 155 -33.87 -21.67 41.22
C VAL O 155 -33.15 -21.80 39.89
N CYS O 156 -31.90 -21.34 39.81
CA CYS O 156 -31.16 -21.46 38.56
C CYS O 156 -30.68 -22.89 38.31
N LEU O 157 -30.71 -23.75 39.32
CA LEU O 157 -30.29 -25.13 39.13
C LEU O 157 -31.23 -25.88 38.21
N SER O 158 -32.41 -25.34 37.95
CA SER O 158 -33.39 -26.03 37.11
C SER O 158 -32.82 -26.30 35.73
N TYR O 159 -32.98 -27.55 35.28
CA TYR O 159 -32.45 -27.95 33.98
C TYR O 159 -33.12 -27.20 32.84
N LYS O 160 -34.44 -27.07 32.88
CA LYS O 160 -35.18 -26.56 31.74
C LYS O 160 -34.83 -25.11 31.46
N VAL O 161 -34.86 -24.26 32.49
CA VAL O 161 -34.58 -22.85 32.27
C VAL O 161 -33.11 -22.64 31.92
N GLN O 162 -32.22 -23.39 32.56
CA GLN O 162 -30.80 -23.26 32.27
C GLN O 162 -30.51 -23.60 30.82
N CYS O 163 -31.13 -24.67 30.31
CA CYS O 163 -31.02 -24.96 28.89
C CYS O 163 -31.64 -23.83 28.07
N LYS O 164 -32.82 -23.36 28.48
CA LYS O 164 -33.40 -22.16 27.88
C LYS O 164 -32.50 -20.95 28.07
N MET O 165 -31.68 -20.94 29.12
CA MET O 165 -30.83 -19.80 29.41
C MET O 165 -29.55 -19.84 28.59
N ASP O 166 -29.33 -20.93 27.84
CA ASP O 166 -28.12 -21.14 27.08
C ASP O 166 -26.89 -21.22 27.96
N PHE O 167 -27.10 -21.61 29.22
CA PHE O 167 -26.04 -22.00 30.15
C PHE O 167 -25.03 -20.89 30.41
N LYS O 168 -25.39 -19.63 30.21
CA LYS O 168 -24.52 -18.51 30.54
C LYS O 168 -25.16 -17.74 31.70
N ILE O 169 -24.58 -17.87 32.87
CA ILE O 169 -25.09 -17.26 34.10
C ILE O 169 -23.90 -16.75 34.91
N PHE O 170 -24.06 -15.58 35.51
CA PHE O 170 -23.01 -14.93 36.27
C PHE O 170 -23.63 -14.29 37.50
N TRP O 171 -22.82 -14.11 38.54
CA TRP O 171 -23.32 -13.66 39.82
C TRP O 171 -22.46 -12.53 40.36
N LEU O 172 -23.03 -11.73 41.27
CA LEU O 172 -22.36 -10.55 41.78
C LEU O 172 -22.83 -10.31 43.21
N ASN O 173 -21.98 -10.67 44.18
CA ASN O 173 -22.30 -10.46 45.59
C ASN O 173 -22.21 -8.96 45.89
N LEU O 174 -23.35 -8.29 45.95
CA LEU O 174 -23.35 -6.83 46.04
C LEU O 174 -23.13 -6.37 47.47
N LYS O 175 -22.09 -6.86 48.12
CA LYS O 175 -21.77 -6.44 49.47
C LYS O 175 -20.90 -5.20 49.42
N ASN O 176 -21.37 -4.13 50.06
CA ASN O 176 -20.71 -2.83 50.05
C ASN O 176 -20.43 -2.38 48.62
N CYS O 177 -21.48 -2.41 47.81
CA CYS O 177 -21.39 -2.05 46.40
C CYS O 177 -21.85 -0.61 46.16
N ASN O 178 -21.60 0.27 47.12
CA ASN O 178 -22.08 1.65 47.07
C ASN O 178 -20.93 2.65 46.97
N SER O 179 -19.95 2.33 46.13
CA SER O 179 -18.86 3.26 45.84
C SER O 179 -18.65 3.32 44.34
N PRO O 180 -18.27 4.48 43.81
CA PRO O 180 -17.96 4.57 42.37
C PRO O 180 -16.82 3.68 41.95
N GLU O 181 -15.93 3.33 42.88
CA GLU O 181 -14.89 2.37 42.56
C GLU O 181 -15.39 0.93 42.62
N THR O 182 -16.27 0.63 43.57
CA THR O 182 -16.77 -0.74 43.71
C THR O 182 -17.38 -1.22 42.41
N VAL O 183 -18.25 -0.40 41.81
CA VAL O 183 -18.83 -0.75 40.52
C VAL O 183 -17.73 -0.90 39.48
N LEU O 184 -16.64 -0.14 39.61
CA LEU O 184 -15.56 -0.26 38.65
C LEU O 184 -14.94 -1.64 38.69
N GLU O 185 -14.54 -2.12 39.86
CA GLU O 185 -13.89 -3.43 39.86
C GLU O 185 -14.91 -4.53 39.57
N MET O 186 -16.16 -4.35 39.98
CA MET O 186 -17.16 -5.37 39.67
C MET O 186 -17.37 -5.48 38.17
N LEU O 187 -17.44 -4.36 37.46
CA LEU O 187 -17.56 -4.42 36.01
C LEU O 187 -16.28 -4.92 35.36
N GLN O 188 -15.14 -4.72 36.01
CA GLN O 188 -13.92 -5.32 35.48
C GLN O 188 -13.97 -6.83 35.60
N LYS O 189 -14.50 -7.34 36.71
CA LYS O 189 -14.72 -8.78 36.84
C LYS O 189 -15.69 -9.27 35.79
N LEU O 190 -16.75 -8.50 35.54
CA LEU O 190 -17.68 -8.82 34.46
C LEU O 190 -16.95 -8.90 33.12
N LEU O 191 -16.10 -7.92 32.85
CA LEU O 191 -15.35 -7.90 31.59
C LEU O 191 -14.47 -9.14 31.46
N TYR O 192 -13.77 -9.50 32.53
CA TYR O 192 -12.91 -10.67 32.48
C TYR O 192 -13.72 -11.94 32.26
N GLN O 193 -14.80 -12.11 33.04
CA GLN O 193 -15.55 -13.36 32.97
C GLN O 193 -16.28 -13.49 31.64
N ILE O 194 -16.70 -12.36 31.05
CA ILE O 194 -17.26 -12.41 29.70
C ILE O 194 -16.17 -12.73 28.69
N ASP O 195 -15.02 -12.08 28.83
CA ASP O 195 -13.90 -12.33 27.94
C ASP O 195 -12.60 -11.96 28.62
N PRO O 196 -11.67 -12.90 28.76
CA PRO O 196 -10.39 -12.58 29.42
C PRO O 196 -9.46 -11.82 28.49
N ASN O 197 -10.01 -10.87 27.74
CA ASN O 197 -9.24 -10.06 26.81
C ASN O 197 -9.98 -8.75 26.61
N TRP O 198 -9.22 -7.66 26.57
CA TRP O 198 -9.80 -6.32 26.48
C TRP O 198 -8.70 -5.33 26.15
N THR O 199 -9.11 -4.10 25.86
CA THR O 199 -8.19 -2.99 25.60
C THR O 199 -8.23 -2.08 26.81
N SER O 200 -7.11 -2.01 27.54
CA SER O 200 -7.01 -1.18 28.73
C SER O 200 -6.60 0.25 28.40
N ARG O 201 -6.45 0.59 27.11
CA ARG O 201 -5.98 1.91 26.72
C ARG O 201 -7.02 3.00 26.99
N SER O 202 -8.27 2.63 27.22
CA SER O 202 -9.32 3.59 27.53
C SER O 202 -9.39 3.92 29.01
N ASP O 203 -8.50 3.35 29.83
CA ASP O 203 -8.45 3.65 31.26
C ASP O 203 -8.19 5.13 31.48
N HIS O 204 -9.18 5.84 32.02
CA HIS O 204 -9.11 7.28 32.22
C HIS O 204 -9.35 7.56 33.69
N SER O 205 -8.26 7.66 34.45
CA SER O 205 -8.34 7.88 35.88
C SER O 205 -8.81 9.28 36.24
N SER O 206 -8.88 10.19 35.27
CA SER O 206 -9.39 11.53 35.55
C SER O 206 -10.83 11.50 36.05
N ASN O 207 -11.61 10.53 35.58
CA ASN O 207 -13.01 10.42 36.00
C ASN O 207 -13.34 8.94 36.20
N ILE O 208 -13.69 8.57 37.43
CA ILE O 208 -14.30 7.27 37.65
C ILE O 208 -15.61 7.15 36.89
N LYS O 209 -16.33 8.27 36.74
CA LYS O 209 -17.57 8.22 35.97
C LYS O 209 -17.29 7.95 34.50
N LEU O 210 -16.30 8.63 33.94
CA LEU O 210 -16.01 8.42 32.52
C LEU O 210 -15.60 6.97 32.26
N ARG O 211 -14.72 6.44 33.10
CA ARG O 211 -14.27 5.07 32.92
C ARG O 211 -15.38 4.07 33.18
N ILE O 212 -16.23 4.34 34.16
CA ILE O 212 -17.32 3.42 34.44
C ILE O 212 -18.33 3.43 33.31
N HIS O 213 -18.56 4.60 32.70
CA HIS O 213 -19.39 4.66 31.51
C HIS O 213 -18.73 3.91 30.35
N SER O 214 -17.42 4.03 30.22
CA SER O 214 -16.72 3.35 29.14
C SER O 214 -16.84 1.84 29.29
N ILE O 215 -16.65 1.32 30.50
CA ILE O 215 -16.77 -0.12 30.69
C ILE O 215 -18.22 -0.55 30.55
N GLN O 216 -19.17 0.30 30.94
CA GLN O 216 -20.58 -0.02 30.70
C GLN O 216 -20.88 -0.15 29.22
N ALA O 217 -20.36 0.78 28.42
CA ALA O 217 -20.55 0.70 26.98
C ALA O 217 -19.88 -0.54 26.40
N GLU O 218 -18.68 -0.86 26.89
CA GLU O 218 -17.98 -2.05 26.43
C GLU O 218 -18.79 -3.31 26.73
N LEU O 219 -19.30 -3.42 27.95
CA LEU O 219 -20.06 -4.59 28.32
C LEU O 219 -21.40 -4.64 27.59
N ARG O 220 -21.99 -3.49 27.30
CA ARG O 220 -23.19 -3.48 26.48
C ARG O 220 -22.89 -3.97 25.08
N ARG O 221 -21.75 -3.58 24.52
CA ARG O 221 -21.32 -4.11 23.24
C ARG O 221 -21.15 -5.62 23.31
N LEU O 222 -20.57 -6.10 24.41
CA LEU O 222 -20.34 -7.54 24.56
C LEU O 222 -21.65 -8.30 24.62
N LEU O 223 -22.60 -7.83 25.43
CA LEU O 223 -23.82 -8.59 25.66
C LEU O 223 -24.64 -8.74 24.39
N LYS O 224 -24.64 -7.73 23.52
CA LYS O 224 -25.40 -7.80 22.27
C LYS O 224 -24.67 -8.69 21.28
N SER O 225 -24.40 -9.90 21.72
CA SER O 225 -23.73 -10.91 20.92
C SER O 225 -24.60 -12.15 20.85
N LYS O 226 -24.55 -12.83 19.72
CA LYS O 226 -25.24 -14.11 19.60
C LYS O 226 -24.80 -15.09 20.68
N PRO O 227 -23.51 -15.25 21.00
CA PRO O 227 -23.15 -16.09 22.15
C PRO O 227 -23.51 -15.46 23.49
N TYR O 228 -23.99 -14.22 23.50
CA TYR O 228 -24.28 -13.51 24.74
C TYR O 228 -25.74 -13.05 24.76
N GLU O 229 -26.61 -13.78 24.07
CA GLU O 229 -27.99 -13.34 23.90
C GLU O 229 -28.74 -13.35 25.22
N ASN O 230 -28.65 -14.45 25.97
CA ASN O 230 -29.35 -14.60 27.24
C ASN O 230 -28.32 -15.05 28.27
N CYS O 231 -27.67 -14.09 28.93
CA CYS O 231 -26.74 -14.39 30.01
C CYS O 231 -27.26 -13.74 31.29
N LEU O 232 -27.39 -14.54 32.34
CA LEU O 232 -27.94 -14.04 33.59
C LEU O 232 -26.90 -13.26 34.36
N LEU O 233 -27.35 -12.18 35.01
CA LEU O 233 -26.54 -11.45 35.98
C LEU O 233 -27.31 -11.35 37.28
N VAL O 234 -26.82 -12.03 38.31
CA VAL O 234 -27.44 -12.03 39.63
C VAL O 234 -26.84 -10.89 40.45
N LEU O 235 -27.71 -10.13 41.12
CA LEU O 235 -27.30 -9.02 41.97
C LEU O 235 -27.65 -9.37 43.42
N LEU O 236 -26.66 -9.92 44.13
CA LEU O 236 -26.86 -10.54 45.43
C LEU O 236 -26.69 -9.52 46.55
N ASN O 237 -27.73 -9.37 47.36
CA ASN O 237 -27.80 -8.35 48.41
C ASN O 237 -27.46 -6.97 47.84
N VAL O 238 -28.36 -6.47 46.99
CA VAL O 238 -28.17 -5.15 46.41
C VAL O 238 -28.19 -4.12 47.52
N GLN O 239 -27.13 -3.33 47.61
CA GLN O 239 -27.05 -2.33 48.67
C GLN O 239 -28.03 -1.20 48.42
N ASN O 240 -27.90 -0.52 47.28
CA ASN O 240 -28.75 0.61 46.96
C ASN O 240 -29.13 0.58 45.49
N ALA O 241 -30.18 1.33 45.16
CA ALA O 241 -30.64 1.42 43.78
C ALA O 241 -29.61 2.03 42.86
N LYS O 242 -28.69 2.84 43.40
CA LYS O 242 -27.65 3.43 42.57
C LYS O 242 -26.79 2.36 41.92
N ALA O 243 -26.53 1.28 42.65
CA ALA O 243 -25.78 0.16 42.06
C ALA O 243 -26.48 -0.34 40.81
N TRP O 244 -27.78 -0.61 40.89
CA TRP O 244 -28.53 -1.03 39.71
C TRP O 244 -28.51 0.03 38.63
N ASN O 245 -28.68 1.29 39.01
CA ASN O 245 -28.66 2.37 38.02
C ASN O 245 -27.35 2.36 37.26
N ALA O 246 -26.27 1.95 37.92
CA ALA O 246 -25.02 1.67 37.23
C ALA O 246 -25.02 0.31 36.55
N PHE O 247 -25.98 -0.56 36.88
CA PHE O 247 -25.98 -1.94 36.42
C PHE O 247 -27.07 -2.24 35.41
N ASN O 248 -27.97 -1.30 35.14
CA ASN O 248 -29.09 -1.56 34.24
C ASN O 248 -28.55 -1.67 32.81
N LEU O 249 -28.34 -2.91 32.37
CA LEU O 249 -27.75 -3.19 31.06
C LEU O 249 -28.77 -3.76 30.09
N SER O 250 -30.05 -3.69 30.43
CA SER O 250 -31.14 -4.17 29.58
C SER O 250 -30.93 -5.62 29.19
N CYS O 251 -30.57 -6.44 30.18
CA CYS O 251 -30.27 -7.84 29.94
C CYS O 251 -31.15 -8.73 30.82
N LYS O 252 -31.08 -10.03 30.57
CA LYS O 252 -31.77 -11.03 31.38
C LYS O 252 -31.05 -11.14 32.72
N ILE O 253 -31.24 -10.12 33.55
CA ILE O 253 -30.63 -10.06 34.86
C ILE O 253 -31.73 -10.07 35.92
N LEU O 254 -31.33 -10.14 37.18
CA LEU O 254 -32.25 -10.03 38.29
C LEU O 254 -31.46 -9.66 39.54
N LEU O 255 -32.16 -9.54 40.66
CA LEU O 255 -31.55 -9.10 41.90
C LEU O 255 -32.39 -9.53 43.08
N THR O 256 -31.74 -9.80 44.20
CA THR O 256 -32.38 -9.95 45.50
C THR O 256 -31.96 -8.79 46.39
N THR O 257 -32.89 -8.27 47.15
CA THR O 257 -32.53 -7.16 47.95
C THR O 257 -32.64 -7.44 49.43
N ARG O 258 -31.82 -6.68 50.13
CA ARG O 258 -31.88 -6.60 51.57
C ARG O 258 -32.82 -5.53 52.06
N PHE O 259 -33.15 -4.56 51.21
CA PHE O 259 -33.80 -3.33 51.62
C PHE O 259 -35.16 -3.16 50.96
N LYS O 260 -36.10 -2.59 51.72
CA LYS O 260 -37.40 -2.24 51.19
C LYS O 260 -37.32 -1.13 50.17
N GLN O 261 -36.32 -0.24 50.31
CA GLN O 261 -36.21 0.88 49.39
C GLN O 261 -35.85 0.43 47.98
N VAL O 262 -35.06 -0.64 47.85
CA VAL O 262 -34.73 -1.14 46.52
C VAL O 262 -36.00 -1.55 45.78
N THR O 263 -36.84 -2.35 46.45
CA THR O 263 -38.11 -2.77 45.85
C THR O 263 -39.01 -1.57 45.61
N ASP O 264 -39.00 -0.61 46.53
CA ASP O 264 -39.84 0.57 46.36
C ASP O 264 -39.46 1.34 45.11
N PHE O 265 -38.17 1.44 44.82
CA PHE O 265 -37.72 2.19 43.65
C PHE O 265 -38.21 1.55 42.35
N LEU O 266 -38.08 0.23 42.22
CA LEU O 266 -38.33 -0.39 40.94
C LEU O 266 -39.84 -0.43 40.64
N SER O 267 -40.15 -0.29 39.35
CA SER O 267 -41.54 -0.36 38.90
C SER O 267 -41.97 -1.81 38.75
N ALA O 268 -43.11 -2.15 39.34
CA ALA O 268 -43.58 -3.53 39.33
C ALA O 268 -43.86 -4.01 37.91
N ALA O 269 -44.47 -3.15 37.09
CA ALA O 269 -44.77 -3.54 35.71
C ALA O 269 -43.49 -3.84 34.94
N THR O 270 -42.51 -2.95 35.05
CA THR O 270 -41.24 -3.16 34.38
C THR O 270 -40.35 -4.16 35.10
N THR O 271 -40.58 -4.39 36.39
CA THR O 271 -39.72 -5.25 37.19
C THR O 271 -40.58 -6.17 38.03
N THR O 272 -40.52 -7.46 37.75
CA THR O 272 -41.23 -8.42 38.57
C THR O 272 -40.67 -8.39 39.99
N HIS O 273 -41.57 -8.36 40.97
CA HIS O 273 -41.20 -8.21 42.37
C HIS O 273 -41.65 -9.44 43.15
N ILE O 274 -40.71 -10.07 43.85
CA ILE O 274 -40.97 -11.24 44.68
C ILE O 274 -40.45 -10.94 46.08
N SER O 275 -41.22 -11.31 47.10
CA SER O 275 -40.85 -11.11 48.48
C SER O 275 -40.78 -12.44 49.20
N LEU O 276 -40.37 -12.39 50.46
CA LEU O 276 -40.42 -13.53 51.35
C LEU O 276 -41.29 -13.30 52.58
N ASP O 277 -41.58 -12.06 52.91
CA ASP O 277 -42.39 -11.73 54.09
C ASP O 277 -43.87 -11.92 53.75
N HIS O 278 -44.21 -13.17 53.42
CA HIS O 278 -45.53 -13.49 52.94
C HIS O 278 -45.92 -14.87 53.46
N HIS O 279 -47.23 -15.11 53.58
CA HIS O 279 -47.71 -16.31 54.24
C HIS O 279 -47.24 -17.57 53.52
N SER O 280 -47.27 -17.57 52.19
CA SER O 280 -46.79 -18.72 51.45
C SER O 280 -45.30 -18.66 51.19
N MET O 281 -44.71 -17.45 51.25
CA MET O 281 -43.27 -17.34 51.04
C MET O 281 -42.48 -17.89 52.22
N THR O 282 -43.09 -17.96 53.40
CA THR O 282 -42.39 -18.52 54.54
C THR O 282 -42.35 -20.05 54.47
N LEU O 283 -41.64 -20.65 55.40
CA LEU O 283 -41.37 -22.09 55.38
C LEU O 283 -42.42 -22.85 56.18
N THR O 284 -42.94 -23.92 55.60
CA THR O 284 -43.81 -24.82 56.32
C THR O 284 -42.99 -25.64 57.31
N PRO O 285 -43.61 -26.13 58.38
CA PRO O 285 -42.86 -26.96 59.35
C PRO O 285 -42.23 -28.19 58.73
N ASP O 286 -42.73 -28.67 57.60
CA ASP O 286 -42.06 -29.77 56.91
C ASP O 286 -40.70 -29.33 56.39
N GLU O 287 -40.65 -28.19 55.72
CA GLU O 287 -39.36 -27.65 55.29
C GLU O 287 -38.47 -27.38 56.50
N VAL O 288 -39.08 -26.92 57.59
CA VAL O 288 -38.30 -26.60 58.80
C VAL O 288 -37.67 -27.87 59.37
N LYS O 289 -38.45 -28.95 59.46
CA LYS O 289 -37.91 -30.18 60.02
C LYS O 289 -36.87 -30.78 59.09
N SER O 290 -37.06 -30.64 57.77
CA SER O 290 -36.02 -31.07 56.85
C SER O 290 -34.73 -30.30 57.07
N LEU O 291 -34.82 -28.99 57.23
CA LEU O 291 -33.61 -28.18 57.39
C LEU O 291 -32.92 -28.49 58.72
N LEU O 292 -33.68 -28.65 59.80
CA LEU O 292 -33.06 -29.00 61.06
C LEU O 292 -32.47 -30.40 61.01
N LEU O 293 -33.05 -31.28 60.19
CA LEU O 293 -32.48 -32.60 60.01
C LEU O 293 -31.20 -32.53 59.20
N LYS O 294 -31.05 -31.51 58.35
CA LYS O 294 -29.82 -31.35 57.59
C LYS O 294 -28.60 -31.25 58.50
N TYR O 295 -28.79 -30.79 59.73
CA TYR O 295 -27.71 -30.69 60.71
C TYR O 295 -27.81 -31.73 61.81
N LEU O 296 -29.01 -31.88 62.39
CA LEU O 296 -29.23 -32.87 63.44
C LEU O 296 -28.98 -34.28 62.92
N ASP O 297 -29.47 -34.57 61.71
CA ASP O 297 -29.18 -35.82 61.02
C ASP O 297 -29.68 -37.04 61.79
N CYS O 298 -30.73 -36.88 62.60
CA CYS O 298 -31.40 -38.01 63.22
C CYS O 298 -32.83 -37.61 63.55
N ARG O 299 -33.79 -38.38 63.04
CA ARG O 299 -35.21 -38.09 63.18
C ARG O 299 -35.67 -38.30 64.62
N PRO O 300 -35.06 -39.24 65.36
CA PRO O 300 -35.49 -39.43 66.75
C PRO O 300 -35.37 -38.17 67.58
N GLN O 301 -34.33 -37.38 67.35
CA GLN O 301 -34.22 -36.08 67.98
C GLN O 301 -34.92 -34.97 67.19
N ASP O 302 -35.37 -35.27 65.96
CA ASP O 302 -36.14 -34.28 65.22
C ASP O 302 -37.48 -34.00 65.89
N LEU O 303 -38.11 -35.04 66.43
CA LEU O 303 -39.34 -34.90 67.18
C LEU O 303 -39.10 -34.02 68.41
N PRO O 304 -37.87 -33.97 68.92
CA PRO O 304 -37.58 -33.20 70.14
C PRO O 304 -37.49 -31.69 69.93
N ARG O 305 -37.91 -31.17 68.79
CA ARG O 305 -37.89 -29.72 68.57
C ARG O 305 -39.03 -29.37 67.63
N GLU O 306 -40.10 -28.79 68.19
CA GLU O 306 -41.28 -28.42 67.41
C GLU O 306 -41.77 -27.04 67.84
N VAL O 307 -40.86 -26.06 67.86
CA VAL O 307 -41.15 -24.72 68.36
C VAL O 307 -40.79 -23.64 67.34
N LEU O 308 -39.52 -23.62 66.91
CA LEU O 308 -39.01 -22.49 66.12
C LEU O 308 -39.66 -22.41 64.75
N THR O 309 -39.82 -21.19 64.24
CA THR O 309 -40.33 -20.95 62.91
C THR O 309 -39.60 -19.80 62.20
N THR O 310 -38.36 -19.51 62.58
CA THR O 310 -37.67 -18.32 62.14
C THR O 310 -36.91 -18.56 60.83
N ASN O 311 -36.02 -17.64 60.50
CA ASN O 311 -35.33 -17.65 59.22
C ASN O 311 -34.44 -18.88 59.10
N PRO O 312 -34.24 -19.40 57.89
CA PRO O 312 -33.36 -20.56 57.73
C PRO O 312 -31.95 -20.30 58.21
N ARG O 313 -31.49 -19.05 58.16
CA ARG O 313 -30.20 -18.73 58.77
C ARG O 313 -30.27 -18.91 60.28
N ARG O 314 -31.35 -18.44 60.90
CA ARG O 314 -31.54 -18.66 62.33
C ARG O 314 -31.64 -20.15 62.64
N LEU O 315 -32.45 -20.86 61.86
CA LEU O 315 -32.61 -22.29 62.06
C LEU O 315 -31.27 -22.99 61.98
N SER O 316 -30.48 -22.65 60.95
CA SER O 316 -29.20 -23.30 60.73
C SER O 316 -28.22 -23.00 61.86
N ILE O 317 -28.13 -21.73 62.25
CA ILE O 317 -27.17 -21.36 63.29
C ILE O 317 -27.52 -22.04 64.60
N ILE O 318 -28.81 -22.06 64.95
CA ILE O 318 -29.22 -22.66 66.22
C ILE O 318 -29.01 -24.17 66.18
N ALA O 319 -29.39 -24.81 65.06
CA ALA O 319 -29.23 -26.25 64.95
C ALA O 319 -27.76 -26.63 65.02
N GLU O 320 -26.89 -25.91 64.34
CA GLU O 320 -25.47 -26.20 64.41
C GLU O 320 -24.92 -25.95 65.80
N SER O 321 -25.35 -24.87 66.46
CA SER O 321 -24.90 -24.59 67.81
C SER O 321 -25.26 -25.73 68.75
N ILE O 322 -26.47 -26.29 68.59
CA ILE O 322 -26.82 -27.49 69.34
C ILE O 322 -25.89 -28.64 68.94
N ARG O 323 -25.65 -28.79 67.64
CA ARG O 323 -24.66 -29.75 67.18
C ARG O 323 -23.27 -29.39 67.68
N ASP O 324 -22.93 -28.11 67.63
CA ASP O 324 -21.57 -27.66 67.90
C ASP O 324 -21.52 -26.72 69.10
N ALA O 327 -26.55 -27.91 73.25
CA ALA O 327 -27.78 -28.24 73.95
C ALA O 327 -28.99 -27.69 73.21
N THR O 328 -30.05 -28.47 73.15
CA THR O 328 -31.25 -28.05 72.42
C THR O 328 -31.85 -26.77 73.00
N TRP O 329 -31.64 -26.53 74.29
CA TRP O 329 -32.29 -25.41 74.97
C TRP O 329 -31.32 -24.35 75.48
N ASP O 330 -30.11 -24.74 75.88
CA ASP O 330 -29.09 -23.73 76.17
C ASP O 330 -28.70 -22.99 74.91
N ASN O 331 -28.35 -23.72 73.86
CA ASN O 331 -28.08 -23.10 72.56
C ASN O 331 -29.34 -22.49 71.97
N TRP O 332 -30.51 -22.86 72.49
CA TRP O 332 -31.76 -22.31 71.98
C TRP O 332 -31.86 -20.83 72.28
N LYS O 333 -31.65 -20.46 73.54
CA LYS O 333 -31.94 -19.11 74.01
C LYS O 333 -30.69 -18.37 74.50
N HIS O 334 -29.97 -18.92 75.47
CA HIS O 334 -28.89 -18.15 76.08
C HIS O 334 -27.65 -18.12 75.19
N VAL O 335 -27.27 -19.27 74.65
CA VAL O 335 -26.11 -19.35 73.76
C VAL O 335 -26.46 -18.64 72.46
N ASN O 336 -25.45 -18.45 71.60
CA ASN O 336 -25.52 -17.63 70.40
C ASN O 336 -25.64 -16.15 70.73
N CYS O 337 -25.31 -15.77 71.96
CA CYS O 337 -25.35 -14.37 72.37
C CYS O 337 -24.24 -13.55 71.75
N ASP O 338 -23.28 -14.19 71.07
CA ASP O 338 -22.19 -13.45 70.44
C ASP O 338 -21.85 -13.99 69.06
N LYS O 339 -22.76 -14.74 68.43
CA LYS O 339 -22.52 -15.27 67.10
C LYS O 339 -23.50 -14.69 66.09
N LEU O 340 -24.79 -14.89 66.31
CA LEU O 340 -25.81 -14.25 65.48
C LEU O 340 -26.11 -12.83 65.93
N THR O 341 -25.82 -12.52 67.20
CA THR O 341 -25.95 -11.15 67.68
C THR O 341 -24.92 -10.22 67.06
N THR O 342 -23.91 -10.77 66.40
CA THR O 342 -22.92 -9.98 65.67
C THR O 342 -23.38 -9.69 64.25
N ILE O 343 -23.83 -10.71 63.54
CA ILE O 343 -24.34 -10.48 62.19
C ILE O 343 -25.61 -9.65 62.23
N ILE O 344 -26.42 -9.82 63.28
CA ILE O 344 -27.64 -9.03 63.44
C ILE O 344 -27.31 -7.55 63.58
N GLU O 345 -26.11 -7.22 64.04
CA GLU O 345 -25.69 -5.84 64.16
C GLU O 345 -24.94 -5.36 62.93
N SER O 346 -24.17 -6.25 62.30
CA SER O 346 -23.48 -5.88 61.07
C SER O 346 -24.47 -5.42 60.02
N SER O 347 -25.65 -6.03 59.99
CA SER O 347 -26.72 -5.55 59.12
C SER O 347 -27.14 -4.13 59.50
N LEU O 348 -26.99 -3.76 60.76
CA LEU O 348 -27.38 -2.44 61.24
C LEU O 348 -26.25 -1.43 61.17
N ASN O 349 -25.11 -1.80 60.59
CA ASN O 349 -24.00 -0.86 60.48
C ASN O 349 -24.19 0.16 59.38
N VAL O 350 -25.22 -0.01 58.54
CA VAL O 350 -25.41 0.86 57.38
C VAL O 350 -26.07 2.19 57.72
N LEU O 351 -26.49 2.39 58.96
CA LEU O 351 -27.26 3.58 59.29
C LEU O 351 -26.34 4.69 59.81
N GLU O 352 -26.89 5.91 59.83
CA GLU O 352 -26.26 7.01 60.54
C GLU O 352 -26.46 6.82 62.03
N PRO O 353 -25.39 6.68 62.81
CA PRO O 353 -25.56 6.20 64.19
C PRO O 353 -26.13 7.23 65.14
N ALA O 354 -25.68 8.49 65.05
CA ALA O 354 -25.96 9.46 66.10
C ALA O 354 -27.45 9.66 66.30
N GLU O 355 -28.22 9.55 65.23
CA GLU O 355 -29.67 9.64 65.34
C GLU O 355 -30.35 8.28 65.26
N TYR O 356 -29.99 7.46 64.27
CA TYR O 356 -30.81 6.31 63.94
C TYR O 356 -30.70 5.23 65.01
N ARG O 357 -29.49 4.70 65.21
CA ARG O 357 -29.33 3.67 66.22
C ARG O 357 -29.53 4.22 67.63
N LYS O 358 -29.36 5.52 67.83
CA LYS O 358 -29.72 6.10 69.11
C LYS O 358 -31.22 5.94 69.37
N MET O 359 -32.05 6.37 68.42
CA MET O 359 -33.48 6.18 68.58
C MET O 359 -33.84 4.70 68.63
N PHE O 360 -33.06 3.87 67.96
CA PHE O 360 -33.30 2.43 67.97
C PHE O 360 -33.06 1.86 69.37
N ASP O 361 -31.98 2.29 70.02
CA ASP O 361 -31.76 1.89 71.40
C ASP O 361 -32.78 2.51 72.34
N ARG O 362 -33.35 3.65 71.96
CA ARG O 362 -34.37 4.28 72.79
C ARG O 362 -35.55 3.36 73.05
N LEU O 363 -35.96 2.58 72.05
CA LEU O 363 -37.20 1.82 72.09
C LEU O 363 -37.06 0.46 72.77
N SER O 364 -35.96 0.22 73.48
CA SER O 364 -35.74 -1.09 74.08
C SER O 364 -36.75 -1.42 75.19
N VAL O 365 -37.43 -0.41 75.74
CA VAL O 365 -38.30 -0.64 76.89
C VAL O 365 -39.67 -1.18 76.51
N PHE O 366 -40.01 -1.20 75.22
CA PHE O 366 -41.34 -1.60 74.80
C PHE O 366 -41.52 -3.10 74.84
N PRO O 367 -42.76 -3.57 74.90
CA PRO O 367 -43.01 -5.00 74.88
C PRO O 367 -42.46 -5.63 73.61
N PRO O 368 -42.04 -6.89 73.67
CA PRO O 368 -41.31 -7.50 72.55
C PRO O 368 -42.05 -7.48 71.23
N SER O 369 -43.24 -8.10 71.21
CA SER O 369 -44.07 -8.13 70.02
C SER O 369 -45.30 -7.27 70.31
N ALA O 370 -45.24 -6.01 69.89
CA ALA O 370 -46.28 -5.05 70.21
C ALA O 370 -46.25 -3.95 69.16
N HIS O 371 -47.00 -2.89 69.41
CA HIS O 371 -47.06 -1.74 68.52
C HIS O 371 -46.69 -0.48 69.28
N ILE O 372 -46.64 0.63 68.55
CA ILE O 372 -46.32 1.92 69.14
C ILE O 372 -46.99 3.03 68.35
N PRO O 373 -47.60 4.00 69.02
CA PRO O 373 -48.11 5.19 68.33
C PRO O 373 -46.96 6.10 67.92
N THR O 374 -47.27 6.99 66.98
CA THR O 374 -46.27 7.94 66.51
C THR O 374 -45.89 8.93 67.60
N ILE O 375 -46.84 9.32 68.45
CA ILE O 375 -46.54 10.31 69.47
C ILE O 375 -45.56 9.76 70.50
N LEU O 376 -45.66 8.48 70.84
CA LEU O 376 -44.77 7.91 71.83
C LEU O 376 -43.32 7.94 71.36
N LEU O 377 -43.08 7.49 70.13
CA LEU O 377 -41.74 7.58 69.57
C LEU O 377 -41.32 9.03 69.37
N SER O 378 -42.28 9.92 69.14
CA SER O 378 -41.96 11.34 69.07
C SER O 378 -41.40 11.85 70.39
N LEU O 379 -42.00 11.41 71.51
CA LEU O 379 -41.46 11.77 72.81
C LEU O 379 -40.02 11.29 72.96
N ILE O 380 -39.74 10.11 72.45
CA ILE O 380 -38.45 9.47 72.64
C ILE O 380 -37.64 9.52 71.35
N SER O 387 -42.44 16.77 62.12
CA SER O 387 -42.49 15.50 61.40
C SER O 387 -41.13 14.84 61.39
N ASP O 388 -40.18 15.43 62.11
CA ASP O 388 -38.81 14.92 62.12
C ASP O 388 -38.77 13.48 62.60
N VAL O 389 -39.52 13.17 63.66
CA VAL O 389 -39.56 11.78 64.12
C VAL O 389 -40.22 10.90 63.07
N MET O 390 -41.29 11.37 62.44
CA MET O 390 -41.96 10.52 61.46
C MET O 390 -41.15 10.42 60.17
N VAL O 391 -40.46 11.49 59.78
CA VAL O 391 -39.53 11.39 58.65
C VAL O 391 -38.43 10.39 58.97
N VAL O 392 -37.91 10.43 60.20
CA VAL O 392 -36.84 9.53 60.59
C VAL O 392 -37.31 8.09 60.53
N VAL O 393 -38.46 7.81 61.15
CA VAL O 393 -38.95 6.44 61.13
C VAL O 393 -39.34 6.03 59.72
N ASN O 394 -39.74 6.99 58.88
CA ASN O 394 -40.08 6.69 57.50
C ASN O 394 -38.85 6.22 56.74
N LYS O 395 -37.73 6.94 56.87
CA LYS O 395 -36.52 6.50 56.19
C LYS O 395 -35.97 5.23 56.80
N LEU O 396 -36.15 5.05 58.12
CA LEU O 396 -35.73 3.81 58.78
C LEU O 396 -36.49 2.62 58.22
N HIS O 397 -37.81 2.78 58.05
CA HIS O 397 -38.59 1.76 57.37
C HIS O 397 -38.11 1.58 55.95
N LYS O 398 -37.76 2.68 55.29
CA LYS O 398 -37.35 2.62 53.90
C LYS O 398 -36.12 1.75 53.73
N TYR O 399 -35.18 1.85 54.69
CA TYR O 399 -33.97 1.06 54.69
C TYR O 399 -34.34 -0.43 54.69
N SER O 400 -34.81 -0.86 55.89
CA SER O 400 -35.29 -2.19 56.35
C SER O 400 -35.11 -2.25 57.86
N LEU O 401 -36.05 -1.72 58.64
CA LEU O 401 -35.91 -1.74 60.09
C LEU O 401 -37.24 -1.66 60.85
N VAL O 402 -38.27 -1.16 60.18
CA VAL O 402 -39.59 -1.01 60.79
C VAL O 402 -40.64 -1.06 59.71
N GLU O 403 -41.82 -1.56 60.08
CA GLU O 403 -42.98 -1.52 59.21
C GLU O 403 -43.92 -0.40 59.68
N LYS O 404 -44.58 0.23 58.72
CA LYS O 404 -45.55 1.28 58.99
C LYS O 404 -46.96 0.75 58.73
N GLN O 405 -47.87 1.06 59.64
CA GLN O 405 -49.26 0.67 59.47
C GLN O 405 -50.18 1.83 59.87
N PRO O 406 -51.30 2.00 59.19
CA PRO O 406 -52.29 3.02 59.52
C PRO O 406 -53.23 2.58 60.64
N SER O 409 -52.64 5.53 63.28
CA SER O 409 -51.56 4.85 62.57
C SER O 409 -50.43 4.46 63.50
N THR O 410 -50.65 3.43 64.30
CA THR O 410 -49.60 2.94 65.17
C THR O 410 -48.46 2.36 64.33
N ILE O 411 -47.38 2.01 65.01
CA ILE O 411 -46.20 1.46 64.35
C ILE O 411 -45.79 0.20 65.09
N SER O 412 -45.18 -0.73 64.37
CA SER O 412 -44.66 -1.94 64.99
C SER O 412 -43.30 -2.30 64.38
N ILE O 413 -42.57 -3.13 65.10
CA ILE O 413 -41.19 -3.49 64.76
C ILE O 413 -41.14 -4.97 64.40
N PRO O 414 -40.38 -5.36 63.37
CA PRO O 414 -40.07 -6.78 63.20
C PRO O 414 -39.33 -7.31 64.41
N SER O 415 -39.74 -8.50 64.87
CA SER O 415 -39.17 -9.04 66.09
C SER O 415 -37.69 -9.34 65.94
N ILE O 416 -37.27 -9.80 64.76
CA ILE O 416 -35.92 -10.33 64.56
C ILE O 416 -34.87 -9.47 65.22
N TYR O 417 -35.03 -8.16 65.17
CA TYR O 417 -34.03 -7.24 65.70
C TYR O 417 -34.35 -6.75 67.11
N LEU O 418 -35.53 -7.05 67.64
CA LEU O 418 -36.00 -6.36 68.84
C LEU O 418 -35.67 -7.10 70.13
N GLU O 419 -36.20 -8.31 70.30
CA GLU O 419 -36.10 -8.97 71.59
C GLU O 419 -34.68 -9.47 71.88
N LEU O 420 -33.87 -9.64 70.84
CA LEU O 420 -32.53 -10.18 71.02
C LEU O 420 -31.42 -9.17 70.80
N LYS O 421 -31.46 -8.44 69.67
CA LYS O 421 -30.32 -7.62 69.28
C LYS O 421 -30.15 -6.43 70.22
N VAL O 422 -31.15 -5.54 70.27
CA VAL O 422 -31.03 -4.36 71.11
C VAL O 422 -31.08 -4.72 72.59
N LYS O 423 -31.64 -5.89 72.93
CA LYS O 423 -31.70 -6.32 74.32
C LYS O 423 -30.31 -6.46 74.91
N LEU O 424 -29.38 -7.05 74.15
CA LEU O 424 -28.05 -7.31 74.68
C LEU O 424 -27.30 -6.02 74.98
N GLU O 425 -27.38 -5.05 74.07
CA GLU O 425 -26.58 -3.84 74.15
C GLU O 425 -27.49 -2.66 74.44
N ASN O 426 -27.36 -2.09 75.64
CA ASN O 426 -28.17 -0.94 76.01
C ASN O 426 -27.63 -0.28 77.27
N GLU O 427 -27.42 1.04 77.22
CA GLU O 427 -27.08 1.81 78.41
C GLU O 427 -28.35 2.11 79.22
N TYR O 428 -28.16 2.58 80.44
CA TYR O 428 -29.31 2.84 81.32
C TYR O 428 -29.95 4.18 80.94
N ALA O 429 -30.75 4.14 79.88
CA ALA O 429 -31.74 5.17 79.62
C ALA O 429 -33.13 4.73 80.03
N LEU O 430 -33.24 3.58 80.70
CA LEU O 430 -34.55 3.02 81.02
C LEU O 430 -35.35 3.91 81.94
N HIS O 431 -34.69 4.61 82.87
CA HIS O 431 -35.46 5.42 83.80
C HIS O 431 -36.10 6.61 83.10
N ARG O 432 -35.37 7.24 82.17
CA ARG O 432 -35.98 8.30 81.37
C ARG O 432 -37.15 7.77 80.57
N SER O 433 -37.00 6.55 80.09
CA SER O 433 -38.08 5.92 79.41
C SER O 433 -39.15 5.72 80.48
N ILE O 434 -38.80 5.01 81.56
CA ILE O 434 -39.75 4.71 82.64
C ILE O 434 -40.54 5.89 83.22
N VAL O 435 -40.05 7.11 83.01
CA VAL O 435 -40.68 8.32 83.51
C VAL O 435 -41.46 9.01 82.40
N ASP O 436 -41.02 8.87 81.15
CA ASP O 436 -41.86 9.31 80.04
C ASP O 436 -43.13 8.47 79.95
N HIS O 437 -43.00 7.16 80.17
CA HIS O 437 -44.16 6.27 80.22
C HIS O 437 -45.04 6.56 81.42
N TYR O 438 -44.54 7.34 82.37
CA TYR O 438 -45.37 7.85 83.45
C TYR O 438 -46.00 9.18 83.09
N ASN O 439 -45.26 10.03 82.39
CA ASN O 439 -45.76 11.36 82.07
C ASN O 439 -46.88 11.30 81.06
N ILE O 440 -46.70 10.50 80.02
CA ILE O 440 -47.71 10.34 78.96
C ILE O 440 -49.05 9.73 79.41
N PRO O 441 -49.01 8.75 80.32
CA PRO O 441 -50.26 8.11 80.76
C PRO O 441 -51.15 9.00 81.65
N LYS O 442 -50.54 9.98 82.31
CA LYS O 442 -51.25 10.89 83.21
C LYS O 442 -51.74 12.12 82.46
N THR O 443 -51.10 12.46 81.34
CA THR O 443 -51.75 13.36 80.40
C THR O 443 -53.05 12.75 79.86
N PHE O 444 -53.17 11.43 79.94
CA PHE O 444 -54.42 10.75 79.59
C PHE O 444 -55.22 10.47 80.86
N ASP O 445 -55.53 11.54 81.59
CA ASP O 445 -56.34 11.47 82.79
C ASP O 445 -57.51 12.43 82.65
N SER O 446 -58.72 11.92 82.83
CA SER O 446 -59.94 12.70 82.64
C SER O 446 -60.70 12.80 83.95
N ASP O 447 -61.71 13.67 83.95
CA ASP O 447 -62.59 13.80 85.11
C ASP O 447 -63.31 12.50 85.40
N ASP O 448 -63.91 11.91 84.37
CA ASP O 448 -64.50 10.58 84.50
C ASP O 448 -63.38 9.55 84.47
N LEU O 449 -63.74 8.29 84.36
CA LEU O 449 -62.77 7.20 84.21
C LEU O 449 -62.73 6.70 82.78
N ILE O 450 -62.84 7.61 81.81
CA ILE O 450 -62.76 7.28 80.39
C ILE O 450 -61.63 8.10 79.76
N PRO O 451 -60.37 7.70 79.92
CA PRO O 451 -59.29 8.35 79.19
C PRO O 451 -59.26 7.89 77.74
N PRO O 452 -58.58 8.63 76.87
CA PRO O 452 -58.48 8.19 75.46
C PRO O 452 -57.36 7.17 75.24
N TYR O 453 -57.56 5.96 75.73
CA TYR O 453 -56.58 4.89 75.51
C TYR O 453 -56.53 4.50 74.04
N LEU O 454 -55.39 3.95 73.64
CA LEU O 454 -55.28 3.27 72.37
C LEU O 454 -55.68 1.82 72.58
N ASP O 455 -56.32 1.24 71.55
CA ASP O 455 -56.96 -0.07 71.69
C ASP O 455 -56.01 -1.13 72.23
N GLN O 456 -54.80 -1.20 71.68
CA GLN O 456 -53.84 -2.21 72.10
C GLN O 456 -52.69 -1.63 72.91
N TYR O 457 -52.20 -0.45 72.55
CA TYR O 457 -50.95 0.04 73.13
C TYR O 457 -51.13 0.29 74.62
N PHE O 458 -52.15 1.06 74.99
CA PHE O 458 -52.39 1.36 76.39
C PHE O 458 -52.72 0.10 77.16
N TYR O 459 -53.81 -0.57 76.76
CA TYR O 459 -54.35 -1.69 77.51
C TYR O 459 -53.33 -2.82 77.70
N SER O 460 -52.30 -2.87 76.86
CA SER O 460 -51.31 -3.93 76.96
C SER O 460 -49.99 -3.50 77.56
N HIS O 461 -49.62 -2.21 77.48
CA HIS O 461 -48.29 -1.80 77.91
C HIS O 461 -48.28 -0.90 79.13
N ILE O 462 -49.38 -0.20 79.42
CA ILE O 462 -49.39 0.69 80.57
C ILE O 462 -49.24 -0.10 81.86
N GLY O 463 -49.81 -1.31 81.93
CA GLY O 463 -49.63 -2.14 83.09
C GLY O 463 -48.18 -2.51 83.31
N HIS O 464 -47.50 -2.88 82.21
CA HIS O 464 -46.06 -3.14 82.28
C HIS O 464 -45.31 -1.95 82.87
N HIS O 465 -45.53 -0.77 82.31
CA HIS O 465 -44.75 0.39 82.73
C HIS O 465 -45.08 0.80 84.16
N LEU O 466 -46.34 0.71 84.54
CA LEU O 466 -46.73 1.06 85.91
C LEU O 466 -46.18 0.07 86.92
N LYS O 467 -46.17 -1.23 86.59
CA LYS O 467 -45.49 -2.19 87.46
C LYS O 467 -44.00 -1.89 87.50
N ASN O 468 -43.45 -1.38 86.39
CA ASN O 468 -42.04 -1.01 86.35
C ASN O 468 -41.73 0.10 87.36
N ILE O 469 -42.57 1.12 87.43
CA ILE O 469 -42.18 2.30 88.20
C ILE O 469 -42.38 2.13 89.71
N GLU O 470 -43.61 1.99 90.18
CA GLU O 470 -43.87 2.09 91.61
C GLU O 470 -45.26 1.57 91.93
N HIS O 471 -45.49 1.33 93.23
CA HIS O 471 -46.65 0.68 93.82
C HIS O 471 -47.88 1.57 94.06
N PRO O 472 -47.76 2.82 94.57
CA PRO O 472 -48.99 3.56 94.88
C PRO O 472 -49.72 3.96 93.61
N GLU O 473 -48.95 4.48 92.65
CA GLU O 473 -49.48 4.70 91.31
C GLU O 473 -49.97 3.39 90.71
N ARG O 474 -49.33 2.28 91.06
CA ARG O 474 -49.86 0.97 90.68
C ARG O 474 -51.25 0.76 91.26
N MET O 475 -51.44 1.14 92.52
CA MET O 475 -52.74 0.99 93.14
C MET O 475 -53.78 1.89 92.48
N THR O 476 -53.36 3.06 92.00
CA THR O 476 -54.31 4.02 91.43
C THR O 476 -54.66 3.69 89.99
N LEU O 477 -53.67 3.68 89.10
CA LEU O 477 -53.91 3.68 87.67
C LEU O 477 -54.04 2.29 87.05
N PHE O 478 -53.82 1.21 87.78
CA PHE O 478 -54.29 -0.08 87.26
C PHE O 478 -55.81 -0.16 87.21
N ARG O 479 -56.50 0.71 87.93
CA ARG O 479 -57.96 0.70 87.94
C ARG O 479 -58.51 -0.65 88.38
N MET O 480 -57.75 -1.35 89.24
CA MET O 480 -58.37 -2.47 89.93
C MET O 480 -59.40 -1.96 90.92
N VAL O 481 -59.22 -0.70 91.34
CA VAL O 481 -60.18 -0.04 92.22
C VAL O 481 -61.21 0.78 91.44
N PHE O 482 -61.00 0.99 90.14
CA PHE O 482 -61.93 1.74 89.32
C PHE O 482 -62.58 0.81 88.30
N LEU O 483 -63.91 0.75 88.34
CA LEU O 483 -64.65 -0.26 87.59
C LEU O 483 -64.70 0.02 86.09
N ASP O 484 -64.51 1.27 85.68
CA ASP O 484 -64.75 1.64 84.28
C ASP O 484 -63.78 0.94 83.34
N PHE O 485 -62.51 0.82 83.73
CA PHE O 485 -61.52 0.20 82.86
C PHE O 485 -61.92 -1.21 82.45
N ARG O 486 -62.60 -1.92 83.34
CA ARG O 486 -63.02 -3.28 83.02
C ARG O 486 -63.95 -3.28 81.81
N PHE O 487 -64.98 -2.44 81.85
CA PHE O 487 -65.91 -2.33 80.74
C PHE O 487 -65.20 -1.82 79.50
N LEU O 488 -64.29 -0.85 79.66
CA LEU O 488 -63.56 -0.31 78.52
C LEU O 488 -62.77 -1.41 77.81
N GLU O 489 -62.03 -2.20 78.57
CA GLU O 489 -61.25 -3.29 77.98
C GLU O 489 -62.15 -4.32 77.33
N GLN O 490 -63.23 -4.72 78.02
CA GLN O 490 -64.04 -5.81 77.50
C GLN O 490 -64.76 -5.41 76.21
N LYS O 491 -65.24 -4.18 76.13
CA LYS O 491 -65.92 -3.73 74.93
C LYS O 491 -64.95 -3.20 73.88
N ILE O 492 -63.67 -3.05 74.23
CA ILE O 492 -62.67 -2.63 73.27
C ILE O 492 -61.91 -3.81 72.69
N ARG O 493 -61.87 -4.95 73.37
CA ARG O 493 -61.19 -6.15 72.88
C ARG O 493 -62.20 -7.26 72.73
N HIS O 494 -62.24 -7.86 71.54
CA HIS O 494 -63.24 -8.83 71.14
C HIS O 494 -63.01 -9.25 69.68
N ASN O 507 -59.48 -10.61 75.03
CA ASN O 507 -60.68 -10.62 75.84
C ASN O 507 -60.33 -10.77 77.32
N THR O 508 -61.11 -11.58 78.03
CA THR O 508 -60.80 -11.85 79.43
C THR O 508 -59.48 -12.58 79.57
N LEU O 509 -59.10 -13.34 78.55
CA LEU O 509 -57.86 -14.13 78.63
C LEU O 509 -56.64 -13.25 78.77
N GLN O 510 -56.49 -12.27 77.86
CA GLN O 510 -55.34 -11.37 77.95
C GLN O 510 -55.42 -10.50 79.19
N GLN O 511 -56.63 -10.11 79.59
CA GLN O 511 -56.78 -9.31 80.80
C GLN O 511 -56.27 -10.05 82.02
N LEU O 512 -56.66 -11.32 82.14
CA LEU O 512 -56.14 -12.17 83.22
C LEU O 512 -54.63 -12.35 83.09
N LYS O 513 -54.15 -12.55 81.86
CA LYS O 513 -52.73 -12.76 81.65
C LYS O 513 -51.92 -11.56 82.08
N PHE O 514 -52.50 -10.37 81.98
CA PHE O 514 -51.87 -9.17 82.52
C PHE O 514 -52.03 -9.13 84.04
N TYR O 515 -53.18 -9.59 84.53
CA TYR O 515 -53.53 -9.43 85.94
C TYR O 515 -52.61 -10.24 86.84
N LYS O 516 -52.61 -11.56 86.60
CA LYS O 516 -51.86 -12.50 87.40
C LYS O 516 -50.37 -12.17 87.51
N PRO O 517 -49.78 -11.70 86.41
CA PRO O 517 -48.36 -11.43 86.55
C PRO O 517 -47.91 -10.01 86.91
N TYR O 518 -48.76 -9.10 87.43
CA TYR O 518 -48.54 -7.74 87.90
C TYR O 518 -48.81 -7.58 89.38
N ILE O 519 -49.53 -8.51 90.00
CA ILE O 519 -49.94 -8.36 91.39
C ILE O 519 -48.84 -8.87 92.30
N CYS O 520 -48.50 -10.16 92.13
CA CYS O 520 -47.39 -10.88 92.82
C CYS O 520 -46.50 -10.12 93.84
N ASP O 521 -45.85 -9.06 93.32
CA ASP O 521 -45.05 -8.10 94.09
C ASP O 521 -45.83 -7.19 95.08
N ASN O 522 -46.92 -6.60 94.57
CA ASN O 522 -47.84 -5.67 95.25
C ASN O 522 -47.75 -5.45 96.77
N ASP O 523 -48.60 -6.15 97.51
CA ASP O 523 -48.66 -6.03 98.97
C ASP O 523 -49.41 -7.21 99.58
N PRO O 524 -49.90 -7.05 100.82
CA PRO O 524 -50.64 -8.07 101.56
C PRO O 524 -52.15 -7.90 101.43
N LYS O 525 -52.70 -6.87 102.06
CA LYS O 525 -54.14 -6.61 102.00
C LYS O 525 -54.67 -6.49 100.58
N TYR O 526 -54.25 -5.42 99.90
CA TYR O 526 -54.66 -5.17 98.52
C TYR O 526 -54.39 -6.38 97.65
N GLU O 527 -53.33 -7.11 97.99
CA GLU O 527 -52.92 -8.33 97.27
C GLU O 527 -54.00 -9.40 97.33
N ARG O 528 -54.61 -9.58 98.50
CA ARG O 528 -55.69 -10.55 98.67
C ARG O 528 -57.02 -10.00 98.17
N LEU O 529 -57.26 -8.69 98.31
CA LEU O 529 -58.49 -8.12 97.79
C LEU O 529 -58.55 -8.25 96.27
N VAL O 530 -57.44 -7.94 95.58
CA VAL O 530 -57.41 -8.12 94.14
C VAL O 530 -57.33 -9.59 93.77
N ASN O 531 -56.88 -10.46 94.68
CA ASN O 531 -57.00 -11.89 94.44
C ASN O 531 -58.46 -12.30 94.38
N ALA O 532 -59.27 -11.82 95.33
CA ALA O 532 -60.71 -12.09 95.27
C ALA O 532 -61.34 -11.46 94.04
N ILE O 533 -60.89 -10.24 93.68
CA ILE O 533 -61.35 -9.60 92.46
C ILE O 533 -61.07 -10.47 91.24
N LEU O 534 -59.83 -10.96 91.13
CA LEU O 534 -59.44 -11.80 90.01
C LEU O 534 -60.22 -13.10 89.99
N ASP O 535 -60.45 -13.67 91.18
CA ASP O 535 -61.24 -14.90 91.27
C ASP O 535 -62.66 -14.67 90.77
N PHE O 536 -63.23 -13.50 91.09
CA PHE O 536 -64.56 -13.16 90.59
C PHE O 536 -64.55 -12.90 89.08
N LEU O 537 -63.47 -12.32 88.56
CA LEU O 537 -63.47 -11.75 87.21
C LEU O 537 -64.04 -12.67 86.14
N PRO O 538 -63.63 -13.95 86.02
CA PRO O 538 -64.14 -14.77 84.91
C PRO O 538 -65.58 -15.21 85.08
N LYS O 539 -66.23 -14.88 86.18
CA LYS O 539 -67.59 -15.38 86.41
C LYS O 539 -68.57 -14.86 85.38
N ILE O 540 -68.21 -13.82 84.64
CA ILE O 540 -69.07 -13.30 83.59
C ILE O 540 -68.25 -12.48 82.60
N TYR O 549 -74.24 0.46 81.20
CA TYR O 549 -73.81 1.25 82.36
C TYR O 549 -74.27 0.63 83.67
N THR O 550 -75.60 0.59 83.85
CA THR O 550 -76.16 0.16 85.13
C THR O 550 -75.85 -1.30 85.43
N ASP O 551 -75.62 -2.12 84.39
CA ASP O 551 -75.25 -3.50 84.61
C ASP O 551 -73.95 -3.61 85.40
N LEU O 552 -72.97 -2.80 85.04
CA LEU O 552 -71.66 -2.85 85.68
C LEU O 552 -71.77 -2.46 87.15
N LEU O 553 -72.50 -1.38 87.45
CA LEU O 553 -72.63 -0.94 88.83
C LEU O 553 -73.47 -1.91 89.66
N ARG O 554 -74.52 -2.49 89.06
CA ARG O 554 -75.34 -3.45 89.79
C ARG O 554 -74.55 -4.71 90.12
N ILE O 555 -73.71 -5.18 89.20
CA ILE O 555 -72.89 -6.35 89.50
C ILE O 555 -71.81 -6.00 90.51
N ALA O 556 -71.30 -4.76 90.49
CA ALA O 556 -70.34 -4.34 91.50
C ALA O 556 -71.00 -4.24 92.87
N LEU O 557 -72.30 -3.93 92.90
CA LEU O 557 -73.02 -3.91 94.17
C LEU O 557 -72.98 -5.28 94.84
N MET O 558 -73.03 -6.35 94.06
CA MET O 558 -72.94 -7.68 94.65
C MET O 558 -71.59 -7.89 95.32
N ALA O 559 -70.52 -7.39 94.72
CA ALA O 559 -69.19 -7.49 95.30
C ALA O 559 -69.03 -6.36 96.31
N GLU O 560 -69.35 -6.66 97.57
CA GLU O 560 -69.24 -5.67 98.64
C GLU O 560 -67.98 -5.81 99.46
N ASP O 561 -67.41 -7.01 99.56
CA ASP O 561 -66.15 -7.19 100.25
C ASP O 561 -65.01 -6.45 99.58
N GLU O 562 -65.22 -5.99 98.35
CA GLU O 562 -64.25 -5.25 97.59
C GLU O 562 -64.78 -3.84 97.36
N ALA O 563 -63.90 -2.85 97.51
CA ALA O 563 -64.32 -1.44 97.43
C ALA O 563 -64.72 -1.02 96.03
N ILE O 564 -64.71 -1.93 95.05
CA ILE O 564 -65.12 -1.58 93.70
C ILE O 564 -66.56 -1.12 93.67
N PHE O 565 -67.38 -1.59 94.62
CA PHE O 565 -68.74 -1.10 94.73
C PHE O 565 -68.77 0.38 95.07
N GLU O 566 -67.83 0.83 95.91
CA GLU O 566 -67.75 2.24 96.25
C GLU O 566 -67.44 3.09 95.02
N GLU O 567 -66.49 2.64 94.19
CA GLU O 567 -66.20 3.38 92.96
C GLU O 567 -67.35 3.30 91.97
N ALA O 568 -68.09 2.20 91.95
CA ALA O 568 -69.30 2.14 91.12
C ALA O 568 -70.32 3.16 91.58
N HIS O 569 -70.46 3.33 92.89
CA HIS O 569 -71.35 4.37 93.42
C HIS O 569 -70.86 5.75 93.02
N LYS O 570 -69.54 5.98 93.09
CA LYS O 570 -68.99 7.25 92.65
C LYS O 570 -69.26 7.49 91.17
N GLN O 571 -69.16 6.44 90.36
CA GLN O 571 -69.35 6.58 88.92
C GLN O 571 -70.80 6.92 88.59
N VAL O 572 -71.75 6.14 89.13
CA VAL O 572 -73.16 6.46 88.90
C VAL O 572 -73.53 7.80 89.52
N GLN O 573 -72.81 8.20 90.57
CA GLN O 573 -72.92 9.56 91.07
C GLN O 573 -72.59 10.57 90.00
N ARG O 574 -71.55 10.31 89.22
CA ARG O 574 -71.14 11.21 88.16
C ARG O 574 -71.97 11.00 86.89
N ASP O 598 -73.34 -17.93 84.34
CA ASP O 598 -72.70 -18.96 83.53
C ASP O 598 -71.19 -18.97 83.75
N ASN O 599 -70.57 -20.12 83.55
CA ASN O 599 -69.15 -20.26 83.84
C ASN O 599 -68.28 -19.76 82.69
N GLU O 600 -68.51 -20.27 81.48
CA GLU O 600 -67.66 -19.89 80.35
C GLU O 600 -68.51 -19.61 79.12
N GLY O 601 -67.95 -18.82 78.20
CA GLY O 601 -68.61 -18.50 76.94
C GLY O 601 -67.62 -18.26 75.81
N ARG O 602 -68.01 -18.52 74.57
CA ARG O 602 -67.05 -18.46 73.48
C ARG O 602 -67.41 -17.34 72.47
N HIS O 603 -66.36 -16.75 71.89
CA HIS O 603 -66.43 -15.55 71.05
C HIS O 603 -65.88 -15.69 69.64
N ALA O 604 -64.73 -16.32 69.46
CA ALA O 604 -63.90 -16.06 68.30
C ALA O 604 -64.48 -16.62 67.01
N VAL O 605 -65.72 -17.10 67.05
CA VAL O 605 -66.36 -17.78 65.93
C VAL O 605 -67.48 -16.96 65.31
N TYR O 606 -67.73 -15.76 65.83
CA TYR O 606 -68.61 -14.80 65.19
C TYR O 606 -70.03 -15.36 65.10
N LEU O 607 -70.34 -16.11 64.04
CA LEU O 607 -71.70 -16.59 63.84
C LEU O 607 -71.71 -18.03 63.32
N HIS O 608 -70.76 -18.86 63.77
CA HIS O 608 -70.66 -20.24 63.32
C HIS O 608 -69.88 -21.05 64.34
N ASN O 609 -70.57 -21.59 65.32
CA ASN O 609 -69.91 -22.36 66.35
C ASN O 609 -70.69 -23.62 66.32
N ASP O 610 -71.30 -23.95 67.45
CA ASP O 610 -72.15 -25.13 67.63
C ASP O 610 -71.60 -26.58 67.76
N PHE O 611 -71.30 -27.35 66.70
CA PHE O 611 -70.87 -28.71 67.06
C PHE O 611 -69.45 -28.73 67.61
N CYS O 612 -69.30 -29.24 68.84
CA CYS O 612 -68.01 -29.18 69.54
C CYS O 612 -67.75 -30.47 70.33
N LEU O 613 -66.53 -30.54 70.87
CA LEU O 613 -66.07 -31.64 71.70
C LEU O 613 -64.93 -31.18 72.59
N ILE O 614 -64.68 -31.95 73.65
CA ILE O 614 -63.71 -31.62 74.68
C ILE O 614 -62.71 -32.76 74.83
N ALA O 615 -61.44 -32.42 75.01
CA ALA O 615 -60.40 -33.43 75.16
C ALA O 615 -60.59 -34.24 76.45
N LEU O 616 -60.05 -35.46 76.43
CA LEU O 616 -60.22 -36.38 77.56
C LEU O 616 -59.52 -35.87 78.81
N ALA O 617 -58.32 -35.32 78.66
CA ALA O 617 -57.55 -34.81 79.78
C ALA O 617 -57.90 -33.37 80.12
N SER O 618 -59.07 -32.91 79.71
CA SER O 618 -59.51 -31.53 79.91
C SER O 618 -58.52 -30.54 79.31
N GLY O 619 -57.86 -30.93 78.23
CA GLY O 619 -56.86 -30.07 77.62
C GLY O 619 -57.38 -29.19 76.52
N GLN O 620 -58.01 -29.77 75.50
CA GLN O 620 -58.34 -29.05 74.28
C GLN O 620 -59.82 -29.19 73.95
N ILE O 621 -60.30 -28.26 73.14
CA ILE O 621 -61.69 -28.21 72.71
C ILE O 621 -61.71 -28.03 71.19
N LEU O 622 -62.36 -28.95 70.49
CA LEU O 622 -62.58 -28.84 69.06
C LEU O 622 -63.97 -28.27 68.83
N LEU O 623 -64.09 -27.41 67.83
CA LEU O 623 -65.31 -26.66 67.60
C LEU O 623 -65.45 -26.34 66.12
N THR O 624 -66.63 -26.65 65.57
CA THR O 624 -66.85 -26.75 64.14
C THR O 624 -68.33 -26.60 63.83
N ASP O 625 -68.61 -26.28 62.55
CA ASP O 625 -69.88 -26.42 61.83
C ASP O 625 -69.91 -25.58 60.56
N VAL O 626 -70.78 -24.56 60.57
CA VAL O 626 -70.77 -23.54 59.54
C VAL O 626 -69.40 -22.89 59.43
N SER O 627 -68.62 -22.91 60.51
CA SER O 627 -67.20 -22.64 60.40
C SER O 627 -66.60 -23.54 59.34
N LEU O 628 -66.13 -22.94 58.26
CA LEU O 628 -65.50 -23.70 57.18
C LEU O 628 -64.20 -24.30 57.69
N GLU O 629 -63.72 -23.77 58.82
CA GLU O 629 -62.51 -24.25 59.48
C GLU O 629 -62.93 -24.88 60.80
N GLY O 630 -62.34 -26.03 61.10
CA GLY O 630 -62.42 -26.58 62.45
C GLY O 630 -61.37 -25.96 63.33
N GLU O 631 -61.78 -25.44 64.48
CA GLU O 631 -60.88 -24.73 65.36
C GLU O 631 -60.72 -25.46 66.69
N ASP O 632 -59.55 -25.29 67.28
CA ASP O 632 -59.17 -25.95 68.52
C ASP O 632 -58.65 -24.90 69.49
N THR O 633 -59.14 -24.99 70.73
CA THR O 633 -58.79 -24.07 71.80
C THR O 633 -58.51 -24.85 73.09
N TYR O 634 -58.38 -24.14 74.21
CA TYR O 634 -58.14 -24.75 75.51
C TYR O 634 -59.42 -24.66 76.36
N LEU O 635 -59.56 -25.60 77.30
CA LEU O 635 -60.70 -25.54 78.21
C LEU O 635 -60.61 -24.38 79.20
N LEU O 636 -59.59 -24.39 80.05
CA LEU O 636 -59.46 -23.43 81.13
C LEU O 636 -58.77 -22.14 80.72
N ARG O 637 -58.17 -22.09 79.52
CA ARG O 637 -57.49 -20.91 79.04
C ARG O 637 -58.03 -20.40 77.73
N ASP O 638 -58.77 -21.21 76.97
CA ASP O 638 -59.42 -20.83 75.72
C ASP O 638 -58.43 -20.36 74.67
N GLU O 639 -57.15 -20.72 74.80
CA GLU O 639 -56.15 -20.31 73.83
C GLU O 639 -56.39 -21.04 72.51
N SER O 640 -56.68 -20.29 71.46
CA SER O 640 -57.00 -20.89 70.18
C SER O 640 -55.80 -21.66 69.66
N ASP O 641 -55.86 -22.99 69.72
CA ASP O 641 -54.72 -23.80 69.34
C ASP O 641 -54.56 -23.86 67.83
N SER O 642 -55.66 -23.93 67.09
CA SER O 642 -55.57 -24.06 65.64
C SER O 642 -56.90 -23.71 64.99
N SER O 643 -56.86 -23.57 63.66
CA SER O 643 -58.04 -23.36 62.84
C SER O 643 -57.69 -23.85 61.43
N ASP O 644 -58.25 -24.99 61.05
CA ASP O 644 -57.91 -25.64 59.78
C ASP O 644 -59.09 -25.62 58.84
N ILE O 645 -58.85 -25.23 57.59
CA ILE O 645 -59.93 -25.14 56.61
C ILE O 645 -60.28 -26.55 56.14
N LEU O 646 -61.21 -27.18 56.87
CA LEU O 646 -61.48 -28.60 56.67
C LEU O 646 -62.09 -28.89 55.31
N ARG O 647 -63.33 -28.45 55.09
CA ARG O 647 -64.08 -28.75 53.86
C ARG O 647 -65.17 -27.70 53.68
N MET O 648 -66.09 -27.97 52.76
CA MET O 648 -67.05 -26.99 52.27
C MET O 648 -68.49 -27.38 52.61
N ALA O 649 -68.74 -27.73 53.87
CA ALA O 649 -70.08 -28.12 54.26
C ALA O 649 -70.27 -27.93 55.76
N VAL O 650 -71.53 -27.88 56.17
CA VAL O 650 -71.89 -27.74 57.58
C VAL O 650 -71.98 -29.12 58.20
N PHE O 651 -71.66 -29.20 59.50
CA PHE O 651 -71.48 -30.49 60.13
C PHE O 651 -72.76 -30.91 60.84
N ASN O 652 -72.92 -32.22 61.02
CA ASN O 652 -74.09 -32.74 61.70
C ASN O 652 -73.72 -33.77 62.76
N GLN O 653 -72.57 -34.44 62.58
CA GLN O 653 -72.16 -35.50 63.47
C GLN O 653 -70.66 -35.71 63.39
N GLN O 654 -70.04 -35.86 64.57
CA GLN O 654 -68.59 -35.91 64.70
C GLN O 654 -68.21 -36.87 65.81
N LYS O 655 -67.03 -37.50 65.66
CA LYS O 655 -66.47 -38.37 66.67
C LYS O 655 -64.96 -38.13 66.79
N HIS O 656 -64.35 -38.75 67.79
CA HIS O 656 -62.90 -38.77 67.98
C HIS O 656 -62.44 -40.20 68.29
N LEU O 657 -61.18 -40.34 68.69
CA LEU O 657 -60.73 -41.63 69.18
C LEU O 657 -60.66 -41.69 70.70
N ILE O 658 -60.44 -42.91 71.18
CA ILE O 658 -60.21 -43.15 72.61
C ILE O 658 -59.04 -42.34 73.09
N THR O 659 -57.98 -42.27 72.28
CA THR O 659 -56.83 -41.41 72.54
C THR O 659 -56.88 -40.17 71.67
N LEU O 660 -58.06 -39.87 71.12
CA LEU O 660 -58.29 -38.71 70.28
C LEU O 660 -57.46 -38.75 69.01
N HIS O 661 -56.77 -39.87 68.75
CA HIS O 661 -55.82 -39.94 67.65
C HIS O 661 -56.48 -39.82 66.29
N CYS O 662 -57.79 -39.97 66.20
CA CYS O 662 -58.52 -39.74 64.97
C CYS O 662 -59.86 -39.14 65.32
N ASN O 663 -60.42 -38.39 64.38
CA ASN O 663 -61.61 -37.59 64.66
C ASN O 663 -62.49 -37.59 63.41
N GLY O 664 -63.42 -38.54 63.35
CA GLY O 664 -64.34 -38.60 62.22
C GLY O 664 -65.54 -37.70 62.41
N SER O 665 -66.10 -37.26 61.28
CA SER O 665 -67.28 -36.41 61.29
C SER O 665 -68.05 -36.60 59.99
N VAL O 666 -69.28 -36.09 59.97
CA VAL O 666 -70.07 -35.99 58.75
C VAL O 666 -70.37 -34.54 58.47
N LYS O 667 -70.12 -34.11 57.24
CA LYS O 667 -70.42 -32.78 56.76
C LYS O 667 -71.79 -32.80 56.11
N LEU O 668 -72.15 -31.69 55.48
CA LEU O 668 -73.24 -31.80 54.50
C LEU O 668 -72.82 -32.64 53.31
N TRP O 669 -71.51 -32.84 53.14
CA TRP O 669 -71.00 -33.79 52.15
C TRP O 669 -71.37 -35.23 52.49
N SER O 670 -71.78 -35.48 53.74
CA SER O 670 -72.05 -36.84 54.23
C SER O 670 -70.82 -37.73 54.10
N LEU O 671 -69.65 -37.17 54.39
CA LEU O 671 -68.38 -37.87 54.27
C LEU O 671 -67.60 -37.72 55.57
N TRP O 672 -66.53 -38.50 55.71
CA TRP O 672 -65.81 -38.63 56.98
C TRP O 672 -64.34 -38.28 56.85
N PRO O 673 -63.96 -37.22 57.54
CA PRO O 673 -62.58 -36.76 57.64
C PRO O 673 -62.08 -37.31 58.95
N ASP O 674 -61.21 -38.31 58.90
CA ASP O 674 -60.67 -38.90 60.13
C ASP O 674 -59.75 -37.93 60.85
N CYS O 675 -58.53 -37.75 60.31
CA CYS O 675 -57.47 -36.86 60.84
C CYS O 675 -56.87 -37.23 62.21
N PRO O 676 -55.92 -36.41 62.69
CA PRO O 676 -55.37 -36.78 63.99
C PRO O 676 -55.82 -35.84 65.10
N GLY O 677 -55.43 -36.15 66.34
CA GLY O 677 -55.69 -35.27 67.46
C GLY O 677 -54.43 -34.84 68.19
N ARG O 679 -52.96 -33.59 65.57
CA ARG O 679 -52.23 -32.76 64.63
C ARG O 679 -53.17 -32.18 63.57
N HIS O 680 -52.66 -31.23 62.80
CA HIS O 680 -53.50 -30.47 61.88
C HIS O 680 -53.70 -31.16 60.54
N SER O 681 -53.10 -32.33 60.34
CA SER O 681 -53.34 -33.09 59.12
C SER O 681 -54.75 -33.67 59.14
N GLY O 682 -55.02 -34.54 58.17
CA GLY O 682 -56.33 -35.17 58.06
C GLY O 682 -56.99 -34.96 56.71
N GLY O 683 -56.61 -35.76 55.72
CA GLY O 683 -57.20 -35.61 54.41
C GLY O 683 -58.51 -36.36 54.30
N SER O 684 -59.30 -36.05 53.27
CA SER O 684 -60.58 -36.73 53.05
C SER O 684 -60.19 -38.19 52.88
N LYS O 685 -60.78 -39.08 53.66
CA LYS O 685 -60.36 -40.46 53.58
C LYS O 685 -61.35 -41.61 53.34
N GLN O 686 -62.57 -41.56 53.87
CA GLN O 686 -63.40 -42.73 53.67
C GLN O 686 -64.73 -42.32 53.06
N GLN O 687 -64.68 -41.70 51.88
CA GLN O 687 -65.89 -41.26 51.21
C GLN O 687 -66.75 -42.46 50.79
N LEU O 688 -68.06 -42.22 50.75
CA LEU O 688 -69.03 -43.16 50.19
C LEU O 688 -70.42 -42.51 50.17
N VAL O 693 -72.68 -41.77 54.27
CA VAL O 693 -72.26 -42.54 55.44
C VAL O 693 -72.80 -41.87 56.70
N LYS O 694 -73.27 -42.66 57.66
CA LYS O 694 -74.13 -42.15 58.72
C LYS O 694 -73.49 -42.16 60.10
N ARG O 695 -73.09 -43.32 60.63
CA ARG O 695 -72.72 -43.44 62.04
C ARG O 695 -71.43 -44.23 62.22
N PHE O 696 -70.67 -43.89 63.26
CA PHE O 696 -69.35 -44.46 63.49
C PHE O 696 -69.28 -44.89 64.95
N ILE O 697 -68.84 -46.11 65.23
CA ILE O 697 -68.63 -46.57 66.61
C ILE O 697 -67.39 -47.45 66.61
N GLY O 698 -66.29 -46.94 67.14
CA GLY O 698 -65.10 -47.75 67.26
C GLY O 698 -65.31 -48.92 68.19
N SER O 699 -64.58 -50.01 67.95
CA SER O 699 -64.61 -51.11 68.90
C SER O 699 -64.10 -50.61 70.24
N TYR O 700 -64.90 -50.82 71.28
CA TYR O 700 -64.61 -50.21 72.56
C TYR O 700 -63.39 -50.82 73.23
N ALA O 701 -62.93 -51.97 72.77
CA ALA O 701 -61.71 -52.56 73.29
C ALA O 701 -60.50 -51.74 72.85
N ASN O 702 -59.62 -51.45 73.81
CA ASN O 702 -58.43 -50.66 73.51
C ASN O 702 -57.38 -51.46 72.75
N LEU O 703 -57.45 -52.80 72.78
CA LEU O 703 -56.46 -53.62 72.10
C LEU O 703 -56.76 -53.80 70.62
N LYS O 704 -57.93 -53.39 70.16
CA LYS O 704 -58.32 -53.53 68.77
C LYS O 704 -58.79 -52.19 68.22
N ILE O 705 -58.38 -51.88 66.98
CA ILE O 705 -58.73 -50.61 66.37
C ILE O 705 -59.95 -50.85 65.51
N VAL O 706 -60.64 -51.97 65.76
CA VAL O 706 -61.86 -52.27 65.04
C VAL O 706 -62.87 -51.15 65.26
N ALA O 707 -63.77 -50.98 64.31
CA ALA O 707 -64.78 -49.94 64.41
C ALA O 707 -65.97 -50.34 63.55
N PHE O 708 -67.14 -50.46 64.17
CA PHE O 708 -68.36 -50.75 63.46
C PHE O 708 -68.86 -49.49 62.80
N TYR O 709 -69.03 -49.52 61.48
CA TYR O 709 -69.32 -48.31 60.75
C TYR O 709 -70.72 -48.46 60.15
N LEU O 710 -71.27 -47.34 59.67
CA LEU O 710 -72.65 -47.29 59.21
C LEU O 710 -72.81 -46.26 58.10
N ASN O 711 -73.18 -46.73 56.92
CA ASN O 711 -73.34 -45.87 55.75
C ASN O 711 -74.80 -45.84 55.32
N GLU O 712 -75.08 -45.07 54.27
CA GLU O 712 -76.44 -44.90 53.78
C GLU O 712 -76.91 -46.04 52.89
N ASP O 713 -76.00 -46.88 52.40
CA ASP O 713 -76.37 -47.98 51.51
C ASP O 713 -76.65 -49.27 52.27
N ALA O 714 -77.06 -49.17 53.53
CA ALA O 714 -77.32 -50.33 54.39
C ALA O 714 -76.09 -51.24 54.46
N GLY O 715 -75.00 -50.67 54.97
CA GLY O 715 -73.75 -51.40 55.07
C GLY O 715 -73.09 -51.24 56.42
N LEU O 716 -72.34 -52.26 56.80
CA LEU O 716 -71.58 -52.32 58.04
C LEU O 716 -70.11 -52.48 57.67
N PRO O 717 -69.38 -51.39 57.42
CA PRO O 717 -67.92 -51.52 57.32
C PRO O 717 -67.29 -51.50 58.70
N GLU O 718 -66.17 -52.21 58.81
CA GLU O 718 -65.36 -52.26 60.02
C GLU O 718 -63.91 -52.31 59.61
N ALA O 719 -63.09 -51.47 60.25
CA ALA O 719 -61.69 -51.34 59.87
C ALA O 719 -60.86 -50.94 61.09
N ASN O 720 -59.55 -51.18 60.98
CA ASN O 720 -58.57 -50.65 61.91
C ASN O 720 -57.85 -49.48 61.24
N ILE O 721 -57.52 -48.48 62.04
CA ILE O 721 -56.87 -47.28 61.52
C ILE O 721 -55.48 -47.58 61.01
N GLN O 722 -54.74 -48.47 61.70
CA GLN O 722 -53.40 -48.82 61.26
C GLN O 722 -53.40 -49.43 59.87
N LEU O 723 -54.50 -50.01 59.43
CA LEU O 723 -54.68 -50.43 58.05
C LEU O 723 -55.64 -49.49 57.35
N HIS O 724 -55.75 -49.65 56.02
CA HIS O 724 -56.36 -48.64 55.18
C HIS O 724 -57.58 -49.13 54.43
N VAL O 725 -58.03 -50.36 54.66
CA VAL O 725 -59.20 -50.91 53.98
C VAL O 725 -60.17 -51.40 55.05
N ALA O 726 -61.46 -51.21 54.80
CA ALA O 726 -62.48 -51.75 55.68
C ALA O 726 -62.29 -53.25 55.82
N PHE O 727 -62.04 -53.70 57.06
CA PHE O 727 -61.74 -55.11 57.29
C PHE O 727 -62.92 -56.00 56.91
N ILE O 728 -64.13 -55.58 57.27
CA ILE O 728 -65.34 -56.39 57.04
C ILE O 728 -66.46 -55.48 56.55
N ASN O 729 -67.23 -55.97 55.58
CA ASN O 729 -68.37 -55.24 55.03
C ASN O 729 -69.60 -56.15 55.08
N GLY O 730 -70.39 -56.01 56.13
CA GLY O 730 -71.59 -56.82 56.30
C GLY O 730 -72.86 -56.05 55.93
N ASP O 731 -73.59 -56.58 54.95
CA ASP O 731 -74.84 -55.98 54.51
C ASP O 731 -76.02 -56.58 55.27
N TRP O 737 -83.69 -46.35 59.26
CA TRP O 737 -82.69 -46.61 58.23
C TRP O 737 -81.67 -45.48 58.29
N ASP O 738 -81.92 -44.54 59.21
CA ASP O 738 -81.03 -43.41 59.45
C ASP O 738 -79.87 -43.79 60.35
N GLU O 739 -80.15 -44.10 61.61
CA GLU O 739 -79.14 -44.55 62.55
C GLU O 739 -79.36 -46.03 62.79
N GLN O 740 -78.29 -46.81 62.69
CA GLN O 740 -78.34 -48.26 62.77
C GLN O 740 -77.23 -48.76 63.67
N ASP O 741 -77.10 -48.14 64.85
CA ASP O 741 -76.00 -48.42 65.78
C ASP O 741 -75.80 -49.90 65.99
N GLN O 742 -74.58 -50.31 66.28
CA GLN O 742 -74.28 -51.72 66.47
C GLN O 742 -74.06 -52.02 67.94
N GLU O 743 -74.70 -53.08 68.41
CA GLU O 743 -74.52 -53.60 69.75
C GLU O 743 -73.20 -54.36 69.78
N PHE O 744 -72.90 -54.96 70.94
CA PHE O 744 -71.66 -55.69 71.10
C PHE O 744 -71.93 -57.15 71.40
N LYS O 745 -71.67 -57.98 70.40
CA LYS O 745 -71.88 -59.41 70.54
C LYS O 745 -71.06 -60.19 69.54
N LEU O 746 -71.65 -60.18 68.34
CA LEU O 746 -71.24 -60.79 67.10
C LEU O 746 -72.32 -60.43 66.03
N SER O 747 -73.48 -59.93 66.49
CA SER O 747 -74.60 -59.52 65.63
C SER O 747 -75.11 -58.11 66.00
N HIS O 748 -76.12 -58.07 66.88
CA HIS O 748 -76.85 -56.91 67.46
C HIS O 748 -76.78 -55.48 66.90
N VAL O 749 -77.92 -54.99 66.39
CA VAL O 749 -78.04 -53.63 65.80
C VAL O 749 -79.45 -53.00 65.82
N PRO O 750 -79.70 -51.97 66.68
CA PRO O 750 -80.99 -51.29 66.58
C PRO O 750 -80.97 -50.17 65.55
N VAL O 751 -82.17 -49.86 65.03
CA VAL O 751 -82.35 -48.90 63.94
C VAL O 751 -83.57 -48.04 64.24
N LEU O 752 -83.54 -46.76 63.85
CA LEU O 752 -84.67 -45.87 64.10
C LEU O 752 -84.93 -44.78 63.06
N LYS O 753 -85.81 -43.85 63.46
CA LYS O 753 -86.20 -42.64 62.73
C LYS O 753 -87.02 -42.93 61.49
N THR O 754 -86.37 -43.39 60.41
CA THR O 754 -87.11 -43.66 59.18
C THR O 754 -88.23 -44.67 59.44
N MET O 755 -87.93 -45.73 60.17
CA MET O 755 -88.98 -46.60 60.68
C MET O 755 -89.75 -45.88 61.77
N GLN O 756 -91.03 -45.66 61.54
CA GLN O 756 -91.97 -45.32 62.60
C GLN O 756 -92.00 -46.50 63.56
N SER O 757 -91.85 -47.69 63.00
CA SER O 757 -91.84 -48.93 63.77
C SER O 757 -90.60 -49.00 64.65
N GLY O 758 -89.43 -48.86 64.04
CA GLY O 758 -88.18 -49.24 64.67
C GLY O 758 -87.94 -50.73 64.53
N ILE O 759 -86.66 -51.09 64.40
CA ILE O 759 -86.31 -52.49 64.14
C ILE O 759 -85.03 -52.89 64.85
N ARG O 760 -85.04 -54.09 65.43
CA ARG O 760 -83.82 -54.71 65.93
C ARG O 760 -83.37 -55.81 64.99
N CYS O 761 -82.06 -55.99 64.89
CA CYS O 761 -81.46 -57.03 64.06
C CYS O 761 -80.25 -57.60 64.77
N PHE O 762 -79.79 -58.61 64.07
CA PHE O 762 -78.58 -59.32 64.33
C PHE O 762 -77.79 -59.14 63.02
N VAL O 763 -76.49 -58.86 63.08
CA VAL O 763 -75.69 -58.83 61.86
C VAL O 763 -75.23 -60.27 61.56
N GLN O 764 -75.25 -61.11 62.60
CA GLN O 764 -74.95 -62.53 62.52
C GLN O 764 -76.05 -62.90 61.59
N VAL O 765 -77.30 -62.55 61.93
CA VAL O 765 -78.46 -62.95 61.13
C VAL O 765 -78.96 -62.07 59.96
N LEU O 766 -78.64 -60.79 59.98
CA LEU O 766 -79.07 -59.85 58.94
C LEU O 766 -80.58 -59.90 58.64
N LYS O 767 -81.37 -59.47 59.60
CA LYS O 767 -82.84 -59.45 59.48
C LYS O 767 -83.53 -58.50 60.45
N ARG O 768 -84.85 -58.40 60.34
CA ARG O 768 -85.66 -57.54 61.20
C ARG O 768 -86.62 -58.40 62.04
N TYR O 769 -86.72 -58.09 63.34
CA TYR O 769 -87.55 -58.86 64.22
C TYR O 769 -88.82 -58.27 64.79
N TYR O 770 -88.67 -57.17 65.51
CA TYR O 770 -89.78 -56.73 66.36
C TYR O 770 -90.17 -55.33 65.93
N VAL O 771 -91.36 -54.87 66.35
CA VAL O 771 -91.88 -53.65 65.74
C VAL O 771 -92.11 -52.49 66.71
N VAL O 772 -93.12 -52.58 67.58
CA VAL O 772 -93.62 -51.47 68.40
C VAL O 772 -93.89 -50.21 67.56
N CYS O 773 -94.86 -49.39 67.98
CA CYS O 773 -95.21 -48.18 67.26
C CYS O 773 -94.57 -46.96 67.92
N THR O 774 -93.98 -46.08 67.11
CA THR O 774 -93.37 -44.83 67.59
C THR O 774 -93.86 -43.71 66.68
N SER O 775 -94.85 -42.94 67.15
CA SER O 775 -95.38 -41.84 66.35
C SER O 775 -95.53 -40.55 67.16
N ASN O 776 -94.81 -40.43 68.27
CA ASN O 776 -94.96 -39.27 69.14
C ASN O 776 -93.98 -38.17 68.82
N CYS O 777 -93.89 -37.16 69.69
CA CYS O 777 -93.09 -35.97 69.48
C CYS O 777 -91.59 -36.23 69.60
N THR O 778 -91.17 -37.48 69.49
CA THR O 778 -89.76 -37.85 69.58
C THR O 778 -89.37 -38.77 68.43
N LEU O 794 -83.12 -41.87 67.57
CA LEU O 794 -81.82 -41.42 68.05
C LEU O 794 -81.26 -42.37 69.10
N HIS O 795 -80.27 -43.17 68.71
CA HIS O 795 -79.63 -44.10 69.62
C HIS O 795 -78.33 -43.51 70.15
N VAL O 796 -78.22 -43.42 71.47
CA VAL O 796 -77.01 -42.99 72.16
C VAL O 796 -76.74 -43.96 73.30
N PHE O 797 -75.47 -44.28 73.51
CA PHE O 797 -75.06 -45.25 74.50
C PHE O 797 -74.48 -44.56 75.73
N ASN O 798 -74.66 -45.20 76.89
CA ASN O 798 -74.05 -44.76 78.13
C ASN O 798 -72.64 -45.35 78.20
N VAL O 799 -72.01 -45.33 79.38
CA VAL O 799 -70.73 -46.02 79.53
C VAL O 799 -70.88 -47.51 79.25
N GLU O 800 -72.08 -48.05 79.40
CA GLU O 800 -72.39 -49.42 79.00
C GLU O 800 -73.00 -49.42 77.61
N ASN O 801 -72.37 -50.15 76.68
CA ASN O 801 -72.94 -50.32 75.34
C ASN O 801 -74.23 -51.12 75.39
N ASP O 802 -74.52 -51.77 76.51
CA ASP O 802 -75.75 -52.53 76.69
C ASP O 802 -76.98 -51.64 76.85
N THR O 803 -76.80 -50.33 76.93
CA THR O 803 -77.90 -49.40 77.22
C THR O 803 -77.99 -48.33 76.15
N PRO O 804 -78.68 -48.59 75.03
CA PRO O 804 -78.96 -47.52 74.09
C PRO O 804 -80.23 -46.76 74.44
N LEU O 805 -80.18 -45.44 74.37
CA LEU O 805 -81.35 -44.60 74.54
C LEU O 805 -82.01 -44.43 73.19
N ALA O 806 -83.35 -44.48 73.15
CA ALA O 806 -84.08 -44.33 71.92
C ALA O 806 -85.28 -43.42 72.14
N LEU O 807 -85.33 -42.31 71.39
CA LEU O 807 -86.48 -41.40 71.44
C LEU O 807 -87.67 -42.06 70.75
N ASP O 808 -88.28 -42.99 71.46
CA ASP O 808 -89.27 -43.89 70.88
C ASP O 808 -90.54 -43.93 71.70
N VAL O 809 -91.63 -44.26 71.00
CA VAL O 809 -92.94 -44.54 71.56
C VAL O 809 -93.38 -43.38 72.44
N PHE O 810 -93.55 -43.63 73.74
CA PHE O 810 -94.20 -42.68 74.62
C PHE O 810 -93.37 -41.40 74.76
N ASP O 811 -92.22 -41.51 75.41
CA ASP O 811 -91.24 -40.43 75.47
C ASP O 811 -89.89 -40.85 74.93
N GLU O 812 -89.32 -41.93 75.50
CA GLU O 812 -88.02 -42.44 75.12
C GLU O 812 -88.01 -43.93 75.43
N ARG O 813 -86.96 -44.63 74.97
CA ARG O 813 -86.82 -46.06 75.21
C ARG O 813 -85.36 -46.40 75.43
N SER O 814 -85.00 -46.72 76.66
CA SER O 814 -83.70 -47.28 76.99
C SER O 814 -83.87 -48.79 77.13
N LYS O 815 -83.03 -49.55 76.43
CA LYS O 815 -83.21 -50.99 76.29
C LYS O 815 -81.91 -51.72 76.60
N THR O 816 -82.00 -53.04 76.71
CA THR O 816 -80.84 -53.89 76.92
C THR O 816 -80.15 -54.15 75.58
N ALA O 817 -78.83 -54.04 75.56
CA ALA O 817 -78.08 -54.33 74.35
C ALA O 817 -76.86 -55.20 74.67
N VAL O 819 -80.67 -60.07 75.66
CA VAL O 819 -81.98 -60.42 76.20
C VAL O 819 -83.06 -59.59 75.51
N LEU O 820 -82.65 -58.46 74.93
CA LEU O 820 -83.55 -57.57 74.19
C LEU O 820 -84.70 -57.10 75.07
N LEU O 821 -84.34 -56.35 76.11
CA LEU O 821 -85.31 -55.87 77.10
C LEU O 821 -85.23 -54.35 77.19
N ILE O 822 -86.37 -53.69 77.22
CA ILE O 822 -86.42 -52.24 77.35
C ILE O 822 -86.24 -51.89 78.83
N PHE O 823 -85.15 -51.20 79.15
CA PHE O 823 -84.93 -50.77 80.52
C PHE O 823 -86.03 -49.84 80.99
N LYS O 824 -86.15 -48.67 80.34
CA LYS O 824 -86.98 -47.60 80.88
C LYS O 824 -87.56 -46.74 79.77
N TYR O 825 -88.53 -45.92 80.16
CA TYR O 825 -89.09 -44.87 79.34
C TYR O 825 -89.08 -43.59 80.16
N SER O 826 -88.57 -42.51 79.58
CA SER O 826 -88.53 -41.25 80.30
C SER O 826 -89.94 -40.73 80.54
N VAL O 827 -90.08 -39.84 81.50
CA VAL O 827 -91.39 -39.46 82.03
C VAL O 827 -91.60 -37.97 81.76
N TRP O 828 -92.32 -37.65 80.70
CA TRP O 828 -92.77 -36.27 80.49
C TRP O 828 -94.05 -36.23 79.67
N PHE O 832 -91.97 -31.43 74.40
CA PHE O 832 -90.73 -31.09 73.71
C PHE O 832 -90.41 -32.00 72.53
N LEU O 833 -90.36 -31.41 71.35
CA LEU O 833 -89.71 -32.05 70.23
C LEU O 833 -88.21 -32.02 70.46
N PRO O 834 -87.52 -33.14 70.47
CA PRO O 834 -86.11 -33.16 70.87
C PRO O 834 -85.23 -32.58 69.77
N GLY O 835 -84.61 -31.44 70.05
CA GLY O 835 -83.68 -30.87 69.10
C GLY O 835 -82.57 -31.87 68.81
N LEU O 836 -81.71 -32.10 69.81
CA LEU O 836 -80.81 -33.23 69.79
C LEU O 836 -80.74 -33.80 71.19
N SER O 837 -80.73 -35.13 71.28
CA SER O 837 -80.67 -35.83 72.55
C SER O 837 -79.27 -36.40 72.71
N VAL O 838 -78.60 -36.07 73.81
CA VAL O 838 -77.22 -36.47 74.03
C VAL O 838 -77.09 -37.15 75.38
N SER O 839 -76.48 -38.34 75.37
CA SER O 839 -76.13 -39.04 76.60
C SER O 839 -74.73 -38.63 77.04
N LEU O 840 -74.49 -38.69 78.35
CA LEU O 840 -73.20 -38.28 78.87
C LEU O 840 -72.16 -39.37 78.68
N GLN O 841 -70.92 -38.99 78.98
CA GLN O 841 -69.79 -39.89 79.02
C GLN O 841 -69.73 -40.70 80.31
N SER O 842 -70.85 -40.76 81.04
CA SER O 842 -70.84 -41.20 82.44
C SER O 842 -72.05 -42.07 82.76
N GLU O 843 -72.34 -42.23 84.05
CA GLU O 843 -73.42 -43.09 84.53
C GLU O 843 -74.75 -42.76 83.88
N ALA O 844 -75.67 -43.72 83.91
CA ALA O 844 -77.00 -43.50 83.35
C ALA O 844 -78.00 -43.03 84.39
N VAL O 845 -77.58 -42.95 85.66
CA VAL O 845 -78.46 -42.50 86.72
C VAL O 845 -78.35 -40.98 86.75
N GLN O 846 -77.69 -40.44 85.73
CA GLN O 846 -77.57 -39.00 85.56
C GLN O 846 -77.74 -38.60 84.10
N LEU O 847 -78.60 -39.28 83.34
CA LEU O 847 -78.49 -39.32 81.88
C LEU O 847 -79.56 -38.44 81.24
N PRO O 848 -79.16 -37.41 80.48
CA PRO O 848 -80.11 -36.39 80.01
C PRO O 848 -80.93 -36.80 78.81
N GLU O 849 -81.57 -35.80 78.20
CA GLU O 849 -82.19 -35.92 76.88
C GLU O 849 -81.19 -36.51 75.88
N ILE O 853 -87.44 -25.00 73.44
CA ILE O 853 -86.10 -24.43 73.43
C ILE O 853 -85.32 -24.91 74.65
N THR O 854 -85.79 -24.55 75.84
CA THR O 854 -85.10 -24.88 77.07
C THR O 854 -84.91 -26.39 77.20
N CYS O 855 -83.98 -26.79 78.06
CA CYS O 855 -83.65 -28.19 78.19
C CYS O 855 -83.40 -28.54 79.65
N GLY O 856 -83.59 -29.82 79.96
CA GLY O 856 -83.31 -30.33 81.28
C GLY O 856 -82.65 -31.69 81.21
N LYS O 857 -81.55 -31.85 81.93
CA LYS O 857 -80.90 -33.15 82.02
C LYS O 857 -81.59 -34.02 83.06
N ARG O 858 -81.72 -35.30 82.73
CA ARG O 858 -82.48 -36.26 83.50
C ARG O 858 -81.59 -37.32 84.12
N SER O 859 -82.22 -38.27 84.81
CA SER O 859 -81.53 -39.33 85.54
C SER O 859 -82.24 -40.64 85.23
N THR O 860 -81.79 -41.33 84.19
CA THR O 860 -82.37 -42.61 83.83
C THR O 860 -81.98 -43.67 84.86
N ASP O 861 -82.51 -44.86 84.68
CA ASP O 861 -82.13 -46.03 85.48
C ASP O 861 -82.23 -45.78 86.99
N ARG O 863 -85.09 -42.28 85.67
CA ARG O 863 -86.35 -41.68 85.25
C ARG O 863 -86.71 -40.45 86.06
N TYR O 864 -85.80 -39.49 86.14
CA TYR O 864 -86.07 -38.26 86.86
C TYR O 864 -85.22 -37.13 86.30
N LEU O 865 -85.81 -35.95 86.20
CA LEU O 865 -85.10 -34.75 85.80
C LEU O 865 -84.04 -34.36 86.82
N LEU O 866 -82.76 -34.46 86.44
CA LEU O 866 -81.71 -33.94 87.31
C LEU O 866 -81.85 -32.43 87.47
N LEU O 867 -81.69 -31.70 86.38
CA LEU O 867 -81.54 -30.26 86.44
C LEU O 867 -82.19 -29.64 85.20
N GLY O 868 -82.49 -28.35 85.30
CA GLY O 868 -82.91 -27.58 84.14
C GLY O 868 -81.88 -26.52 83.83
N THR O 869 -81.42 -26.46 82.58
CA THR O 869 -80.29 -25.62 82.22
C THR O 869 -80.72 -24.54 81.24
N SER O 870 -80.28 -23.31 81.47
CA SER O 870 -80.56 -22.17 80.60
C SER O 870 -79.23 -21.49 80.26
N GLU O 871 -78.68 -21.79 79.08
CA GLU O 871 -77.44 -21.18 78.63
C GLU O 871 -77.57 -20.74 77.17
N GLY O 872 -78.67 -20.10 76.82
CA GLY O 872 -78.86 -19.61 75.47
C GLY O 872 -80.32 -19.35 75.17
N LEU O 873 -80.54 -18.70 74.02
CA LEU O 873 -81.89 -18.36 73.57
C LEU O 873 -82.25 -19.05 72.27
N ILE O 874 -81.42 -18.92 71.24
CA ILE O 874 -81.72 -19.50 69.95
C ILE O 874 -81.64 -21.03 70.05
N VAL O 875 -82.26 -21.70 69.06
CA VAL O 875 -82.53 -23.14 69.14
C VAL O 875 -81.34 -23.90 69.66
N TYR O 876 -81.59 -24.77 70.64
CA TYR O 876 -80.53 -25.54 71.27
C TYR O 876 -80.13 -26.70 70.37
N ASP O 877 -78.83 -26.99 70.31
CA ASP O 877 -78.34 -28.05 69.43
C ASP O 877 -77.66 -29.17 70.21
N LEU O 878 -76.68 -28.85 71.04
CA LEU O 878 -75.92 -29.89 71.72
C LEU O 878 -75.71 -29.57 73.19
N LYS O 879 -75.49 -30.65 73.94
CA LYS O 879 -75.24 -30.61 75.39
C LYS O 879 -74.35 -31.79 75.72
N ILE O 880 -73.20 -31.55 76.33
CA ILE O 880 -72.25 -32.64 76.59
C ILE O 880 -71.52 -32.42 77.91
N SER O 881 -71.29 -33.51 78.64
CA SER O 881 -70.64 -33.44 79.93
C SER O 881 -69.13 -33.60 79.77
N ASP O 882 -68.47 -33.81 80.90
CA ASP O 882 -67.03 -33.98 80.96
C ASP O 882 -66.67 -35.43 81.29
N PRO O 883 -65.45 -35.85 80.94
CA PRO O 883 -64.98 -37.16 81.42
C PRO O 883 -64.97 -37.26 82.93
N VAL O 884 -64.67 -36.15 83.61
CA VAL O 884 -64.66 -36.13 85.07
C VAL O 884 -65.96 -35.60 85.63
N LEU O 885 -66.98 -35.41 84.77
CA LEU O 885 -68.33 -35.06 85.22
C LEU O 885 -68.36 -33.73 85.94
N ARG O 886 -67.48 -32.81 85.59
CA ARG O 886 -67.46 -31.52 86.24
C ARG O 886 -68.24 -30.49 85.44
N SER O 887 -67.94 -30.38 84.14
CA SER O 887 -68.49 -29.30 83.35
C SER O 887 -69.54 -29.80 82.37
N ASN O 888 -70.52 -28.95 82.08
CA ASN O 888 -71.55 -29.19 81.09
C ASN O 888 -71.50 -28.13 80.00
N VAL O 889 -71.70 -28.56 78.76
CA VAL O 889 -71.44 -27.75 77.58
C VAL O 889 -72.74 -27.60 76.82
N SER O 890 -73.12 -26.35 76.55
CA SER O 890 -74.35 -26.01 75.85
C SER O 890 -73.99 -25.27 74.57
N GLU O 891 -74.43 -25.81 73.44
CA GLU O 891 -74.05 -25.32 72.12
C GLU O 891 -75.30 -25.09 71.29
N HIS O 892 -75.45 -23.89 70.76
CA HIS O 892 -76.70 -23.47 70.13
C HIS O 892 -76.40 -22.74 68.83
N ILE O 893 -77.48 -22.32 68.16
CA ILE O 893 -77.36 -21.59 66.90
C ILE O 893 -76.92 -20.16 67.16
N GLU O 894 -77.16 -19.65 68.37
CA GLU O 894 -76.73 -18.30 68.73
C GLU O 894 -75.21 -18.17 68.70
N CYS O 895 -74.48 -19.28 68.69
CA CYS O 895 -73.06 -19.35 68.39
C CYS O 895 -72.17 -18.78 69.47
N VAL O 896 -72.62 -18.77 70.73
CA VAL O 896 -71.76 -18.49 71.86
C VAL O 896 -71.88 -19.71 72.78
N ASP O 897 -70.97 -20.67 72.59
CA ASP O 897 -70.95 -21.85 73.44
C ASP O 897 -70.81 -21.45 74.89
N ILE O 898 -71.58 -22.10 75.76
CA ILE O 898 -71.59 -21.77 77.18
C ILE O 898 -71.26 -23.01 78.00
N TYR O 899 -70.53 -22.80 79.09
CA TYR O 899 -70.05 -23.85 79.96
C TYR O 899 -70.57 -23.58 81.36
N GLU O 900 -71.09 -24.62 82.01
CA GLU O 900 -71.42 -24.61 83.43
C GLU O 900 -70.78 -25.81 84.11
N LEU O 901 -71.17 -26.05 85.35
CA LEU O 901 -70.65 -27.14 86.16
C LEU O 901 -71.77 -28.06 86.62
N PHE O 902 -71.43 -28.98 87.51
CA PHE O 902 -72.37 -29.93 88.07
C PHE O 902 -72.73 -29.59 89.51
N ASP O 903 -71.73 -29.45 90.37
CA ASP O 903 -71.97 -29.23 91.79
C ASP O 903 -72.72 -27.94 92.10
N PRO O 904 -72.33 -26.77 91.56
CA PRO O 904 -73.05 -25.53 91.92
C PRO O 904 -74.29 -25.27 91.08
N VAL O 905 -74.63 -26.16 90.15
CA VAL O 905 -75.84 -26.03 89.35
C VAL O 905 -76.96 -26.92 89.88
N TYR O 906 -76.70 -27.74 90.90
CA TYR O 906 -77.72 -28.64 91.42
C TYR O 906 -78.83 -27.85 92.10
N LYS O 907 -79.94 -27.65 91.40
CA LYS O 907 -81.07 -26.84 91.89
C LYS O 907 -82.36 -27.42 91.31
N TYR O 908 -83.50 -27.07 91.91
CA TYR O 908 -84.77 -27.61 91.44
C TYR O 908 -85.85 -26.54 91.27
N ILE O 909 -85.72 -25.42 91.97
CA ILE O 909 -86.77 -24.41 91.98
C ILE O 909 -86.32 -23.23 91.13
N VAL O 910 -87.27 -22.39 90.72
CA VAL O 910 -87.05 -21.37 89.70
C VAL O 910 -86.82 -20.03 90.42
N LEU O 911 -86.39 -19.04 89.65
CA LEU O 911 -86.08 -17.71 90.17
C LEU O 911 -87.12 -16.75 89.61
N CYS O 912 -88.39 -17.20 89.67
CA CYS O 912 -89.65 -16.56 89.30
C CYS O 912 -90.44 -17.52 88.41
N GLY O 913 -91.04 -17.04 87.33
CA GLY O 913 -91.84 -17.94 86.53
C GLY O 913 -92.43 -17.47 85.21
N ALA O 914 -93.58 -18.04 84.85
CA ALA O 914 -94.14 -17.95 83.51
C ALA O 914 -94.52 -16.51 83.16
N LYS O 915 -94.67 -16.27 81.86
CA LYS O 915 -94.80 -14.90 81.34
C LYS O 915 -96.01 -14.16 81.90
N GLY O 916 -97.13 -14.85 82.13
CA GLY O 916 -98.31 -14.18 82.62
C GLY O 916 -98.24 -13.86 84.10
N LYS O 917 -98.13 -12.57 84.44
CA LYS O 917 -97.92 -12.17 85.82
C LYS O 917 -98.70 -10.89 86.09
N GLN O 918 -98.83 -10.56 87.37
CA GLN O 918 -99.49 -9.33 87.83
C GLN O 918 -98.91 -8.82 89.16
N VAL O 919 -98.63 -7.50 89.21
CA VAL O 919 -98.08 -6.85 90.37
C VAL O 919 -99.16 -5.97 90.97
N VAL O 920 -99.35 -6.07 92.27
CA VAL O 920 -100.27 -5.20 93.00
C VAL O 920 -99.44 -4.11 93.66
N HIS O 921 -99.63 -2.88 93.19
CA HIS O 921 -98.87 -1.73 93.68
C HIS O 921 -99.44 -1.31 95.03
N VAL O 922 -99.07 -2.07 96.04
CA VAL O 922 -99.53 -1.81 97.40
C VAL O 922 -98.79 -0.60 97.95
N LEU O 925 -95.03 -2.32 99.76
CA LEU O 925 -94.37 -3.34 98.94
C LEU O 925 -95.17 -3.59 97.66
N ARG O 926 -95.03 -4.80 97.13
CA ARG O 926 -95.75 -5.18 95.92
C ARG O 926 -96.11 -6.65 95.98
N SER O 927 -97.26 -6.99 95.42
CA SER O 927 -97.78 -8.35 95.43
C SER O 927 -97.55 -8.94 94.05
N VAL O 928 -96.59 -9.85 93.95
CA VAL O 928 -96.24 -10.46 92.68
C VAL O 928 -97.04 -11.75 92.52
N SER O 929 -97.55 -11.98 91.30
CA SER O 929 -98.40 -13.14 91.05
C SER O 929 -98.01 -13.74 89.70
N GLY O 930 -97.15 -14.76 89.73
CA GLY O 930 -96.77 -15.44 88.51
C GLY O 930 -96.63 -16.94 88.68
N SER O 931 -96.89 -17.69 87.62
CA SER O 931 -96.78 -19.15 87.64
C SER O 931 -95.31 -19.55 87.77
N ASN O 932 -95.08 -20.85 87.79
CA ASN O 932 -93.73 -21.40 87.78
C ASN O 932 -93.61 -22.39 86.63
N SER O 933 -92.38 -22.57 86.16
CA SER O 933 -92.12 -23.49 85.06
C SER O 933 -92.16 -24.94 85.55
N ARG O 937 -96.96 -21.38 91.59
CA ARG O 937 -97.30 -20.01 91.21
C ARG O 937 -96.80 -19.05 92.28
N GLU O 938 -95.48 -18.88 92.31
CA GLU O 938 -94.81 -18.20 93.40
C GLU O 938 -95.35 -16.79 93.61
N ILE O 939 -95.50 -16.41 94.87
CA ILE O 939 -95.95 -15.08 95.26
C ILE O 939 -94.78 -14.37 95.93
N ALA O 940 -94.46 -13.18 95.45
CA ALA O 940 -93.27 -12.46 95.89
C ALA O 940 -93.63 -11.07 96.40
N TRP O 941 -92.73 -10.52 97.21
CA TRP O 941 -92.86 -9.18 97.77
C TRP O 941 -91.56 -8.44 97.52
N VAL O 942 -91.66 -7.21 97.01
CA VAL O 942 -90.50 -6.46 96.57
C VAL O 942 -89.57 -6.15 97.75
N HIS O 943 -90.15 -5.95 98.93
CA HIS O 943 -89.36 -5.68 100.12
C HIS O 943 -90.01 -6.26 101.36
N ASP O 946 -90.00 -10.97 99.57
CA ASP O 946 -90.59 -12.08 100.30
C ASP O 946 -91.30 -13.04 99.35
N GLU O 947 -90.59 -14.09 98.95
CA GLU O 947 -91.09 -15.05 97.97
C GLU O 947 -91.61 -16.28 98.68
N ILE O 948 -92.75 -16.80 98.19
CA ILE O 948 -93.45 -17.91 98.83
C ILE O 948 -93.48 -19.09 97.86
N SER O 949 -93.25 -20.29 98.40
CA SER O 949 -93.29 -21.50 97.59
C SER O 949 -94.73 -21.88 97.28
N VAL O 950 -95.28 -21.31 96.23
CA VAL O 950 -96.67 -21.55 95.85
C VAL O 950 -96.72 -22.50 94.66
N MET O 951 -97.73 -23.36 94.63
CA MET O 951 -97.84 -24.43 93.65
C MET O 951 -98.47 -23.88 92.37
N THR O 952 -98.31 -24.60 91.27
CA THR O 952 -98.92 -24.22 90.00
C THR O 952 -100.12 -25.09 89.69
N CYS O 955 -104.61 -21.77 81.46
CA CYS O 955 -104.15 -20.65 82.27
C CYS O 955 -102.90 -20.01 81.69
N LEU O 956 -102.66 -18.75 82.09
CA LEU O 956 -101.39 -18.09 81.80
C LEU O 956 -100.94 -17.24 82.98
N GLU O 957 -101.85 -16.98 83.92
CA GLU O 957 -101.63 -15.89 84.85
C GLU O 957 -102.37 -16.06 86.18
N PRO O 958 -101.65 -15.93 87.30
CA PRO O 958 -102.21 -16.03 88.64
C PRO O 958 -102.51 -14.64 89.20
N ASN O 959 -103.65 -14.07 88.81
CA ASN O 959 -104.04 -12.73 89.26
C ASN O 959 -104.37 -12.67 90.75
N VAL O 960 -104.30 -11.46 91.31
CA VAL O 960 -104.58 -11.26 92.72
C VAL O 960 -105.44 -10.01 92.95
N TYR O 961 -105.43 -9.51 94.18
CA TYR O 961 -106.21 -8.33 94.54
C TYR O 961 -105.33 -7.08 94.55
N LEU O 962 -105.92 -5.94 94.17
CA LEU O 962 -105.19 -4.67 94.13
C LEU O 962 -105.09 -3.99 95.49
N MET O 966 -106.58 -16.95 97.85
CA MET O 966 -107.09 -15.90 96.98
C MET O 966 -106.16 -15.64 95.81
N ASP O 967 -106.33 -16.41 94.74
CA ASP O 967 -105.53 -16.29 93.53
C ASP O 967 -106.21 -17.02 92.39
N MET O 968 -106.85 -16.27 91.50
CA MET O 968 -107.55 -16.86 90.35
C MET O 968 -106.59 -17.74 89.56
N THR O 969 -106.65 -19.04 89.83
CA THR O 969 -105.76 -19.99 89.16
C THR O 969 -106.48 -21.10 88.39
N ARG O 970 -106.18 -21.18 87.10
CA ARG O 970 -106.73 -22.19 86.21
C ARG O 970 -105.78 -23.38 86.17
N GLU O 971 -106.06 -24.29 85.26
CA GLU O 971 -105.13 -25.34 84.89
C GLU O 971 -105.03 -25.37 83.36
N ARG O 972 -104.06 -26.14 82.88
CA ARG O 972 -103.78 -26.17 81.45
C ARG O 972 -104.79 -27.01 80.69
N LEU O 975 -108.33 -27.46 83.98
CA LEU O 975 -109.34 -27.09 84.95
C LEU O 975 -109.95 -25.72 84.68
N LEU O 976 -110.18 -24.94 85.74
CA LEU O 976 -110.90 -23.67 85.60
C LEU O 976 -110.78 -22.83 86.87
N ALA O 977 -111.33 -21.61 86.82
CA ALA O 977 -111.29 -20.71 87.94
C ALA O 977 -112.69 -20.36 88.43
N VAL O 978 -112.85 -20.29 89.75
CA VAL O 978 -114.14 -19.96 90.35
C VAL O 978 -114.31 -18.44 90.54
N ASP O 979 -114.56 -17.96 91.75
CA ASP O 979 -114.84 -16.51 91.87
C ASP O 979 -113.84 -15.49 91.30
N SER O 980 -112.60 -15.94 90.98
CA SER O 980 -111.61 -15.17 90.19
C SER O 980 -110.86 -14.04 90.90
N LYS O 981 -109.58 -13.96 90.57
CA LYS O 981 -108.61 -13.01 91.14
C LYS O 981 -108.81 -12.81 92.69
N GLU O 982 -109.49 -11.70 93.02
CA GLU O 982 -109.91 -11.26 94.34
C GLU O 982 -110.13 -12.45 95.25
N ARG O 983 -111.13 -13.30 94.98
CA ARG O 983 -111.32 -14.45 95.86
C ARG O 983 -111.69 -15.81 95.20
N ILE O 984 -110.70 -16.71 95.03
CA ILE O 984 -110.94 -18.03 94.42
C ILE O 984 -109.96 -19.20 94.75
N HIS O 985 -108.67 -19.08 94.38
CA HIS O 985 -107.60 -20.11 94.60
C HIS O 985 -107.71 -21.46 93.84
N LEU O 986 -106.64 -22.28 93.82
CA LEU O 986 -106.75 -23.55 93.10
C LEU O 986 -107.51 -24.57 93.93
N ILE O 987 -107.68 -24.27 95.22
CA ILE O 987 -108.40 -25.12 96.13
C ILE O 987 -109.83 -25.27 95.64
N LYS O 988 -110.65 -24.21 95.67
CA LYS O 988 -111.97 -24.42 95.07
C LYS O 988 -111.95 -24.00 93.60
N PRO O 989 -112.81 -24.61 92.78
CA PRO O 989 -112.94 -24.32 91.36
C PRO O 989 -114.36 -23.88 90.97
N ALA O 990 -114.39 -23.08 89.91
CA ALA O 990 -115.62 -22.62 89.29
C ALA O 990 -116.58 -23.77 88.99
N ILE O 991 -117.82 -23.62 89.41
CA ILE O 991 -118.83 -24.65 89.18
C ILE O 991 -119.85 -24.20 88.15
N SER O 998 -105.95 -18.36 79.67
CA SER O 998 -105.49 -17.31 78.76
C SER O 998 -105.46 -15.95 79.44
N THR O 999 -106.49 -15.14 79.19
CA THR O 999 -106.54 -13.75 79.63
C THR O 999 -107.65 -13.58 80.67
N ILE O 1000 -107.29 -13.02 81.82
CA ILE O 1000 -108.17 -12.94 82.98
C ILE O 1000 -108.12 -11.53 83.57
N THR O 1001 -109.27 -10.96 83.85
CA THR O 1001 -109.34 -9.69 84.58
C THR O 1001 -110.68 -9.69 85.30
N PRO O 1002 -110.67 -9.33 86.60
CA PRO O 1002 -111.90 -9.21 87.38
C PRO O 1002 -112.26 -7.71 87.51
N THR O 1003 -113.49 -7.38 87.93
CA THR O 1003 -113.85 -5.98 88.10
C THR O 1003 -112.92 -5.21 89.03
N HIS O 1004 -112.93 -5.54 90.32
CA HIS O 1004 -112.25 -4.71 91.30
C HIS O 1004 -111.77 -5.52 92.50
N CYS O 1009 -116.99 -13.12 88.11
CA CYS O 1009 -115.81 -13.74 87.52
C CYS O 1009 -115.97 -13.92 86.03
N LYS O 1010 -115.39 -13.03 85.25
CA LYS O 1010 -115.47 -13.09 83.80
C LYS O 1010 -114.17 -13.63 83.20
N ILE O 1011 -114.15 -14.93 82.92
CA ILE O 1011 -112.99 -15.58 82.34
C ILE O 1011 -113.28 -16.50 81.17
N ASN O 1012 -112.39 -16.48 80.18
CA ASN O 1012 -112.52 -17.41 79.08
C ASN O 1012 -112.13 -18.81 79.54
N ALA O 1013 -113.00 -19.76 79.24
CA ALA O 1013 -112.83 -21.18 79.56
C ALA O 1013 -111.48 -21.67 79.06
N ILE O 1014 -111.32 -21.76 77.74
CA ILE O 1014 -110.02 -21.67 77.07
C ILE O 1014 -110.24 -20.78 75.86
N SER O 1015 -109.98 -19.48 76.00
CA SER O 1015 -110.33 -18.48 74.98
C SER O 1015 -111.75 -18.70 74.47
N ALA O 1016 -112.69 -18.87 75.39
CA ALA O 1016 -114.04 -19.30 75.05
C ALA O 1016 -115.02 -18.29 75.63
N PHE O 1017 -116.32 -18.61 75.68
CA PHE O 1017 -117.33 -17.71 76.22
C PHE O 1017 -116.96 -17.26 77.63
N ASN O 1018 -117.56 -16.14 78.04
CA ASN O 1018 -117.31 -15.58 79.36
C ASN O 1018 -118.09 -16.41 80.37
N ASP O 1019 -117.48 -17.49 80.85
CA ASP O 1019 -118.10 -18.37 81.82
C ASP O 1019 -117.87 -17.83 83.23
N GLU O 1020 -118.66 -16.80 83.55
CA GLU O 1020 -118.51 -16.14 84.85
C GLU O 1020 -118.95 -17.08 85.96
N GLN O 1021 -118.20 -17.07 87.05
CA GLN O 1021 -118.48 -17.90 88.21
C GLN O 1021 -118.26 -17.07 89.46
N ILE O 1022 -119.28 -16.30 89.86
CA ILE O 1022 -119.16 -15.44 91.03
C ILE O 1022 -120.04 -15.94 92.17
N PHE O 1023 -119.73 -17.12 92.68
CA PHE O 1023 -120.49 -17.72 93.77
C PHE O 1023 -120.39 -16.88 95.03
N VAL O 1027 -123.19 -17.00 91.70
CA VAL O 1027 -123.75 -16.31 90.55
C VAL O 1027 -122.89 -16.56 89.32
N ASP O 1028 -123.51 -16.92 88.22
CA ASP O 1028 -122.80 -17.18 86.96
C ASP O 1028 -123.39 -16.32 85.85
N GLY O 1029 -122.54 -15.54 85.20
CA GLY O 1029 -122.95 -14.78 84.04
C GLY O 1029 -122.42 -15.42 82.77
N VAL O 1030 -123.31 -16.07 82.01
CA VAL O 1030 -122.88 -16.77 80.80
C VAL O 1030 -122.25 -15.83 79.78
N ILE O 1031 -122.51 -14.53 79.90
CA ILE O 1031 -122.07 -13.44 79.02
C ILE O 1031 -121.42 -13.98 77.74
N ILE O 1032 -122.22 -14.61 76.90
CA ILE O 1032 -121.70 -15.25 75.70
C ILE O 1032 -121.45 -14.18 74.65
N ASP O 1033 -120.23 -14.13 74.14
CA ASP O 1033 -119.82 -13.09 73.20
C ASP O 1033 -119.60 -13.59 71.78
N VAL O 1034 -119.21 -14.85 71.61
CA VAL O 1034 -118.99 -15.45 70.29
C VAL O 1034 -118.00 -14.63 69.48
N HIS O 1036 -116.30 -16.61 67.60
CA HIS O 1036 -115.17 -17.53 67.68
C HIS O 1036 -114.59 -17.57 69.10
N ASP O 1037 -113.54 -16.78 69.32
CA ASP O 1037 -112.83 -16.77 70.59
C ASP O 1037 -112.65 -15.33 71.05
N THR O 1038 -112.64 -15.12 72.36
CA THR O 1038 -112.38 -13.78 72.87
C THR O 1038 -110.88 -13.60 73.07
N ALA O 1039 -110.43 -12.36 72.87
CA ALA O 1039 -109.00 -12.07 73.00
C ALA O 1039 -108.67 -11.49 74.37
N LEU O 1040 -109.34 -10.40 74.74
CA LEU O 1040 -108.94 -9.67 75.92
C LEU O 1040 -110.13 -9.21 76.74
N PRO O 1041 -110.31 -9.71 77.94
CA PRO O 1041 -111.37 -9.20 78.81
C PRO O 1041 -110.86 -8.08 79.70
N GLN O 1042 -111.66 -7.02 79.86
CA GLN O 1042 -111.31 -5.90 80.71
C GLN O 1042 -112.63 -5.31 81.21
N GLN O 1043 -112.59 -4.59 82.34
CA GLN O 1043 -113.84 -4.17 82.98
C GLN O 1043 -114.07 -2.67 82.81
N PHE O 1044 -115.12 -2.33 82.07
CA PHE O 1044 -115.56 -0.94 81.87
C PHE O 1044 -116.06 -0.31 83.17
N GLU O 1047 -109.76 -4.87 83.68
CA GLU O 1047 -109.56 -3.65 84.44
C GLU O 1047 -109.30 -2.40 83.57
N PRO O 1048 -108.56 -2.54 82.45
CA PRO O 1048 -108.42 -1.40 81.53
C PRO O 1048 -109.63 -1.23 80.60
N ILE O 1049 -110.76 -1.83 80.98
CA ILE O 1049 -112.09 -1.54 80.43
C ILE O 1049 -112.39 -2.33 79.16
N ASP O 1050 -113.55 -2.98 79.15
CA ASP O 1050 -114.31 -3.51 78.00
C ASP O 1050 -113.74 -4.80 77.40
N TYR O 1051 -114.50 -5.44 76.52
CA TYR O 1051 -114.13 -6.77 76.03
C TYR O 1051 -113.71 -6.70 74.56
N LEU O 1052 -112.76 -7.56 74.21
CA LEU O 1052 -112.01 -7.51 72.97
C LEU O 1052 -112.01 -8.90 72.35
N LYS O 1053 -112.47 -8.99 71.09
CA LYS O 1053 -112.54 -10.30 70.43
C LYS O 1053 -111.29 -10.52 69.59
N GLN O 1054 -111.29 -11.56 68.74
CA GLN O 1054 -110.11 -11.95 67.99
C GLN O 1054 -109.54 -10.82 67.13
N VAL O 1055 -110.32 -10.40 66.13
CA VAL O 1055 -109.96 -9.29 65.26
C VAL O 1055 -109.95 -7.98 66.05
N SER O 1056 -110.47 -8.06 67.27
CA SER O 1056 -110.54 -7.00 68.27
C SER O 1056 -111.44 -5.78 68.13
N PRO O 1057 -112.69 -5.91 68.59
CA PRO O 1057 -113.62 -4.79 68.75
C PRO O 1057 -113.87 -4.51 70.22
N ASN O 1058 -114.69 -3.50 70.52
CA ASN O 1058 -115.05 -3.16 71.90
C ASN O 1058 -116.50 -3.52 72.15
N ILE O 1059 -116.73 -4.42 73.10
CA ILE O 1059 -118.10 -4.68 73.56
C ILE O 1059 -118.18 -4.38 75.05
N LEU O 1060 -119.33 -3.83 75.47
CA LEU O 1060 -119.56 -3.39 76.83
C LEU O 1060 -120.70 -4.22 77.43
N VAL O 1061 -120.46 -4.82 78.59
CA VAL O 1061 -121.44 -5.66 79.27
C VAL O 1061 -121.68 -5.09 80.67
N ALA O 1062 -122.96 -4.92 81.01
CA ALA O 1062 -123.32 -4.39 82.32
C ALA O 1062 -123.07 -5.42 83.42
N SER O 1063 -121.89 -5.35 84.03
CA SER O 1063 -121.52 -6.28 85.09
C SER O 1063 -122.29 -5.99 86.37
N ALA O 1067 -125.27 -8.84 80.45
CA ALA O 1067 -126.02 -7.66 80.06
C ALA O 1067 -125.16 -6.74 79.19
N GLN O 1068 -125.01 -7.09 77.92
CA GLN O 1068 -124.19 -6.30 77.01
C GLN O 1068 -124.84 -4.95 76.76
N LYS O 1069 -124.05 -3.88 76.86
CA LYS O 1069 -124.59 -2.54 76.70
C LYS O 1069 -124.67 -2.14 75.23
N THR O 1070 -123.53 -2.07 74.54
CA THR O 1070 -123.47 -1.62 73.16
C THR O 1070 -122.49 -2.45 72.37
N VAL O 1071 -122.73 -2.54 71.07
CA VAL O 1071 -121.82 -3.18 70.11
C VAL O 1071 -121.53 -2.13 69.04
N ILE O 1072 -120.26 -1.72 68.94
CA ILE O 1072 -119.92 -0.58 68.11
C ILE O 1072 -118.84 -0.92 67.08
N PHE O 1073 -117.66 -1.34 67.55
CA PHE O 1073 -116.48 -1.35 66.69
C PHE O 1073 -116.46 -2.54 65.76
N GLN O 1074 -115.97 -2.32 64.53
CA GLN O 1074 -116.03 -3.31 63.47
C GLN O 1074 -114.72 -4.09 63.29
N LEU O 1075 -113.63 -3.41 62.91
CA LEU O 1075 -112.34 -4.04 62.65
C LEU O 1075 -112.42 -5.31 61.81
N GLU O 1076 -112.84 -5.19 60.56
CA GLU O 1076 -112.96 -6.33 59.67
C GLU O 1076 -111.68 -7.16 59.67
N LEU O 1081 -105.32 -4.99 71.79
CA LEU O 1081 -105.42 -4.18 73.00
C LEU O 1081 -106.34 -2.99 72.73
N GLN O 1082 -107.12 -2.59 73.73
CA GLN O 1082 -108.09 -1.51 73.59
C GLN O 1082 -108.25 -0.80 74.92
N PRO O 1083 -107.56 0.32 75.12
CA PRO O 1083 -107.60 1.02 76.40
C PRO O 1083 -108.73 2.04 76.45
N ASN O 1084 -108.73 2.81 77.55
CA ASN O 1084 -109.74 3.85 77.78
C ASN O 1084 -109.14 5.22 77.46
N ASP O 1085 -109.98 6.16 77.04
CA ASP O 1085 -109.51 7.49 76.70
C ASP O 1085 -109.68 8.47 77.86
N LEU O 1089 -114.92 8.42 80.98
CA LEU O 1089 -115.12 6.98 80.86
C LEU O 1089 -115.59 6.61 79.46
N MET O 1090 -115.87 7.62 78.64
CA MET O 1090 -116.40 7.41 77.30
C MET O 1090 -115.25 7.22 76.31
N MET O 1091 -115.55 6.60 75.17
CA MET O 1091 -114.75 6.47 73.96
C MET O 1091 -113.50 5.61 74.17
N ASP O 1092 -113.23 4.74 73.20
CA ASP O 1092 -112.12 3.80 73.22
C ASP O 1092 -111.55 3.67 71.81
N VAL O 1093 -110.39 3.04 71.69
CA VAL O 1093 -109.66 2.95 70.42
C VAL O 1093 -109.30 1.50 70.15
N SER O 1094 -109.54 1.04 68.93
CA SER O 1094 -109.23 -0.31 68.49
C SER O 1094 -107.89 -0.36 67.78
N THR O 1095 -107.20 -1.49 67.95
CA THR O 1095 -105.89 -1.74 67.37
C THR O 1095 -105.89 -3.09 66.67
N LYS O 1096 -106.12 -3.08 65.36
CA LYS O 1096 -106.15 -4.32 64.58
C LYS O 1096 -105.25 -4.25 63.33
N TYR O 1097 -105.84 -3.99 62.17
CA TYR O 1097 -105.05 -3.91 60.95
C TYR O 1097 -104.73 -2.46 60.56
N ALA O 1098 -103.69 -1.91 61.19
CA ALA O 1098 -103.25 -0.51 60.97
C ALA O 1098 -104.46 0.39 61.09
N SER O 1099 -105.17 0.22 62.19
CA SER O 1099 -106.42 0.93 62.45
C SER O 1099 -106.67 1.66 63.78
N LEU O 1100 -105.68 2.29 64.39
CA LEU O 1100 -106.02 3.09 65.56
C LEU O 1100 -107.06 4.14 65.23
N GLN O 1101 -108.31 3.81 65.54
CA GLN O 1101 -109.48 4.63 65.23
C GLN O 1101 -109.89 5.42 66.47
N GLU O 1102 -109.58 6.72 66.43
CA GLU O 1102 -109.92 7.62 67.53
C GLU O 1102 -111.37 8.07 67.46
N GLY O 1103 -112.00 8.21 68.62
CA GLY O 1103 -113.34 8.77 68.66
C GLY O 1103 -114.21 7.98 69.62
N GLN O 1104 -115.49 8.32 69.60
CA GLN O 1104 -116.49 7.64 70.44
C GLN O 1104 -117.52 6.91 69.60
N ASP O 1111 -114.33 8.30 65.63
CA ASP O 1111 -114.45 9.50 64.82
C ASP O 1111 -113.47 9.47 63.65
N HIS O 1112 -112.20 9.21 63.95
CA HIS O 1112 -111.14 9.27 62.96
C HIS O 1112 -110.26 8.04 63.08
N GLY O 1113 -109.70 7.58 61.96
CA GLY O 1113 -108.83 6.43 61.96
C GLY O 1113 -107.38 6.74 61.63
N VAL O 1114 -106.50 5.78 61.92
CA VAL O 1114 -105.08 5.91 61.66
C VAL O 1114 -104.55 4.62 61.05
N CYS O 1115 -104.25 4.64 59.75
CA CYS O 1115 -103.74 3.46 59.07
C CYS O 1115 -102.43 3.78 58.38
N HIS O 1116 -101.61 4.62 59.00
CA HIS O 1116 -100.33 5.03 58.44
C HIS O 1116 -99.22 4.03 58.76
N LEU O 1117 -99.63 2.85 59.22
CA LEU O 1117 -98.75 1.74 59.51
C LEU O 1117 -99.11 0.67 58.49
N ASP O 1118 -98.14 -0.14 58.06
CA ASP O 1118 -98.41 -1.15 57.04
C ASP O 1118 -99.46 -2.21 57.43
N ILE O 1119 -99.21 -2.85 58.57
CA ILE O 1119 -100.06 -3.92 59.15
C ILE O 1119 -99.58 -4.21 60.57
N ALA O 1120 -99.45 -3.17 61.39
CA ALA O 1120 -98.97 -3.37 62.76
C ALA O 1120 -100.12 -3.41 63.76
N ASN O 1121 -100.20 -2.37 64.58
CA ASN O 1121 -101.22 -2.21 65.62
C ASN O 1121 -101.29 -3.28 66.73
N PRO O 1122 -100.12 -3.73 67.21
CA PRO O 1122 -100.07 -4.67 68.34
C PRO O 1122 -100.76 -4.16 69.58
N SER O 1123 -100.72 -2.85 69.84
CA SER O 1123 -101.37 -2.27 71.00
C SER O 1123 -101.48 -0.76 70.81
N ALA O 1124 -102.29 -0.14 71.65
CA ALA O 1124 -102.38 1.31 71.76
C ALA O 1124 -102.19 1.70 73.22
N PHE O 1125 -102.03 3.00 73.46
CA PHE O 1125 -101.98 3.54 74.81
C PHE O 1125 -103.18 4.42 75.14
N VAL O 1126 -103.41 5.46 74.34
CA VAL O 1126 -104.42 6.48 74.59
C VAL O 1126 -104.14 7.18 75.91
N LYS O 1127 -103.74 8.46 75.83
CA LYS O 1127 -103.34 9.18 77.02
C LYS O 1127 -104.52 9.31 77.99
N PRO O 1128 -104.32 9.06 79.29
CA PRO O 1128 -105.35 9.22 80.31
C PRO O 1128 -105.79 10.67 80.48
N GLU O 1132 -105.60 12.14 74.47
CA GLU O 1132 -104.60 11.88 73.45
C GLU O 1132 -104.41 10.38 73.24
N GLU O 1133 -103.68 10.03 72.19
CA GLU O 1133 -103.45 8.64 71.82
C GLU O 1133 -102.04 8.43 71.30
N TYR O 1134 -101.49 7.24 71.53
CA TYR O 1134 -100.15 6.88 71.08
C TYR O 1134 -100.20 5.56 70.33
N ILE O 1135 -99.24 5.37 69.42
CA ILE O 1135 -99.27 4.29 68.44
C ILE O 1135 -98.10 3.36 68.68
N VAL O 1136 -98.39 2.06 68.75
CA VAL O 1136 -97.38 1.02 68.88
C VAL O 1136 -97.32 0.26 67.56
N GLY O 1137 -96.11 0.06 67.06
CA GLY O 1137 -95.89 -0.62 65.80
C GLY O 1137 -95.20 -1.95 66.00
N PHE O 1138 -95.54 -2.94 65.17
CA PHE O 1138 -94.96 -4.27 65.31
C PHE O 1138 -93.61 -4.45 64.60
N ASP O 1139 -93.12 -3.39 63.97
CA ASP O 1139 -91.84 -3.44 63.30
C ASP O 1139 -90.73 -2.75 64.10
N LEU O 1140 -90.76 -2.88 65.42
CA LEU O 1140 -89.95 -2.05 66.31
C LEU O 1140 -90.21 -0.58 66.06
N LYS O 1141 -91.45 -0.24 65.70
CA LYS O 1141 -91.81 1.08 65.21
C LYS O 1141 -92.84 1.74 66.12
N ASN O 1142 -92.91 3.06 66.03
CA ASN O 1142 -93.92 3.86 66.73
C ASN O 1142 -94.18 5.12 65.92
N SER O 1143 -95.32 5.75 66.19
CA SER O 1143 -95.73 6.93 65.44
C SER O 1143 -96.74 7.72 66.26
N LEU O 1144 -97.14 8.89 65.75
CA LEU O 1144 -98.10 9.75 66.41
C LEU O 1144 -98.83 10.58 65.35
N LEU O 1145 -100.03 11.05 65.71
CA LEU O 1145 -100.80 11.91 64.81
C LEU O 1145 -101.34 13.13 65.55
N PHE O 1146 -101.43 13.03 66.88
CA PHE O 1146 -102.02 14.07 67.71
C PHE O 1146 -103.44 14.38 67.28
N ILE O 1154 -96.68 13.45 65.94
CA ILE O 1154 -95.34 13.41 65.38
C ILE O 1154 -94.69 12.06 65.60
N ASP O 1155 -94.23 11.47 64.51
CA ASP O 1155 -93.69 10.12 64.50
C ASP O 1155 -92.31 10.04 65.06
N VAL O 1156 -91.79 11.06 65.75
CA VAL O 1156 -90.42 11.01 66.25
C VAL O 1156 -90.28 9.84 67.22
N PHE O 1157 -89.57 8.81 66.78
CA PHE O 1157 -89.54 7.52 67.45
C PHE O 1157 -88.36 6.71 66.93
N ARG O 1158 -88.30 5.42 67.27
CA ARG O 1158 -87.30 4.53 66.71
C ARG O 1158 -87.63 4.19 65.25
N ILE O 1171 -89.84 -5.85 67.07
CA ILE O 1171 -91.23 -5.51 67.34
C ILE O 1171 -91.34 -4.59 68.55
N CYS O 1172 -92.18 -3.55 68.43
CA CYS O 1172 -92.62 -2.78 69.58
C CYS O 1172 -93.98 -3.27 70.02
N GLU O 1173 -94.20 -3.35 71.33
CA GLU O 1173 -95.39 -3.99 71.84
C GLU O 1173 -96.23 -3.07 72.72
N GLU O 1174 -95.58 -2.27 73.56
CA GLU O 1174 -96.30 -1.46 74.54
C GLU O 1174 -95.74 -0.04 74.57
N GLU O 1175 -96.63 0.92 74.74
CA GLU O 1175 -96.26 2.29 75.09
C GLU O 1175 -96.98 2.69 76.37
N ILE O 1176 -96.32 3.47 77.21
CA ILE O 1176 -96.86 3.92 78.48
C ILE O 1176 -96.49 5.39 78.61
N ALA O 1177 -97.44 6.28 78.29
CA ALA O 1177 -97.25 7.72 78.47
C ALA O 1177 -97.97 8.15 79.74
N GLN O 1178 -97.37 7.81 80.88
CA GLN O 1178 -98.01 8.05 82.16
C GLN O 1178 -97.75 9.49 82.59
N LYS O 1179 -98.13 9.81 83.84
CA LYS O 1179 -98.16 11.19 84.31
C LYS O 1179 -98.89 12.07 83.32
N ALA O 1180 -98.35 13.26 83.03
CA ALA O 1180 -98.98 14.21 82.11
C ALA O 1180 -97.91 14.83 81.22
N LYS O 1181 -97.65 14.18 80.08
CA LYS O 1181 -96.86 14.77 79.00
C LYS O 1181 -95.41 15.02 79.42
N ILE O 1182 -94.95 14.26 80.42
CA ILE O 1182 -93.63 14.56 80.99
C ILE O 1182 -92.69 13.37 80.97
N SER O 1183 -93.22 12.15 80.87
CA SER O 1183 -92.36 10.95 80.89
C SER O 1183 -93.08 9.84 80.14
N TYR O 1184 -92.44 9.37 79.07
CA TYR O 1184 -92.96 8.28 78.25
C TYR O 1184 -91.97 7.12 78.29
N LEU O 1185 -92.50 5.90 78.38
CA LEU O 1185 -91.65 4.71 78.46
C LEU O 1185 -92.28 3.57 77.67
N VAL O 1186 -91.44 2.83 76.96
CA VAL O 1186 -91.88 1.87 75.95
C VAL O 1186 -91.39 0.47 76.31
N ALA O 1187 -92.27 -0.51 76.17
CA ALA O 1187 -91.91 -1.92 76.30
C ALA O 1187 -91.78 -2.57 74.93
N ASP O 1190 -85.91 -4.65 74.72
CA ASP O 1190 -85.41 -4.10 75.98
C ASP O 1190 -86.36 -3.10 76.60
N GLY O 1191 -85.87 -2.43 77.64
CA GLY O 1191 -86.60 -1.32 78.24
C GLY O 1191 -85.96 0.01 77.88
N THR O 1192 -86.68 0.82 77.14
CA THR O 1192 -86.15 2.11 76.73
C THR O 1192 -86.53 3.19 77.73
N MET O 1193 -85.53 3.96 78.19
CA MET O 1193 -85.81 5.00 79.17
C MET O 1193 -86.01 6.34 78.50
N LEU O 1194 -84.95 6.86 77.85
CA LEU O 1194 -84.92 8.16 77.19
C LEU O 1194 -85.51 9.32 78.01
N ALA O 1195 -84.68 10.31 78.32
CA ALA O 1195 -85.20 11.43 79.13
C ALA O 1195 -84.79 12.79 78.58
N MET O 1196 -84.35 12.88 77.32
CA MET O 1196 -83.96 14.15 76.73
C MET O 1196 -85.17 15.07 76.52
N PHE O 1206 -82.27 -0.68 79.43
CA PHE O 1206 -81.81 -1.68 78.48
C PHE O 1206 -81.83 -3.08 79.09
N ALA O 1207 -82.83 -3.86 78.71
CA ALA O 1207 -82.95 -5.22 79.22
C ALA O 1207 -81.87 -6.11 78.61
N VAL O 1208 -81.64 -7.24 79.27
CA VAL O 1208 -80.78 -8.26 78.70
C VAL O 1208 -81.43 -8.90 77.49
N GLU O 1209 -82.74 -9.09 77.54
CA GLU O 1209 -83.49 -9.74 76.47
C GLU O 1209 -84.59 -8.81 75.97
N ASN O 1210 -85.37 -9.31 75.01
CA ASN O 1210 -86.48 -8.57 74.44
C ASN O 1210 -87.76 -9.36 74.57
N ARG O 1211 -88.82 -8.90 73.90
CA ARG O 1211 -90.13 -9.54 73.92
C ARG O 1211 -90.69 -9.60 75.33
N LYS O 1212 -90.61 -8.47 76.03
CA LYS O 1212 -91.24 -8.34 77.33
C LYS O 1212 -92.75 -8.44 77.19
N VAL O 1213 -93.39 -9.07 78.18
CA VAL O 1213 -94.84 -9.11 78.17
C VAL O 1213 -95.43 -7.83 78.74
N GLN O 1214 -94.76 -7.21 79.72
CA GLN O 1214 -95.22 -5.96 80.31
C GLN O 1214 -94.18 -5.31 81.19
N LEU O 1215 -94.00 -4.00 81.05
CA LEU O 1215 -93.25 -3.20 82.00
C LEU O 1215 -94.24 -2.73 83.07
N ILE O 1216 -94.20 -3.36 84.24
CA ILE O 1216 -95.19 -3.12 85.29
C ILE O 1216 -94.69 -1.97 86.15
N TYR O 1217 -95.15 -0.76 85.84
CA TYR O 1217 -94.63 0.46 86.42
C TYR O 1217 -95.28 0.74 87.77
N SER O 1218 -94.73 1.75 88.46
CA SER O 1218 -95.30 2.25 89.70
C SER O 1218 -95.96 3.60 89.46
N ILE O 1219 -96.71 4.06 90.46
CA ILE O 1219 -97.42 5.33 90.34
C ILE O 1219 -96.44 6.49 90.28
N GLU O 1220 -95.33 6.40 91.01
CA GLU O 1220 -94.39 7.51 91.13
C GLU O 1220 -93.32 7.51 90.04
N GLU O 1221 -93.44 6.62 89.04
CA GLU O 1221 -92.39 6.44 88.04
C GLU O 1221 -91.06 6.08 88.70
N VAL O 1222 -91.14 5.25 89.75
CA VAL O 1222 -89.94 4.85 90.48
C VAL O 1222 -89.75 3.33 90.50
N HIS O 1223 -90.81 2.54 90.44
CA HIS O 1223 -90.70 1.10 90.57
C HIS O 1223 -91.32 0.40 89.35
N GLU O 1224 -90.65 -0.66 88.91
CA GLU O 1224 -91.05 -1.41 87.74
C GLU O 1224 -90.90 -2.90 88.00
N HIS O 1225 -91.52 -3.71 87.15
CA HIS O 1225 -91.31 -5.14 87.15
C HIS O 1225 -91.39 -5.64 85.72
N CYS O 1226 -90.64 -6.71 85.45
CA CYS O 1226 -90.42 -7.16 84.08
C CYS O 1226 -90.56 -8.68 84.03
N ILE O 1227 -90.91 -9.19 82.84
CA ILE O 1227 -90.99 -10.62 82.62
C ILE O 1227 -90.36 -10.95 81.28
N ARG O 1228 -89.14 -11.45 81.30
CA ARG O 1228 -88.44 -11.83 80.08
C ARG O 1228 -88.63 -13.32 79.80
N GLN O 1229 -87.88 -13.82 78.83
CA GLN O 1229 -87.93 -15.23 78.46
C GLN O 1229 -87.12 -16.11 79.38
N LEU O 1230 -86.30 -15.53 80.26
CA LEU O 1230 -85.56 -16.29 81.26
C LEU O 1230 -86.27 -16.31 82.61
N LEU O 1231 -87.52 -15.84 82.68
CA LEU O 1231 -88.35 -15.95 83.87
C LEU O 1231 -87.69 -15.23 85.05
N PHE O 1232 -87.44 -13.94 84.85
CA PHE O 1232 -86.68 -13.14 85.80
C PHE O 1232 -87.56 -12.70 86.97
N SER O 1233 -86.93 -12.54 88.14
CA SER O 1233 -87.57 -11.95 89.30
C SER O 1233 -86.94 -10.59 89.56
N PRO O 1234 -87.37 -9.56 88.84
CA PRO O 1234 -86.66 -8.28 88.91
C PRO O 1234 -86.99 -7.49 90.16
N CYS O 1235 -85.97 -7.30 91.00
CA CYS O 1235 -86.08 -6.44 92.16
C CYS O 1235 -85.95 -4.98 91.70
N LYS O 1236 -85.88 -4.05 92.65
CA LYS O 1236 -85.78 -2.64 92.32
C LYS O 1236 -84.39 -2.08 92.60
N LEU O 1237 -83.89 -2.22 93.82
CA LEU O 1237 -82.60 -1.65 94.19
C LEU O 1237 -81.85 -2.58 95.14
N TYR P 1 -48.79 15.13 2.38
CA TYR P 1 -47.66 16.01 2.14
C TYR P 1 -48.03 17.45 2.44
N GLN P 2 -48.00 18.30 1.42
CA GLN P 2 -48.35 19.69 1.58
C GLN P 2 -48.68 20.27 0.21
N TYR P 3 -49.61 21.23 0.20
CA TYR P 3 -49.88 21.98 -1.02
C TYR P 3 -48.91 23.13 -1.22
N LYS P 4 -48.45 23.74 -0.13
CA LYS P 4 -47.66 24.96 -0.23
C LYS P 4 -46.36 24.72 -0.97
N ASP P 5 -45.66 23.64 -0.62
CA ASP P 5 -44.40 23.33 -1.28
C ASP P 5 -44.61 22.98 -2.75
N ILE P 6 -45.63 22.16 -3.04
CA ILE P 6 -45.86 21.71 -4.41
C ILE P 6 -46.34 22.84 -5.30
N LEU P 7 -46.95 23.88 -4.72
CA LEU P 7 -47.41 25.01 -5.52
C LEU P 7 -46.26 25.71 -6.22
N SER P 8 -45.16 25.94 -5.50
CA SER P 8 -44.07 26.77 -5.99
C SER P 8 -43.38 26.18 -7.20
N VAL P 9 -43.61 24.91 -7.50
CA VAL P 9 -42.82 24.21 -8.50
C VAL P 9 -43.14 24.74 -9.89
N PHE P 10 -44.40 24.60 -10.28
CA PHE P 10 -44.84 24.82 -11.66
C PHE P 10 -45.47 26.19 -11.86
N GLU P 11 -44.79 27.26 -11.43
CA GLU P 11 -45.32 28.60 -11.69
C GLU P 11 -45.36 28.90 -13.18
N ASP P 12 -44.52 28.21 -13.95
CA ASP P 12 -44.56 28.34 -15.40
C ASP P 12 -45.93 28.00 -15.97
N ALA P 13 -46.56 26.96 -15.42
CA ALA P 13 -47.91 26.62 -15.86
C ALA P 13 -48.87 27.78 -15.60
N PHE P 14 -48.76 28.40 -14.42
CA PHE P 14 -49.65 29.51 -14.09
C PHE P 14 -49.46 30.66 -15.06
N VAL P 15 -48.22 31.12 -15.23
CA VAL P 15 -47.99 32.23 -16.14
C VAL P 15 -48.34 31.86 -17.57
N ASP P 16 -48.33 30.57 -17.90
CA ASP P 16 -48.87 30.14 -19.18
C ASP P 16 -50.37 30.33 -19.24
N ASN P 17 -51.07 30.05 -18.16
CA ASN P 17 -52.53 30.04 -18.22
C ASN P 17 -53.21 30.86 -17.14
N PHE P 18 -52.67 30.87 -15.93
CA PHE P 18 -53.36 31.42 -14.77
C PHE P 18 -53.02 32.89 -14.58
N ASP P 19 -54.06 33.70 -14.32
CA ASP P 19 -53.90 35.12 -14.05
C ASP P 19 -54.75 35.51 -12.85
N CYS P 20 -54.32 36.58 -12.18
CA CYS P 20 -55.00 37.14 -11.02
C CYS P 20 -55.32 38.61 -11.25
N LYS P 21 -55.73 38.95 -12.46
CA LYS P 21 -56.19 40.28 -12.79
C LYS P 21 -57.54 40.25 -13.49
N ASP P 22 -57.84 39.13 -14.15
CA ASP P 22 -59.03 39.04 -14.99
C ASP P 22 -60.20 38.38 -14.27
N VAL P 23 -60.03 37.15 -13.79
CA VAL P 23 -61.11 36.39 -13.17
C VAL P 23 -60.74 36.18 -11.71
N GLN P 24 -61.41 36.90 -10.81
CA GLN P 24 -61.15 36.82 -9.39
C GLN P 24 -62.49 36.89 -8.66
N ASP P 25 -62.98 35.73 -8.23
CA ASP P 25 -64.23 35.67 -7.46
C ASP P 25 -64.09 36.28 -6.09
N MET P 26 -62.88 36.27 -5.51
CA MET P 26 -62.59 36.79 -4.18
C MET P 26 -63.43 36.09 -3.12
N PRO P 27 -63.17 34.83 -2.83
CA PRO P 27 -63.83 34.20 -1.67
C PRO P 27 -63.23 34.68 -0.37
N LYS P 28 -63.76 35.79 0.15
CA LYS P 28 -63.07 36.71 1.07
C LYS P 28 -62.10 36.00 1.99
N SER P 29 -62.48 34.86 2.55
CA SER P 29 -61.52 34.03 3.27
C SER P 29 -60.25 33.79 2.45
N ILE P 30 -60.33 33.97 1.13
CA ILE P 30 -59.18 33.71 0.26
C ILE P 30 -58.02 34.63 0.60
N LEU P 31 -58.31 35.90 0.86
CA LEU P 31 -57.25 36.90 0.93
C LEU P 31 -57.83 38.17 1.54
N SER P 32 -56.95 39.07 1.93
CA SER P 32 -57.38 40.42 2.26
C SER P 32 -57.91 41.11 1.00
N LYS P 33 -58.93 41.94 1.19
CA LYS P 33 -59.54 42.67 0.10
C LYS P 33 -58.56 43.59 -0.61
N GLU P 34 -57.46 43.96 0.05
CA GLU P 34 -56.48 44.85 -0.56
C GLU P 34 -55.34 44.11 -1.23
N GLU P 35 -54.93 42.95 -0.71
CA GLU P 35 -53.81 42.25 -1.33
C GLU P 35 -54.15 41.82 -2.74
N ILE P 36 -55.37 41.31 -2.93
CA ILE P 36 -55.85 41.00 -4.28
C ILE P 36 -55.64 42.20 -5.19
N ASP P 37 -55.90 43.40 -4.67
CA ASP P 37 -55.66 44.61 -5.44
C ASP P 37 -54.17 44.80 -5.69
N HIS P 38 -53.34 44.53 -4.67
CA HIS P 38 -51.91 44.71 -4.82
C HIS P 38 -51.35 43.85 -5.95
N ILE P 39 -51.76 42.59 -6.01
CA ILE P 39 -51.38 41.80 -7.18
C ILE P 39 -51.98 42.41 -8.43
N ILE P 40 -53.26 42.77 -8.37
CA ILE P 40 -53.96 43.26 -9.55
C ILE P 40 -53.29 44.53 -10.08
N MET P 41 -53.01 45.48 -9.20
CA MET P 41 -52.39 46.73 -9.63
C MET P 41 -50.96 46.56 -10.12
N SER P 42 -50.33 45.44 -9.82
CA SER P 42 -48.89 45.27 -10.02
C SER P 42 -48.65 44.56 -11.35
N LYS P 43 -48.60 45.36 -12.41
CA LYS P 43 -48.08 44.95 -13.71
C LYS P 43 -48.87 43.75 -14.24
N ASP P 44 -48.32 42.53 -14.14
CA ASP P 44 -48.99 41.37 -14.71
C ASP P 44 -48.66 40.15 -13.87
N ALA P 45 -49.06 38.98 -14.37
CA ALA P 45 -48.90 37.72 -13.66
C ALA P 45 -47.50 37.13 -13.75
N VAL P 46 -46.63 37.66 -14.61
CA VAL P 46 -45.25 37.17 -14.65
C VAL P 46 -44.63 37.29 -13.26
N SER P 47 -44.82 38.44 -12.63
CA SER P 47 -44.57 38.59 -11.21
C SER P 47 -45.84 38.56 -10.39
N GLY P 48 -47.01 38.62 -11.04
CA GLY P 48 -48.26 38.51 -10.31
C GLY P 48 -48.41 37.19 -9.60
N THR P 49 -48.15 36.09 -10.31
CA THR P 49 -48.23 34.78 -9.68
C THR P 49 -47.16 34.63 -8.61
N LEU P 50 -46.00 35.26 -8.83
CA LEU P 50 -44.94 35.23 -7.82
C LEU P 50 -45.41 35.87 -6.52
N ARG P 51 -46.01 37.06 -6.63
CA ARG P 51 -46.46 37.74 -5.43
C ARG P 51 -47.68 37.05 -4.82
N LEU P 52 -48.55 36.47 -5.65
CA LEU P 52 -49.56 35.55 -5.12
C LEU P 52 -48.93 34.48 -4.26
N PHE P 53 -47.90 33.82 -4.79
CA PHE P 53 -47.29 32.71 -4.07
C PHE P 53 -46.69 33.19 -2.76
N TRP P 54 -46.00 34.32 -2.80
CA TRP P 54 -45.49 34.92 -1.57
C TRP P 54 -46.61 35.15 -0.58
N THR P 55 -47.73 35.68 -1.06
CA THR P 55 -48.89 35.97 -0.22
C THR P 55 -49.59 34.73 0.34
N LEU P 56 -49.68 33.67 -0.47
CA LEU P 56 -50.34 32.45 -0.03
C LEU P 56 -49.48 31.68 0.97
N LEU P 57 -48.17 31.73 0.76
CA LEU P 57 -47.20 31.06 1.60
C LEU P 57 -47.01 31.81 2.91
N SER P 58 -47.26 33.12 2.91
CA SER P 58 -47.31 33.85 4.17
C SER P 58 -48.47 33.35 5.02
N LYS P 59 -49.61 33.05 4.40
CA LYS P 59 -50.76 32.55 5.13
C LYS P 59 -50.61 31.05 5.43
N GLN P 60 -51.63 30.49 6.07
CA GLN P 60 -51.62 29.09 6.45
C GLN P 60 -51.99 28.21 5.26
N GLU P 61 -51.94 26.90 5.47
CA GLU P 61 -52.01 25.94 4.37
C GLU P 61 -53.40 25.37 4.12
N GLU P 62 -54.40 25.69 4.95
CA GLU P 62 -55.74 25.23 4.62
C GLU P 62 -56.38 26.07 3.52
N MET P 63 -56.04 27.36 3.48
CA MET P 63 -56.62 28.24 2.48
C MET P 63 -56.32 27.74 1.08
N VAL P 64 -55.09 27.32 0.82
CA VAL P 64 -54.75 26.81 -0.50
C VAL P 64 -55.56 25.57 -0.83
N GLN P 65 -55.93 24.79 0.18
CA GLN P 65 -56.72 23.59 -0.07
C GLN P 65 -58.05 23.94 -0.71
N LYS P 66 -58.87 24.71 0.00
CA LYS P 66 -60.15 25.13 -0.55
C LYS P 66 -59.96 25.96 -1.81
N PHE P 67 -58.84 26.66 -1.92
CA PHE P 67 -58.60 27.43 -3.15
C PHE P 67 -58.47 26.52 -4.36
N VAL P 68 -57.56 25.60 -4.19
CA VAL P 68 -57.28 24.69 -5.21
C VAL P 68 -58.49 23.85 -5.57
N GLU P 69 -59.19 23.29 -4.60
CA GLU P 69 -60.13 22.19 -4.72
C GLU P 69 -61.45 22.63 -5.34
N GLU P 70 -61.92 23.85 -5.05
CA GLU P 70 -63.13 24.31 -5.70
C GLU P 70 -62.93 25.65 -6.40
N VAL P 71 -62.18 26.56 -5.78
CA VAL P 71 -62.06 27.91 -6.31
C VAL P 71 -61.44 27.88 -7.69
N LEU P 72 -60.58 26.91 -7.96
CA LEU P 72 -59.94 26.79 -9.26
C LEU P 72 -60.78 26.00 -10.26
N ARG P 73 -61.87 25.36 -9.81
CA ARG P 73 -62.66 24.52 -10.71
C ARG P 73 -63.44 25.35 -11.72
N ILE P 74 -64.04 26.45 -11.27
CA ILE P 74 -64.99 27.17 -12.11
C ILE P 74 -64.29 27.77 -13.32
N ASN P 75 -63.18 28.49 -13.09
CA ASN P 75 -62.49 29.17 -14.17
C ASN P 75 -61.60 28.25 -14.98
N TYR P 76 -61.11 27.17 -14.37
CA TYR P 76 -60.07 26.35 -14.98
C TYR P 76 -60.49 24.89 -14.96
N LYS P 77 -59.99 24.15 -15.95
CA LYS P 77 -60.00 22.70 -15.88
C LYS P 77 -58.69 22.10 -16.34
N PHE P 78 -57.75 22.92 -16.81
CA PHE P 78 -56.43 22.50 -17.23
C PHE P 78 -55.42 22.55 -16.10
N LEU P 79 -55.79 23.11 -14.94
CA LEU P 79 -54.83 23.45 -13.92
C LEU P 79 -54.87 22.56 -12.68
N MET P 80 -56.04 22.15 -12.21
CA MET P 80 -56.10 21.42 -10.94
C MET P 80 -55.58 20.01 -11.07
N SER P 81 -55.67 19.41 -12.26
CA SER P 81 -55.20 18.04 -12.43
C SER P 81 -53.70 17.90 -12.17
N PRO P 82 -52.83 18.76 -12.71
CA PRO P 82 -51.41 18.68 -12.30
C PRO P 82 -51.22 18.90 -10.82
N ILE P 83 -52.03 19.77 -10.20
CA ILE P 83 -51.89 20.02 -8.77
C ILE P 83 -52.17 18.76 -7.97
N LYS P 84 -53.29 18.11 -8.27
CA LYS P 84 -53.65 16.89 -7.55
C LYS P 84 -52.66 15.78 -7.84
N THR P 85 -52.15 15.71 -9.08
CA THR P 85 -51.12 14.72 -9.37
C THR P 85 -49.88 14.96 -8.53
N GLU P 86 -49.38 16.18 -8.52
CA GLU P 86 -48.18 16.50 -7.77
C GLU P 86 -48.35 16.28 -6.28
N GLN P 87 -49.55 16.54 -5.75
CA GLN P 87 -49.75 16.44 -4.32
C GLN P 87 -49.46 15.03 -3.82
N ARG P 88 -50.02 14.03 -4.49
CA ARG P 88 -49.84 12.65 -4.04
C ARG P 88 -48.66 11.98 -4.71
N GLN P 89 -48.64 11.96 -6.04
CA GLN P 89 -47.56 11.29 -6.75
C GLN P 89 -46.21 11.93 -6.43
N PRO P 90 -46.06 13.27 -6.47
CA PRO P 90 -44.79 13.90 -6.05
C PRO P 90 -43.57 13.30 -6.73
N SER P 91 -43.17 13.77 -7.90
CA SER P 91 -42.03 13.15 -8.60
C SER P 91 -40.63 13.14 -7.93
N MET P 92 -39.70 12.37 -8.50
CA MET P 92 -38.35 12.24 -7.93
C MET P 92 -37.59 13.55 -7.69
N MET P 93 -37.77 14.53 -8.58
CA MET P 93 -37.09 15.81 -8.52
C MET P 93 -37.86 16.80 -7.65
N THR P 94 -39.19 16.71 -7.63
CA THR P 94 -39.96 17.55 -6.74
C THR P 94 -39.55 17.31 -5.29
N ARG P 95 -39.45 16.04 -4.92
CA ARG P 95 -39.01 15.68 -3.58
C ARG P 95 -37.60 16.15 -3.33
N MET P 96 -36.74 16.07 -4.35
CA MET P 96 -35.37 16.58 -4.22
C MET P 96 -35.38 18.06 -3.88
N TYR P 97 -36.17 18.84 -4.64
CA TYR P 97 -36.24 20.27 -4.40
C TYR P 97 -36.78 20.56 -3.02
N ILE P 98 -37.77 19.80 -2.59
CA ILE P 98 -38.33 19.96 -1.25
C ILE P 98 -37.25 19.74 -0.21
N GLU P 99 -36.45 18.68 -0.38
CA GLU P 99 -35.38 18.41 0.57
C GLU P 99 -34.39 19.55 0.62
N GLN P 100 -33.99 20.06 -0.55
CA GLN P 100 -32.99 21.11 -0.58
C GLN P 100 -33.50 22.40 0.04
N ARG P 101 -34.75 22.76 -0.26
CA ARG P 101 -35.31 23.97 0.34
C ARG P 101 -35.53 23.78 1.84
N ASP P 102 -35.80 22.56 2.29
CA ASP P 102 -35.86 22.31 3.73
C ASP P 102 -34.49 22.48 4.37
N ARG P 103 -33.45 22.00 3.70
CA ARG P 103 -32.10 22.23 4.19
C ARG P 103 -31.78 23.71 4.27
N LEU P 104 -32.24 24.47 3.28
CA LEU P 104 -32.12 25.92 3.32
C LEU P 104 -32.81 26.48 4.55
N TYR P 105 -34.06 26.07 4.78
CA TYR P 105 -34.84 26.63 5.87
C TYR P 105 -34.27 26.25 7.23
N ASN P 106 -33.62 25.09 7.33
CA ASN P 106 -32.97 24.70 8.56
C ASN P 106 -31.64 25.41 8.77
N ASP P 107 -31.13 26.08 7.75
CA ASP P 107 -29.85 26.76 7.84
C ASP P 107 -29.97 28.24 8.15
N ASN P 108 -31.18 28.78 8.20
CA ASN P 108 -31.36 30.22 8.35
C ASN P 108 -32.16 30.61 9.57
N GLN P 109 -33.25 29.89 9.84
CA GLN P 109 -34.09 30.11 11.02
C GLN P 109 -34.75 31.48 11.01
N VAL P 110 -33.94 32.53 11.26
CA VAL P 110 -34.50 33.88 11.31
C VAL P 110 -34.99 34.32 9.94
N PHE P 111 -34.20 34.06 8.91
CA PHE P 111 -34.62 34.40 7.55
C PHE P 111 -35.95 33.75 7.21
N ALA P 112 -36.18 32.53 7.72
CA ALA P 112 -37.43 31.83 7.46
C ALA P 112 -38.62 32.54 8.06
N LYS P 113 -38.39 33.51 8.95
CA LYS P 113 -39.47 34.26 9.57
C LYS P 113 -39.46 35.75 9.23
N TYR P 114 -38.35 36.28 8.72
CA TYR P 114 -38.15 37.72 8.73
C TYR P 114 -37.78 38.33 7.39
N ASN P 115 -37.63 37.54 6.35
CA ASN P 115 -37.28 38.12 5.05
C ASN P 115 -38.50 38.70 4.36
N VAL P 116 -38.27 39.77 3.62
CA VAL P 116 -39.26 40.36 2.73
C VAL P 116 -38.71 40.29 1.32
N SER P 117 -39.48 39.73 0.40
CA SER P 117 -39.04 39.54 -0.99
C SER P 117 -39.13 40.88 -1.71
N ARG P 118 -37.99 41.56 -1.82
CA ARG P 118 -37.91 42.80 -2.58
C ARG P 118 -38.06 42.46 -4.05
N LEU P 119 -39.28 42.62 -4.58
CA LEU P 119 -39.69 41.93 -5.79
C LEU P 119 -38.80 42.27 -6.98
N GLN P 120 -38.54 43.53 -7.21
CA GLN P 120 -37.88 43.91 -8.46
C GLN P 120 -36.41 43.53 -8.48
N PRO P 121 -35.61 43.87 -7.45
CA PRO P 121 -34.25 43.33 -7.41
C PRO P 121 -34.23 41.81 -7.38
N TYR P 122 -35.20 41.20 -6.69
CA TYR P 122 -35.35 39.76 -6.73
C TYR P 122 -35.42 39.28 -8.17
N LEU P 123 -36.28 39.91 -8.97
CA LEU P 123 -36.45 39.49 -10.35
C LEU P 123 -35.18 39.70 -11.14
N LYS P 124 -34.55 40.86 -11.00
CA LYS P 124 -33.37 41.14 -11.82
C LYS P 124 -32.26 40.14 -11.53
N LEU P 125 -32.03 39.86 -10.25
CA LEU P 125 -31.03 38.86 -9.91
C LEU P 125 -31.49 37.47 -10.33
N ARG P 126 -32.80 37.25 -10.36
CA ARG P 126 -33.32 35.96 -10.80
C ARG P 126 -32.98 35.70 -12.26
N GLN P 127 -33.14 36.70 -13.13
CA GLN P 127 -32.73 36.45 -14.50
C GLN P 127 -31.21 36.37 -14.63
N ALA P 128 -30.49 37.18 -13.85
CA ALA P 128 -29.04 37.01 -13.79
C ALA P 128 -28.67 35.58 -13.43
N LEU P 129 -29.47 34.96 -12.58
CA LEU P 129 -29.24 33.56 -12.22
C LEU P 129 -29.57 32.64 -13.39
N LEU P 130 -30.73 32.82 -14.01
CA LEU P 130 -31.17 31.88 -15.03
C LEU P 130 -30.27 31.87 -16.24
N GLU P 131 -29.65 33.01 -16.57
CA GLU P 131 -28.75 33.04 -17.73
C GLU P 131 -27.29 32.97 -17.32
N LEU P 132 -26.97 32.41 -16.16
CA LEU P 132 -25.59 32.23 -15.77
C LEU P 132 -24.95 31.13 -16.60
N ARG P 133 -23.68 31.32 -16.95
CA ARG P 133 -22.91 30.37 -17.74
C ARG P 133 -21.96 29.58 -16.87
N PRO P 134 -21.52 28.42 -17.33
CA PRO P 134 -20.69 27.54 -16.47
C PRO P 134 -19.45 28.20 -15.90
N ALA P 135 -18.82 29.11 -16.66
CA ALA P 135 -17.70 29.86 -16.12
C ALA P 135 -18.11 31.22 -15.57
N LYS P 136 -19.26 31.74 -15.99
CA LYS P 136 -19.63 33.10 -15.62
C LYS P 136 -20.06 33.17 -14.17
N ASN P 137 -19.96 34.38 -13.61
CA ASN P 137 -20.30 34.65 -12.23
C ASN P 137 -20.93 36.03 -12.14
N VAL P 138 -21.66 36.26 -11.06
CA VAL P 138 -22.39 37.51 -10.87
C VAL P 138 -22.03 38.13 -9.54
N LEU P 139 -21.74 39.42 -9.58
CA LEU P 139 -21.49 40.24 -8.40
C LEU P 139 -22.78 40.92 -7.95
N ILE P 140 -22.90 41.06 -6.64
CA ILE P 140 -24.04 41.71 -6.02
C ILE P 140 -23.51 42.77 -5.06
N ASP P 141 -23.86 44.02 -5.31
CA ASP P 141 -23.37 45.12 -4.50
C ASP P 141 -24.53 45.82 -3.79
N GLY P 142 -24.17 46.56 -2.75
CA GLY P 142 -25.13 47.29 -1.95
C GLY P 142 -24.50 47.61 -0.61
N VAL P 143 -25.27 48.33 0.20
CA VAL P 143 -24.77 48.65 1.53
C VAL P 143 -24.62 47.35 2.32
N LEU P 144 -23.66 47.33 3.22
CA LEU P 144 -23.46 46.16 4.05
C LEU P 144 -24.70 45.92 4.92
N GLY P 145 -25.09 44.66 5.04
CA GLY P 145 -26.34 44.34 5.71
C GLY P 145 -27.56 44.92 5.04
N SER P 146 -27.56 44.98 3.71
CA SER P 146 -28.70 45.47 2.96
C SER P 146 -29.78 44.42 2.79
N GLY P 147 -29.78 43.40 3.63
CA GLY P 147 -30.55 42.23 3.31
C GLY P 147 -29.92 41.39 2.24
N LYS P 148 -28.69 41.72 1.84
CA LYS P 148 -28.03 40.99 0.76
C LYS P 148 -27.94 39.51 1.10
N THR P 149 -27.68 39.19 2.36
CA THR P 149 -27.79 37.81 2.80
C THR P 149 -29.21 37.28 2.54
N TRP P 150 -30.21 38.03 3.00
CA TRP P 150 -31.59 37.64 2.77
C TRP P 150 -31.91 37.59 1.29
N VAL P 151 -31.46 38.58 0.54
CA VAL P 151 -31.81 38.66 -0.88
C VAL P 151 -31.24 37.46 -1.63
N ALA P 152 -29.97 37.13 -1.38
CA ALA P 152 -29.37 35.98 -2.02
C ALA P 152 -30.08 34.70 -1.61
N LEU P 153 -30.40 34.57 -0.31
CA LEU P 153 -30.98 33.33 0.16
C LEU P 153 -32.39 33.14 -0.37
N ASP P 154 -33.07 34.24 -0.73
CA ASP P 154 -34.40 34.08 -1.30
C ASP P 154 -34.39 33.93 -2.81
N VAL P 155 -33.47 34.60 -3.50
CA VAL P 155 -33.38 34.36 -4.95
C VAL P 155 -32.94 32.94 -5.21
N CYS P 156 -32.05 32.40 -4.37
CA CYS P 156 -31.69 31.00 -4.52
C CYS P 156 -32.83 30.07 -4.13
N LEU P 157 -33.86 30.58 -3.48
CA LEU P 157 -35.03 29.78 -3.16
C LEU P 157 -35.92 29.53 -4.36
N SER P 158 -35.68 30.22 -5.46
CA SER P 158 -36.48 30.01 -6.67
C SER P 158 -36.32 28.58 -7.16
N TYR P 159 -37.43 27.98 -7.59
CA TYR P 159 -37.36 26.61 -8.08
C TYR P 159 -36.51 26.52 -9.34
N LYS P 160 -36.75 27.40 -10.31
CA LYS P 160 -36.08 27.28 -11.60
C LYS P 160 -34.57 27.39 -11.47
N VAL P 161 -34.07 28.28 -10.60
CA VAL P 161 -32.63 28.45 -10.49
C VAL P 161 -32.00 27.20 -9.91
N GLN P 162 -32.66 26.56 -8.95
CA GLN P 162 -32.16 25.32 -8.37
C GLN P 162 -32.24 24.17 -9.36
N CYS P 163 -33.29 24.15 -10.17
CA CYS P 163 -33.40 23.14 -11.22
C CYS P 163 -32.29 23.30 -12.24
N LYS P 164 -31.97 24.54 -12.61
CA LYS P 164 -30.84 24.79 -13.50
C LYS P 164 -29.55 24.35 -12.84
N MET P 165 -29.41 24.58 -11.54
CA MET P 165 -28.38 23.90 -10.79
C MET P 165 -28.54 22.39 -10.83
N ASP P 166 -29.79 21.91 -10.87
CA ASP P 166 -30.12 20.55 -10.48
C ASP P 166 -29.87 20.33 -8.99
N PHE P 167 -30.04 21.42 -8.23
CA PHE P 167 -30.18 21.38 -6.77
C PHE P 167 -28.90 20.94 -6.06
N LYS P 168 -27.79 21.61 -6.38
CA LYS P 168 -26.56 21.50 -5.59
C LYS P 168 -26.05 22.92 -5.33
N ILE P 169 -26.59 23.56 -4.29
CA ILE P 169 -26.29 24.96 -4.00
C ILE P 169 -25.51 25.01 -2.70
N PHE P 170 -24.40 25.73 -2.71
CA PHE P 170 -23.47 25.73 -1.60
C PHE P 170 -23.08 27.16 -1.24
N TRP P 171 -22.76 27.36 0.02
CA TRP P 171 -22.68 28.69 0.60
C TRP P 171 -21.37 28.85 1.36
N LEU P 172 -20.88 30.08 1.40
CA LEU P 172 -19.68 30.38 2.17
C LEU P 172 -19.69 31.85 2.53
N ASN P 173 -19.43 32.15 3.79
CA ASN P 173 -19.34 33.51 4.29
C ASN P 173 -17.90 33.98 4.25
N LEU P 174 -17.69 35.18 3.71
CA LEU P 174 -16.35 35.74 3.61
C LEU P 174 -16.09 36.69 4.78
N LYS P 175 -15.96 36.09 5.96
CA LYS P 175 -15.63 36.83 7.16
C LYS P 175 -14.24 36.46 7.63
N ASN P 176 -13.49 37.47 8.07
CA ASN P 176 -12.13 37.33 8.60
C ASN P 176 -11.31 36.33 7.79
N CYS P 177 -11.49 36.37 6.48
CA CYS P 177 -10.88 35.43 5.55
C CYS P 177 -9.78 36.09 4.74
N ASN P 178 -9.12 37.07 5.33
CA ASN P 178 -8.12 37.86 4.63
C ASN P 178 -6.73 37.23 4.66
N SER P 179 -6.61 36.03 5.19
CA SER P 179 -5.31 35.37 5.25
C SER P 179 -5.38 34.02 4.55
N PRO P 180 -4.26 33.56 4.00
CA PRO P 180 -4.27 32.21 3.38
C PRO P 180 -4.64 31.13 4.35
N GLU P 181 -4.31 31.29 5.62
CA GLU P 181 -4.73 30.34 6.64
C GLU P 181 -6.24 30.35 6.80
N THR P 182 -6.83 31.55 6.82
CA THR P 182 -8.27 31.69 6.97
C THR P 182 -9.04 31.19 5.76
N VAL P 183 -8.36 30.91 4.66
CA VAL P 183 -9.03 30.39 3.48
C VAL P 183 -8.68 28.93 3.21
N LEU P 184 -7.55 28.43 3.73
CA LEU P 184 -7.22 27.03 3.55
C LEU P 184 -8.26 26.14 4.23
N GLU P 185 -8.59 26.45 5.47
CA GLU P 185 -9.66 25.74 6.15
C GLU P 185 -10.99 25.92 5.44
N MET P 186 -11.21 27.09 4.83
CA MET P 186 -12.45 27.30 4.09
C MET P 186 -12.53 26.36 2.90
N LEU P 187 -11.42 26.21 2.17
CA LEU P 187 -11.38 25.24 1.07
C LEU P 187 -11.58 23.83 1.59
N GLN P 188 -11.02 23.53 2.76
CA GLN P 188 -11.22 22.22 3.35
C GLN P 188 -12.70 21.96 3.63
N LYS P 189 -13.39 22.94 4.19
CA LYS P 189 -14.83 22.81 4.44
C LYS P 189 -15.60 22.72 3.13
N LEU P 190 -15.13 23.42 2.10
CA LEU P 190 -15.76 23.31 0.78
C LEU P 190 -15.66 21.89 0.26
N LEU P 191 -14.48 21.29 0.39
CA LEU P 191 -14.32 19.88 0.05
C LEU P 191 -15.30 19.03 0.84
N TYR P 192 -15.40 19.29 2.14
CA TYR P 192 -16.30 18.51 2.98
C TYR P 192 -17.73 18.59 2.49
N GLN P 193 -18.19 19.80 2.16
CA GLN P 193 -19.58 19.92 1.71
C GLN P 193 -19.77 19.31 0.33
N ILE P 194 -18.74 19.23 -0.49
CA ILE P 194 -18.86 18.57 -1.79
C ILE P 194 -18.49 17.10 -1.70
N ASP P 195 -17.47 16.75 -0.93
CA ASP P 195 -17.14 15.35 -0.72
C ASP P 195 -16.30 15.16 0.53
N PRO P 196 -16.75 14.37 1.49
CA PRO P 196 -15.97 14.10 2.70
C PRO P 196 -14.90 13.03 2.49
N ASN P 197 -14.17 13.13 1.38
CA ASN P 197 -13.09 12.22 1.06
C ASN P 197 -11.89 13.02 0.61
N TRP P 198 -10.71 12.64 1.09
CA TRP P 198 -9.51 13.38 0.76
C TRP P 198 -8.26 12.56 1.02
N THR P 199 -7.21 12.85 0.26
CA THR P 199 -5.88 12.28 0.45
C THR P 199 -5.06 13.31 1.21
N SER P 200 -5.19 13.26 2.54
CA SER P 200 -4.54 14.26 3.39
C SER P 200 -3.03 14.12 3.42
N ARG P 201 -2.47 13.01 2.91
CA ARG P 201 -1.03 12.83 2.89
C ARG P 201 -0.34 13.88 2.03
N SER P 202 -1.04 14.42 1.04
CA SER P 202 -0.46 15.45 0.17
C SER P 202 -0.14 16.74 0.92
N ASP P 203 -0.66 16.91 2.13
CA ASP P 203 -0.44 18.14 2.87
C ASP P 203 1.05 18.36 3.12
N HIS P 204 1.47 19.62 3.04
CA HIS P 204 2.87 19.96 3.22
C HIS P 204 2.92 21.35 3.86
N SER P 205 3.29 21.40 5.13
CA SER P 205 3.30 22.65 5.88
C SER P 205 4.39 23.58 5.37
N SER P 206 5.20 23.10 4.44
CA SER P 206 6.28 23.93 3.88
C SER P 206 5.72 25.16 3.20
N ASN P 207 4.65 25.00 2.42
CA ASN P 207 4.02 26.13 1.73
C ASN P 207 2.52 25.95 1.79
N ILE P 208 1.86 26.76 2.63
CA ILE P 208 0.40 26.80 2.61
C ILE P 208 -0.10 27.23 1.24
N LYS P 209 0.64 28.10 0.57
CA LYS P 209 0.28 28.47 -0.80
C LYS P 209 0.35 27.27 -1.73
N LEU P 210 1.39 26.46 -1.63
CA LEU P 210 1.47 25.29 -2.49
C LEU P 210 0.31 24.35 -2.22
N ARG P 211 -0.03 24.18 -0.94
CA ARG P 211 -1.15 23.32 -0.58
C ARG P 211 -2.46 23.87 -1.15
N ILE P 212 -2.65 25.19 -1.07
CA ILE P 212 -3.89 25.77 -1.55
C ILE P 212 -3.98 25.63 -3.06
N HIS P 213 -2.85 25.79 -3.76
CA HIS P 213 -2.85 25.57 -5.20
C HIS P 213 -3.22 24.13 -5.53
N SER P 214 -2.60 23.18 -4.83
CA SER P 214 -2.88 21.78 -5.10
C SER P 214 -4.35 21.46 -4.87
N ILE P 215 -4.90 21.92 -3.74
CA ILE P 215 -6.27 21.55 -3.40
C ILE P 215 -7.26 22.25 -4.32
N GLN P 216 -7.00 23.50 -4.70
CA GLN P 216 -7.91 24.16 -5.62
C GLN P 216 -7.85 23.52 -7.01
N ALA P 217 -6.68 23.06 -7.44
CA ALA P 217 -6.59 22.32 -8.69
C ALA P 217 -7.37 21.02 -8.59
N GLU P 218 -7.28 20.34 -7.44
CA GLU P 218 -8.05 19.12 -7.24
C GLU P 218 -9.54 19.40 -7.28
N LEU P 219 -9.96 20.52 -6.70
CA LEU P 219 -11.37 20.89 -6.72
C LEU P 219 -11.82 21.25 -8.12
N ARG P 220 -10.89 21.75 -8.94
CA ARG P 220 -11.18 22.06 -10.32
C ARG P 220 -11.39 20.75 -11.05
N ARG P 221 -10.53 19.77 -10.76
CA ARG P 221 -10.64 18.45 -11.36
C ARG P 221 -11.96 17.80 -10.98
N LEU P 222 -12.38 17.96 -9.73
CA LEU P 222 -13.70 17.48 -9.33
C LEU P 222 -14.81 18.28 -9.98
N LEU P 223 -14.54 19.55 -10.31
CA LEU P 223 -15.57 20.40 -10.88
C LEU P 223 -16.02 19.88 -12.24
N LYS P 224 -15.09 19.35 -13.02
CA LYS P 224 -15.44 18.79 -14.32
C LYS P 224 -16.05 17.41 -14.13
N SER P 225 -17.04 17.31 -13.27
CA SER P 225 -17.81 16.10 -13.06
C SER P 225 -19.25 16.37 -13.47
N LYS P 226 -19.88 15.36 -14.06
CA LYS P 226 -21.25 15.55 -14.55
C LYS P 226 -22.19 16.06 -13.48
N PRO P 227 -22.22 15.52 -12.26
CA PRO P 227 -23.01 16.18 -11.21
C PRO P 227 -22.49 17.56 -10.86
N TYR P 228 -21.23 17.86 -11.17
CA TYR P 228 -20.58 19.09 -10.75
C TYR P 228 -20.33 20.05 -11.90
N GLU P 229 -20.97 19.81 -13.05
CA GLU P 229 -20.74 20.67 -14.21
C GLU P 229 -21.21 22.09 -13.93
N ASN P 230 -22.52 22.28 -13.76
CA ASN P 230 -23.02 23.52 -13.19
C ASN P 230 -22.78 23.47 -11.68
N CYS P 231 -22.46 24.63 -11.09
CA CYS P 231 -22.22 24.70 -9.65
C CYS P 231 -22.49 26.10 -9.13
N LEU P 232 -23.22 26.17 -8.01
CA LEU P 232 -23.60 27.44 -7.39
C LEU P 232 -22.93 27.54 -6.02
N LEU P 233 -21.99 28.47 -5.90
CA LEU P 233 -21.28 28.75 -4.65
C LEU P 233 -21.40 30.23 -4.33
N VAL P 234 -22.22 30.56 -3.35
CA VAL P 234 -22.40 31.96 -2.97
C VAL P 234 -21.34 32.34 -1.94
N LEU P 235 -20.81 33.55 -2.08
CA LEU P 235 -19.72 34.05 -1.24
C LEU P 235 -20.19 35.37 -0.65
N LEU P 236 -20.30 35.41 0.67
CA LEU P 236 -21.07 36.46 1.34
C LEU P 236 -20.16 37.51 1.95
N ASN P 237 -20.37 38.77 1.57
CA ASN P 237 -19.62 39.91 2.06
C ASN P 237 -18.12 39.68 1.85
N VAL P 238 -17.75 39.74 0.57
CA VAL P 238 -16.36 39.53 0.17
C VAL P 238 -15.47 40.58 0.81
N GLN P 239 -14.38 40.13 1.42
CA GLN P 239 -13.49 41.06 2.12
C GLN P 239 -12.59 41.80 1.14
N ASN P 240 -11.78 41.06 0.38
CA ASN P 240 -10.81 41.68 -0.52
C ASN P 240 -10.73 40.88 -1.81
N ALA P 241 -10.19 41.53 -2.85
CA ALA P 241 -10.06 40.89 -4.14
C ALA P 241 -9.16 39.66 -4.07
N LYS P 242 -8.06 39.77 -3.31
CA LYS P 242 -7.14 38.65 -3.16
C LYS P 242 -7.88 37.39 -2.70
N ALA P 243 -8.85 37.56 -1.81
CA ALA P 243 -9.63 36.42 -1.35
C ALA P 243 -10.28 35.69 -2.52
N TRP P 244 -11.01 36.43 -3.37
CA TRP P 244 -11.62 35.79 -4.53
C TRP P 244 -10.57 35.22 -5.48
N ASN P 245 -9.48 35.95 -5.68
CA ASN P 245 -8.40 35.43 -6.50
C ASN P 245 -7.90 34.10 -5.98
N ALA P 246 -8.08 33.86 -4.68
CA ALA P 246 -7.90 32.51 -4.15
C ALA P 246 -9.09 31.61 -4.46
N PHE P 247 -10.31 32.13 -4.34
CA PHE P 247 -11.52 31.31 -4.47
C PHE P 247 -12.06 31.22 -5.89
N ASN P 248 -11.42 31.85 -6.86
CA ASN P 248 -11.84 31.69 -8.24
C ASN P 248 -11.62 30.24 -8.67
N LEU P 249 -12.70 29.53 -8.99
CA LEU P 249 -12.62 28.11 -9.29
C LEU P 249 -13.20 27.78 -10.66
N SER P 250 -13.28 28.76 -11.56
CA SER P 250 -13.78 28.56 -12.93
C SER P 250 -15.17 27.94 -12.91
N CYS P 251 -16.08 28.60 -12.21
CA CYS P 251 -17.37 28.03 -11.87
C CYS P 251 -18.48 29.05 -12.11
N LYS P 252 -19.71 28.65 -11.77
CA LYS P 252 -20.84 29.57 -11.74
C LYS P 252 -21.07 30.10 -10.33
N ILE P 253 -20.02 30.61 -9.70
CA ILE P 253 -20.13 31.08 -8.33
C ILE P 253 -20.76 32.45 -8.30
N LEU P 254 -21.40 32.76 -7.18
CA LEU P 254 -22.08 34.04 -6.99
C LEU P 254 -21.39 34.75 -5.83
N LEU P 255 -21.24 36.06 -5.95
CA LEU P 255 -20.62 36.77 -4.85
C LEU P 255 -21.42 38.02 -4.52
N THR P 256 -21.67 38.23 -3.23
CA THR P 256 -22.14 39.53 -2.76
C THR P 256 -20.99 40.19 -2.01
N THR P 257 -20.73 41.45 -2.34
CA THR P 257 -19.55 42.13 -1.84
C THR P 257 -19.80 42.76 -0.48
N ARG P 258 -18.71 43.16 0.15
CA ARG P 258 -18.75 43.95 1.38
C ARG P 258 -18.25 45.37 1.18
N PHE P 259 -17.38 45.59 0.20
CA PHE P 259 -16.63 46.83 0.08
C PHE P 259 -16.65 47.32 -1.35
N LYS P 260 -16.45 48.64 -1.50
CA LYS P 260 -16.44 49.24 -2.83
C LYS P 260 -15.27 48.72 -3.66
N GLN P 261 -14.09 48.57 -3.06
CA GLN P 261 -12.92 48.11 -3.80
C GLN P 261 -13.15 46.71 -4.38
N VAL P 262 -13.88 45.87 -3.65
CA VAL P 262 -14.18 44.53 -4.15
C VAL P 262 -14.97 44.63 -5.44
N THR P 263 -15.99 45.49 -5.46
CA THR P 263 -16.76 45.71 -6.68
C THR P 263 -15.87 46.29 -7.78
N ASP P 264 -15.02 47.23 -7.42
CA ASP P 264 -14.20 47.92 -8.42
C ASP P 264 -13.23 46.97 -9.10
N PHE P 265 -12.73 45.98 -8.37
CA PHE P 265 -11.78 45.03 -8.96
C PHE P 265 -12.41 44.26 -10.12
N LEU P 266 -13.65 43.83 -9.95
CA LEU P 266 -14.24 42.93 -10.93
C LEU P 266 -14.50 43.64 -12.25
N SER P 267 -14.78 42.84 -13.27
CA SER P 267 -15.03 43.32 -14.62
C SER P 267 -16.49 43.08 -14.99
N ALA P 268 -17.12 44.13 -15.53
CA ALA P 268 -18.52 44.01 -15.93
C ALA P 268 -18.69 43.01 -17.06
N ALA P 269 -17.78 43.02 -18.03
CA ALA P 269 -17.88 42.08 -19.14
C ALA P 269 -17.79 40.64 -18.64
N THR P 270 -16.86 40.37 -17.72
CA THR P 270 -16.75 39.03 -17.16
C THR P 270 -17.93 38.72 -16.26
N THR P 271 -18.29 39.65 -15.38
CA THR P 271 -19.33 39.41 -14.39
C THR P 271 -20.37 40.52 -14.46
N THR P 272 -21.62 40.14 -14.68
CA THR P 272 -22.71 41.07 -14.50
C THR P 272 -22.78 41.50 -13.05
N HIS P 273 -23.01 42.78 -12.82
CA HIS P 273 -22.93 43.36 -11.50
C HIS P 273 -24.32 43.75 -11.02
N ILE P 274 -24.65 43.32 -9.81
CA ILE P 274 -25.94 43.61 -9.18
C ILE P 274 -25.70 44.64 -8.09
N SER P 275 -26.54 45.68 -8.09
CA SER P 275 -26.43 46.74 -7.09
C SER P 275 -27.68 46.71 -6.22
N LEU P 276 -27.53 47.28 -5.02
CA LEU P 276 -28.67 47.52 -4.14
C LEU P 276 -28.85 48.98 -3.80
N ASP P 277 -27.89 49.83 -4.12
CA ASP P 277 -28.00 51.28 -3.89
C ASP P 277 -28.49 51.98 -5.16
N HIS P 278 -29.69 51.59 -5.58
CA HIS P 278 -30.33 52.16 -6.75
C HIS P 278 -31.78 52.47 -6.41
N HIS P 279 -32.34 53.46 -7.13
CA HIS P 279 -33.68 53.92 -6.81
C HIS P 279 -34.70 52.80 -6.93
N SER P 280 -34.54 51.94 -7.94
CA SER P 280 -35.41 50.78 -8.02
C SER P 280 -35.02 49.73 -6.98
N MET P 281 -33.74 49.69 -6.61
CA MET P 281 -33.30 48.70 -5.64
C MET P 281 -33.85 49.00 -4.25
N THR P 282 -34.03 50.27 -3.92
CA THR P 282 -34.37 50.64 -2.56
C THR P 282 -35.75 50.11 -2.18
N LEU P 283 -35.98 50.02 -0.88
CA LEU P 283 -37.21 49.43 -0.35
C LEU P 283 -38.34 50.45 -0.39
N THR P 284 -39.42 50.11 -1.09
CA THR P 284 -40.59 50.97 -1.10
C THR P 284 -41.25 50.97 0.28
N PRO P 285 -41.96 52.04 0.62
CA PRO P 285 -42.66 52.05 1.92
C PRO P 285 -43.61 50.89 2.09
N ASP P 286 -44.10 50.31 1.00
CA ASP P 286 -44.91 49.11 1.11
C ASP P 286 -44.09 47.94 1.64
N GLU P 287 -42.89 47.75 1.10
CA GLU P 287 -42.02 46.71 1.65
C GLU P 287 -41.62 47.04 3.09
N VAL P 288 -41.42 48.33 3.37
CA VAL P 288 -41.06 48.74 4.72
C VAL P 288 -42.16 48.38 5.71
N LYS P 289 -43.41 48.69 5.35
CA LYS P 289 -44.52 48.38 6.23
C LYS P 289 -44.73 46.88 6.33
N SER P 290 -44.50 46.15 5.23
CA SER P 290 -44.57 44.70 5.29
C SER P 290 -43.58 44.14 6.30
N LEU P 291 -42.34 44.62 6.26
CA LEU P 291 -41.35 44.09 7.18
C LEU P 291 -41.63 44.52 8.61
N LEU P 292 -42.08 45.76 8.82
CA LEU P 292 -42.35 46.17 10.19
C LEU P 292 -43.55 45.45 10.77
N LEU P 293 -44.52 45.06 9.95
CA LEU P 293 -45.59 44.23 10.47
C LEU P 293 -45.11 42.80 10.65
N LYS P 294 -44.14 42.37 9.84
CA LYS P 294 -43.51 41.08 10.07
C LYS P 294 -42.80 41.04 11.42
N TYR P 295 -42.32 42.19 11.88
CA TYR P 295 -41.57 42.23 13.13
C TYR P 295 -42.48 42.56 14.32
N LEU P 296 -43.08 43.75 14.30
CA LEU P 296 -43.95 44.18 15.40
C LEU P 296 -45.17 43.28 15.52
N ASP P 297 -45.73 42.86 14.39
CA ASP P 297 -46.86 41.93 14.37
C ASP P 297 -48.09 42.56 15.02
N CYS P 298 -48.49 43.72 14.48
CA CYS P 298 -49.65 44.44 14.98
C CYS P 298 -50.32 45.13 13.80
N ARG P 299 -51.32 44.47 13.21
CA ARG P 299 -52.00 45.03 12.05
C ARG P 299 -52.74 46.32 12.36
N PRO P 300 -53.54 46.41 13.42
CA PRO P 300 -54.21 47.68 13.72
C PRO P 300 -53.24 48.81 13.99
N GLN P 301 -52.10 48.52 14.62
CA GLN P 301 -51.10 49.53 14.95
C GLN P 301 -50.10 49.73 13.82
N ASP P 302 -50.46 49.38 12.60
CA ASP P 302 -49.56 49.60 11.47
C ASP P 302 -49.27 51.08 11.27
N LEU P 303 -50.30 51.91 11.34
CA LEU P 303 -50.13 53.35 11.19
C LEU P 303 -49.39 53.91 12.40
N PRO P 304 -49.53 53.31 13.58
CA PRO P 304 -48.92 53.89 14.78
C PRO P 304 -47.41 54.05 14.69
N ARG P 305 -46.73 53.13 14.01
CA ARG P 305 -45.31 53.30 13.79
C ARG P 305 -45.06 54.47 12.85
N GLU P 306 -44.03 55.25 13.16
CA GLU P 306 -43.62 56.38 12.31
C GLU P 306 -42.10 56.46 12.40
N VAL P 307 -41.43 56.09 11.31
CA VAL P 307 -39.97 56.08 11.29
C VAL P 307 -39.46 56.36 9.89
N LEU P 308 -38.13 56.40 9.74
CA LEU P 308 -37.49 56.75 8.48
C LEU P 308 -36.50 55.69 8.01
N THR P 309 -36.27 54.66 8.83
CA THR P 309 -35.32 53.58 8.54
C THR P 309 -35.40 53.02 7.13
N THR P 310 -34.26 52.66 6.56
CA THR P 310 -34.17 52.13 5.22
C THR P 310 -33.61 50.70 5.16
N ASN P 311 -32.41 50.47 5.69
CA ASN P 311 -31.77 49.18 5.47
C ASN P 311 -32.34 48.12 6.39
N PRO P 312 -32.29 46.85 5.97
CA PRO P 312 -32.89 45.79 6.81
C PRO P 312 -32.27 45.65 8.18
N ARG P 313 -31.00 45.96 8.35
CA ARG P 313 -30.36 45.73 9.64
C ARG P 313 -30.86 46.70 10.70
N ARG P 314 -30.72 48.00 10.44
CA ARG P 314 -31.19 48.97 11.41
C ARG P 314 -32.71 48.96 11.51
N LEU P 315 -33.38 48.67 10.40
CA LEU P 315 -34.83 48.49 10.45
C LEU P 315 -35.19 47.37 11.41
N SER P 316 -34.50 46.25 11.32
CA SER P 316 -34.78 45.11 12.18
C SER P 316 -34.49 45.45 13.63
N ILE P 317 -33.36 46.10 13.89
CA ILE P 317 -33.00 46.40 15.27
C ILE P 317 -34.00 47.37 15.88
N ILE P 318 -34.43 48.37 15.10
CA ILE P 318 -35.39 49.33 15.61
C ILE P 318 -36.74 48.67 15.85
N ALA P 319 -37.16 47.81 14.91
CA ALA P 319 -38.46 47.14 15.05
C ALA P 319 -38.49 46.25 16.27
N GLU P 320 -37.45 45.43 16.47
CA GLU P 320 -37.42 44.59 17.65
C GLU P 320 -37.34 45.44 18.92
N SER P 321 -36.57 46.54 18.87
CA SER P 321 -36.43 47.39 20.05
C SER P 321 -37.78 47.97 20.44
N ILE P 322 -38.54 48.47 19.47
CA ILE P 322 -39.88 48.98 19.74
C ILE P 322 -40.74 47.86 20.29
N ARG P 323 -40.68 46.69 19.64
CA ARG P 323 -41.43 45.53 20.11
C ARG P 323 -40.92 45.04 21.45
N ASP P 324 -39.64 45.25 21.75
CA ASP P 324 -39.06 44.73 22.97
C ASP P 324 -38.38 45.84 23.78
N ALA P 327 -40.91 50.97 22.18
CA ALA P 327 -41.60 52.23 21.96
C ALA P 327 -41.26 52.81 20.60
N THR P 328 -42.28 53.32 19.89
CA THR P 328 -42.09 53.81 18.53
C THR P 328 -41.16 55.00 18.47
N TRP P 329 -40.81 55.61 19.60
CA TRP P 329 -39.98 56.79 19.59
C TRP P 329 -38.71 56.64 20.42
N ASP P 330 -38.83 56.15 21.65
CA ASP P 330 -37.64 55.93 22.46
C ASP P 330 -36.76 54.84 21.87
N ASN P 331 -37.36 53.72 21.48
CA ASN P 331 -36.61 52.69 20.76
C ASN P 331 -36.30 53.10 19.33
N TRP P 332 -36.92 54.16 18.83
CA TRP P 332 -36.64 54.64 17.49
C TRP P 332 -35.27 55.31 17.41
N LYS P 333 -34.97 56.17 18.38
CA LYS P 333 -33.74 56.96 18.35
C LYS P 333 -32.83 56.69 19.55
N HIS P 334 -33.40 56.66 20.76
CA HIS P 334 -32.57 56.60 21.96
C HIS P 334 -31.96 55.23 22.16
N VAL P 335 -32.75 54.17 21.93
CA VAL P 335 -32.30 52.80 22.12
C VAL P 335 -31.35 52.40 21.00
N ASN P 336 -30.73 51.23 21.13
CA ASN P 336 -29.74 50.67 20.21
C ASN P 336 -28.46 51.49 20.17
N CYS P 337 -28.37 52.48 21.04
CA CYS P 337 -27.20 53.35 21.10
C CYS P 337 -25.96 52.58 21.49
N ASP P 338 -26.15 51.30 21.83
CA ASP P 338 -25.05 50.45 22.23
C ASP P 338 -25.18 49.06 21.64
N LYS P 339 -26.08 48.89 20.66
CA LYS P 339 -26.36 47.66 19.94
C LYS P 339 -26.12 47.79 18.45
N LEU P 340 -26.82 48.72 17.80
CA LEU P 340 -26.58 48.97 16.38
C LEU P 340 -25.23 49.63 16.18
N THR P 341 -24.91 50.61 17.01
CA THR P 341 -23.60 51.25 16.96
C THR P 341 -22.47 50.28 17.25
N THR P 342 -22.78 49.16 17.90
CA THR P 342 -21.79 48.11 18.14
C THR P 342 -21.50 47.32 16.88
N ILE P 343 -22.55 46.81 16.21
CA ILE P 343 -22.34 45.97 15.04
C ILE P 343 -21.79 46.80 13.89
N ILE P 344 -22.26 48.03 13.73
CA ILE P 344 -21.76 48.86 12.64
C ILE P 344 -20.28 49.19 12.87
N GLU P 345 -19.91 49.46 14.12
CA GLU P 345 -18.51 49.70 14.43
C GLU P 345 -17.68 48.44 14.18
N SER P 346 -18.22 47.28 14.54
CA SER P 346 -17.51 46.03 14.30
C SER P 346 -17.25 45.84 12.82
N SER P 347 -18.25 46.14 11.98
CA SER P 347 -18.04 46.10 10.54
C SER P 347 -17.00 47.12 10.10
N LEU P 348 -17.04 48.32 10.68
CA LEU P 348 -16.14 49.39 10.31
C LEU P 348 -14.69 49.10 10.66
N ASN P 349 -14.46 48.26 11.67
CA ASN P 349 -13.12 48.11 12.26
C ASN P 349 -12.07 47.60 11.28
N VAL P 350 -12.47 47.31 10.04
CA VAL P 350 -11.52 46.83 9.03
C VAL P 350 -10.46 47.85 8.69
N LEU P 351 -10.64 49.10 9.10
CA LEU P 351 -9.78 50.19 8.70
C LEU P 351 -8.45 50.15 9.45
N GLU P 352 -7.48 50.90 8.93
CA GLU P 352 -6.28 51.19 9.68
C GLU P 352 -6.58 52.29 10.70
N PRO P 353 -6.46 52.02 11.98
CA PRO P 353 -7.01 52.96 12.98
C PRO P 353 -6.17 54.20 13.21
N ALA P 354 -4.85 54.09 13.10
CA ALA P 354 -3.98 55.20 13.44
C ALA P 354 -4.25 56.41 12.56
N GLU P 355 -4.42 56.17 11.26
CA GLU P 355 -4.70 57.25 10.32
C GLU P 355 -6.18 57.37 9.97
N TYR P 356 -6.78 56.27 9.49
CA TYR P 356 -8.14 56.36 8.97
C TYR P 356 -9.13 56.72 10.06
N ARG P 357 -9.01 56.11 11.24
CA ARG P 357 -9.99 56.35 12.29
C ARG P 357 -9.91 57.78 12.79
N LYS P 358 -8.70 58.32 12.93
CA LYS P 358 -8.56 59.71 13.35
C LYS P 358 -9.20 60.65 12.35
N MET P 359 -8.87 60.50 11.07
CA MET P 359 -9.42 61.38 10.05
C MET P 359 -10.93 61.24 9.96
N PHE P 360 -11.43 60.01 10.10
CA PHE P 360 -12.88 59.78 10.09
C PHE P 360 -13.55 60.47 11.27
N ASP P 361 -12.94 60.37 12.45
CA ASP P 361 -13.50 61.06 13.61
C ASP P 361 -13.45 62.56 13.45
N ARG P 362 -12.54 63.06 12.60
CA ARG P 362 -12.52 64.48 12.31
C ARG P 362 -13.85 64.96 11.71
N LEU P 363 -14.63 64.06 11.12
CA LEU P 363 -15.88 64.42 10.46
C LEU P 363 -17.02 64.73 11.41
N SER P 364 -16.83 64.76 12.72
CA SER P 364 -17.96 64.98 13.62
C SER P 364 -18.58 66.37 13.47
N VAL P 365 -17.83 67.33 12.95
CA VAL P 365 -18.30 68.71 12.92
C VAL P 365 -19.44 68.90 11.92
N PHE P 366 -19.38 68.21 10.79
CA PHE P 366 -20.27 68.49 9.70
C PHE P 366 -21.69 68.06 10.04
N PRO P 367 -22.69 68.76 9.50
CA PRO P 367 -24.07 68.32 9.65
C PRO P 367 -24.27 66.96 9.00
N PRO P 368 -25.25 66.19 9.47
CA PRO P 368 -25.44 64.85 8.89
C PRO P 368 -25.66 64.88 7.39
N SER P 369 -26.34 65.89 6.88
CA SER P 369 -26.52 66.11 5.45
C SER P 369 -25.52 67.18 5.04
N ALA P 370 -24.29 66.77 4.74
CA ALA P 370 -23.26 67.71 4.37
C ALA P 370 -22.26 67.03 3.44
N HIS P 371 -21.78 67.78 2.47
CA HIS P 371 -20.66 67.38 1.63
C HIS P 371 -19.41 68.06 2.16
N ILE P 372 -18.32 67.95 1.42
CA ILE P 372 -17.07 68.60 1.85
C ILE P 372 -16.19 68.96 0.67
N PRO P 373 -15.66 70.17 0.62
CA PRO P 373 -14.61 70.49 -0.36
C PRO P 373 -13.32 69.77 0.01
N THR P 374 -12.50 69.56 -1.01
CA THR P 374 -11.23 68.86 -0.81
C THR P 374 -10.31 69.65 0.13
N ILE P 375 -10.33 70.97 0.02
CA ILE P 375 -9.41 71.78 0.82
C ILE P 375 -9.71 71.63 2.30
N LEU P 376 -10.99 71.55 2.67
CA LEU P 376 -11.33 71.52 4.09
C LEU P 376 -10.81 70.26 4.75
N LEU P 377 -11.02 69.11 4.12
CA LEU P 377 -10.44 67.87 4.64
C LEU P 377 -8.93 67.90 4.56
N SER P 378 -8.37 68.62 3.59
CA SER P 378 -6.92 68.76 3.51
C SER P 378 -6.37 69.45 4.75
N LEU P 379 -7.04 70.52 5.20
CA LEU P 379 -6.61 71.20 6.42
C LEU P 379 -6.66 70.26 7.61
N ILE P 380 -7.70 69.43 7.69
CA ILE P 380 -7.90 68.57 8.83
C ILE P 380 -7.10 67.28 8.67
N SER P 387 -1.15 65.65 -1.02
CA SER P 387 -2.08 64.68 -1.59
C SER P 387 -2.28 63.50 -0.65
N ASP P 388 -1.64 63.57 0.52
CA ASP P 388 -1.81 62.51 1.50
C ASP P 388 -3.27 62.36 1.90
N VAL P 389 -3.94 63.49 2.15
CA VAL P 389 -5.33 63.43 2.57
C VAL P 389 -6.21 62.87 1.46
N MET P 390 -5.97 63.27 0.20
CA MET P 390 -6.83 62.78 -0.87
C MET P 390 -6.56 61.31 -1.16
N VAL P 391 -5.31 60.87 -1.05
CA VAL P 391 -5.03 59.44 -1.15
C VAL P 391 -5.73 58.68 -0.04
N VAL P 392 -5.69 59.23 1.17
CA VAL P 392 -6.32 58.55 2.31
C VAL P 392 -7.82 58.43 2.10
N VAL P 393 -8.46 59.52 1.68
CA VAL P 393 -9.90 59.47 1.50
C VAL P 393 -10.26 58.61 0.30
N ASN P 394 -9.38 58.53 -0.70
CA ASN P 394 -9.59 57.59 -1.78
C ASN P 394 -9.56 56.17 -1.24
N LYS P 395 -8.65 55.89 -0.32
CA LYS P 395 -8.61 54.58 0.33
C LYS P 395 -9.90 54.32 1.08
N LEU P 396 -10.41 55.33 1.78
CA LEU P 396 -11.67 55.17 2.50
C LEU P 396 -12.82 54.90 1.54
N HIS P 397 -12.83 55.59 0.40
CA HIS P 397 -13.82 55.33 -0.63
C HIS P 397 -13.71 53.91 -1.13
N LYS P 398 -12.49 53.44 -1.35
CA LYS P 398 -12.28 52.05 -1.75
C LYS P 398 -12.82 51.10 -0.70
N TYR P 399 -12.63 51.43 0.56
CA TYR P 399 -13.25 50.69 1.65
C TYR P 399 -14.76 50.74 1.47
N SER P 400 -15.33 51.93 1.64
CA SER P 400 -16.76 52.24 1.53
C SER P 400 -17.06 53.57 2.21
N LEU P 401 -16.12 54.06 3.02
CA LEU P 401 -16.44 55.11 3.99
C LEU P 401 -16.92 56.39 3.30
N VAL P 402 -16.26 56.79 2.22
CA VAL P 402 -16.57 58.07 1.60
C VAL P 402 -17.00 57.84 0.17
N GLU P 403 -17.68 58.83 -0.39
CA GLU P 403 -18.17 58.80 -1.76
C GLU P 403 -17.68 60.05 -2.48
N LYS P 404 -16.97 59.86 -3.59
CA LYS P 404 -16.43 60.97 -4.35
C LYS P 404 -17.42 61.40 -5.42
N GLN P 405 -17.55 62.71 -5.58
CA GLN P 405 -18.36 63.28 -6.64
C GLN P 405 -17.64 64.49 -7.22
N PRO P 406 -17.81 64.76 -8.52
CA PRO P 406 -17.17 65.92 -9.17
C PRO P 406 -17.98 67.19 -9.03
N SER P 409 -15.21 69.33 -7.06
CA SER P 409 -15.46 67.92 -6.75
C SER P 409 -15.54 67.69 -5.26
N THR P 410 -16.71 67.94 -4.68
CA THR P 410 -16.90 67.72 -3.25
C THR P 410 -17.03 66.23 -2.95
N ILE P 411 -17.16 65.91 -1.66
CA ILE P 411 -17.23 64.53 -1.21
C ILE P 411 -18.43 64.38 -0.27
N SER P 412 -19.10 63.24 -0.38
CA SER P 412 -20.27 62.94 0.44
C SER P 412 -19.96 61.72 1.30
N ILE P 413 -20.72 61.59 2.39
CA ILE P 413 -20.53 60.49 3.34
C ILE P 413 -21.87 59.81 3.57
N PRO P 414 -21.91 58.48 3.70
CA PRO P 414 -23.16 57.83 4.13
C PRO P 414 -23.54 58.27 5.52
N SER P 415 -24.76 58.79 5.65
CA SER P 415 -25.25 59.24 6.94
C SER P 415 -25.33 58.11 7.95
N ILE P 416 -25.44 56.87 7.48
CA ILE P 416 -25.42 55.71 8.37
C ILE P 416 -24.14 55.71 9.19
N TYR P 417 -23.02 56.09 8.57
CA TYR P 417 -21.76 56.21 9.27
C TYR P 417 -21.32 57.65 9.50
N LEU P 418 -21.90 58.61 8.78
CA LEU P 418 -21.60 60.00 9.08
C LEU P 418 -22.06 60.37 10.49
N GLU P 419 -23.21 59.83 10.90
CA GLU P 419 -23.89 60.30 12.10
C GLU P 419 -24.05 59.24 13.17
N LEU P 420 -24.55 58.05 12.82
CA LEU P 420 -25.03 57.12 13.83
C LEU P 420 -23.91 56.66 14.76
N LYS P 421 -22.76 56.31 14.20
CA LYS P 421 -21.68 55.79 15.02
C LYS P 421 -20.87 56.90 15.67
N VAL P 422 -20.64 57.99 14.94
CA VAL P 422 -19.63 58.98 15.36
C VAL P 422 -20.06 59.71 16.62
N LYS P 423 -21.34 60.07 16.72
CA LYS P 423 -21.77 60.97 17.79
C LYS P 423 -21.46 60.41 19.17
N LEU P 424 -21.51 59.10 19.32
CA LEU P 424 -21.34 58.51 20.64
C LEU P 424 -19.91 58.68 21.15
N GLU P 425 -18.94 58.47 20.28
CA GLU P 425 -17.52 58.59 20.65
C GLU P 425 -16.95 59.82 19.95
N ASN P 426 -16.61 60.83 20.74
CA ASN P 426 -16.10 62.09 20.17
C ASN P 426 -15.20 62.76 21.20
N GLU P 427 -13.89 62.62 21.01
CA GLU P 427 -12.94 63.40 21.80
C GLU P 427 -13.10 64.87 21.46
N TYR P 428 -12.82 65.72 22.45
CA TYR P 428 -12.98 67.15 22.23
C TYR P 428 -11.83 67.72 21.40
N ALA P 429 -11.85 67.44 20.11
CA ALA P 429 -11.12 68.24 19.14
C ALA P 429 -11.99 69.36 18.58
N LEU P 430 -13.18 69.52 19.15
CA LEU P 430 -14.22 70.35 18.53
C LEU P 430 -13.84 71.82 18.53
N HIS P 431 -13.17 72.30 19.58
CA HIS P 431 -12.80 73.70 19.60
C HIS P 431 -11.77 74.03 18.53
N ARG P 432 -10.77 73.16 18.37
CA ARG P 432 -9.78 73.38 17.32
C ARG P 432 -10.45 73.33 15.95
N SER P 433 -11.34 72.35 15.77
CA SER P 433 -12.06 72.23 14.51
C SER P 433 -12.87 73.48 14.23
N ILE P 434 -13.49 74.05 15.25
CA ILE P 434 -14.39 75.17 15.01
C ILE P 434 -13.62 76.48 14.88
N VAL P 435 -12.47 76.60 15.54
CA VAL P 435 -11.64 77.77 15.29
C VAL P 435 -11.06 77.70 13.89
N ASP P 436 -10.77 76.50 13.38
CA ASP P 436 -10.45 76.38 11.96
C ASP P 436 -11.67 76.73 11.10
N HIS P 437 -12.86 76.32 11.56
CA HIS P 437 -14.10 76.63 10.85
C HIS P 437 -14.30 78.12 10.73
N TYR P 438 -13.72 78.90 11.64
CA TYR P 438 -13.70 80.35 11.47
C TYR P 438 -12.48 80.83 10.69
N ASN P 439 -11.36 80.15 10.81
CA ASN P 439 -10.14 80.61 10.17
C ASN P 439 -10.27 80.56 8.65
N ILE P 440 -10.78 79.44 8.15
CA ILE P 440 -10.99 79.24 6.72
C ILE P 440 -12.02 80.20 6.11
N PRO P 441 -13.08 80.55 6.86
CA PRO P 441 -14.07 81.47 6.31
C PRO P 441 -13.59 82.92 6.30
N LYS P 442 -12.62 83.23 7.14
CA LYS P 442 -12.04 84.56 7.27
C LYS P 442 -10.93 84.78 6.25
N THR P 443 -10.27 83.69 5.84
CA THR P 443 -9.41 83.78 4.67
C THR P 443 -10.21 84.20 3.44
N PHE P 444 -11.50 83.89 3.43
CA PHE P 444 -12.40 84.33 2.36
C PHE P 444 -13.09 85.64 2.71
N ASP P 445 -12.33 86.64 3.12
CA ASP P 445 -12.84 87.97 3.41
C ASP P 445 -12.40 88.92 2.30
N SER P 446 -13.37 89.48 1.58
CA SER P 446 -13.01 90.36 0.49
C SER P 446 -13.32 91.82 0.81
N ASP P 447 -12.79 92.69 -0.03
CA ASP P 447 -13.04 94.12 0.09
C ASP P 447 -14.51 94.44 -0.06
N ASP P 448 -15.12 93.97 -1.15
CA ASP P 448 -16.55 94.03 -1.33
C ASP P 448 -17.15 92.78 -0.69
N LEU P 449 -18.43 92.53 -0.95
CA LEU P 449 -19.10 91.37 -0.41
C LEU P 449 -19.27 90.27 -1.45
N ILE P 450 -18.23 90.03 -2.25
CA ILE P 450 -18.26 88.99 -3.27
C ILE P 450 -17.09 88.03 -3.05
N PRO P 451 -17.19 87.13 -2.07
CA PRO P 451 -16.12 86.13 -1.88
C PRO P 451 -16.36 84.91 -2.74
N PRO P 452 -15.35 84.04 -2.91
CA PRO P 452 -15.55 82.80 -3.68
C PRO P 452 -16.01 81.62 -2.83
N TYR P 453 -17.27 81.67 -2.38
CA TYR P 453 -17.81 80.56 -1.62
C TYR P 453 -18.04 79.34 -2.50
N LEU P 454 -18.30 78.21 -1.84
CA LEU P 454 -18.90 77.08 -2.51
C LEU P 454 -20.41 77.19 -2.35
N ASP P 455 -21.12 76.96 -3.46
CA ASP P 455 -22.56 77.19 -3.51
C ASP P 455 -23.29 76.45 -2.40
N GLN P 456 -22.96 75.19 -2.19
CA GLN P 456 -23.62 74.38 -1.17
C GLN P 456 -23.00 74.57 0.21
N TYR P 457 -21.73 74.22 0.34
CA TYR P 457 -21.13 74.07 1.66
C TYR P 457 -21.16 75.38 2.42
N PHE P 458 -20.48 76.39 1.91
CA PHE P 458 -20.32 77.64 2.64
C PHE P 458 -21.66 78.17 3.11
N TYR P 459 -22.58 78.42 2.16
CA TYR P 459 -23.84 79.07 2.47
C TYR P 459 -24.62 78.31 3.53
N SER P 460 -24.38 77.01 3.66
CA SER P 460 -25.11 76.19 4.61
C SER P 460 -24.41 76.10 5.96
N HIS P 461 -23.19 75.55 5.98
CA HIS P 461 -22.52 75.21 7.21
C HIS P 461 -21.81 76.40 7.85
N ILE P 462 -21.72 77.53 7.16
CA ILE P 462 -21.12 78.70 7.77
C ILE P 462 -21.97 79.15 8.96
N GLY P 463 -23.29 79.07 8.83
CA GLY P 463 -24.14 79.43 9.96
C GLY P 463 -23.94 78.51 11.14
N HIS P 464 -23.93 77.20 10.87
CA HIS P 464 -23.64 76.22 11.89
C HIS P 464 -22.37 76.57 12.67
N HIS P 465 -21.25 76.63 11.97
CA HIS P 465 -19.98 76.78 12.66
C HIS P 465 -19.80 78.18 13.25
N LEU P 466 -20.41 79.19 12.66
CA LEU P 466 -20.27 80.55 13.17
C LEU P 466 -21.09 80.74 14.43
N LYS P 467 -22.29 80.18 14.48
CA LYS P 467 -23.02 80.12 15.75
C LYS P 467 -22.29 79.24 16.74
N ASN P 468 -21.54 78.25 16.24
CA ASN P 468 -20.75 77.39 17.11
C ASN P 468 -19.67 78.17 17.86
N ILE P 469 -18.96 79.06 17.16
CA ILE P 469 -17.79 79.69 17.79
C ILE P 469 -18.21 80.74 18.82
N GLU P 470 -18.87 81.81 18.39
CA GLU P 470 -19.10 82.97 19.25
C GLU P 470 -19.98 83.96 18.51
N HIS P 471 -20.45 84.97 19.25
CA HIS P 471 -21.49 85.91 18.84
C HIS P 471 -21.04 87.06 17.93
N PRO P 472 -19.97 87.80 18.23
CA PRO P 472 -19.65 88.95 17.37
C PRO P 472 -19.34 88.54 15.96
N GLU P 473 -18.75 87.36 15.80
CA GLU P 473 -18.52 86.82 14.47
C GLU P 473 -19.84 86.51 13.78
N ARG P 474 -20.86 86.08 14.53
CA ARG P 474 -22.20 85.95 13.96
C ARG P 474 -22.70 87.31 13.48
N MET P 475 -22.55 88.34 14.31
CA MET P 475 -22.99 89.67 13.93
C MET P 475 -22.31 90.14 12.66
N THR P 476 -21.04 89.78 12.48
CA THR P 476 -20.30 90.24 11.32
C THR P 476 -20.61 89.41 10.06
N LEU P 477 -20.38 88.10 10.12
CA LEU P 477 -20.38 87.27 8.93
C LEU P 477 -21.70 86.59 8.61
N PHE P 478 -22.73 86.70 9.46
CA PHE P 478 -24.04 86.32 8.95
C PHE P 478 -24.59 87.33 7.97
N ARG P 479 -23.99 88.51 7.89
CA ARG P 479 -24.35 89.49 6.88
C ARG P 479 -25.83 89.87 7.00
N MET P 480 -26.35 89.84 8.22
CA MET P 480 -27.70 90.35 8.43
C MET P 480 -27.75 91.84 8.17
N VAL P 481 -26.62 92.53 8.32
CA VAL P 481 -26.50 93.94 7.98
C VAL P 481 -25.88 94.17 6.60
N PHE P 482 -25.50 93.11 5.91
CA PHE P 482 -24.93 93.21 4.57
C PHE P 482 -25.94 92.70 3.55
N LEU P 483 -26.42 93.61 2.70
CA LEU P 483 -27.47 93.30 1.73
C LEU P 483 -26.98 92.46 0.56
N ASP P 484 -25.68 92.42 0.29
CA ASP P 484 -25.19 91.71 -0.89
C ASP P 484 -25.41 90.21 -0.76
N PHE P 485 -25.22 89.65 0.43
CA PHE P 485 -25.37 88.21 0.61
C PHE P 485 -26.80 87.76 0.38
N ARG P 486 -27.76 88.66 0.57
CA ARG P 486 -29.14 88.38 0.18
C ARG P 486 -29.21 88.01 -1.29
N PHE P 487 -28.53 88.78 -2.14
CA PHE P 487 -28.43 88.42 -3.55
C PHE P 487 -27.61 87.15 -3.74
N LEU P 488 -26.50 87.05 -3.00
CA LEU P 488 -25.56 85.95 -3.19
C LEU P 488 -26.24 84.60 -3.01
N GLU P 489 -26.77 84.34 -1.82
CA GLU P 489 -27.33 83.03 -1.53
C GLU P 489 -28.51 82.73 -2.44
N GLN P 490 -29.41 83.69 -2.63
CA GLN P 490 -30.63 83.40 -3.38
C GLN P 490 -30.34 83.13 -4.84
N LYS P 491 -29.54 83.99 -5.49
CA LYS P 491 -29.24 83.74 -6.89
C LYS P 491 -28.35 82.51 -7.05
N ILE P 492 -27.44 82.27 -6.11
CA ILE P 492 -26.61 81.08 -6.17
C ILE P 492 -27.41 79.82 -5.85
N ARG P 493 -28.59 79.97 -5.25
CA ARG P 493 -29.49 78.84 -4.99
C ARG P 493 -30.78 79.01 -5.79
N HIS P 494 -30.86 78.34 -6.93
CA HIS P 494 -32.05 78.47 -7.76
C HIS P 494 -32.27 77.22 -8.61
N ASN P 507 -36.24 78.28 -2.47
CA ASN P 507 -34.85 78.48 -2.10
C ASN P 507 -34.73 79.42 -0.91
N THR P 508 -35.84 80.07 -0.58
CA THR P 508 -35.91 80.94 0.58
C THR P 508 -36.03 80.17 1.89
N LEU P 509 -36.64 78.98 1.85
CA LEU P 509 -36.93 78.25 3.08
C LEU P 509 -35.65 77.85 3.80
N GLN P 510 -34.65 77.34 3.06
CA GLN P 510 -33.40 76.98 3.70
C GLN P 510 -32.74 78.21 4.32
N GLN P 511 -32.87 79.36 3.65
CA GLN P 511 -32.36 80.59 4.23
C GLN P 511 -33.06 80.89 5.55
N LEU P 512 -34.40 80.81 5.55
CA LEU P 512 -35.15 81.02 6.78
C LEU P 512 -34.73 80.03 7.87
N LYS P 513 -34.43 78.80 7.48
CA LYS P 513 -33.94 77.82 8.44
C LYS P 513 -32.54 78.17 8.92
N PHE P 514 -31.79 78.91 8.12
CA PHE P 514 -30.52 79.41 8.61
C PHE P 514 -30.72 80.55 9.59
N TYR P 515 -31.77 81.36 9.41
CA TYR P 515 -31.96 82.53 10.25
C TYR P 515 -32.61 82.17 11.57
N LYS P 516 -33.85 81.67 11.50
CA LYS P 516 -34.71 81.64 12.68
C LYS P 516 -34.15 80.85 13.87
N PRO P 517 -33.56 79.65 13.71
CA PRO P 517 -33.01 78.96 14.88
C PRO P 517 -31.55 79.32 15.19
N TYR P 518 -30.98 80.30 14.51
CA TYR P 518 -29.61 80.73 14.73
C TYR P 518 -29.53 82.17 15.18
N ILE P 519 -30.66 82.75 15.60
CA ILE P 519 -30.68 84.17 15.96
C ILE P 519 -30.02 84.39 17.30
N CYS P 520 -29.90 83.35 18.12
CA CYS P 520 -29.50 83.54 19.52
C CYS P 520 -28.12 84.15 19.64
N ASP P 521 -27.16 83.65 18.87
CA ASP P 521 -25.76 84.07 19.02
C ASP P 521 -25.54 85.51 18.58
N ASP P 523 -27.55 89.51 20.62
CA ASP P 523 -28.10 90.35 21.68
C ASP P 523 -29.48 90.86 21.31
N PRO P 524 -30.34 91.04 22.31
CA PRO P 524 -31.75 91.40 22.02
C PRO P 524 -31.91 92.64 21.17
N LYS P 525 -31.03 93.64 21.32
CA LYS P 525 -31.13 94.83 20.48
C LYS P 525 -30.96 94.47 19.01
N TYR P 526 -30.16 93.45 18.72
CA TYR P 526 -30.06 92.95 17.37
C TYR P 526 -30.97 91.75 17.13
N GLU P 527 -31.42 91.08 18.18
CA GLU P 527 -32.43 90.04 17.99
C GLU P 527 -33.70 90.64 17.42
N ARG P 528 -34.13 91.80 17.94
CA ARG P 528 -35.29 92.47 17.38
C ARG P 528 -35.04 92.89 15.93
N LEU P 529 -33.83 93.37 15.66
CA LEU P 529 -33.52 93.87 14.32
C LEU P 529 -33.55 92.74 13.31
N VAL P 530 -32.94 91.61 13.65
CA VAL P 530 -32.94 90.46 12.75
C VAL P 530 -34.33 89.83 12.67
N ASN P 531 -35.14 89.93 13.74
CA ASN P 531 -36.52 89.50 13.64
C ASN P 531 -37.29 90.33 12.62
N ALA P 532 -37.10 91.64 12.68
CA ALA P 532 -37.72 92.52 11.69
C ALA P 532 -37.23 92.18 10.29
N ILE P 533 -35.92 91.95 10.15
CA ILE P 533 -35.35 91.55 8.86
C ILE P 533 -36.03 90.29 8.35
N LEU P 534 -36.12 89.27 9.20
CA LEU P 534 -36.73 88.01 8.81
C LEU P 534 -38.18 88.22 8.42
N ASP P 535 -38.88 89.12 9.10
CA ASP P 535 -40.25 89.45 8.73
C ASP P 535 -40.30 90.05 7.33
N PHE P 536 -39.35 90.93 7.01
CA PHE P 536 -39.35 91.56 5.69
C PHE P 536 -38.94 90.61 4.58
N LEU P 537 -38.08 89.65 4.89
CA LEU P 537 -37.38 88.89 3.86
C LEU P 537 -38.30 88.15 2.88
N PRO P 538 -39.26 87.34 3.31
CA PRO P 538 -39.89 86.38 2.39
C PRO P 538 -40.90 86.98 1.45
N LYS P 539 -41.12 88.30 1.49
CA LYS P 539 -42.03 88.91 0.54
C LYS P 539 -41.54 88.72 -0.88
N ILE P 540 -40.24 88.84 -1.10
CA ILE P 540 -39.67 88.68 -2.42
C ILE P 540 -38.26 88.14 -2.33
N TYR P 549 -27.68 95.75 -8.72
CA TYR P 549 -27.39 96.33 -7.41
C TYR P 549 -28.36 97.45 -7.09
N THR P 550 -28.71 98.22 -8.12
CA THR P 550 -29.62 99.34 -7.92
C THR P 550 -31.00 98.86 -7.46
N ASP P 551 -31.48 97.74 -8.01
CA ASP P 551 -32.74 97.18 -7.56
C ASP P 551 -32.66 96.77 -6.09
N LEU P 552 -31.56 96.13 -5.70
CA LEU P 552 -31.42 95.62 -4.35
C LEU P 552 -31.34 96.75 -3.34
N LEU P 553 -30.53 97.77 -3.64
CA LEU P 553 -30.48 98.94 -2.77
C LEU P 553 -31.81 99.68 -2.75
N ARG P 554 -32.49 99.78 -3.89
CA ARG P 554 -33.79 100.44 -3.91
C ARG P 554 -34.80 99.70 -3.04
N ILE P 555 -34.80 98.37 -3.09
CA ILE P 555 -35.76 97.66 -2.25
C ILE P 555 -35.36 97.77 -0.78
N ALA P 556 -34.07 97.89 -0.47
CA ALA P 556 -33.69 98.15 0.92
C ALA P 556 -33.97 99.57 1.35
N LEU P 557 -34.25 100.47 0.39
CA LEU P 557 -34.47 101.87 0.72
C LEU P 557 -35.58 102.05 1.75
N MET P 558 -36.72 101.36 1.57
CA MET P 558 -37.80 101.50 2.53
C MET P 558 -37.46 100.94 3.90
N ALA P 559 -36.35 100.21 4.01
CA ALA P 559 -35.83 99.76 5.30
C ALA P 559 -34.76 100.75 5.74
N GLU P 560 -35.16 101.72 6.56
CA GLU P 560 -34.26 102.78 7.00
C GLU P 560 -33.79 102.66 8.44
N ASP P 561 -34.67 102.23 9.35
CA ASP P 561 -34.31 102.13 10.76
C ASP P 561 -33.15 101.16 10.98
N GLU P 562 -32.91 100.27 10.03
CA GLU P 562 -31.88 99.26 10.12
C GLU P 562 -30.72 99.63 9.21
N ALA P 563 -29.51 99.25 9.63
CA ALA P 563 -28.29 99.66 8.95
C ALA P 563 -28.15 99.06 7.56
N ILE P 564 -29.11 98.25 7.12
CA ILE P 564 -29.03 97.66 5.78
C ILE P 564 -29.06 98.73 4.71
N PHE P 565 -29.82 99.80 4.93
CA PHE P 565 -29.82 100.91 3.98
C PHE P 565 -28.46 101.60 3.95
N GLU P 566 -27.84 101.79 5.12
CA GLU P 566 -26.53 102.43 5.17
C GLU P 566 -25.48 101.56 4.48
N GLU P 567 -25.55 100.24 4.68
CA GLU P 567 -24.61 99.36 4.00
C GLU P 567 -24.85 99.37 2.50
N ALA P 568 -26.11 99.41 2.07
CA ALA P 568 -26.41 99.52 0.64
C ALA P 568 -25.82 100.80 0.08
N HIS P 569 -25.91 101.89 0.84
CA HIS P 569 -25.27 103.14 0.46
C HIS P 569 -23.75 102.97 0.35
N LYS P 570 -23.16 102.25 1.30
CA LYS P 570 -21.72 102.03 1.27
C LYS P 570 -21.30 101.27 0.02
N GLN P 571 -22.08 100.25 -0.37
CA GLN P 571 -21.72 99.47 -1.55
C GLN P 571 -21.98 100.25 -2.85
N VAL P 572 -23.13 100.94 -2.95
CA VAL P 572 -23.37 101.75 -4.14
C VAL P 572 -22.31 102.84 -4.27
N GLN P 573 -21.71 103.25 -3.15
CA GLN P 573 -20.53 104.10 -3.21
C GLN P 573 -19.41 103.42 -3.99
N ARG P 574 -19.17 102.15 -3.71
CA ARG P 574 -18.11 101.40 -4.38
C ARG P 574 -18.67 100.51 -5.49
N ASP P 598 -46.81 91.18 -3.40
CA ASP P 598 -46.70 89.74 -3.62
C ASP P 598 -46.30 89.01 -2.35
N ASN P 599 -47.26 88.34 -1.72
CA ASN P 599 -46.92 87.49 -0.57
C ASN P 599 -45.94 86.40 -0.98
N GLU P 600 -46.20 85.72 -2.11
CA GLU P 600 -45.19 84.80 -2.61
C GLU P 600 -45.31 84.62 -4.11
N GLY P 601 -44.20 84.24 -4.73
CA GLY P 601 -44.22 83.74 -6.10
C GLY P 601 -43.31 82.54 -6.23
N ARG P 602 -43.85 81.36 -6.56
CA ARG P 602 -42.97 80.20 -6.45
C ARG P 602 -42.22 80.01 -7.76
N HIS P 603 -41.12 79.25 -7.70
CA HIS P 603 -40.34 78.89 -8.88
C HIS P 603 -39.69 77.50 -8.81
N ALA P 604 -40.42 76.48 -9.31
CA ALA P 604 -39.87 75.16 -9.61
C ALA P 604 -40.38 74.58 -10.92
N VAL P 605 -41.50 75.09 -11.44
CA VAL P 605 -42.10 74.52 -12.64
C VAL P 605 -41.19 74.73 -13.83
N TYR P 606 -41.00 73.66 -14.59
CA TYR P 606 -40.19 73.72 -15.79
C TYR P 606 -40.84 74.62 -16.84
N LEU P 607 -42.02 74.24 -17.33
CA LEU P 607 -42.56 74.91 -18.52
C LEU P 607 -43.52 76.04 -18.16
N HIS P 608 -44.68 75.70 -17.61
CA HIS P 608 -45.77 76.65 -17.41
C HIS P 608 -46.78 76.02 -16.46
N ASN P 609 -47.92 76.70 -16.32
CA ASN P 609 -48.86 76.43 -15.24
C ASN P 609 -50.26 76.13 -15.78
N ASP P 610 -51.06 75.51 -14.92
CA ASP P 610 -52.47 75.24 -15.12
C ASP P 610 -53.12 75.30 -13.75
N PHE P 611 -54.26 74.64 -13.54
CA PHE P 611 -54.95 74.69 -12.23
C PHE P 611 -54.11 74.44 -10.95
N CYS P 612 -54.16 75.35 -9.99
CA CYS P 612 -53.40 75.16 -8.75
C CYS P 612 -54.35 75.28 -7.56
N LEU P 613 -54.34 74.30 -6.65
CA LEU P 613 -55.29 74.44 -5.54
C LEU P 613 -54.57 74.49 -4.20
N ILE P 614 -55.35 74.74 -3.14
CA ILE P 614 -54.87 74.89 -1.78
C ILE P 614 -55.71 74.03 -0.85
N ALA P 615 -55.08 73.46 0.16
CA ALA P 615 -55.78 72.57 1.07
C ALA P 615 -56.89 73.29 1.83
N LEU P 616 -57.90 72.52 2.22
CA LEU P 616 -59.07 73.08 2.90
C LEU P 616 -58.68 73.74 4.22
N ALA P 617 -57.89 73.03 5.03
CA ALA P 617 -57.47 73.53 6.32
C ALA P 617 -56.31 74.50 6.23
N SER P 618 -56.13 75.10 5.05
CA SER P 618 -54.97 75.93 4.76
C SER P 618 -53.68 75.15 5.02
N GLY P 619 -53.66 73.91 4.55
CA GLY P 619 -52.46 73.11 4.69
C GLY P 619 -51.48 73.27 3.55
N GLN P 620 -51.90 72.94 2.34
CA GLN P 620 -50.96 72.63 1.28
C GLN P 620 -51.36 73.29 -0.04
N ILE P 621 -50.54 73.01 -1.05
CA ILE P 621 -50.73 73.44 -2.42
C ILE P 621 -50.64 72.21 -3.29
N LEU P 622 -51.55 72.08 -4.24
CA LEU P 622 -51.47 71.06 -5.27
C LEU P 622 -51.31 71.74 -6.61
N LEU P 623 -50.52 71.13 -7.49
CA LEU P 623 -50.03 71.77 -8.69
C LEU P 623 -50.30 70.87 -9.89
N THR P 624 -51.18 71.31 -10.77
CA THR P 624 -51.43 70.66 -12.06
C THR P 624 -51.11 71.65 -13.17
N ASP P 625 -50.38 71.19 -14.17
CA ASP P 625 -49.91 72.09 -15.22
C ASP P 625 -49.48 71.36 -16.48
N VAL P 626 -48.87 72.09 -17.40
CA VAL P 626 -48.29 71.47 -18.59
C VAL P 626 -47.16 70.54 -18.19
N SER P 627 -46.55 70.78 -17.03
CA SER P 627 -45.57 69.84 -16.50
C SER P 627 -46.27 68.50 -16.31
N LEU P 628 -45.57 67.43 -16.65
CA LEU P 628 -46.18 66.17 -16.97
C LEU P 628 -46.81 65.48 -15.75
N GLU P 629 -46.45 65.93 -14.55
CA GLU P 629 -46.88 65.28 -13.33
C GLU P 629 -47.65 66.26 -12.45
N GLY P 630 -48.25 65.72 -11.39
CA GLY P 630 -48.95 66.53 -10.41
C GLY P 630 -48.12 66.64 -9.14
N GLU P 631 -48.01 67.85 -8.62
CA GLU P 631 -47.08 68.17 -7.55
C GLU P 631 -47.83 68.57 -6.29
N ASP P 632 -47.21 68.34 -5.14
CA ASP P 632 -47.75 68.72 -3.84
C ASP P 632 -46.68 69.46 -3.05
N THR P 633 -47.03 70.64 -2.53
CA THR P 633 -46.18 71.41 -1.63
C THR P 633 -46.99 71.80 -0.41
N TYR P 634 -46.31 72.40 0.56
CA TYR P 634 -46.98 73.04 1.69
C TYR P 634 -47.15 74.53 1.38
N LEU P 635 -48.26 75.11 1.87
CA LEU P 635 -48.48 76.53 1.66
C LEU P 635 -47.27 77.35 2.10
N LEU P 636 -46.93 77.29 3.38
CA LEU P 636 -45.72 77.92 3.84
C LEU P 636 -44.53 77.04 3.55
N ARG P 637 -43.33 77.61 3.72
CA ARG P 637 -42.06 76.89 3.65
C ARG P 637 -41.77 76.48 2.21
N ASP P 638 -42.77 76.59 1.34
CA ASP P 638 -42.64 76.38 -0.10
C ASP P 638 -41.92 75.07 -0.45
N GLU P 639 -42.02 74.06 0.41
CA GLU P 639 -41.28 72.81 0.20
C GLU P 639 -42.13 71.79 -0.54
N SER P 640 -41.46 71.03 -1.41
CA SER P 640 -42.15 70.08 -2.29
C SER P 640 -42.52 68.83 -1.49
N ASP P 641 -43.81 68.68 -1.18
CA ASP P 641 -44.26 67.50 -0.45
C ASP P 641 -44.09 66.24 -1.29
N SER P 642 -44.45 66.31 -2.57
CA SER P 642 -44.43 65.15 -3.44
C SER P 642 -44.54 65.59 -4.88
N SER P 643 -44.31 64.66 -5.81
CA SER P 643 -44.45 64.91 -7.24
C SER P 643 -44.68 63.57 -7.91
N ASP P 644 -45.93 63.28 -8.26
CA ASP P 644 -46.29 61.98 -8.82
C ASP P 644 -46.78 62.13 -10.25
N ILE P 645 -46.29 61.26 -11.12
CA ILE P 645 -46.74 61.21 -12.51
C ILE P 645 -48.18 60.67 -12.51
N LEU P 646 -49.11 61.49 -12.99
CA LEU P 646 -50.51 61.05 -12.96
C LEU P 646 -50.74 59.88 -13.89
N ARG P 647 -50.83 60.14 -15.20
CA ARG P 647 -50.61 59.10 -16.21
C ARG P 647 -49.56 59.56 -17.21
N MET P 648 -49.89 60.55 -18.04
CA MET P 648 -49.06 61.33 -18.95
C MET P 648 -50.01 62.25 -19.72
N ALA P 649 -49.42 63.22 -20.44
CA ALA P 649 -50.09 64.24 -21.25
C ALA P 649 -50.49 65.46 -20.42
N VAL P 650 -50.84 66.55 -21.10
CA VAL P 650 -51.07 67.83 -20.44
C VAL P 650 -52.43 67.82 -19.74
N PHE P 651 -52.53 68.59 -18.66
CA PHE P 651 -53.67 68.58 -17.77
C PHE P 651 -54.68 69.66 -18.17
N ASN P 652 -55.95 69.42 -17.84
CA ASN P 652 -57.02 70.35 -18.16
C ASN P 652 -57.63 70.99 -16.92
N GLN P 653 -58.19 70.19 -16.01
CA GLN P 653 -58.86 70.67 -14.81
C GLN P 653 -58.75 69.60 -13.75
N GLN P 654 -59.26 69.88 -12.55
CA GLN P 654 -59.29 68.87 -11.51
C GLN P 654 -60.26 69.28 -10.42
N LYS P 655 -60.38 68.41 -9.43
CA LYS P 655 -61.18 68.62 -8.23
C LYS P 655 -60.65 67.66 -7.17
N HIS P 656 -61.03 67.90 -5.92
CA HIS P 656 -60.64 67.02 -4.82
C HIS P 656 -61.87 66.45 -4.15
N LEU P 657 -61.65 65.75 -3.03
CA LEU P 657 -62.76 65.23 -2.27
C LEU P 657 -63.18 66.24 -1.20
N ILE P 658 -64.31 65.95 -0.55
CA ILE P 658 -64.92 66.91 0.37
C ILE P 658 -63.99 67.19 1.54
N THR P 659 -63.28 66.18 2.02
CA THR P 659 -62.29 66.34 3.07
C THR P 659 -60.89 66.01 2.56
N LEU P 660 -60.65 66.31 1.28
CA LEU P 660 -59.34 66.16 0.65
C LEU P 660 -58.84 64.72 0.67
N HIS P 661 -59.75 63.76 0.83
CA HIS P 661 -59.33 62.36 0.88
C HIS P 661 -58.67 61.94 -0.43
N CYS P 662 -59.26 62.33 -1.55
CA CYS P 662 -58.72 62.02 -2.87
C CYS P 662 -59.01 63.20 -3.78
N ASN P 663 -58.82 62.98 -5.07
CA ASN P 663 -58.99 64.03 -6.06
C ASN P 663 -59.08 63.40 -7.44
N GLY P 664 -59.92 63.98 -8.29
CA GLY P 664 -60.03 63.58 -9.68
C GLY P 664 -59.44 64.66 -10.56
N SER P 665 -59.02 64.27 -11.76
CA SER P 665 -58.48 65.23 -12.71
C SER P 665 -58.99 64.94 -14.10
N VAL P 666 -59.16 65.98 -14.92
CA VAL P 666 -59.44 65.83 -16.34
C VAL P 666 -58.26 66.40 -17.11
N LYS P 667 -57.91 65.75 -18.20
CA LYS P 667 -56.83 66.24 -19.04
C LYS P 667 -57.33 66.34 -20.48
N LEU P 668 -56.40 66.54 -21.41
CA LEU P 668 -56.77 66.63 -22.80
C LEU P 668 -57.43 65.35 -23.29
N TRP P 669 -57.27 64.24 -22.55
CA TRP P 669 -58.00 63.02 -22.86
C TRP P 669 -59.50 63.17 -22.57
N SER P 670 -59.88 64.17 -21.77
CA SER P 670 -61.25 64.31 -21.26
C SER P 670 -61.66 63.10 -20.43
N LEU P 671 -60.69 62.47 -19.77
CA LEU P 671 -60.89 61.33 -18.89
C LEU P 671 -60.42 61.69 -17.49
N TRP P 672 -60.65 60.80 -16.54
CA TRP P 672 -60.42 61.20 -15.16
C TRP P 672 -59.74 60.14 -14.31
N PRO P 673 -58.49 60.38 -13.88
CA PRO P 673 -57.89 59.59 -12.81
C PRO P 673 -58.08 60.24 -11.44
N ASP P 674 -58.07 59.40 -10.41
CA ASP P 674 -58.24 59.82 -9.04
C ASP P 674 -57.07 59.34 -8.19
N CYS P 675 -56.61 60.20 -7.29
CA CYS P 675 -55.51 59.90 -6.39
C CYS P 675 -55.86 60.33 -4.97
N PRO P 676 -55.39 59.60 -3.95
CA PRO P 676 -55.71 59.99 -2.58
C PRO P 676 -54.96 61.23 -2.15
N GLY P 677 -55.56 61.95 -1.19
CA GLY P 677 -54.91 63.12 -0.64
C GLY P 677 -53.66 62.79 0.14
N ARG P 678 -53.66 61.64 0.82
CA ARG P 678 -52.50 61.22 1.61
C ARG P 678 -51.38 60.72 0.70
N HIS P 680 -51.43 59.14 -2.83
CA HIS P 680 -51.13 59.88 -4.06
C HIS P 680 -51.09 58.96 -5.26
N SER P 681 -51.51 57.71 -5.06
CA SER P 681 -51.49 56.70 -6.10
C SER P 681 -52.79 56.74 -6.89
N GLY P 682 -52.69 56.98 -8.20
CA GLY P 682 -53.86 57.08 -9.05
C GLY P 682 -54.75 55.86 -9.04
N GLY P 683 -56.06 56.08 -8.95
CA GLY P 683 -57.02 55.00 -8.93
C GLY P 683 -58.43 55.44 -8.57
N LYS P 685 -59.97 55.39 -11.30
CA LYS P 685 -59.85 56.07 -12.58
C LYS P 685 -60.99 55.65 -13.50
N GLN P 686 -61.45 56.59 -14.33
CA GLN P 686 -62.57 56.34 -15.24
C GLN P 686 -62.38 57.18 -16.50
N GLN P 687 -63.13 56.83 -17.54
CA GLN P 687 -62.97 57.45 -18.85
C GLN P 687 -64.32 57.46 -19.56
N LEU P 688 -64.32 57.86 -20.84
CA LEU P 688 -65.50 57.87 -21.69
C LEU P 688 -66.67 58.63 -21.09
N VAL P 693 -65.11 63.23 -21.10
CA VAL P 693 -65.95 63.55 -19.95
C VAL P 693 -65.76 65.02 -19.58
N LYS P 694 -66.85 65.73 -19.33
CA LYS P 694 -66.72 67.16 -19.11
C LYS P 694 -66.78 67.79 -17.71
N ARG P 695 -67.71 67.37 -16.87
CA ARG P 695 -67.83 68.07 -15.60
C ARG P 695 -68.16 67.12 -14.44
N PHE P 696 -67.68 67.50 -13.26
CA PHE P 696 -67.69 66.65 -12.07
C PHE P 696 -68.23 67.49 -10.91
N ILE P 697 -69.26 67.01 -10.21
CA ILE P 697 -69.77 67.70 -9.02
C ILE P 697 -70.21 66.66 -8.00
N GLY P 698 -69.47 66.53 -6.90
CA GLY P 698 -69.84 65.56 -5.89
C GLY P 698 -71.13 65.91 -5.19
N SER P 699 -71.74 64.89 -4.56
CA SER P 699 -72.87 65.16 -3.68
C SER P 699 -72.37 65.97 -2.49
N TYR P 700 -72.73 67.24 -2.47
CA TYR P 700 -72.23 68.16 -1.46
C TYR P 700 -72.69 67.80 -0.06
N ALA P 701 -73.72 66.96 0.05
CA ALA P 701 -74.12 66.45 1.35
C ALA P 701 -72.98 65.62 1.94
N ASN P 702 -72.67 65.88 3.20
CA ASN P 702 -71.58 65.20 3.87
C ASN P 702 -71.85 63.73 4.14
N LEU P 703 -73.11 63.29 3.98
CA LEU P 703 -73.50 61.91 4.23
C LEU P 703 -73.44 61.05 2.99
N LYS P 704 -73.66 61.62 1.81
CA LYS P 704 -73.72 60.85 0.58
C LYS P 704 -72.43 60.99 -0.20
N ILE P 705 -71.82 59.87 -0.55
CA ILE P 705 -70.56 59.86 -1.29
C ILE P 705 -70.90 60.03 -2.75
N VAL P 706 -72.18 60.24 -3.04
CA VAL P 706 -72.66 60.39 -4.40
C VAL P 706 -71.90 61.54 -5.08
N ALA P 707 -71.91 61.51 -6.40
CA ALA P 707 -71.31 62.59 -7.17
C ALA P 707 -72.02 62.64 -8.51
N PHE P 708 -72.67 63.74 -8.80
CA PHE P 708 -73.26 63.96 -10.12
C PHE P 708 -72.12 64.16 -11.13
N TYR P 709 -72.30 63.58 -12.31
CA TYR P 709 -71.23 63.66 -13.30
C TYR P 709 -71.86 64.03 -14.64
N LEU P 710 -71.02 64.52 -15.56
CA LEU P 710 -71.47 64.75 -16.93
C LEU P 710 -70.31 64.49 -17.88
N ASN P 711 -70.60 63.73 -18.95
CA ASN P 711 -69.57 63.27 -19.87
C ASN P 711 -69.90 63.76 -21.28
N GLU P 712 -69.13 63.26 -22.24
CA GLU P 712 -69.23 63.62 -23.64
C GLU P 712 -70.29 62.84 -24.41
N ASP P 713 -70.96 61.87 -23.78
CA ASP P 713 -71.89 61.00 -24.46
C ASP P 713 -73.35 61.31 -24.14
N ALA P 714 -73.64 62.54 -23.72
CA ALA P 714 -74.98 62.94 -23.29
C ALA P 714 -75.47 62.07 -22.14
N GLY P 715 -74.54 61.58 -21.34
CA GLY P 715 -74.84 60.70 -20.22
C GLY P 715 -74.64 61.42 -18.89
N LEU P 716 -75.43 61.04 -17.90
CA LEU P 716 -75.36 61.62 -16.56
C LEU P 716 -75.00 60.50 -15.59
N PRO P 717 -73.73 60.34 -15.25
CA PRO P 717 -73.34 59.35 -14.24
C PRO P 717 -73.27 59.95 -12.84
N GLU P 718 -73.56 59.11 -11.86
CA GLU P 718 -73.40 59.42 -10.45
C GLU P 718 -72.82 58.21 -9.74
N ALA P 719 -71.77 58.45 -8.95
CA ALA P 719 -71.01 57.38 -8.32
C ALA P 719 -70.53 57.85 -6.95
N ASN P 720 -69.97 56.92 -6.18
CA ASN P 720 -69.38 57.20 -4.89
C ASN P 720 -67.87 57.03 -4.92
N ILE P 721 -67.25 57.11 -3.74
CA ILE P 721 -65.81 57.05 -3.60
C ILE P 721 -65.37 55.84 -2.81
N GLN P 722 -66.06 55.52 -1.71
CA GLN P 722 -65.87 54.22 -1.09
C GLN P 722 -66.25 53.12 -2.06
N LEU P 723 -67.37 53.30 -2.75
CA LEU P 723 -67.68 52.52 -3.94
C LEU P 723 -67.11 53.25 -5.15
N HIS P 724 -67.13 52.57 -6.30
CA HIS P 724 -66.44 53.12 -7.46
C HIS P 724 -67.20 52.91 -8.76
N VAL P 725 -68.47 52.51 -8.72
CA VAL P 725 -69.27 52.29 -9.90
C VAL P 725 -70.28 53.42 -10.04
N ALA P 726 -70.65 53.73 -11.27
CA ALA P 726 -71.67 54.73 -11.52
C ALA P 726 -72.99 54.24 -10.94
N PHE P 727 -73.41 54.84 -9.81
CA PHE P 727 -74.65 54.43 -9.18
C PHE P 727 -75.84 54.69 -10.09
N ILE P 728 -75.83 55.83 -10.78
CA ILE P 728 -76.96 56.26 -11.60
C ILE P 728 -76.42 56.68 -12.97
N ASN P 729 -77.11 56.27 -14.03
CA ASN P 729 -76.70 56.59 -15.39
C ASN P 729 -77.93 57.02 -16.20
N GLY P 730 -78.20 58.32 -16.21
CA GLY P 730 -79.30 58.86 -16.98
C GLY P 730 -78.84 59.62 -18.22
N ASP P 731 -79.04 59.03 -19.39
CA ASP P 731 -78.65 59.67 -20.64
C ASP P 731 -79.46 60.93 -20.91
N TRP P 737 -71.17 69.42 -26.64
CA TRP P 737 -71.91 69.57 -25.40
C TRP P 737 -71.14 70.42 -24.38
N ASP P 738 -69.85 70.63 -24.65
CA ASP P 738 -68.98 71.53 -23.90
C ASP P 738 -69.06 71.33 -22.38
N GLU P 739 -69.67 72.28 -21.69
CA GLU P 739 -69.75 72.25 -20.23
C GLU P 739 -71.21 72.25 -19.77
N GLN P 740 -71.51 71.37 -18.83
CA GLN P 740 -72.86 71.24 -18.29
C GLN P 740 -72.79 70.97 -16.79
N ASP P 741 -73.72 71.54 -16.04
CA ASP P 741 -73.78 71.40 -14.58
C ASP P 741 -75.02 70.58 -14.20
N GLN P 742 -75.25 70.44 -12.89
CA GLN P 742 -76.44 69.77 -12.38
C GLN P 742 -77.00 70.59 -11.23
N GLU P 743 -78.33 70.68 -11.16
CA GLU P 743 -78.98 71.52 -10.17
C GLU P 743 -79.24 70.73 -8.89
N PHE P 744 -80.02 71.31 -7.99
CA PHE P 744 -80.37 70.68 -6.72
C PHE P 744 -81.88 70.45 -6.62
N SER P 747 -80.11 67.84 -9.30
CA SER P 747 -81.33 67.77 -10.11
C SER P 747 -81.07 68.19 -11.55
N HIS P 748 -81.75 69.25 -11.98
CA HIS P 748 -81.78 69.65 -13.37
C HIS P 748 -80.38 70.04 -13.86
N VAL P 749 -80.24 70.21 -15.16
CA VAL P 749 -78.93 70.36 -15.77
C VAL P 749 -78.92 71.56 -16.69
N PRO P 750 -78.03 72.54 -16.47
CA PRO P 750 -77.81 73.58 -17.48
C PRO P 750 -76.70 73.19 -18.45
N VAL P 751 -76.94 73.46 -19.73
CA VAL P 751 -76.01 73.10 -20.79
C VAL P 751 -75.66 74.36 -21.58
N LEU P 752 -74.37 74.68 -21.63
CA LEU P 752 -73.85 75.70 -22.54
C LEU P 752 -72.87 75.01 -23.46
N LYS P 753 -73.16 75.00 -24.75
CA LYS P 753 -72.48 74.09 -25.66
C LYS P 753 -72.35 74.69 -27.06
N THR P 754 -72.17 73.82 -28.06
CA THR P 754 -71.89 74.22 -29.43
C THR P 754 -72.58 75.50 -29.85
N MET P 755 -73.89 75.59 -29.62
CA MET P 755 -74.57 76.86 -29.76
C MET P 755 -74.35 77.67 -28.48
N GLN P 756 -73.79 78.88 -28.65
CA GLN P 756 -73.37 79.66 -27.49
C GLN P 756 -74.56 80.03 -26.63
N SER P 757 -75.76 79.89 -27.16
CA SER P 757 -76.99 80.15 -26.40
C SER P 757 -77.06 79.28 -25.15
N GLY P 758 -77.41 79.91 -24.04
CA GLY P 758 -77.53 79.18 -22.78
C GLY P 758 -78.76 78.29 -22.75
N ILE P 759 -78.56 77.00 -22.46
CA ILE P 759 -79.65 76.03 -22.48
C ILE P 759 -79.76 75.40 -21.09
N ARG P 760 -80.93 75.55 -20.49
CA ARG P 760 -81.27 74.92 -19.21
C ARG P 760 -82.15 73.72 -19.50
N CYS P 761 -81.94 72.64 -18.74
CA CYS P 761 -82.59 71.37 -19.03
C CYS P 761 -83.22 70.77 -17.77
N PHE P 762 -84.34 70.07 -17.97
CA PHE P 762 -85.01 69.32 -16.91
C PHE P 762 -84.16 68.13 -16.47
N VAL P 763 -84.58 67.49 -15.38
CA VAL P 763 -83.97 66.24 -14.96
C VAL P 763 -85.04 65.18 -14.74
N GLN P 764 -86.26 65.59 -14.43
CA GLN P 764 -87.33 64.66 -14.12
C GLN P 764 -88.15 64.27 -15.35
N VAL P 765 -88.00 64.99 -16.45
CA VAL P 765 -88.68 64.64 -17.69
C VAL P 765 -87.64 64.60 -18.81
N LEU P 766 -86.38 64.90 -18.46
CA LEU P 766 -85.26 64.86 -19.38
C LEU P 766 -85.59 65.72 -20.59
N LYS P 767 -85.78 67.01 -20.37
CA LYS P 767 -86.05 67.94 -21.45
C LYS P 767 -85.24 69.20 -21.21
N ARG P 768 -85.24 70.10 -22.18
CA ARG P 768 -84.55 71.38 -22.04
C ARG P 768 -85.50 72.41 -21.47
N TYR P 769 -85.09 73.06 -20.38
CA TYR P 769 -85.89 74.13 -19.81
C TYR P 769 -86.03 75.29 -20.77
N TYR P 770 -84.91 75.92 -21.14
CA TYR P 770 -84.98 77.12 -21.96
C TYR P 770 -83.70 77.25 -22.78
N VAL P 771 -83.78 78.08 -23.82
CA VAL P 771 -82.61 78.49 -24.59
C VAL P 771 -82.64 80.02 -24.69
N VAL P 772 -81.53 80.66 -24.34
CA VAL P 772 -81.41 82.11 -24.35
C VAL P 772 -80.27 82.45 -25.31
N CYS P 773 -80.58 83.25 -26.34
CA CYS P 773 -79.66 83.55 -27.43
C CYS P 773 -79.32 85.04 -27.48
N THR P 774 -79.63 85.77 -26.41
CA THR P 774 -79.62 87.23 -26.48
C THR P 774 -78.25 87.79 -26.10
N SER P 775 -77.45 88.08 -27.12
CA SER P 775 -76.24 88.89 -26.97
C SER P 775 -75.25 88.32 -25.96
N ASN P 776 -75.58 88.44 -24.67
CA ASN P 776 -74.76 87.92 -23.58
C ASN P 776 -74.42 86.46 -23.83
N CYS P 777 -75.40 85.69 -24.28
CA CYS P 777 -75.26 84.27 -24.52
C CYS P 777 -75.89 83.92 -25.88
N THR P 778 -75.46 84.64 -26.92
CA THR P 778 -75.86 84.35 -28.30
C THR P 778 -75.98 82.85 -28.60
N LEU P 794 -67.33 78.41 -18.73
CA LEU P 794 -67.07 79.37 -17.66
C LEU P 794 -68.32 79.57 -16.82
N HIS P 795 -68.86 78.49 -16.26
CA HIS P 795 -70.14 78.51 -15.57
C HIS P 795 -70.02 77.72 -14.28
N VAL P 796 -69.97 78.43 -13.16
CA VAL P 796 -69.77 77.84 -11.84
C VAL P 796 -70.85 78.34 -10.90
N PHE P 797 -71.40 77.44 -10.09
CA PHE P 797 -72.33 77.84 -9.04
C PHE P 797 -71.61 78.61 -7.94
N ASN P 798 -72.36 79.43 -7.22
CA ASN P 798 -71.79 80.22 -6.14
C ASN P 798 -71.66 79.37 -4.87
N VAL P 799 -71.41 80.06 -3.76
CA VAL P 799 -71.14 79.39 -2.49
C VAL P 799 -72.35 78.57 -2.05
N GLU P 800 -73.53 79.14 -2.17
CA GLU P 800 -74.78 78.51 -1.72
C GLU P 800 -75.23 77.36 -2.58
N ASN P 801 -74.43 76.91 -3.55
CA ASN P 801 -74.87 75.90 -4.51
C ASN P 801 -76.16 76.36 -5.18
N ASP P 802 -76.24 77.66 -5.42
CA ASP P 802 -77.40 78.26 -6.06
C ASP P 802 -76.89 79.51 -6.77
N THR P 803 -77.11 79.56 -8.10
CA THR P 803 -76.80 80.55 -9.13
C THR P 803 -75.99 79.89 -10.23
N PRO P 804 -76.62 79.51 -11.35
CA PRO P 804 -75.86 79.03 -12.50
C PRO P 804 -75.37 80.17 -13.37
N LEU P 805 -74.09 80.11 -13.69
CA LEU P 805 -73.42 81.15 -14.47
C LEU P 805 -73.53 80.83 -15.95
N ALA P 806 -73.42 81.87 -16.77
CA ALA P 806 -73.31 81.70 -18.22
C ALA P 806 -72.37 82.77 -18.77
N LEU P 807 -71.07 82.48 -18.76
CA LEU P 807 -70.07 83.38 -19.33
C LEU P 807 -69.84 82.98 -20.78
N ASP P 808 -70.27 83.83 -21.69
CA ASP P 808 -70.06 83.61 -23.11
C ASP P 808 -69.63 84.93 -23.74
N VAL P 809 -68.79 84.83 -24.76
CA VAL P 809 -68.30 86.00 -25.49
C VAL P 809 -67.62 86.93 -24.48
N PHE P 810 -68.40 87.86 -23.91
CA PHE P 810 -67.84 88.85 -23.00
C PHE P 810 -68.69 89.11 -21.75
N ASP P 811 -69.73 88.32 -21.49
CA ASP P 811 -70.58 88.62 -20.35
C ASP P 811 -71.10 87.32 -19.74
N GLU P 812 -71.61 87.45 -18.51
CA GLU P 812 -72.10 86.34 -17.72
C GLU P 812 -73.60 86.46 -17.50
N ARG P 813 -74.25 85.31 -17.31
CA ARG P 813 -75.64 85.25 -16.87
C ARG P 813 -75.66 84.46 -15.57
N SER P 814 -75.68 85.16 -14.44
CA SER P 814 -75.94 84.52 -13.16
C SER P 814 -77.44 84.54 -12.93
N LYS P 815 -78.00 83.37 -12.66
CA LYS P 815 -79.45 83.18 -12.56
C LYS P 815 -79.78 82.51 -11.23
N THR P 816 -81.05 82.15 -11.05
CA THR P 816 -81.49 81.48 -9.84
C THR P 816 -81.73 80.00 -10.12
N ALA P 817 -81.37 79.17 -9.15
CA ALA P 817 -81.59 77.73 -9.27
C ALA P 817 -82.46 77.22 -8.14
N VAL P 819 -86.50 77.71 -8.02
CA VAL P 819 -86.72 78.98 -8.69
C VAL P 819 -85.68 79.15 -9.80
N LEU P 820 -86.14 79.61 -10.97
CA LEU P 820 -85.28 79.70 -12.15
C LEU P 820 -85.23 81.11 -12.73
N LEU P 821 -85.05 82.11 -11.88
CA LEU P 821 -85.01 83.50 -12.34
C LEU P 821 -83.57 83.87 -12.70
N ILE P 822 -83.32 85.16 -12.96
CA ILE P 822 -82.01 85.64 -13.39
C ILE P 822 -81.51 86.64 -12.35
N PHE P 823 -80.23 86.50 -11.97
CA PHE P 823 -79.65 87.38 -10.96
C PHE P 823 -78.94 88.60 -11.55
N LYS P 824 -77.86 88.37 -12.29
CA LYS P 824 -76.92 89.45 -12.56
C LYS P 824 -76.20 89.21 -13.89
N TYR P 825 -75.87 90.31 -14.55
CA TYR P 825 -74.97 90.35 -15.70
C TYR P 825 -73.79 91.22 -15.31
N SER P 826 -72.91 91.52 -16.28
CA SER P 826 -71.68 92.25 -15.98
C SER P 826 -71.21 93.10 -17.16
N VAL P 827 -69.93 93.50 -17.16
CA VAL P 827 -69.38 94.30 -18.25
C VAL P 827 -67.86 94.20 -18.21
N TRP P 828 -67.23 94.30 -19.38
CA TRP P 828 -65.80 94.55 -19.51
C TRP P 828 -65.54 95.81 -20.31
N PHE P 832 -62.12 93.13 -22.55
CA PHE P 832 -61.28 91.95 -22.41
C PHE P 832 -62.06 90.65 -22.44
N LEU P 833 -61.62 89.74 -23.30
CA LEU P 833 -62.23 88.43 -23.36
C LEU P 833 -61.96 87.67 -22.06
N PRO P 834 -62.97 87.10 -21.42
CA PRO P 834 -62.72 86.37 -20.17
C PRO P 834 -62.00 85.07 -20.44
N GLY P 835 -60.71 85.02 -20.13
CA GLY P 835 -59.95 83.81 -20.36
C GLY P 835 -60.41 82.67 -19.49
N LEU P 836 -60.16 82.76 -18.19
CA LEU P 836 -60.55 81.70 -17.26
C LEU P 836 -60.96 82.35 -15.95
N SER P 837 -61.99 81.79 -15.32
CA SER P 837 -62.61 82.42 -14.16
C SER P 837 -63.21 81.33 -13.26
N VAL P 838 -63.41 81.68 -11.98
CA VAL P 838 -64.01 80.75 -11.03
C VAL P 838 -64.98 81.48 -10.11
N SER P 839 -65.63 80.74 -9.22
CA SER P 839 -66.43 81.29 -8.14
C SER P 839 -65.82 80.89 -6.80
N LEU P 840 -66.18 81.61 -5.75
CA LEU P 840 -65.42 81.52 -4.51
C LEU P 840 -66.23 80.81 -3.43
N GLN P 841 -65.69 80.79 -2.21
CA GLN P 841 -66.18 79.92 -1.15
C GLN P 841 -66.90 80.65 -0.03
N SER P 842 -67.10 81.96 -0.16
CA SER P 842 -67.98 82.67 0.76
C SER P 842 -68.47 83.94 0.05
N GLU P 843 -69.47 84.57 0.64
CA GLU P 843 -70.09 85.77 0.09
C GLU P 843 -70.55 85.46 -1.34
N ALA P 844 -70.35 86.38 -2.28
CA ALA P 844 -70.72 86.16 -3.67
C ALA P 844 -69.68 86.74 -4.61
N VAL P 845 -68.40 86.55 -4.31
CA VAL P 845 -67.34 87.08 -5.16
C VAL P 845 -66.95 86.02 -6.18
N GLN P 846 -66.49 86.48 -7.34
CA GLN P 846 -65.98 85.62 -8.40
C GLN P 846 -64.68 86.19 -8.95
N LEU P 847 -63.87 85.33 -9.55
CA LEU P 847 -62.56 85.74 -10.04
C LEU P 847 -62.52 85.71 -11.56
N PRO P 848 -62.84 86.80 -12.25
CA PRO P 848 -62.86 86.76 -13.72
C PRO P 848 -61.51 87.05 -14.35
N GLU P 849 -61.39 86.76 -15.65
CA GLU P 849 -60.17 87.03 -16.40
C GLU P 849 -60.35 88.26 -17.28
N ILE P 853 -53.90 89.36 -19.75
CA ILE P 853 -52.77 90.07 -19.17
C ILE P 853 -53.26 91.06 -18.14
N THR P 854 -54.58 91.21 -18.07
CA THR P 854 -55.21 92.07 -17.09
C THR P 854 -56.39 91.31 -16.49
N CYS P 855 -56.56 91.45 -15.18
CA CYS P 855 -57.61 90.74 -14.48
C CYS P 855 -58.04 91.59 -13.29
N GLY P 856 -59.11 91.15 -12.64
CA GLY P 856 -59.61 91.78 -11.43
C GLY P 856 -60.60 90.85 -10.78
N LYS P 857 -61.30 91.32 -9.76
CA LYS P 857 -62.33 90.48 -9.15
C LYS P 857 -63.61 91.28 -9.02
N ARG P 858 -64.72 90.56 -9.07
CA ARG P 858 -66.04 91.14 -9.14
C ARG P 858 -66.89 90.71 -7.95
N SER P 859 -67.60 91.67 -7.38
CA SER P 859 -68.48 91.43 -6.25
C SER P 859 -69.92 91.56 -6.73
N THR P 860 -70.64 90.44 -6.69
CA THR P 860 -72.05 90.42 -7.07
C THR P 860 -72.92 90.40 -5.83
N ASP P 861 -74.20 90.74 -6.03
CA ASP P 861 -75.21 90.74 -4.97
C ASP P 861 -74.76 91.58 -3.77
N ARG P 863 -71.56 92.66 -9.47
CA ARG P 863 -71.27 93.44 -10.66
C ARG P 863 -70.16 94.44 -10.41
N TYR P 864 -69.73 94.52 -9.16
CA TYR P 864 -68.82 95.56 -8.72
C TYR P 864 -67.39 95.03 -8.70
N LEU P 865 -66.52 95.65 -9.49
CA LEU P 865 -65.11 95.29 -9.48
C LEU P 865 -64.49 95.65 -8.15
N LEU P 866 -63.49 94.85 -7.75
CA LEU P 866 -62.73 95.09 -6.53
C LEU P 866 -61.26 95.02 -6.93
N LEU P 867 -60.72 96.17 -7.31
CA LEU P 867 -59.29 96.31 -7.64
C LEU P 867 -58.94 95.35 -8.77
N GLY P 868 -57.73 94.84 -8.78
CA GLY P 868 -57.30 93.96 -9.85
C GLY P 868 -56.17 93.06 -9.41
N THR P 869 -55.31 92.73 -10.37
CA THR P 869 -54.20 91.82 -10.14
C THR P 869 -52.88 92.52 -10.42
N SER P 870 -51.84 92.14 -9.67
CA SER P 870 -50.51 92.66 -9.87
C SER P 870 -49.49 91.53 -9.79
N GLU P 871 -49.79 90.38 -10.42
CA GLU P 871 -49.03 89.17 -10.15
C GLU P 871 -48.65 88.43 -11.43
N GLY P 872 -48.59 89.10 -12.57
CA GLY P 872 -48.25 88.41 -13.79
C GLY P 872 -47.96 89.38 -14.93
N LEU P 873 -47.05 88.95 -15.80
CA LEU P 873 -46.73 89.66 -17.03
C LEU P 873 -47.29 88.95 -18.25
N ILE P 874 -47.00 87.65 -18.39
CA ILE P 874 -47.66 86.86 -19.43
C ILE P 874 -49.13 86.70 -19.07
N VAL P 875 -49.91 86.26 -20.07
CA VAL P 875 -51.37 86.19 -19.99
C VAL P 875 -51.81 85.49 -18.70
N TYR P 876 -52.64 86.18 -17.94
CA TYR P 876 -53.16 85.60 -16.71
C TYR P 876 -54.04 84.41 -17.04
N ASP P 877 -53.70 83.26 -16.45
CA ASP P 877 -54.42 82.03 -16.74
C ASP P 877 -55.58 81.82 -15.78
N LEU P 878 -55.28 81.71 -14.49
CA LEU P 878 -56.28 81.29 -13.52
C LEU P 878 -56.15 82.05 -12.22
N LYS P 879 -57.27 82.11 -11.50
CA LYS P 879 -57.35 82.77 -10.21
C LYS P 879 -58.11 81.83 -9.29
N ILE P 880 -57.55 81.51 -8.13
CA ILE P 880 -58.16 80.53 -7.24
C ILE P 880 -58.05 81.02 -5.79
N SER P 881 -59.14 80.90 -5.05
CA SER P 881 -59.32 81.57 -3.77
C SER P 881 -59.08 80.64 -2.59
N ASP P 882 -59.42 81.12 -1.40
CA ASP P 882 -59.28 80.36 -0.16
C ASP P 882 -60.62 80.34 0.55
N PRO P 883 -60.87 79.29 1.35
CA PRO P 883 -62.17 79.20 2.04
C PRO P 883 -62.43 80.35 3.00
N VAL P 884 -61.39 80.84 3.68
CA VAL P 884 -61.55 82.02 4.52
C VAL P 884 -61.85 83.24 3.66
N LEU P 885 -61.40 83.23 2.41
CA LEU P 885 -61.39 84.43 1.58
C LEU P 885 -60.72 85.60 2.33
N ARG P 886 -59.46 85.39 2.66
CA ARG P 886 -58.53 86.46 2.98
C ARG P 886 -57.39 86.53 1.99
N SER P 887 -57.44 85.73 0.92
CA SER P 887 -56.29 85.54 0.05
C SER P 887 -56.71 84.76 -1.19
N ASN P 888 -56.03 85.05 -2.30
CA ASN P 888 -56.15 84.26 -3.53
C ASN P 888 -54.75 83.96 -4.06
N VAL P 889 -54.69 83.16 -5.13
CA VAL P 889 -53.46 82.87 -5.86
C VAL P 889 -53.78 83.01 -7.35
N SER P 890 -52.81 83.54 -8.10
CA SER P 890 -52.94 83.74 -9.54
C SER P 890 -51.89 82.92 -10.27
N GLU P 891 -52.30 82.40 -11.42
CA GLU P 891 -51.59 81.40 -12.20
C GLU P 891 -51.46 81.91 -13.62
N HIS P 892 -50.27 81.77 -14.18
CA HIS P 892 -49.91 82.42 -15.44
C HIS P 892 -49.16 81.46 -16.36
N ILE P 893 -48.50 82.01 -17.38
CA ILE P 893 -47.73 81.22 -18.32
C ILE P 893 -46.25 81.47 -18.06
N GLU P 894 -45.91 81.84 -16.82
CA GLU P 894 -44.56 82.19 -16.44
C GLU P 894 -43.83 81.06 -15.73
N CYS P 895 -44.44 79.87 -15.65
CA CYS P 895 -44.02 78.85 -14.71
C CYS P 895 -43.79 79.39 -13.29
N VAL P 896 -44.41 80.54 -13.00
CA VAL P 896 -44.30 81.24 -11.71
C VAL P 896 -45.71 81.68 -11.36
N ASP P 897 -46.14 81.38 -10.14
CA ASP P 897 -47.48 81.66 -9.66
C ASP P 897 -47.40 82.35 -8.34
N ILE P 898 -48.27 83.33 -8.20
CA ILE P 898 -48.16 84.29 -7.11
C ILE P 898 -49.37 84.21 -6.25
N TYR P 899 -49.15 84.24 -4.96
CA TYR P 899 -50.20 84.22 -3.96
C TYR P 899 -50.17 85.52 -3.16
N GLU P 900 -51.36 86.06 -2.89
CA GLU P 900 -51.51 87.27 -2.10
C GLU P 900 -52.73 87.17 -1.19
N LEU P 901 -52.81 88.08 -0.22
CA LEU P 901 -53.89 88.10 0.77
C LEU P 901 -54.80 89.32 0.55
N PHE P 902 -56.11 89.10 0.74
CA PHE P 902 -57.11 90.11 0.36
C PHE P 902 -56.79 91.49 0.92
N ASP P 903 -56.80 91.59 2.24
CA ASP P 903 -56.62 92.90 2.88
C ASP P 903 -55.35 93.59 2.38
N PRO P 904 -54.21 92.92 2.17
CA PRO P 904 -53.09 93.56 1.49
C PRO P 904 -53.05 93.47 -0.03
N VAL P 905 -53.88 92.66 -0.70
CA VAL P 905 -53.95 92.75 -2.15
C VAL P 905 -54.25 94.18 -2.57
N TYR P 906 -55.07 94.88 -1.78
CA TYR P 906 -55.40 96.26 -2.08
C TYR P 906 -54.18 97.16 -2.13
N LYS P 907 -53.08 96.79 -1.46
CA LYS P 907 -51.90 97.64 -1.34
C LYS P 907 -50.62 96.85 -1.56
N TYR P 908 -50.58 96.06 -2.65
CA TYR P 908 -49.35 95.42 -3.09
C TYR P 908 -48.70 96.14 -4.27
N ILE P 909 -49.09 97.39 -4.53
CA ILE P 909 -48.64 98.13 -5.69
C ILE P 909 -48.22 99.53 -5.22
N VAL P 910 -47.34 100.15 -6.01
CA VAL P 910 -46.91 101.52 -5.72
C VAL P 910 -47.82 102.50 -6.45
N LEU P 911 -47.79 102.47 -7.78
CA LEU P 911 -48.53 103.41 -8.59
C LEU P 911 -48.73 102.79 -9.97
N CYS P 912 -49.84 103.09 -10.62
CA CYS P 912 -50.12 102.54 -11.94
C CYS P 912 -50.78 103.58 -12.84
N GLY P 913 -50.43 103.52 -14.13
CA GLY P 913 -51.03 104.36 -15.14
C GLY P 913 -50.89 103.75 -16.52
N ALA P 914 -52.00 103.61 -17.24
CA ALA P 914 -52.03 102.80 -18.46
C ALA P 914 -51.12 103.31 -19.56
N LYS P 915 -51.38 104.50 -20.08
CA LYS P 915 -50.74 104.92 -21.32
C LYS P 915 -50.74 106.45 -21.40
N GLY P 916 -50.02 106.98 -22.38
CA GLY P 916 -50.06 108.40 -22.70
C GLY P 916 -49.27 109.32 -21.80
N LYS P 917 -47.95 109.18 -21.81
CA LYS P 917 -47.05 110.14 -21.17
C LYS P 917 -46.67 111.22 -22.18
N GLN P 918 -46.94 112.47 -21.83
CA GLN P 918 -46.30 113.61 -22.47
C GLN P 918 -45.49 114.36 -21.42
N VAL P 919 -44.28 114.73 -21.77
CA VAL P 919 -43.39 115.40 -20.84
C VAL P 919 -42.82 116.65 -21.52
N VAL P 920 -43.19 117.85 -21.08
CA VAL P 920 -42.64 119.07 -21.65
C VAL P 920 -41.61 119.64 -20.67
N HIS P 921 -40.53 118.87 -20.46
CA HIS P 921 -39.38 119.16 -19.57
C HIS P 921 -39.39 120.41 -18.68
N VAL P 922 -39.71 120.23 -17.40
CA VAL P 922 -39.78 121.35 -16.48
C VAL P 922 -38.77 121.14 -15.35
N LEU P 925 -40.73 117.05 -10.56
CA LEU P 925 -41.70 118.01 -11.05
C LEU P 925 -41.52 118.18 -12.56
N ARG P 926 -41.98 117.23 -13.37
CA ARG P 926 -41.54 117.31 -14.76
C ARG P 926 -42.65 117.67 -15.74
N SER P 927 -43.54 116.74 -16.06
CA SER P 927 -44.79 117.08 -16.74
C SER P 927 -45.87 116.02 -16.60
N VAL P 928 -45.87 115.27 -15.50
CA VAL P 928 -46.38 113.91 -15.55
C VAL P 928 -47.88 113.88 -15.80
N SER P 929 -48.26 113.55 -17.02
CA SER P 929 -49.65 113.42 -17.43
C SER P 929 -49.88 112.06 -18.06
N GLY P 930 -50.94 111.36 -17.61
CA GLY P 930 -51.22 110.02 -18.07
C GLY P 930 -52.64 109.89 -18.59
N SER P 931 -53.18 108.67 -18.45
CA SER P 931 -54.53 108.34 -18.90
C SER P 931 -55.25 107.40 -17.94
N ASN P 932 -54.88 107.38 -16.66
CA ASN P 932 -55.44 106.48 -15.66
C ASN P 932 -55.30 105.03 -16.07
N SER P 933 -56.13 104.15 -15.50
CA SER P 933 -56.08 102.73 -15.82
C SER P 933 -57.43 102.09 -15.54
N ARG P 937 -56.70 110.68 -15.78
CA ARG P 937 -55.56 111.44 -16.25
C ARG P 937 -54.91 112.18 -15.09
N GLU P 938 -53.74 111.73 -14.68
CA GLU P 938 -53.06 112.33 -13.53
C GLU P 938 -52.15 113.46 -13.99
N ILE P 939 -51.95 114.42 -13.10
CA ILE P 939 -51.01 115.50 -13.28
C ILE P 939 -50.06 115.39 -12.10
N ALA P 940 -48.99 114.64 -12.26
CA ALA P 940 -48.07 114.34 -11.18
C ALA P 940 -46.82 115.19 -11.31
N TRP P 941 -46.16 115.43 -10.18
CA TRP P 941 -44.92 116.19 -10.15
C TRP P 941 -43.95 115.48 -9.22
N VAL P 942 -42.78 115.15 -9.74
CA VAL P 942 -41.84 114.25 -9.06
C VAL P 942 -41.28 114.92 -7.82
N HIS P 943 -41.24 114.17 -6.73
CA HIS P 943 -40.74 114.65 -5.44
C HIS P 943 -41.41 115.96 -5.01
N ASP P 946 -47.12 114.81 -6.17
CA ASP P 946 -47.97 115.94 -6.52
C ASP P 946 -48.93 115.54 -7.64
N GLU P 947 -49.75 114.52 -7.36
CA GLU P 947 -50.60 113.90 -8.37
C GLU P 947 -51.98 114.56 -8.34
N ILE P 948 -52.49 114.90 -9.51
CA ILE P 948 -53.76 115.62 -9.65
C ILE P 948 -54.63 114.82 -10.60
N SER P 949 -55.60 114.09 -10.06
CA SER P 949 -56.46 113.25 -10.89
C SER P 949 -57.50 114.09 -11.60
N VAL P 950 -57.70 113.82 -12.89
CA VAL P 950 -58.67 114.53 -13.69
C VAL P 950 -59.59 113.53 -14.38
N MET P 951 -59.08 112.31 -14.59
CA MET P 951 -59.80 111.23 -15.26
C MET P 951 -60.36 111.68 -16.60
N THR P 952 -61.64 112.06 -16.63
CA THR P 952 -62.34 112.39 -17.87
C THR P 952 -62.18 111.30 -18.92
N CYS P 955 -59.56 105.87 -26.40
CA CYS P 955 -58.62 106.80 -25.81
C CYS P 955 -57.49 107.11 -26.79
N LEU P 956 -57.42 108.35 -27.25
CA LEU P 956 -56.39 108.79 -28.18
C LEU P 956 -55.31 109.64 -27.51
N GLU P 957 -54.95 109.32 -26.26
CA GLU P 957 -53.82 109.87 -25.52
C GLU P 957 -54.03 111.34 -25.16
N PRO P 958 -53.29 111.88 -24.17
CA PRO P 958 -53.48 113.29 -23.79
C PRO P 958 -52.54 114.24 -24.51
N ASN P 959 -52.81 115.53 -24.41
CA ASN P 959 -52.00 116.58 -25.02
C ASN P 959 -51.73 117.80 -24.14
N VAL P 960 -51.19 117.59 -22.94
CA VAL P 960 -50.70 118.66 -22.06
C VAL P 960 -49.82 119.61 -22.87
N TYR P 961 -49.85 120.89 -22.52
CA TYR P 961 -49.18 121.91 -23.30
C TYR P 961 -48.08 122.52 -22.43
N LEU P 962 -47.44 123.57 -22.94
CA LEU P 962 -46.40 124.24 -22.20
C LEU P 962 -46.57 125.75 -22.28
N MET P 966 -51.96 124.60 -18.91
CA MET P 966 -53.27 124.25 -19.44
C MET P 966 -53.31 122.81 -19.91
N ASP P 967 -54.52 122.27 -20.05
CA ASP P 967 -54.71 120.88 -20.40
C ASP P 967 -55.69 120.72 -21.55
N MET P 968 -55.60 119.56 -22.17
CA MET P 968 -56.32 119.26 -23.42
C MET P 968 -56.19 117.75 -23.58
N THR P 969 -57.29 117.08 -23.94
CA THR P 969 -57.34 115.63 -23.95
C THR P 969 -58.09 115.12 -25.18
N ARG P 970 -57.85 113.86 -25.51
CA ARG P 970 -58.61 113.15 -26.51
C ARG P 970 -59.34 111.97 -25.87
N GLU P 971 -60.46 111.58 -26.48
CA GLU P 971 -61.21 110.45 -25.98
C GLU P 971 -61.38 109.42 -27.08
N ARG P 972 -62.05 108.30 -26.78
CA ARG P 972 -62.29 107.25 -27.77
C ARG P 972 -63.00 107.79 -29.01
N LEU P 975 -63.92 111.01 -28.49
CA LEU P 975 -64.22 112.43 -28.37
C LEU P 975 -62.96 113.25 -28.13
N LEU P 976 -63.12 114.56 -28.07
CA LEU P 976 -62.01 115.47 -27.82
C LEU P 976 -62.45 116.47 -26.76
N ALA P 977 -61.65 116.64 -25.71
CA ALA P 977 -61.96 117.57 -24.65
C ALA P 977 -60.84 118.60 -24.52
N VAL P 978 -61.20 119.78 -24.03
CA VAL P 978 -60.23 120.85 -23.80
C VAL P 978 -60.23 121.08 -22.29
N ASP P 979 -59.24 120.52 -21.60
CA ASP P 979 -59.25 120.50 -20.15
C ASP P 979 -58.51 121.71 -19.61
N SER P 980 -58.63 122.84 -20.34
CA SER P 980 -57.83 124.04 -20.13
C SER P 980 -57.63 124.39 -18.65
N LYS P 981 -56.38 124.38 -18.21
CA LYS P 981 -55.98 124.75 -16.87
C LYS P 981 -55.02 125.93 -16.92
N GLU P 982 -54.37 126.24 -15.80
CA GLU P 982 -53.35 127.29 -15.75
C GLU P 982 -53.98 128.65 -15.99
N ARG P 983 -55.18 128.84 -15.46
CA ARG P 983 -55.91 130.10 -15.58
C ARG P 983 -56.98 130.21 -14.49
N LEU P 986 -62.38 124.03 -16.86
CA LEU P 986 -62.62 124.65 -18.15
C LEU P 986 -62.38 123.66 -19.28
N ILE P 987 -63.41 122.88 -19.60
CA ILE P 987 -63.33 121.84 -20.62
C ILE P 987 -64.25 122.22 -21.78
N LYS P 988 -63.69 122.31 -22.98
CA LYS P 988 -64.47 122.61 -24.17
C LYS P 988 -64.68 121.32 -24.93
N PRO P 989 -65.90 121.00 -25.37
CA PRO P 989 -66.08 119.77 -26.18
C PRO P 989 -65.56 119.95 -27.62
N ALA P 990 -64.25 119.74 -27.77
CA ALA P 990 -63.61 119.97 -29.06
C ALA P 990 -64.17 119.02 -30.11
N ILE P 991 -64.55 119.59 -31.25
CA ILE P 991 -65.15 118.81 -32.33
C ILE P 991 -64.36 119.01 -33.62
N SER P 998 -55.06 109.36 -32.46
CA SER P 998 -54.05 108.34 -32.28
C SER P 998 -52.74 108.95 -31.81
N THR P 999 -51.73 109.00 -32.69
CA THR P 999 -50.37 109.44 -32.36
C THR P 999 -50.10 110.91 -32.67
N ILE P 1000 -49.56 111.60 -31.65
CA ILE P 1000 -49.23 113.06 -31.60
C ILE P 1000 -50.41 113.98 -31.52
N THR P 1001 -50.30 115.02 -30.70
CA THR P 1001 -51.43 115.86 -30.31
C THR P 1001 -51.04 117.32 -30.03
N PRO P 1002 -50.12 117.62 -29.09
CA PRO P 1002 -49.93 119.02 -28.67
C PRO P 1002 -48.88 119.77 -29.47
N THR P 1003 -48.62 121.01 -29.07
CA THR P 1003 -47.63 121.84 -29.73
C THR P 1003 -46.38 121.98 -28.87
N HIS P 1004 -45.22 122.03 -29.53
CA HIS P 1004 -43.95 122.15 -28.82
C HIS P 1004 -43.95 123.36 -27.89
N CYS P 1009 -51.11 122.06 -33.92
CA CYS P 1009 -51.87 121.05 -33.18
C CYS P 1009 -52.29 119.90 -34.08
N LYS P 1010 -51.32 119.05 -34.43
CA LYS P 1010 -51.59 117.90 -35.28
C LYS P 1010 -52.33 116.82 -34.51
N ILE P 1011 -53.43 116.34 -35.07
CA ILE P 1011 -54.24 115.33 -34.39
C ILE P 1011 -54.75 114.27 -35.36
N ASN P 1012 -54.53 113.00 -35.03
CA ASN P 1012 -54.97 111.90 -35.88
C ASN P 1012 -55.92 110.94 -35.17
N ALA P 1013 -57.18 111.35 -35.03
CA ALA P 1013 -58.18 110.51 -34.39
C ALA P 1013 -58.57 109.42 -35.36
N ILE P 1014 -59.48 109.73 -36.29
CA ILE P 1014 -59.87 108.77 -37.31
C ILE P 1014 -59.20 109.21 -38.60
N SER P 1015 -57.98 108.72 -38.84
CA SER P 1015 -57.20 109.25 -39.95
C SER P 1015 -57.74 108.80 -41.29
N ALA P 1016 -58.96 108.28 -41.23
CA ALA P 1016 -59.74 108.10 -42.44
C ALA P 1016 -60.00 109.58 -42.85
N PHE P 1017 -60.28 110.44 -41.86
CA PHE P 1017 -60.42 111.92 -41.99
C PHE P 1017 -59.14 112.59 -41.44
N ASN P 1018 -59.21 113.86 -41.01
CA ASN P 1018 -58.09 114.65 -40.44
C ASN P 1018 -58.52 115.99 -39.75
N ASP P 1019 -57.64 116.65 -38.98
CA ASP P 1019 -57.98 117.92 -38.28
C ASP P 1019 -56.85 118.90 -37.80
N GLU P 1020 -57.27 119.94 -37.06
CA GLU P 1020 -56.44 121.02 -36.47
C GLU P 1020 -57.41 121.85 -35.60
N GLN P 1021 -57.11 122.12 -34.31
CA GLN P 1021 -58.11 122.74 -33.46
C GLN P 1021 -57.41 123.72 -32.52
N ILE P 1022 -57.24 124.96 -33.01
CA ILE P 1022 -56.58 125.99 -32.21
C ILE P 1022 -57.58 126.56 -31.23
N PHE P 1023 -57.27 126.46 -29.94
CA PHE P 1023 -58.13 127.01 -28.90
C PHE P 1023 -57.42 128.10 -28.12
N VAL P 1027 -60.64 128.29 -34.52
CA VAL P 1027 -60.51 127.94 -35.93
C VAL P 1027 -59.92 126.54 -36.08
N ASP P 1028 -60.69 125.63 -36.65
CA ASP P 1028 -60.26 124.27 -36.92
C ASP P 1028 -59.82 124.17 -38.37
N GLY P 1029 -58.51 124.31 -38.60
CA GLY P 1029 -57.97 124.15 -39.93
C GLY P 1029 -57.84 122.69 -40.28
N VAL P 1030 -58.69 122.18 -41.17
CA VAL P 1030 -58.80 120.73 -41.36
C VAL P 1030 -57.77 120.31 -42.41
N ILE P 1031 -56.95 119.31 -42.08
CA ILE P 1031 -55.67 119.07 -42.76
C ILE P 1031 -55.56 117.66 -43.36
N ILE P 1032 -56.63 117.21 -44.00
CA ILE P 1032 -56.65 115.88 -44.61
C ILE P 1032 -55.68 115.78 -45.78
N ASP P 1033 -54.75 114.84 -45.69
CA ASP P 1033 -53.76 114.63 -46.73
C ASP P 1033 -53.97 113.29 -47.44
N VAL P 1034 -53.43 112.23 -46.85
CA VAL P 1034 -53.55 110.89 -47.43
C VAL P 1034 -54.40 109.98 -46.53
N HIS P 1036 -53.95 106.87 -46.90
CA HIS P 1036 -54.64 105.96 -46.01
C HIS P 1036 -54.81 106.61 -44.64
N ASP P 1037 -53.81 106.45 -43.78
CA ASP P 1037 -53.88 106.97 -42.42
C ASP P 1037 -52.62 107.77 -42.12
N THR P 1038 -52.82 108.88 -41.42
CA THR P 1038 -51.71 109.71 -40.95
C THR P 1038 -51.08 109.02 -39.74
N ALA P 1039 -49.83 108.60 -39.88
CA ALA P 1039 -49.24 107.70 -38.90
C ALA P 1039 -48.59 108.46 -37.75
N LEU P 1040 -47.55 109.22 -38.03
CA LEU P 1040 -46.73 109.84 -36.99
C LEU P 1040 -46.32 111.24 -37.42
N PRO P 1041 -47.08 112.27 -37.11
CA PRO P 1041 -46.61 113.65 -37.31
C PRO P 1041 -45.86 114.18 -36.11
N GLN P 1042 -44.86 115.02 -36.36
CA GLN P 1042 -44.08 115.63 -35.30
C GLN P 1042 -43.81 117.09 -35.68
N GLN P 1043 -43.20 117.83 -34.75
CA GLN P 1043 -42.91 119.25 -34.97
C GLN P 1043 -41.65 119.39 -35.83
N PHE P 1044 -41.89 119.61 -37.13
CA PHE P 1044 -40.80 119.67 -38.11
C PHE P 1044 -39.83 120.80 -37.82
N GLU P 1047 -47.36 126.31 -37.07
CA GLU P 1047 -48.27 126.06 -38.18
C GLU P 1047 -47.71 125.06 -39.22
N PRO P 1048 -46.48 125.28 -39.73
CA PRO P 1048 -45.93 124.28 -40.66
C PRO P 1048 -45.33 123.10 -39.89
N ILE P 1049 -46.06 121.99 -39.89
CA ILE P 1049 -45.73 120.85 -39.04
C ILE P 1049 -45.59 119.61 -39.92
N ASP P 1050 -44.81 118.64 -39.45
CA ASP P 1050 -44.43 117.45 -40.22
C ASP P 1050 -45.59 116.47 -40.30
N TYR P 1051 -45.78 115.85 -41.45
CA TYR P 1051 -46.86 114.84 -41.55
C TYR P 1051 -46.21 113.45 -41.64
N LEU P 1052 -47.04 112.42 -41.60
CA LEU P 1052 -46.59 111.06 -41.69
C LEU P 1052 -47.83 110.32 -42.06
N LYS P 1053 -47.79 109.60 -43.18
CA LYS P 1053 -48.94 108.84 -43.61
C LYS P 1053 -48.54 107.39 -43.58
N GLN P 1054 -49.44 106.55 -43.04
CA GLN P 1054 -49.19 105.11 -43.00
C GLN P 1054 -48.81 104.59 -44.37
N VAL P 1055 -49.12 105.36 -45.42
CA VAL P 1055 -48.62 105.06 -46.76
C VAL P 1055 -47.13 105.35 -46.86
N SER P 1056 -46.40 105.74 -45.83
CA SER P 1056 -44.92 106.11 -45.73
C SER P 1056 -44.35 107.55 -45.94
N PRO P 1057 -44.83 108.35 -46.93
CA PRO P 1057 -44.22 109.70 -46.98
C PRO P 1057 -44.93 110.72 -46.08
N ASN P 1058 -44.57 112.00 -46.18
CA ASN P 1058 -45.21 112.98 -45.29
C ASN P 1058 -45.39 114.44 -45.71
N ILE P 1059 -44.28 115.19 -45.77
CA ILE P 1059 -44.20 116.65 -46.05
C ILE P 1059 -44.82 117.63 -45.01
N LEU P 1060 -44.28 118.84 -45.00
CA LEU P 1060 -44.69 119.91 -44.11
C LEU P 1060 -46.09 120.39 -44.47
N VAL P 1061 -46.78 120.93 -43.46
CA VAL P 1061 -48.11 121.52 -43.62
C VAL P 1061 -48.05 122.97 -43.15
N ALA P 1062 -48.54 123.90 -43.97
CA ALA P 1062 -48.53 125.32 -43.65
C ALA P 1062 -49.83 125.78 -42.99
N SER P 1063 -50.55 124.87 -42.34
CA SER P 1063 -51.82 125.19 -41.68
C SER P 1063 -52.81 125.87 -42.63
N ALA P 1067 -51.98 123.81 -45.65
CA ALA P 1067 -51.40 123.87 -46.99
C ALA P 1067 -50.15 123.00 -47.10
N GLN P 1068 -50.06 122.24 -48.18
CA GLN P 1068 -48.95 121.31 -48.38
C GLN P 1068 -47.77 122.00 -49.05
N LYS P 1069 -46.62 121.33 -49.03
CA LYS P 1069 -45.37 121.90 -49.58
C LYS P 1069 -44.38 120.76 -49.87
N THR P 1070 -44.02 120.64 -51.15
CA THR P 1070 -42.96 119.73 -51.61
C THR P 1070 -43.23 118.28 -51.27
N VAL P 1071 -44.32 117.72 -51.80
CA VAL P 1071 -44.77 116.37 -51.50
C VAL P 1071 -43.73 115.36 -51.98
N ILE P 1072 -43.39 114.41 -51.12
CA ILE P 1072 -42.46 113.33 -51.44
C ILE P 1072 -42.97 112.04 -50.82
N PHE P 1073 -42.54 110.90 -51.39
CA PHE P 1073 -42.86 109.58 -50.84
C PHE P 1073 -41.59 108.74 -50.78
N GLN P 1074 -41.46 107.95 -49.69
CA GLN P 1074 -40.17 107.29 -49.47
C GLN P 1074 -40.19 105.77 -49.36
N LEU P 1075 -41.08 105.20 -48.57
CA LEU P 1075 -40.89 103.80 -48.18
C LEU P 1075 -42.21 103.05 -48.26
N GLU P 1076 -42.23 101.83 -47.71
CA GLU P 1076 -43.41 101.00 -47.63
C GLU P 1076 -44.15 101.24 -46.33
N LEU P 1081 -42.57 106.51 -39.62
CA LEU P 1081 -42.14 107.50 -38.64
C LEU P 1081 -41.22 108.55 -39.27
N GLN P 1082 -41.49 109.82 -38.98
CA GLN P 1082 -40.66 110.93 -39.42
C GLN P 1082 -40.17 111.71 -38.20
N PRO P 1083 -39.01 111.36 -37.67
CA PRO P 1083 -38.40 112.17 -36.61
C PRO P 1083 -37.67 113.38 -37.18
N ASN P 1084 -37.28 114.27 -36.27
CA ASN P 1084 -36.64 115.52 -36.66
C ASN P 1084 -35.14 115.45 -36.42
N ASP P 1085 -34.36 116.00 -37.36
CA ASP P 1085 -32.92 116.05 -37.24
C ASP P 1085 -32.46 117.46 -36.89
N LEU P 1089 -32.66 124.24 -43.46
CA LEU P 1089 -33.30 122.96 -43.17
C LEU P 1089 -33.03 121.95 -44.28
N MET P 1090 -31.80 121.43 -44.36
CA MET P 1090 -31.53 120.42 -45.37
C MET P 1090 -30.84 119.20 -44.77
N MET P 1091 -31.59 118.37 -44.06
CA MET P 1091 -31.24 117.00 -43.68
C MET P 1091 -32.43 116.40 -42.96
N ASP P 1092 -32.83 115.19 -43.32
CA ASP P 1092 -33.97 114.48 -42.75
C ASP P 1092 -33.73 112.98 -42.89
N VAL P 1093 -34.24 112.20 -41.93
CA VAL P 1093 -34.24 110.74 -42.02
C VAL P 1093 -35.57 110.22 -41.50
N SER P 1094 -36.13 109.23 -42.20
CA SER P 1094 -37.34 108.55 -41.76
C SER P 1094 -37.17 107.05 -41.99
N THR P 1095 -37.89 106.25 -41.22
CA THR P 1095 -37.75 104.80 -41.28
C THR P 1095 -39.12 104.14 -41.21
N LYS P 1096 -39.30 103.10 -42.01
CA LYS P 1096 -40.51 102.27 -41.97
C LYS P 1096 -40.30 100.98 -42.77
N SER P 1099 -35.56 99.74 -43.67
CA SER P 1099 -34.76 100.55 -44.59
C SER P 1099 -34.62 101.97 -44.05
N LEU P 1100 -33.39 102.48 -44.01
CA LEU P 1100 -33.11 103.82 -43.48
C LEU P 1100 -32.49 104.67 -44.60
N GLN P 1101 -33.25 105.63 -45.09
CA GLN P 1101 -32.80 106.49 -46.18
C GLN P 1101 -32.68 107.92 -45.68
N GLU P 1102 -31.56 108.57 -45.98
CA GLU P 1102 -31.29 109.93 -45.57
C GLU P 1102 -31.22 110.83 -46.80
N GLY P 1103 -32.06 111.86 -46.84
CA GLY P 1103 -32.14 112.74 -47.99
C GLY P 1103 -31.77 114.16 -47.62
N GLN P 1104 -32.30 115.10 -48.40
CA GLN P 1104 -32.07 116.52 -48.18
C GLN P 1104 -33.24 117.35 -48.67
N ASP P 1111 -30.47 110.77 -49.95
CA ASP P 1111 -29.09 110.85 -50.39
C ASP P 1111 -28.40 109.51 -50.25
N HIS P 1112 -28.49 108.93 -49.05
CA HIS P 1112 -27.76 107.72 -48.70
C HIS P 1112 -28.75 106.71 -48.16
N GLY P 1113 -28.76 105.53 -48.78
CA GLY P 1113 -29.69 104.48 -48.42
C GLY P 1113 -29.01 103.41 -47.60
N VAL P 1114 -29.74 102.83 -46.65
CA VAL P 1114 -29.26 101.75 -45.81
C VAL P 1114 -30.34 100.67 -45.83
N CYS P 1115 -30.22 99.74 -46.77
CA CYS P 1115 -30.97 98.49 -46.75
C CYS P 1115 -30.04 97.33 -46.38
N HIS P 1116 -28.92 97.66 -45.73
CA HIS P 1116 -27.96 96.66 -45.26
C HIS P 1116 -28.60 95.65 -44.31
N LEU P 1117 -29.85 95.88 -43.92
CA LEU P 1117 -30.58 94.95 -43.07
C LEU P 1117 -30.64 93.56 -43.69
N ASP P 1118 -30.86 92.67 -42.73
CA ASP P 1118 -31.20 91.27 -42.93
C ASP P 1118 -32.70 91.19 -42.47
N ILE P 1119 -33.11 92.12 -41.60
CA ILE P 1119 -34.50 92.16 -41.09
C ILE P 1119 -35.28 93.49 -41.31
N ALA P 1120 -35.31 94.38 -40.30
CA ALA P 1120 -36.07 95.64 -40.43
C ALA P 1120 -35.50 96.89 -39.73
N ASN P 1121 -36.23 98.01 -39.82
CA ASN P 1121 -35.86 99.30 -39.26
C ASN P 1121 -37.08 100.07 -38.77
N PRO P 1122 -37.13 100.35 -37.45
CA PRO P 1122 -38.26 101.05 -36.84
C PRO P 1122 -38.06 102.54 -36.52
N SER P 1123 -36.90 102.91 -36.00
CA SER P 1123 -36.66 104.30 -35.61
C SER P 1123 -35.25 104.72 -35.95
N ALA P 1124 -35.10 106.03 -36.22
CA ALA P 1124 -33.83 106.64 -36.58
C ALA P 1124 -33.60 107.84 -35.66
N PHE P 1125 -32.68 107.69 -34.72
CA PHE P 1125 -32.36 108.73 -33.75
C PHE P 1125 -31.02 109.35 -34.11
N VAL P 1126 -31.05 110.50 -34.77
CA VAL P 1126 -29.85 111.13 -35.30
C VAL P 1126 -28.91 111.48 -34.15
N LYS P 1127 -27.62 111.39 -34.39
CA LYS P 1127 -26.65 111.89 -33.43
C LYS P 1127 -26.59 113.41 -33.56
N PRO P 1128 -26.83 114.17 -32.48
CA PRO P 1128 -27.01 115.61 -32.54
C PRO P 1128 -25.69 116.36 -32.69
N GLU P 1132 -23.35 111.45 -38.59
CA GLU P 1132 -23.54 110.43 -37.57
C GLU P 1132 -24.98 110.41 -37.05
N GLU P 1133 -25.56 109.22 -36.98
CA GLU P 1133 -26.91 108.99 -36.49
C GLU P 1133 -26.96 107.65 -35.75
N TYR P 1134 -28.17 107.26 -35.37
CA TYR P 1134 -28.43 106.01 -34.66
C TYR P 1134 -29.67 105.36 -35.26
N ILE P 1135 -29.72 104.03 -35.26
CA ILE P 1135 -30.85 103.30 -35.80
C ILE P 1135 -31.23 102.18 -34.84
N VAL P 1136 -32.52 101.99 -34.63
CA VAL P 1136 -33.02 100.86 -33.87
C VAL P 1136 -33.51 99.81 -34.86
N GLY P 1137 -33.43 98.54 -34.47
CA GLY P 1137 -33.80 97.45 -35.34
C GLY P 1137 -34.76 96.51 -34.65
N PHE P 1138 -35.87 96.22 -35.33
CA PHE P 1138 -36.93 95.38 -34.81
C PHE P 1138 -36.52 94.02 -34.26
N ASP P 1139 -35.45 93.35 -34.73
CA ASP P 1139 -35.15 92.07 -34.04
C ASP P 1139 -34.22 92.22 -32.89
N LEU P 1140 -34.71 93.07 -32.01
CA LEU P 1140 -34.02 93.38 -30.76
C LEU P 1140 -32.57 93.77 -31.06
N LYS P 1141 -32.42 94.81 -31.88
CA LYS P 1141 -31.11 95.15 -32.44
C LYS P 1141 -30.94 96.66 -32.51
N ASN P 1142 -29.70 97.08 -32.78
CA ASN P 1142 -29.38 98.49 -32.97
C ASN P 1142 -28.20 98.60 -33.93
N SER P 1143 -27.99 99.81 -34.46
CA SER P 1143 -26.87 100.04 -35.37
C SER P 1143 -26.50 101.52 -35.35
N LEU P 1144 -25.24 101.79 -35.69
CA LEU P 1144 -24.81 103.16 -35.93
C LEU P 1144 -23.92 103.22 -37.18
N LEU P 1145 -23.32 102.09 -37.54
CA LEU P 1145 -22.42 101.94 -38.69
C LEU P 1145 -21.54 103.16 -38.91
N PHE P 1146 -21.74 103.89 -40.00
CA PHE P 1146 -20.87 105.00 -40.38
C PHE P 1146 -21.66 106.29 -40.54
N ILE P 1154 -19.81 101.80 -36.82
CA ILE P 1154 -19.61 100.38 -36.56
C ILE P 1154 -20.88 99.76 -35.98
N ASP P 1155 -21.21 98.58 -36.47
CA ASP P 1155 -22.40 97.86 -36.04
C ASP P 1155 -22.22 97.11 -34.75
N VAL P 1156 -21.15 97.36 -33.98
CA VAL P 1156 -20.86 96.60 -32.77
C VAL P 1156 -22.02 96.67 -31.79
N PHE P 1157 -22.62 95.52 -31.52
CA PHE P 1157 -23.76 95.44 -30.60
C PHE P 1157 -23.86 94.06 -29.97
N ARG P 1158 -25.09 93.60 -29.76
CA ARG P 1158 -25.34 92.30 -29.14
C ARG P 1158 -26.08 91.37 -30.08
N ILE P 1171 -37.40 92.96 -28.39
CA ILE P 1171 -37.47 93.87 -29.53
C ILE P 1171 -37.06 95.28 -29.12
N CYS P 1172 -35.93 95.73 -29.66
CA CYS P 1172 -35.46 97.08 -29.40
C CYS P 1172 -36.41 98.10 -30.03
N GLU P 1173 -36.61 99.21 -29.34
CA GLU P 1173 -37.50 100.22 -29.88
C GLU P 1173 -36.86 101.59 -29.99
N GLU P 1174 -36.07 102.01 -29.00
CA GLU P 1174 -35.52 103.36 -28.98
C GLU P 1174 -34.13 103.35 -28.37
N GLU P 1175 -33.36 104.40 -28.69
CA GLU P 1175 -31.99 104.54 -28.20
C GLU P 1175 -31.84 105.75 -27.28
N ILE P 1176 -32.24 106.94 -27.73
CA ILE P 1176 -32.13 108.19 -26.99
C ILE P 1176 -30.67 108.60 -26.79
N ALA P 1177 -30.38 109.89 -26.93
CA ALA P 1177 -29.06 110.42 -26.65
C ALA P 1177 -28.88 110.68 -25.15
N GLN P 1178 -27.67 110.41 -24.67
CA GLN P 1178 -27.36 110.52 -23.25
C GLN P 1178 -26.30 111.58 -22.96
N LYS P 1179 -25.17 111.52 -23.66
CA LYS P 1179 -24.01 112.30 -23.27
C LYS P 1179 -23.44 113.09 -24.45
N ALA P 1180 -24.33 113.59 -25.30
CA ALA P 1180 -23.95 114.51 -26.38
C ALA P 1180 -22.92 113.91 -27.34
N LYS P 1181 -23.33 112.88 -28.09
CA LYS P 1181 -22.48 112.17 -29.04
C LYS P 1181 -21.45 111.30 -28.34
N ILE P 1182 -21.71 111.01 -27.06
CA ILE P 1182 -20.90 110.09 -26.26
C ILE P 1182 -21.90 109.07 -25.74
N SER P 1183 -21.48 108.16 -24.86
CA SER P 1183 -22.28 107.00 -24.48
C SER P 1183 -23.77 107.32 -24.35
N TYR P 1184 -24.60 106.47 -24.96
CA TYR P 1184 -26.03 106.69 -25.00
C TYR P 1184 -26.78 105.65 -24.17
N LEU P 1185 -28.11 105.66 -24.28
CA LEU P 1185 -28.98 104.77 -23.52
C LEU P 1185 -29.70 103.83 -24.47
N VAL P 1186 -30.61 103.04 -23.92
CA VAL P 1186 -31.32 102.02 -24.67
C VAL P 1186 -32.77 101.98 -24.19
N ALA P 1187 -33.69 101.80 -25.13
CA ALA P 1187 -35.10 101.60 -24.79
C ALA P 1187 -35.64 100.34 -25.44
N ASP P 1190 -35.31 97.40 -22.34
CA ASP P 1190 -34.39 97.61 -21.24
C ASP P 1190 -33.37 98.71 -21.56
N GLY P 1191 -32.34 98.83 -20.74
CA GLY P 1191 -31.29 99.82 -20.94
C GLY P 1191 -30.12 99.62 -20.02
N THR P 1192 -28.90 99.75 -20.54
CA THR P 1192 -27.71 99.44 -19.75
C THR P 1192 -26.63 100.50 -19.83
N MET P 1193 -26.82 101.49 -20.70
CA MET P 1193 -25.87 102.60 -20.84
C MET P 1193 -24.48 102.06 -21.18
N LEU P 1194 -24.31 101.52 -22.38
CA LEU P 1194 -23.00 101.10 -22.86
C LEU P 1194 -22.21 102.31 -23.37
N ALA P 1195 -20.89 102.15 -23.51
CA ALA P 1195 -20.03 103.19 -24.06
C ALA P 1195 -19.02 102.61 -25.05
N MET P 1196 -18.55 103.45 -25.97
CA MET P 1196 -17.62 103.04 -27.02
C MET P 1196 -16.16 103.08 -26.57
N PHE P 1206 -32.17 98.26 -16.10
CA PHE P 1206 -32.96 97.24 -16.80
C PHE P 1206 -34.39 97.20 -16.30
N ALA P 1207 -35.33 97.37 -17.22
CA ALA P 1207 -36.73 97.31 -16.85
C ALA P 1207 -37.12 95.91 -16.43
N VAL P 1208 -38.11 95.82 -15.55
CA VAL P 1208 -38.64 94.54 -15.13
C VAL P 1208 -39.21 93.77 -16.33
N GLU P 1209 -39.72 94.48 -17.32
CA GLU P 1209 -40.25 93.90 -18.54
C GLU P 1209 -39.40 94.38 -19.72
N ASN P 1210 -39.84 94.04 -20.93
CA ASN P 1210 -39.14 94.48 -22.14
C ASN P 1210 -40.08 95.27 -23.05
N ARG P 1211 -39.60 95.60 -24.24
CA ARG P 1211 -40.37 96.32 -25.25
C ARG P 1211 -40.81 97.70 -24.73
N LYS P 1212 -39.80 98.50 -24.40
CA LYS P 1212 -40.04 99.85 -23.88
C LYS P 1212 -40.64 100.72 -24.98
N VAL P 1213 -41.89 101.12 -24.78
CA VAL P 1213 -42.56 101.96 -25.78
C VAL P 1213 -41.85 103.30 -25.91
N GLN P 1214 -41.51 103.91 -24.78
CA GLN P 1214 -40.78 105.17 -24.81
C GLN P 1214 -40.15 105.41 -23.44
N LEU P 1215 -38.95 105.96 -23.45
CA LEU P 1215 -38.26 106.37 -22.24
C LEU P 1215 -38.01 107.87 -22.33
N ILE P 1216 -38.45 108.61 -21.30
CA ILE P 1216 -38.41 110.06 -21.32
C ILE P 1216 -37.29 110.55 -20.43
N TYR P 1217 -36.49 111.47 -20.95
CA TYR P 1217 -35.38 112.07 -20.23
C TYR P 1217 -35.39 113.58 -20.47
N SER P 1218 -35.16 114.34 -19.42
CA SER P 1218 -35.06 115.78 -19.55
C SER P 1218 -33.67 116.15 -20.05
N ILE P 1219 -33.33 117.44 -20.01
CA ILE P 1219 -31.99 117.87 -20.38
C ILE P 1219 -30.95 117.27 -19.45
N GLU P 1220 -31.35 116.89 -18.24
CA GLU P 1220 -30.43 116.25 -17.31
C GLU P 1220 -29.97 114.91 -17.85
N GLU P 1221 -28.68 114.63 -17.67
CA GLU P 1221 -28.10 113.34 -17.99
C GLU P 1221 -28.34 112.31 -16.89
N VAL P 1222 -28.95 112.73 -15.78
CA VAL P 1222 -29.09 111.88 -14.61
C VAL P 1222 -30.57 111.86 -14.22
N HIS P 1223 -31.46 112.02 -15.20
CA HIS P 1223 -32.88 112.02 -14.90
C HIS P 1223 -33.65 111.25 -15.96
N GLU P 1224 -34.72 110.58 -15.50
CA GLU P 1224 -35.44 109.62 -16.31
C GLU P 1224 -36.77 109.30 -15.65
N HIS P 1225 -37.78 109.06 -16.49
CA HIS P 1225 -39.11 108.67 -16.01
C HIS P 1225 -39.81 107.84 -17.08
N CYS P 1226 -40.15 106.59 -16.74
CA CYS P 1226 -40.61 105.63 -17.73
C CYS P 1226 -41.67 104.72 -17.11
N ILE P 1227 -42.34 103.95 -17.96
CA ILE P 1227 -43.37 102.99 -17.56
C ILE P 1227 -43.29 101.75 -18.45
N ARG P 1228 -43.58 100.58 -17.88
CA ARG P 1228 -43.71 99.32 -18.62
C ARG P 1228 -45.15 98.82 -18.48
N GLN P 1229 -45.40 97.59 -18.96
CA GLN P 1229 -46.72 96.98 -18.86
C GLN P 1229 -47.12 96.81 -17.40
N LEU P 1230 -46.14 96.88 -16.50
CA LEU P 1230 -46.40 96.85 -15.08
C LEU P 1230 -46.90 98.19 -14.55
N LEU P 1231 -46.93 99.22 -15.40
CA LEU P 1231 -47.50 100.53 -15.06
C LEU P 1231 -46.78 101.18 -13.89
N PHE P 1232 -45.45 101.15 -13.90
CA PHE P 1232 -44.67 101.71 -12.81
C PHE P 1232 -43.83 102.89 -13.29
N SER P 1233 -44.01 104.03 -12.62
CA SER P 1233 -43.16 105.20 -12.84
C SER P 1233 -42.73 105.73 -11.48
N PRO P 1234 -41.86 105.01 -10.79
CA PRO P 1234 -41.37 105.49 -9.49
C PRO P 1234 -40.31 106.56 -9.66
N CYS P 1235 -40.21 107.41 -8.65
CA CYS P 1235 -39.20 108.46 -8.65
C CYS P 1235 -37.81 107.86 -8.47
N LYS P 1236 -36.81 108.58 -8.96
CA LYS P 1236 -35.42 108.14 -8.80
C LYS P 1236 -35.04 107.99 -7.34
N LEU P 1237 -35.67 108.76 -6.47
CA LEU P 1237 -35.34 108.69 -5.05
C LEU P 1237 -36.40 107.92 -4.28
#